data_2N73
#
_entry.id   2N73
#
loop_
_entity.id
_entity.type
_entity.pdbx_description
1 polymer 'Golgi resident protein GCP60'
2 polymer 'Phosphatidylinositol 4-kinase beta'
#
loop_
_entity_poly.entity_id
_entity_poly.type
_entity_poly.pdbx_seq_one_letter_code
_entity_poly.pdbx_strand_id
1 'polypeptide(L)' MQQKQQIMAALNSQTAVQFQQYAAQQYPGNYEQQQILIRQLQEQHYQQYMQQLYQVQLAQQQAALQKQQ A
2 'polypeptide(L)' GAMVEARSLAVAMGDTVVEPAPLKPTSEPTSGPPGNNGGSLLSVITEGVGELSVIDPEVAQKACQEVLEKVKLLHGGVAV B
#
# COMPACT_ATOMS: atom_id res chain seq x y z
N MET A 1 2.70 -13.59 7.07
CA MET A 1 3.59 -13.34 5.88
C MET A 1 3.54 -11.91 5.32
N GLN A 2 2.38 -11.25 5.52
CA GLN A 2 2.08 -9.88 5.06
C GLN A 2 2.24 -9.72 3.54
N GLN A 3 2.12 -10.83 2.81
CA GLN A 3 2.28 -10.84 1.36
C GLN A 3 1.34 -9.89 0.61
N LYS A 4 0.22 -9.53 1.21
CA LYS A 4 -0.70 -8.58 0.57
C LYS A 4 -0.07 -7.20 0.41
N GLN A 5 0.78 -6.80 1.35
CA GLN A 5 1.26 -5.41 1.36
C GLN A 5 2.06 -5.05 0.10
N GLN A 6 2.91 -5.97 -0.36
CA GLN A 6 3.67 -5.71 -1.59
C GLN A 6 2.74 -5.62 -2.80
N ILE A 7 1.63 -6.35 -2.77
CA ILE A 7 0.66 -6.28 -3.86
C ILE A 7 0.07 -4.90 -3.85
N MET A 8 -0.36 -4.41 -2.70
CA MET A 8 -0.99 -3.09 -2.63
C MET A 8 -0.05 -2.04 -3.18
N ALA A 9 1.22 -2.11 -2.80
CA ALA A 9 2.20 -1.14 -3.27
C ALA A 9 2.32 -1.19 -4.79
N ALA A 10 2.30 -2.39 -5.37
CA ALA A 10 2.47 -2.54 -6.80
C ALA A 10 1.23 -2.07 -7.55
N LEU A 11 0.06 -2.39 -7.01
CA LEU A 11 -1.20 -1.99 -7.61
C LEU A 11 -1.34 -0.49 -7.55
N ASN A 12 -0.98 0.09 -6.42
CA ASN A 12 -1.07 1.52 -6.22
C ASN A 12 -0.16 2.22 -7.20
N SER A 13 0.98 1.61 -7.49
CA SER A 13 1.94 2.21 -8.41
C SER A 13 1.38 2.41 -9.81
N GLN A 14 0.77 1.39 -10.39
CA GLN A 14 0.29 1.48 -11.78
C GLN A 14 -1.08 2.16 -11.90
N THR A 15 -1.73 2.42 -10.78
CA THR A 15 -3.06 3.05 -10.79
C THR A 15 -3.06 4.40 -10.10
N ALA A 16 -1.88 4.85 -9.66
CA ALA A 16 -1.76 6.09 -8.92
C ALA A 16 -2.39 7.26 -9.66
N VAL A 17 -1.98 7.46 -10.91
CA VAL A 17 -2.48 8.57 -11.69
C VAL A 17 -3.94 8.35 -12.07
N GLN A 18 -4.33 7.11 -12.30
CA GLN A 18 -5.70 6.81 -12.71
C GLN A 18 -6.68 7.16 -11.60
N PHE A 19 -6.36 6.76 -10.38
CA PHE A 19 -7.21 7.03 -9.24
C PHE A 19 -7.20 8.52 -8.94
N GLN A 20 -6.05 9.16 -9.12
CA GLN A 20 -5.93 10.60 -8.90
C GLN A 20 -6.78 11.39 -9.89
N GLN A 21 -6.77 10.99 -11.15
CA GLN A 21 -7.54 11.69 -12.18
C GLN A 21 -9.03 11.57 -11.91
N TYR A 22 -9.47 10.39 -11.51
CA TYR A 22 -10.88 10.18 -11.20
C TYR A 22 -11.29 10.93 -9.94
N ALA A 23 -10.44 10.90 -8.92
CA ALA A 23 -10.74 11.61 -7.69
C ALA A 23 -10.80 13.12 -7.93
N ALA A 24 -9.99 13.62 -8.85
CA ALA A 24 -10.00 15.02 -9.22
C ALA A 24 -11.31 15.34 -9.94
N GLN A 25 -11.81 14.38 -10.69
CA GLN A 25 -13.04 14.59 -11.44
C GLN A 25 -14.24 14.69 -10.52
N GLN A 26 -14.23 13.91 -9.45
CA GLN A 26 -15.33 13.90 -8.49
C GLN A 26 -15.22 14.98 -7.43
N TYR A 27 -14.00 15.21 -6.94
CA TYR A 27 -13.77 16.17 -5.87
C TYR A 27 -12.63 17.11 -6.24
N PRO A 28 -12.82 17.94 -7.28
CA PRO A 28 -11.67 18.77 -7.65
C PRO A 28 -11.30 19.76 -6.57
N GLY A 29 -10.01 19.97 -6.39
CA GLY A 29 -9.52 20.87 -5.36
C GLY A 29 -9.51 20.31 -3.94
N ASN A 30 -10.39 19.36 -3.64
CA ASN A 30 -10.51 18.87 -2.26
C ASN A 30 -9.58 17.69 -2.08
N TYR A 31 -8.33 17.99 -1.77
CA TYR A 31 -7.30 16.96 -1.63
C TYR A 31 -7.69 15.86 -0.64
N GLU A 32 -8.34 16.24 0.46
CA GLU A 32 -8.73 15.27 1.48
C GLU A 32 -9.78 14.31 0.92
N GLN A 33 -10.80 14.85 0.25
CA GLN A 33 -11.84 14.04 -0.34
C GLN A 33 -11.29 13.17 -1.47
N GLN A 34 -10.31 13.72 -2.18
CA GLN A 34 -9.65 12.97 -3.23
C GLN A 34 -8.94 11.75 -2.64
N GLN A 35 -8.20 11.93 -1.56
CA GLN A 35 -7.49 10.82 -0.94
C GLN A 35 -8.45 9.77 -0.43
N ILE A 36 -9.55 10.19 0.17
CA ILE A 36 -10.54 9.24 0.69
C ILE A 36 -11.07 8.36 -0.44
N LEU A 37 -11.40 8.93 -1.58
CA LEU A 37 -11.87 8.14 -2.72
C LEU A 37 -10.76 7.24 -3.24
N ILE A 38 -9.54 7.74 -3.30
CA ILE A 38 -8.40 6.93 -3.75
C ILE A 38 -8.25 5.72 -2.82
N ARG A 39 -8.41 5.91 -1.52
CA ARG A 39 -8.31 4.77 -0.59
C ARG A 39 -9.37 3.71 -0.86
N GLN A 40 -10.58 4.13 -1.19
CA GLN A 40 -11.65 3.18 -1.51
C GLN A 40 -11.28 2.41 -2.79
N LEU A 41 -10.77 3.13 -3.77
CA LEU A 41 -10.41 2.52 -5.05
C LEU A 41 -9.28 1.52 -4.90
N GLN A 42 -8.30 1.84 -4.05
CA GLN A 42 -7.14 0.97 -3.87
C GLN A 42 -7.49 -0.40 -3.32
N GLU A 43 -8.39 -0.47 -2.35
CA GLU A 43 -8.75 -1.77 -1.81
C GLU A 43 -9.68 -2.51 -2.76
N GLN A 44 -10.64 -1.80 -3.34
CA GLN A 44 -11.57 -2.46 -4.27
C GLN A 44 -10.78 -3.04 -5.43
N HIS A 45 -9.76 -2.31 -5.88
CA HIS A 45 -8.88 -2.77 -6.94
C HIS A 45 -8.21 -4.06 -6.53
N TYR A 46 -7.67 -4.11 -5.32
CA TYR A 46 -7.04 -5.34 -4.83
C TYR A 46 -8.02 -6.49 -4.74
N GLN A 47 -9.23 -6.24 -4.28
CA GLN A 47 -10.22 -7.31 -4.15
C GLN A 47 -10.50 -7.91 -5.52
N GLN A 48 -10.80 -7.07 -6.50
CA GLN A 48 -11.05 -7.55 -7.85
C GLN A 48 -9.81 -8.20 -8.45
N TYR A 49 -8.65 -7.58 -8.25
CA TYR A 49 -7.39 -8.09 -8.77
C TYR A 49 -7.10 -9.48 -8.24
N MET A 50 -7.22 -9.67 -6.94
CA MET A 50 -6.90 -10.96 -6.34
C MET A 50 -7.89 -12.03 -6.76
N GLN A 51 -9.18 -11.69 -6.80
CA GLN A 51 -10.19 -12.66 -7.21
C GLN A 51 -9.98 -13.04 -8.68
N GLN A 52 -9.60 -12.08 -9.50
CA GLN A 52 -9.35 -12.34 -10.91
C GLN A 52 -8.05 -13.12 -11.11
N LEU A 53 -6.98 -12.69 -10.45
CA LEU A 53 -5.67 -13.33 -10.56
C LEU A 53 -5.73 -14.78 -10.15
N TYR A 54 -6.48 -15.05 -9.10
CA TYR A 54 -6.60 -16.41 -8.59
C TYR A 54 -7.18 -17.30 -9.68
N GLN A 55 -8.14 -16.80 -10.43
CA GLN A 55 -8.74 -17.57 -11.52
C GLN A 55 -7.76 -17.74 -12.69
N VAL A 56 -6.84 -16.80 -12.89
CA VAL A 56 -5.88 -16.91 -13.98
C VAL A 56 -4.80 -17.95 -13.67
N GLN A 57 -4.23 -17.89 -12.48
CA GLN A 57 -3.20 -18.86 -12.11
C GLN A 57 -3.82 -20.25 -12.01
N LEU A 58 -5.10 -20.27 -11.67
CA LEU A 58 -5.87 -21.50 -11.63
C LEU A 58 -6.08 -22.04 -13.04
N ALA A 59 -6.38 -21.17 -13.99
CA ALA A 59 -6.59 -21.59 -15.37
C ALA A 59 -5.29 -22.22 -15.90
N GLN A 60 -4.16 -21.61 -15.57
CA GLN A 60 -2.86 -22.15 -15.95
C GLN A 60 -2.64 -23.51 -15.29
N GLN A 61 -3.00 -23.61 -14.02
CA GLN A 61 -2.85 -24.86 -13.27
C GLN A 61 -3.71 -25.97 -13.87
N GLN A 62 -4.95 -25.66 -14.21
CA GLN A 62 -5.85 -26.64 -14.83
C GLN A 62 -5.32 -27.08 -16.19
N ALA A 63 -4.75 -26.14 -16.95
CA ALA A 63 -4.19 -26.44 -18.27
C ALA A 63 -2.93 -27.31 -18.15
N ALA A 64 -2.22 -27.20 -17.04
CA ALA A 64 -1.04 -28.03 -16.80
C ALA A 64 -1.45 -29.44 -16.38
N LEU A 65 -2.65 -29.56 -15.82
CA LEU A 65 -3.14 -30.85 -15.31
C LEU A 65 -3.85 -31.66 -16.38
N GLN A 66 -4.87 -31.05 -16.99
CA GLN A 66 -5.73 -31.69 -18.01
C GLN A 66 -6.17 -33.11 -17.61
N LYS A 67 -6.44 -33.29 -16.33
CA LYS A 67 -6.72 -34.61 -15.76
C LYS A 67 -8.14 -34.73 -15.25
N GLN A 68 -9.03 -33.91 -15.83
CA GLN A 68 -10.42 -33.80 -15.42
C GLN A 68 -10.50 -33.52 -13.91
N GLN A 69 -9.54 -32.72 -13.45
CA GLN A 69 -9.35 -32.33 -12.07
C GLN A 69 -9.01 -30.85 -11.98
N GLY B 1 16.88 -1.31 22.30
CA GLY B 1 17.32 -0.08 23.02
C GLY B 1 18.78 0.25 22.80
N ALA B 2 19.44 -0.74 22.18
CA ALA B 2 20.86 -0.73 21.81
C ALA B 2 21.77 -0.45 23.02
N MET B 3 21.37 -0.96 24.19
CA MET B 3 22.16 -0.76 25.40
C MET B 3 23.47 -1.55 25.30
N VAL B 4 24.51 -1.02 25.91
CA VAL B 4 25.81 -1.66 25.96
C VAL B 4 26.30 -1.51 27.39
N GLU B 5 26.82 -2.58 27.98
CA GLU B 5 27.35 -2.53 29.34
C GLU B 5 28.67 -3.30 29.30
N ALA B 6 29.64 -2.87 30.09
CA ALA B 6 30.92 -3.56 30.19
C ALA B 6 31.27 -3.63 31.67
N ARG B 7 31.87 -4.73 32.09
CA ARG B 7 32.22 -4.96 33.48
C ARG B 7 33.61 -5.58 33.47
N SER B 8 34.27 -5.62 34.61
CA SER B 8 35.57 -6.26 34.71
C SER B 8 35.68 -6.92 36.07
N LEU B 9 36.40 -8.03 36.12
CA LEU B 9 36.62 -8.78 37.36
C LEU B 9 37.98 -9.42 37.16
N ALA B 10 38.80 -9.44 38.21
CA ALA B 10 40.12 -10.02 38.12
C ALA B 10 40.31 -10.89 39.36
N VAL B 11 40.74 -12.12 39.13
CA VAL B 11 41.03 -13.07 40.20
C VAL B 11 42.32 -13.76 39.77
N ALA B 12 43.37 -13.57 40.57
CA ALA B 12 44.69 -14.07 40.26
C ALA B 12 45.47 -14.10 41.57
N MET B 13 46.68 -14.63 41.52
CA MET B 13 47.57 -14.59 42.67
C MET B 13 48.04 -13.15 42.87
N GLY B 14 48.39 -12.79 44.10
CA GLY B 14 48.81 -11.43 44.41
C GLY B 14 50.26 -11.13 44.05
N ASP B 15 50.73 -11.75 42.98
CA ASP B 15 52.11 -11.58 42.50
C ASP B 15 52.11 -10.54 41.37
N THR B 16 50.93 -9.98 41.13
CA THR B 16 50.72 -8.94 40.09
C THR B 16 51.34 -9.28 38.73
N VAL B 17 51.16 -10.52 38.32
CA VAL B 17 51.69 -11.01 37.04
C VAL B 17 51.08 -10.21 35.89
N VAL B 18 51.93 -9.68 35.04
CA VAL B 18 51.52 -8.92 33.87
C VAL B 18 52.61 -9.21 32.85
N GLU B 19 52.21 -9.18 31.57
CA GLU B 19 53.04 -9.41 30.34
C GLU B 19 52.76 -10.75 29.64
N PRO B 20 52.85 -11.91 30.34
CA PRO B 20 52.51 -13.09 29.54
C PRO B 20 51.01 -13.13 29.20
N ALA B 21 50.69 -13.73 28.06
CA ALA B 21 49.31 -13.79 27.59
C ALA B 21 48.43 -14.56 28.58
N PRO B 22 47.39 -13.91 29.16
CA PRO B 22 46.56 -14.68 30.08
C PRO B 22 45.67 -15.67 29.34
N LEU B 23 45.44 -16.82 29.96
CA LEU B 23 44.57 -17.85 29.38
C LEU B 23 44.05 -18.72 30.51
N LYS B 24 42.94 -19.41 30.22
CA LYS B 24 42.22 -20.39 31.08
C LYS B 24 40.98 -19.89 31.86
N PRO B 25 41.07 -18.80 32.67
CA PRO B 25 39.79 -18.43 33.30
C PRO B 25 38.71 -18.07 32.28
N THR B 26 37.54 -18.67 32.44
CA THR B 26 36.42 -18.51 31.49
C THR B 26 35.10 -18.55 32.25
N SER B 27 35.16 -18.26 33.55
CA SER B 27 33.99 -18.34 34.41
C SER B 27 33.13 -17.09 34.31
N GLU B 28 31.90 -17.25 33.88
CA GLU B 28 30.93 -16.16 33.78
C GLU B 28 29.67 -16.64 34.50
N PRO B 29 28.79 -15.72 34.94
CA PRO B 29 27.61 -16.21 35.66
C PRO B 29 26.61 -16.93 34.74
N THR B 30 25.81 -17.79 35.33
CA THR B 30 24.81 -18.55 34.59
C THR B 30 23.56 -18.67 35.44
N SER B 31 22.41 -18.80 34.79
CA SER B 31 21.12 -18.94 35.48
C SER B 31 20.37 -20.11 34.85
N GLY B 32 21.12 -21.00 34.21
CA GLY B 32 20.55 -22.12 33.48
C GLY B 32 21.13 -22.17 32.09
N PRO B 33 20.50 -22.88 31.14
CA PRO B 33 21.10 -22.90 29.80
C PRO B 33 20.98 -21.53 29.11
N PRO B 34 21.87 -21.23 28.15
CA PRO B 34 21.84 -19.92 27.49
C PRO B 34 20.73 -19.77 26.44
N GLY B 35 19.87 -20.76 26.35
CA GLY B 35 18.81 -20.76 25.35
C GLY B 35 19.38 -21.14 24.00
N ASN B 36 18.63 -20.85 22.95
CA ASN B 36 19.05 -21.15 21.57
C ASN B 36 18.44 -20.08 20.68
N ASN B 37 18.46 -18.85 21.19
CA ASN B 37 17.72 -17.75 20.58
C ASN B 37 18.63 -16.75 19.89
N GLY B 38 19.94 -17.00 19.94
CA GLY B 38 20.90 -16.08 19.37
C GLY B 38 21.01 -14.83 20.23
N GLY B 39 21.50 -13.75 19.66
CA GLY B 39 21.60 -12.48 20.36
C GLY B 39 21.51 -11.40 19.32
N SER B 40 21.06 -10.21 19.71
CA SER B 40 20.84 -9.09 18.79
C SER B 40 20.02 -9.51 17.56
N LEU B 41 18.98 -10.30 17.82
CA LEU B 41 18.15 -10.88 16.76
C LEU B 41 17.08 -9.87 16.32
N LEU B 42 17.56 -8.73 15.85
CA LEU B 42 16.71 -7.64 15.38
C LEU B 42 17.06 -7.34 13.94
N SER B 43 16.16 -6.69 13.23
CA SER B 43 16.38 -6.31 11.86
C SER B 43 15.67 -5.00 11.66
N VAL B 44 16.09 -4.24 10.66
CA VAL B 44 15.51 -2.94 10.35
C VAL B 44 14.74 -3.10 9.05
N ILE B 45 13.52 -2.58 9.02
CA ILE B 45 12.68 -2.67 7.83
C ILE B 45 13.26 -1.74 6.77
N THR B 46 13.59 -2.30 5.61
CA THR B 46 14.11 -1.51 4.49
C THR B 46 13.07 -1.39 3.42
N GLU B 47 12.03 -2.15 3.66
CA GLU B 47 10.83 -2.25 2.81
C GLU B 47 11.13 -2.53 1.31
N GLY B 48 12.24 -3.21 1.05
CA GLY B 48 12.63 -3.56 -0.31
C GLY B 48 11.97 -4.84 -0.77
N VAL B 49 10.70 -5.00 -0.43
CA VAL B 49 9.94 -6.21 -0.75
C VAL B 49 8.86 -5.90 -1.78
N GLY B 50 9.12 -6.28 -3.03
CA GLY B 50 8.17 -6.05 -4.12
C GLY B 50 8.78 -5.26 -5.26
N GLU B 51 9.99 -5.61 -5.63
CA GLU B 51 10.74 -4.90 -6.67
C GLU B 51 10.07 -4.97 -8.04
N LEU B 52 10.22 -3.89 -8.80
CA LEU B 52 9.74 -3.74 -10.18
C LEU B 52 8.23 -3.93 -10.39
N SER B 53 7.81 -5.16 -10.52
CA SER B 53 6.41 -5.50 -10.80
C SER B 53 6.13 -6.91 -10.29
N VAL B 54 5.79 -7.02 -9.02
CA VAL B 54 5.51 -8.32 -8.38
C VAL B 54 4.02 -8.70 -8.58
N ILE B 55 3.45 -8.21 -9.68
CA ILE B 55 2.04 -8.40 -10.01
C ILE B 55 1.86 -8.64 -11.50
N ASP B 56 0.67 -9.09 -11.87
CA ASP B 56 0.29 -9.21 -13.28
C ASP B 56 -0.31 -7.87 -13.71
N PRO B 57 0.40 -7.08 -14.53
CA PRO B 57 -0.16 -5.74 -14.82
C PRO B 57 -1.43 -5.76 -15.67
N GLU B 58 -1.64 -6.80 -16.45
CA GLU B 58 -2.84 -6.88 -17.29
C GLU B 58 -4.06 -7.23 -16.47
N VAL B 59 -3.88 -8.09 -15.49
CA VAL B 59 -4.97 -8.46 -14.59
C VAL B 59 -5.31 -7.21 -13.79
N ALA B 60 -4.29 -6.45 -13.45
CA ALA B 60 -4.49 -5.22 -12.68
C ALA B 60 -5.18 -4.15 -13.56
N GLN B 61 -4.89 -4.14 -14.85
CA GLN B 61 -5.54 -3.20 -15.76
C GLN B 61 -7.04 -3.47 -15.78
N LYS B 62 -7.43 -4.72 -15.92
CA LYS B 62 -8.86 -5.06 -15.96
C LYS B 62 -9.51 -4.79 -14.63
N ALA B 63 -8.81 -5.12 -13.56
CA ALA B 63 -9.35 -4.94 -12.22
C ALA B 63 -9.64 -3.46 -11.93
N CYS B 64 -8.68 -2.59 -12.19
CA CYS B 64 -8.89 -1.17 -11.92
C CYS B 64 -9.91 -0.56 -12.87
N GLN B 65 -9.96 -1.04 -14.11
CA GLN B 65 -10.94 -0.56 -15.09
C GLN B 65 -12.35 -0.82 -14.58
N GLU B 66 -12.61 -2.02 -14.11
CA GLU B 66 -13.95 -2.35 -13.64
C GLU B 66 -14.30 -1.58 -12.37
N VAL B 67 -13.36 -1.46 -11.45
CA VAL B 67 -13.62 -0.73 -10.21
C VAL B 67 -13.95 0.73 -10.53
N LEU B 68 -13.18 1.36 -11.41
CA LEU B 68 -13.41 2.76 -11.73
C LEU B 68 -14.72 3.01 -12.46
N GLU B 69 -15.11 2.13 -13.37
CA GLU B 69 -16.40 2.31 -14.05
C GLU B 69 -17.60 1.98 -13.13
N LYS B 70 -17.49 0.98 -12.27
CA LYS B 70 -18.59 0.59 -11.38
C LYS B 70 -18.83 1.61 -10.27
N VAL B 71 -17.77 2.13 -9.67
CA VAL B 71 -17.91 3.07 -8.56
C VAL B 71 -18.62 4.35 -9.01
N LYS B 72 -18.52 4.67 -10.30
CA LYS B 72 -19.18 5.84 -10.87
C LYS B 72 -20.68 5.71 -10.77
N LEU B 73 -21.19 4.51 -10.89
CA LEU B 73 -22.62 4.29 -10.76
C LEU B 73 -23.09 4.27 -9.32
N LEU B 74 -22.22 3.87 -8.39
CA LEU B 74 -22.57 3.86 -6.96
C LEU B 74 -22.76 5.29 -6.51
N HIS B 75 -22.00 6.18 -7.11
CA HIS B 75 -22.08 7.61 -6.85
C HIS B 75 -23.43 8.18 -7.30
N GLY B 76 -24.01 7.58 -8.33
CA GLY B 76 -25.32 8.00 -8.79
C GLY B 76 -25.55 7.71 -10.26
N GLY B 77 -26.68 7.08 -10.58
CA GLY B 77 -27.00 6.75 -11.96
C GLY B 77 -27.66 7.90 -12.71
N VAL B 78 -27.55 9.12 -12.19
CA VAL B 78 -28.18 10.29 -12.81
C VAL B 78 -27.23 10.97 -13.79
N ALA B 79 -26.04 10.40 -13.89
CA ALA B 79 -25.00 10.88 -14.77
C ALA B 79 -24.31 9.69 -15.45
N VAL B 80 -24.78 9.36 -16.65
CA VAL B 80 -24.26 8.22 -17.43
C VAL B 80 -23.80 8.67 -18.81
N MET A 1 -0.62 -9.80 6.82
CA MET A 1 -0.12 -10.52 5.61
C MET A 1 0.82 -9.68 4.71
N GLN A 2 2.14 -9.91 4.88
CA GLN A 2 3.15 -9.17 4.13
C GLN A 2 3.05 -9.47 2.63
N GLN A 3 2.55 -10.65 2.30
CA GLN A 3 2.34 -11.02 0.91
C GLN A 3 1.31 -10.10 0.25
N LYS A 4 0.30 -9.66 0.99
CA LYS A 4 -0.71 -8.75 0.44
C LYS A 4 -0.14 -7.34 0.34
N GLN A 5 0.68 -6.94 1.30
CA GLN A 5 1.22 -5.58 1.33
C GLN A 5 1.99 -5.24 0.06
N GLN A 6 2.85 -6.17 -0.39
CA GLN A 6 3.62 -5.93 -1.62
C GLN A 6 2.71 -5.82 -2.85
N ILE A 7 1.59 -6.53 -2.86
CA ILE A 7 0.66 -6.43 -3.99
C ILE A 7 0.06 -5.05 -3.99
N MET A 8 -0.49 -4.63 -2.86
CA MET A 8 -1.17 -3.36 -2.80
C MET A 8 -0.24 -2.22 -3.18
N ALA A 9 1.01 -2.29 -2.73
CA ALA A 9 1.98 -1.28 -3.11
C ALA A 9 2.19 -1.26 -4.64
N ALA A 10 2.25 -2.44 -5.24
CA ALA A 10 2.51 -2.53 -6.67
C ALA A 10 1.29 -2.06 -7.48
N LEU A 11 0.11 -2.38 -6.98
CA LEU A 11 -1.12 -1.94 -7.64
C LEU A 11 -1.25 -0.44 -7.53
N ASN A 12 -0.90 0.09 -6.39
CA ASN A 12 -1.00 1.52 -6.14
C ASN A 12 -0.07 2.24 -7.10
N SER A 13 1.08 1.67 -7.41
CA SER A 13 2.01 2.28 -8.36
C SER A 13 1.41 2.45 -9.74
N GLN A 14 0.80 1.41 -10.30
CA GLN A 14 0.29 1.49 -11.68
C GLN A 14 -1.05 2.22 -11.79
N THR A 15 -1.72 2.42 -10.67
CA THR A 15 -3.04 3.06 -10.67
C THR A 15 -3.00 4.44 -10.02
N ALA A 16 -1.82 4.88 -9.61
CA ALA A 16 -1.68 6.15 -8.93
C ALA A 16 -2.31 7.30 -9.71
N VAL A 17 -1.92 7.44 -10.95
CA VAL A 17 -2.43 8.54 -11.77
C VAL A 17 -3.89 8.30 -12.15
N GLN A 18 -4.28 7.05 -12.31
CA GLN A 18 -5.64 6.72 -12.71
C GLN A 18 -6.64 7.11 -11.63
N PHE A 19 -6.33 6.76 -10.39
CA PHE A 19 -7.21 7.07 -9.27
C PHE A 19 -7.17 8.56 -8.99
N GLN A 20 -6.00 9.18 -9.18
CA GLN A 20 -5.86 10.62 -8.99
C GLN A 20 -6.72 11.40 -9.98
N GLN A 21 -6.69 11.00 -11.24
CA GLN A 21 -7.46 11.69 -12.28
C GLN A 21 -8.96 11.58 -12.00
N TYR A 22 -9.42 10.41 -11.60
CA TYR A 22 -10.83 10.22 -11.30
C TYR A 22 -11.24 10.98 -10.03
N ALA A 23 -10.39 10.95 -9.02
CA ALA A 23 -10.70 11.66 -7.78
C ALA A 23 -10.73 13.16 -8.03
N ALA A 24 -9.90 13.64 -8.94
CA ALA A 24 -9.86 15.05 -9.30
C ALA A 24 -11.12 15.41 -10.10
N GLN A 25 -11.65 14.46 -10.86
CA GLN A 25 -12.90 14.71 -11.58
C GLN A 25 -14.05 14.86 -10.62
N GLN A 26 -14.10 13.99 -9.63
CA GLN A 26 -15.23 13.97 -8.73
C GLN A 26 -15.14 15.04 -7.65
N TYR A 27 -13.94 15.27 -7.13
CA TYR A 27 -13.72 16.22 -6.05
C TYR A 27 -12.55 17.15 -6.38
N PRO A 28 -12.70 17.98 -7.41
CA PRO A 28 -11.54 18.81 -7.75
C PRO A 28 -11.17 19.78 -6.64
N GLY A 29 -9.88 19.95 -6.43
CA GLY A 29 -9.40 20.85 -5.39
C GLY A 29 -9.45 20.29 -3.97
N ASN A 30 -10.35 19.36 -3.69
CA ASN A 30 -10.53 18.88 -2.33
C ASN A 30 -9.61 17.71 -2.06
N TYR A 31 -8.39 18.01 -1.64
CA TYR A 31 -7.38 16.98 -1.38
C TYR A 31 -7.88 15.87 -0.46
N GLU A 32 -8.54 16.22 0.63
CA GLU A 32 -9.01 15.21 1.57
C GLU A 32 -10.03 14.28 0.92
N GLN A 33 -11.01 14.86 0.24
CA GLN A 33 -12.04 14.05 -0.43
C GLN A 33 -11.44 13.20 -1.53
N GLN A 34 -10.42 13.72 -2.20
CA GLN A 34 -9.72 12.97 -3.23
C GLN A 34 -9.06 11.74 -2.61
N GLN A 35 -8.38 11.93 -1.47
CA GLN A 35 -7.71 10.81 -0.81
C GLN A 35 -8.71 9.77 -0.37
N ILE A 36 -9.83 10.19 0.19
CA ILE A 36 -10.86 9.27 0.67
C ILE A 36 -11.34 8.36 -0.48
N LEU A 37 -11.60 8.94 -1.65
CA LEU A 37 -12.01 8.14 -2.79
C LEU A 37 -10.87 7.22 -3.25
N ILE A 38 -9.65 7.72 -3.28
CA ILE A 38 -8.50 6.92 -3.70
C ILE A 38 -8.35 5.72 -2.75
N ARG A 39 -8.53 5.93 -1.45
CA ARG A 39 -8.41 4.85 -0.47
C ARG A 39 -9.39 3.72 -0.77
N GLN A 40 -10.62 4.07 -1.12
CA GLN A 40 -11.64 3.07 -1.44
C GLN A 40 -11.25 2.33 -2.72
N LEU A 41 -10.78 3.07 -3.70
CA LEU A 41 -10.38 2.48 -4.98
C LEU A 41 -9.21 1.52 -4.80
N GLN A 42 -8.26 1.86 -3.94
CA GLN A 42 -7.09 1.02 -3.70
C GLN A 42 -7.47 -0.37 -3.17
N GLU A 43 -8.38 -0.44 -2.21
CA GLU A 43 -8.75 -1.72 -1.65
C GLU A 43 -9.65 -2.50 -2.61
N GLN A 44 -10.63 -1.84 -3.21
CA GLN A 44 -11.52 -2.51 -4.15
C GLN A 44 -10.74 -3.08 -5.33
N HIS A 45 -9.74 -2.32 -5.78
CA HIS A 45 -8.88 -2.80 -6.86
C HIS A 45 -8.16 -4.06 -6.44
N TYR A 46 -7.57 -4.07 -5.25
CA TYR A 46 -6.89 -5.26 -4.75
C TYR A 46 -7.84 -6.46 -4.66
N GLN A 47 -9.05 -6.23 -4.16
CA GLN A 47 -10.03 -7.30 -4.01
C GLN A 47 -10.37 -7.91 -5.38
N GLN A 48 -10.69 -7.06 -6.34
CA GLN A 48 -11.03 -7.54 -7.69
C GLN A 48 -9.81 -8.18 -8.35
N TYR A 49 -8.65 -7.55 -8.21
CA TYR A 49 -7.42 -8.06 -8.83
C TYR A 49 -7.08 -9.45 -8.32
N MET A 50 -7.08 -9.65 -7.02
CA MET A 50 -6.70 -10.94 -6.46
C MET A 50 -7.71 -12.01 -6.87
N GLN A 51 -8.98 -11.64 -6.86
CA GLN A 51 -10.04 -12.57 -7.26
C GLN A 51 -9.87 -12.96 -8.73
N GLN A 52 -9.67 -11.97 -9.57
CA GLN A 52 -9.55 -12.19 -11.01
C GLN A 52 -8.28 -12.95 -11.35
N LEU A 53 -7.16 -12.60 -10.73
CA LEU A 53 -5.90 -13.29 -10.96
C LEU A 53 -6.01 -14.75 -10.55
N TYR A 54 -6.75 -15.01 -9.48
CA TYR A 54 -6.90 -16.37 -9.01
C TYR A 54 -7.57 -17.22 -10.08
N GLN A 55 -8.56 -16.67 -10.76
CA GLN A 55 -9.24 -17.39 -11.83
C GLN A 55 -8.28 -17.68 -12.99
N VAL A 56 -7.36 -16.76 -13.26
CA VAL A 56 -6.44 -16.94 -14.38
C VAL A 56 -5.39 -18.00 -14.09
N GLN A 57 -4.75 -17.94 -12.93
CA GLN A 57 -3.72 -18.93 -12.60
C GLN A 57 -4.36 -20.31 -12.45
N LEU A 58 -5.62 -20.32 -12.04
CA LEU A 58 -6.39 -21.54 -11.94
C LEU A 58 -6.69 -22.11 -13.33
N ALA A 59 -7.08 -21.25 -14.25
CA ALA A 59 -7.36 -21.70 -15.62
C ALA A 59 -6.10 -22.32 -16.22
N GLN A 60 -4.96 -21.69 -15.98
CA GLN A 60 -3.68 -22.20 -16.45
C GLN A 60 -3.37 -23.54 -15.78
N GLN A 61 -3.64 -23.64 -14.49
CA GLN A 61 -3.40 -24.86 -13.73
C GLN A 61 -4.24 -26.02 -14.27
N GLN A 62 -5.52 -25.78 -14.50
CA GLN A 62 -6.41 -26.81 -15.04
C GLN A 62 -6.00 -27.21 -16.45
N ALA A 63 -5.54 -26.25 -17.24
CA ALA A 63 -5.11 -26.53 -18.61
C ALA A 63 -3.79 -27.31 -18.65
N ALA A 64 -2.98 -27.18 -17.60
CA ALA A 64 -1.75 -27.95 -17.49
C ALA A 64 -2.08 -29.39 -17.09
N LEU A 65 -3.16 -29.55 -16.34
CA LEU A 65 -3.58 -30.87 -15.85
C LEU A 65 -4.36 -31.68 -16.88
N GLN A 66 -5.43 -31.08 -17.40
CA GLN A 66 -6.37 -31.73 -18.34
C GLN A 66 -6.89 -33.09 -17.84
N LYS A 67 -6.84 -33.32 -16.55
CA LYS A 67 -7.20 -34.61 -15.97
C LYS A 67 -8.39 -34.47 -15.02
N GLN A 68 -9.35 -33.66 -15.45
CA GLN A 68 -10.56 -33.34 -14.68
C GLN A 68 -10.18 -32.78 -13.30
N GLN A 69 -9.13 -31.95 -13.31
CA GLN A 69 -8.54 -31.32 -12.12
C GLN A 69 -8.10 -29.91 -12.46
N GLY B 1 -25.23 14.55 24.74
CA GLY B 1 -26.44 15.22 25.29
C GLY B 1 -26.43 16.74 25.25
N ALA B 2 -27.60 17.33 25.53
CA ALA B 2 -27.74 18.78 25.56
C ALA B 2 -27.34 19.29 26.94
N MET B 3 -27.08 20.59 27.04
CA MET B 3 -26.75 21.24 28.30
C MET B 3 -27.66 22.45 28.41
N VAL B 4 -28.00 22.84 29.63
CA VAL B 4 -28.94 23.94 29.88
C VAL B 4 -28.44 24.75 31.07
N GLU B 5 -28.25 26.04 30.88
CA GLU B 5 -27.80 26.93 31.94
C GLU B 5 -28.89 28.00 32.15
N ALA B 6 -29.29 28.20 33.39
CA ALA B 6 -30.36 29.15 33.70
C ALA B 6 -30.16 29.83 35.06
N ARG B 7 -29.51 30.98 35.08
CA ARG B 7 -29.34 31.77 36.29
C ARG B 7 -29.42 33.25 35.96
N SER B 8 -30.18 33.99 36.76
CA SER B 8 -30.31 35.44 36.64
C SER B 8 -30.81 35.89 37.99
N LEU B 9 -30.57 37.14 38.36
CA LEU B 9 -31.02 37.65 39.66
C LEU B 9 -31.47 39.11 39.58
N ALA B 10 -32.11 39.47 38.46
CA ALA B 10 -32.66 40.82 38.25
C ALA B 10 -31.67 41.95 38.56
N VAL B 11 -30.44 41.78 38.10
CA VAL B 11 -29.36 42.74 38.34
C VAL B 11 -29.45 43.99 37.44
N ALA B 12 -30.56 44.71 37.58
CA ALA B 12 -30.80 45.95 36.84
C ALA B 12 -30.91 47.08 37.86
N MET B 13 -29.76 47.52 38.36
CA MET B 13 -29.72 48.53 39.41
C MET B 13 -28.41 49.31 39.31
N GLY B 14 -28.35 50.45 40.00
CA GLY B 14 -27.20 51.33 39.95
C GLY B 14 -27.61 52.60 39.24
N ASP B 15 -27.29 53.74 39.84
CA ASP B 15 -27.74 55.04 39.32
C ASP B 15 -26.87 55.50 38.14
N THR B 16 -25.56 55.51 38.38
CA THR B 16 -24.53 55.82 37.36
C THR B 16 -24.64 57.19 36.68
N VAL B 17 -25.45 58.08 37.21
CA VAL B 17 -25.59 59.39 36.61
C VAL B 17 -24.36 60.26 36.90
N VAL B 18 -23.74 60.75 35.84
CA VAL B 18 -22.64 61.69 35.94
C VAL B 18 -23.02 62.82 34.98
N GLU B 19 -23.29 64.00 35.51
CA GLU B 19 -23.78 65.11 34.67
C GLU B 19 -22.78 65.55 33.57
N PRO B 20 -21.49 65.78 33.91
CA PRO B 20 -20.60 66.18 32.81
C PRO B 20 -20.16 65.02 31.87
N ALA B 21 -21.02 64.72 30.89
CA ALA B 21 -20.75 63.71 29.85
C ALA B 21 -20.44 62.30 30.39
N PRO B 22 -21.49 61.51 30.71
CA PRO B 22 -21.28 60.15 31.24
C PRO B 22 -20.95 59.11 30.18
N LEU B 23 -20.83 59.58 28.96
CA LEU B 23 -20.60 58.73 27.80
C LEU B 23 -19.14 58.76 27.39
N LYS B 24 -18.68 57.64 26.84
CA LYS B 24 -17.31 57.40 26.31
C LYS B 24 -16.15 56.90 27.24
N PRO B 25 -16.28 56.95 28.59
CA PRO B 25 -15.10 56.39 29.27
C PRO B 25 -15.05 54.85 29.20
N THR B 26 -14.07 54.32 28.47
CA THR B 26 -13.91 52.87 28.29
C THR B 26 -12.45 52.49 28.49
N SER B 27 -12.19 51.18 28.50
CA SER B 27 -10.84 50.65 28.56
C SER B 27 -10.89 49.39 27.71
N GLU B 28 -10.07 49.34 26.68
CA GLU B 28 -10.14 48.27 25.69
C GLU B 28 -8.77 47.58 25.52
N PRO B 29 -8.44 46.64 26.44
CA PRO B 29 -7.12 45.99 26.31
C PRO B 29 -7.07 45.01 25.14
N THR B 30 -5.89 44.91 24.53
CA THR B 30 -5.68 44.04 23.36
C THR B 30 -4.56 43.03 23.62
N SER B 31 -4.14 42.92 24.87
CA SER B 31 -3.05 42.04 25.26
C SER B 31 -3.40 40.56 25.05
N GLY B 32 -2.43 39.78 24.60
CA GLY B 32 -2.64 38.35 24.41
C GLY B 32 -1.30 37.67 24.21
N PRO B 33 -1.25 36.32 24.20
CA PRO B 33 0.05 35.64 24.02
C PRO B 33 0.55 35.67 22.58
N PRO B 34 1.87 35.56 22.37
CA PRO B 34 2.35 35.53 20.99
C PRO B 34 2.04 34.20 20.29
N GLY B 35 1.88 34.24 18.98
CA GLY B 35 1.55 33.05 18.20
C GLY B 35 2.53 32.81 17.07
N ASN B 36 3.81 32.86 17.38
CA ASN B 36 4.88 32.75 16.37
C ASN B 36 5.87 31.62 16.67
N ASN B 37 5.45 30.39 16.41
CA ASN B 37 6.32 29.22 16.63
C ASN B 37 6.03 28.15 15.57
N GLY B 38 6.99 27.29 15.29
CA GLY B 38 6.80 26.21 14.33
C GLY B 38 6.94 26.66 12.88
N GLY B 39 6.28 25.94 11.98
CA GLY B 39 6.30 26.29 10.56
C GLY B 39 7.49 25.78 9.77
N SER B 40 8.50 25.24 10.45
CA SER B 40 9.73 24.77 9.78
C SER B 40 9.83 23.25 9.82
N LEU B 41 9.32 22.61 8.78
CA LEU B 41 9.37 21.16 8.64
C LEU B 41 9.50 20.82 7.17
N LEU B 42 10.74 20.73 6.69
CA LEU B 42 11.03 20.47 5.28
C LEU B 42 11.53 19.05 5.08
N SER B 43 11.14 18.43 3.98
CA SER B 43 11.57 17.09 3.63
C SER B 43 11.40 16.99 2.12
N VAL B 44 12.00 15.99 1.50
CA VAL B 44 11.88 15.77 0.07
C VAL B 44 11.77 14.25 -0.17
N ILE B 45 10.80 13.84 -0.97
CA ILE B 45 10.55 12.43 -1.24
C ILE B 45 11.24 12.06 -2.54
N THR B 46 12.14 11.09 -2.49
CA THR B 46 12.90 10.67 -3.67
C THR B 46 12.89 9.15 -3.83
N GLU B 47 12.22 8.53 -2.88
CA GLU B 47 12.12 7.07 -2.78
C GLU B 47 11.08 6.44 -3.73
N GLY B 48 10.74 7.15 -4.79
CA GLY B 48 9.74 6.68 -5.75
C GLY B 48 10.30 5.75 -6.81
N VAL B 49 11.35 5.00 -6.49
CA VAL B 49 11.98 4.09 -7.45
C VAL B 49 12.61 2.93 -6.66
N GLY B 50 12.53 1.73 -7.23
CA GLY B 50 13.09 0.55 -6.59
C GLY B 50 12.43 -0.69 -7.13
N GLU B 51 11.23 -0.97 -6.66
CA GLU B 51 10.43 -2.09 -7.16
C GLU B 51 9.96 -1.82 -8.59
N LEU B 52 9.58 -2.89 -9.29
CA LEU B 52 9.08 -2.77 -10.67
C LEU B 52 7.68 -3.35 -10.79
N SER B 53 7.61 -4.67 -10.89
CA SER B 53 6.33 -5.38 -11.04
C SER B 53 6.41 -6.75 -10.38
N VAL B 54 5.73 -6.90 -9.27
CA VAL B 54 5.65 -8.18 -8.54
C VAL B 54 4.19 -8.64 -8.64
N ILE B 55 3.56 -8.19 -9.72
CA ILE B 55 2.14 -8.39 -9.99
C ILE B 55 1.97 -8.64 -11.48
N ASP B 56 0.77 -9.01 -11.88
CA ASP B 56 0.38 -9.14 -13.28
C ASP B 56 -0.31 -7.83 -13.70
N PRO B 57 0.43 -6.91 -14.36
CA PRO B 57 -0.21 -5.61 -14.62
C PRO B 57 -1.36 -5.65 -15.61
N GLU B 58 -1.43 -6.66 -16.45
CA GLU B 58 -2.54 -6.74 -17.40
C GLU B 58 -3.85 -7.17 -16.71
N VAL B 59 -3.75 -7.94 -15.63
CA VAL B 59 -4.95 -8.35 -14.90
C VAL B 59 -5.38 -7.15 -14.08
N ALA B 60 -4.40 -6.45 -13.51
CA ALA B 60 -4.68 -5.26 -12.72
C ALA B 60 -5.34 -4.17 -13.58
N GLN B 61 -4.93 -4.07 -14.84
CA GLN B 61 -5.53 -3.09 -15.76
C GLN B 61 -7.02 -3.35 -15.93
N LYS B 62 -7.39 -4.61 -16.07
CA LYS B 62 -8.81 -4.97 -16.23
C LYS B 62 -9.54 -4.74 -14.93
N ALA B 63 -8.90 -5.10 -13.82
CA ALA B 63 -9.49 -4.98 -12.50
C ALA B 63 -9.77 -3.53 -12.11
N CYS B 64 -8.81 -2.64 -12.31
CA CYS B 64 -8.99 -1.25 -11.90
C CYS B 64 -10.04 -0.57 -12.77
N GLN B 65 -10.14 -0.96 -14.03
CA GLN B 65 -11.15 -0.41 -14.92
C GLN B 65 -12.53 -0.76 -14.39
N GLU B 66 -12.74 -2.02 -14.03
CA GLU B 66 -14.04 -2.44 -13.51
C GLU B 66 -14.38 -1.67 -12.24
N VAL B 67 -13.43 -1.54 -11.33
CA VAL B 67 -13.69 -0.85 -10.06
C VAL B 67 -14.06 0.61 -10.31
N LEU B 68 -13.36 1.26 -11.22
CA LEU B 68 -13.65 2.66 -11.54
C LEU B 68 -15.03 2.77 -12.18
N GLU B 69 -15.42 1.81 -13.00
CA GLU B 69 -16.76 1.84 -13.59
C GLU B 69 -17.84 1.52 -12.56
N LYS B 70 -17.59 0.59 -11.66
CA LYS B 70 -18.57 0.26 -10.61
C LYS B 70 -18.86 1.48 -9.74
N VAL B 71 -17.82 2.22 -9.35
CA VAL B 71 -18.04 3.41 -8.53
C VAL B 71 -18.69 4.54 -9.34
N LYS B 72 -18.37 4.66 -10.62
CA LYS B 72 -19.02 5.66 -11.48
C LYS B 72 -20.51 5.38 -11.60
N LEU B 73 -20.90 4.12 -11.57
CA LEU B 73 -22.31 3.77 -11.68
C LEU B 73 -23.10 3.95 -10.39
N LEU B 74 -22.51 3.65 -9.23
CA LEU B 74 -23.22 3.81 -7.97
C LEU B 74 -23.42 5.30 -7.66
N HIS B 75 -22.65 6.13 -8.35
CA HIS B 75 -22.80 7.58 -8.29
C HIS B 75 -24.04 8.08 -9.05
N GLY B 76 -24.65 7.20 -9.84
CA GLY B 76 -25.80 7.58 -10.65
C GLY B 76 -27.11 7.02 -10.13
N GLY B 77 -27.44 5.81 -10.58
CA GLY B 77 -28.68 5.15 -10.17
C GLY B 77 -29.91 5.64 -10.91
N VAL B 78 -30.02 6.94 -11.08
CA VAL B 78 -31.20 7.56 -11.69
C VAL B 78 -31.32 7.40 -13.20
N ALA B 79 -30.36 6.71 -13.78
CA ALA B 79 -30.32 6.50 -15.23
C ALA B 79 -31.21 5.31 -15.64
N VAL B 80 -32.54 5.51 -15.49
CA VAL B 80 -33.64 4.56 -15.82
C VAL B 80 -33.55 3.13 -15.23
N MET A 1 6.01 -7.40 8.38
CA MET A 1 5.76 -7.29 6.90
C MET A 1 4.81 -8.35 6.31
N GLN A 2 3.61 -7.90 5.89
CA GLN A 2 2.62 -8.78 5.28
C GLN A 2 2.92 -8.89 3.80
N GLN A 3 2.70 -10.05 3.20
CA GLN A 3 2.87 -10.20 1.75
C GLN A 3 1.93 -9.25 1.01
N LYS A 4 0.75 -9.02 1.57
CA LYS A 4 -0.24 -8.11 0.98
C LYS A 4 0.31 -6.68 0.81
N GLN A 5 1.17 -6.23 1.71
CA GLN A 5 1.68 -4.86 1.65
C GLN A 5 2.38 -4.56 0.33
N GLN A 6 3.17 -5.49 -0.18
CA GLN A 6 3.87 -5.27 -1.44
C GLN A 6 2.87 -5.19 -2.59
N ILE A 7 1.77 -5.92 -2.49
CA ILE A 7 0.76 -5.89 -3.54
C ILE A 7 0.11 -4.52 -3.55
N MET A 8 -0.32 -4.05 -2.38
CA MET A 8 -1.00 -2.75 -2.30
C MET A 8 -0.10 -1.65 -2.82
N ALA A 9 1.20 -1.74 -2.52
CA ALA A 9 2.15 -0.74 -2.99
C ALA A 9 2.28 -0.78 -4.52
N ALA A 10 2.29 -1.98 -5.09
CA ALA A 10 2.47 -2.13 -6.53
C ALA A 10 1.21 -1.70 -7.28
N LEU A 11 0.05 -2.01 -6.72
CA LEU A 11 -1.21 -1.60 -7.31
C LEU A 11 -1.32 -0.10 -7.28
N ASN A 12 -0.90 0.50 -6.17
CA ASN A 12 -0.91 1.95 -6.04
C ASN A 12 -0.02 2.57 -7.11
N SER A 13 1.11 1.94 -7.41
CA SER A 13 2.03 2.49 -8.40
C SER A 13 1.39 2.58 -9.79
N GLN A 14 0.76 1.52 -10.25
CA GLN A 14 0.22 1.49 -11.62
C GLN A 14 -1.12 2.20 -11.77
N THR A 15 -1.81 2.46 -10.66
CA THR A 15 -3.13 3.11 -10.73
C THR A 15 -3.10 4.50 -10.14
N ALA A 16 -1.92 4.96 -9.72
CA ALA A 16 -1.79 6.26 -9.06
C ALA A 16 -2.46 7.35 -9.87
N VAL A 17 -2.05 7.51 -11.12
CA VAL A 17 -2.60 8.58 -11.95
C VAL A 17 -4.04 8.29 -12.34
N GLN A 18 -4.40 7.03 -12.53
CA GLN A 18 -5.76 6.70 -12.94
C GLN A 18 -6.77 7.04 -11.84
N PHE A 19 -6.45 6.67 -10.62
CA PHE A 19 -7.34 6.91 -9.50
C PHE A 19 -7.30 8.39 -9.14
N GLN A 20 -6.16 9.04 -9.32
CA GLN A 20 -6.06 10.49 -9.08
C GLN A 20 -6.89 11.28 -10.08
N GLN A 21 -6.88 10.91 -11.33
CA GLN A 21 -7.67 11.61 -12.35
C GLN A 21 -9.15 11.44 -12.04
N TYR A 22 -9.56 10.25 -11.63
CA TYR A 22 -10.95 10.05 -11.26
C TYR A 22 -11.30 10.81 -9.99
N ALA A 23 -10.39 10.82 -9.03
CA ALA A 23 -10.60 11.55 -7.79
C ALA A 23 -10.72 13.05 -8.08
N ALA A 24 -10.01 13.53 -9.08
CA ALA A 24 -10.06 14.95 -9.46
C ALA A 24 -11.42 15.29 -10.08
N GLN A 25 -12.01 14.42 -10.89
CA GLN A 25 -13.31 14.76 -11.48
C GLN A 25 -14.42 14.73 -10.44
N GLN A 26 -14.25 13.92 -9.40
CA GLN A 26 -15.24 13.84 -8.34
C GLN A 26 -15.05 14.88 -7.24
N TYR A 27 -13.81 15.15 -6.87
CA TYR A 27 -13.48 16.09 -5.79
C TYR A 27 -12.36 17.03 -6.25
N PRO A 28 -12.64 17.91 -7.21
CA PRO A 28 -11.53 18.72 -7.72
C PRO A 28 -10.97 19.65 -6.66
N GLY A 29 -9.64 19.73 -6.61
CA GLY A 29 -8.97 20.57 -5.63
C GLY A 29 -8.92 20.05 -4.20
N ASN A 30 -9.77 19.10 -3.85
CA ASN A 30 -9.85 18.67 -2.45
C ASN A 30 -8.91 17.49 -2.21
N TYR A 31 -7.66 17.79 -1.91
CA TYR A 31 -6.65 16.74 -1.71
C TYR A 31 -7.10 15.64 -0.73
N GLU A 32 -7.62 16.01 0.43
CA GLU A 32 -8.01 15.00 1.41
C GLU A 32 -9.14 14.12 0.88
N GLN A 33 -10.16 14.71 0.28
CA GLN A 33 -11.27 13.94 -0.25
C GLN A 33 -10.80 13.04 -1.39
N GLN A 34 -9.82 13.50 -2.14
CA GLN A 34 -9.25 12.70 -3.21
C GLN A 34 -8.58 11.47 -2.61
N GLN A 35 -7.81 11.63 -1.54
CA GLN A 35 -7.15 10.50 -0.90
C GLN A 35 -8.15 9.49 -0.36
N ILE A 36 -9.23 9.99 0.21
CA ILE A 36 -10.29 9.13 0.76
C ILE A 36 -10.94 8.31 -0.34
N LEU A 37 -11.17 8.89 -1.50
CA LEU A 37 -11.71 8.12 -2.60
C LEU A 37 -10.68 7.11 -3.10
N ILE A 38 -9.42 7.54 -3.22
CA ILE A 38 -8.36 6.65 -3.71
C ILE A 38 -8.18 5.46 -2.77
N ARG A 39 -8.24 5.67 -1.45
CA ARG A 39 -8.01 4.57 -0.53
C ARG A 39 -9.09 3.49 -0.66
N GLN A 40 -10.31 3.92 -0.91
CA GLN A 40 -11.42 2.99 -1.17
C GLN A 40 -11.18 2.26 -2.48
N LEU A 41 -10.77 3.00 -3.50
CA LEU A 41 -10.53 2.42 -4.81
C LEU A 41 -9.43 1.38 -4.76
N GLN A 42 -8.38 1.61 -3.99
CA GLN A 42 -7.29 0.63 -3.89
C GLN A 42 -7.73 -0.67 -3.23
N GLU A 43 -8.57 -0.59 -2.22
CA GLU A 43 -9.06 -1.81 -1.57
C GLU A 43 -9.94 -2.60 -2.53
N GLN A 44 -10.87 -1.90 -3.17
CA GLN A 44 -11.77 -2.53 -4.14
C GLN A 44 -10.98 -3.09 -5.33
N HIS A 45 -9.96 -2.37 -5.76
CA HIS A 45 -9.09 -2.81 -6.84
C HIS A 45 -8.40 -4.09 -6.45
N TYR A 46 -7.78 -4.10 -5.28
CA TYR A 46 -7.10 -5.31 -4.78
C TYR A 46 -8.05 -6.50 -4.73
N GLN A 47 -9.26 -6.29 -4.23
CA GLN A 47 -10.23 -7.39 -4.14
C GLN A 47 -10.54 -7.95 -5.52
N GLN A 48 -10.81 -7.08 -6.48
CA GLN A 48 -11.11 -7.50 -7.84
C GLN A 48 -9.88 -8.14 -8.50
N TYR A 49 -8.72 -7.55 -8.29
CA TYR A 49 -7.47 -8.07 -8.87
C TYR A 49 -7.17 -9.48 -8.38
N MET A 50 -7.25 -9.71 -7.08
CA MET A 50 -6.93 -11.02 -6.55
C MET A 50 -7.90 -12.08 -7.05
N GLN A 51 -9.18 -11.72 -7.14
CA GLN A 51 -10.20 -12.64 -7.65
C GLN A 51 -9.98 -12.93 -9.12
N GLN A 52 -9.67 -11.89 -9.88
CA GLN A 52 -9.50 -12.04 -11.32
C GLN A 52 -8.23 -12.83 -11.62
N LEU A 53 -7.15 -12.51 -10.90
CA LEU A 53 -5.88 -13.20 -11.08
C LEU A 53 -6.02 -14.67 -10.79
N TYR A 54 -6.80 -15.00 -9.77
CA TYR A 54 -6.97 -16.38 -9.40
C TYR A 54 -7.58 -17.15 -10.56
N GLN A 55 -8.53 -16.55 -11.24
CA GLN A 55 -9.16 -17.19 -12.40
C GLN A 55 -8.16 -17.32 -13.56
N VAL A 56 -7.25 -16.37 -13.71
CA VAL A 56 -6.29 -16.41 -14.81
C VAL A 56 -5.23 -17.48 -14.58
N GLN A 57 -4.65 -17.53 -13.39
CA GLN A 57 -3.62 -18.55 -13.12
C GLN A 57 -4.27 -19.93 -13.12
N LEU A 58 -5.54 -19.97 -12.74
CA LEU A 58 -6.30 -21.22 -12.76
C LEU A 58 -6.53 -21.67 -14.19
N ALA A 59 -6.87 -20.74 -15.07
CA ALA A 59 -7.10 -21.09 -16.47
C ALA A 59 -5.83 -21.66 -17.08
N GLN A 60 -4.69 -21.04 -16.76
CA GLN A 60 -3.40 -21.53 -17.23
C GLN A 60 -3.11 -22.92 -16.65
N GLN A 61 -3.41 -23.09 -15.37
CA GLN A 61 -3.19 -24.37 -14.69
C GLN A 61 -4.05 -25.46 -15.29
N GLN A 62 -5.32 -25.17 -15.56
CA GLN A 62 -6.23 -26.14 -16.15
C GLN A 62 -5.78 -26.51 -17.56
N ALA A 63 -5.25 -25.54 -18.29
CA ALA A 63 -4.76 -25.78 -19.65
C ALA A 63 -3.48 -26.64 -19.63
N ALA A 64 -2.72 -26.58 -18.55
CA ALA A 64 -1.55 -27.44 -18.40
C ALA A 64 -1.97 -28.85 -17.96
N LEU A 65 -2.94 -28.92 -17.06
CA LEU A 65 -3.39 -30.21 -16.51
C LEU A 65 -4.20 -31.04 -17.51
N GLN A 66 -5.21 -30.40 -18.08
CA GLN A 66 -6.16 -30.99 -19.04
C GLN A 66 -6.83 -32.30 -18.59
N LYS A 67 -6.92 -32.51 -17.28
CA LYS A 67 -7.46 -33.76 -16.73
C LYS A 67 -8.89 -33.65 -16.20
N GLN A 68 -9.68 -32.81 -16.85
CA GLN A 68 -11.13 -32.69 -16.60
C GLN A 68 -11.54 -32.67 -15.11
N GLN A 69 -10.99 -31.71 -14.35
CA GLN A 69 -11.36 -31.54 -12.93
C GLN A 69 -12.07 -30.21 -12.73
N GLY B 1 24.40 -46.41 18.32
CA GLY B 1 25.44 -47.46 18.54
C GLY B 1 26.70 -47.00 19.25
N ALA B 2 27.58 -47.97 19.54
CA ALA B 2 28.86 -47.72 20.19
C ALA B 2 29.88 -48.61 19.48
N MET B 3 31.15 -48.33 19.66
CA MET B 3 32.23 -49.08 18.99
C MET B 3 33.22 -49.55 20.04
N VAL B 4 33.81 -50.72 19.83
CA VAL B 4 34.78 -51.30 20.76
C VAL B 4 35.96 -51.82 19.95
N GLU B 5 37.15 -51.39 20.27
CA GLU B 5 38.36 -51.79 19.54
C GLU B 5 39.42 -52.38 20.45
N ALA B 6 39.04 -52.56 21.70
CA ALA B 6 39.95 -53.04 22.74
C ALA B 6 39.82 -54.54 22.96
N ARG B 7 40.96 -55.23 23.01
CA ARG B 7 41.03 -56.67 23.35
C ARG B 7 42.23 -56.91 24.25
N SER B 8 42.23 -56.26 25.40
CA SER B 8 43.33 -56.38 26.35
C SER B 8 43.42 -57.79 26.94
N LEU B 9 44.64 -58.23 27.21
CA LEU B 9 44.85 -59.53 27.83
C LEU B 9 44.49 -59.43 29.31
N ALA B 10 43.80 -60.43 29.83
CA ALA B 10 43.40 -60.44 31.24
C ALA B 10 44.60 -60.66 32.18
N VAL B 11 45.72 -61.04 31.60
CA VAL B 11 46.96 -61.20 32.36
C VAL B 11 47.96 -60.23 31.75
N ALA B 12 48.11 -59.08 32.39
CA ALA B 12 48.95 -58.00 31.89
C ALA B 12 49.27 -57.12 33.09
N MET B 13 49.96 -56.02 32.85
CA MET B 13 50.30 -55.04 33.87
C MET B 13 50.31 -53.68 33.18
N GLY B 14 50.33 -52.61 33.95
CA GLY B 14 50.41 -51.26 33.38
C GLY B 14 51.64 -50.57 33.92
N ASP B 15 52.41 -51.36 34.65
CA ASP B 15 53.53 -50.88 35.45
C ASP B 15 54.70 -51.82 35.30
N THR B 16 55.54 -51.53 34.34
CA THR B 16 56.78 -52.26 34.15
C THR B 16 57.82 -51.67 35.12
N VAL B 17 57.42 -50.59 35.75
CA VAL B 17 58.23 -49.87 36.73
C VAL B 17 57.32 -49.62 37.92
N VAL B 18 57.69 -50.07 39.11
CA VAL B 18 56.81 -49.99 40.28
C VAL B 18 57.49 -49.38 41.49
N GLU B 19 58.03 -48.18 41.28
CA GLU B 19 58.58 -47.35 42.37
C GLU B 19 58.51 -45.88 41.92
N PRO B 20 59.38 -45.42 40.98
CA PRO B 20 58.97 -44.10 40.46
C PRO B 20 57.86 -44.29 39.43
N ALA B 21 57.34 -43.21 38.88
CA ALA B 21 56.41 -43.30 37.76
C ALA B 21 57.21 -43.92 36.60
N PRO B 22 56.56 -44.71 35.71
CA PRO B 22 57.32 -45.33 34.62
C PRO B 22 57.87 -44.39 33.55
N LEU B 23 57.58 -43.12 33.72
CA LEU B 23 58.03 -42.07 32.80
C LEU B 23 58.70 -40.98 33.61
N LYS B 24 59.66 -40.31 32.99
CA LYS B 24 60.35 -39.17 33.60
C LYS B 24 60.05 -37.90 32.78
N PRO B 25 60.36 -37.88 31.46
CA PRO B 25 59.77 -36.74 30.76
C PRO B 25 58.30 -37.03 30.50
N THR B 26 57.51 -36.03 30.12
CA THR B 26 56.14 -36.28 29.71
C THR B 26 56.24 -36.98 28.34
N SER B 27 55.77 -38.22 28.26
CA SER B 27 55.90 -38.99 27.03
C SER B 27 54.58 -39.66 26.71
N GLU B 28 53.52 -39.01 27.15
CA GLU B 28 52.15 -39.47 26.95
C GLU B 28 51.25 -38.22 26.88
N PRO B 29 51.04 -37.68 25.67
CA PRO B 29 50.31 -36.40 25.63
C PRO B 29 48.80 -36.49 25.74
N THR B 30 48.22 -35.50 26.40
CA THR B 30 46.75 -35.37 26.47
C THR B 30 46.26 -34.45 25.36
N SER B 31 47.23 -33.87 24.63
CA SER B 31 46.96 -32.95 23.52
C SER B 31 46.18 -31.70 23.96
N GLY B 32 45.66 -30.95 22.98
CA GLY B 32 44.93 -29.73 23.26
C GLY B 32 43.60 -29.72 22.52
N PRO B 33 42.73 -28.74 22.78
CA PRO B 33 41.43 -28.74 22.11
C PRO B 33 41.52 -28.38 20.63
N PRO B 34 40.51 -28.75 19.83
CA PRO B 34 40.59 -28.37 18.40
C PRO B 34 40.45 -26.86 18.20
N GLY B 35 41.26 -26.32 17.30
CA GLY B 35 41.26 -24.88 17.05
C GLY B 35 40.48 -24.47 15.82
N ASN B 36 39.16 -24.40 15.92
CA ASN B 36 38.33 -23.96 14.80
C ASN B 36 37.21 -23.04 15.30
N ASN B 37 37.19 -21.80 14.84
CA ASN B 37 36.16 -20.84 15.26
C ASN B 37 35.90 -19.81 14.16
N GLY B 38 34.66 -19.69 13.73
CA GLY B 38 34.31 -18.71 12.71
C GLY B 38 34.77 -19.08 11.31
N GLY B 39 34.73 -18.09 10.42
CA GLY B 39 35.16 -18.29 9.04
C GLY B 39 34.04 -18.71 8.12
N SER B 40 34.36 -18.85 6.83
CA SER B 40 33.41 -19.28 5.79
C SER B 40 32.09 -18.50 5.74
N LEU B 41 32.15 -17.18 5.94
CA LEU B 41 30.95 -16.35 5.94
C LEU B 41 31.15 -15.16 4.98
N LEU B 42 31.02 -15.43 3.69
CA LEU B 42 31.20 -14.43 2.66
C LEU B 42 30.50 -14.87 1.38
N SER B 43 30.31 -13.94 0.45
CA SER B 43 29.74 -14.21 -0.87
C SER B 43 30.29 -13.12 -1.75
N VAL B 44 30.27 -13.32 -3.06
CA VAL B 44 30.72 -12.29 -4.00
C VAL B 44 29.51 -11.53 -4.51
N ILE B 45 29.73 -10.31 -4.97
CA ILE B 45 28.65 -9.46 -5.47
C ILE B 45 28.72 -9.48 -6.99
N THR B 46 27.62 -9.85 -7.64
CA THR B 46 27.56 -9.94 -9.10
C THR B 46 26.60 -8.94 -9.69
N GLU B 47 25.84 -8.36 -8.79
CA GLU B 47 24.81 -7.32 -9.06
C GLU B 47 23.86 -7.63 -10.23
N GLY B 48 23.64 -8.91 -10.51
CA GLY B 48 22.77 -9.32 -11.60
C GLY B 48 21.31 -9.44 -11.22
N VAL B 49 20.84 -8.52 -10.38
CA VAL B 49 19.47 -8.53 -9.87
C VAL B 49 18.81 -7.21 -10.27
N GLY B 50 17.52 -7.24 -10.53
CA GLY B 50 16.81 -6.05 -10.97
C GLY B 50 15.32 -6.25 -10.88
N GLU B 51 14.71 -6.51 -12.03
CA GLU B 51 13.27 -6.77 -12.17
C GLU B 51 12.39 -5.56 -11.80
N LEU B 52 11.10 -5.65 -12.08
CA LEU B 52 10.18 -4.57 -11.81
C LEU B 52 8.76 -5.13 -11.68
N SER B 53 8.00 -4.57 -10.75
CA SER B 53 6.59 -4.91 -10.50
C SER B 53 6.33 -6.34 -10.05
N VAL B 54 6.23 -6.52 -8.73
CA VAL B 54 5.96 -7.81 -8.10
C VAL B 54 4.45 -8.22 -8.16
N ILE B 55 3.79 -7.85 -9.25
CA ILE B 55 2.38 -8.16 -9.48
C ILE B 55 2.18 -8.48 -10.95
N ASP B 56 1.00 -8.95 -11.32
CA ASP B 56 0.61 -9.12 -12.71
C ASP B 56 -0.04 -7.80 -13.16
N PRO B 57 0.70 -6.94 -13.87
CA PRO B 57 0.05 -5.62 -14.10
C PRO B 57 -1.11 -5.64 -15.09
N GLU B 58 -1.13 -6.63 -15.97
CA GLU B 58 -2.16 -6.73 -17.01
C GLU B 58 -3.52 -7.07 -16.41
N VAL B 59 -3.49 -7.97 -15.44
CA VAL B 59 -4.73 -8.42 -14.79
C VAL B 59 -5.20 -7.29 -13.88
N ALA B 60 -4.24 -6.60 -13.28
CA ALA B 60 -4.55 -5.49 -12.38
C ALA B 60 -5.19 -4.33 -13.18
N GLN B 61 -4.74 -4.14 -14.41
CA GLN B 61 -5.30 -3.09 -15.25
C GLN B 61 -6.79 -3.33 -15.49
N LYS B 62 -7.16 -4.56 -15.82
CA LYS B 62 -8.57 -4.89 -16.02
C LYS B 62 -9.35 -4.65 -14.73
N ALA B 63 -8.79 -5.11 -13.63
CA ALA B 63 -9.44 -5.01 -12.33
C ALA B 63 -9.71 -3.55 -11.93
N CYS B 64 -8.73 -2.68 -12.15
CA CYS B 64 -8.89 -1.28 -11.78
C CYS B 64 -9.95 -0.59 -12.64
N GLN B 65 -10.05 -0.99 -13.90
CA GLN B 65 -11.06 -0.44 -14.80
C GLN B 65 -12.47 -0.87 -14.37
N GLU B 66 -12.63 -2.13 -13.99
CA GLU B 66 -13.93 -2.65 -13.53
C GLU B 66 -14.44 -1.82 -12.34
N VAL B 67 -13.54 -1.53 -11.42
CA VAL B 67 -13.88 -0.79 -10.20
C VAL B 67 -14.27 0.64 -10.56
N LEU B 68 -13.53 1.27 -11.46
CA LEU B 68 -13.81 2.64 -11.86
C LEU B 68 -15.17 2.76 -12.56
N GLU B 69 -15.53 1.81 -13.40
CA GLU B 69 -16.84 1.86 -14.05
C GLU B 69 -17.96 1.67 -13.01
N LYS B 70 -17.76 0.74 -12.09
CA LYS B 70 -18.77 0.50 -11.06
C LYS B 70 -19.01 1.72 -10.19
N VAL B 71 -17.95 2.35 -9.69
CA VAL B 71 -18.11 3.48 -8.78
C VAL B 71 -18.75 4.68 -9.49
N LYS B 72 -18.53 4.79 -10.79
CA LYS B 72 -19.15 5.86 -11.57
C LYS B 72 -20.65 5.70 -11.59
N LEU B 73 -21.14 4.48 -11.73
CA LEU B 73 -22.58 4.23 -11.80
C LEU B 73 -23.30 4.35 -10.47
N LEU B 74 -22.57 4.26 -9.36
CA LEU B 74 -23.17 4.42 -8.03
C LEU B 74 -23.62 5.87 -7.82
N HIS B 75 -23.22 6.74 -8.72
CA HIS B 75 -23.46 8.16 -8.61
C HIS B 75 -24.71 8.63 -9.35
N GLY B 76 -25.50 7.69 -9.84
CA GLY B 76 -26.71 8.04 -10.56
C GLY B 76 -26.42 8.25 -12.03
N GLY B 77 -27.31 8.94 -12.74
CA GLY B 77 -27.14 9.11 -14.18
C GLY B 77 -27.03 10.53 -14.70
N VAL B 78 -28.08 11.33 -14.53
CA VAL B 78 -28.12 12.68 -15.15
C VAL B 78 -27.60 13.79 -14.26
N ALA B 79 -27.26 13.44 -13.04
CA ALA B 79 -26.79 14.42 -12.06
C ALA B 79 -25.26 14.58 -12.14
N VAL B 80 -24.80 15.15 -13.24
CA VAL B 80 -23.36 15.37 -13.47
C VAL B 80 -22.98 16.83 -13.25
N MET A 1 7.00 -9.59 5.36
CA MET A 1 6.17 -10.08 6.52
C MET A 1 4.75 -10.54 6.13
N GLN A 2 4.11 -9.78 5.23
CA GLN A 2 2.76 -10.06 4.77
C GLN A 2 2.70 -9.86 3.26
N GLN A 3 2.43 -10.94 2.53
CA GLN A 3 2.48 -10.93 1.06
C GLN A 3 1.54 -9.91 0.43
N LYS A 4 0.37 -9.72 1.01
CA LYS A 4 -0.61 -8.77 0.47
C LYS A 4 -0.03 -7.36 0.32
N GLN A 5 0.86 -6.95 1.21
CA GLN A 5 1.38 -5.58 1.16
C GLN A 5 2.13 -5.26 -0.12
N GLN A 6 2.96 -6.17 -0.62
CA GLN A 6 3.70 -5.88 -1.86
C GLN A 6 2.75 -5.79 -3.05
N ILE A 7 1.65 -6.55 -3.00
CA ILE A 7 0.67 -6.52 -4.07
C ILE A 7 0.03 -5.14 -4.08
N MET A 8 -0.46 -4.71 -2.93
CA MET A 8 -1.14 -3.44 -2.85
C MET A 8 -0.22 -2.30 -3.25
N ALA A 9 1.05 -2.37 -2.86
CA ALA A 9 2.01 -1.35 -3.27
C ALA A 9 2.18 -1.33 -4.80
N ALA A 10 2.19 -2.51 -5.42
CA ALA A 10 2.39 -2.61 -6.86
C ALA A 10 1.14 -2.09 -7.59
N LEU A 11 -0.02 -2.42 -7.07
CA LEU A 11 -1.28 -1.97 -7.65
C LEU A 11 -1.41 -0.47 -7.50
N ASN A 12 -1.01 0.04 -6.35
CA ASN A 12 -1.10 1.48 -6.06
C ASN A 12 -0.19 2.22 -7.02
N SER A 13 0.94 1.62 -7.37
CA SER A 13 1.89 2.26 -8.28
C SER A 13 1.30 2.45 -9.67
N GLN A 14 0.76 1.38 -10.25
CA GLN A 14 0.27 1.45 -11.63
C GLN A 14 -1.08 2.16 -11.77
N THR A 15 -1.71 2.48 -10.64
CA THR A 15 -2.99 3.18 -10.66
C THR A 15 -2.90 4.52 -9.97
N ALA A 16 -1.68 4.93 -9.61
CA ALA A 16 -1.50 6.18 -8.88
C ALA A 16 -2.13 7.36 -9.60
N VAL A 17 -1.71 7.59 -10.84
CA VAL A 17 -2.24 8.72 -11.60
C VAL A 17 -3.69 8.46 -12.00
N GLN A 18 -4.05 7.20 -12.26
CA GLN A 18 -5.41 6.87 -12.68
C GLN A 18 -6.44 7.18 -11.60
N PHE A 19 -6.15 6.77 -10.38
CA PHE A 19 -7.06 7.00 -9.26
C PHE A 19 -7.06 8.48 -8.93
N GLN A 20 -5.92 9.15 -9.09
CA GLN A 20 -5.84 10.58 -8.86
C GLN A 20 -6.69 11.36 -9.86
N GLN A 21 -6.64 10.98 -11.13
CA GLN A 21 -7.41 11.65 -12.17
C GLN A 21 -8.90 11.42 -11.97
N TYR A 22 -9.27 10.23 -11.53
CA TYR A 22 -10.68 9.97 -11.24
C TYR A 22 -11.13 10.75 -10.00
N ALA A 23 -10.29 10.81 -9.00
CA ALA A 23 -10.62 11.55 -7.79
C ALA A 23 -10.78 13.04 -8.13
N ALA A 24 -9.96 13.53 -9.03
CA ALA A 24 -9.99 14.92 -9.45
C ALA A 24 -11.23 15.25 -10.29
N GLN A 25 -11.70 14.34 -11.13
CA GLN A 25 -12.89 14.63 -11.94
C GLN A 25 -14.15 14.57 -11.09
N GLN A 26 -14.09 13.82 -10.00
CA GLN A 26 -15.21 13.72 -9.07
C GLN A 26 -15.24 14.86 -8.05
N TYR A 27 -14.11 15.11 -7.42
CA TYR A 27 -14.01 16.11 -6.35
C TYR A 27 -12.85 17.05 -6.63
N PRO A 28 -12.97 17.87 -7.68
CA PRO A 28 -11.80 18.70 -7.99
C PRO A 28 -11.51 19.71 -6.89
N GLY A 29 -10.24 19.93 -6.62
CA GLY A 29 -9.84 20.84 -5.56
C GLY A 29 -9.92 20.28 -4.15
N ASN A 30 -10.80 19.31 -3.89
CA ASN A 30 -10.95 18.81 -2.54
C ASN A 30 -9.98 17.66 -2.27
N TYR A 31 -8.79 18.03 -1.86
CA TYR A 31 -7.73 17.06 -1.56
C TYR A 31 -8.19 15.98 -0.59
N GLU A 32 -8.95 16.35 0.43
CA GLU A 32 -9.35 15.39 1.45
C GLU A 32 -10.26 14.32 0.84
N GLN A 33 -11.30 14.76 0.14
CA GLN A 33 -12.24 13.83 -0.49
C GLN A 33 -11.53 13.00 -1.55
N GLN A 34 -10.59 13.62 -2.24
CA GLN A 34 -9.82 12.92 -3.25
C GLN A 34 -9.06 11.74 -2.63
N GLN A 35 -8.39 11.97 -1.51
CA GLN A 35 -7.64 10.90 -0.86
C GLN A 35 -8.56 9.80 -0.38
N ILE A 36 -9.69 10.17 0.20
CA ILE A 36 -10.64 9.19 0.71
C ILE A 36 -11.14 8.30 -0.43
N LEU A 37 -11.49 8.90 -1.57
CA LEU A 37 -11.93 8.13 -2.72
C LEU A 37 -10.81 7.21 -3.24
N ILE A 38 -9.58 7.72 -3.26
CA ILE A 38 -8.44 6.92 -3.71
C ILE A 38 -8.28 5.71 -2.78
N ARG A 39 -8.42 5.91 -1.48
CA ARG A 39 -8.28 4.79 -0.53
C ARG A 39 -9.34 3.71 -0.76
N GLN A 40 -10.56 4.13 -1.06
CA GLN A 40 -11.63 3.18 -1.35
C GLN A 40 -11.29 2.39 -2.61
N LEU A 41 -10.79 3.08 -3.61
CA LEU A 41 -10.41 2.47 -4.88
C LEU A 41 -9.26 1.50 -4.73
N GLN A 42 -8.28 1.83 -3.90
CA GLN A 42 -7.12 0.97 -3.68
C GLN A 42 -7.50 -0.38 -3.09
N GLU A 43 -8.42 -0.38 -2.13
CA GLU A 43 -8.84 -1.62 -1.49
C GLU A 43 -9.70 -2.45 -2.44
N GLN A 44 -10.66 -1.81 -3.09
CA GLN A 44 -11.53 -2.50 -4.04
C GLN A 44 -10.73 -3.08 -5.19
N HIS A 45 -9.74 -2.33 -5.66
CA HIS A 45 -8.87 -2.81 -6.75
C HIS A 45 -8.15 -4.07 -6.31
N TYR A 46 -7.55 -4.06 -5.12
CA TYR A 46 -6.85 -5.27 -4.66
C TYR A 46 -7.77 -6.49 -4.62
N GLN A 47 -8.99 -6.33 -4.11
CA GLN A 47 -9.90 -7.46 -4.00
C GLN A 47 -10.28 -7.98 -5.39
N GLN A 48 -10.66 -7.08 -6.29
CA GLN A 48 -11.03 -7.48 -7.64
C GLN A 48 -9.83 -8.08 -8.38
N TYR A 49 -8.65 -7.50 -8.20
CA TYR A 49 -7.44 -8.01 -8.82
C TYR A 49 -7.16 -9.41 -8.35
N MET A 50 -7.27 -9.65 -7.04
CA MET A 50 -6.97 -10.97 -6.50
C MET A 50 -7.97 -12.00 -6.99
N GLN A 51 -9.25 -11.63 -7.04
CA GLN A 51 -10.27 -12.55 -7.52
C GLN A 51 -10.08 -12.85 -9.01
N GLN A 52 -9.74 -11.84 -9.79
CA GLN A 52 -9.52 -12.02 -11.22
C GLN A 52 -8.25 -12.81 -11.48
N LEU A 53 -7.17 -12.48 -10.78
CA LEU A 53 -5.88 -13.16 -10.92
C LEU A 53 -6.03 -14.62 -10.56
N TYR A 54 -6.81 -14.89 -9.52
CA TYR A 54 -7.04 -16.24 -9.08
C TYR A 54 -7.64 -17.03 -10.24
N GLN A 55 -8.60 -16.47 -10.95
CA GLN A 55 -9.21 -17.17 -12.07
C GLN A 55 -8.23 -17.40 -13.21
N VAL A 56 -7.29 -16.48 -13.43
CA VAL A 56 -6.30 -16.65 -14.50
C VAL A 56 -5.34 -17.79 -14.16
N GLN A 57 -4.79 -17.79 -12.96
CA GLN A 57 -3.84 -18.83 -12.59
C GLN A 57 -4.54 -20.17 -12.45
N LEU A 58 -5.81 -20.10 -12.08
CA LEU A 58 -6.65 -21.30 -11.95
C LEU A 58 -6.87 -21.91 -13.32
N ALA A 59 -7.17 -21.08 -14.30
CA ALA A 59 -7.34 -21.55 -15.67
C ALA A 59 -6.10 -22.31 -16.16
N GLN A 60 -4.92 -21.77 -15.86
CA GLN A 60 -3.67 -22.43 -16.23
C GLN A 60 -3.45 -23.69 -15.39
N GLN A 61 -3.83 -23.64 -14.13
CA GLN A 61 -3.73 -24.77 -13.22
C GLN A 61 -4.58 -25.93 -13.72
N GLN A 62 -5.76 -25.63 -14.25
CA GLN A 62 -6.64 -26.68 -14.75
C GLN A 62 -6.05 -27.37 -15.97
N ALA A 63 -5.34 -26.63 -16.81
CA ALA A 63 -4.69 -27.21 -17.98
C ALA A 63 -3.48 -28.07 -17.55
N ALA A 64 -2.83 -27.68 -16.46
CA ALA A 64 -1.70 -28.43 -15.93
C ALA A 64 -2.18 -29.71 -15.23
N LEU A 65 -3.36 -29.66 -14.64
CA LEU A 65 -3.91 -30.79 -13.87
C LEU A 65 -4.72 -31.74 -14.71
N GLN A 66 -5.72 -31.21 -15.40
CA GLN A 66 -6.72 -31.97 -16.17
C GLN A 66 -7.33 -33.09 -15.32
N LYS A 67 -7.46 -32.81 -14.02
CA LYS A 67 -7.90 -33.81 -13.04
C LYS A 67 -8.93 -33.24 -12.06
N GLN A 68 -9.58 -32.16 -12.47
CA GLN A 68 -10.62 -31.54 -11.67
C GLN A 68 -11.81 -31.27 -12.58
N GLN A 69 -12.91 -31.94 -12.29
CA GLN A 69 -14.13 -31.90 -13.10
C GLN A 69 -15.07 -30.78 -12.64
N GLY B 1 -20.52 24.03 6.97
CA GLY B 1 -19.02 24.00 6.89
C GLY B 1 -18.40 24.86 5.79
N ALA B 2 -19.28 25.61 5.11
CA ALA B 2 -18.87 26.48 4.01
C ALA B 2 -18.08 27.69 4.54
N MET B 3 -18.44 28.13 5.76
CA MET B 3 -17.76 29.23 6.46
C MET B 3 -17.64 30.54 5.65
N VAL B 4 -18.65 30.82 4.83
CA VAL B 4 -18.71 32.05 4.04
C VAL B 4 -19.60 33.08 4.77
N GLU B 5 -19.27 33.28 6.03
CA GLU B 5 -19.99 34.17 6.97
C GLU B 5 -21.40 33.68 7.33
N ALA B 6 -21.93 34.21 8.44
CA ALA B 6 -23.26 33.87 8.92
C ALA B 6 -23.76 35.03 9.77
N ARG B 7 -25.07 35.15 9.94
CA ARG B 7 -25.65 36.22 10.78
C ARG B 7 -27.00 35.79 11.36
N SER B 8 -27.20 34.49 11.48
CA SER B 8 -28.46 33.95 12.00
C SER B 8 -28.36 33.78 13.50
N LEU B 9 -29.40 34.17 14.23
CA LEU B 9 -29.43 34.03 15.68
C LEU B 9 -30.04 32.68 16.04
N ALA B 10 -29.23 31.78 16.56
CA ALA B 10 -29.70 30.48 17.01
C ALA B 10 -28.86 30.09 18.23
N VAL B 11 -29.52 29.62 19.28
CA VAL B 11 -28.88 29.19 20.55
C VAL B 11 -27.69 30.06 20.98
N ALA B 12 -27.99 31.18 21.62
CA ALA B 12 -26.97 32.09 22.12
C ALA B 12 -26.16 31.45 23.27
N MET B 13 -25.06 30.82 22.91
CA MET B 13 -24.17 30.16 23.88
C MET B 13 -22.87 30.96 24.00
N GLY B 14 -22.87 32.14 23.39
CA GLY B 14 -21.71 33.02 23.41
C GLY B 14 -22.04 34.26 24.21
N ASP B 15 -21.22 35.30 24.05
CA ASP B 15 -21.44 36.61 24.69
C ASP B 15 -21.54 36.48 26.22
N THR B 16 -20.81 35.53 26.77
CA THR B 16 -20.79 35.27 28.22
C THR B 16 -19.82 36.21 28.94
N VAL B 17 -19.70 37.42 28.43
CA VAL B 17 -18.76 38.40 28.96
C VAL B 17 -19.43 39.22 30.06
N VAL B 18 -18.68 39.54 31.09
CA VAL B 18 -19.17 40.37 32.19
C VAL B 18 -18.29 41.62 32.17
N GLU B 19 -18.74 42.64 31.44
CA GLU B 19 -17.95 43.85 31.22
C GLU B 19 -17.56 44.71 32.45
N PRO B 20 -18.37 44.79 33.53
CA PRO B 20 -17.89 45.62 34.64
C PRO B 20 -16.84 44.93 35.56
N ALA B 21 -15.72 44.54 34.98
CA ALA B 21 -14.64 43.88 35.71
C ALA B 21 -13.37 44.76 35.75
N PRO B 22 -13.35 45.83 36.57
CA PRO B 22 -12.15 46.67 36.55
C PRO B 22 -10.94 45.99 37.20
N LEU B 23 -9.88 45.84 36.43
CA LEU B 23 -8.64 45.26 36.93
C LEU B 23 -8.04 46.23 37.95
N LYS B 24 -7.37 45.68 38.96
CA LYS B 24 -6.80 46.50 40.03
C LYS B 24 -5.32 46.86 39.89
N PRO B 25 -4.42 45.90 39.52
CA PRO B 25 -3.04 46.37 39.53
C PRO B 25 -2.65 47.27 38.34
N THR B 26 -3.25 47.04 37.18
CA THR B 26 -2.96 47.81 35.98
C THR B 26 -4.02 47.40 34.96
N SER B 27 -4.05 48.09 33.82
CA SER B 27 -4.93 47.73 32.71
C SER B 27 -4.22 48.10 31.43
N GLU B 28 -2.91 47.90 31.45
CA GLU B 28 -2.02 48.29 30.36
C GLU B 28 -1.22 47.07 29.88
N PRO B 29 -1.20 46.81 28.56
CA PRO B 29 -0.42 45.64 28.12
C PRO B 29 1.09 45.87 28.12
N THR B 30 1.81 44.99 28.79
CA THR B 30 3.28 45.08 28.90
C THR B 30 3.93 43.79 28.42
N SER B 31 3.21 43.05 27.60
CA SER B 31 3.65 41.75 27.11
C SER B 31 4.86 41.84 26.18
N GLY B 32 5.77 40.87 26.31
CA GLY B 32 6.93 40.79 25.43
C GLY B 32 6.70 39.77 24.33
N PRO B 33 7.62 39.63 23.36
CA PRO B 33 7.37 38.67 22.29
C PRO B 33 7.53 37.20 22.71
N PRO B 34 6.74 36.29 22.11
CA PRO B 34 6.89 34.86 22.41
C PRO B 34 8.02 34.22 21.58
N GLY B 35 8.19 32.91 21.73
CA GLY B 35 9.16 32.18 20.93
C GLY B 35 8.60 30.80 20.63
N ASN B 36 9.19 30.10 19.68
CA ASN B 36 8.72 28.77 19.28
C ASN B 36 9.90 27.96 18.77
N ASN B 37 9.65 26.72 18.40
CA ASN B 37 10.64 25.85 17.79
C ASN B 37 10.00 25.29 16.52
N GLY B 38 10.76 24.64 15.66
CA GLY B 38 10.23 24.08 14.43
C GLY B 38 11.23 23.11 13.83
N GLY B 39 10.97 22.63 12.62
CA GLY B 39 11.88 21.72 11.95
C GLY B 39 11.91 22.02 10.47
N SER B 40 12.95 21.57 9.79
CA SER B 40 13.13 21.79 8.37
C SER B 40 14.13 20.72 7.96
N LEU B 41 14.89 21.00 6.91
CA LEU B 41 15.97 20.12 6.42
C LEU B 41 15.46 18.71 6.09
N LEU B 42 14.41 18.65 5.28
CA LEU B 42 13.84 17.37 4.84
C LEU B 42 13.99 17.28 3.32
N SER B 43 14.50 16.16 2.85
CA SER B 43 14.69 15.95 1.40
C SER B 43 14.64 14.46 1.09
N VAL B 44 13.85 14.07 0.10
CA VAL B 44 13.74 12.68 -0.33
C VAL B 44 13.70 12.67 -1.85
N ILE B 45 14.62 11.94 -2.47
CA ILE B 45 14.70 11.88 -3.92
C ILE B 45 13.90 10.66 -4.42
N THR B 46 12.83 10.91 -5.16
CA THR B 46 12.01 9.85 -5.73
C THR B 46 11.97 9.98 -7.23
N GLU B 47 13.02 9.46 -7.84
CA GLU B 47 13.24 9.57 -9.28
C GLU B 47 13.49 8.18 -9.89
N GLY B 48 12.44 7.36 -9.90
CA GLY B 48 12.54 6.00 -10.41
C GLY B 48 13.33 5.07 -9.49
N VAL B 49 13.52 5.53 -8.27
CA VAL B 49 14.33 4.80 -7.29
C VAL B 49 13.54 3.62 -6.70
N GLY B 50 13.92 2.42 -7.11
CA GLY B 50 13.35 1.22 -6.51
C GLY B 50 12.00 0.79 -7.03
N GLU B 51 11.73 1.10 -8.28
CA GLU B 51 10.48 0.71 -8.93
C GLU B 51 10.42 -0.82 -9.08
N LEU B 52 9.24 -1.38 -8.85
CA LEU B 52 9.05 -2.82 -8.91
C LEU B 52 7.67 -3.20 -9.46
N SER B 53 7.65 -4.14 -10.40
CA SER B 53 6.40 -4.66 -10.97
C SER B 53 6.33 -6.15 -10.71
N VAL B 54 5.89 -6.53 -9.52
CA VAL B 54 5.85 -7.94 -9.09
C VAL B 54 4.42 -8.51 -9.29
N ILE B 55 3.70 -7.91 -10.24
CA ILE B 55 2.30 -8.26 -10.51
C ILE B 55 2.08 -8.42 -12.00
N ASP B 56 0.94 -9.01 -12.36
CA ASP B 56 0.53 -9.10 -13.76
C ASP B 56 -0.20 -7.80 -14.11
N PRO B 57 0.43 -6.92 -14.91
CA PRO B 57 -0.22 -5.61 -15.06
C PRO B 57 -1.50 -5.62 -15.89
N GLU B 58 -1.68 -6.58 -16.78
CA GLU B 58 -2.89 -6.62 -17.60
C GLU B 58 -4.12 -7.03 -16.77
N VAL B 59 -3.90 -7.85 -15.76
CA VAL B 59 -4.98 -8.30 -14.89
C VAL B 59 -5.37 -7.11 -14.02
N ALA B 60 -4.37 -6.40 -13.52
CA ALA B 60 -4.60 -5.24 -12.68
C ALA B 60 -5.28 -4.11 -13.47
N GLN B 61 -4.90 -3.93 -14.72
CA GLN B 61 -5.50 -2.90 -15.55
C GLN B 61 -7.01 -3.14 -15.68
N LYS B 62 -7.41 -4.38 -15.95
CA LYS B 62 -8.84 -4.70 -16.08
C LYS B 62 -9.54 -4.61 -14.74
N ALA B 63 -8.87 -5.01 -13.67
CA ALA B 63 -9.46 -4.96 -12.34
C ALA B 63 -9.74 -3.52 -11.91
N CYS B 64 -8.78 -2.62 -12.09
CA CYS B 64 -8.98 -1.22 -11.72
C CYS B 64 -10.02 -0.57 -12.63
N GLN B 65 -10.06 -0.99 -13.89
CA GLN B 65 -11.04 -0.47 -14.84
C GLN B 65 -12.45 -0.79 -14.34
N GLU B 66 -12.67 -2.00 -13.89
CA GLU B 66 -14.00 -2.37 -13.41
C GLU B 66 -14.36 -1.57 -12.16
N VAL B 67 -13.42 -1.40 -11.23
CA VAL B 67 -13.69 -0.63 -10.02
C VAL B 67 -14.09 0.80 -10.38
N LEU B 68 -13.40 1.38 -11.36
CA LEU B 68 -13.72 2.74 -11.79
C LEU B 68 -15.10 2.80 -12.45
N GLU B 69 -15.47 1.81 -13.24
CA GLU B 69 -16.80 1.78 -13.83
C GLU B 69 -17.89 1.58 -12.78
N LYS B 70 -17.66 0.68 -11.83
CA LYS B 70 -18.66 0.42 -10.79
C LYS B 70 -18.88 1.65 -9.92
N VAL B 71 -17.80 2.27 -9.47
CA VAL B 71 -17.93 3.42 -8.56
C VAL B 71 -18.63 4.59 -9.26
N LYS B 72 -18.43 4.72 -10.57
CA LYS B 72 -19.14 5.74 -11.34
C LYS B 72 -20.63 5.47 -11.33
N LEU B 73 -21.02 4.21 -11.47
CA LEU B 73 -22.44 3.88 -11.51
C LEU B 73 -23.13 3.94 -10.15
N LEU B 74 -22.38 3.76 -9.07
CA LEU B 74 -22.94 3.90 -7.72
C LEU B 74 -23.42 5.32 -7.51
N HIS B 75 -22.77 6.23 -8.21
CA HIS B 75 -23.07 7.65 -8.09
C HIS B 75 -24.33 8.05 -8.84
N GLY B 76 -24.45 7.61 -10.08
CA GLY B 76 -25.52 8.08 -10.94
C GLY B 76 -25.38 9.59 -11.08
N GLY B 77 -26.49 10.31 -11.10
CA GLY B 77 -26.44 11.77 -11.09
C GLY B 77 -26.16 12.36 -12.44
N VAL B 78 -26.42 11.57 -13.48
CA VAL B 78 -26.13 11.95 -14.86
C VAL B 78 -27.07 13.06 -15.36
N ALA B 79 -28.06 13.34 -14.55
CA ALA B 79 -29.04 14.40 -14.80
C ALA B 79 -29.19 15.20 -13.51
N VAL B 80 -28.41 16.26 -13.40
CA VAL B 80 -28.41 17.15 -12.22
C VAL B 80 -29.63 18.09 -12.18
N MET A 1 6.22 -6.68 6.61
CA MET A 1 5.10 -7.50 7.17
C MET A 1 3.90 -7.67 6.22
N GLN A 2 3.40 -8.93 6.16
CA GLN A 2 2.26 -9.39 5.33
C GLN A 2 2.50 -9.28 3.81
N GLN A 3 2.38 -10.40 3.12
CA GLN A 3 2.58 -10.44 1.67
C GLN A 3 1.62 -9.52 0.90
N LYS A 4 0.45 -9.28 1.45
CA LYS A 4 -0.55 -8.39 0.81
C LYS A 4 -0.02 -6.98 0.61
N GLN A 5 0.83 -6.49 1.50
CA GLN A 5 1.29 -5.10 1.41
C GLN A 5 2.07 -4.82 0.13
N GLN A 6 2.91 -5.76 -0.31
CA GLN A 6 3.68 -5.54 -1.54
C GLN A 6 2.74 -5.49 -2.75
N ILE A 7 1.64 -6.23 -2.67
CA ILE A 7 0.68 -6.23 -3.75
C ILE A 7 0.02 -4.87 -3.82
N MET A 8 -0.49 -4.39 -2.70
CA MET A 8 -1.18 -3.12 -2.68
C MET A 8 -0.25 -2.00 -3.13
N ALA A 9 1.02 -2.05 -2.74
CA ALA A 9 1.98 -1.04 -3.19
C ALA A 9 2.17 -1.10 -4.71
N ALA A 10 2.19 -2.29 -5.28
CA ALA A 10 2.40 -2.45 -6.70
C ALA A 10 1.17 -1.98 -7.47
N LEU A 11 0.00 -2.29 -6.92
CA LEU A 11 -1.26 -1.86 -7.51
C LEU A 11 -1.40 -0.36 -7.44
N ASN A 12 -0.95 0.21 -6.34
CA ASN A 12 -1.01 1.65 -6.13
C ASN A 12 -0.21 2.34 -7.22
N SER A 13 0.92 1.75 -7.60
CA SER A 13 1.79 2.35 -8.60
C SER A 13 1.12 2.49 -9.97
N GLN A 14 0.60 1.41 -10.51
CA GLN A 14 0.03 1.43 -11.87
C GLN A 14 -1.29 2.19 -11.97
N THR A 15 -1.92 2.45 -10.84
CA THR A 15 -3.21 3.16 -10.86
C THR A 15 -3.13 4.49 -10.15
N ALA A 16 -1.91 4.93 -9.87
CA ALA A 16 -1.71 6.18 -9.14
C ALA A 16 -2.41 7.33 -9.87
N VAL A 17 -2.05 7.53 -11.14
CA VAL A 17 -2.63 8.62 -11.92
C VAL A 17 -4.09 8.33 -12.25
N GLN A 18 -4.44 7.06 -12.40
CA GLN A 18 -5.81 6.70 -12.76
C GLN A 18 -6.80 7.06 -11.66
N PHE A 19 -6.44 6.72 -10.44
CA PHE A 19 -7.30 7.00 -9.30
C PHE A 19 -7.29 8.49 -9.02
N GLN A 20 -6.14 9.13 -9.21
CA GLN A 20 -6.02 10.58 -9.01
C GLN A 20 -6.89 11.36 -9.99
N GLN A 21 -6.93 10.94 -11.25
CA GLN A 21 -7.73 11.63 -12.26
C GLN A 21 -9.21 11.54 -11.90
N TYR A 22 -9.67 10.37 -11.50
CA TYR A 22 -11.06 10.21 -11.13
C TYR A 22 -11.40 10.97 -9.86
N ALA A 23 -10.50 10.91 -8.89
CA ALA A 23 -10.71 11.60 -7.62
C ALA A 23 -10.76 13.11 -7.85
N ALA A 24 -9.97 13.59 -8.80
CA ALA A 24 -9.96 15.01 -9.13
C ALA A 24 -11.26 15.39 -9.80
N GLN A 25 -11.81 14.48 -10.58
CA GLN A 25 -13.05 14.75 -11.29
C GLN A 25 -14.22 14.86 -10.30
N GLN A 26 -14.18 14.06 -9.25
CA GLN A 26 -15.25 14.05 -8.25
C GLN A 26 -15.06 15.12 -7.17
N TYR A 27 -13.82 15.34 -6.76
CA TYR A 27 -13.50 16.29 -5.70
C TYR A 27 -12.34 17.19 -6.10
N PRO A 28 -12.54 18.04 -7.11
CA PRO A 28 -11.39 18.83 -7.54
C PRO A 28 -10.87 19.77 -6.48
N GLY A 29 -9.56 19.92 -6.41
CA GLY A 29 -8.93 20.78 -5.42
C GLY A 29 -8.81 20.20 -4.02
N ASN A 30 -9.73 19.31 -3.64
CA ASN A 30 -9.76 18.83 -2.26
C ASN A 30 -8.91 17.59 -2.10
N TYR A 31 -7.64 17.79 -1.81
CA TYR A 31 -6.70 16.68 -1.64
C TYR A 31 -7.19 15.62 -0.66
N GLU A 32 -7.72 16.04 0.48
CA GLU A 32 -8.18 15.09 1.48
C GLU A 32 -9.33 14.23 0.94
N GLN A 33 -10.32 14.87 0.34
CA GLN A 33 -11.46 14.14 -0.22
C GLN A 33 -11.02 13.24 -1.37
N GLN A 34 -10.03 13.69 -2.11
CA GLN A 34 -9.47 12.88 -3.18
C GLN A 34 -8.86 11.62 -2.60
N GLN A 35 -8.07 11.74 -1.54
CA GLN A 35 -7.43 10.58 -0.92
C GLN A 35 -8.46 9.61 -0.37
N ILE A 36 -9.50 10.13 0.25
CA ILE A 36 -10.55 9.29 0.81
C ILE A 36 -11.18 8.43 -0.30
N LEU A 37 -11.46 9.02 -1.45
CA LEU A 37 -12.00 8.24 -2.58
C LEU A 37 -10.95 7.28 -3.12
N ILE A 38 -9.70 7.73 -3.22
CA ILE A 38 -8.62 6.86 -3.71
C ILE A 38 -8.48 5.64 -2.82
N ARG A 39 -8.65 5.80 -1.51
CA ARG A 39 -8.59 4.66 -0.58
C ARG A 39 -9.64 3.60 -0.94
N GLN A 40 -10.83 4.04 -1.31
CA GLN A 40 -11.89 3.10 -1.68
C GLN A 40 -11.48 2.35 -2.95
N LEU A 41 -10.94 3.08 -3.90
CA LEU A 41 -10.53 2.52 -5.19
C LEU A 41 -9.40 1.52 -5.00
N GLN A 42 -8.47 1.81 -4.09
CA GLN A 42 -7.32 0.94 -3.84
C GLN A 42 -7.74 -0.42 -3.30
N GLU A 43 -8.64 -0.46 -2.33
CA GLU A 43 -9.04 -1.72 -1.76
C GLU A 43 -9.89 -2.50 -2.75
N GLN A 44 -10.82 -1.83 -3.41
CA GLN A 44 -11.64 -2.50 -4.42
C GLN A 44 -10.75 -3.08 -5.51
N HIS A 45 -9.73 -2.34 -5.90
CA HIS A 45 -8.78 -2.81 -6.92
C HIS A 45 -8.07 -4.06 -6.44
N TYR A 46 -7.61 -4.07 -5.20
CA TYR A 46 -6.93 -5.25 -4.68
C TYR A 46 -7.85 -6.46 -4.64
N GLN A 47 -9.06 -6.27 -4.13
CA GLN A 47 -10.00 -7.39 -4.04
C GLN A 47 -10.33 -7.95 -5.42
N GLN A 48 -10.61 -7.08 -6.38
CA GLN A 48 -10.94 -7.52 -7.74
C GLN A 48 -9.71 -8.12 -8.42
N TYR A 49 -8.54 -7.56 -8.19
CA TYR A 49 -7.31 -8.09 -8.79
C TYR A 49 -7.05 -9.50 -8.30
N MET A 50 -7.13 -9.72 -6.99
CA MET A 50 -6.87 -11.04 -6.44
C MET A 50 -7.93 -12.03 -6.91
N GLN A 51 -9.17 -11.58 -7.00
CA GLN A 51 -10.26 -12.42 -7.49
C GLN A 51 -10.04 -12.83 -8.95
N GLN A 52 -9.65 -11.87 -9.78
CA GLN A 52 -9.45 -12.14 -11.20
C GLN A 52 -8.18 -12.95 -11.42
N LEU A 53 -7.11 -12.61 -10.73
CA LEU A 53 -5.82 -13.31 -10.86
C LEU A 53 -5.98 -14.77 -10.46
N TYR A 54 -6.79 -15.02 -9.45
CA TYR A 54 -7.01 -16.38 -9.00
C TYR A 54 -7.56 -17.19 -10.15
N GLN A 55 -8.53 -16.64 -10.87
CA GLN A 55 -9.14 -17.36 -11.98
C GLN A 55 -8.15 -17.64 -13.10
N VAL A 56 -7.18 -16.76 -13.31
CA VAL A 56 -6.18 -16.97 -14.36
C VAL A 56 -5.25 -18.13 -13.99
N GLN A 57 -4.69 -18.12 -12.79
CA GLN A 57 -3.77 -19.19 -12.40
C GLN A 57 -4.52 -20.49 -12.22
N LEU A 58 -5.79 -20.39 -11.85
CA LEU A 58 -6.66 -21.56 -11.70
C LEU A 58 -6.94 -22.18 -13.05
N ALA A 59 -7.23 -21.35 -14.04
CA ALA A 59 -7.44 -21.83 -15.40
C ALA A 59 -6.21 -22.62 -15.88
N GLN A 60 -5.02 -22.08 -15.63
CA GLN A 60 -3.79 -22.80 -15.99
C GLN A 60 -3.66 -24.10 -15.20
N GLN A 61 -4.03 -24.05 -13.92
CA GLN A 61 -3.98 -25.22 -13.05
C GLN A 61 -4.91 -26.33 -13.57
N GLN A 62 -6.10 -25.95 -14.03
CA GLN A 62 -7.05 -26.92 -14.55
C GLN A 62 -6.54 -27.52 -15.85
N ALA A 63 -5.88 -26.72 -16.67
CA ALA A 63 -5.33 -27.20 -17.94
C ALA A 63 -4.16 -28.16 -17.70
N ALA A 64 -3.46 -28.01 -16.59
CA ALA A 64 -2.37 -28.91 -16.24
C ALA A 64 -2.92 -30.22 -15.66
N LEU A 65 -3.93 -30.11 -14.81
CA LEU A 65 -4.52 -31.27 -14.13
C LEU A 65 -5.40 -32.11 -15.05
N GLN A 66 -6.30 -31.40 -15.73
CA GLN A 66 -7.35 -31.98 -16.61
C GLN A 66 -8.21 -33.04 -15.92
N LYS A 67 -8.20 -33.02 -14.59
CA LYS A 67 -8.90 -34.01 -13.77
C LYS A 67 -10.35 -33.62 -13.50
N GLN A 68 -10.84 -32.63 -14.22
CA GLN A 68 -12.19 -32.13 -14.07
C GLN A 68 -12.71 -31.77 -15.44
N GLN A 69 -13.81 -32.40 -15.84
CA GLN A 69 -14.43 -32.17 -17.17
C GLN A 69 -14.96 -30.74 -17.36
N GLY B 1 26.96 -14.18 8.63
CA GLY B 1 27.33 -15.22 9.63
C GLY B 1 28.82 -15.40 9.81
N ALA B 2 29.52 -14.38 9.32
CA ALA B 2 30.99 -14.30 9.36
C ALA B 2 31.48 -13.82 10.73
N MET B 3 31.16 -14.58 11.77
CA MET B 3 31.57 -14.25 13.13
C MET B 3 33.00 -14.73 13.36
N VAL B 4 33.96 -13.92 12.91
CA VAL B 4 35.38 -14.25 13.02
C VAL B 4 36.14 -13.03 13.51
N GLU B 5 36.73 -13.12 14.69
CA GLU B 5 37.50 -12.01 15.26
C GLU B 5 38.99 -12.33 15.15
N ALA B 6 39.82 -11.29 15.15
CA ALA B 6 41.27 -11.46 15.07
C ALA B 6 41.91 -10.66 16.21
N ARG B 7 43.07 -11.12 16.68
CA ARG B 7 43.78 -10.49 17.78
C ARG B 7 45.23 -10.93 17.68
N SER B 8 46.11 -10.26 18.43
CA SER B 8 47.52 -10.62 18.47
C SER B 8 47.99 -10.33 19.89
N LEU B 9 49.24 -10.68 20.20
CA LEU B 9 49.81 -10.48 21.53
C LEU B 9 51.09 -9.68 21.36
N ALA B 10 51.50 -8.98 22.42
CA ALA B 10 52.75 -8.22 22.39
C ALA B 10 53.97 -9.15 22.54
N VAL B 11 53.70 -10.40 22.94
CA VAL B 11 54.72 -11.43 23.18
C VAL B 11 55.81 -10.97 24.16
N ALA B 12 55.39 -10.07 25.04
CA ALA B 12 56.28 -9.51 26.06
C ALA B 12 56.27 -10.41 27.31
N MET B 13 56.80 -11.61 27.17
CA MET B 13 56.88 -12.57 28.28
C MET B 13 58.35 -12.70 28.66
N GLY B 14 58.62 -13.07 29.90
CA GLY B 14 60.00 -13.15 30.35
C GLY B 14 60.14 -12.94 31.85
N ASP B 15 59.52 -13.84 32.61
CA ASP B 15 59.50 -13.79 34.07
C ASP B 15 60.81 -14.32 34.66
N THR B 16 61.92 -13.91 34.08
CA THR B 16 63.25 -14.43 34.43
C THR B 16 63.89 -13.67 35.59
N VAL B 17 63.11 -13.41 36.62
CA VAL B 17 63.61 -12.74 37.82
C VAL B 17 64.28 -13.81 38.67
N VAL B 18 65.51 -13.55 39.10
CA VAL B 18 66.27 -14.52 39.88
C VAL B 18 66.81 -13.88 41.16
N GLU B 19 66.49 -14.56 42.26
CA GLU B 19 66.92 -14.28 43.67
C GLU B 19 65.94 -13.50 44.58
N PRO B 20 65.56 -12.23 44.25
CA PRO B 20 64.73 -11.62 45.30
C PRO B 20 63.29 -12.13 45.35
N ALA B 21 62.77 -12.30 46.55
CA ALA B 21 61.39 -12.70 46.76
C ALA B 21 60.92 -12.19 48.13
N PRO B 22 59.69 -11.67 48.23
CA PRO B 22 59.25 -11.29 49.58
C PRO B 22 58.90 -12.51 50.42
N LEU B 23 59.04 -12.40 51.73
CA LEU B 23 58.68 -13.50 52.63
C LEU B 23 57.43 -13.12 53.38
N LYS B 24 56.57 -14.12 53.57
CA LYS B 24 55.23 -14.09 54.21
C LYS B 24 54.02 -14.06 53.23
N PRO B 25 54.00 -13.19 52.20
CA PRO B 25 52.89 -13.45 51.27
C PRO B 25 53.19 -14.71 50.45
N THR B 26 52.18 -15.29 49.83
CA THR B 26 52.38 -16.53 49.05
C THR B 26 51.79 -16.42 47.64
N SER B 27 51.13 -15.32 47.36
CA SER B 27 50.52 -15.06 46.05
C SER B 27 50.09 -13.60 46.08
N GLU B 28 49.77 -13.04 44.93
CA GLU B 28 49.26 -11.67 44.83
C GLU B 28 48.19 -11.66 43.74
N PRO B 29 46.98 -11.17 44.05
CA PRO B 29 45.92 -11.25 43.03
C PRO B 29 46.02 -10.19 41.92
N THR B 30 46.10 -10.64 40.68
CA THR B 30 46.14 -9.75 39.52
C THR B 30 44.95 -10.04 38.61
N SER B 31 43.91 -9.22 38.69
CA SER B 31 42.69 -9.42 37.90
C SER B 31 41.97 -8.09 37.73
N GLY B 32 40.93 -8.08 36.90
CA GLY B 32 40.15 -6.87 36.68
C GLY B 32 38.85 -7.22 35.99
N PRO B 33 37.90 -6.27 35.85
CA PRO B 33 36.62 -6.60 35.22
C PRO B 33 36.72 -6.72 33.68
N PRO B 34 35.77 -7.41 33.04
CA PRO B 34 35.83 -7.46 31.57
C PRO B 34 35.45 -6.11 30.96
N GLY B 35 35.98 -5.82 29.78
CA GLY B 35 35.71 -4.54 29.13
C GLY B 35 35.84 -4.56 27.62
N ASN B 36 35.22 -5.54 26.97
CA ASN B 36 35.26 -5.65 25.51
C ASN B 36 33.89 -6.03 24.97
N ASN B 37 33.35 -5.21 24.08
CA ASN B 37 32.03 -5.43 23.47
C ASN B 37 31.93 -4.47 22.28
N GLY B 38 30.90 -4.61 21.45
CA GLY B 38 30.71 -3.73 20.31
C GLY B 38 30.86 -4.45 18.98
N GLY B 39 31.27 -3.73 17.94
CA GLY B 39 31.48 -4.33 16.63
C GLY B 39 30.26 -4.39 15.73
N SER B 40 29.12 -3.87 16.20
CA SER B 40 27.90 -3.87 15.42
C SER B 40 27.73 -2.53 14.72
N LEU B 41 28.21 -2.47 13.49
CA LEU B 41 28.13 -1.26 12.66
C LEU B 41 27.55 -1.57 11.27
N LEU B 42 26.61 -2.51 11.24
CA LEU B 42 26.00 -2.94 9.97
C LEU B 42 24.77 -2.09 9.64
N SER B 43 24.42 -2.03 8.36
CA SER B 43 23.27 -1.28 7.89
C SER B 43 22.83 -1.97 6.60
N VAL B 44 21.66 -1.57 6.10
CA VAL B 44 21.11 -2.10 4.85
C VAL B 44 20.71 -0.90 4.00
N ILE B 45 21.09 -0.91 2.73
CA ILE B 45 20.78 0.18 1.81
C ILE B 45 19.65 -0.29 0.89
N THR B 46 18.57 0.48 0.83
CA THR B 46 17.41 0.13 -0.01
C THR B 46 17.20 1.15 -1.06
N GLU B 47 18.09 1.06 -2.03
CA GLU B 47 18.16 2.02 -3.14
C GLU B 47 18.45 1.28 -4.45
N GLY B 48 17.98 0.03 -4.51
CA GLY B 48 18.24 -0.82 -5.66
C GLY B 48 16.99 -1.49 -6.20
N VAL B 49 15.96 -0.71 -6.47
CA VAL B 49 14.68 -1.24 -6.96
C VAL B 49 14.12 -0.26 -7.99
N GLY B 50 13.37 -0.76 -8.96
CA GLY B 50 12.77 0.08 -9.98
C GLY B 50 11.31 -0.29 -10.14
N GLU B 51 10.97 -0.80 -11.32
CA GLU B 51 9.58 -1.16 -11.64
C GLU B 51 9.09 -2.32 -10.79
N LEU B 52 9.99 -3.27 -10.56
CA LEU B 52 9.79 -4.49 -9.74
C LEU B 52 8.79 -5.51 -10.26
N SER B 53 7.59 -5.04 -10.57
CA SER B 53 6.49 -5.85 -11.10
C SER B 53 6.24 -7.17 -10.35
N VAL B 54 6.01 -7.06 -9.05
CA VAL B 54 5.72 -8.22 -8.19
C VAL B 54 4.24 -8.65 -8.34
N ILE B 55 3.62 -8.23 -9.43
CA ILE B 55 2.21 -8.50 -9.72
C ILE B 55 2.05 -8.81 -11.20
N ASP B 56 0.89 -9.33 -11.58
CA ASP B 56 0.52 -9.44 -12.97
C ASP B 56 -0.07 -8.07 -13.35
N PRO B 57 0.63 -7.28 -14.19
CA PRO B 57 0.10 -5.94 -14.40
C PRO B 57 -1.13 -5.87 -15.30
N GLU B 58 -1.30 -6.83 -16.19
CA GLU B 58 -2.41 -6.81 -17.15
C GLU B 58 -3.73 -7.16 -16.48
N VAL B 59 -3.69 -8.18 -15.63
CA VAL B 59 -4.87 -8.57 -14.86
C VAL B 59 -5.19 -7.43 -13.91
N ALA B 60 -4.15 -6.81 -13.37
CA ALA B 60 -4.35 -5.69 -12.47
C ALA B 60 -4.99 -4.51 -13.20
N GLN B 61 -4.60 -4.29 -14.45
CA GLN B 61 -5.16 -3.21 -15.25
C GLN B 61 -6.65 -3.44 -15.51
N LYS B 62 -7.02 -4.66 -15.89
CA LYS B 62 -8.42 -4.97 -16.14
C LYS B 62 -9.24 -4.84 -14.86
N ALA B 63 -8.66 -5.26 -13.76
CA ALA B 63 -9.32 -5.16 -12.47
C ALA B 63 -9.58 -3.70 -12.10
N CYS B 64 -8.64 -2.80 -12.38
CA CYS B 64 -8.83 -1.40 -12.02
C CYS B 64 -9.85 -0.73 -12.93
N GLN B 65 -9.91 -1.15 -14.19
CA GLN B 65 -10.87 -0.59 -15.14
C GLN B 65 -12.28 -0.78 -14.60
N GLU B 66 -12.58 -1.99 -14.14
CA GLU B 66 -13.90 -2.28 -13.60
C GLU B 66 -14.19 -1.42 -12.39
N VAL B 67 -13.23 -1.25 -11.51
CA VAL B 67 -13.46 -0.49 -10.27
C VAL B 67 -13.84 0.96 -10.56
N LEU B 68 -13.17 1.61 -11.50
CA LEU B 68 -13.50 2.99 -11.84
C LEU B 68 -14.91 3.06 -12.45
N GLU B 69 -15.29 2.09 -13.26
CA GLU B 69 -16.63 2.07 -13.83
C GLU B 69 -17.72 1.75 -12.80
N LYS B 70 -17.45 0.79 -11.92
CA LYS B 70 -18.41 0.37 -10.90
C LYS B 70 -18.73 1.52 -9.95
N VAL B 71 -17.70 2.24 -9.49
CA VAL B 71 -17.92 3.33 -8.55
C VAL B 71 -18.70 4.48 -9.21
N LYS B 72 -18.56 4.65 -10.51
CA LYS B 72 -19.31 5.66 -11.24
C LYS B 72 -20.80 5.30 -11.26
N LEU B 73 -21.11 4.02 -11.30
CA LEU B 73 -22.52 3.61 -11.25
C LEU B 73 -23.13 3.64 -9.86
N LEU B 74 -22.31 3.51 -8.82
CA LEU B 74 -22.80 3.65 -7.44
C LEU B 74 -23.25 5.08 -7.21
N HIS B 75 -22.78 5.95 -8.08
CA HIS B 75 -23.11 7.36 -8.06
C HIS B 75 -24.32 7.65 -8.96
N GLY B 76 -25.17 6.65 -9.09
CA GLY B 76 -26.38 6.76 -9.90
C GLY B 76 -26.15 6.47 -11.38
N GLY B 77 -25.05 6.97 -11.93
CA GLY B 77 -24.77 6.76 -13.35
C GLY B 77 -25.48 7.83 -14.13
N VAL B 78 -25.90 8.88 -13.44
CA VAL B 78 -26.62 10.01 -14.03
C VAL B 78 -25.65 10.97 -14.74
N ALA B 79 -24.91 10.39 -15.69
CA ALA B 79 -23.90 11.11 -16.48
C ALA B 79 -22.87 11.81 -15.59
N VAL B 80 -22.48 11.11 -14.52
CA VAL B 80 -21.52 11.63 -13.54
C VAL B 80 -20.14 11.90 -14.17
N MET A 1 -0.22 -13.15 5.52
CA MET A 1 -0.72 -11.73 5.44
C MET A 1 0.22 -10.69 4.81
N GLN A 2 1.53 -10.82 5.07
CA GLN A 2 2.55 -9.86 4.63
C GLN A 2 2.64 -9.75 3.11
N GLN A 3 2.25 -10.80 2.40
CA GLN A 3 2.29 -10.81 0.95
C GLN A 3 1.40 -9.72 0.36
N LYS A 4 0.26 -9.47 1.00
CA LYS A 4 -0.68 -8.45 0.52
C LYS A 4 -0.01 -7.07 0.42
N GLN A 5 0.91 -6.78 1.32
CA GLN A 5 1.56 -5.47 1.33
C GLN A 5 2.28 -5.18 0.01
N GLN A 6 3.00 -6.17 -0.51
CA GLN A 6 3.72 -5.96 -1.77
C GLN A 6 2.75 -5.82 -2.94
N ILE A 7 1.60 -6.49 -2.86
CA ILE A 7 0.63 -6.41 -3.93
C ILE A 7 0.05 -5.02 -3.95
N MET A 8 -0.45 -4.55 -2.82
CA MET A 8 -1.10 -3.26 -2.79
C MET A 8 -0.15 -2.15 -3.19
N ALA A 9 1.11 -2.26 -2.81
CA ALA A 9 2.11 -1.28 -3.23
C ALA A 9 2.26 -1.30 -4.76
N ALA A 10 2.27 -2.49 -5.35
CA ALA A 10 2.46 -2.61 -6.79
C ALA A 10 1.23 -2.12 -7.55
N LEU A 11 0.07 -2.38 -6.98
CA LEU A 11 -1.19 -1.93 -7.58
C LEU A 11 -1.29 -0.43 -7.50
N ASN A 12 -0.86 0.14 -6.38
CA ASN A 12 -0.92 1.57 -6.18
C ASN A 12 -0.07 2.26 -7.24
N SER A 13 1.06 1.67 -7.59
CA SER A 13 1.95 2.26 -8.58
C SER A 13 1.30 2.43 -9.95
N GLN A 14 0.68 1.38 -10.47
CA GLN A 14 0.12 1.44 -11.82
C GLN A 14 -1.19 2.21 -11.91
N THR A 15 -1.85 2.45 -10.78
CA THR A 15 -3.14 3.14 -10.80
C THR A 15 -3.08 4.47 -10.07
N ALA A 16 -1.88 4.92 -9.75
CA ALA A 16 -1.70 6.17 -9.03
C ALA A 16 -2.38 7.32 -9.77
N VAL A 17 -2.00 7.51 -11.02
CA VAL A 17 -2.56 8.60 -11.82
C VAL A 17 -4.03 8.30 -12.19
N GLN A 18 -4.38 7.03 -12.32
CA GLN A 18 -5.73 6.67 -12.71
C GLN A 18 -6.73 7.06 -11.64
N PHE A 19 -6.41 6.74 -10.39
CA PHE A 19 -7.29 7.05 -9.29
C PHE A 19 -7.26 8.54 -8.99
N GLN A 20 -6.10 9.15 -9.14
CA GLN A 20 -5.96 10.59 -8.90
C GLN A 20 -6.79 11.41 -9.88
N GLN A 21 -6.79 11.03 -11.15
CA GLN A 21 -7.58 11.74 -12.15
C GLN A 21 -9.06 11.65 -11.83
N TYR A 22 -9.54 10.47 -11.49
CA TYR A 22 -10.95 10.30 -11.20
C TYR A 22 -11.35 11.00 -9.91
N ALA A 23 -10.49 10.95 -8.90
CA ALA A 23 -10.77 11.60 -7.64
C ALA A 23 -10.84 13.12 -7.83
N ALA A 24 -10.02 13.63 -8.74
CA ALA A 24 -10.00 15.05 -9.06
C ALA A 24 -11.29 15.40 -9.79
N GLN A 25 -11.79 14.48 -10.58
CA GLN A 25 -13.01 14.72 -11.34
C GLN A 25 -14.22 14.81 -10.41
N GLN A 26 -14.24 13.97 -9.39
CA GLN A 26 -15.35 13.94 -8.44
C GLN A 26 -15.23 15.02 -7.36
N TYR A 27 -14.02 15.23 -6.87
CA TYR A 27 -13.77 16.18 -5.79
C TYR A 27 -12.62 17.12 -6.13
N PRO A 28 -12.81 17.97 -7.15
CA PRO A 28 -11.66 18.80 -7.51
C PRO A 28 -11.26 19.76 -6.39
N GLY A 29 -9.96 19.96 -6.21
CA GLY A 29 -9.46 20.84 -5.17
C GLY A 29 -9.46 20.25 -3.77
N ASN A 30 -10.33 19.31 -3.48
CA ASN A 30 -10.44 18.79 -2.12
C ASN A 30 -9.51 17.61 -1.96
N TYR A 31 -8.25 17.88 -1.64
CA TYR A 31 -7.23 16.85 -1.52
C TYR A 31 -7.64 15.76 -0.52
N GLU A 32 -8.30 16.12 0.56
CA GLU A 32 -8.71 15.15 1.56
C GLU A 32 -9.75 14.19 0.98
N GLN A 33 -10.80 14.74 0.38
CA GLN A 33 -11.87 13.93 -0.20
C GLN A 33 -11.32 13.08 -1.34
N GLN A 34 -10.36 13.62 -2.08
CA GLN A 34 -9.70 12.89 -3.13
C GLN A 34 -9.01 11.65 -2.56
N GLN A 35 -8.25 11.81 -1.49
CA GLN A 35 -7.54 10.68 -0.90
C GLN A 35 -8.49 9.65 -0.37
N ILE A 36 -9.55 10.09 0.27
CA ILE A 36 -10.55 9.16 0.81
C ILE A 36 -11.14 8.30 -0.31
N LEU A 37 -11.49 8.90 -1.44
CA LEU A 37 -11.96 8.13 -2.58
C LEU A 37 -10.85 7.22 -3.13
N ILE A 38 -9.63 7.72 -3.22
CA ILE A 38 -8.51 6.92 -3.71
C ILE A 38 -8.31 5.69 -2.82
N ARG A 39 -8.44 5.83 -1.51
CA ARG A 39 -8.31 4.68 -0.60
C ARG A 39 -9.33 3.59 -0.93
N GLN A 40 -10.56 3.99 -1.21
CA GLN A 40 -11.61 3.04 -1.55
C GLN A 40 -11.28 2.35 -2.87
N LEU A 41 -10.82 3.13 -3.84
CA LEU A 41 -10.45 2.59 -5.15
C LEU A 41 -9.29 1.61 -5.02
N GLN A 42 -8.33 1.91 -4.17
CA GLN A 42 -7.17 1.04 -3.97
C GLN A 42 -7.56 -0.31 -3.37
N GLU A 43 -8.45 -0.31 -2.39
CA GLU A 43 -8.87 -1.55 -1.77
C GLU A 43 -9.73 -2.37 -2.73
N GLN A 44 -10.69 -1.73 -3.39
CA GLN A 44 -11.53 -2.42 -4.37
C GLN A 44 -10.66 -2.98 -5.50
N HIS A 45 -9.65 -2.24 -5.90
CA HIS A 45 -8.74 -2.71 -6.95
C HIS A 45 -8.04 -3.98 -6.49
N TYR A 46 -7.57 -4.00 -5.26
CA TYR A 46 -6.93 -5.20 -4.72
C TYR A 46 -7.90 -6.37 -4.65
N GLN A 47 -9.12 -6.13 -4.18
CA GLN A 47 -10.12 -7.18 -4.08
C GLN A 47 -10.42 -7.77 -5.47
N GLN A 48 -10.71 -6.91 -6.43
CA GLN A 48 -11.00 -7.34 -7.80
C GLN A 48 -9.79 -8.03 -8.42
N TYR A 49 -8.59 -7.50 -8.18
CA TYR A 49 -7.38 -8.09 -8.75
C TYR A 49 -7.13 -9.48 -8.20
N MET A 50 -7.21 -9.65 -6.90
CA MET A 50 -6.92 -10.95 -6.31
C MET A 50 -7.96 -11.98 -6.75
N GLN A 51 -9.22 -11.57 -6.82
CA GLN A 51 -10.28 -12.46 -7.28
C GLN A 51 -10.06 -12.84 -8.75
N GLN A 52 -9.71 -11.87 -9.58
CA GLN A 52 -9.54 -12.13 -11.00
C GLN A 52 -8.29 -12.96 -11.27
N LEU A 53 -7.20 -12.65 -10.58
CA LEU A 53 -5.95 -13.39 -10.72
C LEU A 53 -6.15 -14.83 -10.28
N TYR A 54 -6.95 -15.02 -9.25
CA TYR A 54 -7.22 -16.38 -8.79
C TYR A 54 -7.82 -17.18 -9.93
N GLN A 55 -8.76 -16.61 -10.65
CA GLN A 55 -9.39 -17.32 -11.75
C GLN A 55 -8.40 -17.64 -12.87
N VAL A 56 -7.40 -16.79 -13.08
CA VAL A 56 -6.41 -17.04 -14.13
C VAL A 56 -5.51 -18.21 -13.73
N GLN A 57 -4.99 -18.21 -12.51
CA GLN A 57 -4.09 -19.29 -12.09
C GLN A 57 -4.87 -20.58 -11.90
N LEU A 58 -6.14 -20.44 -11.54
CA LEU A 58 -7.03 -21.59 -11.38
C LEU A 58 -7.28 -22.22 -12.73
N ALA A 59 -7.50 -21.41 -13.74
CA ALA A 59 -7.66 -21.92 -15.10
C ALA A 59 -6.43 -22.75 -15.52
N GLN A 60 -5.23 -22.28 -15.18
CA GLN A 60 -4.01 -23.04 -15.47
C GLN A 60 -3.94 -24.31 -14.62
N GLN A 61 -4.42 -24.23 -13.39
CA GLN A 61 -4.46 -25.38 -12.51
C GLN A 61 -5.36 -26.47 -13.08
N GLN A 62 -6.48 -26.07 -13.67
CA GLN A 62 -7.39 -27.01 -14.30
C GLN A 62 -6.78 -27.61 -15.56
N ALA A 63 -5.96 -26.85 -16.26
CA ALA A 63 -5.25 -27.35 -17.44
C ALA A 63 -4.20 -28.39 -17.03
N ALA A 64 -3.64 -28.25 -15.85
CA ALA A 64 -2.67 -29.22 -15.33
C ALA A 64 -3.38 -30.49 -14.87
N LEU A 65 -4.64 -30.36 -14.47
CA LEU A 65 -5.42 -31.49 -13.94
C LEU A 65 -6.16 -32.27 -15.04
N GLN A 66 -6.95 -31.55 -15.82
CA GLN A 66 -7.82 -32.12 -16.87
C GLN A 66 -8.72 -33.26 -16.36
N LYS A 67 -8.96 -33.26 -15.06
CA LYS A 67 -9.77 -34.29 -14.40
C LYS A 67 -11.18 -33.78 -14.13
N GLN A 68 -11.58 -32.77 -14.89
CA GLN A 68 -12.85 -32.05 -14.67
C GLN A 68 -12.83 -31.49 -13.23
N GLN A 69 -11.62 -31.03 -12.84
CA GLN A 69 -11.30 -30.49 -11.52
C GLN A 69 -10.30 -29.36 -11.67
N GLY B 1 -11.76 29.44 -9.73
CA GLY B 1 -11.54 30.87 -10.08
C GLY B 1 -10.23 31.47 -9.57
N ALA B 2 -9.31 31.73 -10.51
CA ALA B 2 -8.00 32.29 -10.20
C ALA B 2 -7.68 33.46 -11.15
N MET B 3 -8.71 34.24 -11.46
CA MET B 3 -8.58 35.37 -12.38
C MET B 3 -9.23 36.59 -11.76
N VAL B 4 -8.58 37.74 -11.88
CA VAL B 4 -9.10 39.02 -11.39
C VAL B 4 -8.63 40.09 -12.36
N GLU B 5 -9.36 41.19 -12.45
CA GLU B 5 -8.98 42.31 -13.32
C GLU B 5 -9.03 43.60 -12.51
N ALA B 6 -8.01 44.43 -12.61
CA ALA B 6 -7.94 45.68 -11.85
C ALA B 6 -7.35 46.83 -12.67
N ARG B 7 -8.20 47.59 -13.34
CA ARG B 7 -7.74 48.75 -14.12
C ARG B 7 -7.33 49.85 -13.15
N SER B 8 -6.04 50.10 -13.07
CA SER B 8 -5.47 51.06 -12.12
C SER B 8 -4.66 52.14 -12.85
N LEU B 9 -5.33 52.88 -13.73
CA LEU B 9 -4.67 53.93 -14.51
C LEU B 9 -5.64 55.08 -14.75
N ALA B 10 -5.10 56.23 -15.14
CA ALA B 10 -5.89 57.40 -15.46
C ALA B 10 -5.18 58.09 -16.62
N VAL B 11 -5.96 58.58 -17.57
CA VAL B 11 -5.43 59.24 -18.76
C VAL B 11 -5.30 60.75 -18.54
N ALA B 12 -4.51 61.12 -17.55
CA ALA B 12 -4.27 62.53 -17.23
C ALA B 12 -3.27 63.14 -18.21
N MET B 13 -3.74 63.49 -19.40
CA MET B 13 -2.90 64.04 -20.46
C MET B 13 -3.48 65.35 -20.96
N GLY B 14 -2.62 66.28 -21.29
CA GLY B 14 -3.03 67.59 -21.79
C GLY B 14 -1.95 68.57 -21.45
N ASP B 15 -2.01 69.79 -21.98
CA ASP B 15 -0.96 70.78 -21.76
C ASP B 15 -0.95 71.27 -20.31
N THR B 16 -2.14 71.35 -19.72
CA THR B 16 -2.33 71.77 -18.32
C THR B 16 -1.45 72.95 -17.88
N VAL B 17 -1.45 73.99 -18.71
CA VAL B 17 -0.59 75.15 -18.47
C VAL B 17 -1.03 75.94 -17.23
N VAL B 18 -0.19 75.95 -16.21
CA VAL B 18 -0.41 76.75 -15.01
C VAL B 18 0.86 77.59 -14.82
N GLU B 19 0.90 78.74 -15.46
CA GLU B 19 2.08 79.62 -15.39
C GLU B 19 2.55 80.02 -13.98
N PRO B 20 1.62 80.39 -13.06
CA PRO B 20 2.15 80.80 -11.75
C PRO B 20 2.49 79.64 -10.78
N ALA B 21 2.67 78.43 -11.30
CA ALA B 21 2.98 77.28 -10.45
C ALA B 21 4.32 77.47 -9.72
N PRO B 22 4.31 77.51 -8.38
CA PRO B 22 5.62 77.66 -7.73
C PRO B 22 6.45 76.39 -7.78
N LEU B 23 7.77 76.56 -7.88
CA LEU B 23 8.68 75.41 -7.89
C LEU B 23 9.13 75.10 -6.46
N LYS B 24 9.34 73.81 -6.21
CA LYS B 24 9.79 73.20 -4.93
C LYS B 24 8.77 72.83 -3.80
N PRO B 25 7.50 73.32 -3.83
CA PRO B 25 6.62 72.74 -2.80
C PRO B 25 6.10 71.37 -3.28
N THR B 26 5.01 70.89 -2.68
CA THR B 26 4.34 69.65 -3.10
C THR B 26 5.25 68.44 -2.92
N SER B 27 5.97 68.41 -1.81
CA SER B 27 6.79 67.26 -1.47
C SER B 27 5.86 66.09 -1.15
N GLU B 28 6.15 64.92 -1.70
CA GLU B 28 5.32 63.74 -1.50
C GLU B 28 6.09 62.67 -0.71
N PRO B 29 6.01 62.70 0.64
CA PRO B 29 6.73 61.65 1.36
C PRO B 29 6.02 60.30 1.23
N THR B 30 6.79 59.23 1.11
CA THR B 30 6.24 57.89 0.97
C THR B 30 7.27 56.90 1.52
N SER B 31 6.90 55.63 1.61
CA SER B 31 7.79 54.59 2.13
C SER B 31 7.52 53.29 1.39
N GLY B 32 8.49 52.40 1.37
CA GLY B 32 8.32 51.13 0.68
C GLY B 32 7.55 50.11 1.51
N PRO B 33 7.06 49.02 0.90
CA PRO B 33 6.33 48.00 1.66
C PRO B 33 7.25 47.11 2.50
N PRO B 34 6.70 46.37 3.47
CA PRO B 34 7.58 45.47 4.23
C PRO B 34 8.07 44.29 3.37
N GLY B 35 9.11 43.62 3.84
CA GLY B 35 9.67 42.49 3.10
C GLY B 35 10.44 41.58 4.02
N ASN B 36 11.44 40.90 3.48
CA ASN B 36 12.30 39.95 4.22
C ASN B 36 11.51 38.81 4.85
N ASN B 37 10.45 38.39 4.19
CA ASN B 37 9.61 37.28 4.65
C ASN B 37 9.47 36.24 3.54
N GLY B 38 10.29 35.21 3.59
CA GLY B 38 10.25 34.17 2.57
C GLY B 38 11.50 33.32 2.65
N GLY B 39 11.62 32.34 1.77
CA GLY B 39 12.78 31.46 1.77
C GLY B 39 12.63 30.48 0.62
N SER B 40 13.58 29.56 0.46
CA SER B 40 13.54 28.58 -0.58
C SER B 40 14.48 27.50 -0.08
N LEU B 41 14.13 26.28 -0.38
CA LEU B 41 14.92 25.09 -0.03
C LEU B 41 15.26 24.33 -1.31
N LEU B 42 14.99 25.02 -2.41
CA LEU B 42 15.21 24.52 -3.78
C LEU B 42 14.43 23.21 -4.03
N SER B 43 14.79 22.51 -5.09
CA SER B 43 14.15 21.28 -5.48
C SER B 43 15.21 20.53 -6.28
N VAL B 44 15.02 19.23 -6.45
CA VAL B 44 15.96 18.39 -7.20
C VAL B 44 15.12 17.46 -8.08
N ILE B 45 15.66 17.10 -9.24
CA ILE B 45 14.97 16.20 -10.17
C ILE B 45 15.29 14.77 -9.75
N THR B 46 14.29 13.91 -9.76
CA THR B 46 14.45 12.51 -9.53
C THR B 46 13.26 11.95 -10.28
N GLU B 47 13.57 11.01 -11.12
CA GLU B 47 12.61 10.39 -12.05
C GLU B 47 12.91 8.89 -12.12
N GLY B 48 13.43 8.37 -11.01
CA GLY B 48 13.85 6.97 -10.95
C GLY B 48 13.37 6.29 -9.70
N VAL B 49 12.06 6.37 -9.44
CA VAL B 49 11.45 5.74 -8.28
C VAL B 49 10.13 5.10 -8.70
N GLY B 50 9.93 3.82 -8.37
CA GLY B 50 8.67 3.14 -8.67
C GLY B 50 8.84 1.82 -9.41
N GLU B 51 9.97 1.20 -9.13
CA GLU B 51 10.38 -0.04 -9.79
C GLU B 51 9.62 -1.27 -9.31
N LEU B 52 9.84 -2.34 -10.05
CA LEU B 52 9.35 -3.70 -9.75
C LEU B 52 7.84 -3.91 -9.81
N SER B 53 7.47 -4.69 -10.81
CA SER B 53 6.09 -5.14 -10.97
C SER B 53 5.99 -6.55 -10.43
N VAL B 54 5.76 -6.69 -9.14
CA VAL B 54 5.66 -7.99 -8.47
C VAL B 54 4.20 -8.50 -8.54
N ILE B 55 3.54 -8.14 -9.65
CA ILE B 55 2.14 -8.46 -9.91
C ILE B 55 2.00 -8.80 -11.38
N ASP B 56 0.86 -9.33 -11.76
CA ASP B 56 0.51 -9.52 -13.16
C ASP B 56 -0.10 -8.20 -13.63
N PRO B 57 0.65 -7.39 -14.41
CA PRO B 57 0.10 -6.04 -14.63
C PRO B 57 -1.13 -6.00 -15.53
N GLU B 58 -1.27 -6.97 -16.42
CA GLU B 58 -2.42 -7.00 -17.31
C GLU B 58 -3.70 -7.31 -16.54
N VAL B 59 -3.64 -8.27 -15.62
CA VAL B 59 -4.80 -8.63 -14.82
C VAL B 59 -5.13 -7.48 -13.90
N ALA B 60 -4.09 -6.83 -13.39
CA ALA B 60 -4.25 -5.69 -12.51
C ALA B 60 -4.93 -4.53 -13.24
N GLN B 61 -4.55 -4.27 -14.49
CA GLN B 61 -5.18 -3.19 -15.27
C GLN B 61 -6.64 -3.51 -15.56
N LYS B 62 -6.94 -4.75 -15.91
CA LYS B 62 -8.33 -5.15 -16.16
C LYS B 62 -9.13 -4.93 -14.88
N ALA B 63 -8.51 -5.26 -13.75
CA ALA B 63 -9.16 -5.12 -12.46
C ALA B 63 -9.46 -3.67 -12.08
N CYS B 64 -8.58 -2.73 -12.44
CA CYS B 64 -8.84 -1.34 -12.06
C CYS B 64 -9.91 -0.72 -12.95
N GLN B 65 -9.98 -1.12 -14.22
CA GLN B 65 -11.03 -0.62 -15.11
C GLN B 65 -12.39 -0.96 -14.52
N GLU B 66 -12.53 -2.19 -14.05
CA GLU B 66 -13.79 -2.64 -13.45
C GLU B 66 -14.19 -1.74 -12.30
N VAL B 67 -13.24 -1.37 -11.46
CA VAL B 67 -13.55 -0.56 -10.27
C VAL B 67 -13.95 0.86 -10.67
N LEU B 68 -13.25 1.49 -11.60
CA LEU B 68 -13.60 2.85 -11.99
C LEU B 68 -14.98 2.87 -12.66
N GLU B 69 -15.34 1.86 -13.43
CA GLU B 69 -16.69 1.81 -14.00
C GLU B 69 -17.75 1.57 -12.93
N LYS B 70 -17.47 0.69 -11.99
CA LYS B 70 -18.44 0.36 -10.94
C LYS B 70 -18.69 1.50 -9.97
N VAL B 71 -17.67 2.27 -9.64
CA VAL B 71 -17.86 3.42 -8.75
C VAL B 71 -18.67 4.50 -9.48
N LYS B 72 -18.48 4.65 -10.78
CA LYS B 72 -19.28 5.60 -11.57
C LYS B 72 -20.73 5.15 -11.59
N LEU B 73 -20.96 3.85 -11.57
CA LEU B 73 -22.32 3.33 -11.57
C LEU B 73 -23.02 3.38 -10.22
N LEU B 74 -22.30 3.22 -9.12
CA LEU B 74 -22.94 3.31 -7.80
C LEU B 74 -23.34 4.75 -7.53
N HIS B 75 -22.74 5.66 -8.28
CA HIS B 75 -23.11 7.08 -8.27
C HIS B 75 -24.40 7.32 -9.10
N GLY B 76 -25.01 6.26 -9.58
CA GLY B 76 -26.23 6.34 -10.36
C GLY B 76 -25.99 6.10 -11.84
N GLY B 77 -24.80 6.44 -12.32
CA GLY B 77 -24.46 6.25 -13.72
C GLY B 77 -25.23 7.13 -14.70
N VAL B 78 -25.94 8.12 -14.18
CA VAL B 78 -26.77 9.01 -15.00
C VAL B 78 -26.08 10.36 -15.22
N ALA B 79 -24.76 10.35 -15.15
CA ALA B 79 -23.97 11.56 -15.34
C ALA B 79 -23.85 11.93 -16.83
N VAL B 80 -24.93 12.47 -17.38
CA VAL B 80 -24.99 12.91 -18.79
C VAL B 80 -24.22 14.21 -19.01
N MET A 1 3.98 -13.50 5.69
CA MET A 1 3.76 -12.24 6.47
C MET A 1 3.81 -10.95 5.61
N GLN A 2 2.70 -10.16 5.71
CA GLN A 2 2.52 -8.87 5.00
C GLN A 2 2.63 -8.99 3.47
N GLN A 3 2.44 -10.20 2.95
CA GLN A 3 2.54 -10.43 1.50
C GLN A 3 1.52 -9.61 0.70
N LYS A 4 0.44 -9.22 1.33
CA LYS A 4 -0.56 -8.34 0.69
C LYS A 4 -0.02 -6.93 0.45
N GLN A 5 0.84 -6.44 1.34
CA GLN A 5 1.30 -5.06 1.27
C GLN A 5 2.04 -4.75 -0.03
N GLN A 6 2.92 -5.65 -0.46
CA GLN A 6 3.67 -5.43 -1.70
C GLN A 6 2.72 -5.43 -2.90
N ILE A 7 1.64 -6.20 -2.83
CA ILE A 7 0.65 -6.21 -3.91
C ILE A 7 0.02 -4.84 -3.97
N MET A 8 -0.50 -4.35 -2.85
CA MET A 8 -1.19 -3.07 -2.84
C MET A 8 -0.27 -1.93 -3.27
N ALA A 9 1.00 -2.01 -2.92
CA ALA A 9 1.97 -1.00 -3.34
C ALA A 9 2.17 -1.06 -4.86
N ALA A 10 2.19 -2.27 -5.41
CA ALA A 10 2.41 -2.44 -6.84
C ALA A 10 1.17 -1.99 -7.62
N LEU A 11 0.00 -2.29 -7.08
CA LEU A 11 -1.25 -1.87 -7.70
C LEU A 11 -1.32 -0.35 -7.67
N ASN A 12 -0.89 0.22 -6.56
CA ASN A 12 -0.84 1.68 -6.43
C ASN A 12 0.04 2.27 -7.49
N SER A 13 1.14 1.62 -7.81
CA SER A 13 2.10 2.15 -8.77
C SER A 13 1.48 2.36 -10.15
N GLN A 14 0.77 1.36 -10.68
CA GLN A 14 0.22 1.47 -12.03
C GLN A 14 -1.14 2.16 -12.10
N THR A 15 -1.74 2.44 -10.95
CA THR A 15 -3.05 3.10 -10.92
C THR A 15 -2.99 4.45 -10.22
N ALA A 16 -1.79 4.87 -9.84
CA ALA A 16 -1.62 6.13 -9.12
C ALA A 16 -2.29 7.30 -9.82
N VAL A 17 -1.88 7.54 -11.05
CA VAL A 17 -2.42 8.67 -11.82
C VAL A 17 -3.89 8.42 -12.17
N GLN A 18 -4.26 7.17 -12.38
CA GLN A 18 -5.64 6.85 -12.77
C GLN A 18 -6.62 7.17 -11.66
N PHE A 19 -6.28 6.75 -10.45
CA PHE A 19 -7.14 6.99 -9.29
C PHE A 19 -7.10 8.48 -8.94
N GLN A 20 -5.96 9.10 -9.11
CA GLN A 20 -5.83 10.54 -8.85
C GLN A 20 -6.71 11.35 -9.80
N GLN A 21 -6.70 11.02 -11.08
CA GLN A 21 -7.51 11.74 -12.06
C GLN A 21 -8.99 11.55 -11.79
N TYR A 22 -9.40 10.35 -11.43
CA TYR A 22 -10.80 10.12 -11.11
C TYR A 22 -11.21 10.88 -9.85
N ALA A 23 -10.36 10.84 -8.83
CA ALA A 23 -10.66 11.53 -7.60
C ALA A 23 -10.72 13.04 -7.82
N ALA A 24 -9.89 13.54 -8.74
CA ALA A 24 -9.86 14.95 -9.06
C ALA A 24 -11.11 15.39 -9.82
N GLN A 25 -11.66 14.54 -10.68
CA GLN A 25 -12.85 14.95 -11.42
C GLN A 25 -14.10 14.89 -10.55
N GLN A 26 -14.08 14.01 -9.56
CA GLN A 26 -15.20 13.91 -8.62
C GLN A 26 -15.11 14.92 -7.48
N TYR A 27 -13.91 15.14 -6.96
CA TYR A 27 -13.70 16.06 -5.84
C TYR A 27 -12.54 17.00 -6.16
N PRO A 28 -12.72 17.90 -7.12
CA PRO A 28 -11.57 18.72 -7.48
C PRO A 28 -11.14 19.64 -6.36
N GLY A 29 -9.83 19.82 -6.21
CA GLY A 29 -9.30 20.68 -5.16
C GLY A 29 -9.30 20.11 -3.76
N ASN A 30 -10.21 19.19 -3.46
CA ASN A 30 -10.36 18.70 -2.09
C ASN A 30 -9.44 17.52 -1.84
N TYR A 31 -8.21 17.80 -1.44
CA TYR A 31 -7.21 16.76 -1.21
C TYR A 31 -7.71 15.64 -0.30
N GLU A 32 -8.36 15.98 0.81
CA GLU A 32 -8.83 14.97 1.74
C GLU A 32 -9.86 14.05 1.08
N GLN A 33 -10.85 14.64 0.42
CA GLN A 33 -11.89 13.86 -0.25
C GLN A 33 -11.30 13.02 -1.38
N GLN A 34 -10.28 13.55 -2.03
CA GLN A 34 -9.61 12.81 -3.08
C GLN A 34 -8.94 11.58 -2.50
N GLN A 35 -8.24 11.72 -1.38
CA GLN A 35 -7.56 10.59 -0.75
C GLN A 35 -8.56 9.53 -0.33
N ILE A 36 -9.67 9.95 0.25
CA ILE A 36 -10.69 9.01 0.70
C ILE A 36 -11.20 8.17 -0.48
N LEU A 37 -11.48 8.80 -1.61
CA LEU A 37 -11.95 8.07 -2.79
C LEU A 37 -10.84 7.16 -3.33
N ILE A 38 -9.60 7.64 -3.34
CA ILE A 38 -8.47 6.83 -3.79
C ILE A 38 -8.33 5.60 -2.88
N ARG A 39 -8.52 5.75 -1.58
CA ARG A 39 -8.43 4.60 -0.66
C ARG A 39 -9.50 3.56 -0.96
N GLN A 40 -10.71 4.01 -1.25
CA GLN A 40 -11.79 3.08 -1.59
C GLN A 40 -11.44 2.35 -2.88
N LEU A 41 -10.90 3.08 -3.84
CA LEU A 41 -10.50 2.50 -5.12
C LEU A 41 -9.38 1.48 -4.95
N GLN A 42 -8.39 1.79 -4.11
CA GLN A 42 -7.29 0.86 -3.87
C GLN A 42 -7.77 -0.45 -3.27
N GLU A 43 -8.68 -0.37 -2.30
CA GLU A 43 -9.16 -1.55 -1.63
C GLU A 43 -10.01 -2.39 -2.56
N GLN A 44 -10.90 -1.75 -3.30
CA GLN A 44 -11.74 -2.46 -4.26
C GLN A 44 -10.86 -3.08 -5.35
N HIS A 45 -9.86 -2.33 -5.80
CA HIS A 45 -8.95 -2.81 -6.85
C HIS A 45 -8.23 -4.05 -6.37
N TYR A 46 -7.67 -4.02 -5.17
CA TYR A 46 -6.98 -5.20 -4.66
C TYR A 46 -7.89 -6.41 -4.61
N GLN A 47 -9.12 -6.22 -4.13
CA GLN A 47 -10.05 -7.35 -4.04
C GLN A 47 -10.37 -7.91 -5.43
N GLN A 48 -10.68 -7.04 -6.37
CA GLN A 48 -11.01 -7.48 -7.71
C GLN A 48 -9.80 -8.09 -8.41
N TYR A 49 -8.64 -7.49 -8.22
CA TYR A 49 -7.40 -7.99 -8.80
C TYR A 49 -7.10 -9.38 -8.29
N MET A 50 -7.18 -9.57 -6.97
CA MET A 50 -6.86 -10.86 -6.39
C MET A 50 -7.88 -11.91 -6.80
N GLN A 51 -9.15 -11.54 -6.83
CA GLN A 51 -10.19 -12.47 -7.25
C GLN A 51 -9.97 -12.90 -8.70
N GLN A 52 -9.66 -11.94 -9.55
CA GLN A 52 -9.45 -12.22 -10.97
C GLN A 52 -8.16 -13.03 -11.17
N LEU A 53 -7.08 -12.61 -10.53
CA LEU A 53 -5.79 -13.28 -10.63
C LEU A 53 -5.89 -14.72 -10.17
N TYR A 54 -6.65 -14.92 -9.10
CA TYR A 54 -6.81 -16.26 -8.55
C TYR A 54 -7.42 -17.17 -9.60
N GLN A 55 -8.40 -16.67 -10.34
CA GLN A 55 -9.02 -17.48 -11.38
C GLN A 55 -8.05 -17.74 -12.55
N VAL A 56 -7.13 -16.81 -12.82
CA VAL A 56 -6.17 -17.02 -13.91
C VAL A 56 -5.13 -18.06 -13.52
N GLN A 57 -4.56 -17.95 -12.33
CA GLN A 57 -3.56 -18.93 -11.90
C GLN A 57 -4.22 -20.30 -11.73
N LEU A 58 -5.49 -20.28 -11.35
CA LEU A 58 -6.26 -21.50 -11.21
C LEU A 58 -6.46 -22.14 -12.58
N ALA A 59 -6.74 -21.34 -13.58
CA ALA A 59 -6.92 -21.85 -14.93
C ALA A 59 -5.64 -22.55 -15.39
N GLN A 60 -4.49 -21.95 -15.11
CA GLN A 60 -3.20 -22.56 -15.44
C GLN A 60 -2.99 -23.85 -14.64
N GLN A 61 -3.34 -23.82 -13.37
CA GLN A 61 -3.18 -25.00 -12.50
C GLN A 61 -4.04 -26.16 -12.98
N GLN A 62 -5.28 -25.88 -13.38
CA GLN A 62 -6.15 -26.91 -13.91
C GLN A 62 -5.65 -27.42 -15.26
N ALA A 63 -5.05 -26.55 -16.05
CA ALA A 63 -4.48 -26.95 -17.35
C ALA A 63 -3.21 -27.80 -17.16
N ALA A 64 -2.54 -27.64 -16.03
CA ALA A 64 -1.39 -28.47 -15.71
C ALA A 64 -1.89 -29.85 -15.22
N LEU A 65 -3.02 -29.86 -14.52
CA LEU A 65 -3.58 -31.09 -13.97
C LEU A 65 -4.28 -31.96 -15.01
N GLN A 66 -5.27 -31.39 -15.70
CA GLN A 66 -6.11 -32.09 -16.68
C GLN A 66 -6.68 -33.43 -16.17
N LYS A 67 -7.17 -33.43 -14.93
CA LYS A 67 -7.85 -34.59 -14.37
C LYS A 67 -9.29 -34.18 -14.10
N GLN A 68 -9.76 -34.37 -12.88
CA GLN A 68 -11.11 -34.00 -12.48
C GLN A 68 -11.01 -33.00 -11.33
N GLN A 69 -10.15 -32.01 -11.55
CA GLN A 69 -9.84 -30.96 -10.58
C GLN A 69 -9.67 -29.61 -11.28
N GLY B 1 32.41 -17.94 23.00
CA GLY B 1 33.33 -16.76 23.14
C GLY B 1 33.62 -16.39 24.57
N ALA B 2 33.40 -17.38 25.42
CA ALA B 2 33.61 -17.27 26.87
C ALA B 2 35.05 -17.71 27.19
N MET B 3 35.54 -17.30 28.37
CA MET B 3 36.89 -17.65 28.86
C MET B 3 38.01 -17.27 27.87
N VAL B 4 38.00 -16.02 27.45
CA VAL B 4 39.04 -15.47 26.56
C VAL B 4 40.25 -14.93 27.34
N GLU B 5 40.51 -15.55 28.48
CA GLU B 5 41.60 -15.19 29.40
C GLU B 5 41.46 -13.75 29.95
N ALA B 6 42.53 -13.23 30.56
CA ALA B 6 42.54 -11.90 31.16
C ALA B 6 44.00 -11.43 31.16
N ARG B 7 44.23 -10.14 31.41
CA ARG B 7 45.60 -9.61 31.40
C ARG B 7 45.95 -8.88 32.69
N SER B 8 46.85 -9.46 33.45
CA SER B 8 47.34 -8.86 34.68
C SER B 8 48.37 -7.78 34.37
N LEU B 9 48.57 -6.85 35.30
CA LEU B 9 49.56 -5.79 35.13
C LEU B 9 50.89 -6.27 35.69
N ALA B 10 51.97 -6.06 34.94
CA ALA B 10 53.31 -6.49 35.34
C ALA B 10 54.00 -5.47 36.27
N VAL B 11 53.29 -5.01 37.27
CA VAL B 11 53.79 -4.00 38.20
C VAL B 11 54.62 -4.63 39.34
N ALA B 12 55.63 -5.40 38.96
CA ALA B 12 56.52 -6.07 39.91
C ALA B 12 57.45 -5.07 40.64
N MET B 13 57.73 -3.96 39.96
CA MET B 13 58.57 -2.88 40.51
C MET B 13 59.99 -3.33 40.90
N GLY B 14 60.37 -3.09 42.15
CA GLY B 14 61.72 -3.36 42.61
C GLY B 14 61.77 -3.64 44.10
N ASP B 15 62.72 -3.01 44.79
CA ASP B 15 62.93 -3.19 46.25
C ASP B 15 63.26 -4.64 46.61
N THR B 16 64.55 -4.94 46.59
CA THR B 16 65.04 -6.32 46.79
C THR B 16 65.06 -6.79 48.24
N VAL B 17 64.28 -6.15 49.10
CA VAL B 17 64.17 -6.57 50.49
C VAL B 17 62.81 -7.26 50.61
N VAL B 18 62.83 -8.51 51.05
CA VAL B 18 61.65 -9.35 51.00
C VAL B 18 60.68 -9.07 52.14
N GLU B 19 59.63 -8.36 51.76
CA GLU B 19 58.45 -8.10 52.61
C GLU B 19 58.72 -7.71 54.10
N PRO B 20 59.59 -6.71 54.35
CA PRO B 20 59.82 -6.42 55.78
C PRO B 20 58.72 -5.59 56.44
N ALA B 21 58.00 -4.80 55.65
CA ALA B 21 56.96 -3.90 56.15
C ALA B 21 56.06 -3.52 54.97
N PRO B 22 54.77 -3.24 55.23
CA PRO B 22 53.94 -2.80 54.12
C PRO B 22 54.19 -1.33 53.74
N LEU B 23 54.03 -1.02 52.46
CA LEU B 23 54.20 0.34 51.95
C LEU B 23 53.43 0.46 50.64
N LYS B 24 53.32 1.70 50.13
CA LYS B 24 52.74 2.11 48.82
C LYS B 24 51.26 2.55 48.67
N PRO B 25 50.26 1.87 49.28
CA PRO B 25 48.92 2.34 48.91
C PRO B 25 48.54 3.71 49.49
N THR B 26 48.20 4.65 48.60
CA THR B 26 47.84 6.02 49.00
C THR B 26 46.62 6.57 48.23
N SER B 27 45.97 5.75 47.42
CA SER B 27 44.86 6.23 46.59
C SER B 27 43.89 5.11 46.26
N GLU B 28 42.62 5.47 46.06
CA GLU B 28 41.58 4.52 45.69
C GLU B 28 41.20 4.70 44.22
N PRO B 29 41.59 3.75 43.34
CA PRO B 29 41.24 3.93 41.93
C PRO B 29 39.78 3.56 41.64
N THR B 30 39.23 4.13 40.56
CA THR B 30 37.86 3.82 40.13
C THR B 30 37.87 3.34 38.67
N SER B 31 39.06 2.95 38.21
CA SER B 31 39.22 2.48 36.84
C SER B 31 38.73 1.06 36.70
N GLY B 32 38.19 0.74 35.53
CA GLY B 32 37.82 -0.63 35.23
C GLY B 32 39.04 -1.41 34.74
N PRO B 33 38.88 -2.69 34.35
CA PRO B 33 40.02 -3.45 33.86
C PRO B 33 40.52 -2.91 32.51
N PRO B 34 41.79 -3.21 32.15
CA PRO B 34 42.30 -2.68 30.88
C PRO B 34 41.67 -3.32 29.64
N GLY B 35 41.68 -2.58 28.55
CA GLY B 35 41.13 -3.04 27.28
C GLY B 35 41.43 -1.98 26.26
N ASN B 36 41.02 -2.15 25.01
CA ASN B 36 41.30 -1.16 23.95
C ASN B 36 40.09 -0.84 23.07
N ASN B 37 39.26 -1.84 22.80
CA ASN B 37 38.03 -1.67 22.01
C ASN B 37 38.21 -0.91 20.67
N GLY B 38 39.29 -1.18 19.95
CA GLY B 38 39.53 -0.53 18.69
C GLY B 38 38.54 -0.98 17.64
N GLY B 39 38.19 -0.11 16.69
CA GLY B 39 37.20 -0.46 15.69
C GLY B 39 36.85 0.73 14.82
N SER B 40 35.60 0.79 14.37
CA SER B 40 35.07 1.89 13.54
C SER B 40 35.79 2.04 12.18
N LEU B 41 36.13 0.90 11.58
CA LEU B 41 36.77 0.88 10.26
C LEU B 41 35.95 -0.03 9.33
N LEU B 42 34.62 0.12 9.39
CA LEU B 42 33.71 -0.73 8.64
C LEU B 42 32.64 0.11 7.93
N SER B 43 32.06 -0.44 6.89
CA SER B 43 30.98 0.20 6.14
C SER B 43 30.21 -0.96 5.53
N VAL B 44 28.94 -0.75 5.20
CA VAL B 44 28.08 -1.80 4.62
C VAL B 44 27.38 -1.25 3.39
N ILE B 45 27.45 -1.98 2.29
CA ILE B 45 26.78 -1.57 1.06
C ILE B 45 25.36 -2.12 1.10
N THR B 46 24.37 -1.24 0.98
CA THR B 46 22.97 -1.64 1.00
C THR B 46 22.27 -1.22 -0.27
N GLU B 47 22.37 -2.10 -1.24
CA GLU B 47 21.90 -1.84 -2.60
C GLU B 47 21.14 -3.04 -3.16
N GLY B 48 20.58 -3.84 -2.26
CA GLY B 48 19.92 -5.09 -2.64
C GLY B 48 18.42 -5.00 -2.86
N VAL B 49 17.92 -3.87 -3.33
CA VAL B 49 16.48 -3.67 -3.54
C VAL B 49 16.24 -3.13 -4.95
N GLY B 50 15.34 -3.75 -5.70
CA GLY B 50 15.06 -3.33 -7.05
C GLY B 50 13.84 -4.00 -7.66
N GLU B 51 12.76 -4.07 -6.90
CA GLU B 51 11.53 -4.71 -7.38
C GLU B 51 10.84 -3.81 -8.41
N LEU B 52 10.11 -4.42 -9.33
CA LEU B 52 9.41 -3.66 -10.38
C LEU B 52 8.00 -4.15 -10.63
N SER B 53 7.89 -5.43 -10.93
CA SER B 53 6.61 -6.06 -11.24
C SER B 53 6.30 -7.17 -10.24
N VAL B 54 5.70 -6.77 -9.14
CA VAL B 54 5.33 -7.71 -8.07
C VAL B 54 3.93 -8.28 -8.32
N ILE B 55 3.38 -7.91 -9.46
CA ILE B 55 2.00 -8.22 -9.83
C ILE B 55 1.88 -8.56 -11.31
N ASP B 56 0.71 -9.07 -11.69
CA ASP B 56 0.35 -9.26 -13.08
C ASP B 56 -0.30 -7.95 -13.57
N PRO B 57 0.38 -7.19 -14.45
CA PRO B 57 -0.20 -5.90 -14.81
C PRO B 57 -1.43 -5.92 -15.71
N GLU B 58 -1.61 -6.95 -16.54
CA GLU B 58 -2.78 -6.96 -17.43
C GLU B 58 -4.04 -7.33 -16.64
N VAL B 59 -3.88 -8.17 -15.63
CA VAL B 59 -4.99 -8.50 -14.73
C VAL B 59 -5.34 -7.25 -13.92
N ALA B 60 -4.31 -6.56 -13.44
CA ALA B 60 -4.53 -5.34 -12.66
C ALA B 60 -5.18 -4.24 -13.53
N GLN B 61 -4.83 -4.18 -14.79
CA GLN B 61 -5.42 -3.20 -15.71
C GLN B 61 -6.93 -3.41 -15.81
N LYS B 62 -7.36 -4.65 -15.99
CA LYS B 62 -8.80 -4.93 -16.10
C LYS B 62 -9.49 -4.76 -14.75
N ALA B 63 -8.82 -5.14 -13.68
CA ALA B 63 -9.40 -5.02 -12.35
C ALA B 63 -9.66 -3.54 -11.99
N CYS B 64 -8.70 -2.67 -12.26
CA CYS B 64 -8.89 -1.26 -11.94
C CYS B 64 -9.91 -0.62 -12.87
N GLN B 65 -9.98 -1.08 -14.13
CA GLN B 65 -10.96 -0.58 -15.07
C GLN B 65 -12.36 -0.87 -14.54
N GLU B 66 -12.59 -2.09 -14.10
CA GLU B 66 -13.91 -2.47 -13.60
C GLU B 66 -14.27 -1.66 -12.36
N VAL B 67 -13.31 -1.45 -11.46
CA VAL B 67 -13.58 -0.67 -10.25
C VAL B 67 -13.93 0.77 -10.60
N LEU B 68 -13.23 1.35 -11.57
CA LEU B 68 -13.51 2.72 -11.99
C LEU B 68 -14.91 2.83 -12.59
N GLU B 69 -15.33 1.84 -13.38
CA GLU B 69 -16.68 1.85 -13.95
C GLU B 69 -17.73 1.56 -12.87
N LYS B 70 -17.43 0.65 -11.97
CA LYS B 70 -18.34 0.26 -10.89
C LYS B 70 -18.65 1.43 -9.96
N VAL B 71 -17.62 2.20 -9.59
CA VAL B 71 -17.85 3.35 -8.72
C VAL B 71 -18.58 4.45 -9.51
N LYS B 72 -18.32 4.55 -10.81
CA LYS B 72 -19.03 5.52 -11.65
C LYS B 72 -20.50 5.16 -11.75
N LEU B 73 -20.82 3.89 -11.63
CA LEU B 73 -22.21 3.47 -11.66
C LEU B 73 -22.95 3.68 -10.35
N LEU B 74 -22.31 3.44 -9.21
CA LEU B 74 -22.97 3.69 -7.91
C LEU B 74 -23.17 5.20 -7.74
N HIS B 75 -22.43 5.97 -8.52
CA HIS B 75 -22.59 7.43 -8.60
C HIS B 75 -23.81 7.85 -9.45
N GLY B 76 -24.68 6.92 -9.80
CA GLY B 76 -25.87 7.25 -10.57
C GLY B 76 -25.75 6.96 -12.05
N GLY B 77 -24.70 6.24 -12.44
CA GLY B 77 -24.54 5.85 -13.83
C GLY B 77 -23.89 6.94 -14.65
N VAL B 78 -23.08 7.76 -13.98
CA VAL B 78 -22.40 8.93 -14.59
C VAL B 78 -23.20 9.62 -15.68
N ALA B 79 -24.34 10.18 -15.27
CA ALA B 79 -25.18 10.99 -16.15
C ALA B 79 -24.53 12.37 -16.39
N VAL B 80 -23.45 12.37 -17.17
CA VAL B 80 -22.65 13.55 -17.50
C VAL B 80 -22.10 13.49 -18.95
N MET A 1 0.33 -13.74 5.21
CA MET A 1 -0.61 -12.61 4.87
C MET A 1 0.07 -11.28 4.48
N GLN A 2 1.34 -11.12 4.94
CA GLN A 2 2.16 -9.95 4.68
C GLN A 2 2.43 -9.75 3.19
N GLN A 3 2.29 -10.82 2.43
CA GLN A 3 2.50 -10.78 0.98
C GLN A 3 1.54 -9.79 0.31
N LYS A 4 0.38 -9.55 0.91
CA LYS A 4 -0.59 -8.57 0.38
C LYS A 4 0.01 -7.17 0.30
N GLN A 5 0.90 -6.82 1.22
CA GLN A 5 1.44 -5.46 1.29
C GLN A 5 2.16 -5.06 0.00
N GLN A 6 2.99 -5.94 -0.55
CA GLN A 6 3.71 -5.61 -1.79
C GLN A 6 2.74 -5.51 -2.96
N ILE A 7 1.67 -6.29 -2.93
CA ILE A 7 0.69 -6.24 -4.01
C ILE A 7 0.05 -4.88 -4.01
N MET A 8 -0.42 -4.44 -2.86
CA MET A 8 -1.11 -3.16 -2.78
C MET A 8 -0.18 -2.02 -3.18
N ALA A 9 1.10 -2.12 -2.85
CA ALA A 9 2.06 -1.10 -3.26
C ALA A 9 2.21 -1.08 -4.80
N ALA A 10 2.21 -2.25 -5.41
CA ALA A 10 2.37 -2.36 -6.85
C ALA A 10 1.11 -1.87 -7.57
N LEU A 11 -0.04 -2.19 -7.00
CA LEU A 11 -1.31 -1.75 -7.55
C LEU A 11 -1.42 -0.24 -7.44
N ASN A 12 -0.96 0.30 -6.33
CA ASN A 12 -0.96 1.75 -6.14
C ASN A 12 -0.09 2.41 -7.18
N SER A 13 1.03 1.80 -7.51
CA SER A 13 1.96 2.37 -8.48
C SER A 13 1.35 2.51 -9.87
N GLN A 14 0.72 1.45 -10.37
CA GLN A 14 0.19 1.46 -11.74
C GLN A 14 -1.15 2.20 -11.88
N THR A 15 -1.77 2.53 -10.76
CA THR A 15 -3.06 3.23 -10.80
C THR A 15 -3.01 4.58 -10.14
N ALA A 16 -1.80 5.02 -9.81
CA ALA A 16 -1.62 6.29 -9.12
C ALA A 16 -2.32 7.41 -9.89
N VAL A 17 -1.95 7.60 -11.14
CA VAL A 17 -2.54 8.66 -11.94
C VAL A 17 -3.99 8.35 -12.30
N GLN A 18 -4.31 7.07 -12.48
CA GLN A 18 -5.67 6.69 -12.89
C GLN A 18 -6.70 7.05 -11.84
N PHE A 19 -6.41 6.71 -10.59
CA PHE A 19 -7.34 6.98 -9.51
C PHE A 19 -7.27 8.46 -9.13
N GLN A 20 -6.10 9.08 -9.26
CA GLN A 20 -5.98 10.52 -8.96
C GLN A 20 -6.79 11.35 -9.92
N GLN A 21 -6.77 11.01 -11.20
CA GLN A 21 -7.54 11.76 -12.20
C GLN A 21 -9.02 11.65 -11.92
N TYR A 22 -9.48 10.46 -11.54
CA TYR A 22 -10.89 10.29 -11.21
C TYR A 22 -11.26 11.04 -9.93
N ALA A 23 -10.39 11.00 -8.94
CA ALA A 23 -10.62 11.70 -7.70
C ALA A 23 -10.70 13.21 -7.93
N ALA A 24 -9.92 13.69 -8.90
CA ALA A 24 -9.92 15.11 -9.25
C ALA A 24 -11.23 15.48 -9.93
N GLN A 25 -11.84 14.56 -10.65
CA GLN A 25 -13.15 14.85 -11.26
C GLN A 25 -14.21 14.92 -10.20
N GLN A 26 -14.15 14.00 -9.25
CA GLN A 26 -15.23 13.90 -8.30
C GLN A 26 -15.12 14.91 -7.17
N TYR A 27 -13.89 15.17 -6.72
CA TYR A 27 -13.64 16.09 -5.62
C TYR A 27 -12.51 17.05 -5.97
N PRO A 28 -12.73 17.92 -6.96
CA PRO A 28 -11.59 18.76 -7.35
C PRO A 28 -11.14 19.70 -6.24
N GLY A 29 -9.83 19.84 -6.10
CA GLY A 29 -9.28 20.70 -5.07
C GLY A 29 -9.29 20.14 -3.65
N ASN A 30 -10.16 19.19 -3.34
CA ASN A 30 -10.27 18.72 -1.97
C ASN A 30 -9.39 17.50 -1.78
N TYR A 31 -8.12 17.75 -1.51
CA TYR A 31 -7.12 16.69 -1.39
C TYR A 31 -7.54 15.56 -0.43
N GLU A 32 -8.15 15.89 0.70
CA GLU A 32 -8.49 14.86 1.67
C GLU A 32 -9.56 13.94 1.10
N GLN A 33 -10.59 14.52 0.52
CA GLN A 33 -11.66 13.76 -0.11
C GLN A 33 -11.14 12.92 -1.28
N GLN A 34 -10.17 13.48 -1.99
CA GLN A 34 -9.54 12.74 -3.08
C GLN A 34 -8.85 11.50 -2.55
N GLN A 35 -8.10 11.62 -1.47
CA GLN A 35 -7.40 10.47 -0.88
C GLN A 35 -8.38 9.43 -0.38
N ILE A 36 -9.46 9.89 0.24
CA ILE A 36 -10.49 8.98 0.75
C ILE A 36 -11.04 8.13 -0.40
N LEU A 37 -11.34 8.76 -1.54
CA LEU A 37 -11.84 8.01 -2.69
C LEU A 37 -10.77 7.05 -3.22
N ILE A 38 -9.54 7.52 -3.31
CA ILE A 38 -8.43 6.69 -3.79
C ILE A 38 -8.26 5.48 -2.87
N ARG A 39 -8.42 5.66 -1.56
CA ARG A 39 -8.30 4.53 -0.63
C ARG A 39 -9.37 3.48 -0.89
N GLN A 40 -10.60 3.91 -1.12
CA GLN A 40 -11.69 2.97 -1.41
C GLN A 40 -11.41 2.26 -2.72
N LEU A 41 -10.96 3.02 -3.71
CA LEU A 41 -10.65 2.48 -5.02
C LEU A 41 -9.51 1.47 -4.97
N GLN A 42 -8.48 1.73 -4.18
CA GLN A 42 -7.36 0.80 -4.07
C GLN A 42 -7.75 -0.50 -3.39
N GLU A 43 -8.61 -0.44 -2.38
CA GLU A 43 -9.03 -1.66 -1.71
C GLU A 43 -9.87 -2.49 -2.66
N GLN A 44 -10.82 -1.85 -3.33
CA GLN A 44 -11.66 -2.55 -4.30
C GLN A 44 -10.81 -3.10 -5.45
N HIS A 45 -9.81 -2.32 -5.86
CA HIS A 45 -8.90 -2.73 -6.93
C HIS A 45 -8.20 -3.99 -6.53
N TYR A 46 -7.66 -4.00 -5.33
CA TYR A 46 -7.01 -5.21 -4.80
C TYR A 46 -7.97 -6.39 -4.71
N GLN A 47 -9.18 -6.16 -4.21
CA GLN A 47 -10.16 -7.25 -4.08
C GLN A 47 -10.43 -7.90 -5.43
N GLN A 48 -10.75 -7.10 -6.43
CA GLN A 48 -11.05 -7.62 -7.76
C GLN A 48 -9.81 -8.22 -8.40
N TYR A 49 -8.66 -7.58 -8.22
CA TYR A 49 -7.41 -8.09 -8.76
C TYR A 49 -7.12 -9.47 -8.21
N MET A 50 -7.23 -9.63 -6.90
CA MET A 50 -6.92 -10.91 -6.29
C MET A 50 -7.91 -11.99 -6.69
N GLN A 51 -9.19 -11.64 -6.75
CA GLN A 51 -10.22 -12.59 -7.17
C GLN A 51 -9.95 -13.07 -8.59
N GLN A 52 -9.61 -12.15 -9.48
CA GLN A 52 -9.38 -12.51 -10.87
C GLN A 52 -8.03 -13.20 -11.07
N LEU A 53 -7.00 -12.74 -10.38
CA LEU A 53 -5.67 -13.36 -10.46
C LEU A 53 -5.74 -14.80 -9.98
N TYR A 54 -6.51 -15.02 -8.94
CA TYR A 54 -6.65 -16.36 -8.40
C TYR A 54 -7.18 -17.29 -9.48
N GLN A 55 -8.14 -16.83 -10.26
CA GLN A 55 -8.69 -17.64 -11.34
C GLN A 55 -7.66 -17.94 -12.42
N VAL A 56 -6.76 -17.01 -12.69
CA VAL A 56 -5.73 -17.22 -13.71
C VAL A 56 -4.72 -18.27 -13.27
N GLN A 57 -4.22 -18.17 -12.05
CA GLN A 57 -3.24 -19.14 -11.57
C GLN A 57 -3.89 -20.49 -11.31
N LEU A 58 -5.17 -20.45 -10.98
CA LEU A 58 -5.97 -21.67 -10.77
C LEU A 58 -6.17 -22.38 -12.10
N ALA A 59 -6.48 -21.62 -13.14
CA ALA A 59 -6.61 -22.20 -14.47
C ALA A 59 -5.31 -22.92 -14.87
N GLN A 60 -4.17 -22.29 -14.60
CA GLN A 60 -2.87 -22.91 -14.89
C GLN A 60 -2.66 -24.15 -14.01
N GLN A 61 -3.07 -24.07 -12.75
CA GLN A 61 -2.96 -25.20 -11.82
C GLN A 61 -3.75 -26.40 -12.33
N GLN A 62 -4.95 -26.16 -12.84
CA GLN A 62 -5.78 -27.23 -13.38
C GLN A 62 -5.24 -27.75 -14.70
N ALA A 63 -4.64 -26.88 -15.49
CA ALA A 63 -4.03 -27.30 -16.76
C ALA A 63 -2.82 -28.21 -16.50
N ALA A 64 -2.12 -27.98 -15.41
CA ALA A 64 -1.00 -28.85 -15.04
C ALA A 64 -1.52 -30.19 -14.49
N LEU A 65 -2.59 -30.13 -13.71
CA LEU A 65 -3.13 -31.33 -13.07
C LEU A 65 -3.89 -32.24 -14.02
N GLN A 66 -4.87 -31.67 -14.72
CA GLN A 66 -5.77 -32.41 -15.64
C GLN A 66 -6.28 -33.71 -15.01
N LYS A 67 -6.77 -33.59 -13.79
CA LYS A 67 -7.26 -34.76 -13.03
C LYS A 67 -8.52 -34.44 -12.25
N GLN A 68 -9.20 -33.37 -12.64
CA GLN A 68 -10.43 -32.94 -11.99
C GLN A 68 -11.46 -32.60 -13.06
N GLN A 69 -12.48 -33.45 -13.21
CA GLN A 69 -13.52 -33.20 -14.21
C GLN A 69 -14.52 -32.16 -13.70
N GLY B 1 -10.05 22.81 -0.54
CA GLY B 1 -10.95 22.53 0.63
C GLY B 1 -11.31 23.76 1.44
N ALA B 2 -10.67 24.86 1.03
CA ALA B 2 -10.85 26.19 1.60
C ALA B 2 -10.60 27.19 0.47
N MET B 3 -11.11 28.40 0.61
CA MET B 3 -10.95 29.42 -0.43
C MET B 3 -11.04 30.80 0.22
N VAL B 4 -10.39 31.78 -0.38
CA VAL B 4 -10.46 33.17 0.06
C VAL B 4 -10.46 33.96 -1.25
N GLU B 5 -11.16 35.09 -1.30
CA GLU B 5 -11.31 35.85 -2.55
C GLU B 5 -10.97 37.32 -2.37
N ALA B 6 -10.62 37.97 -3.48
CA ALA B 6 -10.23 39.39 -3.48
C ALA B 6 -11.42 40.35 -3.45
N ARG B 7 -12.60 39.79 -3.22
CA ARG B 7 -13.87 40.55 -3.10
C ARG B 7 -14.23 41.39 -4.33
N SER B 8 -13.71 41.02 -5.48
CA SER B 8 -13.95 41.74 -6.73
C SER B 8 -15.30 41.35 -7.38
N LEU B 9 -16.38 41.53 -6.63
CA LEU B 9 -17.72 41.17 -7.10
C LEU B 9 -18.24 42.18 -8.12
N ALA B 10 -18.30 41.78 -9.37
CA ALA B 10 -18.73 42.67 -10.46
C ALA B 10 -20.25 42.83 -10.57
N VAL B 11 -21.01 42.10 -9.75
CA VAL B 11 -22.47 42.15 -9.79
C VAL B 11 -23.09 42.29 -8.40
N ALA B 12 -23.54 43.48 -8.08
CA ALA B 12 -24.16 43.79 -6.80
C ALA B 12 -25.09 44.97 -7.02
N MET B 13 -25.80 45.38 -5.97
CA MET B 13 -26.68 46.56 -6.03
C MET B 13 -26.34 47.44 -4.84
N GLY B 14 -25.98 48.69 -5.11
CA GLY B 14 -25.57 49.60 -4.04
C GLY B 14 -24.11 49.37 -3.64
N ASP B 15 -23.84 48.18 -3.16
CA ASP B 15 -22.49 47.77 -2.75
C ASP B 15 -21.68 47.30 -3.98
N THR B 16 -21.68 48.13 -5.00
CA THR B 16 -20.97 47.83 -6.26
C THR B 16 -19.51 48.29 -6.17
N VAL B 17 -19.08 48.63 -4.96
CA VAL B 17 -17.72 49.07 -4.71
C VAL B 17 -16.86 47.81 -4.51
N VAL B 18 -15.70 47.80 -5.14
CA VAL B 18 -14.74 46.73 -5.01
C VAL B 18 -13.49 47.51 -4.65
N GLU B 19 -12.52 46.79 -4.11
CA GLU B 19 -11.22 47.30 -3.58
C GLU B 19 -11.29 47.89 -2.15
N PRO B 20 -11.66 49.18 -1.90
CA PRO B 20 -11.65 49.52 -0.46
C PRO B 20 -12.92 49.10 0.30
N ALA B 21 -13.75 48.26 -0.31
CA ALA B 21 -15.00 47.80 0.30
C ALA B 21 -14.90 47.04 1.64
N PRO B 22 -13.92 46.12 1.81
CA PRO B 22 -14.05 45.37 3.06
C PRO B 22 -13.72 46.18 4.31
N LEU B 23 -14.34 45.80 5.40
CA LEU B 23 -14.08 46.41 6.69
C LEU B 23 -12.61 46.16 7.06
N LYS B 24 -12.02 47.09 7.81
CA LYS B 24 -10.59 47.04 8.14
C LYS B 24 -10.01 45.73 8.74
N PRO B 25 -10.76 44.96 9.56
CA PRO B 25 -10.05 43.74 9.99
C PRO B 25 -9.95 42.68 8.87
N THR B 26 -8.76 42.51 8.33
CA THR B 26 -8.51 41.56 7.24
C THR B 26 -7.61 40.42 7.72
N SER B 27 -7.41 40.37 9.02
CA SER B 27 -6.59 39.35 9.67
C SER B 27 -7.40 38.07 9.91
N GLU B 28 -8.11 37.64 8.89
CA GLU B 28 -9.00 36.47 8.98
C GLU B 28 -8.17 35.19 8.88
N PRO B 29 -8.53 34.14 9.66
CA PRO B 29 -7.71 32.93 9.51
C PRO B 29 -7.97 32.21 8.18
N THR B 30 -6.90 31.84 7.50
CA THR B 30 -7.00 31.20 6.19
C THR B 30 -6.10 29.95 6.11
N SER B 31 -5.66 29.49 7.28
CA SER B 31 -4.73 28.35 7.36
C SER B 31 -5.39 26.98 7.26
N GLY B 32 -6.64 26.97 6.86
CA GLY B 32 -7.39 25.73 6.76
C GLY B 32 -7.88 25.24 8.11
N PRO B 33 -8.31 23.97 8.22
CA PRO B 33 -8.78 23.45 9.51
C PRO B 33 -7.60 23.20 10.47
N PRO B 34 -7.87 23.01 11.78
CA PRO B 34 -6.77 22.77 12.72
C PRO B 34 -6.17 21.35 12.65
N GLY B 35 -6.59 20.58 11.66
CA GLY B 35 -6.11 19.22 11.50
C GLY B 35 -6.99 18.24 12.25
N ASN B 36 -6.56 16.98 12.28
CA ASN B 36 -7.32 15.93 12.97
C ASN B 36 -6.39 15.20 13.94
N ASN B 37 -5.63 14.22 13.45
CA ASN B 37 -4.67 13.49 14.27
C ASN B 37 -3.34 13.40 13.52
N GLY B 38 -2.24 13.46 14.26
CA GLY B 38 -0.92 13.37 13.63
C GLY B 38 -0.52 14.68 12.98
N GLY B 39 0.61 14.67 12.29
CA GLY B 39 1.10 15.87 11.62
C GLY B 39 1.86 15.54 10.35
N SER B 40 1.51 14.43 9.73
CA SER B 40 2.20 13.95 8.53
C SER B 40 1.52 14.43 7.26
N LEU B 41 1.15 15.69 7.23
CA LEU B 41 0.43 16.29 6.09
C LEU B 41 1.37 16.76 4.98
N LEU B 42 2.41 15.96 4.72
CA LEU B 42 3.43 16.31 3.73
C LEU B 42 3.99 15.05 3.09
N SER B 43 4.59 15.21 1.92
CA SER B 43 5.17 14.08 1.18
C SER B 43 6.46 14.52 0.49
N VAL B 44 7.59 14.08 1.01
CA VAL B 44 8.89 14.41 0.44
C VAL B 44 9.17 13.45 -0.71
N ILE B 45 9.63 13.97 -1.83
CA ILE B 45 9.96 13.17 -3.00
C ILE B 45 11.17 12.30 -2.66
N THR B 46 11.03 11.00 -2.82
CA THR B 46 12.13 10.05 -2.55
C THR B 46 12.50 9.27 -3.79
N GLU B 47 11.70 9.50 -4.83
CA GLU B 47 11.87 8.93 -6.18
C GLU B 47 12.12 7.42 -6.33
N GLY B 48 11.87 6.67 -5.27
CA GLY B 48 12.09 5.23 -5.27
C GLY B 48 10.91 4.39 -5.74
N VAL B 49 10.10 4.94 -6.64
CA VAL B 49 8.91 4.24 -7.14
C VAL B 49 8.84 4.44 -8.65
N GLY B 50 8.63 3.36 -9.39
CA GLY B 50 8.50 3.46 -10.84
C GLY B 50 8.80 2.13 -11.50
N GLU B 51 9.82 1.47 -10.99
CA GLU B 51 10.19 0.13 -11.49
C GLU B 51 9.45 -0.95 -10.70
N LEU B 52 9.76 -2.19 -11.07
CA LEU B 52 9.26 -3.42 -10.44
C LEU B 52 7.78 -3.73 -10.62
N SER B 53 7.53 -4.89 -11.20
CA SER B 53 6.18 -5.42 -11.38
C SER B 53 6.08 -6.76 -10.67
N VAL B 54 5.69 -6.72 -9.40
CA VAL B 54 5.55 -7.95 -8.59
C VAL B 54 4.07 -8.40 -8.66
N ILE B 55 3.43 -8.01 -9.76
CA ILE B 55 2.02 -8.28 -10.02
C ILE B 55 1.85 -8.60 -11.49
N ASP B 56 0.70 -9.15 -11.85
CA ASP B 56 0.32 -9.37 -13.25
C ASP B 56 -0.31 -8.05 -13.72
N PRO B 57 0.39 -7.29 -14.59
CA PRO B 57 -0.19 -5.97 -14.89
C PRO B 57 -1.48 -6.00 -15.70
N GLU B 58 -1.68 -7.07 -16.47
CA GLU B 58 -2.88 -7.18 -17.31
C GLU B 58 -4.13 -7.36 -16.45
N VAL B 59 -4.03 -8.27 -15.48
CA VAL B 59 -5.14 -8.55 -14.59
C VAL B 59 -5.38 -7.32 -13.74
N ALA B 60 -4.30 -6.64 -13.39
CA ALA B 60 -4.39 -5.44 -12.58
C ALA B 60 -5.07 -4.30 -13.35
N GLN B 61 -4.80 -4.19 -14.65
CA GLN B 61 -5.43 -3.17 -15.49
C GLN B 61 -6.94 -3.39 -15.57
N LYS B 62 -7.35 -4.62 -15.81
CA LYS B 62 -8.78 -4.91 -15.92
C LYS B 62 -9.46 -4.63 -14.60
N ALA B 63 -8.80 -5.01 -13.51
CA ALA B 63 -9.35 -4.78 -12.19
C ALA B 63 -9.50 -3.28 -11.87
N CYS B 64 -8.56 -2.44 -12.27
CA CYS B 64 -8.66 -1.02 -11.96
C CYS B 64 -9.72 -0.37 -12.83
N GLN B 65 -9.82 -0.81 -14.08
CA GLN B 65 -10.83 -0.28 -15.00
C GLN B 65 -12.20 -0.61 -14.45
N GLU B 66 -12.38 -1.84 -14.00
CA GLU B 66 -13.66 -2.30 -13.50
C GLU B 66 -14.09 -1.49 -12.28
N VAL B 67 -13.18 -1.23 -11.36
CA VAL B 67 -13.54 -0.43 -10.18
C VAL B 67 -13.91 0.98 -10.60
N LEU B 68 -13.18 1.55 -11.54
CA LEU B 68 -13.46 2.91 -12.02
C LEU B 68 -14.83 3.00 -12.68
N GLU B 69 -15.21 2.03 -13.50
CA GLU B 69 -16.54 2.07 -14.11
C GLU B 69 -17.66 1.73 -13.09
N LYS B 70 -17.41 0.81 -12.17
CA LYS B 70 -18.42 0.46 -11.16
C LYS B 70 -18.73 1.63 -10.25
N VAL B 71 -17.72 2.35 -9.80
CA VAL B 71 -17.94 3.49 -8.90
C VAL B 71 -18.68 4.61 -9.66
N LYS B 72 -18.40 4.76 -10.95
CA LYS B 72 -19.11 5.75 -11.75
C LYS B 72 -20.58 5.41 -11.86
N LEU B 73 -20.90 4.13 -11.87
CA LEU B 73 -22.29 3.73 -11.98
C LEU B 73 -23.08 3.83 -10.70
N LEU B 74 -22.45 3.59 -9.55
CA LEU B 74 -23.18 3.70 -8.28
C LEU B 74 -23.49 5.18 -8.03
N HIS B 75 -22.72 6.04 -8.67
CA HIS B 75 -22.96 7.47 -8.65
C HIS B 75 -24.14 7.88 -9.52
N GLY B 76 -24.34 7.17 -10.63
CA GLY B 76 -25.45 7.48 -11.52
C GLY B 76 -25.37 6.71 -12.82
N GLY B 77 -26.53 6.50 -13.45
CA GLY B 77 -26.59 5.75 -14.69
C GLY B 77 -26.36 6.59 -15.93
N VAL B 78 -25.68 7.72 -15.76
CA VAL B 78 -25.44 8.64 -16.87
C VAL B 78 -24.24 8.21 -17.70
N ALA B 79 -23.57 7.21 -17.18
CA ALA B 79 -22.39 6.63 -17.81
C ALA B 79 -22.80 5.58 -18.85
N VAL B 80 -23.29 6.06 -20.00
CA VAL B 80 -23.73 5.20 -21.11
C VAL B 80 -22.87 5.43 -22.36
N MET A 1 1.74 -9.84 7.33
CA MET A 1 0.84 -9.27 6.27
C MET A 1 1.56 -8.60 5.06
N GLN A 2 2.90 -8.64 5.08
CA GLN A 2 3.75 -8.06 4.04
C GLN A 2 3.46 -8.65 2.67
N GLN A 3 3.10 -9.92 2.63
CA GLN A 3 2.77 -10.60 1.38
C GLN A 3 1.62 -9.90 0.64
N LYS A 4 0.69 -9.33 1.38
CA LYS A 4 -0.39 -8.53 0.77
C LYS A 4 0.08 -7.10 0.50
N GLN A 5 0.86 -6.55 1.41
CA GLN A 5 1.29 -5.15 1.29
C GLN A 5 2.08 -4.90 0.02
N GLN A 6 2.95 -5.81 -0.36
CA GLN A 6 3.73 -5.68 -1.60
C GLN A 6 2.80 -5.64 -2.83
N ILE A 7 1.68 -6.35 -2.77
CA ILE A 7 0.71 -6.35 -3.86
C ILE A 7 0.06 -4.99 -3.92
N MET A 8 -0.46 -4.53 -2.80
CA MET A 8 -1.19 -3.28 -2.77
C MET A 8 -0.29 -2.14 -3.21
N ALA A 9 0.98 -2.19 -2.85
CA ALA A 9 1.93 -1.17 -3.30
C ALA A 9 2.04 -1.20 -4.83
N ALA A 10 2.14 -2.38 -5.41
CA ALA A 10 2.33 -2.52 -6.85
C ALA A 10 1.07 -2.08 -7.59
N LEU A 11 -0.08 -2.39 -7.01
CA LEU A 11 -1.35 -2.02 -7.57
C LEU A 11 -1.53 -0.52 -7.53
N ASN A 12 -1.09 0.09 -6.44
CA ASN A 12 -1.20 1.53 -6.28
C ASN A 12 -0.31 2.20 -7.30
N SER A 13 0.85 1.63 -7.58
CA SER A 13 1.80 2.22 -8.52
C SER A 13 1.22 2.35 -9.93
N GLN A 14 0.62 1.28 -10.43
CA GLN A 14 0.11 1.29 -11.81
C GLN A 14 -1.20 2.08 -11.99
N THR A 15 -1.86 2.43 -10.90
CA THR A 15 -3.13 3.16 -10.98
C THR A 15 -3.08 4.49 -10.27
N ALA A 16 -1.89 4.91 -9.88
CA ALA A 16 -1.71 6.15 -9.11
C ALA A 16 -2.37 7.34 -9.81
N VAL A 17 -1.99 7.58 -11.05
CA VAL A 17 -2.52 8.71 -11.80
C VAL A 17 -3.98 8.47 -12.17
N GLN A 18 -4.37 7.22 -12.39
CA GLN A 18 -5.73 6.91 -12.80
C GLN A 18 -6.72 7.24 -11.69
N PHE A 19 -6.39 6.84 -10.48
CA PHE A 19 -7.25 7.10 -9.34
C PHE A 19 -7.22 8.58 -9.01
N GLN A 20 -6.07 9.21 -9.17
CA GLN A 20 -5.94 10.65 -8.91
C GLN A 20 -6.79 11.48 -9.87
N GLN A 21 -6.77 11.14 -11.15
CA GLN A 21 -7.54 11.88 -12.14
C GLN A 21 -9.04 11.76 -11.85
N TYR A 22 -9.49 10.56 -11.54
CA TYR A 22 -10.91 10.36 -11.24
C TYR A 22 -11.30 11.05 -9.93
N ALA A 23 -10.43 11.00 -8.94
CA ALA A 23 -10.71 11.65 -7.67
C ALA A 23 -10.77 13.17 -7.85
N ALA A 24 -9.97 13.70 -8.77
CA ALA A 24 -9.97 15.12 -9.08
C ALA A 24 -11.25 15.50 -9.80
N GLN A 25 -11.82 14.58 -10.59
CA GLN A 25 -13.09 14.85 -11.25
C GLN A 25 -14.21 14.92 -10.24
N GLN A 26 -14.20 14.01 -9.28
CA GLN A 26 -15.30 13.92 -8.33
C GLN A 26 -15.18 14.94 -7.19
N TYR A 27 -13.96 15.20 -6.75
CA TYR A 27 -13.70 16.12 -5.65
C TYR A 27 -12.57 17.08 -6.00
N PRO A 28 -12.78 17.96 -6.98
CA PRO A 28 -11.64 18.81 -7.35
C PRO A 28 -11.22 19.74 -6.22
N GLY A 29 -9.92 19.94 -6.09
CA GLY A 29 -9.38 20.80 -5.05
C GLY A 29 -9.33 20.19 -3.66
N ASN A 30 -10.22 19.25 -3.35
CA ASN A 30 -10.30 18.72 -1.99
C ASN A 30 -9.39 17.53 -1.86
N TYR A 31 -8.12 17.78 -1.59
CA TYR A 31 -7.12 16.72 -1.51
C TYR A 31 -7.51 15.62 -0.51
N GLU A 32 -8.13 15.99 0.61
CA GLU A 32 -8.50 15.00 1.60
C GLU A 32 -9.60 14.09 1.07
N GLN A 33 -10.64 14.68 0.47
CA GLN A 33 -11.72 13.89 -0.12
C GLN A 33 -11.21 13.03 -1.27
N GLN A 34 -10.22 13.56 -1.99
CA GLN A 34 -9.60 12.80 -3.06
C GLN A 34 -8.92 11.56 -2.50
N GLN A 35 -8.16 11.70 -1.41
CA GLN A 35 -7.49 10.54 -0.80
C GLN A 35 -8.49 9.51 -0.29
N ILE A 36 -9.58 9.98 0.29
CA ILE A 36 -10.61 9.07 0.78
C ILE A 36 -11.23 8.27 -0.38
N LEU A 37 -11.44 8.89 -1.52
CA LEU A 37 -11.93 8.13 -2.68
C LEU A 37 -10.83 7.18 -3.17
N ILE A 38 -9.60 7.66 -3.22
CA ILE A 38 -8.48 6.85 -3.70
C ILE A 38 -8.30 5.62 -2.81
N ARG A 39 -8.41 5.76 -1.50
CA ARG A 39 -8.17 4.63 -0.61
C ARG A 39 -9.21 3.52 -0.84
N GLN A 40 -10.44 3.93 -1.13
CA GLN A 40 -11.50 2.98 -1.47
C GLN A 40 -11.21 2.29 -2.78
N LEU A 41 -10.75 3.07 -3.76
CA LEU A 41 -10.43 2.54 -5.08
C LEU A 41 -9.28 1.54 -4.97
N GLN A 42 -8.29 1.83 -4.15
CA GLN A 42 -7.14 0.95 -3.99
C GLN A 42 -7.55 -0.38 -3.36
N GLU A 43 -8.43 -0.32 -2.37
CA GLU A 43 -8.92 -1.53 -1.71
C GLU A 43 -9.73 -2.39 -2.68
N GLN A 44 -10.68 -1.76 -3.36
CA GLN A 44 -11.51 -2.47 -4.33
C GLN A 44 -10.67 -3.01 -5.48
N HIS A 45 -9.66 -2.26 -5.89
CA HIS A 45 -8.74 -2.70 -6.94
C HIS A 45 -8.07 -3.98 -6.53
N TYR A 46 -7.58 -4.03 -5.29
CA TYR A 46 -6.97 -5.25 -4.78
C TYR A 46 -7.97 -6.40 -4.75
N GLN A 47 -9.19 -6.16 -4.27
CA GLN A 47 -10.18 -7.22 -4.19
C GLN A 47 -10.47 -7.81 -5.58
N GLN A 48 -10.75 -6.97 -6.55
CA GLN A 48 -11.06 -7.43 -7.91
C GLN A 48 -9.84 -8.11 -8.54
N TYR A 49 -8.66 -7.53 -8.38
CA TYR A 49 -7.44 -8.12 -8.94
C TYR A 49 -7.18 -9.48 -8.35
N MET A 50 -7.23 -9.59 -7.03
CA MET A 50 -6.93 -10.85 -6.37
C MET A 50 -7.95 -11.91 -6.71
N GLN A 51 -9.23 -11.55 -6.72
CA GLN A 51 -10.29 -12.50 -7.03
C GLN A 51 -10.12 -13.03 -8.46
N GLN A 52 -9.80 -12.13 -9.38
CA GLN A 52 -9.64 -12.50 -10.78
C GLN A 52 -8.33 -13.26 -11.00
N LEU A 53 -7.25 -12.82 -10.37
CA LEU A 53 -5.93 -13.46 -10.48
C LEU A 53 -6.01 -14.88 -9.94
N TYR A 54 -6.79 -15.07 -8.89
CA TYR A 54 -6.93 -16.38 -8.27
C TYR A 54 -7.39 -17.40 -9.30
N GLN A 55 -8.33 -17.02 -10.17
CA GLN A 55 -8.80 -17.94 -11.20
C GLN A 55 -7.75 -18.18 -12.28
N VAL A 56 -6.92 -17.19 -12.55
CA VAL A 56 -5.90 -17.33 -13.60
C VAL A 56 -4.77 -18.23 -13.11
N GLN A 57 -4.28 -18.01 -11.91
CA GLN A 57 -3.21 -18.85 -11.37
C GLN A 57 -3.73 -20.25 -11.12
N LEU A 58 -5.01 -20.35 -10.82
CA LEU A 58 -5.67 -21.64 -10.63
C LEU A 58 -5.70 -22.40 -11.94
N ALA A 59 -5.98 -21.70 -13.03
CA ALA A 59 -6.03 -22.35 -14.35
C ALA A 59 -4.64 -22.94 -14.66
N GLN A 60 -3.58 -22.19 -14.36
CA GLN A 60 -2.22 -22.69 -14.56
C GLN A 60 -1.92 -23.86 -13.61
N GLN A 61 -2.38 -23.76 -12.38
CA GLN A 61 -2.16 -24.80 -11.37
C GLN A 61 -2.84 -26.10 -11.80
N GLN A 62 -4.06 -26.00 -12.30
CA GLN A 62 -4.78 -27.19 -12.77
C GLN A 62 -4.08 -27.81 -13.97
N ALA A 63 -3.52 -26.96 -14.84
CA ALA A 63 -2.78 -27.44 -16.01
C ALA A 63 -1.44 -28.06 -15.62
N ALA A 64 -0.90 -27.71 -14.46
CA ALA A 64 0.32 -28.34 -13.96
C ALA A 64 -0.01 -29.71 -13.34
N LEU A 65 -1.13 -29.76 -12.63
CA LEU A 65 -1.55 -30.98 -11.92
C LEU A 65 -2.10 -32.05 -12.86
N GLN A 66 -3.00 -31.62 -13.74
CA GLN A 66 -3.69 -32.50 -14.70
C GLN A 66 -4.29 -33.75 -14.04
N LYS A 67 -5.05 -33.52 -12.96
CA LYS A 67 -5.70 -34.61 -12.20
C LYS A 67 -4.66 -35.64 -11.71
N GLN A 68 -3.56 -35.11 -11.16
CA GLN A 68 -2.45 -35.91 -10.62
C GLN A 68 -1.87 -36.86 -11.69
N GLN A 69 -1.48 -36.24 -12.82
CA GLN A 69 -0.87 -36.98 -13.94
C GLN A 69 0.52 -37.53 -13.61
N GLY B 1 8.07 -20.56 32.90
CA GLY B 1 8.89 -19.34 33.10
C GLY B 1 10.33 -19.44 32.60
N ALA B 2 11.21 -18.62 33.19
CA ALA B 2 12.62 -18.61 32.81
C ALA B 2 13.34 -19.89 33.27
N MET B 3 12.84 -20.47 34.37
CA MET B 3 13.36 -21.73 34.93
C MET B 3 14.89 -21.79 35.07
N VAL B 4 15.47 -20.70 35.54
CA VAL B 4 16.92 -20.63 35.73
C VAL B 4 17.27 -21.40 37.00
N GLU B 5 18.13 -22.39 36.87
CA GLU B 5 18.60 -23.19 38.00
C GLU B 5 20.12 -23.28 37.88
N ALA B 6 20.81 -23.22 39.01
CA ALA B 6 22.27 -23.29 39.02
C ALA B 6 22.75 -23.93 40.33
N ARG B 7 23.95 -24.48 40.29
CA ARG B 7 24.59 -25.09 41.48
C ARG B 7 25.86 -24.33 41.81
N SER B 8 25.94 -23.10 41.30
CA SER B 8 27.14 -22.28 41.43
C SER B 8 26.84 -20.96 42.14
N LEU B 9 26.21 -21.05 43.31
CA LEU B 9 25.90 -19.87 44.12
C LEU B 9 26.20 -20.23 45.56
N ALA B 10 26.95 -19.37 46.25
CA ALA B 10 27.33 -19.64 47.64
C ALA B 10 26.49 -18.85 48.63
N VAL B 11 26.16 -17.64 48.24
CA VAL B 11 25.38 -16.72 49.04
C VAL B 11 24.86 -15.77 47.96
N ALA B 12 23.71 -15.18 48.23
CA ALA B 12 23.04 -14.28 47.27
C ALA B 12 23.11 -12.82 47.75
N MET B 13 24.01 -12.55 48.68
CA MET B 13 24.16 -11.22 49.28
C MET B 13 25.64 -10.86 49.29
N GLY B 14 25.93 -9.57 49.22
CA GLY B 14 27.29 -9.08 49.34
C GLY B 14 27.44 -8.48 50.72
N ASP B 15 28.65 -8.47 51.24
CA ASP B 15 28.93 -7.94 52.59
C ASP B 15 30.42 -7.60 52.69
N THR B 16 31.24 -8.62 52.53
CA THR B 16 32.71 -8.50 52.55
C THR B 16 33.24 -7.62 53.69
N VAL B 17 32.78 -7.89 54.90
CA VAL B 17 33.21 -7.17 56.09
C VAL B 17 34.74 -7.24 56.26
N VAL B 18 35.33 -6.09 56.57
CA VAL B 18 36.78 -5.98 56.74
C VAL B 18 37.01 -5.02 57.92
N GLU B 19 37.45 -5.56 59.06
CA GLU B 19 37.55 -4.75 60.29
C GLU B 19 38.57 -3.59 60.33
N PRO B 20 39.74 -3.67 59.65
CA PRO B 20 40.59 -2.47 59.73
C PRO B 20 40.15 -1.29 58.85
N ALA B 21 38.95 -1.35 58.31
CA ALA B 21 38.40 -0.25 57.51
C ALA B 21 38.25 0.99 58.41
N PRO B 22 38.26 2.21 57.83
CA PRO B 22 38.11 3.35 58.74
C PRO B 22 36.74 3.38 59.40
N LEU B 23 36.73 3.64 60.69
CA LEU B 23 35.49 3.62 61.47
C LEU B 23 34.77 4.96 61.39
N LYS B 24 33.45 4.88 61.47
CA LYS B 24 32.46 5.98 61.50
C LYS B 24 31.86 6.35 60.11
N PRO B 25 32.60 7.02 59.19
CA PRO B 25 31.83 7.16 57.94
C PRO B 25 31.80 5.85 57.17
N THR B 26 30.73 5.62 56.42
CA THR B 26 30.59 4.39 55.63
C THR B 26 30.24 4.76 54.20
N SER B 27 30.36 6.05 53.92
CA SER B 27 29.97 6.61 52.63
C SER B 27 31.15 6.74 51.67
N GLU B 28 31.66 5.61 51.22
CA GLU B 28 32.74 5.60 50.20
C GLU B 28 32.17 5.14 48.86
N PRO B 29 31.71 6.08 48.01
CA PRO B 29 31.26 5.59 46.71
C PRO B 29 32.45 5.21 45.83
N THR B 30 32.26 4.23 44.96
CA THR B 30 33.32 3.80 44.06
C THR B 30 32.66 3.36 42.75
N SER B 31 33.48 3.16 41.72
CA SER B 31 33.02 2.80 40.36
C SER B 31 32.13 3.88 39.75
N GLY B 32 31.55 3.60 38.60
CA GLY B 32 30.68 4.56 37.92
C GLY B 32 29.27 4.02 37.81
N PRO B 33 28.28 4.88 37.53
CA PRO B 33 26.90 4.38 37.47
C PRO B 33 26.62 3.58 36.19
N PRO B 34 25.69 2.62 36.23
CA PRO B 34 25.37 1.92 34.99
C PRO B 34 24.56 2.80 34.03
N GLY B 35 24.64 2.52 32.74
CA GLY B 35 23.90 3.30 31.75
C GLY B 35 24.33 2.91 30.35
N ASN B 36 23.82 3.62 29.37
CA ASN B 36 24.19 3.39 27.96
C ASN B 36 24.09 4.72 27.25
N ASN B 37 24.51 4.77 26.00
CA ASN B 37 24.45 5.98 25.19
C ASN B 37 24.08 5.58 23.77
N GLY B 38 23.78 6.55 22.93
CA GLY B 38 23.42 6.26 21.54
C GLY B 38 21.94 5.89 21.42
N GLY B 39 21.56 5.38 20.26
CA GLY B 39 20.17 5.04 20.00
C GLY B 39 19.57 6.04 19.03
N SER B 40 18.24 5.98 18.87
CA SER B 40 17.49 6.87 17.98
C SER B 40 17.97 6.84 16.52
N LEU B 41 18.56 5.73 16.11
CA LEU B 41 19.06 5.53 14.77
C LEU B 41 18.61 4.14 14.35
N LEU B 42 17.40 4.08 13.83
CA LEU B 42 16.76 2.81 13.47
C LEU B 42 16.42 2.80 12.00
N SER B 43 16.44 1.63 11.40
CA SER B 43 16.10 1.44 10.00
C SER B 43 15.59 0.01 9.87
N VAL B 44 14.73 -0.23 8.88
CA VAL B 44 14.16 -1.56 8.66
C VAL B 44 14.22 -1.84 7.17
N ILE B 45 14.74 -2.99 6.79
CA ILE B 45 14.80 -3.38 5.39
C ILE B 45 13.40 -3.87 4.98
N THR B 46 12.86 -3.26 3.93
CA THR B 46 11.53 -3.63 3.41
C THR B 46 11.65 -4.14 1.99
N GLU B 47 12.89 -4.11 1.52
CA GLU B 47 13.28 -4.56 0.18
C GLU B 47 12.37 -4.10 -0.97
N GLY B 48 12.04 -2.82 -0.98
CA GLY B 48 11.25 -2.24 -2.06
C GLY B 48 12.13 -1.77 -3.21
N VAL B 49 13.33 -2.33 -3.31
CA VAL B 49 14.29 -1.94 -4.33
C VAL B 49 14.15 -2.90 -5.51
N GLY B 50 13.92 -2.36 -6.69
CA GLY B 50 13.73 -3.21 -7.86
C GLY B 50 12.36 -3.87 -7.86
N GLU B 51 11.36 -3.09 -7.47
CA GLU B 51 9.96 -3.54 -7.39
C GLU B 51 9.52 -4.23 -8.69
N LEU B 52 9.81 -3.58 -9.81
CA LEU B 52 9.52 -4.09 -11.17
C LEU B 52 8.06 -4.51 -11.41
N SER B 53 7.74 -5.75 -11.09
CA SER B 53 6.42 -6.32 -11.33
C SER B 53 6.10 -7.41 -10.30
N VAL B 54 5.76 -7.00 -9.08
CA VAL B 54 5.34 -7.94 -8.02
C VAL B 54 3.92 -8.46 -8.26
N ILE B 55 3.36 -8.09 -9.40
CA ILE B 55 1.98 -8.42 -9.76
C ILE B 55 1.93 -8.77 -11.24
N ASP B 56 0.83 -9.38 -11.65
CA ASP B 56 0.54 -9.56 -13.07
C ASP B 56 -0.13 -8.26 -13.51
N PRO B 57 0.54 -7.45 -14.34
CA PRO B 57 -0.07 -6.14 -14.60
C PRO B 57 -1.31 -6.17 -15.48
N GLU B 58 -1.49 -7.23 -16.26
CA GLU B 58 -2.64 -7.31 -17.17
C GLU B 58 -3.96 -7.43 -16.44
N VAL B 59 -4.04 -8.38 -15.52
CA VAL B 59 -5.26 -8.58 -14.75
C VAL B 59 -5.44 -7.38 -13.84
N ALA B 60 -4.34 -6.80 -13.39
CA ALA B 60 -4.41 -5.66 -12.51
C ALA B 60 -5.03 -4.45 -13.24
N GLN B 61 -4.65 -4.25 -14.49
CA GLN B 61 -5.20 -3.15 -15.29
C GLN B 61 -6.70 -3.36 -15.53
N LYS B 62 -7.07 -4.57 -15.92
CA LYS B 62 -8.47 -4.89 -16.19
C LYS B 62 -9.31 -4.72 -14.92
N ALA B 63 -8.73 -5.11 -13.79
CA ALA B 63 -9.39 -4.98 -12.50
C ALA B 63 -9.61 -3.51 -12.13
N CYS B 64 -8.66 -2.64 -12.40
CA CYS B 64 -8.81 -1.24 -12.01
C CYS B 64 -9.89 -0.59 -12.85
N GLN B 65 -9.95 -0.95 -14.13
CA GLN B 65 -10.97 -0.42 -15.01
C GLN B 65 -12.35 -0.82 -14.50
N GLU B 66 -12.50 -2.08 -14.14
CA GLU B 66 -13.78 -2.60 -13.64
C GLU B 66 -14.24 -1.83 -12.39
N VAL B 67 -13.31 -1.56 -11.49
CA VAL B 67 -13.63 -0.83 -10.26
C VAL B 67 -13.98 0.62 -10.57
N LEU B 68 -13.26 1.24 -11.49
CA LEU B 68 -13.52 2.64 -11.84
C LEU B 68 -14.88 2.78 -12.50
N GLU B 69 -15.28 1.83 -13.34
CA GLU B 69 -16.63 1.87 -13.90
C GLU B 69 -17.68 1.58 -12.83
N LYS B 70 -17.40 0.68 -11.91
CA LYS B 70 -18.35 0.38 -10.82
C LYS B 70 -18.66 1.63 -9.99
N VAL B 71 -17.63 2.38 -9.64
CA VAL B 71 -17.83 3.57 -8.81
C VAL B 71 -18.51 4.69 -9.60
N LYS B 72 -18.31 4.70 -10.91
CA LYS B 72 -19.02 5.67 -11.77
C LYS B 72 -20.50 5.33 -11.79
N LEU B 73 -20.83 4.05 -11.89
CA LEU B 73 -22.23 3.64 -11.99
C LEU B 73 -23.00 3.74 -10.68
N LEU B 74 -22.36 3.51 -9.54
CA LEU B 74 -23.07 3.62 -8.26
C LEU B 74 -23.48 5.07 -7.97
N HIS B 75 -22.94 6.00 -8.77
CA HIS B 75 -23.33 7.41 -8.69
C HIS B 75 -24.64 7.68 -9.42
N GLY B 76 -25.25 6.64 -9.98
CA GLY B 76 -26.53 6.77 -10.65
C GLY B 76 -26.49 6.31 -12.09
N GLY B 77 -25.33 6.40 -12.72
CA GLY B 77 -25.19 5.97 -14.12
C GLY B 77 -25.70 7.00 -15.10
N VAL B 78 -26.96 7.40 -14.91
CA VAL B 78 -27.60 8.42 -15.76
C VAL B 78 -27.17 9.82 -15.39
N ALA B 79 -26.28 9.91 -14.41
CA ALA B 79 -25.73 11.17 -13.94
C ALA B 79 -24.64 11.66 -14.90
N VAL B 80 -25.08 12.13 -16.07
CA VAL B 80 -24.20 12.63 -17.12
C VAL B 80 -23.99 14.15 -17.02
N MET A 1 6.08 -7.65 7.02
CA MET A 1 6.25 -9.05 6.53
C MET A 1 4.92 -9.80 6.26
N GLN A 2 4.11 -9.18 5.38
CA GLN A 2 2.83 -9.74 4.95
C GLN A 2 2.77 -9.69 3.43
N GLN A 3 2.47 -10.83 2.81
CA GLN A 3 2.47 -10.94 1.35
C GLN A 3 1.51 -9.98 0.64
N LYS A 4 0.47 -9.54 1.32
CA LYS A 4 -0.50 -8.61 0.72
C LYS A 4 0.08 -7.21 0.51
N GLN A 5 0.98 -6.79 1.39
CA GLN A 5 1.51 -5.42 1.33
C GLN A 5 2.20 -5.12 0.01
N GLN A 6 3.02 -6.06 -0.48
CA GLN A 6 3.73 -5.84 -1.74
C GLN A 6 2.76 -5.74 -2.91
N ILE A 7 1.64 -6.45 -2.83
CA ILE A 7 0.64 -6.40 -3.90
C ILE A 7 0.02 -5.03 -3.91
N MET A 8 -0.47 -4.59 -2.76
CA MET A 8 -1.16 -3.31 -2.70
C MET A 8 -0.23 -2.18 -3.11
N ALA A 9 1.04 -2.25 -2.72
CA ALA A 9 2.00 -1.23 -3.15
C ALA A 9 2.15 -1.22 -4.68
N ALA A 10 2.16 -2.40 -5.29
CA ALA A 10 2.34 -2.51 -6.73
C ALA A 10 1.09 -2.00 -7.46
N LEU A 11 -0.07 -2.34 -6.92
CA LEU A 11 -1.34 -1.90 -7.50
C LEU A 11 -1.48 -0.40 -7.36
N ASN A 12 -1.04 0.13 -6.23
CA ASN A 12 -1.10 1.57 -5.98
C ASN A 12 -0.24 2.29 -7.01
N SER A 13 0.89 1.70 -7.35
CA SER A 13 1.81 2.32 -8.30
C SER A 13 1.21 2.49 -9.69
N GLN A 14 0.70 1.41 -10.26
CA GLN A 14 0.20 1.45 -11.64
C GLN A 14 -1.13 2.19 -11.78
N THR A 15 -1.78 2.49 -10.66
CA THR A 15 -3.06 3.19 -10.71
C THR A 15 -2.99 4.52 -10.00
N ALA A 16 -1.77 4.95 -9.66
CA ALA A 16 -1.59 6.20 -8.94
C ALA A 16 -2.25 7.35 -9.71
N VAL A 17 -1.89 7.53 -10.96
CA VAL A 17 -2.44 8.61 -11.77
C VAL A 17 -3.90 8.32 -12.14
N GLN A 18 -4.25 7.06 -12.33
CA GLN A 18 -5.60 6.72 -12.74
C GLN A 18 -6.62 7.06 -11.65
N PHE A 19 -6.30 6.71 -10.42
CA PHE A 19 -7.18 6.98 -9.30
C PHE A 19 -7.16 8.47 -8.98
N GLN A 20 -6.01 9.11 -9.17
CA GLN A 20 -5.92 10.55 -8.94
C GLN A 20 -6.78 11.32 -9.94
N GLN A 21 -6.76 10.93 -11.21
CA GLN A 21 -7.56 11.61 -12.22
C GLN A 21 -9.05 11.42 -11.95
N TYR A 22 -9.44 10.22 -11.56
CA TYR A 22 -10.84 9.98 -11.25
C TYR A 22 -11.25 10.77 -9.99
N ALA A 23 -10.39 10.80 -9.00
CA ALA A 23 -10.68 11.54 -7.79
C ALA A 23 -10.78 13.03 -8.11
N ALA A 24 -9.98 13.50 -9.06
CA ALA A 24 -9.99 14.90 -9.45
C ALA A 24 -11.27 15.27 -10.21
N GLN A 25 -11.80 14.38 -11.05
CA GLN A 25 -13.02 14.73 -11.78
C GLN A 25 -14.22 14.77 -10.83
N GLN A 26 -14.15 13.99 -9.76
CA GLN A 26 -15.25 13.96 -8.78
C GLN A 26 -15.14 15.04 -7.72
N TYR A 27 -13.93 15.25 -7.20
CA TYR A 27 -13.70 16.21 -6.13
C TYR A 27 -12.52 17.11 -6.49
N PRO A 28 -12.67 17.96 -7.51
CA PRO A 28 -11.50 18.76 -7.90
C PRO A 28 -11.07 19.72 -6.80
N GLY A 29 -9.77 19.83 -6.61
CA GLY A 29 -9.23 20.72 -5.58
C GLY A 29 -9.27 20.16 -4.16
N ASN A 30 -10.17 19.23 -3.88
CA ASN A 30 -10.33 18.74 -2.51
C ASN A 30 -9.39 17.57 -2.28
N TYR A 31 -8.14 17.85 -1.96
CA TYR A 31 -7.14 16.80 -1.80
C TYR A 31 -7.56 15.76 -0.75
N GLU A 32 -8.22 16.20 0.31
CA GLU A 32 -8.65 15.27 1.35
C GLU A 32 -9.71 14.29 0.83
N GLN A 33 -10.72 14.80 0.13
CA GLN A 33 -11.78 13.95 -0.42
C GLN A 33 -11.20 13.05 -1.49
N GLN A 34 -10.25 13.58 -2.24
CA GLN A 34 -9.57 12.81 -3.25
C GLN A 34 -8.88 11.60 -2.61
N GLN A 35 -8.14 11.81 -1.54
CA GLN A 35 -7.45 10.70 -0.88
C GLN A 35 -8.43 9.66 -0.35
N ILE A 36 -9.52 10.12 0.25
CA ILE A 36 -10.52 9.22 0.80
C ILE A 36 -11.12 8.35 -0.30
N LEU A 37 -11.46 8.93 -1.45
CA LEU A 37 -11.97 8.17 -2.58
C LEU A 37 -10.90 7.20 -3.12
N ILE A 38 -9.65 7.68 -3.21
CA ILE A 38 -8.55 6.85 -3.69
C ILE A 38 -8.37 5.64 -2.77
N ARG A 39 -8.50 5.81 -1.46
CA ARG A 39 -8.38 4.68 -0.53
C ARG A 39 -9.41 3.59 -0.82
N GLN A 40 -10.64 4.00 -1.10
CA GLN A 40 -11.71 3.03 -1.41
C GLN A 40 -11.35 2.28 -2.69
N LEU A 41 -10.85 3.03 -3.67
CA LEU A 41 -10.47 2.47 -4.95
C LEU A 41 -9.31 1.50 -4.84
N GLN A 42 -8.33 1.83 -4.00
CA GLN A 42 -7.17 0.96 -3.80
C GLN A 42 -7.59 -0.39 -3.22
N GLU A 43 -8.50 -0.35 -2.26
CA GLU A 43 -8.98 -1.58 -1.63
C GLU A 43 -9.79 -2.42 -2.60
N GLN A 44 -10.76 -1.80 -3.25
CA GLN A 44 -11.60 -2.51 -4.23
C GLN A 44 -10.74 -3.06 -5.36
N HIS A 45 -9.73 -2.30 -5.79
CA HIS A 45 -8.83 -2.75 -6.84
C HIS A 45 -8.12 -4.01 -6.41
N TYR A 46 -7.62 -4.03 -5.18
CA TYR A 46 -6.95 -5.24 -4.68
C TYR A 46 -7.90 -6.43 -4.65
N GLN A 47 -9.11 -6.23 -4.15
CA GLN A 47 -10.08 -7.33 -4.05
C GLN A 47 -10.38 -7.90 -5.45
N GLN A 48 -10.68 -7.03 -6.40
CA GLN A 48 -10.98 -7.46 -7.76
C GLN A 48 -9.75 -8.06 -8.43
N TYR A 49 -8.58 -7.49 -8.20
CA TYR A 49 -7.35 -8.01 -8.80
C TYR A 49 -7.08 -9.41 -8.30
N MET A 50 -7.16 -9.63 -7.00
CA MET A 50 -6.86 -10.94 -6.44
C MET A 50 -7.88 -11.97 -6.92
N GLN A 51 -9.14 -11.58 -6.96
CA GLN A 51 -10.20 -12.47 -7.43
C GLN A 51 -9.97 -12.84 -8.89
N GLN A 52 -9.65 -11.85 -9.71
CA GLN A 52 -9.46 -12.07 -11.13
C GLN A 52 -8.19 -12.86 -11.40
N LEU A 53 -7.11 -12.50 -10.72
CA LEU A 53 -5.82 -13.19 -10.89
C LEU A 53 -5.96 -14.66 -10.55
N TYR A 54 -6.75 -14.94 -9.51
CA TYR A 54 -6.95 -16.32 -9.10
C TYR A 54 -7.57 -17.11 -10.25
N GLN A 55 -8.51 -16.51 -10.96
CA GLN A 55 -9.12 -17.18 -12.10
C GLN A 55 -8.16 -17.32 -13.29
N VAL A 56 -7.20 -16.41 -13.44
CA VAL A 56 -6.27 -16.49 -14.56
C VAL A 56 -5.25 -17.60 -14.35
N GLN A 57 -4.65 -17.66 -13.17
CA GLN A 57 -3.67 -18.71 -12.89
C GLN A 57 -4.40 -20.05 -12.87
N LEU A 58 -5.66 -20.02 -12.49
CA LEU A 58 -6.49 -21.22 -12.50
C LEU A 58 -6.76 -21.66 -13.93
N ALA A 59 -7.01 -20.72 -14.83
CA ALA A 59 -7.28 -21.06 -16.22
C ALA A 59 -6.06 -21.76 -16.84
N GLN A 60 -4.87 -21.28 -16.50
CA GLN A 60 -3.64 -21.90 -16.98
C GLN A 60 -3.44 -23.26 -16.32
N GLN A 61 -3.81 -23.39 -15.05
CA GLN A 61 -3.72 -24.66 -14.33
C GLN A 61 -4.71 -25.67 -14.92
N GLN A 62 -5.88 -25.21 -15.31
CA GLN A 62 -6.88 -26.07 -15.96
C GLN A 62 -6.36 -26.56 -17.30
N ALA A 63 -5.63 -25.71 -18.01
CA ALA A 63 -5.05 -26.08 -19.30
C ALA A 63 -3.92 -27.10 -19.13
N ALA A 64 -3.28 -27.09 -17.96
CA ALA A 64 -2.24 -28.08 -17.66
C ALA A 64 -2.86 -29.42 -17.27
N LEU A 65 -4.07 -29.37 -16.71
CA LEU A 65 -4.75 -30.58 -16.22
C LEU A 65 -5.58 -31.26 -17.31
N GLN A 66 -6.50 -30.49 -17.90
CA GLN A 66 -7.45 -30.97 -18.93
C GLN A 66 -8.26 -32.22 -18.53
N LYS A 67 -8.32 -32.52 -17.24
CA LYS A 67 -8.98 -33.74 -16.75
C LYS A 67 -10.49 -33.54 -16.52
N GLN A 68 -11.12 -32.85 -17.48
CA GLN A 68 -12.56 -32.56 -17.46
C GLN A 68 -13.10 -32.12 -16.08
N GLN A 69 -12.57 -31.02 -15.56
CA GLN A 69 -13.02 -30.49 -14.25
C GLN A 69 -14.50 -30.08 -14.26
N GLY B 1 -24.74 17.54 13.57
CA GLY B 1 -25.79 17.75 12.52
C GLY B 1 -26.31 19.17 12.36
N ALA B 2 -26.58 19.78 13.52
CA ALA B 2 -27.08 21.15 13.61
C ALA B 2 -26.59 21.71 14.95
N MET B 3 -26.66 23.02 15.11
CA MET B 3 -26.22 23.68 16.34
C MET B 3 -27.03 24.97 16.43
N VAL B 4 -27.05 25.59 17.60
CA VAL B 4 -27.77 26.85 17.81
C VAL B 4 -26.81 27.73 18.61
N GLU B 5 -26.93 29.04 18.44
CA GLU B 5 -26.04 30.00 19.09
C GLU B 5 -26.89 30.98 19.88
N ALA B 6 -26.30 31.65 20.87
CA ALA B 6 -27.01 32.65 21.66
C ALA B 6 -26.06 33.81 21.96
N ARG B 7 -26.62 35.02 22.05
CA ARG B 7 -25.82 36.22 22.31
C ARG B 7 -26.59 37.11 23.27
N SER B 8 -25.88 37.93 24.02
CA SER B 8 -26.46 38.88 24.96
C SER B 8 -25.47 40.02 25.05
N LEU B 9 -25.90 41.15 25.59
CA LEU B 9 -25.04 42.32 25.75
C LEU B 9 -25.27 42.86 27.15
N ALA B 10 -24.26 43.50 27.72
CA ALA B 10 -24.37 44.13 29.02
C ALA B 10 -23.68 45.50 28.93
N VAL B 11 -24.48 46.54 28.87
CA VAL B 11 -23.95 47.91 28.76
C VAL B 11 -24.58 48.72 29.87
N ALA B 12 -23.76 49.11 30.84
CA ALA B 12 -24.22 49.87 32.00
C ALA B 12 -23.32 51.07 32.23
N MET B 13 -22.54 51.43 31.22
CA MET B 13 -21.63 52.57 31.32
C MET B 13 -22.44 53.84 31.13
N GLY B 14 -22.13 54.86 31.91
CA GLY B 14 -22.84 56.12 31.82
C GLY B 14 -22.06 57.13 31.01
N ASP B 15 -22.59 58.34 30.92
CA ASP B 15 -21.93 59.44 30.19
C ASP B 15 -20.64 59.83 30.92
N THR B 16 -20.78 60.12 32.21
CA THR B 16 -19.65 60.35 33.14
C THR B 16 -18.46 61.13 32.56
N VAL B 17 -18.74 62.32 32.08
CA VAL B 17 -17.72 63.19 31.47
C VAL B 17 -16.71 63.72 32.51
N VAL B 18 -15.56 63.04 32.63
CA VAL B 18 -14.50 63.45 33.56
C VAL B 18 -13.12 63.22 32.92
N GLU B 19 -12.57 64.25 32.32
CA GLU B 19 -11.23 64.17 31.70
C GLU B 19 -10.04 64.31 32.68
N PRO B 20 -10.06 65.28 33.63
CA PRO B 20 -8.84 65.41 34.44
C PRO B 20 -8.70 64.39 35.59
N ALA B 21 -8.30 63.18 35.26
CA ALA B 21 -8.07 62.13 36.26
C ALA B 21 -6.58 61.70 36.28
N PRO B 22 -5.69 62.56 36.82
CA PRO B 22 -4.29 62.10 36.82
C PRO B 22 -4.02 60.98 37.81
N LEU B 23 -3.12 60.09 37.44
CA LEU B 23 -2.71 58.98 38.30
C LEU B 23 -1.21 59.07 38.57
N LYS B 24 -0.76 58.51 39.68
CA LYS B 24 0.66 58.54 40.01
C LYS B 24 1.54 57.73 39.02
N PRO B 25 1.19 56.45 38.73
CA PRO B 25 2.07 55.82 37.73
C PRO B 25 1.82 56.38 36.33
N THR B 26 2.83 56.34 35.50
CA THR B 26 2.71 56.86 34.12
C THR B 26 3.38 55.90 33.13
N SER B 27 3.75 54.73 33.62
CA SER B 27 4.40 53.71 32.80
C SER B 27 4.20 52.37 33.51
N GLU B 28 4.16 51.28 32.76
CA GLU B 28 4.01 49.95 33.36
C GLU B 28 4.93 48.97 32.62
N PRO B 29 5.86 48.31 33.35
CA PRO B 29 6.77 47.42 32.62
C PRO B 29 6.16 46.06 32.24
N THR B 30 6.23 45.74 30.95
CA THR B 30 5.71 44.46 30.43
C THR B 30 6.80 43.69 29.71
N SER B 31 8.04 44.12 29.90
CA SER B 31 9.19 43.51 29.21
C SER B 31 9.56 42.16 29.84
N GLY B 32 10.13 41.28 29.04
CA GLY B 32 10.56 39.97 29.52
C GLY B 32 11.58 39.38 28.56
N PRO B 33 12.14 38.19 28.84
CA PRO B 33 13.14 37.65 27.92
C PRO B 33 12.54 37.13 26.60
N PRO B 34 13.31 37.15 25.50
CA PRO B 34 12.74 36.65 24.25
C PRO B 34 12.67 35.12 24.21
N GLY B 35 11.81 34.59 23.35
CA GLY B 35 11.71 33.15 23.17
C GLY B 35 11.33 32.80 21.73
N ASN B 36 12.31 32.35 20.96
CA ASN B 36 12.08 31.98 19.55
C ASN B 36 13.16 30.98 19.16
N ASN B 37 12.76 29.82 18.65
CA ASN B 37 13.70 28.78 18.25
C ASN B 37 13.02 27.84 17.25
N GLY B 38 13.80 27.09 16.50
CA GLY B 38 13.26 26.16 15.53
C GLY B 38 14.36 25.77 14.55
N GLY B 39 14.00 25.03 13.51
CA GLY B 39 14.98 24.64 12.49
C GLY B 39 15.25 23.14 12.41
N SER B 40 14.33 22.40 11.79
CA SER B 40 14.49 20.96 11.60
C SER B 40 13.85 20.57 10.28
N LEU B 41 14.68 20.38 9.25
CA LEU B 41 14.19 20.05 7.91
C LEU B 41 15.16 19.06 7.25
N LEU B 42 15.54 18.05 8.02
CA LEU B 42 16.53 17.06 7.57
C LEU B 42 15.86 16.04 6.65
N SER B 43 16.52 15.74 5.55
CA SER B 43 16.06 14.72 4.61
C SER B 43 17.29 14.24 3.86
N VAL B 44 17.25 13.00 3.39
CA VAL B 44 18.37 12.39 2.65
C VAL B 44 17.78 11.59 1.49
N ILE B 45 18.29 11.80 0.29
CA ILE B 45 17.82 11.10 -0.90
C ILE B 45 18.99 10.28 -1.44
N THR B 46 18.76 9.01 -1.74
CA THR B 46 19.82 8.14 -2.28
C THR B 46 19.44 7.44 -3.57
N GLU B 47 18.19 7.66 -3.96
CA GLU B 47 17.60 7.16 -5.23
C GLU B 47 17.92 5.70 -5.58
N GLY B 48 17.94 4.84 -4.55
CA GLY B 48 18.29 3.44 -4.75
C GLY B 48 17.11 2.53 -5.08
N VAL B 49 16.15 3.03 -5.85
CA VAL B 49 14.96 2.25 -6.19
C VAL B 49 14.37 2.83 -7.48
N GLY B 50 13.67 2.01 -8.25
CA GLY B 50 12.96 2.47 -9.42
C GLY B 50 11.67 1.70 -9.47
N GLU B 51 11.49 0.93 -10.53
CA GLU B 51 10.28 0.15 -10.73
C GLU B 51 10.41 -1.28 -10.18
N LEU B 52 9.26 -1.90 -9.91
CA LEU B 52 9.20 -3.31 -9.54
C LEU B 52 7.84 -3.86 -9.97
N SER B 53 7.83 -5.01 -10.62
CA SER B 53 6.60 -5.63 -11.10
C SER B 53 6.35 -6.96 -10.42
N VAL B 54 5.85 -6.90 -9.18
CA VAL B 54 5.57 -8.10 -8.39
C VAL B 54 4.09 -8.52 -8.60
N ILE B 55 3.51 -8.03 -9.68
CA ILE B 55 2.11 -8.30 -10.04
C ILE B 55 2.01 -8.49 -11.55
N ASP B 56 0.88 -9.01 -12.00
CA ASP B 56 0.55 -9.06 -13.42
C ASP B 56 -0.13 -7.74 -13.77
N PRO B 57 0.54 -6.85 -14.52
CA PRO B 57 -0.10 -5.55 -14.70
C PRO B 57 -1.35 -5.56 -15.58
N GLU B 58 -1.47 -6.53 -16.46
CA GLU B 58 -2.63 -6.60 -17.36
C GLU B 58 -3.90 -6.94 -16.61
N VAL B 59 -3.78 -7.91 -15.72
CA VAL B 59 -4.91 -8.35 -14.91
C VAL B 59 -5.26 -7.21 -13.98
N ALA B 60 -4.24 -6.54 -13.49
CA ALA B 60 -4.44 -5.43 -12.57
C ALA B 60 -5.12 -4.25 -13.27
N GLN B 61 -4.77 -3.98 -14.52
CA GLN B 61 -5.40 -2.90 -15.27
C GLN B 61 -6.88 -3.17 -15.50
N LYS B 62 -7.21 -4.39 -15.90
CA LYS B 62 -8.61 -4.75 -16.13
C LYS B 62 -9.39 -4.64 -14.82
N ALA B 63 -8.77 -5.05 -13.74
CA ALA B 63 -9.39 -4.98 -12.42
C ALA B 63 -9.66 -3.53 -11.99
N CYS B 64 -8.74 -2.61 -12.29
CA CYS B 64 -8.93 -1.22 -11.86
C CYS B 64 -10.01 -0.57 -12.71
N GLN B 65 -10.11 -0.95 -13.98
CA GLN B 65 -11.13 -0.41 -14.86
C GLN B 65 -12.51 -0.81 -14.35
N GLU B 66 -12.65 -2.05 -13.93
CA GLU B 66 -13.94 -2.55 -13.43
C GLU B 66 -14.36 -1.75 -12.19
N VAL B 67 -13.42 -1.49 -11.29
CA VAL B 67 -13.70 -0.71 -10.08
C VAL B 67 -14.14 0.70 -10.45
N LEU B 68 -13.46 1.30 -11.42
CA LEU B 68 -13.80 2.65 -11.87
C LEU B 68 -15.21 2.67 -12.48
N GLU B 69 -15.61 1.62 -13.18
CA GLU B 69 -16.98 1.54 -13.71
C GLU B 69 -18.00 1.44 -12.57
N LYS B 70 -17.75 0.56 -11.59
CA LYS B 70 -18.71 0.36 -10.49
C LYS B 70 -18.87 1.62 -9.66
N VAL B 71 -17.77 2.25 -9.32
CA VAL B 71 -17.82 3.44 -8.45
C VAL B 71 -18.49 4.60 -9.18
N LYS B 72 -18.38 4.65 -10.51
CA LYS B 72 -19.08 5.68 -11.27
C LYS B 72 -20.57 5.41 -11.26
N LEU B 73 -20.94 4.15 -11.40
CA LEU B 73 -22.34 3.78 -11.48
C LEU B 73 -23.12 3.89 -10.17
N LEU B 74 -22.50 3.51 -9.06
CA LEU B 74 -23.18 3.55 -7.75
C LEU B 74 -23.54 4.97 -7.34
N HIS B 75 -23.01 5.95 -8.06
CA HIS B 75 -23.32 7.36 -7.81
C HIS B 75 -24.72 7.74 -8.26
N GLY B 76 -25.37 6.91 -9.06
CA GLY B 76 -26.75 7.17 -9.48
C GLY B 76 -26.93 8.21 -10.57
N GLY B 77 -26.06 9.21 -10.61
CA GLY B 77 -26.18 10.30 -11.60
C GLY B 77 -25.98 9.90 -13.05
N VAL B 78 -25.66 8.63 -13.29
CA VAL B 78 -25.48 8.11 -14.66
C VAL B 78 -26.46 6.96 -14.89
N ALA B 79 -27.38 6.77 -13.95
CA ALA B 79 -28.35 5.67 -14.02
C ALA B 79 -29.75 6.19 -13.69
N VAL B 80 -30.54 6.48 -14.73
CA VAL B 80 -31.91 6.96 -14.54
C VAL B 80 -32.80 5.86 -13.89
N MET A 1 4.62 -6.14 6.25
CA MET A 1 4.71 -7.30 7.22
C MET A 1 4.03 -8.63 6.77
N GLN A 2 3.29 -8.53 5.66
CA GLN A 2 2.52 -9.63 5.10
C GLN A 2 2.52 -9.50 3.59
N GLN A 3 2.29 -10.60 2.88
CA GLN A 3 2.36 -10.60 1.41
C GLN A 3 1.41 -9.61 0.75
N LYS A 4 0.25 -9.37 1.36
CA LYS A 4 -0.72 -8.42 0.81
C LYS A 4 -0.12 -7.03 0.60
N GLN A 5 0.82 -6.62 1.45
CA GLN A 5 1.43 -5.29 1.32
C GLN A 5 2.17 -5.12 0.00
N GLN A 6 2.95 -6.10 -0.42
CA GLN A 6 3.70 -5.96 -1.67
C GLN A 6 2.74 -5.87 -2.86
N ILE A 7 1.59 -6.52 -2.77
CA ILE A 7 0.61 -6.46 -3.84
C ILE A 7 0.02 -5.07 -3.89
N MET A 8 -0.49 -4.58 -2.76
CA MET A 8 -1.14 -3.29 -2.74
C MET A 8 -0.17 -2.19 -3.13
N ALA A 9 1.09 -2.29 -2.75
CA ALA A 9 2.09 -1.32 -3.16
C ALA A 9 2.23 -1.32 -4.68
N ALA A 10 2.26 -2.50 -5.27
CA ALA A 10 2.44 -2.64 -6.71
C ALA A 10 1.22 -2.10 -7.45
N LEU A 11 0.05 -2.40 -6.91
CA LEU A 11 -1.20 -1.94 -7.50
C LEU A 11 -1.33 -0.45 -7.41
N ASN A 12 -0.89 0.11 -6.30
CA ASN A 12 -0.97 1.55 -6.11
C ASN A 12 -0.09 2.25 -7.12
N SER A 13 1.07 1.68 -7.44
CA SER A 13 1.99 2.30 -8.38
C SER A 13 1.37 2.44 -9.78
N GLN A 14 0.83 1.34 -10.31
CA GLN A 14 0.33 1.34 -11.67
C GLN A 14 -1.00 2.08 -11.84
N THR A 15 -1.65 2.42 -10.74
CA THR A 15 -2.95 3.11 -10.80
C THR A 15 -2.94 4.45 -10.09
N ALA A 16 -1.75 4.90 -9.70
CA ALA A 16 -1.63 6.14 -8.94
C ALA A 16 -2.30 7.30 -9.67
N VAL A 17 -1.88 7.55 -10.90
CA VAL A 17 -2.41 8.66 -11.69
C VAL A 17 -3.86 8.40 -12.07
N GLN A 18 -4.22 7.15 -12.25
CA GLN A 18 -5.58 6.80 -12.68
C GLN A 18 -6.60 7.14 -11.61
N PHE A 19 -6.32 6.72 -10.38
CA PHE A 19 -7.23 6.99 -9.27
C PHE A 19 -7.24 8.48 -8.99
N GLN A 20 -6.09 9.13 -9.14
CA GLN A 20 -6.00 10.57 -8.93
C GLN A 20 -6.83 11.35 -9.94
N GLN A 21 -6.79 10.96 -11.20
CA GLN A 21 -7.54 11.66 -12.24
C GLN A 21 -9.03 11.53 -11.99
N TYR A 22 -9.47 10.34 -11.63
CA TYR A 22 -10.89 10.13 -11.36
C TYR A 22 -11.32 10.87 -10.11
N ALA A 23 -10.48 10.86 -9.08
CA ALA A 23 -10.81 11.56 -7.85
C ALA A 23 -10.88 13.06 -8.09
N ALA A 24 -10.06 13.57 -8.98
CA ALA A 24 -10.08 14.99 -9.34
C ALA A 24 -11.34 15.33 -10.11
N GLN A 25 -11.88 14.39 -10.87
CA GLN A 25 -13.14 14.63 -11.58
C GLN A 25 -14.28 14.74 -10.60
N GLN A 26 -14.28 13.87 -9.59
CA GLN A 26 -15.39 13.84 -8.67
C GLN A 26 -15.29 14.92 -7.60
N TYR A 27 -14.08 15.21 -7.15
CA TYR A 27 -13.84 16.19 -6.09
C TYR A 27 -12.70 17.13 -6.46
N PRO A 28 -12.90 17.97 -7.48
CA PRO A 28 -11.76 18.80 -7.88
C PRO A 28 -11.31 19.76 -6.81
N GLY A 29 -10.00 19.92 -6.70
CA GLY A 29 -9.41 20.82 -5.70
C GLY A 29 -9.35 20.26 -4.29
N ASN A 30 -10.25 19.35 -3.92
CA ASN A 30 -10.30 18.89 -2.55
C ASN A 30 -9.44 17.65 -2.38
N TYR A 31 -8.17 17.88 -2.08
CA TYR A 31 -7.19 16.80 -1.96
C TYR A 31 -7.58 15.79 -0.88
N GLU A 32 -8.26 16.21 0.17
CA GLU A 32 -8.65 15.31 1.25
C GLU A 32 -9.72 14.35 0.75
N GLN A 33 -10.76 14.90 0.15
CA GLN A 33 -11.83 14.09 -0.44
C GLN A 33 -11.27 13.17 -1.52
N GLN A 34 -10.30 13.67 -2.25
CA GLN A 34 -9.64 12.89 -3.28
C GLN A 34 -8.96 11.68 -2.66
N GLN A 35 -8.20 11.85 -1.58
CA GLN A 35 -7.53 10.73 -0.92
C GLN A 35 -8.52 9.72 -0.40
N ILE A 36 -9.62 10.18 0.19
CA ILE A 36 -10.64 9.29 0.72
C ILE A 36 -11.20 8.39 -0.39
N LEU A 37 -11.48 8.95 -1.56
CA LEU A 37 -11.96 8.16 -2.68
C LEU A 37 -10.86 7.21 -3.18
N ILE A 38 -9.63 7.69 -3.25
CA ILE A 38 -8.50 6.86 -3.70
C ILE A 38 -8.33 5.68 -2.76
N ARG A 39 -8.49 5.86 -1.45
CA ARG A 39 -8.35 4.75 -0.51
C ARG A 39 -9.34 3.62 -0.80
N GLN A 40 -10.58 4.00 -1.11
CA GLN A 40 -11.62 3.02 -1.44
C GLN A 40 -11.28 2.31 -2.74
N LEU A 41 -10.82 3.08 -3.71
CA LEU A 41 -10.44 2.52 -5.02
C LEU A 41 -9.31 1.52 -4.87
N GLN A 42 -8.33 1.81 -4.03
CA GLN A 42 -7.19 0.92 -3.82
C GLN A 42 -7.61 -0.40 -3.20
N GLU A 43 -8.49 -0.36 -2.21
CA GLU A 43 -8.93 -1.58 -1.55
C GLU A 43 -9.75 -2.43 -2.51
N GLN A 44 -10.71 -1.81 -3.18
CA GLN A 44 -11.54 -2.53 -4.14
C GLN A 44 -10.67 -3.09 -5.27
N HIS A 45 -9.68 -2.32 -5.71
CA HIS A 45 -8.76 -2.77 -6.77
C HIS A 45 -8.05 -4.02 -6.34
N TYR A 46 -7.56 -4.05 -5.12
CA TYR A 46 -6.89 -5.26 -4.61
C TYR A 46 -7.81 -6.47 -4.58
N GLN A 47 -9.02 -6.30 -4.08
CA GLN A 47 -9.96 -7.41 -4.00
C GLN A 47 -10.31 -7.94 -5.39
N GLN A 48 -10.64 -7.03 -6.30
CA GLN A 48 -10.98 -7.41 -7.67
C GLN A 48 -9.78 -8.03 -8.36
N TYR A 49 -8.58 -7.49 -8.14
CA TYR A 49 -7.37 -8.04 -8.76
C TYR A 49 -7.13 -9.46 -8.29
N MET A 50 -7.19 -9.70 -6.98
CA MET A 50 -6.92 -11.04 -6.47
C MET A 50 -7.97 -12.02 -6.97
N GLN A 51 -9.23 -11.58 -7.00
CA GLN A 51 -10.33 -12.40 -7.49
C GLN A 51 -10.16 -12.73 -8.97
N GLN A 52 -9.77 -11.74 -9.75
CA GLN A 52 -9.61 -11.91 -11.19
C GLN A 52 -8.37 -12.73 -11.51
N LEU A 53 -7.27 -12.44 -10.83
CA LEU A 53 -6.00 -13.15 -11.03
C LEU A 53 -6.15 -14.63 -10.77
N TYR A 54 -6.94 -14.95 -9.76
CA TYR A 54 -7.17 -16.35 -9.42
C TYR A 54 -7.75 -17.10 -10.60
N GLN A 55 -8.68 -16.47 -11.32
CA GLN A 55 -9.31 -17.09 -12.48
C GLN A 55 -8.33 -17.21 -13.65
N VAL A 56 -7.42 -16.26 -13.80
CA VAL A 56 -6.48 -16.29 -14.91
C VAL A 56 -5.45 -17.39 -14.72
N GLN A 57 -4.86 -17.47 -13.53
CA GLN A 57 -3.87 -18.50 -13.27
C GLN A 57 -4.55 -19.87 -13.29
N LEU A 58 -5.81 -19.91 -12.92
CA LEU A 58 -6.60 -21.15 -12.96
C LEU A 58 -6.83 -21.60 -14.40
N ALA A 59 -7.12 -20.66 -15.28
CA ALA A 59 -7.34 -21.00 -16.68
C ALA A 59 -6.06 -21.63 -17.26
N GLN A 60 -4.92 -21.06 -16.90
CA GLN A 60 -3.64 -21.63 -17.32
C GLN A 60 -3.40 -23.01 -16.71
N GLN A 61 -3.81 -23.21 -15.46
CA GLN A 61 -3.67 -24.51 -14.82
C GLN A 61 -4.56 -25.55 -15.50
N GLN A 62 -5.78 -25.18 -15.86
CA GLN A 62 -6.67 -26.11 -16.55
C GLN A 62 -6.10 -26.48 -17.91
N ALA A 63 -5.49 -25.52 -18.60
CA ALA A 63 -4.87 -25.77 -19.91
C ALA A 63 -3.62 -26.66 -19.78
N ALA A 64 -2.96 -26.59 -18.63
CA ALA A 64 -1.79 -27.43 -18.37
C ALA A 64 -2.21 -28.85 -17.97
N LEU A 65 -3.44 -28.99 -17.47
CA LEU A 65 -3.94 -30.28 -17.02
C LEU A 65 -4.63 -31.03 -18.16
N GLN A 66 -5.66 -30.42 -18.73
CA GLN A 66 -6.48 -31.01 -19.81
C GLN A 66 -7.06 -32.40 -19.48
N LYS A 67 -7.27 -32.66 -18.19
CA LYS A 67 -7.84 -33.96 -17.75
C LYS A 67 -9.33 -33.85 -17.45
N GLN A 68 -9.97 -32.83 -18.02
CA GLN A 68 -11.40 -32.55 -17.81
C GLN A 68 -11.74 -32.43 -16.30
N GLN A 69 -10.91 -31.65 -15.58
CA GLN A 69 -11.09 -31.43 -14.14
C GLN A 69 -11.47 -29.97 -13.86
N GLY B 1 35.62 -24.27 -20.86
CA GLY B 1 36.89 -23.63 -20.39
C GLY B 1 38.16 -24.41 -20.69
N ALA B 2 38.13 -25.69 -20.26
CA ALA B 2 39.22 -26.66 -20.44
C ALA B 2 40.56 -26.13 -19.87
N MET B 3 40.48 -25.39 -18.79
CA MET B 3 41.66 -24.81 -18.16
C MET B 3 42.47 -25.92 -17.51
N VAL B 4 43.80 -25.83 -17.62
CA VAL B 4 44.70 -26.84 -17.05
C VAL B 4 45.73 -26.10 -16.20
N GLU B 5 45.27 -25.07 -15.54
CA GLU B 5 46.11 -24.20 -14.71
C GLU B 5 46.33 -24.80 -13.30
N ALA B 6 46.32 -26.12 -13.24
CA ALA B 6 46.55 -26.86 -11.99
C ALA B 6 47.85 -27.65 -12.15
N ARG B 7 48.94 -26.91 -12.34
CA ARG B 7 50.25 -27.52 -12.58
C ARG B 7 51.29 -26.87 -11.67
N SER B 8 52.17 -27.68 -11.11
CA SER B 8 53.25 -27.19 -10.26
C SER B 8 54.45 -26.85 -11.13
N LEU B 9 55.37 -26.07 -10.59
CA LEU B 9 56.62 -25.73 -11.27
C LEU B 9 57.66 -25.57 -10.18
N ALA B 10 58.92 -25.78 -10.51
CA ALA B 10 60.01 -25.67 -9.54
C ALA B 10 61.31 -25.34 -10.26
N VAL B 11 61.75 -24.10 -10.15
CA VAL B 11 62.99 -23.65 -10.77
C VAL B 11 63.55 -22.58 -9.84
N ALA B 12 64.81 -22.74 -9.46
CA ALA B 12 65.50 -21.81 -8.57
C ALA B 12 67.00 -21.93 -8.79
N MET B 13 67.66 -22.71 -7.94
CA MET B 13 69.11 -22.98 -7.97
C MET B 13 69.87 -21.66 -7.75
N GLY B 14 71.17 -21.67 -8.02
CA GLY B 14 71.97 -20.49 -7.77
C GLY B 14 72.50 -20.53 -6.36
N ASP B 15 72.28 -19.45 -5.62
CA ASP B 15 72.78 -19.33 -4.24
C ASP B 15 71.84 -19.96 -3.21
N THR B 16 70.80 -20.64 -3.67
CA THR B 16 69.83 -21.30 -2.79
C THR B 16 70.37 -22.65 -2.24
N VAL B 17 71.59 -22.65 -1.74
CA VAL B 17 72.23 -23.86 -1.24
C VAL B 17 72.11 -23.90 0.28
N VAL B 18 71.49 -24.95 0.80
CA VAL B 18 71.25 -25.08 2.24
C VAL B 18 72.11 -26.24 2.79
N GLU B 19 73.41 -26.07 2.66
CA GLU B 19 74.38 -27.09 3.08
C GLU B 19 74.33 -27.57 4.55
N PRO B 20 74.11 -26.69 5.54
CA PRO B 20 74.17 -27.23 6.91
C PRO B 20 72.89 -27.95 7.38
N ALA B 21 71.95 -28.22 6.49
CA ALA B 21 70.70 -28.87 6.88
C ALA B 21 70.96 -30.30 7.39
N PRO B 22 70.53 -30.63 8.63
CA PRO B 22 70.74 -32.00 9.13
C PRO B 22 69.74 -33.03 8.61
N LEU B 23 68.90 -32.57 7.71
CA LEU B 23 67.88 -33.39 7.08
C LEU B 23 67.93 -33.17 5.58
N LYS B 24 67.65 -34.20 4.81
CA LYS B 24 67.79 -34.15 3.36
C LYS B 24 66.76 -33.31 2.58
N PRO B 25 65.47 -33.26 3.01
CA PRO B 25 64.66 -32.39 2.14
C PRO B 25 64.88 -30.90 2.44
N THR B 26 64.81 -30.07 1.41
CA THR B 26 64.81 -28.63 1.61
C THR B 26 63.45 -28.34 2.23
N SER B 27 63.46 -27.69 3.38
CA SER B 27 62.24 -27.53 4.19
C SER B 27 62.31 -26.24 4.99
N GLU B 28 62.91 -25.26 4.36
CA GLU B 28 63.16 -23.96 4.98
C GLU B 28 61.82 -23.22 5.12
N PRO B 29 61.51 -22.72 6.32
CA PRO B 29 60.15 -22.17 6.49
C PRO B 29 59.87 -20.84 5.79
N THR B 30 58.82 -20.85 4.99
CA THR B 30 58.30 -19.65 4.34
C THR B 30 56.80 -19.90 4.17
N SER B 31 56.00 -18.85 4.09
CA SER B 31 54.54 -19.01 4.03
C SER B 31 53.90 -17.84 3.30
N GLY B 32 52.69 -18.05 2.79
CA GLY B 32 51.98 -17.02 2.05
C GLY B 32 50.95 -16.28 2.90
N PRO B 33 50.32 -15.21 2.36
CA PRO B 33 49.32 -14.43 3.11
C PRO B 33 47.96 -15.11 3.18
N PRO B 34 47.07 -14.68 4.12
CA PRO B 34 45.75 -15.29 4.13
C PRO B 34 44.89 -14.90 2.93
N GLY B 35 44.09 -15.84 2.43
CA GLY B 35 43.26 -15.60 1.26
C GLY B 35 41.78 -15.48 1.56
N ASN B 36 41.45 -14.89 2.70
CA ASN B 36 40.05 -14.82 3.16
C ASN B 36 39.32 -13.57 2.68
N ASN B 37 40.03 -12.63 2.09
CA ASN B 37 39.40 -11.38 1.61
C ASN B 37 38.58 -11.66 0.36
N GLY B 38 37.41 -11.03 0.25
CA GLY B 38 36.54 -11.26 -0.90
C GLY B 38 35.35 -10.31 -0.86
N GLY B 39 34.26 -10.66 -1.53
CA GLY B 39 33.06 -9.85 -1.49
C GLY B 39 32.81 -9.00 -2.74
N SER B 40 33.54 -9.29 -3.82
CA SER B 40 33.37 -8.62 -5.11
C SER B 40 33.37 -7.09 -5.05
N LEU B 41 34.32 -6.54 -4.30
CA LEU B 41 34.49 -5.08 -4.13
C LEU B 41 33.27 -4.37 -3.51
N LEU B 42 32.42 -5.17 -2.86
CA LEU B 42 31.27 -4.70 -2.07
C LEU B 42 30.17 -4.02 -2.89
N SER B 43 29.06 -3.70 -2.23
CA SER B 43 27.94 -3.03 -2.84
C SER B 43 27.27 -2.23 -1.74
N VAL B 44 26.54 -1.19 -2.10
CA VAL B 44 25.89 -0.31 -1.13
C VAL B 44 24.45 -0.10 -1.56
N ILE B 45 23.51 -0.26 -0.64
CA ILE B 45 22.10 -0.02 -0.92
C ILE B 45 21.92 1.49 -1.02
N THR B 46 21.44 1.97 -2.18
CA THR B 46 21.25 3.40 -2.42
C THR B 46 19.84 3.72 -2.87
N GLU B 47 19.06 2.67 -3.03
CA GLU B 47 17.63 2.71 -3.39
C GLU B 47 17.30 3.66 -4.58
N GLY B 48 18.22 3.75 -5.54
CA GLY B 48 18.06 4.70 -6.63
C GLY B 48 17.27 4.20 -7.83
N VAL B 49 17.08 2.89 -7.93
CA VAL B 49 16.39 2.30 -9.09
C VAL B 49 15.83 0.92 -8.71
N GLY B 50 14.72 0.53 -9.32
CA GLY B 50 14.11 -0.78 -9.07
C GLY B 50 12.65 -0.72 -8.68
N GLU B 51 11.80 -0.21 -9.56
CA GLU B 51 10.36 -0.07 -9.28
C GLU B 51 9.71 -1.43 -8.99
N LEU B 52 10.07 -2.42 -9.80
CA LEU B 52 9.64 -3.82 -9.66
C LEU B 52 8.12 -4.14 -9.70
N SER B 53 7.76 -5.04 -10.60
CA SER B 53 6.36 -5.47 -10.74
C SER B 53 6.18 -6.90 -10.31
N VAL B 54 5.82 -7.10 -9.05
CA VAL B 54 5.57 -8.42 -8.48
C VAL B 54 4.12 -8.87 -8.71
N ILE B 55 3.52 -8.36 -9.77
CA ILE B 55 2.10 -8.59 -10.10
C ILE B 55 1.97 -8.77 -11.60
N ASP B 56 0.82 -9.23 -12.04
CA ASP B 56 0.48 -9.22 -13.46
C ASP B 56 -0.18 -7.88 -13.74
N PRO B 57 0.53 -6.94 -14.38
CA PRO B 57 -0.11 -5.61 -14.48
C PRO B 57 -1.30 -5.54 -15.40
N GLU B 58 -1.40 -6.45 -16.35
CA GLU B 58 -2.51 -6.45 -17.31
C GLU B 58 -3.82 -6.89 -16.66
N VAL B 59 -3.73 -7.89 -15.80
CA VAL B 59 -4.90 -8.37 -15.07
C VAL B 59 -5.31 -7.25 -14.12
N ALA B 60 -4.31 -6.61 -13.54
CA ALA B 60 -4.54 -5.54 -12.59
C ALA B 60 -5.18 -4.32 -13.27
N GLN B 61 -4.81 -4.05 -14.52
CA GLN B 61 -5.39 -2.94 -15.27
C GLN B 61 -6.87 -3.16 -15.56
N LYS B 62 -7.26 -4.38 -15.92
CA LYS B 62 -8.69 -4.65 -16.10
C LYS B 62 -9.41 -4.56 -14.78
N ALA B 63 -8.76 -5.01 -13.71
CA ALA B 63 -9.34 -4.96 -12.38
C ALA B 63 -9.60 -3.52 -11.91
N CYS B 64 -8.71 -2.58 -12.22
CA CYS B 64 -8.93 -1.20 -11.78
C CYS B 64 -10.04 -0.55 -12.62
N GLN B 65 -10.14 -0.90 -13.89
CA GLN B 65 -11.20 -0.37 -14.74
C GLN B 65 -12.55 -0.86 -14.24
N GLU B 66 -12.62 -2.13 -13.90
CA GLU B 66 -13.87 -2.73 -13.40
C GLU B 66 -14.35 -2.00 -12.14
N VAL B 67 -13.41 -1.66 -11.27
CA VAL B 67 -13.73 -0.92 -10.06
C VAL B 67 -14.16 0.50 -10.39
N LEU B 68 -13.38 1.20 -11.21
CA LEU B 68 -13.67 2.59 -11.53
C LEU B 68 -15.04 2.75 -12.20
N GLU B 69 -15.37 1.86 -13.13
CA GLU B 69 -16.67 1.92 -13.79
C GLU B 69 -17.81 1.67 -12.79
N LYS B 70 -17.62 0.72 -11.88
CA LYS B 70 -18.64 0.45 -10.86
C LYS B 70 -18.80 1.64 -9.91
N VAL B 71 -17.71 2.30 -9.57
CA VAL B 71 -17.77 3.46 -8.69
C VAL B 71 -18.45 4.63 -9.41
N LYS B 72 -18.22 4.78 -10.70
CA LYS B 72 -18.95 5.79 -11.49
C LYS B 72 -20.43 5.47 -11.49
N LEU B 73 -20.75 4.19 -11.60
CA LEU B 73 -22.14 3.77 -11.72
C LEU B 73 -22.92 3.87 -10.42
N LEU B 74 -22.31 3.58 -9.28
CA LEU B 74 -23.02 3.70 -8.00
C LEU B 74 -23.39 5.16 -7.70
N HIS B 75 -22.80 6.09 -8.45
CA HIS B 75 -23.13 7.51 -8.36
C HIS B 75 -24.44 7.82 -9.09
N GLY B 76 -25.03 6.83 -9.73
CA GLY B 76 -26.29 6.99 -10.46
C GLY B 76 -26.12 6.76 -11.94
N GLY B 77 -24.88 6.87 -12.42
CA GLY B 77 -24.57 6.62 -13.83
C GLY B 77 -24.91 7.79 -14.72
N VAL B 78 -26.17 8.19 -14.70
CA VAL B 78 -26.67 9.29 -15.53
C VAL B 78 -26.69 10.60 -14.74
N ALA B 79 -26.32 10.47 -13.48
CA ALA B 79 -26.33 11.60 -12.57
C ALA B 79 -24.97 12.29 -12.54
N VAL B 80 -24.84 13.32 -13.36
CA VAL B 80 -23.63 14.15 -13.39
C VAL B 80 -23.54 14.99 -12.10
N MET A 1 5.01 -5.69 5.26
CA MET A 1 5.28 -6.85 6.19
C MET A 1 4.66 -8.18 5.74
N GLN A 2 3.39 -8.10 5.30
CA GLN A 2 2.67 -9.24 4.74
C GLN A 2 2.87 -9.21 3.23
N GLN A 3 2.72 -10.35 2.57
CA GLN A 3 2.87 -10.42 1.11
C GLN A 3 1.87 -9.49 0.44
N LYS A 4 0.69 -9.34 1.03
CA LYS A 4 -0.35 -8.45 0.49
C LYS A 4 0.16 -7.00 0.34
N GLN A 5 1.04 -6.56 1.22
CA GLN A 5 1.50 -5.18 1.18
C GLN A 5 2.24 -4.85 -0.11
N GLN A 6 3.07 -5.76 -0.61
CA GLN A 6 3.80 -5.49 -1.86
C GLN A 6 2.82 -5.47 -3.03
N ILE A 7 1.74 -6.25 -2.94
CA ILE A 7 0.75 -6.27 -4.00
C ILE A 7 0.08 -4.91 -4.03
N MET A 8 -0.42 -4.47 -2.89
CA MET A 8 -1.13 -3.20 -2.84
C MET A 8 -0.22 -2.06 -3.27
N ALA A 9 1.05 -2.12 -2.92
CA ALA A 9 1.99 -1.10 -3.36
C ALA A 9 2.13 -1.12 -4.89
N ALA A 10 2.20 -2.30 -5.48
CA ALA A 10 2.38 -2.42 -6.92
C ALA A 10 1.11 -1.99 -7.65
N LEU A 11 -0.02 -2.33 -7.07
CA LEU A 11 -1.31 -1.97 -7.64
C LEU A 11 -1.52 -0.48 -7.57
N ASN A 12 -1.11 0.12 -6.47
CA ASN A 12 -1.24 1.56 -6.30
C ASN A 12 -0.33 2.25 -7.29
N SER A 13 0.83 1.67 -7.56
CA SER A 13 1.79 2.25 -8.49
C SER A 13 1.25 2.31 -9.92
N GLN A 14 0.71 1.21 -10.42
CA GLN A 14 0.22 1.17 -11.81
C GLN A 14 -1.10 1.94 -12.00
N THR A 15 -1.71 2.38 -10.91
CA THR A 15 -2.97 3.11 -10.98
C THR A 15 -2.88 4.46 -10.31
N ALA A 16 -1.67 4.89 -9.96
CA ALA A 16 -1.47 6.11 -9.20
C ALA A 16 -2.15 7.31 -9.88
N VAL A 17 -1.79 7.55 -11.13
CA VAL A 17 -2.35 8.68 -11.87
C VAL A 17 -3.81 8.44 -12.20
N GLN A 18 -4.21 7.19 -12.41
CA GLN A 18 -5.59 6.89 -12.78
C GLN A 18 -6.55 7.24 -11.64
N PHE A 19 -6.17 6.82 -10.44
CA PHE A 19 -6.99 7.02 -9.25
C PHE A 19 -6.97 8.50 -8.89
N GLN A 20 -5.83 9.14 -9.07
CA GLN A 20 -5.70 10.56 -8.80
C GLN A 20 -6.57 11.39 -9.73
N GLN A 21 -6.53 11.09 -11.02
CA GLN A 21 -7.29 11.85 -12.00
C GLN A 21 -8.78 11.67 -11.79
N TYR A 22 -9.22 10.46 -11.51
CA TYR A 22 -10.63 10.22 -11.27
C TYR A 22 -11.11 10.93 -10.01
N ALA A 23 -10.31 10.89 -8.96
CA ALA A 23 -10.70 11.55 -7.72
C ALA A 23 -10.75 13.07 -7.92
N ALA A 24 -9.85 13.59 -8.75
CA ALA A 24 -9.84 15.01 -9.09
C ALA A 24 -11.08 15.36 -9.88
N GLN A 25 -11.51 14.45 -10.74
CA GLN A 25 -12.67 14.69 -11.58
C GLN A 25 -13.93 14.80 -10.74
N GLN A 26 -14.02 13.98 -9.71
CA GLN A 26 -15.19 13.95 -8.84
C GLN A 26 -15.16 15.02 -7.77
N TYR A 27 -14.00 15.24 -7.18
CA TYR A 27 -13.85 16.20 -6.09
C TYR A 27 -12.68 17.14 -6.36
N PRO A 28 -12.78 17.97 -7.41
CA PRO A 28 -11.60 18.79 -7.70
C PRO A 28 -11.28 19.77 -6.58
N GLY A 29 -9.99 19.95 -6.32
CA GLY A 29 -9.55 20.83 -5.25
C GLY A 29 -9.64 20.24 -3.85
N ASN A 30 -10.53 19.29 -3.62
CA ASN A 30 -10.73 18.76 -2.28
C ASN A 30 -9.79 17.60 -2.07
N TYR A 31 -8.56 17.89 -1.68
CA TYR A 31 -7.54 16.86 -1.50
C TYR A 31 -7.99 15.79 -0.50
N GLU A 32 -8.72 16.19 0.53
CA GLU A 32 -9.17 15.24 1.54
C GLU A 32 -10.18 14.26 0.96
N GLN A 33 -11.16 14.77 0.21
CA GLN A 33 -12.18 13.92 -0.40
C GLN A 33 -11.55 13.05 -1.47
N GLN A 34 -10.57 13.60 -2.16
CA GLN A 34 -9.82 12.86 -3.16
C GLN A 34 -9.14 11.66 -2.51
N GLN A 35 -8.50 11.86 -1.36
CA GLN A 35 -7.84 10.76 -0.67
C GLN A 35 -8.84 9.72 -0.22
N ILE A 36 -9.97 10.17 0.31
CA ILE A 36 -11.02 9.25 0.79
C ILE A 36 -11.54 8.40 -0.37
N LEU A 37 -11.77 9.00 -1.53
CA LEU A 37 -12.17 8.24 -2.71
C LEU A 37 -11.08 7.22 -3.05
N ILE A 38 -9.84 7.69 -3.15
CA ILE A 38 -8.75 6.82 -3.58
C ILE A 38 -8.59 5.63 -2.64
N ARG A 39 -8.77 5.82 -1.34
CA ARG A 39 -8.69 4.72 -0.38
C ARG A 39 -9.66 3.59 -0.73
N GLN A 40 -10.88 3.94 -1.10
CA GLN A 40 -11.88 2.93 -1.49
C GLN A 40 -11.42 2.23 -2.76
N LEU A 41 -10.92 3.02 -3.69
CA LEU A 41 -10.47 2.54 -4.99
C LEU A 41 -9.31 1.56 -4.87
N GLN A 42 -8.38 1.81 -3.95
CA GLN A 42 -7.24 0.92 -3.76
C GLN A 42 -7.66 -0.45 -3.22
N GLU A 43 -8.56 -0.48 -2.25
CA GLU A 43 -8.99 -1.76 -1.70
C GLU A 43 -9.80 -2.54 -2.72
N GLN A 44 -10.75 -1.87 -3.37
CA GLN A 44 -11.58 -2.54 -4.38
C GLN A 44 -10.71 -3.05 -5.52
N HIS A 45 -9.68 -2.29 -5.90
CA HIS A 45 -8.75 -2.71 -6.94
C HIS A 45 -8.07 -4.01 -6.56
N TYR A 46 -7.56 -4.07 -5.34
CA TYR A 46 -6.92 -5.28 -4.85
C TYR A 46 -7.90 -6.44 -4.78
N GLN A 47 -9.11 -6.20 -4.29
CA GLN A 47 -10.12 -7.25 -4.21
C GLN A 47 -10.40 -7.83 -5.59
N GLN A 48 -10.68 -6.98 -6.56
CA GLN A 48 -11.01 -7.44 -7.90
C GLN A 48 -9.81 -8.13 -8.55
N TYR A 49 -8.61 -7.58 -8.39
CA TYR A 49 -7.42 -8.20 -8.99
C TYR A 49 -7.12 -9.54 -8.37
N MET A 50 -7.16 -9.63 -7.04
CA MET A 50 -6.81 -10.88 -6.37
C MET A 50 -7.81 -11.98 -6.68
N GLN A 51 -9.09 -11.64 -6.68
CA GLN A 51 -10.12 -12.65 -6.97
C GLN A 51 -10.00 -13.11 -8.42
N GLN A 52 -9.69 -12.18 -9.32
CA GLN A 52 -9.56 -12.54 -10.73
C GLN A 52 -8.25 -13.29 -11.01
N LEU A 53 -7.17 -12.88 -10.36
CA LEU A 53 -5.88 -13.56 -10.49
C LEU A 53 -5.98 -14.99 -10.01
N TYR A 54 -6.72 -15.19 -8.94
CA TYR A 54 -6.89 -16.53 -8.39
C TYR A 54 -7.51 -17.44 -9.44
N GLN A 55 -8.45 -16.92 -10.22
CA GLN A 55 -9.06 -17.71 -11.28
C GLN A 55 -8.05 -18.05 -12.38
N VAL A 56 -7.06 -17.20 -12.61
CA VAL A 56 -6.07 -17.44 -13.66
C VAL A 56 -5.05 -18.49 -13.24
N GLN A 57 -4.54 -18.39 -12.02
CA GLN A 57 -3.58 -19.39 -11.55
C GLN A 57 -4.29 -20.73 -11.37
N LEU A 58 -5.57 -20.66 -11.07
CA LEU A 58 -6.42 -21.84 -10.98
C LEU A 58 -6.59 -22.45 -12.36
N ALA A 59 -6.76 -21.63 -13.38
CA ALA A 59 -6.91 -22.12 -14.74
C ALA A 59 -5.65 -22.88 -15.16
N GLN A 60 -4.49 -22.37 -14.78
CA GLN A 60 -3.22 -23.07 -15.06
C GLN A 60 -3.18 -24.40 -14.29
N GLN A 61 -3.66 -24.40 -13.07
CA GLN A 61 -3.72 -25.62 -12.27
C GLN A 61 -4.68 -26.64 -12.89
N GLN A 62 -5.82 -26.17 -13.38
CA GLN A 62 -6.78 -27.04 -14.05
C GLN A 62 -6.20 -27.62 -15.33
N ALA A 63 -5.38 -26.84 -16.03
CA ALA A 63 -4.74 -27.30 -17.26
C ALA A 63 -3.65 -28.33 -16.96
N ALA A 64 -3.07 -28.28 -15.77
CA ALA A 64 -2.08 -29.27 -15.36
C ALA A 64 -2.78 -30.57 -14.93
N LEU A 65 -4.01 -30.44 -14.44
CA LEU A 65 -4.76 -31.60 -13.94
C LEU A 65 -5.56 -32.30 -15.03
N GLN A 66 -6.38 -31.53 -15.76
CA GLN A 66 -7.27 -32.04 -16.81
C GLN A 66 -8.09 -33.23 -16.30
N LYS A 67 -8.66 -33.06 -15.11
CA LYS A 67 -9.43 -34.13 -14.46
C LYS A 67 -10.79 -33.64 -13.96
N GLN A 68 -11.22 -32.51 -14.50
CA GLN A 68 -12.52 -31.95 -14.19
C GLN A 68 -13.09 -31.43 -15.51
N GLN A 69 -14.25 -31.94 -15.89
CA GLN A 69 -14.89 -31.53 -17.14
C GLN A 69 -15.55 -30.15 -17.00
N GLY B 1 -12.83 28.86 -28.04
CA GLY B 1 -13.46 29.29 -29.32
C GLY B 1 -13.81 30.77 -29.42
N ALA B 2 -14.11 31.21 -30.66
CA ALA B 2 -14.47 32.60 -31.00
C ALA B 2 -13.39 33.60 -30.56
N MET B 3 -12.15 33.16 -30.52
CA MET B 3 -11.02 34.01 -30.10
C MET B 3 -10.57 34.96 -31.21
N VAL B 4 -11.38 35.98 -31.45
CA VAL B 4 -11.06 37.02 -32.44
C VAL B 4 -11.21 38.36 -31.73
N GLU B 5 -10.19 39.21 -31.87
CA GLU B 5 -10.15 40.48 -31.17
C GLU B 5 -9.31 41.48 -31.96
N ALA B 6 -9.16 42.68 -31.41
CA ALA B 6 -8.38 43.76 -32.01
C ALA B 6 -8.87 44.14 -33.42
N ARG B 7 -8.06 44.93 -34.11
CA ARG B 7 -8.35 45.42 -35.47
C ARG B 7 -7.06 46.07 -35.90
N SER B 8 -6.90 46.31 -37.20
CA SER B 8 -5.77 47.08 -37.68
C SER B 8 -6.09 48.54 -37.40
N LEU B 9 -5.06 49.35 -37.18
CA LEU B 9 -5.22 50.77 -36.89
C LEU B 9 -4.25 51.55 -37.75
N ALA B 10 -4.64 52.74 -38.16
CA ALA B 10 -3.82 53.60 -38.99
C ALA B 10 -4.47 54.98 -38.83
N VAL B 11 -3.76 56.01 -39.26
CA VAL B 11 -4.25 57.40 -39.25
C VAL B 11 -4.78 57.80 -37.86
N ALA B 12 -3.94 57.60 -36.85
CA ALA B 12 -4.28 57.95 -35.48
C ALA B 12 -3.29 59.02 -35.01
N MET B 13 -3.68 59.78 -34.00
CA MET B 13 -2.86 60.86 -33.46
C MET B 13 -3.22 61.04 -31.99
N GLY B 14 -2.47 61.86 -31.29
CA GLY B 14 -2.73 62.13 -29.88
C GLY B 14 -1.83 63.27 -29.49
N ASP B 15 -1.90 63.69 -28.23
CA ASP B 15 -1.07 64.79 -27.74
C ASP B 15 -0.42 64.33 -26.45
N THR B 16 0.79 63.85 -26.60
CA THR B 16 1.63 63.40 -25.49
C THR B 16 2.93 64.18 -25.55
N VAL B 17 2.84 65.44 -25.95
CA VAL B 17 4.03 66.27 -26.15
C VAL B 17 4.85 66.41 -24.85
N VAL B 18 6.16 66.27 -25.00
CA VAL B 18 7.09 66.40 -23.88
C VAL B 18 8.24 67.28 -24.37
N GLU B 19 7.87 68.47 -24.78
CA GLU B 19 8.81 69.47 -25.33
C GLU B 19 9.91 69.92 -24.33
N PRO B 20 9.55 70.23 -23.06
CA PRO B 20 10.68 70.51 -22.16
C PRO B 20 11.38 69.21 -21.76
N ALA B 21 12.29 69.25 -20.80
CA ALA B 21 13.00 68.05 -20.37
C ALA B 21 12.52 67.49 -19.00
N PRO B 22 11.25 67.02 -18.89
CA PRO B 22 10.99 66.42 -17.58
C PRO B 22 11.64 65.05 -17.47
N LEU B 23 11.99 64.65 -16.27
CA LEU B 23 12.49 63.31 -16.02
C LEU B 23 11.29 62.36 -16.16
N LYS B 24 11.56 61.12 -16.53
CA LYS B 24 10.51 60.11 -16.77
C LYS B 24 10.31 59.10 -15.62
N PRO B 25 11.40 58.60 -14.99
CA PRO B 25 11.12 57.76 -13.80
C PRO B 25 10.83 58.66 -12.58
N THR B 26 11.41 58.37 -11.43
CA THR B 26 11.32 59.26 -10.28
C THR B 26 12.67 59.91 -10.11
N SER B 27 12.72 61.03 -9.38
CA SER B 27 14.00 61.65 -9.05
C SER B 27 14.59 60.80 -7.92
N GLU B 28 15.91 60.67 -7.92
CA GLU B 28 16.67 59.92 -6.89
C GLU B 28 15.91 58.76 -6.20
N PRO B 29 15.71 57.64 -6.93
CA PRO B 29 14.90 56.56 -6.35
C PRO B 29 15.57 55.85 -5.17
N THR B 30 14.85 55.78 -4.06
CA THR B 30 15.35 55.17 -2.83
C THR B 30 15.15 53.65 -2.80
N SER B 31 15.49 52.99 -3.90
CA SER B 31 15.35 51.53 -4.05
C SER B 31 13.88 51.09 -3.87
N GLY B 32 13.67 49.87 -3.40
CA GLY B 32 12.32 49.35 -3.22
C GLY B 32 12.32 48.12 -2.30
N PRO B 33 11.14 47.55 -1.99
CA PRO B 33 11.04 46.42 -1.07
C PRO B 33 11.46 45.07 -1.68
N PRO B 34 11.74 44.05 -0.83
CA PRO B 34 12.07 42.74 -1.40
C PRO B 34 10.83 42.05 -2.00
N GLY B 35 11.07 41.09 -2.88
CA GLY B 35 9.95 40.43 -3.56
C GLY B 35 9.22 39.35 -2.79
N ASN B 36 9.94 38.35 -2.29
CA ASN B 36 9.31 37.23 -1.58
C ASN B 36 10.36 36.49 -0.74
N ASN B 37 9.91 35.75 0.26
CA ASN B 37 10.79 34.91 1.06
C ASN B 37 11.08 33.60 0.32
N GLY B 38 12.26 33.04 0.53
CA GLY B 38 12.62 31.76 -0.07
C GLY B 38 12.56 30.64 0.95
N GLY B 39 13.03 29.46 0.56
CA GLY B 39 13.08 28.32 1.46
C GLY B 39 14.07 27.34 0.88
N SER B 40 14.58 26.42 1.70
CA SER B 40 15.55 25.44 1.24
C SER B 40 15.46 24.18 2.07
N LEU B 41 15.17 23.07 1.41
CA LEU B 41 15.11 21.76 2.04
C LEU B 41 15.62 20.74 1.02
N LEU B 42 16.92 20.51 1.04
CA LEU B 42 17.54 19.59 0.09
C LEU B 42 17.70 18.24 0.77
N SER B 43 17.21 17.20 0.11
CA SER B 43 17.28 15.84 0.63
C SER B 43 17.23 14.94 -0.59
N VAL B 44 17.73 13.72 -0.46
CA VAL B 44 17.71 12.75 -1.55
C VAL B 44 17.50 11.38 -0.92
N ILE B 45 16.76 10.52 -1.61
CA ILE B 45 16.37 9.22 -1.10
C ILE B 45 16.93 8.15 -2.04
N THR B 46 17.90 7.39 -1.57
CA THR B 46 18.52 6.36 -2.41
C THR B 46 17.95 4.97 -2.10
N GLU B 47 17.11 4.98 -1.09
CA GLU B 47 16.46 3.76 -0.59
C GLU B 47 15.11 3.53 -1.26
N GLY B 48 14.88 4.31 -2.29
CA GLY B 48 13.61 4.30 -3.03
C GLY B 48 13.75 3.72 -4.43
N VAL B 49 14.67 2.78 -4.59
CA VAL B 49 14.96 2.22 -5.92
C VAL B 49 14.64 0.73 -5.93
N GLY B 50 13.94 0.29 -6.98
CA GLY B 50 13.64 -1.13 -7.15
C GLY B 50 12.23 -1.56 -6.78
N GLU B 51 11.24 -0.82 -7.25
CA GLU B 51 9.83 -1.14 -7.02
C GLU B 51 9.48 -2.56 -7.50
N LEU B 52 9.77 -2.82 -8.78
CA LEU B 52 9.47 -4.07 -9.48
C LEU B 52 7.97 -4.42 -9.58
N SER B 53 7.54 -4.79 -10.77
CA SER B 53 6.16 -5.20 -10.99
C SER B 53 5.95 -6.63 -10.49
N VAL B 54 5.80 -6.77 -9.18
CA VAL B 54 5.59 -8.04 -8.51
C VAL B 54 4.13 -8.51 -8.61
N ILE B 55 3.49 -8.14 -9.71
CA ILE B 55 2.08 -8.42 -9.97
C ILE B 55 1.91 -8.76 -11.44
N ASP B 56 0.76 -9.29 -11.79
CA ASP B 56 0.40 -9.52 -13.19
C ASP B 56 -0.27 -8.22 -13.66
N PRO B 57 0.42 -7.43 -14.51
CA PRO B 57 -0.12 -6.09 -14.71
C PRO B 57 -1.42 -5.98 -15.52
N GLU B 58 -1.69 -6.91 -16.42
CA GLU B 58 -2.86 -6.80 -17.27
C GLU B 58 -4.16 -7.06 -16.53
N VAL B 59 -4.21 -8.12 -15.74
CA VAL B 59 -5.41 -8.41 -14.96
C VAL B 59 -5.55 -7.31 -13.93
N ALA B 60 -4.44 -6.75 -13.47
CA ALA B 60 -4.49 -5.67 -12.51
C ALA B 60 -5.09 -4.41 -13.16
N GLN B 61 -4.70 -4.11 -14.38
CA GLN B 61 -5.24 -2.95 -15.09
C GLN B 61 -6.73 -3.13 -15.35
N LYS B 62 -7.12 -4.30 -15.84
CA LYS B 62 -8.54 -4.57 -16.13
C LYS B 62 -9.35 -4.54 -14.85
N ALA B 63 -8.76 -5.02 -13.76
CA ALA B 63 -9.42 -4.98 -12.46
C ALA B 63 -9.63 -3.54 -12.00
N CYS B 64 -8.69 -2.65 -12.28
CA CYS B 64 -8.86 -1.26 -11.85
C CYS B 64 -9.95 -0.61 -12.71
N GLN B 65 -9.99 -0.92 -13.99
CA GLN B 65 -11.01 -0.38 -14.88
C GLN B 65 -12.40 -0.80 -14.42
N GLU B 66 -12.54 -2.06 -14.04
CA GLU B 66 -13.81 -2.59 -13.51
C GLU B 66 -14.25 -1.80 -12.28
N VAL B 67 -13.30 -1.47 -11.42
CA VAL B 67 -13.59 -0.70 -10.21
C VAL B 67 -13.94 0.76 -10.54
N LEU B 68 -13.25 1.35 -11.51
CA LEU B 68 -13.52 2.72 -11.90
C LEU B 68 -14.94 2.87 -12.42
N GLU B 69 -15.43 1.92 -13.20
CA GLU B 69 -16.81 2.00 -13.68
C GLU B 69 -17.82 1.75 -12.55
N LYS B 70 -17.48 0.88 -11.62
CA LYS B 70 -18.38 0.57 -10.50
C LYS B 70 -18.55 1.76 -9.55
N VAL B 71 -17.46 2.44 -9.22
CA VAL B 71 -17.53 3.57 -8.29
C VAL B 71 -18.34 4.73 -8.90
N LYS B 72 -18.35 4.83 -10.22
CA LYS B 72 -19.17 5.85 -10.90
C LYS B 72 -20.64 5.66 -10.59
N LEU B 73 -21.06 4.42 -10.47
CA LEU B 73 -22.46 4.14 -10.14
C LEU B 73 -22.78 4.31 -8.66
N LEU B 74 -21.81 4.13 -7.78
CA LEU B 74 -22.03 4.34 -6.34
C LEU B 74 -22.32 5.82 -6.11
N HIS B 75 -21.75 6.62 -6.99
CA HIS B 75 -21.93 8.06 -6.99
C HIS B 75 -23.29 8.48 -7.55
N GLY B 76 -24.12 7.50 -7.92
CA GLY B 76 -25.44 7.79 -8.45
C GLY B 76 -25.43 8.17 -9.93
N GLY B 77 -24.24 8.29 -10.49
CA GLY B 77 -24.10 8.70 -11.88
C GLY B 77 -24.54 10.13 -12.15
N VAL B 78 -24.70 10.93 -11.10
CA VAL B 78 -25.20 12.31 -11.26
C VAL B 78 -24.11 13.27 -11.71
N ALA B 79 -22.90 12.74 -11.74
CA ALA B 79 -21.72 13.48 -12.15
C ALA B 79 -21.54 13.47 -13.67
N VAL B 80 -22.63 13.80 -14.38
CA VAL B 80 -22.68 13.82 -15.85
C VAL B 80 -23.26 15.14 -16.37
N MET A 1 0.44 -11.25 6.47
CA MET A 1 0.00 -9.86 6.11
C MET A 1 0.86 -9.12 5.06
N GLN A 2 2.20 -9.26 5.16
CA GLN A 2 3.13 -8.57 4.26
C GLN A 2 2.95 -8.97 2.80
N GLN A 3 2.52 -10.19 2.56
CA GLN A 3 2.29 -10.66 1.19
C GLN A 3 1.20 -9.86 0.47
N LYS A 4 0.28 -9.25 1.23
CA LYS A 4 -0.73 -8.35 0.63
C LYS A 4 -0.16 -6.96 0.42
N GLN A 5 0.66 -6.51 1.37
CA GLN A 5 1.19 -5.15 1.33
C GLN A 5 2.01 -4.89 0.07
N GLN A 6 2.82 -5.86 -0.34
CA GLN A 6 3.62 -5.71 -1.55
C GLN A 6 2.73 -5.58 -2.79
N ILE A 7 1.57 -6.23 -2.78
CA ILE A 7 0.63 -6.13 -3.89
C ILE A 7 0.07 -4.74 -3.94
N MET A 8 -0.46 -4.26 -2.82
CA MET A 8 -1.10 -2.95 -2.79
C MET A 8 -0.12 -1.85 -3.17
N ALA A 9 1.14 -1.99 -2.79
CA ALA A 9 2.15 -1.02 -3.21
C ALA A 9 2.28 -1.01 -4.74
N ALA A 10 2.25 -2.19 -5.34
CA ALA A 10 2.41 -2.32 -6.78
C ALA A 10 1.13 -1.83 -7.51
N LEU A 11 -0.03 -2.10 -6.93
CA LEU A 11 -1.28 -1.65 -7.51
C LEU A 11 -1.34 -0.15 -7.46
N ASN A 12 -0.87 0.42 -6.36
CA ASN A 12 -0.82 1.88 -6.21
C ASN A 12 0.08 2.47 -7.27
N SER A 13 1.19 1.81 -7.58
CA SER A 13 2.13 2.34 -8.55
C SER A 13 1.49 2.51 -9.93
N GLN A 14 0.81 1.49 -10.42
CA GLN A 14 0.26 1.54 -11.77
C GLN A 14 -1.08 2.27 -11.89
N THR A 15 -1.73 2.54 -10.76
CA THR A 15 -3.03 3.22 -10.79
C THR A 15 -2.98 4.57 -10.13
N ALA A 16 -1.80 5.01 -9.72
CA ALA A 16 -1.64 6.28 -9.03
C ALA A 16 -2.31 7.41 -9.79
N VAL A 17 -1.92 7.61 -11.03
CA VAL A 17 -2.46 8.71 -11.83
C VAL A 17 -3.90 8.42 -12.25
N GLN A 18 -4.26 7.16 -12.45
CA GLN A 18 -5.61 6.83 -12.89
C GLN A 18 -6.64 7.13 -11.79
N PHE A 19 -6.33 6.72 -10.58
CA PHE A 19 -7.23 6.96 -9.46
C PHE A 19 -7.24 8.46 -9.14
N GLN A 20 -6.11 9.12 -9.31
CA GLN A 20 -6.04 10.57 -9.11
C GLN A 20 -6.89 11.34 -10.14
N GLN A 21 -6.87 10.93 -11.39
CA GLN A 21 -7.67 11.60 -12.42
C GLN A 21 -9.15 11.48 -12.09
N TYR A 22 -9.57 10.32 -11.62
CA TYR A 22 -10.96 10.13 -11.26
C TYR A 22 -11.31 10.89 -9.98
N ALA A 23 -10.42 10.85 -9.00
CA ALA A 23 -10.67 11.55 -7.75
C ALA A 23 -10.74 13.07 -7.98
N ALA A 24 -9.97 13.57 -8.93
CA ALA A 24 -9.95 14.98 -9.25
C ALA A 24 -11.23 15.45 -9.93
N GLN A 25 -11.86 14.62 -10.75
CA GLN A 25 -13.10 15.06 -11.39
C GLN A 25 -14.28 14.97 -10.42
N GLN A 26 -14.23 14.03 -9.48
CA GLN A 26 -15.28 13.92 -8.46
C GLN A 26 -15.14 14.95 -7.35
N TYR A 27 -13.91 15.18 -6.89
CA TYR A 27 -13.65 16.10 -5.79
C TYR A 27 -12.52 17.06 -6.19
N PRO A 28 -12.78 17.95 -7.16
CA PRO A 28 -11.66 18.77 -7.61
C PRO A 28 -11.12 19.70 -6.53
N GLY A 29 -9.81 19.77 -6.43
CA GLY A 29 -9.17 20.62 -5.44
C GLY A 29 -9.18 20.09 -4.01
N ASN A 30 -10.08 19.16 -3.68
CA ASN A 30 -10.20 18.72 -2.31
C ASN A 30 -9.33 17.48 -2.12
N TYR A 31 -8.06 17.70 -1.83
CA TYR A 31 -7.09 16.62 -1.76
C TYR A 31 -7.43 15.57 -0.70
N GLU A 32 -8.09 15.95 0.39
CA GLU A 32 -8.39 14.97 1.43
C GLU A 32 -9.50 14.06 0.96
N GLN A 33 -10.53 14.63 0.34
CA GLN A 33 -11.60 13.84 -0.26
C GLN A 33 -11.06 12.95 -1.37
N GLN A 34 -10.09 13.47 -2.11
CA GLN A 34 -9.46 12.71 -3.17
C GLN A 34 -8.77 11.47 -2.58
N GLN A 35 -8.03 11.65 -1.49
CA GLN A 35 -7.34 10.54 -0.85
C GLN A 35 -8.32 9.50 -0.33
N ILE A 36 -9.41 9.96 0.27
CA ILE A 36 -10.43 9.04 0.79
C ILE A 36 -10.99 8.17 -0.33
N LEU A 37 -11.27 8.76 -1.49
CA LEU A 37 -11.74 7.99 -2.63
C LEU A 37 -10.66 7.03 -3.14
N ILE A 38 -9.42 7.50 -3.21
CA ILE A 38 -8.30 6.66 -3.67
C ILE A 38 -8.15 5.44 -2.74
N ARG A 39 -8.36 5.62 -1.43
CA ARG A 39 -8.30 4.50 -0.49
C ARG A 39 -9.34 3.44 -0.81
N GLN A 40 -10.57 3.87 -1.09
CA GLN A 40 -11.64 2.94 -1.43
C GLN A 40 -11.35 2.26 -2.76
N LEU A 41 -10.86 3.02 -3.71
CA LEU A 41 -10.51 2.49 -5.02
C LEU A 41 -9.41 1.45 -4.89
N GLN A 42 -8.43 1.68 -4.03
CA GLN A 42 -7.34 0.73 -3.83
C GLN A 42 -7.82 -0.57 -3.19
N GLU A 43 -8.72 -0.48 -2.23
CA GLU A 43 -9.22 -1.69 -1.59
C GLU A 43 -10.04 -2.49 -2.58
N GLN A 44 -10.93 -1.83 -3.30
CA GLN A 44 -11.75 -2.50 -4.31
C GLN A 44 -10.87 -3.08 -5.42
N HIS A 45 -9.83 -2.34 -5.81
CA HIS A 45 -8.90 -2.81 -6.83
C HIS A 45 -8.22 -4.07 -6.37
N TYR A 46 -7.70 -4.07 -5.16
CA TYR A 46 -7.05 -5.26 -4.61
C TYR A 46 -8.01 -6.45 -4.57
N GLN A 47 -9.25 -6.23 -4.14
CA GLN A 47 -10.24 -7.30 -4.09
C GLN A 47 -10.47 -7.89 -5.47
N GLN A 48 -10.75 -7.04 -6.46
CA GLN A 48 -11.01 -7.51 -7.82
C GLN A 48 -9.76 -8.12 -8.44
N TYR A 49 -8.61 -7.53 -8.18
CA TYR A 49 -7.35 -8.04 -8.72
C TYR A 49 -7.08 -9.44 -8.20
N MET A 50 -7.24 -9.66 -6.91
CA MET A 50 -6.97 -10.97 -6.34
C MET A 50 -7.97 -11.99 -6.87
N GLN A 51 -9.23 -11.60 -7.00
CA GLN A 51 -10.26 -12.48 -7.56
C GLN A 51 -9.94 -12.84 -8.99
N GLN A 52 -9.61 -11.84 -9.80
CA GLN A 52 -9.38 -12.06 -11.21
C GLN A 52 -8.08 -12.83 -11.43
N LEU A 53 -7.03 -12.50 -10.69
CA LEU A 53 -5.76 -13.20 -10.80
C LEU A 53 -5.95 -14.67 -10.43
N TYR A 54 -6.79 -14.93 -9.45
CA TYR A 54 -7.05 -16.30 -9.05
C TYR A 54 -7.64 -17.08 -10.21
N GLN A 55 -8.55 -16.46 -10.95
CA GLN A 55 -9.15 -17.13 -12.10
C GLN A 55 -8.13 -17.40 -13.20
N VAL A 56 -7.15 -16.52 -13.35
CA VAL A 56 -6.12 -16.70 -14.38
C VAL A 56 -5.17 -17.83 -14.02
N GLN A 57 -4.69 -17.85 -12.78
CA GLN A 57 -3.78 -18.92 -12.37
C GLN A 57 -4.53 -20.24 -12.31
N LEU A 58 -5.82 -20.17 -12.04
CA LEU A 58 -6.69 -21.35 -12.07
C LEU A 58 -6.82 -21.89 -13.48
N ALA A 59 -6.95 -21.01 -14.46
CA ALA A 59 -7.02 -21.42 -15.86
C ALA A 59 -5.73 -22.14 -16.25
N GLN A 60 -4.59 -21.61 -15.81
CA GLN A 60 -3.30 -22.26 -16.06
C GLN A 60 -3.24 -23.61 -15.32
N GLN A 61 -3.76 -23.66 -14.11
CA GLN A 61 -3.76 -24.88 -13.31
C GLN A 61 -4.59 -25.97 -13.99
N GLN A 62 -5.75 -25.62 -14.51
CA GLN A 62 -6.59 -26.58 -15.23
C GLN A 62 -5.92 -27.04 -16.52
N ALA A 63 -5.18 -26.15 -17.17
CA ALA A 63 -4.44 -26.50 -18.39
C ALA A 63 -3.29 -27.47 -18.08
N ALA A 64 -2.72 -27.37 -16.89
CA ALA A 64 -1.68 -28.29 -16.46
C ALA A 64 -2.29 -29.65 -16.08
N LEU A 65 -3.43 -29.61 -15.40
CA LEU A 65 -4.10 -30.82 -14.93
C LEU A 65 -4.69 -31.65 -16.08
N GLN A 66 -5.63 -31.04 -16.80
CA GLN A 66 -6.37 -31.71 -17.87
C GLN A 66 -6.98 -33.07 -17.47
N LYS A 67 -7.52 -33.13 -16.26
CA LYS A 67 -8.22 -34.32 -15.77
C LYS A 67 -9.63 -33.94 -15.33
N GLN A 68 -10.12 -32.81 -15.83
CA GLN A 68 -11.43 -32.26 -15.46
C GLN A 68 -11.52 -32.12 -13.93
N GLN A 69 -10.52 -31.43 -13.37
CA GLN A 69 -10.37 -31.25 -11.93
C GLN A 69 -11.57 -30.57 -11.30
N GLY B 1 -20.14 13.34 18.77
CA GLY B 1 -21.57 13.35 19.20
C GLY B 1 -22.06 12.10 19.95
N ALA B 2 -23.15 12.28 20.71
CA ALA B 2 -23.74 11.18 21.48
C ALA B 2 -24.68 10.35 20.61
N MET B 3 -25.35 11.04 19.69
CA MET B 3 -26.29 10.43 18.77
C MET B 3 -26.46 11.45 17.65
N VAL B 4 -27.18 11.09 16.59
CA VAL B 4 -27.41 11.99 15.46
C VAL B 4 -28.90 12.01 15.15
N GLU B 5 -29.32 12.96 14.32
CA GLU B 5 -30.72 13.07 13.91
C GLU B 5 -31.16 11.84 13.11
N ALA B 6 -32.37 11.38 13.36
CA ALA B 6 -32.97 10.29 12.59
C ALA B 6 -34.42 10.70 12.35
N ARG B 7 -34.94 10.40 11.17
CA ARG B 7 -36.32 10.76 10.83
C ARG B 7 -37.31 9.78 11.45
N SER B 8 -37.60 10.00 12.73
CA SER B 8 -38.53 9.19 13.51
C SER B 8 -38.29 7.69 13.40
N LEU B 9 -37.03 7.28 13.43
CA LEU B 9 -36.67 5.89 13.28
C LEU B 9 -35.65 5.46 14.35
N ALA B 10 -36.14 4.70 15.32
CA ALA B 10 -35.29 4.18 16.40
C ALA B 10 -35.58 2.68 16.59
N VAL B 11 -36.07 2.06 15.51
CA VAL B 11 -36.48 0.64 15.51
C VAL B 11 -37.52 0.35 16.62
N ALA B 12 -38.27 1.40 16.95
CA ALA B 12 -39.28 1.33 17.98
C ALA B 12 -40.54 2.03 17.47
N MET B 13 -41.37 1.30 16.75
CA MET B 13 -42.59 1.85 16.15
C MET B 13 -43.75 1.93 17.17
N GLY B 14 -43.43 2.28 18.40
CA GLY B 14 -44.42 2.40 19.45
C GLY B 14 -45.00 3.80 19.52
N ASP B 15 -45.35 4.35 18.37
CA ASP B 15 -45.89 5.73 18.24
C ASP B 15 -44.94 6.76 18.88
N THR B 16 -43.66 6.60 18.59
CA THR B 16 -42.61 7.43 19.18
C THR B 16 -42.35 8.72 18.41
N VAL B 17 -43.25 9.08 17.53
CA VAL B 17 -43.13 10.31 16.74
C VAL B 17 -44.04 11.39 17.33
N VAL B 18 -43.44 12.48 17.82
CA VAL B 18 -44.21 13.56 18.45
C VAL B 18 -43.93 14.89 17.76
N GLU B 19 -44.74 15.21 16.76
CA GLU B 19 -44.61 16.47 16.03
C GLU B 19 -45.20 17.74 16.73
N PRO B 20 -46.24 17.64 17.59
CA PRO B 20 -46.73 18.91 18.15
C PRO B 20 -45.90 19.43 19.36
N ALA B 21 -44.60 19.57 19.18
CA ALA B 21 -43.70 20.05 20.23
C ALA B 21 -43.12 21.44 19.86
N PRO B 22 -43.90 22.51 20.05
CA PRO B 22 -43.33 23.81 19.64
C PRO B 22 -42.22 24.30 20.57
N LEU B 23 -41.14 24.76 19.97
CA LEU B 23 -39.99 25.29 20.71
C LEU B 23 -39.25 26.25 19.78
N LYS B 24 -38.42 27.12 20.33
CA LYS B 24 -37.65 28.06 19.51
C LYS B 24 -36.27 28.51 20.04
N PRO B 25 -36.16 28.89 21.33
CA PRO B 25 -34.81 29.37 21.70
C PRO B 25 -33.79 28.26 21.93
N THR B 26 -34.26 27.03 22.04
CA THR B 26 -33.39 25.88 22.27
C THR B 26 -32.41 25.69 21.12
N SER B 27 -31.18 25.33 21.44
CA SER B 27 -30.14 25.06 20.45
C SER B 27 -29.43 23.79 20.88
N GLU B 28 -29.36 22.81 19.99
CA GLU B 28 -28.84 21.49 20.31
C GLU B 28 -27.64 21.10 19.42
N PRO B 29 -26.41 21.28 19.92
CA PRO B 29 -25.27 20.95 19.04
C PRO B 29 -24.99 19.44 18.92
N THR B 30 -24.73 18.99 17.70
CA THR B 30 -24.37 17.58 17.46
C THR B 30 -22.92 17.30 17.85
N SER B 31 -22.18 18.37 18.19
CA SER B 31 -20.77 18.30 18.60
C SER B 31 -19.88 17.70 17.49
N GLY B 32 -18.67 17.28 17.85
CA GLY B 32 -17.74 16.75 16.87
C GLY B 32 -16.51 16.20 17.57
N PRO B 33 -15.54 15.62 16.84
CA PRO B 33 -14.35 15.06 17.50
C PRO B 33 -13.36 16.14 17.97
N PRO B 34 -12.53 15.81 18.97
CA PRO B 34 -11.52 16.81 19.40
C PRO B 34 -10.38 16.93 18.39
N GLY B 35 -9.75 18.10 18.34
CA GLY B 35 -8.64 18.32 17.42
C GLY B 35 -7.28 17.96 18.00
N ASN B 36 -6.90 18.65 19.07
CA ASN B 36 -5.60 18.44 19.74
C ASN B 36 -4.42 18.66 18.75
N ASN B 37 -3.25 18.13 19.07
CA ASN B 37 -2.08 18.26 18.19
C ASN B 37 -1.89 16.97 17.39
N GLY B 38 -1.38 17.09 16.18
CA GLY B 38 -1.11 15.93 15.34
C GLY B 38 0.30 15.41 15.52
N GLY B 39 0.63 14.31 14.85
CA GLY B 39 1.95 13.72 14.96
C GLY B 39 2.77 13.82 13.68
N SER B 40 4.09 13.74 13.82
CA SER B 40 5.01 13.84 12.69
C SER B 40 5.21 12.47 12.05
N LEU B 41 4.35 12.17 11.09
CA LEU B 41 4.42 10.91 10.36
C LEU B 41 4.59 11.22 8.87
N LEU B 42 5.83 11.54 8.52
CA LEU B 42 6.19 11.88 7.14
C LEU B 42 7.64 11.46 6.88
N SER B 43 7.98 11.32 5.62
CA SER B 43 9.33 10.94 5.20
C SER B 43 9.47 11.45 3.78
N VAL B 44 10.69 11.54 3.28
CA VAL B 44 10.95 11.97 1.91
C VAL B 44 11.16 10.74 1.04
N ILE B 45 11.00 10.90 -0.27
CA ILE B 45 11.15 9.80 -1.21
C ILE B 45 12.51 9.94 -1.89
N THR B 46 13.29 8.87 -1.84
CA THR B 46 14.63 8.86 -2.45
C THR B 46 14.76 7.72 -3.45
N GLU B 47 13.68 6.96 -3.55
CA GLU B 47 13.53 5.83 -4.49
C GLU B 47 14.71 4.83 -4.49
N GLY B 48 15.29 4.62 -3.32
CA GLY B 48 16.43 3.72 -3.20
C GLY B 48 16.05 2.26 -3.13
N VAL B 49 14.78 1.99 -2.87
CA VAL B 49 14.26 0.63 -2.75
C VAL B 49 12.76 0.73 -2.98
N GLY B 50 12.15 -0.35 -3.49
CA GLY B 50 10.73 -0.35 -3.80
C GLY B 50 10.52 -0.79 -5.24
N GLU B 51 10.35 -2.09 -5.44
CA GLU B 51 10.22 -2.62 -6.80
C GLU B 51 8.91 -2.22 -7.47
N LEU B 52 8.97 -2.07 -8.77
CA LEU B 52 7.81 -1.69 -9.57
C LEU B 52 7.17 -2.95 -10.16
N SER B 53 5.85 -3.03 -10.01
CA SER B 53 5.03 -4.09 -10.60
C SER B 53 5.44 -5.53 -10.25
N VAL B 54 5.46 -5.84 -8.96
CA VAL B 54 5.67 -7.22 -8.48
C VAL B 54 4.29 -7.97 -8.52
N ILE B 55 3.57 -7.72 -9.60
CA ILE B 55 2.20 -8.19 -9.81
C ILE B 55 2.02 -8.57 -11.27
N ASP B 56 0.85 -9.10 -11.60
CA ASP B 56 0.43 -9.25 -12.99
C ASP B 56 -0.18 -7.90 -13.42
N PRO B 57 0.49 -7.13 -14.28
CA PRO B 57 -0.07 -5.82 -14.58
C PRO B 57 -1.29 -5.83 -15.50
N GLU B 58 -1.48 -6.88 -16.28
CA GLU B 58 -2.58 -6.93 -17.23
C GLU B 58 -3.88 -7.20 -16.49
N VAL B 59 -3.80 -8.11 -15.53
CA VAL B 59 -4.96 -8.43 -14.70
C VAL B 59 -5.28 -7.23 -13.84
N ALA B 60 -4.25 -6.55 -13.37
CA ALA B 60 -4.45 -5.37 -12.54
C ALA B 60 -5.13 -4.26 -13.34
N GLN B 61 -4.75 -4.11 -14.60
CA GLN B 61 -5.38 -3.11 -15.46
C GLN B 61 -6.87 -3.39 -15.63
N LYS B 62 -7.25 -4.65 -15.81
CA LYS B 62 -8.67 -4.99 -15.96
C LYS B 62 -9.40 -4.75 -14.66
N ALA B 63 -8.73 -5.06 -13.56
CA ALA B 63 -9.34 -4.92 -12.25
C ALA B 63 -9.62 -3.45 -11.93
N CYS B 64 -8.66 -2.57 -12.14
CA CYS B 64 -8.86 -1.15 -11.85
C CYS B 64 -9.90 -0.55 -12.80
N GLN B 65 -9.94 -1.05 -14.03
CA GLN B 65 -10.91 -0.59 -15.02
C GLN B 65 -12.32 -0.87 -14.50
N GLU B 66 -12.58 -2.11 -14.11
CA GLU B 66 -13.92 -2.48 -13.64
C GLU B 66 -14.31 -1.74 -12.37
N VAL B 67 -13.36 -1.58 -11.46
CA VAL B 67 -13.63 -0.92 -10.20
C VAL B 67 -14.03 0.54 -10.43
N LEU B 68 -13.29 1.24 -11.26
CA LEU B 68 -13.60 2.63 -11.54
C LEU B 68 -14.99 2.75 -12.19
N GLU B 69 -15.33 1.84 -13.08
CA GLU B 69 -16.67 1.86 -13.69
C GLU B 69 -17.77 1.55 -12.66
N LYS B 70 -17.49 0.67 -11.72
CA LYS B 70 -18.46 0.37 -10.66
C LYS B 70 -18.70 1.59 -9.79
N VAL B 71 -17.63 2.29 -9.43
CA VAL B 71 -17.75 3.48 -8.61
C VAL B 71 -18.46 4.58 -9.38
N LYS B 72 -18.15 4.71 -10.67
CA LYS B 72 -18.84 5.68 -11.53
C LYS B 72 -20.33 5.44 -11.53
N LEU B 73 -20.74 4.18 -11.59
CA LEU B 73 -22.17 3.89 -11.65
C LEU B 73 -22.92 3.99 -10.34
N LEU B 74 -22.30 3.65 -9.22
CA LEU B 74 -22.99 3.76 -7.93
C LEU B 74 -23.18 5.24 -7.59
N HIS B 75 -22.39 6.09 -8.22
CA HIS B 75 -22.50 7.54 -8.11
C HIS B 75 -23.66 8.10 -8.95
N GLY B 76 -24.18 7.29 -9.87
CA GLY B 76 -25.20 7.76 -10.78
C GLY B 76 -24.59 8.48 -11.98
N GLY B 77 -25.43 9.09 -12.80
CA GLY B 77 -24.97 9.72 -14.02
C GLY B 77 -24.13 10.99 -13.88
N VAL B 78 -23.79 11.37 -12.66
CA VAL B 78 -22.97 12.57 -12.44
C VAL B 78 -21.49 12.23 -12.50
N ALA B 79 -21.22 10.94 -12.63
CA ALA B 79 -19.87 10.43 -12.75
C ALA B 79 -19.77 9.65 -14.08
N VAL B 80 -19.52 10.38 -15.16
CA VAL B 80 -19.49 9.76 -16.49
C VAL B 80 -18.36 8.73 -16.63
N MET A 1 5.49 -7.49 7.86
CA MET A 1 5.50 -7.24 6.39
C MET A 1 4.92 -8.42 5.55
N GLN A 2 3.59 -8.55 5.62
CA GLN A 2 2.88 -9.61 4.91
C GLN A 2 2.98 -9.37 3.40
N GLN A 3 2.95 -10.45 2.63
CA GLN A 3 3.05 -10.36 1.18
C GLN A 3 1.99 -9.46 0.54
N LYS A 4 0.82 -9.36 1.14
CA LYS A 4 -0.25 -8.48 0.61
C LYS A 4 0.25 -7.04 0.47
N GLN A 5 1.13 -6.61 1.35
CA GLN A 5 1.64 -5.23 1.29
C GLN A 5 2.36 -4.96 -0.02
N GLN A 6 3.17 -5.90 -0.52
CA GLN A 6 3.90 -5.69 -1.77
C GLN A 6 2.95 -5.62 -2.95
N ILE A 7 1.84 -6.34 -2.87
CA ILE A 7 0.85 -6.32 -3.94
C ILE A 7 0.21 -4.96 -3.96
N MET A 8 -0.28 -4.52 -2.80
CA MET A 8 -0.98 -3.25 -2.76
C MET A 8 -0.06 -2.11 -3.18
N ALA A 9 1.22 -2.17 -2.81
CA ALA A 9 2.17 -1.15 -3.22
C ALA A 9 2.31 -1.14 -4.75
N ALA A 10 2.35 -2.32 -5.36
CA ALA A 10 2.53 -2.40 -6.80
C ALA A 10 1.27 -1.94 -7.51
N LEU A 11 0.12 -2.32 -6.97
CA LEU A 11 -1.17 -1.93 -7.53
C LEU A 11 -1.38 -0.43 -7.44
N ASN A 12 -0.93 0.15 -6.34
CA ASN A 12 -1.08 1.58 -6.10
C ASN A 12 -0.23 2.30 -7.14
N SER A 13 0.93 1.74 -7.45
CA SER A 13 1.86 2.40 -8.37
C SER A 13 1.33 2.49 -9.80
N GLN A 14 0.83 1.39 -10.32
CA GLN A 14 0.37 1.37 -11.71
C GLN A 14 -0.95 2.10 -11.94
N THR A 15 -1.66 2.45 -10.87
CA THR A 15 -2.95 3.13 -11.00
C THR A 15 -2.96 4.44 -10.23
N ALA A 16 -1.79 4.91 -9.84
CA ALA A 16 -1.68 6.12 -9.05
C ALA A 16 -2.34 7.30 -9.76
N VAL A 17 -1.94 7.52 -11.01
CA VAL A 17 -2.47 8.63 -11.78
C VAL A 17 -3.95 8.37 -12.12
N GLN A 18 -4.31 7.12 -12.35
CA GLN A 18 -5.68 6.80 -12.72
C GLN A 18 -6.66 7.14 -11.60
N PHE A 19 -6.29 6.79 -10.38
CA PHE A 19 -7.14 7.05 -9.22
C PHE A 19 -7.12 8.54 -8.90
N GLN A 20 -5.98 9.18 -9.08
CA GLN A 20 -5.86 10.63 -8.86
C GLN A 20 -6.73 11.41 -9.85
N GLN A 21 -6.72 11.00 -11.12
CA GLN A 21 -7.50 11.72 -12.13
C GLN A 21 -8.98 11.57 -11.87
N TYR A 22 -9.43 10.39 -11.50
CA TYR A 22 -10.84 10.21 -11.21
C TYR A 22 -11.23 10.98 -9.96
N ALA A 23 -10.37 11.00 -8.96
CA ALA A 23 -10.66 11.73 -7.74
C ALA A 23 -10.72 13.24 -8.03
N ALA A 24 -9.92 13.70 -8.98
CA ALA A 24 -9.92 15.11 -9.38
C ALA A 24 -11.20 15.45 -10.12
N GLN A 25 -11.79 14.49 -10.84
CA GLN A 25 -13.07 14.74 -11.51
C GLN A 25 -14.19 14.86 -10.51
N GLN A 26 -14.16 14.02 -9.49
CA GLN A 26 -15.27 13.97 -8.56
C GLN A 26 -15.18 15.01 -7.46
N TYR A 27 -13.98 15.27 -6.98
CA TYR A 27 -13.74 16.25 -5.92
C TYR A 27 -12.58 17.16 -6.27
N PRO A 28 -12.74 18.02 -7.29
CA PRO A 28 -11.58 18.84 -7.66
C PRO A 28 -11.15 19.74 -6.53
N GLY A 29 -9.85 19.92 -6.37
CA GLY A 29 -9.30 20.76 -5.31
C GLY A 29 -9.31 20.16 -3.90
N ASN A 30 -10.19 19.23 -3.61
CA ASN A 30 -10.34 18.79 -2.23
C ASN A 30 -9.49 17.57 -1.91
N TYR A 31 -8.25 17.82 -1.49
CA TYR A 31 -7.30 16.74 -1.15
C TYR A 31 -7.93 15.68 -0.26
N GLU A 32 -8.53 16.06 0.85
CA GLU A 32 -9.06 15.05 1.78
C GLU A 32 -10.10 14.15 1.10
N GLN A 33 -11.06 14.75 0.41
CA GLN A 33 -12.09 14.00 -0.28
C GLN A 33 -11.49 13.12 -1.38
N GLN A 34 -10.41 13.59 -2.00
CA GLN A 34 -9.73 12.81 -3.01
C GLN A 34 -9.11 11.57 -2.39
N GLN A 35 -8.45 11.69 -1.24
CA GLN A 35 -7.80 10.52 -0.64
C GLN A 35 -8.85 9.52 -0.20
N ILE A 36 -9.97 10.00 0.31
CA ILE A 36 -11.06 9.11 0.72
C ILE A 36 -11.59 8.32 -0.48
N LEU A 37 -11.64 8.93 -1.66
CA LEU A 37 -12.07 8.18 -2.82
C LEU A 37 -10.98 7.21 -3.28
N ILE A 38 -9.73 7.67 -3.26
CA ILE A 38 -8.60 6.85 -3.66
C ILE A 38 -8.48 5.63 -2.74
N ARG A 39 -8.71 5.78 -1.45
CA ARG A 39 -8.53 4.65 -0.53
C ARG A 39 -9.50 3.52 -0.82
N GLN A 40 -10.71 3.89 -1.21
CA GLN A 40 -11.74 2.91 -1.58
C GLN A 40 -11.34 2.22 -2.86
N LEU A 41 -10.82 2.99 -3.80
CA LEU A 41 -10.40 2.47 -5.09
C LEU A 41 -9.23 1.50 -4.93
N GLN A 42 -8.31 1.79 -4.04
CA GLN A 42 -7.15 0.91 -3.83
C GLN A 42 -7.58 -0.42 -3.24
N GLU A 43 -8.52 -0.40 -2.30
CA GLU A 43 -9.02 -1.64 -1.69
C GLU A 43 -9.75 -2.47 -2.72
N GLN A 44 -10.72 -1.87 -3.39
CA GLN A 44 -11.53 -2.58 -4.37
C GLN A 44 -10.63 -3.09 -5.51
N HIS A 45 -9.63 -2.31 -5.89
CA HIS A 45 -8.69 -2.73 -6.94
C HIS A 45 -7.98 -3.98 -6.52
N TYR A 46 -7.53 -4.05 -5.28
CA TYR A 46 -6.87 -5.27 -4.78
C TYR A 46 -7.84 -6.43 -4.75
N GLN A 47 -9.04 -6.22 -4.24
CA GLN A 47 -10.01 -7.30 -4.12
C GLN A 47 -10.34 -7.88 -5.49
N GLN A 48 -10.64 -7.02 -6.45
CA GLN A 48 -10.97 -7.48 -7.80
C GLN A 48 -9.76 -8.15 -8.46
N TYR A 49 -8.58 -7.58 -8.31
CA TYR A 49 -7.37 -8.16 -8.90
C TYR A 49 -7.11 -9.54 -8.33
N MET A 50 -7.17 -9.66 -7.01
CA MET A 50 -6.85 -10.93 -6.38
C MET A 50 -7.87 -11.99 -6.73
N GLN A 51 -9.14 -11.65 -6.74
CA GLN A 51 -10.17 -12.64 -7.10
C GLN A 51 -10.03 -13.03 -8.57
N GLN A 52 -9.74 -12.07 -9.43
CA GLN A 52 -9.63 -12.38 -10.84
C GLN A 52 -8.37 -13.19 -11.13
N LEU A 53 -7.27 -12.83 -10.49
CA LEU A 53 -6.00 -13.56 -10.65
C LEU A 53 -6.18 -14.98 -10.14
N TYR A 54 -6.91 -15.15 -9.06
CA TYR A 54 -7.15 -16.47 -8.51
C TYR A 54 -7.89 -17.32 -9.53
N GLN A 55 -8.83 -16.74 -10.25
CA GLN A 55 -9.56 -17.48 -11.28
C GLN A 55 -8.66 -17.85 -12.46
N VAL A 56 -7.65 -17.03 -12.75
CA VAL A 56 -6.76 -17.33 -13.87
C VAL A 56 -5.85 -18.52 -13.54
N GLN A 57 -5.23 -18.49 -12.37
CA GLN A 57 -4.34 -19.59 -11.97
C GLN A 57 -5.17 -20.86 -11.71
N LEU A 58 -6.43 -20.66 -11.32
CA LEU A 58 -7.36 -21.78 -11.15
C LEU A 58 -7.68 -22.41 -12.50
N ALA A 59 -7.86 -21.59 -13.54
CA ALA A 59 -8.14 -22.13 -14.87
C ALA A 59 -6.94 -23.00 -15.31
N GLN A 60 -5.74 -22.56 -14.98
CA GLN A 60 -4.54 -23.33 -15.30
C GLN A 60 -4.45 -24.60 -14.44
N GLN A 61 -4.95 -24.55 -13.22
CA GLN A 61 -4.98 -25.74 -12.36
C GLN A 61 -5.91 -26.79 -12.97
N GLN A 62 -7.06 -26.34 -13.48
CA GLN A 62 -7.99 -27.25 -14.14
C GLN A 62 -7.40 -27.82 -15.41
N ALA A 63 -6.60 -27.00 -16.10
CA ALA A 63 -5.89 -27.43 -17.32
C ALA A 63 -4.76 -28.43 -17.00
N ALA A 64 -4.31 -28.47 -15.76
CA ALA A 64 -3.34 -29.49 -15.34
C ALA A 64 -4.10 -30.80 -15.02
N LEU A 65 -5.23 -30.66 -14.35
CA LEU A 65 -6.05 -31.80 -13.93
C LEU A 65 -6.63 -32.57 -15.12
N GLN A 66 -7.25 -31.83 -16.03
CA GLN A 66 -7.86 -32.38 -17.27
C GLN A 66 -8.82 -33.54 -17.05
N LYS A 67 -9.48 -33.56 -15.90
CA LYS A 67 -10.40 -34.64 -15.55
C LYS A 67 -11.70 -34.05 -15.02
N GLN A 68 -12.01 -32.85 -15.49
CA GLN A 68 -13.16 -32.10 -15.03
C GLN A 68 -13.89 -31.61 -16.27
N GLN A 69 -15.08 -32.14 -16.49
CA GLN A 69 -15.84 -31.80 -17.69
C GLN A 69 -16.36 -30.36 -17.60
N GLY B 1 -9.39 29.97 -22.40
CA GLY B 1 -10.68 29.35 -22.85
C GLY B 1 -11.72 30.30 -23.41
N ALA B 2 -11.26 31.54 -23.64
CA ALA B 2 -12.06 32.61 -24.20
C ALA B 2 -11.23 33.34 -25.25
N MET B 3 -11.91 33.96 -26.22
CA MET B 3 -11.25 34.67 -27.31
C MET B 3 -12.26 35.64 -27.90
N VAL B 4 -11.77 36.70 -28.57
CA VAL B 4 -12.60 37.76 -29.20
C VAL B 4 -13.34 38.58 -28.11
N GLU B 5 -13.79 39.78 -28.48
CA GLU B 5 -14.46 40.74 -27.56
C GLU B 5 -13.68 41.01 -26.26
N ALA B 6 -12.37 41.00 -26.37
CA ALA B 6 -11.48 41.18 -25.23
C ALA B 6 -10.81 42.56 -25.25
N ARG B 7 -11.51 43.57 -25.76
CA ARG B 7 -10.93 44.92 -25.85
C ARG B 7 -12.00 46.02 -25.89
N SER B 8 -11.58 47.22 -25.54
CA SER B 8 -12.40 48.42 -25.64
C SER B 8 -11.66 49.37 -26.56
N LEU B 9 -12.26 50.51 -26.87
CA LEU B 9 -11.66 51.50 -27.74
C LEU B 9 -11.78 52.88 -27.09
N ALA B 10 -10.76 53.71 -27.24
CA ALA B 10 -10.78 55.07 -26.71
C ALA B 10 -10.38 56.00 -27.87
N VAL B 11 -11.23 56.96 -28.19
CA VAL B 11 -11.00 57.93 -29.24
C VAL B 11 -11.62 59.20 -28.70
N ALA B 12 -10.98 60.30 -29.01
CA ALA B 12 -11.47 61.61 -28.61
C ALA B 12 -12.42 62.12 -29.69
N MET B 13 -13.35 62.99 -29.30
CA MET B 13 -14.31 63.60 -30.21
C MET B 13 -14.36 65.08 -29.87
N GLY B 14 -15.00 65.88 -30.72
CA GLY B 14 -15.07 67.31 -30.45
C GLY B 14 -16.02 67.59 -29.32
N ASP B 15 -15.80 68.71 -28.63
CA ASP B 15 -16.62 69.11 -27.52
C ASP B 15 -16.89 70.60 -27.68
N THR B 16 -18.10 70.87 -28.13
CA THR B 16 -18.56 72.23 -28.39
C THR B 16 -19.40 72.77 -27.22
N VAL B 17 -19.40 72.08 -26.08
CA VAL B 17 -20.13 72.57 -24.91
C VAL B 17 -19.27 73.68 -24.29
N VAL B 18 -19.90 74.60 -23.55
CA VAL B 18 -19.19 75.71 -22.96
C VAL B 18 -19.26 75.68 -21.42
N GLU B 19 -18.19 75.09 -20.84
CA GLU B 19 -17.92 74.95 -19.37
C GLU B 19 -18.46 73.77 -18.53
N PRO B 20 -19.64 73.16 -18.84
CA PRO B 20 -19.98 72.04 -17.93
C PRO B 20 -19.22 70.72 -18.24
N ALA B 21 -17.96 70.66 -17.82
CA ALA B 21 -17.11 69.51 -18.07
C ALA B 21 -16.41 69.06 -16.77
N PRO B 22 -16.01 67.77 -16.69
CA PRO B 22 -15.23 67.36 -15.52
C PRO B 22 -13.79 67.86 -15.60
N LEU B 23 -13.11 67.94 -14.47
CA LEU B 23 -11.73 68.44 -14.44
C LEU B 23 -10.68 67.33 -14.24
N LYS B 24 -9.42 67.77 -14.28
CA LYS B 24 -8.19 66.94 -14.29
C LYS B 24 -8.17 65.48 -13.74
N PRO B 25 -8.62 65.21 -12.50
CA PRO B 25 -8.42 63.80 -12.12
C PRO B 25 -9.32 62.79 -12.82
N THR B 26 -10.55 63.20 -13.14
CA THR B 26 -11.53 62.42 -13.91
C THR B 26 -11.65 60.90 -13.66
N SER B 27 -11.34 60.44 -12.45
CA SER B 27 -11.41 59.01 -12.14
C SER B 27 -11.51 58.76 -10.63
N GLU B 28 -12.02 57.59 -10.27
CA GLU B 28 -12.17 57.17 -8.87
C GLU B 28 -11.61 55.75 -8.68
N PRO B 29 -10.26 55.60 -8.59
CA PRO B 29 -9.72 54.24 -8.50
C PRO B 29 -9.87 53.57 -7.11
N THR B 30 -10.10 52.25 -7.12
CA THR B 30 -10.35 51.48 -5.89
C THR B 30 -9.50 50.20 -5.79
N SER B 31 -8.38 50.17 -6.49
CA SER B 31 -7.54 48.97 -6.52
C SER B 31 -6.74 48.77 -5.23
N GLY B 32 -6.39 47.52 -4.94
CA GLY B 32 -5.61 47.22 -3.74
C GLY B 32 -5.02 45.81 -3.82
N PRO B 33 -4.19 45.40 -2.85
CA PRO B 33 -3.53 44.08 -2.89
C PRO B 33 -4.43 42.89 -2.50
N PRO B 34 -4.07 41.66 -2.94
CA PRO B 34 -4.88 40.51 -2.49
C PRO B 34 -4.55 40.13 -1.03
N GLY B 35 -5.46 39.40 -0.39
CA GLY B 35 -5.25 38.98 0.98
C GLY B 35 -4.82 37.52 1.10
N ASN B 36 -4.05 37.24 2.16
CA ASN B 36 -3.59 35.90 2.51
C ASN B 36 -2.94 35.11 1.35
N ASN B 37 -2.16 35.81 0.54
CA ASN B 37 -1.50 35.19 -0.60
C ASN B 37 -0.32 34.31 -0.17
N GLY B 38 -0.24 33.10 -0.71
CA GLY B 38 0.87 32.21 -0.39
C GLY B 38 0.61 31.38 0.85
N GLY B 39 1.63 31.18 1.67
CA GLY B 39 1.45 30.45 2.92
C GLY B 39 1.55 28.95 2.82
N SER B 40 1.80 28.40 1.64
CA SER B 40 1.91 26.95 1.48
C SER B 40 3.14 26.58 0.66
N LEU B 41 4.16 26.07 1.34
CA LEU B 41 5.39 25.59 0.71
C LEU B 41 5.95 24.42 1.52
N LEU B 42 5.48 23.22 1.26
CA LEU B 42 5.91 22.04 1.99
C LEU B 42 5.78 20.78 1.13
N SER B 43 6.69 19.84 1.34
CA SER B 43 6.72 18.56 0.62
C SER B 43 7.59 17.64 1.48
N VAL B 44 7.47 16.34 1.31
CA VAL B 44 8.28 15.39 2.08
C VAL B 44 8.90 14.40 1.10
N ILE B 45 10.21 14.21 1.21
CA ILE B 45 10.96 13.27 0.36
C ILE B 45 10.70 11.87 0.87
N THR B 46 10.41 10.92 -0.02
CA THR B 46 10.10 9.56 0.38
C THR B 46 11.26 8.61 0.19
N GLU B 47 12.08 8.98 -0.78
CA GLU B 47 13.28 8.24 -1.19
C GLU B 47 13.09 6.71 -1.27
N GLY B 48 11.90 6.30 -1.71
CA GLY B 48 11.56 4.89 -1.81
C GLY B 48 10.79 4.61 -3.08
N VAL B 49 11.45 4.75 -4.21
CA VAL B 49 10.82 4.52 -5.52
C VAL B 49 11.83 3.97 -6.57
N GLY B 50 11.40 2.97 -7.33
CA GLY B 50 12.22 2.40 -8.38
C GLY B 50 12.14 0.88 -8.44
N GLU B 51 10.96 0.35 -8.16
CA GLU B 51 10.76 -1.08 -7.99
C GLU B 51 10.33 -1.83 -9.26
N LEU B 52 10.49 -3.15 -9.21
CA LEU B 52 10.04 -4.03 -10.28
C LEU B 52 8.56 -4.41 -10.10
N SER B 53 7.92 -4.85 -11.17
CA SER B 53 6.53 -5.29 -11.14
C SER B 53 6.42 -6.71 -10.61
N VAL B 54 6.25 -6.82 -9.31
CA VAL B 54 6.03 -8.08 -8.60
C VAL B 54 4.58 -8.62 -8.82
N ILE B 55 3.81 -7.94 -9.67
CA ILE B 55 2.41 -8.30 -9.93
C ILE B 55 2.22 -8.56 -11.42
N ASP B 56 1.08 -9.15 -11.75
CA ASP B 56 0.66 -9.30 -13.14
C ASP B 56 -0.09 -8.02 -13.52
N PRO B 57 0.52 -7.17 -14.37
CA PRO B 57 -0.20 -5.91 -14.59
C PRO B 57 -1.41 -6.06 -15.49
N GLU B 58 -1.46 -7.15 -16.24
CA GLU B 58 -2.51 -7.40 -17.21
C GLU B 58 -3.88 -7.52 -16.54
N VAL B 59 -3.97 -8.39 -15.54
CA VAL B 59 -5.22 -8.57 -14.80
C VAL B 59 -5.47 -7.33 -13.96
N ALA B 60 -4.41 -6.74 -13.44
CA ALA B 60 -4.55 -5.58 -12.57
C ALA B 60 -5.17 -4.39 -13.31
N GLN B 61 -4.80 -4.20 -14.57
CA GLN B 61 -5.37 -3.12 -15.37
C GLN B 61 -6.87 -3.31 -15.56
N LYS B 62 -7.29 -4.52 -15.91
CA LYS B 62 -8.72 -4.81 -16.09
C LYS B 62 -9.46 -4.63 -14.77
N ALA B 63 -8.85 -5.07 -13.70
CA ALA B 63 -9.43 -4.94 -12.38
C ALA B 63 -9.70 -3.47 -12.00
N CYS B 64 -8.76 -2.57 -12.26
CA CYS B 64 -8.96 -1.17 -11.89
C CYS B 64 -9.98 -0.51 -12.80
N GLN B 65 -10.03 -0.91 -14.06
CA GLN B 65 -10.96 -0.33 -15.02
C GLN B 65 -12.39 -0.65 -14.61
N GLU B 66 -12.67 -1.89 -14.23
CA GLU B 66 -14.02 -2.23 -13.81
C GLU B 66 -14.40 -1.50 -12.53
N VAL B 67 -13.48 -1.40 -11.58
CA VAL B 67 -13.74 -0.68 -10.31
C VAL B 67 -14.11 0.78 -10.61
N LEU B 68 -13.42 1.40 -11.54
CA LEU B 68 -13.71 2.79 -11.91
C LEU B 68 -15.11 2.92 -12.52
N GLU B 69 -15.57 1.94 -13.25
CA GLU B 69 -16.93 2.00 -13.77
C GLU B 69 -17.98 1.77 -12.65
N LYS B 70 -17.72 0.84 -11.74
CA LYS B 70 -18.69 0.53 -10.67
C LYS B 70 -18.88 1.78 -9.79
N VAL B 71 -17.77 2.41 -9.43
CA VAL B 71 -17.84 3.59 -8.55
C VAL B 71 -18.50 4.77 -9.26
N LYS B 72 -18.42 4.82 -10.57
CA LYS B 72 -19.08 5.89 -11.33
C LYS B 72 -20.57 5.68 -11.30
N LEU B 73 -21.01 4.43 -11.47
CA LEU B 73 -22.44 4.13 -11.49
C LEU B 73 -23.12 4.18 -10.12
N LEU B 74 -22.39 3.89 -9.05
CA LEU B 74 -22.98 3.94 -7.70
C LEU B 74 -23.35 5.38 -7.34
N HIS B 75 -22.79 6.33 -8.07
CA HIS B 75 -23.09 7.75 -7.90
C HIS B 75 -24.40 8.14 -8.55
N GLY B 76 -24.95 7.25 -9.36
CA GLY B 76 -26.16 7.55 -10.12
C GLY B 76 -25.92 7.34 -11.60
N GLY B 77 -26.97 7.47 -12.39
CA GLY B 77 -26.87 7.24 -13.82
C GLY B 77 -26.87 8.49 -14.67
N VAL B 78 -27.94 9.28 -14.56
CA VAL B 78 -28.14 10.46 -15.41
C VAL B 78 -28.01 11.77 -14.64
N ALA B 79 -27.58 11.68 -13.40
CA ALA B 79 -27.41 12.86 -12.56
C ALA B 79 -26.06 13.54 -12.89
N VAL B 80 -26.03 14.26 -14.02
CA VAL B 80 -24.82 14.94 -14.52
C VAL B 80 -24.83 16.47 -14.29
N MET A 1 1.84 -13.68 5.40
CA MET A 1 0.70 -12.97 6.08
C MET A 1 0.52 -11.50 5.62
N GLN A 2 1.62 -10.74 5.69
CA GLN A 2 1.65 -9.32 5.31
C GLN A 2 1.86 -9.19 3.80
N GLN A 3 1.84 -10.32 3.11
CA GLN A 3 2.07 -10.37 1.66
C GLN A 3 1.13 -9.48 0.85
N LYS A 4 -0.07 -9.21 1.35
CA LYS A 4 -0.99 -8.30 0.66
C LYS A 4 -0.41 -6.89 0.51
N GLN A 5 0.40 -6.44 1.48
CA GLN A 5 0.93 -5.07 1.45
C GLN A 5 1.75 -4.79 0.19
N GLN A 6 2.65 -5.69 -0.17
CA GLN A 6 3.48 -5.49 -1.35
C GLN A 6 2.63 -5.49 -2.63
N ILE A 7 1.54 -6.26 -2.64
CA ILE A 7 0.66 -6.28 -3.80
C ILE A 7 0.01 -4.92 -3.92
N MET A 8 -0.58 -4.45 -2.83
CA MET A 8 -1.28 -3.17 -2.88
C MET A 8 -0.35 -2.06 -3.30
N ALA A 9 0.87 -2.06 -2.80
CA ALA A 9 1.85 -1.06 -3.18
C ALA A 9 2.13 -1.12 -4.69
N ALA A 10 2.21 -2.32 -5.24
CA ALA A 10 2.52 -2.49 -6.65
C ALA A 10 1.32 -2.06 -7.51
N LEU A 11 0.12 -2.38 -7.05
CA LEU A 11 -1.09 -1.99 -7.75
C LEU A 11 -1.24 -0.49 -7.71
N ASN A 12 -0.91 0.09 -6.58
CA ASN A 12 -1.02 1.53 -6.38
C ASN A 12 -0.11 2.24 -7.36
N SER A 13 1.05 1.67 -7.66
CA SER A 13 1.97 2.28 -8.61
C SER A 13 1.33 2.44 -10.00
N GLN A 14 0.73 1.40 -10.53
CA GLN A 14 0.19 1.46 -11.90
C GLN A 14 -1.19 2.14 -11.97
N THR A 15 -1.78 2.43 -10.82
CA THR A 15 -3.10 3.07 -10.80
C THR A 15 -3.05 4.43 -10.13
N ALA A 16 -1.85 4.87 -9.77
CA ALA A 16 -1.69 6.14 -9.06
C ALA A 16 -2.33 7.29 -9.83
N VAL A 17 -1.92 7.46 -11.08
CA VAL A 17 -2.44 8.57 -11.89
C VAL A 17 -3.90 8.33 -12.24
N GLN A 18 -4.31 7.08 -12.39
CA GLN A 18 -5.69 6.77 -12.78
C GLN A 18 -6.66 7.16 -11.67
N PHE A 19 -6.34 6.76 -10.45
CA PHE A 19 -7.20 7.05 -9.32
C PHE A 19 -7.14 8.54 -8.98
N GLN A 20 -5.98 9.15 -9.19
CA GLN A 20 -5.83 10.59 -8.97
C GLN A 20 -6.69 11.37 -9.96
N GLN A 21 -6.69 10.98 -11.22
CA GLN A 21 -7.48 11.69 -12.22
C GLN A 21 -8.96 11.58 -11.92
N TYR A 22 -9.43 10.40 -11.56
CA TYR A 22 -10.84 10.23 -11.24
C TYR A 22 -11.22 10.99 -9.97
N ALA A 23 -10.38 10.93 -8.95
CA ALA A 23 -10.66 11.63 -7.71
C ALA A 23 -10.66 13.14 -7.93
N ALA A 24 -9.83 13.61 -8.84
CA ALA A 24 -9.77 15.03 -9.19
C ALA A 24 -11.05 15.42 -9.92
N GLN A 25 -11.58 14.51 -10.70
CA GLN A 25 -12.78 14.79 -11.47
C GLN A 25 -14.00 14.89 -10.56
N GLN A 26 -14.04 14.05 -9.53
CA GLN A 26 -15.16 14.05 -8.59
C GLN A 26 -15.03 15.11 -7.50
N TYR A 27 -13.81 15.29 -7.00
CA TYR A 27 -13.56 16.23 -5.91
C TYR A 27 -12.38 17.14 -6.25
N PRO A 28 -12.56 18.01 -7.26
CA PRO A 28 -11.38 18.81 -7.63
C PRO A 28 -10.92 19.74 -6.52
N GLY A 29 -9.62 19.81 -6.33
CA GLY A 29 -9.05 20.66 -5.29
C GLY A 29 -9.14 20.11 -3.87
N ASN A 30 -10.09 19.23 -3.59
CA ASN A 30 -10.30 18.76 -2.23
C ASN A 30 -9.46 17.52 -1.97
N TYR A 31 -8.21 17.73 -1.57
CA TYR A 31 -7.26 16.64 -1.39
C TYR A 31 -7.74 15.58 -0.39
N GLU A 32 -8.46 15.97 0.65
CA GLU A 32 -8.88 14.99 1.66
C GLU A 32 -9.97 14.10 1.09
N GLN A 33 -10.93 14.70 0.41
CA GLN A 33 -11.97 13.93 -0.27
C GLN A 33 -11.39 13.06 -1.36
N GLN A 34 -10.38 13.58 -2.05
CA GLN A 34 -9.69 12.81 -3.07
C GLN A 34 -9.04 11.58 -2.44
N GLN A 35 -8.37 11.76 -1.32
CA GLN A 35 -7.70 10.66 -0.64
C GLN A 35 -8.70 9.60 -0.23
N ILE A 36 -9.83 10.02 0.31
CA ILE A 36 -10.86 9.08 0.77
C ILE A 36 -11.36 8.23 -0.41
N LEU A 37 -11.60 8.84 -1.56
CA LEU A 37 -12.05 8.10 -2.72
C LEU A 37 -10.95 7.17 -3.23
N ILE A 38 -9.71 7.65 -3.26
CA ILE A 38 -8.58 6.84 -3.69
C ILE A 38 -8.44 5.62 -2.78
N ARG A 39 -8.62 5.79 -1.48
CA ARG A 39 -8.51 4.66 -0.53
C ARG A 39 -9.51 3.55 -0.85
N GLN A 40 -10.73 3.95 -1.18
CA GLN A 40 -11.76 2.98 -1.54
C GLN A 40 -11.36 2.25 -2.82
N LEU A 41 -10.87 3.02 -3.77
CA LEU A 41 -10.48 2.47 -5.08
C LEU A 41 -9.31 1.51 -4.93
N GLN A 42 -8.35 1.82 -4.08
CA GLN A 42 -7.17 0.98 -3.90
C GLN A 42 -7.52 -0.39 -3.34
N GLU A 43 -8.42 -0.45 -2.37
CA GLU A 43 -8.79 -1.72 -1.80
C GLU A 43 -9.69 -2.50 -2.76
N GLN A 44 -10.68 -1.83 -3.34
CA GLN A 44 -11.58 -2.53 -4.27
C GLN A 44 -10.78 -3.09 -5.44
N HIS A 45 -9.79 -2.33 -5.89
CA HIS A 45 -8.91 -2.78 -6.97
C HIS A 45 -8.18 -4.03 -6.53
N TYR A 46 -7.56 -4.02 -5.37
CA TYR A 46 -6.86 -5.20 -4.89
C TYR A 46 -7.79 -6.41 -4.77
N GLN A 47 -8.98 -6.22 -4.23
CA GLN A 47 -9.89 -7.34 -4.03
C GLN A 47 -10.29 -7.95 -5.38
N GLN A 48 -10.64 -7.12 -6.35
CA GLN A 48 -11.01 -7.63 -7.68
C GLN A 48 -9.79 -8.19 -8.40
N TYR A 49 -8.64 -7.56 -8.23
CA TYR A 49 -7.40 -8.05 -8.84
C TYR A 49 -7.07 -9.42 -8.32
N MET A 50 -7.12 -9.61 -7.01
CA MET A 50 -6.77 -10.89 -6.42
C MET A 50 -7.78 -11.96 -6.83
N GLN A 51 -9.05 -11.60 -6.87
CA GLN A 51 -10.09 -12.53 -7.29
C GLN A 51 -9.82 -12.96 -8.74
N GLN A 52 -9.57 -11.99 -9.61
CA GLN A 52 -9.38 -12.28 -11.02
C GLN A 52 -8.08 -13.02 -11.28
N LEU A 53 -7.00 -12.59 -10.63
CA LEU A 53 -5.69 -13.23 -10.78
C LEU A 53 -5.77 -14.67 -10.34
N TYR A 54 -6.51 -14.90 -9.28
CA TYR A 54 -6.64 -16.25 -8.76
C TYR A 54 -7.25 -17.12 -9.85
N GLN A 55 -8.27 -16.64 -10.54
CA GLN A 55 -8.88 -17.42 -11.61
C GLN A 55 -7.90 -17.70 -12.75
N VAL A 56 -7.01 -16.76 -13.04
CA VAL A 56 -6.04 -16.96 -14.13
C VAL A 56 -5.02 -18.03 -13.77
N GLN A 57 -4.41 -17.92 -12.60
CA GLN A 57 -3.38 -18.88 -12.20
C GLN A 57 -4.01 -20.24 -11.92
N LEU A 58 -5.25 -20.23 -11.48
CA LEU A 58 -6.01 -21.45 -11.24
C LEU A 58 -6.30 -22.14 -12.56
N ALA A 59 -6.73 -21.37 -13.55
CA ALA A 59 -6.96 -21.94 -14.88
C ALA A 59 -5.71 -22.64 -15.40
N GLN A 60 -4.54 -22.02 -15.22
CA GLN A 60 -3.29 -22.66 -15.63
C GLN A 60 -2.99 -23.90 -14.78
N GLN A 61 -3.27 -23.81 -13.49
CA GLN A 61 -3.06 -24.93 -12.57
C GLN A 61 -3.91 -26.14 -12.98
N GLN A 62 -5.16 -25.90 -13.36
CA GLN A 62 -6.05 -26.97 -13.76
C GLN A 62 -5.64 -27.54 -15.12
N ALA A 63 -5.16 -26.69 -16.01
CA ALA A 63 -4.71 -27.14 -17.33
C ALA A 63 -3.46 -28.01 -17.21
N ALA A 64 -2.63 -27.73 -16.22
CA ALA A 64 -1.43 -28.52 -15.96
C ALA A 64 -1.78 -29.88 -15.34
N LEU A 65 -2.92 -29.96 -14.69
CA LEU A 65 -3.33 -31.19 -13.99
C LEU A 65 -4.27 -32.07 -14.79
N GLN A 66 -5.40 -31.50 -15.22
CA GLN A 66 -6.47 -32.21 -15.93
C GLN A 66 -6.90 -33.51 -15.24
N LYS A 67 -6.76 -33.55 -13.92
CA LYS A 67 -7.03 -34.75 -13.13
C LYS A 67 -8.07 -34.49 -12.04
N GLN A 68 -9.19 -33.92 -12.47
CA GLN A 68 -10.29 -33.57 -11.57
C GLN A 68 -9.78 -32.79 -10.35
N GLN A 69 -8.97 -31.78 -10.62
CA GLN A 69 -8.33 -30.96 -9.60
C GLN A 69 -8.45 -29.47 -9.90
N GLY B 1 -11.73 -10.44 45.81
CA GLY B 1 -12.65 -9.97 46.88
C GLY B 1 -12.79 -8.45 46.99
N ALA B 2 -13.79 -8.02 47.76
CA ALA B 2 -14.08 -6.58 47.93
C ALA B 2 -12.98 -5.86 48.72
N MET B 3 -12.31 -6.60 49.60
CA MET B 3 -11.26 -6.08 50.49
C MET B 3 -11.87 -5.07 51.49
N VAL B 4 -11.02 -4.54 52.37
CA VAL B 4 -11.39 -3.53 53.40
C VAL B 4 -12.35 -4.05 54.51
N GLU B 5 -12.09 -3.60 55.73
CA GLU B 5 -12.95 -3.85 56.92
C GLU B 5 -13.36 -5.31 57.22
N ALA B 6 -12.60 -6.26 56.70
CA ALA B 6 -12.90 -7.68 56.88
C ALA B 6 -12.48 -8.25 58.26
N ARG B 7 -12.14 -7.36 59.19
CA ARG B 7 -11.68 -7.75 60.53
C ARG B 7 -12.07 -6.68 61.55
N SER B 8 -11.93 -7.03 62.83
CA SER B 8 -12.12 -6.12 63.96
C SER B 8 -13.51 -5.53 64.12
N LEU B 9 -14.50 -6.21 63.56
CA LEU B 9 -15.90 -5.80 63.64
C LEU B 9 -16.60 -6.38 64.88
N ALA B 10 -15.82 -6.94 65.79
CA ALA B 10 -16.36 -7.58 66.99
C ALA B 10 -15.58 -7.15 68.24
N VAL B 11 -16.24 -6.38 69.11
CA VAL B 11 -15.67 -5.94 70.38
C VAL B 11 -16.78 -6.07 71.42
N ALA B 12 -16.54 -6.90 72.41
CA ALA B 12 -17.53 -7.18 73.45
C ALA B 12 -17.55 -6.10 74.54
N MET B 13 -16.43 -5.41 74.69
CA MET B 13 -16.27 -4.38 75.72
C MET B 13 -15.52 -3.19 75.11
N GLY B 14 -15.49 -2.08 75.84
CA GLY B 14 -14.76 -0.90 75.41
C GLY B 14 -13.38 -0.87 76.05
N ASP B 15 -12.88 0.34 76.30
CA ASP B 15 -11.57 0.56 76.94
C ASP B 15 -10.41 -0.10 76.19
N THR B 16 -10.18 0.38 74.98
CA THR B 16 -9.19 -0.20 74.08
C THR B 16 -7.82 0.49 74.19
N VAL B 17 -7.51 1.03 75.35
CA VAL B 17 -6.24 1.73 75.55
C VAL B 17 -5.50 1.14 76.76
N VAL B 18 -4.21 0.88 76.60
CA VAL B 18 -3.41 0.28 77.67
C VAL B 18 -2.13 1.10 77.86
N GLU B 19 -2.22 2.11 78.72
CA GLU B 19 -1.09 3.00 79.00
C GLU B 19 0.19 2.29 79.53
N PRO B 20 0.08 1.34 80.49
CA PRO B 20 1.34 0.77 81.00
C PRO B 20 1.98 -0.33 80.13
N ALA B 21 1.66 -0.38 78.83
CA ALA B 21 2.22 -1.41 77.96
C ALA B 21 3.28 -0.84 77.00
N PRO B 22 4.55 -1.31 77.10
CA PRO B 22 5.48 -0.86 76.07
C PRO B 22 5.13 -1.48 74.72
N LEU B 23 5.36 -0.74 73.63
CA LEU B 23 4.96 -1.20 72.30
C LEU B 23 5.86 -0.66 71.20
N LYS B 24 5.57 -1.13 69.98
CA LYS B 24 6.17 -0.73 68.68
C LYS B 24 7.39 -1.47 68.11
N PRO B 25 8.34 -2.02 68.92
CA PRO B 25 9.33 -2.77 68.14
C PRO B 25 8.77 -4.09 67.62
N THR B 26 8.94 -4.37 66.34
CA THR B 26 8.43 -5.58 65.72
C THR B 26 9.45 -6.07 64.70
N SER B 27 9.24 -7.27 64.18
CA SER B 27 10.07 -7.81 63.11
C SER B 27 9.14 -8.39 62.07
N GLU B 28 9.16 -7.84 60.87
CA GLU B 28 8.27 -8.29 59.80
C GLU B 28 9.03 -8.34 58.47
N PRO B 29 9.26 -9.55 57.93
CA PRO B 29 10.00 -9.57 56.66
C PRO B 29 9.13 -9.12 55.48
N THR B 30 9.67 -8.23 54.66
CA THR B 30 8.95 -7.74 53.47
C THR B 30 9.89 -7.83 52.28
N SER B 31 9.33 -8.16 51.12
CA SER B 31 10.10 -8.32 49.88
C SER B 31 9.09 -8.27 48.74
N GLY B 32 9.56 -8.24 47.50
CA GLY B 32 8.67 -8.32 46.36
C GLY B 32 9.42 -8.85 45.16
N PRO B 33 8.73 -9.39 44.14
CA PRO B 33 9.47 -9.96 43.00
C PRO B 33 10.01 -8.91 42.02
N PRO B 34 11.14 -9.20 41.35
CA PRO B 34 11.61 -8.23 40.35
C PRO B 34 10.82 -8.32 39.04
N GLY B 35 10.89 -7.28 38.23
CA GLY B 35 10.23 -7.30 36.94
C GLY B 35 10.51 -6.01 36.18
N ASN B 36 10.38 -6.04 34.87
CA ASN B 36 10.60 -4.87 34.01
C ASN B 36 9.97 -5.20 32.67
N ASN B 37 9.91 -4.21 31.77
CA ASN B 37 9.40 -4.41 30.42
C ASN B 37 10.16 -3.45 29.51
N GLY B 38 10.20 -3.74 28.21
CA GLY B 38 10.91 -2.87 27.28
C GLY B 38 11.30 -3.67 26.06
N GLY B 39 12.23 -3.13 25.26
CA GLY B 39 12.70 -3.83 24.07
C GLY B 39 11.74 -3.65 22.91
N SER B 40 11.67 -4.67 22.06
CA SER B 40 10.80 -4.69 20.87
C SER B 40 10.99 -3.50 19.93
N LEU B 41 12.25 -3.07 19.78
CA LEU B 41 12.59 -1.95 18.91
C LEU B 41 13.79 -2.36 18.05
N LEU B 42 13.49 -3.04 16.96
CA LEU B 42 14.50 -3.50 16.00
C LEU B 42 13.81 -3.68 14.66
N SER B 43 14.57 -3.65 13.57
CA SER B 43 14.04 -3.83 12.24
C SER B 43 15.18 -4.32 11.36
N VAL B 44 14.84 -4.94 10.25
CA VAL B 44 15.82 -5.35 9.26
C VAL B 44 16.08 -4.11 8.40
N ILE B 45 17.34 -3.85 8.08
CA ILE B 45 17.71 -2.71 7.24
C ILE B 45 17.58 -3.16 5.79
N THR B 46 17.04 -2.30 4.94
CA THR B 46 16.96 -2.55 3.52
C THR B 46 16.88 -1.16 2.93
N GLU B 47 17.78 -0.94 2.02
CA GLU B 47 17.98 0.35 1.36
C GLU B 47 18.09 0.16 -0.15
N GLY B 48 17.74 -1.04 -0.57
CA GLY B 48 17.78 -1.41 -1.98
C GLY B 48 16.38 -1.54 -2.53
N VAL B 49 15.59 -0.50 -2.33
CA VAL B 49 14.17 -0.52 -2.68
C VAL B 49 13.85 0.52 -3.74
N GLY B 50 13.17 0.09 -4.80
CA GLY B 50 12.68 0.99 -5.82
C GLY B 50 11.36 0.38 -6.23
N GLU B 51 11.27 -0.02 -7.49
CA GLU B 51 10.09 -0.67 -8.02
C GLU B 51 10.31 -2.18 -8.16
N LEU B 52 9.21 -2.92 -8.18
CA LEU B 52 9.26 -4.37 -8.41
C LEU B 52 7.96 -4.85 -9.04
N SER B 53 8.05 -5.65 -10.08
CA SER B 53 6.88 -6.21 -10.75
C SER B 53 6.43 -7.49 -10.04
N VAL B 54 5.95 -7.34 -8.82
CA VAL B 54 5.48 -8.47 -8.01
C VAL B 54 3.99 -8.76 -8.32
N ILE B 55 3.54 -8.24 -9.45
CA ILE B 55 2.15 -8.34 -9.90
C ILE B 55 2.07 -8.57 -11.40
N ASP B 56 0.90 -8.99 -11.86
CA ASP B 56 0.61 -9.10 -13.29
C ASP B 56 -0.17 -7.86 -13.71
N PRO B 57 0.48 -6.91 -14.40
CA PRO B 57 -0.22 -5.65 -14.67
C PRO B 57 -1.38 -5.75 -15.64
N GLU B 58 -1.43 -6.80 -16.45
CA GLU B 58 -2.54 -7.00 -17.38
C GLU B 58 -3.83 -7.32 -16.64
N VAL B 59 -3.74 -8.11 -15.57
CA VAL B 59 -4.91 -8.47 -14.78
C VAL B 59 -5.34 -7.24 -13.99
N ALA B 60 -4.36 -6.50 -13.51
CA ALA B 60 -4.63 -5.27 -12.76
C ALA B 60 -5.32 -4.23 -13.64
N GLN B 61 -5.00 -4.20 -14.93
CA GLN B 61 -5.65 -3.26 -15.84
C GLN B 61 -7.16 -3.55 -15.87
N LYS B 62 -7.53 -4.82 -15.98
CA LYS B 62 -8.94 -5.19 -16.03
C LYS B 62 -9.61 -4.93 -14.70
N ALA B 63 -8.91 -5.18 -13.61
CA ALA B 63 -9.48 -4.99 -12.29
C ALA B 63 -9.73 -3.52 -11.97
N CYS B 64 -8.77 -2.64 -12.23
CA CYS B 64 -8.92 -1.24 -11.88
C CYS B 64 -9.99 -0.55 -12.72
N GLN B 65 -10.13 -0.92 -13.99
CA GLN B 65 -11.15 -0.31 -14.82
C GLN B 65 -12.55 -0.74 -14.37
N GLU B 66 -12.67 -1.96 -13.85
CA GLU B 66 -13.97 -2.46 -13.39
C GLU B 66 -14.41 -1.63 -12.18
N VAL B 67 -13.48 -1.36 -11.28
CA VAL B 67 -13.77 -0.53 -10.10
C VAL B 67 -14.18 0.86 -10.52
N LEU B 68 -13.51 1.43 -11.50
CA LEU B 68 -13.86 2.78 -11.98
C LEU B 68 -15.26 2.80 -12.58
N GLU B 69 -15.66 1.76 -13.30
CA GLU B 69 -17.03 1.69 -13.82
C GLU B 69 -18.04 1.56 -12.68
N LYS B 70 -17.76 0.72 -11.71
CA LYS B 70 -18.67 0.50 -10.59
C LYS B 70 -18.84 1.74 -9.73
N VAL B 71 -17.74 2.40 -9.40
CA VAL B 71 -17.80 3.55 -8.52
C VAL B 71 -18.52 4.71 -9.21
N LYS B 72 -18.38 4.83 -10.52
CA LYS B 72 -19.08 5.87 -11.27
C LYS B 72 -20.58 5.66 -11.16
N LEU B 73 -21.01 4.42 -11.14
CA LEU B 73 -22.44 4.13 -11.02
C LEU B 73 -22.98 4.25 -9.60
N LEU B 74 -22.23 3.82 -8.59
CA LEU B 74 -22.70 3.94 -7.20
C LEU B 74 -22.76 5.41 -6.79
N HIS B 75 -22.06 6.24 -7.55
CA HIS B 75 -22.13 7.70 -7.41
C HIS B 75 -23.44 8.28 -7.95
N GLY B 76 -24.40 7.43 -8.30
CA GLY B 76 -25.70 7.89 -8.75
C GLY B 76 -25.68 8.50 -10.13
N GLY B 77 -24.73 8.07 -10.96
CA GLY B 77 -24.62 8.62 -12.30
C GLY B 77 -23.53 9.65 -12.39
N VAL B 78 -22.42 9.36 -11.73
CA VAL B 78 -21.23 10.22 -11.73
C VAL B 78 -21.53 11.64 -11.21
N ALA B 79 -22.15 11.70 -10.04
CA ALA B 79 -22.47 12.98 -9.41
C ALA B 79 -21.20 13.66 -8.87
N VAL B 80 -20.58 14.45 -9.72
CA VAL B 80 -19.43 15.30 -9.39
C VAL B 80 -19.80 16.42 -8.39
N MET A 1 3.75 -7.81 9.20
CA MET A 1 4.19 -8.22 7.83
C MET A 1 3.21 -9.14 7.09
N GLN A 2 2.78 -8.71 5.89
CA GLN A 2 1.82 -9.45 5.09
C GLN A 2 2.18 -9.38 3.61
N GLN A 3 2.07 -10.51 2.92
CA GLN A 3 2.36 -10.55 1.48
C GLN A 3 1.46 -9.60 0.71
N LYS A 4 0.24 -9.40 1.21
CA LYS A 4 -0.71 -8.46 0.61
C LYS A 4 -0.13 -7.05 0.48
N GLN A 5 0.72 -6.64 1.40
CA GLN A 5 1.26 -5.28 1.37
C GLN A 5 2.04 -4.98 0.09
N GLN A 6 2.88 -5.90 -0.37
CA GLN A 6 3.64 -5.64 -1.59
C GLN A 6 2.72 -5.61 -2.81
N ILE A 7 1.63 -6.39 -2.76
CA ILE A 7 0.68 -6.39 -3.85
C ILE A 7 0.02 -5.03 -3.91
N MET A 8 -0.51 -4.57 -2.78
CA MET A 8 -1.20 -3.30 -2.76
C MET A 8 -0.27 -2.18 -3.19
N ALA A 9 0.98 -2.21 -2.78
CA ALA A 9 1.94 -1.20 -3.21
C ALA A 9 2.11 -1.22 -4.72
N ALA A 10 2.17 -2.40 -5.32
CA ALA A 10 2.38 -2.54 -6.75
C ALA A 10 1.13 -2.06 -7.51
N LEU A 11 -0.03 -2.42 -6.99
CA LEU A 11 -1.29 -2.02 -7.59
C LEU A 11 -1.49 -0.53 -7.48
N ASN A 12 -1.09 0.03 -6.36
CA ASN A 12 -1.24 1.46 -6.12
C ASN A 12 -0.34 2.21 -7.09
N SER A 13 0.83 1.65 -7.39
CA SER A 13 1.78 2.30 -8.30
C SER A 13 1.22 2.45 -9.71
N GLN A 14 0.73 1.37 -10.30
CA GLN A 14 0.27 1.41 -11.69
C GLN A 14 -1.07 2.14 -11.85
N THR A 15 -1.73 2.45 -10.75
CA THR A 15 -3.03 3.13 -10.81
C THR A 15 -3.00 4.45 -10.08
N ALA A 16 -1.81 4.90 -9.70
CA ALA A 16 -1.67 6.14 -8.94
C ALA A 16 -2.32 7.30 -9.68
N VAL A 17 -1.93 7.49 -10.93
CA VAL A 17 -2.46 8.59 -11.72
C VAL A 17 -3.93 8.31 -12.09
N GLN A 18 -4.26 7.06 -12.34
CA GLN A 18 -5.63 6.71 -12.76
C GLN A 18 -6.65 7.04 -11.67
N PHE A 19 -6.31 6.71 -10.44
CA PHE A 19 -7.19 6.99 -9.31
C PHE A 19 -7.20 8.48 -9.01
N GLN A 20 -6.05 9.13 -9.17
CA GLN A 20 -5.95 10.57 -8.94
C GLN A 20 -6.78 11.36 -9.95
N GLN A 21 -6.77 10.95 -11.21
CA GLN A 21 -7.54 11.63 -12.24
C GLN A 21 -9.02 11.51 -11.96
N TYR A 22 -9.47 10.34 -11.56
CA TYR A 22 -10.89 10.16 -11.25
C TYR A 22 -11.28 10.90 -9.98
N ALA A 23 -10.40 10.90 -8.99
CA ALA A 23 -10.66 11.60 -7.75
C ALA A 23 -10.76 13.11 -8.01
N ALA A 24 -9.96 13.61 -8.93
CA ALA A 24 -9.98 15.01 -9.32
C ALA A 24 -11.28 15.31 -10.05
N GLN A 25 -11.75 14.35 -10.83
CA GLN A 25 -12.98 14.53 -11.59
C GLN A 25 -14.18 14.61 -10.66
N GLN A 26 -14.17 13.81 -9.61
CA GLN A 26 -15.29 13.75 -8.68
C GLN A 26 -15.24 14.84 -7.62
N TYR A 27 -14.04 15.11 -7.10
CA TYR A 27 -13.85 16.07 -6.02
C TYR A 27 -12.72 17.03 -6.36
N PRO A 28 -12.89 17.86 -7.40
CA PRO A 28 -11.77 18.73 -7.76
C PRO A 28 -11.43 19.71 -6.65
N GLY A 29 -10.15 19.95 -6.46
CA GLY A 29 -9.69 20.86 -5.41
C GLY A 29 -9.68 20.28 -4.00
N ASN A 30 -10.53 19.30 -3.72
CA ASN A 30 -10.65 18.78 -2.36
C ASN A 30 -9.67 17.65 -2.15
N TYR A 31 -8.44 17.99 -1.80
CA TYR A 31 -7.39 16.98 -1.61
C TYR A 31 -7.81 15.88 -0.63
N GLU A 32 -8.41 16.24 0.49
CA GLU A 32 -8.82 15.25 1.48
C GLU A 32 -9.83 14.26 0.88
N GLN A 33 -10.87 14.77 0.26
CA GLN A 33 -11.91 13.92 -0.33
C GLN A 33 -11.33 13.06 -1.45
N GLN A 34 -10.38 13.62 -2.17
CA GLN A 34 -9.70 12.88 -3.22
C GLN A 34 -8.98 11.67 -2.63
N GLN A 35 -8.25 11.86 -1.54
CA GLN A 35 -7.53 10.74 -0.92
C GLN A 35 -8.48 9.70 -0.38
N ILE A 36 -9.57 10.14 0.23
CA ILE A 36 -10.56 9.22 0.78
C ILE A 36 -11.14 8.35 -0.35
N LEU A 37 -11.46 8.94 -1.49
CA LEU A 37 -11.92 8.16 -2.64
C LEU A 37 -10.82 7.22 -3.14
N ILE A 38 -9.59 7.71 -3.19
CA ILE A 38 -8.47 6.89 -3.65
C ILE A 38 -8.33 5.67 -2.74
N ARG A 39 -8.49 5.82 -1.44
CA ARG A 39 -8.43 4.67 -0.52
C ARG A 39 -9.45 3.61 -0.89
N GLN A 40 -10.66 4.03 -1.21
CA GLN A 40 -11.73 3.10 -1.60
C GLN A 40 -11.34 2.39 -2.88
N LEU A 41 -10.82 3.15 -3.84
CA LEU A 41 -10.40 2.60 -5.13
C LEU A 41 -9.26 1.60 -4.96
N GLN A 42 -8.31 1.91 -4.08
CA GLN A 42 -7.16 1.04 -3.85
C GLN A 42 -7.58 -0.31 -3.29
N GLU A 43 -8.49 -0.32 -2.32
CA GLU A 43 -8.93 -1.59 -1.74
C GLU A 43 -9.75 -2.38 -2.74
N GLN A 44 -10.72 -1.73 -3.38
CA GLN A 44 -11.55 -2.41 -4.37
C GLN A 44 -10.68 -3.00 -5.49
N HIS A 45 -9.66 -2.26 -5.89
CA HIS A 45 -8.73 -2.73 -6.93
C HIS A 45 -8.04 -4.00 -6.47
N TYR A 46 -7.56 -4.03 -5.24
CA TYR A 46 -6.90 -5.22 -4.73
C TYR A 46 -7.84 -6.42 -4.68
N GLN A 47 -9.05 -6.21 -4.17
CA GLN A 47 -9.99 -7.32 -4.05
C GLN A 47 -10.34 -7.87 -5.43
N GLN A 48 -10.62 -6.97 -6.37
CA GLN A 48 -10.96 -7.37 -7.73
C GLN A 48 -9.77 -8.07 -8.39
N TYR A 49 -8.57 -7.52 -8.21
CA TYR A 49 -7.37 -8.11 -8.79
C TYR A 49 -7.14 -9.51 -8.28
N MET A 50 -7.26 -9.71 -6.98
CA MET A 50 -6.99 -11.03 -6.41
C MET A 50 -8.01 -12.05 -6.90
N GLN A 51 -9.28 -11.68 -6.95
CA GLN A 51 -10.31 -12.60 -7.41
C GLN A 51 -10.12 -12.92 -8.89
N GLN A 52 -9.80 -11.91 -9.68
CA GLN A 52 -9.63 -12.11 -11.11
C GLN A 52 -8.37 -12.94 -11.38
N LEU A 53 -7.27 -12.60 -10.72
CA LEU A 53 -5.99 -13.31 -10.88
C LEU A 53 -6.15 -14.78 -10.52
N TYR A 54 -6.94 -15.05 -9.48
CA TYR A 54 -7.13 -16.41 -9.04
C TYR A 54 -7.73 -17.24 -10.16
N GLN A 55 -8.69 -16.68 -10.88
CA GLN A 55 -9.32 -17.39 -11.99
C GLN A 55 -8.36 -17.57 -13.16
N VAL A 56 -7.44 -16.64 -13.37
CA VAL A 56 -6.50 -16.76 -14.49
C VAL A 56 -5.46 -17.83 -14.22
N GLN A 57 -4.84 -17.81 -13.05
CA GLN A 57 -3.83 -18.82 -12.72
C GLN A 57 -4.48 -20.19 -12.63
N LEU A 58 -5.75 -20.20 -12.26
CA LEU A 58 -6.54 -21.43 -12.21
C LEU A 58 -6.79 -21.96 -13.61
N ALA A 59 -7.15 -21.09 -14.54
CA ALA A 59 -7.40 -21.51 -15.92
C ALA A 59 -6.12 -22.12 -16.51
N GLN A 60 -4.99 -21.49 -16.22
CA GLN A 60 -3.70 -22.00 -16.66
C GLN A 60 -3.42 -23.37 -16.04
N GLN A 61 -3.76 -23.51 -14.76
CA GLN A 61 -3.57 -24.78 -14.05
C GLN A 61 -4.47 -25.89 -14.61
N GLN A 62 -5.72 -25.57 -14.86
CA GLN A 62 -6.65 -26.55 -15.43
C GLN A 62 -6.20 -27.00 -16.80
N ALA A 63 -5.67 -26.08 -17.59
CA ALA A 63 -5.16 -26.39 -18.92
C ALA A 63 -3.89 -27.23 -18.86
N ALA A 64 -3.12 -27.09 -17.78
CA ALA A 64 -1.92 -27.88 -17.59
C ALA A 64 -2.27 -29.30 -17.11
N LEU A 65 -3.45 -29.43 -16.50
CA LEU A 65 -3.89 -30.72 -15.95
C LEU A 65 -4.71 -31.54 -16.95
N GLN A 66 -5.78 -30.93 -17.46
CA GLN A 66 -6.75 -31.58 -18.36
C GLN A 66 -7.20 -32.94 -17.81
N LYS A 67 -7.29 -33.05 -16.49
CA LYS A 67 -7.58 -34.31 -15.81
C LYS A 67 -8.79 -34.23 -14.90
N GLN A 68 -9.75 -33.39 -15.30
CA GLN A 68 -10.98 -33.15 -14.53
C GLN A 68 -10.61 -32.71 -13.10
N GLN A 69 -9.66 -31.77 -13.02
CA GLN A 69 -9.14 -31.26 -11.76
C GLN A 69 -8.88 -29.76 -11.84
N GLY B 1 10.87 9.71 24.84
CA GLY B 1 10.29 9.42 26.19
C GLY B 1 10.62 10.48 27.23
N ALA B 2 11.62 11.27 26.82
CA ALA B 2 12.23 12.38 27.58
C ALA B 2 12.94 11.87 28.85
N MET B 3 13.53 12.80 29.59
CA MET B 3 14.29 12.49 30.79
C MET B 3 14.35 13.75 31.63
N VAL B 4 14.88 13.66 32.83
CA VAL B 4 15.10 14.83 33.70
C VAL B 4 16.58 14.89 34.02
N GLU B 5 17.10 16.10 34.13
CA GLU B 5 18.55 16.31 34.30
C GLU B 5 18.84 17.14 35.56
N ALA B 6 18.18 16.78 36.65
CA ALA B 6 18.38 17.46 37.95
C ALA B 6 19.72 17.00 38.59
N ARG B 7 20.82 17.25 37.91
CA ARG B 7 22.15 16.78 38.34
C ARG B 7 23.22 17.84 38.08
N SER B 8 22.80 19.09 38.07
CA SER B 8 23.68 20.21 37.72
C SER B 8 23.94 21.15 38.89
N LEU B 9 23.83 20.63 40.11
CA LEU B 9 24.03 21.43 41.32
C LEU B 9 25.10 20.81 42.23
N ALA B 10 26.24 21.48 42.32
CA ALA B 10 27.33 21.05 43.20
C ALA B 10 28.16 22.28 43.58
N VAL B 11 28.40 22.48 44.86
CA VAL B 11 29.20 23.61 45.35
C VAL B 11 30.00 23.19 46.58
N ALA B 12 31.33 23.17 46.46
CA ALA B 12 32.19 22.75 47.58
C ALA B 12 32.40 23.90 48.57
N MET B 13 32.65 25.08 48.01
CA MET B 13 32.83 26.33 48.79
C MET B 13 33.95 26.28 49.84
N GLY B 14 34.96 25.44 49.63
CA GLY B 14 36.08 25.38 50.54
C GLY B 14 37.16 24.49 49.97
N ASP B 15 38.37 24.60 50.52
CA ASP B 15 39.52 23.79 50.07
C ASP B 15 40.29 23.28 51.30
N THR B 16 40.67 24.21 52.16
CA THR B 16 41.34 23.92 53.45
C THR B 16 42.47 22.88 53.37
N VAL B 17 43.27 22.98 52.33
CA VAL B 17 44.39 22.07 52.14
C VAL B 17 45.48 22.38 53.15
N VAL B 18 45.93 21.36 53.88
CA VAL B 18 46.98 21.50 54.88
C VAL B 18 47.68 20.14 54.90
N GLU B 19 48.95 20.17 55.25
CA GLU B 19 49.83 18.98 55.44
C GLU B 19 50.42 18.20 54.23
N PRO B 20 50.21 18.63 52.95
CA PRO B 20 50.96 17.79 52.00
C PRO B 20 52.49 17.96 52.11
N ALA B 21 53.23 16.86 52.16
CA ALA B 21 54.68 16.94 52.26
C ALA B 21 55.29 17.29 50.88
N PRO B 22 56.19 18.29 50.84
CA PRO B 22 56.81 18.54 49.53
C PRO B 22 57.92 17.54 49.18
N LEU B 23 58.18 17.46 47.89
CA LEU B 23 59.30 16.70 47.27
C LEU B 23 59.15 15.17 47.30
N LYS B 24 59.81 14.55 46.31
CA LYS B 24 59.95 13.10 46.08
C LYS B 24 58.96 12.34 45.15
N PRO B 25 57.64 12.67 45.14
CA PRO B 25 56.89 11.87 44.15
C PRO B 25 57.18 12.31 42.71
N THR B 26 57.54 11.35 41.86
CA THR B 26 57.93 11.64 40.46
C THR B 26 57.53 10.49 39.53
N SER B 27 56.75 9.56 40.05
CA SER B 27 56.43 8.31 39.34
C SER B 27 55.21 8.40 38.43
N GLU B 28 55.25 9.29 37.46
CA GLU B 28 54.14 9.47 36.50
C GLU B 28 54.61 9.24 35.04
N PRO B 29 54.73 7.97 34.62
CA PRO B 29 55.24 7.74 33.26
C PRO B 29 54.22 7.95 32.12
N THR B 30 54.73 8.42 30.99
CA THR B 30 53.96 8.64 29.74
C THR B 30 52.78 9.61 29.90
N SER B 31 51.99 9.74 28.84
CA SER B 31 50.83 10.65 28.84
C SER B 31 49.53 9.89 28.58
N GLY B 32 49.58 8.58 28.75
CA GLY B 32 48.42 7.75 28.51
C GLY B 32 48.16 7.46 27.04
N PRO B 33 47.04 6.79 26.71
CA PRO B 33 46.72 6.46 25.31
C PRO B 33 46.14 7.66 24.55
N PRO B 34 46.16 7.61 23.20
CA PRO B 34 45.55 8.75 22.49
C PRO B 34 44.03 8.78 22.65
N GLY B 35 43.46 9.98 22.75
CA GLY B 35 42.03 10.12 22.93
C GLY B 35 41.26 10.25 21.62
N ASN B 36 41.95 10.17 20.49
CA ASN B 36 41.30 10.32 19.19
C ASN B 36 40.61 9.03 18.76
N ASN B 37 39.32 8.94 19.05
CA ASN B 37 38.54 7.73 18.76
C ASN B 37 37.21 8.13 18.12
N GLY B 38 36.69 7.28 17.23
CA GLY B 38 35.42 7.58 16.59
C GLY B 38 35.57 8.63 15.51
N GLY B 39 34.70 9.63 15.52
CA GLY B 39 34.80 10.74 14.58
C GLY B 39 33.95 10.63 13.32
N SER B 40 33.64 9.43 12.87
CA SER B 40 32.83 9.25 11.67
C SER B 40 31.92 8.05 11.82
N LEU B 41 30.63 8.33 11.75
CA LEU B 41 29.58 7.31 11.79
C LEU B 41 28.67 7.54 10.57
N LEU B 42 29.26 8.16 9.56
CA LEU B 42 28.51 8.59 8.39
C LEU B 42 28.07 7.42 7.51
N SER B 43 26.87 7.50 6.98
CA SER B 43 26.34 6.49 6.06
C SER B 43 25.30 7.22 5.20
N VAL B 44 25.07 6.72 4.00
CA VAL B 44 24.10 7.31 3.06
C VAL B 44 23.36 6.16 2.40
N ILE B 45 22.05 6.27 2.27
CA ILE B 45 21.24 5.22 1.64
C ILE B 45 20.94 5.66 0.20
N THR B 46 21.38 4.86 -0.77
CA THR B 46 21.15 5.16 -2.19
C THR B 46 20.50 4.00 -2.92
N GLU B 47 20.33 2.93 -2.18
CA GLU B 47 19.81 1.65 -2.70
C GLU B 47 18.26 1.61 -2.72
N GLY B 48 17.64 2.78 -2.88
CA GLY B 48 16.19 2.89 -2.80
C GLY B 48 15.51 3.09 -4.14
N VAL B 49 16.00 2.45 -5.19
CA VAL B 49 15.46 2.64 -6.55
C VAL B 49 15.16 1.27 -7.18
N GLY B 50 13.99 1.12 -7.78
CA GLY B 50 13.62 -0.13 -8.44
C GLY B 50 12.23 -0.64 -8.09
N GLU B 51 11.24 -0.18 -8.82
CA GLU B 51 9.84 -0.57 -8.61
C GLU B 51 9.60 -2.05 -8.88
N LEU B 52 9.97 -2.41 -10.10
CA LEU B 52 9.78 -3.76 -10.65
C LEU B 52 8.28 -4.11 -10.70
N SER B 53 7.98 -5.36 -11.00
CA SER B 53 6.60 -5.84 -11.13
C SER B 53 6.42 -7.17 -10.40
N VAL B 54 5.92 -7.09 -9.17
CA VAL B 54 5.67 -8.29 -8.33
C VAL B 54 4.20 -8.75 -8.53
N ILE B 55 3.59 -8.27 -9.59
CA ILE B 55 2.18 -8.53 -9.90
C ILE B 55 2.00 -8.84 -11.38
N ASP B 56 0.82 -9.35 -11.72
CA ASP B 56 0.38 -9.50 -13.10
C ASP B 56 -0.19 -8.15 -13.54
N PRO B 57 0.50 -7.42 -14.43
CA PRO B 57 -0.02 -6.09 -14.74
C PRO B 57 -1.28 -6.05 -15.62
N GLU B 58 -1.52 -7.10 -16.40
CA GLU B 58 -2.66 -7.11 -17.31
C GLU B 58 -3.95 -7.30 -16.54
N VAL B 59 -3.91 -8.26 -15.62
CA VAL B 59 -5.05 -8.55 -14.77
C VAL B 59 -5.26 -7.34 -13.89
N ALA B 60 -4.16 -6.74 -13.45
CA ALA B 60 -4.27 -5.58 -12.57
C ALA B 60 -4.94 -4.40 -13.28
N GLN B 61 -4.60 -4.17 -14.54
CA GLN B 61 -5.20 -3.07 -15.29
C GLN B 61 -6.68 -3.31 -15.55
N LYS B 62 -7.05 -4.53 -15.93
CA LYS B 62 -8.46 -4.83 -16.18
C LYS B 62 -9.23 -4.67 -14.89
N ALA B 63 -8.66 -5.14 -13.79
CA ALA B 63 -9.28 -5.03 -12.48
C ALA B 63 -9.52 -3.58 -12.07
N CYS B 64 -8.60 -2.68 -12.41
CA CYS B 64 -8.77 -1.29 -12.00
C CYS B 64 -9.88 -0.61 -12.80
N GLN B 65 -9.98 -0.92 -14.08
CA GLN B 65 -11.01 -0.30 -14.92
C GLN B 65 -12.40 -0.69 -14.45
N GLU B 66 -12.58 -1.95 -14.08
CA GLU B 66 -13.86 -2.41 -13.55
C GLU B 66 -14.23 -1.63 -12.29
N VAL B 67 -13.24 -1.35 -11.45
CA VAL B 67 -13.48 -0.61 -10.21
C VAL B 67 -13.84 0.86 -10.51
N LEU B 68 -13.17 1.49 -11.46
CA LEU B 68 -13.46 2.88 -11.79
C LEU B 68 -14.90 3.03 -12.30
N GLU B 69 -15.41 2.11 -13.10
CA GLU B 69 -16.81 2.20 -13.52
C GLU B 69 -17.79 1.77 -12.41
N LYS B 70 -17.39 0.82 -11.59
CA LYS B 70 -18.23 0.31 -10.49
C LYS B 70 -18.49 1.40 -9.46
N VAL B 71 -17.47 2.17 -9.11
CA VAL B 71 -17.64 3.24 -8.11
C VAL B 71 -18.53 4.35 -8.68
N LYS B 72 -18.54 4.53 -9.99
CA LYS B 72 -19.43 5.52 -10.63
C LYS B 72 -20.87 5.12 -10.44
N LEU B 73 -21.13 3.83 -10.36
CA LEU B 73 -22.49 3.36 -10.17
C LEU B 73 -22.96 3.48 -8.73
N LEU B 74 -22.06 3.35 -7.77
CA LEU B 74 -22.40 3.53 -6.35
C LEU B 74 -22.86 4.95 -6.13
N HIS B 75 -22.35 5.84 -6.96
CA HIS B 75 -22.68 7.25 -6.91
C HIS B 75 -24.08 7.52 -7.48
N GLY B 76 -24.46 6.75 -8.51
CA GLY B 76 -25.78 6.89 -9.13
C GLY B 76 -26.15 8.28 -9.62
N GLY B 77 -25.15 9.13 -9.90
CA GLY B 77 -25.43 10.53 -10.19
C GLY B 77 -25.52 10.85 -11.65
N VAL B 78 -24.83 10.07 -12.47
CA VAL B 78 -24.80 10.25 -13.93
C VAL B 78 -24.60 11.73 -14.34
N ALA B 79 -23.56 12.34 -13.78
CA ALA B 79 -23.20 13.75 -14.01
C ALA B 79 -24.32 14.73 -13.62
N VAL B 80 -24.91 14.51 -12.44
CA VAL B 80 -25.89 15.43 -11.85
C VAL B 80 -25.30 16.83 -11.64
N MET A 1 4.50 -9.91 7.52
CA MET A 1 3.77 -11.23 7.62
C MET A 1 2.74 -11.54 6.49
N GLN A 2 2.36 -10.48 5.76
CA GLN A 2 1.35 -10.56 4.70
C GLN A 2 1.87 -10.01 3.38
N GLN A 3 1.88 -10.85 2.37
CA GLN A 3 2.33 -10.45 1.03
C GLN A 3 1.41 -9.38 0.43
N LYS A 4 0.19 -9.25 0.95
CA LYS A 4 -0.78 -8.26 0.46
C LYS A 4 -0.18 -6.86 0.37
N GLN A 5 0.70 -6.51 1.30
CA GLN A 5 1.28 -5.17 1.30
C GLN A 5 2.05 -4.86 0.02
N GLN A 6 2.87 -5.79 -0.47
CA GLN A 6 3.62 -5.56 -1.70
C GLN A 6 2.67 -5.54 -2.90
N ILE A 7 1.59 -6.31 -2.83
CA ILE A 7 0.64 -6.33 -3.93
C ILE A 7 0.00 -4.97 -4.03
N MET A 8 -0.53 -4.47 -2.92
CA MET A 8 -1.20 -3.19 -2.95
C MET A 8 -0.26 -2.09 -3.36
N ALA A 9 0.99 -2.13 -2.92
CA ALA A 9 1.96 -1.13 -3.32
C ALA A 9 2.19 -1.18 -4.85
N ALA A 10 2.22 -2.38 -5.40
CA ALA A 10 2.47 -2.55 -6.83
C ALA A 10 1.25 -2.08 -7.63
N LEU A 11 0.07 -2.41 -7.12
CA LEU A 11 -1.18 -2.03 -7.77
C LEU A 11 -1.36 -0.54 -7.73
N ASN A 12 -1.07 0.05 -6.58
CA ASN A 12 -1.25 1.48 -6.39
C ASN A 12 -0.29 2.21 -7.30
N SER A 13 0.89 1.65 -7.48
CA SER A 13 1.89 2.27 -8.34
C SER A 13 1.41 2.39 -9.79
N GLN A 14 0.94 1.30 -10.37
CA GLN A 14 0.55 1.32 -11.78
C GLN A 14 -0.81 1.98 -12.02
N THR A 15 -1.53 2.30 -10.95
CA THR A 15 -2.83 2.97 -11.07
C THR A 15 -2.88 4.30 -10.33
N ALA A 16 -1.72 4.81 -9.95
CA ALA A 16 -1.63 6.02 -9.14
C ALA A 16 -2.38 7.17 -9.78
N VAL A 17 -2.03 7.49 -11.01
CA VAL A 17 -2.67 8.59 -11.72
C VAL A 17 -4.10 8.23 -12.05
N GLN A 18 -4.39 6.98 -12.35
CA GLN A 18 -5.74 6.59 -12.73
C GLN A 18 -6.74 6.88 -11.62
N PHE A 19 -6.29 6.71 -10.39
CA PHE A 19 -7.13 6.98 -9.23
C PHE A 19 -7.12 8.45 -8.87
N GLN A 20 -5.95 9.07 -8.91
CA GLN A 20 -5.81 10.50 -8.59
C GLN A 20 -6.64 11.34 -9.55
N GLN A 21 -6.56 11.02 -10.83
CA GLN A 21 -7.19 11.81 -11.87
C GLN A 21 -8.70 11.70 -11.80
N TYR A 22 -9.18 10.52 -11.47
CA TYR A 22 -10.60 10.30 -11.28
C TYR A 22 -11.09 10.99 -10.00
N ALA A 23 -10.31 10.92 -8.95
CA ALA A 23 -10.67 11.58 -7.70
C ALA A 23 -10.74 13.09 -7.92
N ALA A 24 -9.85 13.62 -8.75
CA ALA A 24 -9.85 15.03 -9.08
C ALA A 24 -11.07 15.40 -9.92
N GLN A 25 -11.58 14.48 -10.73
CA GLN A 25 -12.80 14.75 -11.49
C GLN A 25 -13.98 14.86 -10.56
N GLN A 26 -14.03 13.98 -9.57
CA GLN A 26 -15.19 13.90 -8.72
C GLN A 26 -15.17 14.96 -7.61
N TYR A 27 -14.00 15.18 -7.04
CA TYR A 27 -13.83 16.12 -5.93
C TYR A 27 -12.67 17.06 -6.19
N PRO A 28 -12.77 17.91 -7.21
CA PRO A 28 -11.60 18.76 -7.49
C PRO A 28 -11.29 19.71 -6.35
N GLY A 29 -10.01 19.94 -6.12
CA GLY A 29 -9.57 20.83 -5.04
C GLY A 29 -9.60 20.22 -3.65
N ASN A 30 -10.49 19.26 -3.40
CA ASN A 30 -10.63 18.70 -2.07
C ASN A 30 -9.71 17.50 -1.92
N TYR A 31 -8.46 17.76 -1.56
CA TYR A 31 -7.46 16.70 -1.44
C TYR A 31 -7.86 15.65 -0.41
N GLU A 32 -8.62 16.03 0.60
CA GLU A 32 -9.02 15.09 1.64
C GLU A 32 -10.02 14.09 1.05
N GLN A 33 -11.05 14.59 0.39
CA GLN A 33 -12.05 13.71 -0.23
C GLN A 33 -11.41 12.89 -1.34
N GLN A 34 -10.46 13.49 -2.03
CA GLN A 34 -9.73 12.79 -3.07
C GLN A 34 -9.01 11.59 -2.48
N GLN A 35 -8.31 11.77 -1.37
CA GLN A 35 -7.62 10.65 -0.74
C GLN A 35 -8.60 9.58 -0.31
N ILE A 36 -9.70 9.98 0.30
CA ILE A 36 -10.70 9.02 0.78
C ILE A 36 -11.24 8.18 -0.39
N LEU A 37 -11.55 8.81 -1.52
CA LEU A 37 -11.98 8.06 -2.70
C LEU A 37 -10.86 7.16 -3.22
N ILE A 38 -9.63 7.67 -3.24
CA ILE A 38 -8.49 6.87 -3.71
C ILE A 38 -8.33 5.64 -2.83
N ARG A 39 -8.49 5.77 -1.52
CA ARG A 39 -8.37 4.61 -0.62
C ARG A 39 -9.42 3.55 -0.94
N GLN A 40 -10.64 3.97 -1.25
CA GLN A 40 -11.69 3.02 -1.63
C GLN A 40 -11.31 2.33 -2.93
N LEU A 41 -10.86 3.12 -3.89
CA LEU A 41 -10.46 2.59 -5.20
C LEU A 41 -9.32 1.59 -5.05
N GLN A 42 -8.35 1.90 -4.21
CA GLN A 42 -7.19 1.02 -4.01
C GLN A 42 -7.57 -0.34 -3.45
N GLU A 43 -8.42 -0.39 -2.43
CA GLU A 43 -8.77 -1.66 -1.86
C GLU A 43 -9.71 -2.42 -2.79
N GLN A 44 -10.69 -1.75 -3.38
CA GLN A 44 -11.60 -2.44 -4.30
C GLN A 44 -10.79 -3.02 -5.47
N HIS A 45 -9.80 -2.25 -5.93
CA HIS A 45 -8.90 -2.70 -7.00
C HIS A 45 -8.17 -3.95 -6.58
N TYR A 46 -7.63 -3.95 -5.38
CA TYR A 46 -6.91 -5.12 -4.86
C TYR A 46 -7.82 -6.32 -4.75
N GLN A 47 -9.03 -6.12 -4.25
CA GLN A 47 -9.98 -7.22 -4.09
C GLN A 47 -10.30 -7.85 -5.45
N GLN A 48 -10.67 -7.03 -6.43
CA GLN A 48 -11.03 -7.54 -7.75
C GLN A 48 -9.82 -8.16 -8.44
N TYR A 49 -8.66 -7.55 -8.31
CA TYR A 49 -7.45 -8.11 -8.91
C TYR A 49 -7.16 -9.47 -8.30
N MET A 50 -7.23 -9.60 -6.98
CA MET A 50 -6.93 -10.86 -6.32
C MET A 50 -7.94 -11.95 -6.69
N GLN A 51 -9.22 -11.59 -6.76
CA GLN A 51 -10.25 -12.57 -7.14
C GLN A 51 -10.02 -13.06 -8.57
N GLN A 52 -9.69 -12.16 -9.47
CA GLN A 52 -9.50 -12.54 -10.86
C GLN A 52 -8.17 -13.25 -11.05
N LEU A 53 -7.13 -12.81 -10.35
CA LEU A 53 -5.82 -13.47 -10.40
C LEU A 53 -5.94 -14.89 -9.88
N TYR A 54 -6.77 -15.08 -8.86
CA TYR A 54 -6.94 -16.41 -8.30
C TYR A 54 -7.39 -17.35 -9.38
N GLN A 55 -8.32 -16.93 -10.23
CA GLN A 55 -8.80 -17.79 -11.30
C GLN A 55 -7.70 -18.13 -12.30
N VAL A 56 -6.77 -17.21 -12.54
CA VAL A 56 -5.68 -17.47 -13.49
C VAL A 56 -4.70 -18.49 -12.91
N GLN A 57 -4.29 -18.30 -11.67
CA GLN A 57 -3.33 -19.22 -11.06
C GLN A 57 -3.99 -20.56 -10.76
N LEU A 58 -5.29 -20.52 -10.52
CA LEU A 58 -6.09 -21.72 -10.30
C LEU A 58 -6.16 -22.53 -11.59
N ALA A 59 -6.40 -21.86 -12.69
CA ALA A 59 -6.41 -22.52 -13.99
C ALA A 59 -5.07 -23.23 -14.23
N GLN A 60 -3.97 -22.57 -13.91
CA GLN A 60 -2.64 -23.17 -14.03
C GLN A 60 -2.47 -24.32 -13.02
N GLN A 61 -3.03 -24.15 -11.84
CA GLN A 61 -2.96 -25.17 -10.79
C GLN A 61 -3.70 -26.44 -11.22
N GLN A 62 -4.84 -26.29 -11.88
CA GLN A 62 -5.60 -27.43 -12.38
C GLN A 62 -4.81 -28.13 -13.47
N ALA A 63 -4.15 -27.34 -14.31
CA ALA A 63 -3.34 -27.89 -15.39
C ALA A 63 -2.17 -28.69 -14.81
N ALA A 64 -1.60 -28.22 -13.72
CA ALA A 64 -0.50 -28.91 -13.06
C ALA A 64 -1.02 -30.18 -12.36
N LEU A 65 -2.19 -30.09 -11.74
CA LEU A 65 -2.76 -31.24 -11.02
C LEU A 65 -2.93 -32.43 -11.95
N GLN A 66 -3.52 -32.18 -13.10
CA GLN A 66 -3.79 -33.25 -14.06
C GLN A 66 -2.63 -33.62 -14.98
N LYS A 67 -1.48 -33.00 -14.80
CA LYS A 67 -0.35 -33.22 -15.73
C LYS A 67 1.08 -33.05 -15.21
N GLN A 68 1.25 -32.88 -13.91
CA GLN A 68 2.59 -32.68 -13.33
C GLN A 68 2.72 -33.51 -12.07
N GLN A 69 3.59 -34.52 -12.14
CA GLN A 69 3.86 -35.40 -11.00
C GLN A 69 4.69 -34.68 -9.93
N GLY B 1 -17.51 17.00 -9.84
CA GLY B 1 -18.15 18.04 -10.68
C GLY B 1 -17.21 19.03 -11.37
N ALA B 2 -17.70 19.61 -12.48
CA ALA B 2 -16.93 20.54 -13.29
C ALA B 2 -16.89 21.95 -12.68
N MET B 3 -16.13 22.11 -11.61
CA MET B 3 -15.98 23.41 -10.97
C MET B 3 -15.12 24.31 -11.83
N VAL B 4 -15.48 25.58 -11.92
CA VAL B 4 -14.73 26.56 -12.69
C VAL B 4 -14.98 27.90 -11.97
N GLU B 5 -14.07 28.85 -12.13
CA GLU B 5 -14.21 30.16 -11.51
C GLU B 5 -14.11 31.23 -12.60
N ALA B 6 -15.02 32.19 -12.58
CA ALA B 6 -15.09 33.23 -13.62
C ALA B 6 -15.01 34.64 -13.04
N ARG B 7 -13.86 34.99 -12.45
CA ARG B 7 -13.69 36.34 -11.88
C ARG B 7 -13.72 37.44 -12.95
N SER B 8 -13.48 37.03 -14.19
CA SER B 8 -13.54 37.92 -15.38
C SER B 8 -12.71 39.21 -15.26
N LEU B 9 -11.69 39.17 -14.42
CA LEU B 9 -10.80 40.32 -14.15
C LEU B 9 -11.55 41.58 -13.69
N ALA B 10 -12.76 41.42 -13.18
CA ALA B 10 -13.56 42.54 -12.67
C ALA B 10 -13.17 42.83 -11.23
N VAL B 11 -11.91 43.21 -11.06
CA VAL B 11 -11.30 43.35 -9.73
C VAL B 11 -10.72 44.75 -9.52
N ALA B 12 -11.33 45.71 -10.19
CA ALA B 12 -10.93 47.12 -10.06
C ALA B 12 -12.18 47.92 -9.69
N MET B 13 -12.05 48.84 -8.74
CA MET B 13 -13.21 49.60 -8.24
C MET B 13 -13.39 50.92 -8.97
N GLY B 14 -12.41 51.27 -9.77
CA GLY B 14 -12.46 52.52 -10.52
C GLY B 14 -12.11 53.73 -9.67
N ASP B 15 -11.32 53.49 -8.63
CA ASP B 15 -10.91 54.55 -7.69
C ASP B 15 -10.00 55.60 -8.35
N THR B 16 -9.18 55.14 -9.30
CA THR B 16 -8.26 55.99 -10.07
C THR B 16 -7.44 56.98 -9.25
N VAL B 17 -7.00 56.57 -8.08
CA VAL B 17 -6.18 57.44 -7.23
C VAL B 17 -4.76 57.49 -7.78
N VAL B 18 -4.41 58.60 -8.41
CA VAL B 18 -3.08 58.78 -9.00
C VAL B 18 -2.44 60.06 -8.49
N GLU B 19 -1.40 59.88 -7.67
CA GLU B 19 -0.51 60.92 -7.08
C GLU B 19 -0.83 61.43 -5.65
N PRO B 20 -1.97 62.13 -5.39
CA PRO B 20 -2.08 62.67 -4.03
C PRO B 20 -2.54 61.69 -2.94
N ALA B 21 -1.61 60.85 -2.50
CA ALA B 21 -1.84 59.92 -1.39
C ALA B 21 -0.83 60.20 -0.26
N PRO B 22 -1.00 61.33 0.46
CA PRO B 22 0.03 61.61 1.47
C PRO B 22 -0.03 60.64 2.66
N LEU B 23 1.15 60.30 3.15
CA LEU B 23 1.26 59.43 4.32
C LEU B 23 0.84 60.21 5.56
N LYS B 24 0.24 59.51 6.51
CA LYS B 24 -0.16 60.15 7.77
C LYS B 24 1.06 60.46 8.67
N PRO B 25 2.00 59.50 8.86
CA PRO B 25 3.17 60.00 9.59
C PRO B 25 4.03 60.91 8.72
N THR B 26 4.73 61.84 9.34
CA THR B 26 5.60 62.76 8.60
C THR B 26 7.01 62.19 8.46
N SER B 27 7.20 60.97 8.95
CA SER B 27 8.49 60.30 8.91
C SER B 27 8.64 59.55 7.59
N GLU B 28 9.68 59.88 6.83
CA GLU B 28 9.94 59.23 5.55
C GLU B 28 10.30 57.74 5.76
N PRO B 29 9.57 56.81 5.11
CA PRO B 29 9.92 55.41 5.35
C PRO B 29 11.16 54.94 4.58
N THR B 30 12.09 54.31 5.29
CA THR B 30 13.30 53.77 4.64
C THR B 30 13.03 52.45 3.91
N SER B 31 11.84 51.87 4.15
CA SER B 31 11.39 50.63 3.49
C SER B 31 12.42 49.49 3.52
N GLY B 32 13.05 49.28 4.67
CA GLY B 32 14.05 48.22 4.78
C GLY B 32 13.42 46.83 4.80
N PRO B 33 14.21 45.77 4.57
CA PRO B 33 13.62 44.42 4.56
C PRO B 33 13.25 43.92 5.96
N PRO B 34 12.29 42.99 6.06
CA PRO B 34 11.86 42.44 7.37
C PRO B 34 12.81 41.38 7.93
N GLY B 35 14.11 41.64 7.84
CA GLY B 35 15.11 40.68 8.29
C GLY B 35 15.65 39.84 7.15
N ASN B 36 16.48 38.86 7.48
CA ASN B 36 17.11 38.01 6.47
C ASN B 36 16.36 36.71 6.31
N ASN B 37 15.68 36.57 5.16
CA ASN B 37 14.90 35.37 4.79
C ASN B 37 13.69 35.11 5.70
N GLY B 38 12.82 34.21 5.25
CA GLY B 38 11.60 33.89 5.97
C GLY B 38 11.35 32.39 6.03
N GLY B 39 12.38 31.63 6.38
CA GLY B 39 12.24 30.17 6.44
C GLY B 39 12.71 29.45 5.19
N SER B 40 13.84 29.88 4.64
CA SER B 40 14.43 29.26 3.44
C SER B 40 15.14 27.94 3.74
N LEU B 41 14.45 27.01 4.39
CA LEU B 41 15.00 25.72 4.77
C LEU B 41 13.87 24.68 4.72
N LEU B 42 13.40 24.41 3.50
CA LEU B 42 12.23 23.54 3.30
C LEU B 42 12.49 22.56 2.16
N SER B 43 11.65 21.55 2.08
CA SER B 43 11.68 20.56 1.00
C SER B 43 10.22 20.20 0.78
N VAL B 44 9.90 19.66 -0.38
CA VAL B 44 8.51 19.37 -0.74
C VAL B 44 8.39 17.93 -1.26
N ILE B 45 7.37 17.21 -0.79
CA ILE B 45 7.10 15.85 -1.24
C ILE B 45 6.45 15.96 -2.62
N THR B 46 6.98 15.23 -3.60
CA THR B 46 6.46 15.30 -4.98
C THR B 46 5.86 14.00 -5.45
N GLU B 47 5.98 13.01 -4.59
CA GLU B 47 5.41 11.65 -4.78
C GLU B 47 5.60 11.05 -6.19
N GLY B 48 6.74 11.35 -6.82
CA GLY B 48 6.99 10.89 -8.19
C GLY B 48 7.59 9.50 -8.28
N VAL B 49 7.64 8.80 -7.16
CA VAL B 49 8.19 7.45 -7.08
C VAL B 49 7.26 6.65 -6.18
N GLY B 50 6.93 5.43 -6.59
CA GLY B 50 6.07 4.56 -5.81
C GLY B 50 6.76 3.24 -5.56
N GLU B 51 6.32 2.20 -6.28
CA GLU B 51 6.87 0.86 -6.15
C GLU B 51 6.91 0.18 -7.51
N LEU B 52 7.58 -0.96 -7.58
CA LEU B 52 7.65 -1.72 -8.83
C LEU B 52 6.31 -2.40 -9.09
N SER B 53 5.85 -2.37 -10.34
CA SER B 53 4.66 -3.09 -10.76
C SER B 53 5.03 -4.57 -10.98
N VAL B 54 5.42 -5.21 -9.89
CA VAL B 54 5.94 -6.59 -9.89
C VAL B 54 4.85 -7.65 -10.12
N ILE B 55 3.61 -7.22 -10.26
CA ILE B 55 2.47 -8.12 -10.43
C ILE B 55 2.04 -8.23 -11.89
N ASP B 56 1.15 -9.16 -12.18
CA ASP B 56 0.56 -9.33 -13.51
C ASP B 56 -0.17 -8.04 -13.93
N PRO B 57 0.36 -7.29 -14.93
CA PRO B 57 -0.26 -5.99 -15.17
C PRO B 57 -1.61 -6.01 -15.87
N GLU B 58 -1.91 -7.07 -16.61
CA GLU B 58 -3.17 -7.12 -17.35
C GLU B 58 -4.36 -7.22 -16.45
N VAL B 59 -4.32 -8.18 -15.52
CA VAL B 59 -5.44 -8.38 -14.61
C VAL B 59 -5.49 -7.17 -13.68
N ALA B 60 -4.36 -6.52 -13.47
CA ALA B 60 -4.35 -5.33 -12.64
C ALA B 60 -5.09 -4.19 -13.36
N GLN B 61 -4.82 -4.02 -14.65
CA GLN B 61 -5.48 -2.99 -15.45
C GLN B 61 -6.98 -3.27 -15.59
N LYS B 62 -7.31 -4.52 -15.88
CA LYS B 62 -8.71 -4.89 -16.09
C LYS B 62 -9.48 -4.69 -14.79
N ALA B 63 -8.86 -4.99 -13.66
CA ALA B 63 -9.51 -4.82 -12.37
C ALA B 63 -9.75 -3.35 -12.01
N CYS B 64 -8.78 -2.47 -12.24
CA CYS B 64 -8.97 -1.07 -11.85
C CYS B 64 -10.01 -0.42 -12.74
N GLN B 65 -10.06 -0.80 -14.00
CA GLN B 65 -11.04 -0.25 -14.92
C GLN B 65 -12.44 -0.66 -14.47
N GLU B 66 -12.62 -1.93 -14.14
CA GLU B 66 -13.93 -2.43 -13.70
C GLU B 66 -14.40 -1.67 -12.44
N VAL B 67 -13.49 -1.52 -11.49
CA VAL B 67 -13.79 -0.82 -10.25
C VAL B 67 -14.18 0.63 -10.51
N LEU B 68 -13.43 1.32 -11.36
CA LEU B 68 -13.73 2.72 -11.65
C LEU B 68 -15.11 2.87 -12.28
N GLU B 69 -15.49 1.98 -13.20
CA GLU B 69 -16.82 2.06 -13.79
C GLU B 69 -17.91 1.74 -12.74
N LYS B 70 -17.64 0.82 -11.82
CA LYS B 70 -18.59 0.52 -10.75
C LYS B 70 -18.80 1.72 -9.86
N VAL B 71 -17.73 2.44 -9.56
CA VAL B 71 -17.82 3.65 -8.74
C VAL B 71 -18.59 4.73 -9.49
N LYS B 72 -18.35 4.87 -10.79
CA LYS B 72 -19.11 5.82 -11.60
C LYS B 72 -20.60 5.48 -11.57
N LEU B 73 -20.93 4.20 -11.56
CA LEU B 73 -22.33 3.77 -11.53
C LEU B 73 -23.02 3.94 -10.17
N LEU B 74 -22.31 3.72 -9.07
CA LEU B 74 -22.95 3.84 -7.75
C LEU B 74 -23.36 5.29 -7.51
N HIS B 75 -22.67 6.20 -8.19
CA HIS B 75 -22.98 7.62 -8.13
C HIS B 75 -24.37 7.91 -8.70
N GLY B 76 -24.82 7.08 -9.63
CA GLY B 76 -26.13 7.26 -10.23
C GLY B 76 -27.28 7.13 -9.26
N GLY B 77 -27.00 6.63 -8.06
CA GLY B 77 -28.03 6.54 -7.03
C GLY B 77 -28.51 7.90 -6.56
N VAL B 78 -27.60 8.73 -6.05
CA VAL B 78 -27.99 10.04 -5.48
C VAL B 78 -27.08 11.21 -5.81
N ALA B 79 -26.03 10.96 -6.57
CA ALA B 79 -25.05 12.00 -6.90
C ALA B 79 -25.36 12.56 -8.29
N VAL B 80 -26.44 13.34 -8.33
CA VAL B 80 -26.94 13.97 -9.56
C VAL B 80 -27.04 15.49 -9.44
N MET A 1 0.76 -9.24 7.21
CA MET A 1 0.58 -9.78 5.83
C MET A 1 1.38 -9.01 4.74
N GLN A 2 2.72 -9.14 4.81
CA GLN A 2 3.63 -8.49 3.88
C GLN A 2 3.42 -8.99 2.46
N GLN A 3 2.94 -10.23 2.35
CA GLN A 3 2.63 -10.85 1.07
C GLN A 3 1.58 -10.03 0.33
N LYS A 4 0.62 -9.46 1.06
CA LYS A 4 -0.40 -8.58 0.47
C LYS A 4 0.13 -7.17 0.25
N GLN A 5 0.98 -6.69 1.15
CA GLN A 5 1.47 -5.31 1.07
C GLN A 5 2.21 -5.03 -0.24
N GLN A 6 3.05 -5.95 -0.68
CA GLN A 6 3.78 -5.77 -1.94
C GLN A 6 2.81 -5.69 -3.13
N ILE A 7 1.69 -6.39 -3.03
CA ILE A 7 0.68 -6.36 -4.10
C ILE A 7 0.02 -4.99 -4.10
N MET A 8 -0.48 -4.57 -2.96
CA MET A 8 -1.20 -3.30 -2.90
C MET A 8 -0.30 -2.15 -3.32
N ALA A 9 0.96 -2.19 -2.95
CA ALA A 9 1.90 -1.16 -3.38
C ALA A 9 2.02 -1.15 -4.91
N ALA A 10 2.09 -2.32 -5.54
CA ALA A 10 2.26 -2.42 -6.97
C ALA A 10 0.99 -1.98 -7.69
N LEU A 11 -0.15 -2.39 -7.14
CA LEU A 11 -1.44 -2.05 -7.71
C LEU A 11 -1.70 -0.58 -7.62
N ASN A 12 -1.31 0.01 -6.51
CA ASN A 12 -1.50 1.43 -6.30
C ASN A 12 -0.60 2.18 -7.26
N SER A 13 0.59 1.67 -7.51
CA SER A 13 1.56 2.36 -8.37
C SER A 13 1.07 2.47 -9.82
N GLN A 14 0.65 1.36 -10.41
CA GLN A 14 0.24 1.38 -11.83
C GLN A 14 -1.08 2.11 -12.03
N THR A 15 -1.77 2.46 -10.95
CA THR A 15 -3.04 3.16 -11.05
C THR A 15 -3.04 4.45 -10.26
N ALA A 16 -1.86 4.89 -9.85
CA ALA A 16 -1.74 6.08 -9.01
C ALA A 16 -2.36 7.28 -9.70
N VAL A 17 -1.92 7.55 -10.91
CA VAL A 17 -2.41 8.70 -11.65
C VAL A 17 -3.87 8.49 -12.04
N GLN A 18 -4.27 7.24 -12.26
CA GLN A 18 -5.64 6.95 -12.67
C GLN A 18 -6.63 7.27 -11.55
N PHE A 19 -6.30 6.83 -10.34
CA PHE A 19 -7.16 7.08 -9.19
C PHE A 19 -7.16 8.57 -8.89
N GLN A 20 -6.00 9.21 -9.05
CA GLN A 20 -5.88 10.64 -8.83
C GLN A 20 -6.71 11.44 -9.83
N GLN A 21 -6.70 11.04 -11.09
CA GLN A 21 -7.47 11.76 -12.12
C GLN A 21 -8.96 11.63 -11.85
N TYR A 22 -9.41 10.44 -11.50
CA TYR A 22 -10.83 10.25 -11.21
C TYR A 22 -11.24 11.00 -9.96
N ALA A 23 -10.40 10.97 -8.93
CA ALA A 23 -10.70 11.68 -7.71
C ALA A 23 -10.73 13.19 -7.96
N ALA A 24 -9.91 13.66 -8.90
CA ALA A 24 -9.88 15.06 -9.27
C ALA A 24 -11.15 15.45 -10.03
N GLN A 25 -11.73 14.52 -10.78
CA GLN A 25 -13.00 14.81 -11.47
C GLN A 25 -14.10 14.97 -10.46
N GLN A 26 -14.12 14.09 -9.48
CA GLN A 26 -15.21 14.07 -8.55
C GLN A 26 -15.10 15.12 -7.46
N TYR A 27 -13.90 15.34 -6.97
CA TYR A 27 -13.64 16.30 -5.90
C TYR A 27 -12.47 17.22 -6.26
N PRO A 28 -12.64 18.07 -7.28
CA PRO A 28 -11.47 18.87 -7.66
C PRO A 28 -11.05 19.82 -6.56
N GLY A 29 -9.73 19.97 -6.42
CA GLY A 29 -9.18 20.85 -5.39
C GLY A 29 -9.18 20.30 -3.98
N ASN A 30 -10.08 19.39 -3.65
CA ASN A 30 -10.22 18.92 -2.27
C ASN A 30 -9.35 17.70 -2.04
N TYR A 31 -8.08 17.94 -1.73
CA TYR A 31 -7.12 16.86 -1.52
C TYR A 31 -7.60 15.81 -0.52
N GLU A 32 -8.19 16.22 0.59
CA GLU A 32 -8.65 15.26 1.58
C GLU A 32 -9.75 14.37 1.01
N GLN A 33 -10.74 14.96 0.35
CA GLN A 33 -11.81 14.19 -0.24
C GLN A 33 -11.30 13.27 -1.34
N GLN A 34 -10.30 13.74 -2.07
CA GLN A 34 -9.68 12.93 -3.11
C GLN A 34 -9.03 11.71 -2.47
N GLN A 35 -8.31 11.89 -1.38
CA GLN A 35 -7.66 10.78 -0.69
C GLN A 35 -8.67 9.76 -0.19
N ILE A 36 -9.76 10.25 0.36
CA ILE A 36 -10.81 9.37 0.88
C ILE A 36 -11.35 8.48 -0.23
N LEU A 37 -11.61 9.05 -1.41
CA LEU A 37 -12.08 8.27 -2.55
C LEU A 37 -11.00 7.29 -3.03
N ILE A 38 -9.77 7.76 -3.10
CA ILE A 38 -8.65 6.92 -3.54
C ILE A 38 -8.53 5.71 -2.63
N ARG A 39 -8.71 5.88 -1.33
CA ARG A 39 -8.65 4.75 -0.39
C ARG A 39 -9.63 3.65 -0.76
N GLN A 40 -10.84 4.02 -1.17
CA GLN A 40 -11.85 3.04 -1.57
C GLN A 40 -11.40 2.30 -2.82
N LEU A 41 -10.86 3.04 -3.77
CA LEU A 41 -10.43 2.48 -5.05
C LEU A 41 -9.29 1.50 -4.86
N GLN A 42 -8.36 1.82 -3.95
CA GLN A 42 -7.21 0.95 -3.70
C GLN A 42 -7.64 -0.40 -3.14
N GLU A 43 -8.59 -0.40 -2.22
CA GLU A 43 -9.07 -1.66 -1.65
C GLU A 43 -9.81 -2.48 -2.71
N GLN A 44 -10.77 -1.85 -3.39
CA GLN A 44 -11.55 -2.54 -4.42
C GLN A 44 -10.65 -3.07 -5.54
N HIS A 45 -9.62 -2.31 -5.91
CA HIS A 45 -8.67 -2.74 -6.93
C HIS A 45 -8.00 -4.02 -6.50
N TYR A 46 -7.56 -4.08 -5.25
CA TYR A 46 -6.96 -5.30 -4.73
C TYR A 46 -7.93 -6.46 -4.67
N GLN A 47 -9.15 -6.21 -4.23
CA GLN A 47 -10.15 -7.27 -4.11
C GLN A 47 -10.42 -7.90 -5.48
N GLN A 48 -10.69 -7.06 -6.48
CA GLN A 48 -10.96 -7.55 -7.83
C GLN A 48 -9.71 -8.18 -8.44
N TYR A 49 -8.55 -7.59 -8.20
CA TYR A 49 -7.31 -8.14 -8.74
C TYR A 49 -7.07 -9.53 -8.21
N MET A 50 -7.19 -9.71 -6.91
CA MET A 50 -6.93 -11.01 -6.31
C MET A 50 -7.97 -12.03 -6.78
N GLN A 51 -9.22 -11.61 -6.86
CA GLN A 51 -10.29 -12.48 -7.33
C GLN A 51 -10.02 -12.94 -8.78
N GLN A 52 -9.62 -12.00 -9.62
CA GLN A 52 -9.38 -12.29 -11.03
C GLN A 52 -8.09 -13.10 -11.21
N LEU A 53 -7.03 -12.71 -10.49
CA LEU A 53 -5.74 -13.39 -10.58
C LEU A 53 -5.87 -14.83 -10.14
N TYR A 54 -6.69 -15.06 -9.13
CA TYR A 54 -6.88 -16.40 -8.62
C TYR A 54 -7.39 -17.32 -9.71
N GLN A 55 -8.29 -16.81 -10.56
CA GLN A 55 -8.82 -17.62 -11.66
C GLN A 55 -7.75 -17.88 -12.73
N VAL A 56 -6.85 -16.93 -12.94
CA VAL A 56 -5.81 -17.11 -13.95
C VAL A 56 -4.74 -18.09 -13.50
N GLN A 57 -4.29 -17.96 -12.26
CA GLN A 57 -3.29 -18.89 -11.76
C GLN A 57 -3.91 -20.29 -11.62
N LEU A 58 -5.21 -20.32 -11.37
CA LEU A 58 -5.94 -21.58 -11.32
C LEU A 58 -6.03 -22.20 -12.71
N ALA A 59 -6.21 -21.39 -13.73
CA ALA A 59 -6.28 -21.89 -15.10
C ALA A 59 -4.94 -22.56 -15.46
N GLN A 60 -3.84 -21.93 -15.04
CA GLN A 60 -2.52 -22.50 -15.27
C GLN A 60 -2.31 -23.76 -14.41
N GLN A 61 -2.83 -23.74 -13.19
CA GLN A 61 -2.74 -24.89 -12.30
C GLN A 61 -3.49 -26.08 -12.92
N GLN A 62 -4.67 -25.82 -13.48
CA GLN A 62 -5.42 -26.88 -14.15
C GLN A 62 -4.71 -27.37 -15.39
N ALA A 63 -4.04 -26.48 -16.10
CA ALA A 63 -3.27 -26.86 -17.30
C ALA A 63 -2.08 -27.75 -16.93
N ALA A 64 -1.55 -27.59 -15.73
CA ALA A 64 -0.47 -28.45 -15.24
C ALA A 64 -1.04 -29.81 -14.77
N LEU A 65 -2.18 -29.76 -14.09
CA LEU A 65 -2.80 -30.97 -13.52
C LEU A 65 -3.44 -31.87 -14.58
N GLN A 66 -4.27 -31.27 -15.41
CA GLN A 66 -5.03 -31.96 -16.47
C GLN A 66 -5.81 -33.21 -16.03
N LYS A 67 -6.13 -33.30 -14.74
CA LYS A 67 -6.77 -34.50 -14.19
C LYS A 67 -8.10 -34.26 -13.49
N GLN A 68 -8.56 -33.02 -13.50
CA GLN A 68 -9.80 -32.66 -12.82
C GLN A 68 -10.75 -31.97 -13.79
N GLN A 69 -11.62 -32.76 -14.43
CA GLN A 69 -12.59 -32.22 -15.40
C GLN A 69 -13.74 -31.51 -14.67
N GLY B 1 8.82 22.53 -19.02
CA GLY B 1 9.29 23.88 -19.46
C GLY B 1 10.76 23.97 -19.85
N ALA B 2 11.13 25.11 -20.45
CA ALA B 2 12.50 25.37 -20.88
C ALA B 2 12.68 26.89 -20.89
N MET B 3 13.92 27.34 -20.98
CA MET B 3 14.24 28.77 -21.01
C MET B 3 15.33 28.98 -22.05
N VAL B 4 15.51 30.23 -22.47
CA VAL B 4 16.54 30.58 -23.45
C VAL B 4 17.25 31.85 -22.98
N GLU B 5 18.48 32.05 -23.42
CA GLU B 5 19.23 33.26 -23.09
C GLU B 5 20.10 33.67 -24.27
N ALA B 6 20.04 34.93 -24.63
CA ALA B 6 20.85 35.48 -25.72
C ALA B 6 22.21 35.95 -25.17
N ARG B 7 23.03 35.01 -24.69
CA ARG B 7 24.33 35.34 -24.05
C ARG B 7 25.43 35.73 -25.07
N SER B 8 25.07 36.52 -26.06
CA SER B 8 25.99 36.98 -27.09
C SER B 8 26.62 38.31 -26.66
N LEU B 9 27.93 38.43 -26.77
CA LEU B 9 28.64 39.66 -26.41
C LEU B 9 29.46 40.11 -27.62
N ALA B 10 29.35 41.37 -27.99
CA ALA B 10 30.03 41.89 -29.18
C ALA B 10 30.31 43.40 -29.06
N VAL B 11 30.78 43.83 -27.91
CA VAL B 11 31.08 45.23 -27.67
C VAL B 11 32.45 45.36 -26.99
N ALA B 12 33.37 45.96 -27.72
CA ALA B 12 34.74 46.16 -27.27
C ALA B 12 35.32 47.26 -28.17
N MET B 13 36.44 47.87 -27.76
CA MET B 13 37.09 48.91 -28.57
C MET B 13 38.52 48.53 -28.95
N GLY B 14 38.91 47.29 -28.65
CA GLY B 14 40.23 46.79 -29.01
C GLY B 14 41.35 47.14 -28.04
N ASP B 15 41.04 47.97 -27.06
CA ASP B 15 42.04 48.50 -26.14
C ASP B 15 42.46 47.50 -25.05
N THR B 16 41.49 47.02 -24.30
CA THR B 16 41.74 46.19 -23.12
C THR B 16 40.91 44.92 -23.20
N VAL B 17 40.51 44.60 -24.42
CA VAL B 17 39.63 43.48 -24.70
C VAL B 17 40.29 42.13 -24.36
N VAL B 18 39.51 41.30 -23.68
CA VAL B 18 39.92 39.92 -23.39
C VAL B 18 38.76 39.10 -23.92
N GLU B 19 39.02 38.27 -24.93
CA GLU B 19 37.94 37.61 -25.68
C GLU B 19 36.94 36.79 -24.85
N PRO B 20 37.41 35.85 -23.98
CA PRO B 20 36.33 35.15 -23.27
C PRO B 20 35.58 36.00 -22.24
N ALA B 21 36.31 36.82 -21.49
CA ALA B 21 35.74 37.72 -20.47
C ALA B 21 36.87 38.58 -19.88
N PRO B 22 36.64 39.88 -19.69
CA PRO B 22 37.62 40.58 -18.85
C PRO B 22 37.42 40.15 -17.38
N LEU B 23 38.50 39.94 -16.65
CA LEU B 23 38.42 39.41 -15.28
C LEU B 23 39.41 40.05 -14.33
N LYS B 24 39.14 39.82 -13.03
CA LYS B 24 39.99 40.15 -11.84
C LYS B 24 39.74 41.44 -11.03
N PRO B 25 39.36 42.59 -11.64
CA PRO B 25 39.14 43.71 -10.69
C PRO B 25 37.79 43.63 -9.96
N THR B 26 37.81 43.12 -8.74
CA THR B 26 36.59 42.96 -7.95
C THR B 26 36.96 42.93 -6.46
N SER B 27 35.95 42.85 -5.58
CA SER B 27 36.17 42.84 -4.13
C SER B 27 35.02 42.05 -3.46
N GLU B 28 35.01 40.75 -3.68
CA GLU B 28 33.92 39.88 -3.19
C GLU B 28 34.37 38.91 -2.08
N PRO B 29 34.27 39.32 -0.80
CA PRO B 29 34.66 38.36 0.24
C PRO B 29 33.61 37.26 0.43
N THR B 30 34.06 36.05 0.76
CA THR B 30 33.15 34.91 0.93
C THR B 30 33.32 34.22 2.30
N SER B 31 34.06 34.84 3.19
CA SER B 31 34.30 34.26 4.53
C SER B 31 33.09 34.52 5.44
N GLY B 32 32.82 33.59 6.35
CA GLY B 32 31.71 33.73 7.26
C GLY B 32 31.78 32.70 8.37
N PRO B 33 30.88 32.75 9.38
CA PRO B 33 30.93 31.78 10.47
C PRO B 33 30.40 30.40 10.05
N PRO B 34 30.74 29.34 10.81
CA PRO B 34 30.21 28.04 10.37
C PRO B 34 28.69 27.95 10.55
N GLY B 35 28.00 27.51 9.51
CA GLY B 35 26.55 27.46 9.51
C GLY B 35 25.95 26.09 9.77
N ASN B 36 26.72 25.17 10.36
CA ASN B 36 26.26 23.79 10.64
C ASN B 36 25.66 23.13 9.39
N ASN B 37 26.40 23.15 8.29
CA ASN B 37 25.92 22.61 7.02
C ASN B 37 25.53 21.13 7.14
N GLY B 38 24.36 20.79 6.62
CA GLY B 38 23.87 19.42 6.70
C GLY B 38 24.31 18.56 5.54
N GLY B 39 24.36 17.25 5.76
CA GLY B 39 24.79 16.31 4.72
C GLY B 39 23.71 15.93 3.74
N SER B 40 23.27 16.89 2.93
CA SER B 40 22.23 16.68 1.90
C SER B 40 20.95 16.04 2.46
N LEU B 41 20.44 16.63 3.53
CA LEU B 41 19.24 16.12 4.21
C LEU B 41 17.92 16.53 3.47
N LEU B 42 17.90 16.35 2.16
CA LEU B 42 16.73 16.73 1.34
C LEU B 42 16.34 15.56 0.44
N SER B 43 15.04 15.31 0.32
CA SER B 43 14.52 14.26 -0.55
C SER B 43 13.07 14.62 -0.83
N VAL B 44 12.51 14.04 -1.88
CA VAL B 44 11.11 14.22 -2.23
C VAL B 44 10.69 12.89 -2.86
N ILE B 45 9.43 12.51 -2.71
CA ILE B 45 8.96 11.24 -3.25
C ILE B 45 8.44 11.51 -4.66
N THR B 46 9.05 10.87 -5.65
CA THR B 46 8.65 11.03 -7.05
C THR B 46 8.47 9.69 -7.73
N GLU B 47 8.78 8.64 -6.97
CA GLU B 47 8.64 7.22 -7.41
C GLU B 47 9.27 6.87 -8.77
N GLY B 48 10.22 7.69 -9.22
CA GLY B 48 10.83 7.48 -10.54
C GLY B 48 11.97 6.47 -10.60
N VAL B 49 12.12 5.65 -9.58
CA VAL B 49 13.18 4.64 -9.54
C VAL B 49 12.62 3.33 -8.98
N GLY B 50 12.77 2.25 -9.74
CA GLY B 50 12.42 0.92 -9.24
C GLY B 50 10.95 0.53 -9.27
N GLU B 51 10.28 0.79 -10.39
CA GLU B 51 8.85 0.45 -10.56
C GLU B 51 8.52 -0.99 -10.17
N LEU B 52 9.14 -1.94 -10.89
CA LEU B 52 8.99 -3.40 -10.66
C LEU B 52 7.58 -3.98 -10.89
N SER B 53 7.54 -5.19 -11.46
CA SER B 53 6.27 -5.88 -11.69
C SER B 53 6.18 -7.16 -10.85
N VAL B 54 5.83 -6.98 -9.57
CA VAL B 54 5.67 -8.11 -8.63
C VAL B 54 4.20 -8.62 -8.74
N ILE B 55 3.50 -8.11 -9.74
CA ILE B 55 2.10 -8.43 -10.00
C ILE B 55 1.94 -8.78 -11.47
N ASP B 56 0.78 -9.33 -11.80
CA ASP B 56 0.39 -9.54 -13.19
C ASP B 56 -0.24 -8.22 -13.64
N PRO B 57 0.44 -7.45 -14.52
CA PRO B 57 -0.13 -6.14 -14.82
C PRO B 57 -1.36 -6.18 -15.73
N GLU B 58 -1.56 -7.25 -16.48
CA GLU B 58 -2.69 -7.33 -17.41
C GLU B 58 -3.95 -7.54 -16.60
N VAL B 59 -3.88 -8.45 -15.65
CA VAL B 59 -4.97 -8.72 -14.74
C VAL B 59 -5.21 -7.48 -13.88
N ALA B 60 -4.12 -6.84 -13.46
CA ALA B 60 -4.24 -5.68 -12.60
C ALA B 60 -4.93 -4.51 -13.30
N GLN B 61 -4.61 -4.29 -14.57
CA GLN B 61 -5.20 -3.19 -15.32
C GLN B 61 -6.69 -3.44 -15.55
N LYS B 62 -7.06 -4.69 -15.82
CA LYS B 62 -8.47 -5.01 -16.02
C LYS B 62 -9.23 -4.89 -14.71
N ALA B 63 -8.57 -5.24 -13.61
CA ALA B 63 -9.21 -5.14 -12.31
C ALA B 63 -9.57 -3.70 -11.96
N CYS B 64 -8.71 -2.74 -12.23
CA CYS B 64 -9.03 -1.35 -11.91
C CYS B 64 -10.06 -0.79 -12.89
N GLN B 65 -10.01 -1.24 -14.14
CA GLN B 65 -10.95 -0.76 -15.15
C GLN B 65 -12.39 -1.03 -14.69
N GLU B 66 -12.63 -2.21 -14.15
CA GLU B 66 -13.96 -2.56 -13.66
C GLU B 66 -14.35 -1.71 -12.44
N VAL B 67 -13.41 -1.47 -11.55
CA VAL B 67 -13.66 -0.69 -10.33
C VAL B 67 -14.04 0.76 -10.66
N LEU B 68 -13.33 1.39 -11.59
CA LEU B 68 -13.63 2.78 -11.92
C LEU B 68 -15.03 2.90 -12.52
N GLU B 69 -15.46 1.95 -13.33
CA GLU B 69 -16.82 2.01 -13.88
C GLU B 69 -17.87 1.76 -12.78
N LYS B 70 -17.55 0.86 -11.86
CA LYS B 70 -18.48 0.56 -10.76
C LYS B 70 -18.70 1.76 -9.86
N VAL B 71 -17.63 2.45 -9.50
CA VAL B 71 -17.74 3.60 -8.62
C VAL B 71 -18.46 4.76 -9.32
N LYS B 72 -18.31 4.86 -10.64
CA LYS B 72 -19.02 5.90 -11.39
C LYS B 72 -20.51 5.68 -11.29
N LEU B 73 -20.96 4.45 -11.39
CA LEU B 73 -22.38 4.18 -11.34
C LEU B 73 -23.00 4.20 -9.96
N LEU B 74 -22.26 3.83 -8.92
CA LEU B 74 -22.82 3.88 -7.57
C LEU B 74 -22.95 5.34 -7.12
N HIS B 75 -22.25 6.23 -7.81
CA HIS B 75 -22.36 7.66 -7.58
C HIS B 75 -23.67 8.22 -8.15
N GLY B 76 -24.27 7.49 -9.07
CA GLY B 76 -25.48 7.94 -9.74
C GLY B 76 -25.30 7.85 -11.24
N GLY B 77 -26.08 8.63 -12.00
CA GLY B 77 -25.96 8.61 -13.45
C GLY B 77 -24.77 9.42 -13.94
N VAL B 78 -24.43 10.45 -13.18
CA VAL B 78 -23.29 11.35 -13.46
C VAL B 78 -23.24 11.83 -14.93
N ALA B 79 -24.41 12.06 -15.50
CA ALA B 79 -24.52 12.51 -16.88
C ALA B 79 -25.62 13.56 -16.91
N VAL B 80 -25.25 14.74 -17.39
CA VAL B 80 -26.15 15.89 -17.51
C VAL B 80 -26.70 16.03 -18.93
N MET A 1 4.61 -14.02 4.61
CA MET A 1 4.22 -12.87 5.49
C MET A 1 4.35 -11.48 4.83
N GLN A 2 3.43 -10.56 5.24
CA GLN A 2 3.31 -9.17 4.73
C GLN A 2 3.00 -9.12 3.22
N GLN A 3 2.68 -10.26 2.65
CA GLN A 3 2.47 -10.38 1.20
C GLN A 3 1.47 -9.40 0.60
N LYS A 4 0.32 -9.20 1.25
CA LYS A 4 -0.68 -8.25 0.73
C LYS A 4 -0.14 -6.83 0.60
N GLN A 5 0.74 -6.41 1.50
CA GLN A 5 1.21 -5.02 1.52
C GLN A 5 1.97 -4.65 0.24
N GLN A 6 2.83 -5.53 -0.22
CA GLN A 6 3.58 -5.25 -1.43
C GLN A 6 2.66 -5.25 -2.66
N ILE A 7 1.60 -6.06 -2.63
CA ILE A 7 0.63 -6.07 -3.73
C ILE A 7 0.01 -4.70 -3.84
N MET A 8 -0.46 -4.16 -2.72
CA MET A 8 -1.17 -2.89 -2.74
C MET A 8 -0.26 -1.73 -3.18
N ALA A 9 1.02 -1.81 -2.87
CA ALA A 9 1.98 -0.82 -3.35
C ALA A 9 2.13 -0.93 -4.89
N ALA A 10 2.13 -2.15 -5.41
CA ALA A 10 2.30 -2.36 -6.84
C ALA A 10 1.04 -1.94 -7.58
N LEU A 11 -0.11 -2.19 -6.98
CA LEU A 11 -1.37 -1.79 -7.57
C LEU A 11 -1.44 -0.29 -7.62
N ASN A 12 -0.97 0.36 -6.58
CA ASN A 12 -0.91 1.82 -6.55
C ASN A 12 0.03 2.36 -7.60
N SER A 13 1.13 1.68 -7.84
CA SER A 13 2.12 2.16 -8.81
C SER A 13 1.49 2.31 -10.21
N GLN A 14 0.84 1.27 -10.70
CA GLN A 14 0.32 1.28 -12.07
C GLN A 14 -0.97 2.09 -12.25
N THR A 15 -1.65 2.44 -11.15
CA THR A 15 -2.93 3.15 -11.25
C THR A 15 -2.89 4.48 -10.50
N ALA A 16 -1.69 4.94 -10.17
CA ALA A 16 -1.53 6.16 -9.39
C ALA A 16 -2.28 7.33 -10.04
N VAL A 17 -2.04 7.52 -11.32
CA VAL A 17 -2.65 8.64 -12.04
C VAL A 17 -4.13 8.33 -12.28
N GLN A 18 -4.48 7.08 -12.49
CA GLN A 18 -5.86 6.74 -12.76
C GLN A 18 -6.77 7.08 -11.58
N PHE A 19 -6.34 6.73 -10.38
CA PHE A 19 -7.13 6.99 -9.18
C PHE A 19 -7.14 8.48 -8.90
N GLN A 20 -6.02 9.13 -9.12
CA GLN A 20 -5.92 10.57 -8.90
C GLN A 20 -6.81 11.37 -9.83
N GLN A 21 -6.82 11.00 -11.11
CA GLN A 21 -7.64 11.72 -12.08
C GLN A 21 -9.13 11.56 -11.79
N TYR A 22 -9.54 10.37 -11.38
CA TYR A 22 -10.95 10.15 -11.06
C TYR A 22 -11.33 10.90 -9.81
N ALA A 23 -10.47 10.89 -8.82
CA ALA A 23 -10.72 11.59 -7.57
C ALA A 23 -10.77 13.10 -7.80
N ALA A 24 -9.96 13.59 -8.73
CA ALA A 24 -9.97 15.00 -9.10
C ALA A 24 -11.24 15.34 -9.88
N GLN A 25 -11.80 14.39 -10.62
CA GLN A 25 -13.03 14.63 -11.34
C GLN A 25 -14.21 14.73 -10.37
N GLN A 26 -14.20 13.91 -9.35
CA GLN A 26 -15.29 13.90 -8.38
C GLN A 26 -15.15 14.98 -7.30
N TYR A 27 -13.93 15.21 -6.86
CA TYR A 27 -13.65 16.18 -5.80
C TYR A 27 -12.50 17.12 -6.17
N PRO A 28 -12.72 17.98 -7.19
CA PRO A 28 -11.57 18.80 -7.60
C PRO A 28 -11.13 19.74 -6.49
N GLY A 29 -9.82 19.91 -6.38
CA GLY A 29 -9.27 20.79 -5.36
C GLY A 29 -9.16 20.21 -3.96
N ASN A 30 -10.04 19.27 -3.61
CA ASN A 30 -10.12 18.80 -2.24
C ASN A 30 -9.24 17.60 -2.05
N TYR A 31 -7.97 17.83 -1.75
CA TYR A 31 -7.01 16.73 -1.63
C TYR A 31 -7.38 15.70 -0.54
N GLU A 32 -8.03 16.13 0.53
CA GLU A 32 -8.41 15.23 1.59
C GLU A 32 -9.48 14.28 1.08
N GLN A 33 -10.51 14.84 0.46
CA GLN A 33 -11.59 14.03 -0.12
C GLN A 33 -11.06 13.11 -1.21
N GLN A 34 -10.10 13.61 -1.98
CA GLN A 34 -9.49 12.82 -3.03
C GLN A 34 -8.83 11.58 -2.45
N GLN A 35 -8.07 11.72 -1.38
CA GLN A 35 -7.40 10.59 -0.75
C GLN A 35 -8.39 9.56 -0.22
N ILE A 36 -9.48 10.06 0.37
CA ILE A 36 -10.53 9.17 0.88
C ILE A 36 -11.11 8.30 -0.24
N LEU A 37 -11.38 8.86 -1.40
CA LEU A 37 -11.87 8.06 -2.52
C LEU A 37 -10.78 7.13 -3.02
N ILE A 38 -9.56 7.61 -3.09
CA ILE A 38 -8.43 6.79 -3.54
C ILE A 38 -8.28 5.56 -2.62
N ARG A 39 -8.51 5.71 -1.33
CA ARG A 39 -8.43 4.56 -0.42
C ARG A 39 -9.46 3.49 -0.77
N GLN A 40 -10.67 3.91 -1.09
CA GLN A 40 -11.73 2.98 -1.47
C GLN A 40 -11.37 2.30 -2.80
N LEU A 41 -10.83 3.07 -3.73
CA LEU A 41 -10.38 2.53 -5.02
C LEU A 41 -9.26 1.52 -4.83
N GLN A 42 -8.34 1.76 -3.91
CA GLN A 42 -7.25 0.82 -3.64
C GLN A 42 -7.77 -0.51 -3.13
N GLU A 43 -8.70 -0.47 -2.20
CA GLU A 43 -9.21 -1.71 -1.62
C GLU A 43 -9.98 -2.49 -2.67
N GLN A 44 -10.88 -1.83 -3.39
CA GLN A 44 -11.65 -2.49 -4.42
C GLN A 44 -10.76 -3.02 -5.53
N HIS A 45 -9.71 -2.29 -5.87
CA HIS A 45 -8.75 -2.76 -6.89
C HIS A 45 -8.10 -4.05 -6.44
N TYR A 46 -7.69 -4.11 -5.17
CA TYR A 46 -7.06 -5.31 -4.66
C TYR A 46 -8.03 -6.49 -4.63
N GLN A 47 -9.25 -6.26 -4.18
CA GLN A 47 -10.24 -7.32 -4.12
C GLN A 47 -10.53 -7.87 -5.51
N GLN A 48 -10.78 -6.99 -6.49
CA GLN A 48 -11.05 -7.41 -7.87
C GLN A 48 -9.84 -8.09 -8.50
N TYR A 49 -8.65 -7.53 -8.31
CA TYR A 49 -7.44 -8.12 -8.89
C TYR A 49 -7.17 -9.49 -8.31
N MET A 50 -7.26 -9.65 -7.00
CA MET A 50 -6.97 -10.95 -6.39
C MET A 50 -8.00 -11.99 -6.78
N GLN A 51 -9.26 -11.60 -6.89
CA GLN A 51 -10.30 -12.53 -7.34
C GLN A 51 -10.04 -12.96 -8.76
N GLN A 52 -9.68 -12.02 -9.62
CA GLN A 52 -9.49 -12.33 -11.02
C GLN A 52 -8.18 -13.11 -11.26
N LEU A 53 -7.13 -12.73 -10.54
CA LEU A 53 -5.84 -13.42 -10.64
C LEU A 53 -5.99 -14.85 -10.16
N TYR A 54 -6.80 -15.06 -9.14
CA TYR A 54 -7.02 -16.40 -8.61
C TYR A 54 -7.54 -17.30 -9.72
N GLN A 55 -8.47 -16.80 -10.51
CA GLN A 55 -9.03 -17.59 -11.61
C GLN A 55 -7.97 -17.87 -12.69
N VAL A 56 -7.02 -16.97 -12.88
CA VAL A 56 -5.97 -17.18 -13.89
C VAL A 56 -4.99 -18.24 -13.44
N GLN A 57 -4.51 -18.15 -12.20
CA GLN A 57 -3.56 -19.14 -11.70
C GLN A 57 -4.28 -20.48 -11.51
N LEU A 58 -5.58 -20.42 -11.26
CA LEU A 58 -6.40 -21.62 -11.16
C LEU A 58 -6.47 -22.30 -12.52
N ALA A 59 -6.66 -21.54 -13.58
CA ALA A 59 -6.73 -22.09 -14.92
C ALA A 59 -5.40 -22.79 -15.24
N GLN A 60 -4.28 -22.14 -14.90
CA GLN A 60 -2.97 -22.74 -15.12
C GLN A 60 -2.79 -23.99 -14.24
N GLN A 61 -3.29 -23.95 -13.02
CA GLN A 61 -3.21 -25.10 -12.10
C GLN A 61 -4.06 -26.26 -12.62
N GLN A 62 -5.20 -25.97 -13.20
CA GLN A 62 -6.06 -27.02 -13.77
C GLN A 62 -5.35 -27.72 -14.91
N ALA A 63 -4.56 -26.96 -15.68
CA ALA A 63 -3.80 -27.51 -16.79
C ALA A 63 -2.62 -28.38 -16.29
N ALA A 64 -2.17 -28.13 -15.08
CA ALA A 64 -1.13 -28.98 -14.48
C ALA A 64 -1.78 -30.25 -13.88
N LEU A 65 -2.95 -30.08 -13.29
CA LEU A 65 -3.68 -31.18 -12.63
C LEU A 65 -4.19 -32.22 -13.61
N GLN A 66 -4.85 -31.74 -14.66
CA GLN A 66 -5.45 -32.60 -15.70
C GLN A 66 -6.14 -33.84 -15.14
N LYS A 67 -7.06 -33.60 -14.22
CA LYS A 67 -7.91 -34.65 -13.59
C LYS A 67 -7.11 -35.70 -12.81
N GLN A 68 -6.42 -35.28 -11.77
CA GLN A 68 -5.70 -36.17 -10.87
C GLN A 68 -6.30 -35.99 -9.49
N GLN A 69 -6.72 -37.11 -8.92
CA GLN A 69 -7.26 -37.17 -7.56
C GLN A 69 -6.15 -37.02 -6.52
N GLY B 1 1.81 9.07 28.95
CA GLY B 1 2.98 8.84 29.85
C GLY B 1 2.80 9.28 31.30
N ALA B 2 3.90 9.15 32.06
CA ALA B 2 3.91 9.51 33.48
C ALA B 2 4.12 11.02 33.66
N MET B 3 4.70 11.65 32.65
CA MET B 3 5.00 13.09 32.62
C MET B 3 5.94 13.52 33.77
N VAL B 4 6.23 14.82 33.84
CA VAL B 4 7.20 15.37 34.81
C VAL B 4 6.66 16.70 35.34
N GLU B 5 7.39 17.28 36.29
CA GLU B 5 7.12 18.62 36.87
C GLU B 5 5.77 18.74 37.61
N ALA B 6 5.22 17.60 38.03
CA ALA B 6 4.04 17.57 38.89
C ALA B 6 4.45 17.86 40.36
N ARG B 7 4.90 19.09 40.63
CA ARG B 7 5.34 19.47 41.99
C ARG B 7 4.88 20.89 42.34
N SER B 8 4.30 21.07 43.52
CA SER B 8 3.85 22.39 43.94
C SER B 8 3.81 22.44 45.46
N LEU B 9 3.64 23.63 46.01
CA LEU B 9 3.45 23.85 47.44
C LEU B 9 2.40 24.95 47.56
N ALA B 10 1.56 24.93 48.59
CA ALA B 10 0.50 25.92 48.76
C ALA B 10 0.46 26.42 50.21
N VAL B 11 1.64 26.70 50.77
CA VAL B 11 1.83 27.16 52.17
C VAL B 11 1.46 26.06 53.18
N ALA B 12 2.48 25.50 53.81
CA ALA B 12 2.29 24.44 54.78
C ALA B 12 2.05 25.01 56.18
N MET B 13 1.55 24.15 57.06
CA MET B 13 1.28 24.47 58.47
C MET B 13 0.20 25.56 58.62
N GLY B 14 0.21 26.26 59.74
CA GLY B 14 -0.90 27.17 60.06
C GLY B 14 -1.83 26.42 60.99
N ASP B 15 -3.12 26.46 60.72
CA ASP B 15 -4.13 25.80 61.58
C ASP B 15 -4.03 24.28 61.50
N THR B 16 -3.34 23.76 60.49
CA THR B 16 -3.13 22.32 60.29
C THR B 16 -4.39 21.48 60.43
N VAL B 17 -5.49 21.96 59.87
CA VAL B 17 -6.75 21.23 59.89
C VAL B 17 -6.56 19.92 59.11
N VAL B 18 -6.74 18.81 59.80
CA VAL B 18 -6.55 17.50 59.20
C VAL B 18 -7.57 16.57 59.85
N GLU B 19 -8.13 15.70 59.01
CA GLU B 19 -9.14 14.71 59.41
C GLU B 19 -10.31 15.17 60.34
N PRO B 20 -10.92 16.36 60.09
CA PRO B 20 -12.08 16.64 60.95
C PRO B 20 -13.37 15.95 60.45
N ALA B 21 -13.27 15.32 59.29
CA ALA B 21 -14.42 14.73 58.61
C ALA B 21 -14.62 13.27 59.05
N PRO B 22 -15.84 12.72 58.87
CA PRO B 22 -15.98 11.27 59.06
C PRO B 22 -15.25 10.50 57.96
N LEU B 23 -15.21 9.18 58.07
CA LEU B 23 -14.47 8.28 57.18
C LEU B 23 -14.16 8.81 55.79
N LYS B 24 -12.91 9.20 55.62
CA LYS B 24 -12.43 9.86 54.41
C LYS B 24 -12.15 8.98 53.15
N PRO B 25 -11.62 7.76 53.32
CA PRO B 25 -11.23 7.14 52.04
C PRO B 25 -12.37 6.70 51.12
N THR B 26 -12.22 7.04 49.84
CA THR B 26 -13.23 6.75 48.82
C THR B 26 -12.64 5.93 47.67
N SER B 27 -11.48 5.30 47.91
CA SER B 27 -10.78 4.47 46.90
C SER B 27 -10.47 5.28 45.62
N GLU B 28 -10.01 6.50 45.81
CA GLU B 28 -9.75 7.44 44.71
C GLU B 28 -8.54 7.02 43.86
N PRO B 29 -8.76 6.71 42.57
CA PRO B 29 -7.57 6.43 41.76
C PRO B 29 -6.87 7.72 41.29
N THR B 30 -5.58 7.65 41.03
CA THR B 30 -4.84 8.82 40.50
C THR B 30 -5.11 9.01 39.01
N SER B 31 -5.54 7.94 38.35
CA SER B 31 -5.80 7.91 36.91
C SER B 31 -4.54 8.27 36.10
N GLY B 32 -4.72 8.55 34.81
CA GLY B 32 -3.60 8.93 33.95
C GLY B 32 -4.02 8.99 32.49
N PRO B 33 -3.19 9.54 31.60
CA PRO B 33 -3.55 9.60 30.17
C PRO B 33 -3.45 8.22 29.47
N PRO B 34 -4.05 8.07 28.28
CA PRO B 34 -3.92 6.77 27.62
C PRO B 34 -2.51 6.48 27.12
N GLY B 35 -2.22 5.20 26.94
CA GLY B 35 -0.90 4.79 26.47
C GLY B 35 -1.03 3.56 25.60
N ASN B 36 0.10 2.95 25.29
CA ASN B 36 0.17 1.74 24.46
C ASN B 36 -0.46 1.95 23.07
N ASN B 37 -0.41 3.18 22.57
CA ASN B 37 -0.93 3.53 21.24
C ASN B 37 0.21 3.73 20.25
N GLY B 38 1.37 4.12 20.78
CA GLY B 38 2.54 4.36 19.95
C GLY B 38 2.56 5.74 19.30
N GLY B 39 3.67 6.08 18.66
CA GLY B 39 3.80 7.37 17.98
C GLY B 39 5.10 7.40 17.20
N SER B 40 5.47 6.25 16.65
CA SER B 40 6.74 6.07 15.94
C SER B 40 6.51 5.58 14.51
N LEU B 41 5.69 6.30 13.78
CA LEU B 41 5.32 5.91 12.41
C LEU B 41 5.52 7.12 11.45
N LEU B 42 6.75 7.63 11.40
CA LEU B 42 7.08 8.77 10.56
C LEU B 42 8.51 8.58 10.08
N SER B 43 8.88 9.28 9.03
CA SER B 43 10.20 9.15 8.45
C SER B 43 10.53 10.47 7.77
N VAL B 44 11.81 10.72 7.55
CA VAL B 44 12.27 11.91 6.86
C VAL B 44 12.01 11.67 5.37
N ILE B 45 11.54 12.68 4.66
CA ILE B 45 11.33 12.56 3.21
C ILE B 45 12.68 12.34 2.55
N THR B 46 12.79 11.31 1.72
CA THR B 46 14.07 10.95 1.10
C THR B 46 13.99 10.93 -0.42
N GLU B 47 12.77 11.19 -0.91
CA GLU B 47 12.46 11.30 -2.35
C GLU B 47 13.00 10.17 -3.27
N GLY B 48 13.23 9.01 -2.69
CA GLY B 48 13.80 7.88 -3.42
C GLY B 48 12.89 6.71 -3.66
N VAL B 49 11.61 6.99 -3.88
CA VAL B 49 10.60 5.92 -4.08
C VAL B 49 9.83 6.23 -5.37
N GLY B 50 9.65 5.22 -6.22
CA GLY B 50 8.91 5.40 -7.46
C GLY B 50 7.87 4.32 -7.64
N GLU B 51 8.16 3.35 -8.47
CA GLU B 51 7.21 2.26 -8.76
C GLU B 51 7.87 0.89 -8.62
N LEU B 52 7.06 -0.14 -8.41
CA LEU B 52 7.53 -1.53 -8.40
C LEU B 52 6.38 -2.42 -8.89
N SER B 53 6.69 -3.34 -9.79
CA SER B 53 5.66 -4.17 -10.44
C SER B 53 5.81 -5.68 -10.16
N VAL B 54 5.62 -6.07 -8.91
CA VAL B 54 5.71 -7.50 -8.51
C VAL B 54 4.41 -8.26 -8.87
N ILE B 55 3.45 -7.55 -9.40
CA ILE B 55 2.13 -8.08 -9.76
C ILE B 55 2.10 -8.48 -11.22
N ASP B 56 1.07 -9.22 -11.62
CA ASP B 56 0.76 -9.38 -13.05
C ASP B 56 0.06 -8.09 -13.44
N PRO B 57 0.71 -7.24 -14.25
CA PRO B 57 0.07 -5.94 -14.47
C PRO B 57 -1.15 -5.99 -15.37
N GLU B 58 -1.25 -7.01 -16.21
CA GLU B 58 -2.36 -7.13 -17.17
C GLU B 58 -3.70 -7.36 -16.50
N VAL B 59 -3.78 -8.33 -15.61
CA VAL B 59 -5.04 -8.60 -14.89
C VAL B 59 -5.30 -7.43 -13.93
N ALA B 60 -4.25 -6.83 -13.40
CA ALA B 60 -4.42 -5.70 -12.49
C ALA B 60 -5.00 -4.49 -13.25
N GLN B 61 -4.58 -4.30 -14.49
CA GLN B 61 -5.10 -3.21 -15.31
C GLN B 61 -6.58 -3.43 -15.61
N LYS B 62 -6.96 -4.65 -15.94
CA LYS B 62 -8.38 -4.93 -16.22
C LYS B 62 -9.20 -4.74 -14.96
N ALA B 63 -8.65 -5.18 -13.84
CA ALA B 63 -9.31 -5.04 -12.56
C ALA B 63 -9.59 -3.57 -12.20
N CYS B 64 -8.63 -2.67 -12.41
CA CYS B 64 -8.87 -1.27 -12.07
C CYS B 64 -9.89 -0.65 -13.02
N GLN B 65 -9.87 -1.06 -14.29
CA GLN B 65 -10.81 -0.52 -15.26
C GLN B 65 -12.24 -0.79 -14.79
N GLU B 66 -12.50 -2.01 -14.36
CA GLU B 66 -13.82 -2.37 -13.86
C GLU B 66 -14.21 -1.62 -12.59
N VAL B 67 -13.26 -1.44 -11.68
CA VAL B 67 -13.54 -0.75 -10.43
C VAL B 67 -13.94 0.70 -10.71
N LEU B 68 -13.20 1.42 -11.54
CA LEU B 68 -13.54 2.81 -11.80
C LEU B 68 -14.94 2.92 -12.40
N GLU B 69 -15.28 2.03 -13.32
CA GLU B 69 -16.61 2.04 -13.92
C GLU B 69 -17.71 1.76 -12.90
N LYS B 70 -17.45 0.81 -11.99
CA LYS B 70 -18.41 0.49 -10.95
C LYS B 70 -18.63 1.67 -10.02
N VAL B 71 -17.57 2.38 -9.65
CA VAL B 71 -17.72 3.50 -8.71
C VAL B 71 -18.48 4.65 -9.41
N LYS B 72 -18.24 4.85 -10.69
CA LYS B 72 -19.00 5.85 -11.46
C LYS B 72 -20.50 5.51 -11.45
N LEU B 73 -20.82 4.23 -11.52
CA LEU B 73 -22.21 3.80 -11.55
C LEU B 73 -22.93 3.80 -10.21
N LEU B 74 -22.26 3.39 -9.14
CA LEU B 74 -22.89 3.34 -7.82
C LEU B 74 -23.21 4.74 -7.30
N HIS B 75 -22.65 5.74 -7.97
CA HIS B 75 -22.93 7.14 -7.68
C HIS B 75 -24.33 7.58 -8.16
N GLY B 76 -24.99 6.74 -8.95
CA GLY B 76 -26.32 7.06 -9.47
C GLY B 76 -27.40 6.33 -8.71
N GLY B 77 -28.50 6.00 -9.38
CA GLY B 77 -29.59 5.28 -8.73
C GLY B 77 -30.56 6.16 -7.99
N VAL B 78 -30.03 6.97 -7.07
CA VAL B 78 -30.86 7.83 -6.21
C VAL B 78 -30.83 9.28 -6.69
N ALA B 79 -30.18 9.52 -7.82
CA ALA B 79 -30.06 10.86 -8.38
C ALA B 79 -30.66 10.90 -9.78
N VAL B 80 -31.80 11.57 -9.89
CA VAL B 80 -32.51 11.74 -11.19
C VAL B 80 -32.09 13.03 -11.90
N MET A 1 -0.51 -10.25 7.07
CA MET A 1 -0.79 -9.20 6.03
C MET A 1 0.41 -8.69 5.19
N GLN A 2 1.64 -9.04 5.62
CA GLN A 2 2.88 -8.56 4.99
C GLN A 2 2.94 -8.86 3.49
N GLN A 3 2.54 -10.06 3.09
CA GLN A 3 2.54 -10.43 1.68
C GLN A 3 1.55 -9.59 0.88
N LYS A 4 0.40 -9.28 1.46
CA LYS A 4 -0.59 -8.45 0.78
C LYS A 4 -0.05 -7.04 0.57
N GLN A 5 0.73 -6.53 1.53
CA GLN A 5 1.21 -5.16 1.44
C GLN A 5 2.06 -4.88 0.20
N GLN A 6 2.88 -5.83 -0.25
CA GLN A 6 3.67 -5.60 -1.45
C GLN A 6 2.76 -5.55 -2.68
N ILE A 7 1.66 -6.29 -2.65
CA ILE A 7 0.70 -6.26 -3.74
C ILE A 7 0.06 -4.89 -3.75
N MET A 8 -0.41 -4.42 -2.60
CA MET A 8 -1.07 -3.12 -2.53
C MET A 8 -0.17 -2.03 -3.07
N ALA A 9 1.08 -2.03 -2.64
CA ALA A 9 2.02 -1.02 -3.09
C ALA A 9 2.18 -1.06 -4.61
N ALA A 10 2.24 -2.25 -5.18
CA ALA A 10 2.47 -2.41 -6.60
C ALA A 10 1.23 -1.97 -7.40
N LEU A 11 0.07 -2.35 -6.91
CA LEU A 11 -1.19 -1.99 -7.57
C LEU A 11 -1.40 -0.50 -7.51
N ASN A 12 -1.11 0.07 -6.36
CA ASN A 12 -1.35 1.49 -6.13
C ASN A 12 -0.41 2.30 -7.01
N SER A 13 0.76 1.76 -7.28
CA SER A 13 1.74 2.43 -8.14
C SER A 13 1.26 2.50 -9.59
N GLN A 14 0.84 1.38 -10.14
CA GLN A 14 0.46 1.36 -11.57
C GLN A 14 -0.88 2.05 -11.82
N THR A 15 -1.62 2.35 -10.77
CA THR A 15 -2.89 3.05 -10.91
C THR A 15 -2.84 4.40 -10.23
N ALA A 16 -1.65 4.85 -9.86
CA ALA A 16 -1.51 6.10 -9.12
C ALA A 16 -2.16 7.25 -9.86
N VAL A 17 -1.76 7.44 -11.11
CA VAL A 17 -2.28 8.54 -11.90
C VAL A 17 -3.75 8.30 -12.24
N GLN A 18 -4.13 7.05 -12.46
CA GLN A 18 -5.51 6.75 -12.83
C GLN A 18 -6.48 7.09 -11.70
N PHE A 19 -6.11 6.73 -10.47
CA PHE A 19 -6.96 6.99 -9.32
C PHE A 19 -6.96 8.47 -9.02
N GLN A 20 -5.82 9.11 -9.23
CA GLN A 20 -5.71 10.56 -9.03
C GLN A 20 -6.58 11.32 -10.04
N GLN A 21 -6.55 10.92 -11.30
CA GLN A 21 -7.34 11.59 -12.33
C GLN A 21 -8.81 11.42 -12.04
N TYR A 22 -9.23 10.22 -11.68
CA TYR A 22 -10.63 9.98 -11.37
C TYR A 22 -11.06 10.80 -10.15
N ALA A 23 -10.24 10.81 -9.12
CA ALA A 23 -10.58 11.53 -7.90
C ALA A 23 -10.64 13.04 -8.16
N ALA A 24 -9.76 13.52 -9.03
CA ALA A 24 -9.74 14.93 -9.38
C ALA A 24 -10.96 15.28 -10.22
N GLN A 25 -11.42 14.36 -11.05
CA GLN A 25 -12.63 14.60 -11.83
C GLN A 25 -13.84 14.65 -10.95
N GLN A 26 -13.86 13.82 -9.92
CA GLN A 26 -15.02 13.73 -9.06
C GLN A 26 -15.07 14.84 -8.03
N TYR A 27 -13.93 15.12 -7.41
CA TYR A 27 -13.83 16.11 -6.34
C TYR A 27 -12.66 17.06 -6.60
N PRO A 28 -12.76 17.88 -7.66
CA PRO A 28 -11.59 18.71 -7.98
C PRO A 28 -11.25 19.69 -6.86
N GLY A 29 -9.96 19.86 -6.58
CA GLY A 29 -9.52 20.75 -5.53
C GLY A 29 -9.60 20.19 -4.12
N ASN A 30 -10.47 19.22 -3.88
CA ASN A 30 -10.67 18.70 -2.54
C ASN A 30 -9.70 17.57 -2.24
N TYR A 31 -8.49 17.91 -1.83
CA TYR A 31 -7.46 16.92 -1.53
C TYR A 31 -7.95 15.82 -0.59
N GLU A 32 -8.61 16.19 0.49
CA GLU A 32 -9.06 15.19 1.46
C GLU A 32 -10.10 14.24 0.87
N GLN A 33 -11.10 14.77 0.18
CA GLN A 33 -12.13 13.91 -0.44
C GLN A 33 -11.50 13.02 -1.50
N GLN A 34 -10.52 13.55 -2.20
CA GLN A 34 -9.79 12.77 -3.19
C GLN A 34 -9.09 11.60 -2.53
N GLN A 35 -8.42 11.82 -1.41
CA GLN A 35 -7.74 10.73 -0.71
C GLN A 35 -8.71 9.66 -0.23
N ILE A 36 -9.84 10.09 0.32
CA ILE A 36 -10.84 9.15 0.83
C ILE A 36 -11.39 8.28 -0.31
N LEU A 37 -11.63 8.90 -1.46
CA LEU A 37 -12.07 8.14 -2.63
C LEU A 37 -10.98 7.16 -3.08
N ILE A 38 -9.74 7.63 -3.14
CA ILE A 38 -8.62 6.79 -3.56
C ILE A 38 -8.46 5.60 -2.62
N ARG A 39 -8.63 5.79 -1.32
CA ARG A 39 -8.52 4.67 -0.37
C ARG A 39 -9.47 3.52 -0.70
N GLN A 40 -10.73 3.84 -1.00
CA GLN A 40 -11.71 2.81 -1.33
C GLN A 40 -11.35 2.17 -2.67
N LEU A 41 -10.89 2.99 -3.61
CA LEU A 41 -10.46 2.54 -4.92
C LEU A 41 -9.31 1.54 -4.82
N GLN A 42 -8.36 1.79 -3.93
CA GLN A 42 -7.20 0.92 -3.74
C GLN A 42 -7.61 -0.43 -3.17
N GLU A 43 -8.52 -0.43 -2.20
CA GLU A 43 -8.96 -1.67 -1.59
C GLU A 43 -9.78 -2.50 -2.57
N GLN A 44 -10.75 -1.87 -3.23
CA GLN A 44 -11.58 -2.58 -4.20
C GLN A 44 -10.74 -3.10 -5.36
N HIS A 45 -9.75 -2.32 -5.79
CA HIS A 45 -8.86 -2.76 -6.86
C HIS A 45 -8.17 -4.03 -6.47
N TYR A 46 -7.59 -4.06 -5.26
CA TYR A 46 -6.94 -5.28 -4.78
C TYR A 46 -7.86 -6.48 -4.75
N GLN A 47 -9.07 -6.28 -4.24
CA GLN A 47 -10.02 -7.39 -4.15
C GLN A 47 -10.33 -7.93 -5.55
N GLN A 48 -10.63 -7.04 -6.48
CA GLN A 48 -10.97 -7.47 -7.84
C GLN A 48 -9.76 -8.08 -8.55
N TYR A 49 -8.57 -7.52 -8.31
CA TYR A 49 -7.34 -8.04 -8.89
C TYR A 49 -7.08 -9.45 -8.42
N MET A 50 -7.16 -9.69 -7.12
CA MET A 50 -6.85 -11.00 -6.57
C MET A 50 -7.87 -12.03 -7.04
N GLN A 51 -9.13 -11.64 -7.11
CA GLN A 51 -10.17 -12.55 -7.56
C GLN A 51 -9.98 -12.92 -9.03
N GLN A 52 -9.64 -11.95 -9.86
CA GLN A 52 -9.44 -12.22 -11.28
C GLN A 52 -8.16 -13.00 -11.51
N LEU A 53 -7.09 -12.61 -10.81
CA LEU A 53 -5.80 -13.28 -10.93
C LEU A 53 -5.93 -14.75 -10.56
N TYR A 54 -6.75 -15.03 -9.56
CA TYR A 54 -6.96 -16.41 -9.14
C TYR A 54 -7.49 -17.21 -10.32
N GLN A 55 -8.43 -16.65 -11.06
CA GLN A 55 -9.02 -17.37 -12.19
C GLN A 55 -8.00 -17.61 -13.30
N VAL A 56 -7.10 -16.67 -13.51
CA VAL A 56 -6.08 -16.79 -14.56
C VAL A 56 -5.11 -17.92 -14.23
N GLN A 57 -4.57 -17.94 -13.02
CA GLN A 57 -3.62 -18.98 -12.63
C GLN A 57 -4.31 -20.32 -12.49
N LEU A 58 -5.57 -20.30 -12.07
CA LEU A 58 -6.39 -21.50 -11.94
C LEU A 58 -6.62 -22.13 -13.30
N ALA A 59 -6.88 -21.30 -14.30
CA ALA A 59 -7.05 -21.78 -15.66
C ALA A 59 -5.81 -22.57 -16.11
N GLN A 60 -4.63 -22.07 -15.77
CA GLN A 60 -3.39 -22.77 -16.10
C GLN A 60 -3.26 -24.07 -15.28
N GLN A 61 -3.67 -24.02 -14.02
CA GLN A 61 -3.63 -25.20 -13.16
C GLN A 61 -4.54 -26.32 -13.70
N GLN A 62 -5.69 -25.95 -14.24
CA GLN A 62 -6.60 -26.95 -14.80
C GLN A 62 -5.99 -27.63 -16.01
N ALA A 63 -5.31 -26.86 -16.84
CA ALA A 63 -4.66 -27.39 -18.03
C ALA A 63 -3.45 -28.28 -17.67
N ALA A 64 -2.81 -27.98 -16.54
CA ALA A 64 -1.70 -28.78 -16.06
C ALA A 64 -2.21 -30.12 -15.47
N LEU A 65 -3.44 -30.13 -15.00
CA LEU A 65 -4.01 -31.31 -14.35
C LEU A 65 -4.70 -32.24 -15.34
N GLN A 66 -5.64 -31.71 -16.12
CA GLN A 66 -6.43 -32.47 -17.10
C GLN A 66 -7.02 -33.78 -16.52
N LYS A 67 -7.38 -33.75 -15.23
CA LYS A 67 -7.84 -34.96 -14.54
C LYS A 67 -9.31 -34.97 -14.23
N GLN A 68 -9.97 -33.86 -14.51
CA GLN A 68 -11.40 -33.71 -14.27
C GLN A 68 -11.97 -32.78 -15.31
N GLN A 69 -12.87 -33.29 -16.16
CA GLN A 69 -13.50 -32.51 -17.24
C GLN A 69 -14.61 -31.57 -16.73
N GLY B 1 26.69 -3.67 -6.21
CA GLY B 1 25.59 -2.68 -5.96
C GLY B 1 26.09 -1.32 -5.51
N ALA B 2 27.39 -1.13 -5.76
CA ALA B 2 28.10 0.10 -5.45
C ALA B 2 29.29 0.20 -6.40
N MET B 3 29.78 1.42 -6.60
CA MET B 3 30.93 1.68 -7.47
C MET B 3 31.63 2.89 -6.86
N VAL B 4 32.96 2.89 -6.89
CA VAL B 4 33.74 3.98 -6.33
C VAL B 4 34.89 4.27 -7.28
N GLU B 5 35.45 5.47 -7.20
CA GLU B 5 36.59 5.85 -8.02
C GLU B 5 37.56 6.68 -7.18
N ALA B 6 38.83 6.65 -7.54
CA ALA B 6 39.87 7.37 -6.83
C ALA B 6 41.06 7.62 -7.77
N ARG B 7 41.06 8.76 -8.45
CA ARG B 7 42.16 9.07 -9.37
C ARG B 7 43.40 9.40 -8.54
N SER B 8 44.56 8.92 -8.98
CA SER B 8 45.81 9.17 -8.28
C SER B 8 46.91 9.22 -9.34
N LEU B 9 48.15 9.43 -8.89
CA LEU B 9 49.34 9.50 -9.76
C LEU B 9 49.16 10.52 -10.90
N ALA B 10 48.73 11.72 -10.52
CA ALA B 10 48.49 12.81 -11.48
C ALA B 10 49.51 13.94 -11.26
N VAL B 11 50.58 13.63 -10.53
CA VAL B 11 51.60 14.57 -10.18
C VAL B 11 52.87 13.77 -10.30
N ALA B 12 53.98 14.47 -10.10
CA ALA B 12 55.37 13.98 -10.18
C ALA B 12 55.82 13.64 -11.61
N MET B 13 56.77 14.42 -12.09
CA MET B 13 57.36 14.19 -13.39
C MET B 13 58.46 13.14 -13.19
N GLY B 14 58.77 12.39 -14.23
CA GLY B 14 59.78 11.36 -14.11
C GLY B 14 61.16 11.95 -13.83
N ASP B 15 61.94 11.21 -13.06
CA ASP B 15 63.29 11.59 -12.70
C ASP B 15 64.12 10.38 -13.11
N THR B 16 64.71 10.52 -14.28
CA THR B 16 65.50 9.45 -14.89
C THR B 16 66.97 9.83 -14.93
N VAL B 17 67.42 10.65 -13.98
CA VAL B 17 68.84 11.04 -13.95
C VAL B 17 69.65 9.81 -13.55
N VAL B 18 70.65 9.50 -14.36
CA VAL B 18 71.54 8.39 -14.14
C VAL B 18 72.92 8.96 -14.36
N GLU B 19 73.91 8.21 -13.91
CA GLU B 19 75.34 8.54 -14.00
C GLU B 19 75.72 9.77 -13.11
N PRO B 20 75.82 11.04 -13.62
CA PRO B 20 76.11 12.03 -12.57
C PRO B 20 74.88 12.46 -11.74
N ALA B 21 74.49 11.62 -10.78
CA ALA B 21 73.36 11.89 -9.88
C ALA B 21 73.84 12.03 -8.42
N PRO B 22 74.62 13.08 -8.09
CA PRO B 22 75.07 13.11 -6.70
C PRO B 22 73.98 13.51 -5.71
N LEU B 23 73.92 12.81 -4.60
CA LEU B 23 72.99 13.10 -3.52
C LEU B 23 73.76 12.92 -2.22
N LYS B 24 73.11 13.16 -1.09
CA LYS B 24 73.78 13.10 0.23
C LYS B 24 73.22 12.07 1.22
N PRO B 25 71.89 11.96 1.38
CA PRO B 25 71.51 10.88 2.32
C PRO B 25 71.71 9.52 1.67
N THR B 26 71.67 8.46 2.47
CA THR B 26 71.84 7.09 1.97
C THR B 26 70.53 6.54 1.38
N SER B 27 69.55 7.42 1.26
CA SER B 27 68.19 7.08 0.81
C SER B 27 67.48 6.17 1.81
N GLU B 28 66.23 5.84 1.50
CA GLU B 28 65.38 5.02 2.37
C GLU B 28 64.63 4.04 1.48
N PRO B 29 64.10 2.93 2.03
CA PRO B 29 63.33 2.03 1.18
C PRO B 29 62.01 2.64 0.72
N THR B 30 61.41 2.05 -0.29
CA THR B 30 60.15 2.54 -0.86
C THR B 30 58.92 2.18 -0.01
N SER B 31 59.14 1.52 1.11
CA SER B 31 58.06 1.20 2.03
C SER B 31 57.80 2.44 2.89
N GLY B 32 56.53 2.72 3.19
CA GLY B 32 56.19 3.89 3.97
C GLY B 32 54.81 3.77 4.61
N PRO B 33 54.36 4.78 5.36
CA PRO B 33 53.06 4.71 6.03
C PRO B 33 51.87 4.87 5.06
N PRO B 34 50.70 4.31 5.41
CA PRO B 34 49.55 4.46 4.52
C PRO B 34 48.90 5.84 4.61
N GLY B 35 48.05 6.15 3.62
CA GLY B 35 47.29 7.39 3.63
C GLY B 35 45.88 7.13 4.12
N ASN B 36 45.02 8.15 4.06
CA ASN B 36 43.62 7.99 4.41
C ASN B 36 42.90 7.22 3.31
N ASN B 37 41.72 6.70 3.63
CA ASN B 37 40.93 5.91 2.67
C ASN B 37 39.45 6.19 2.89
N GLY B 38 38.64 6.05 1.84
CA GLY B 38 37.20 6.25 1.94
C GLY B 38 36.76 7.68 1.69
N GLY B 39 35.48 7.94 1.90
CA GLY B 39 34.94 9.29 1.70
C GLY B 39 34.31 9.53 0.34
N SER B 40 34.08 8.47 -0.42
CA SER B 40 33.52 8.57 -1.78
C SER B 40 32.11 8.02 -1.83
N LEU B 41 31.13 8.90 -1.68
CA LEU B 41 29.72 8.52 -1.75
C LEU B 41 28.92 9.69 -2.32
N LEU B 42 28.75 9.66 -3.63
CA LEU B 42 28.01 10.71 -4.34
C LEU B 42 26.77 10.10 -5.00
N SER B 43 25.65 10.80 -4.92
CA SER B 43 24.40 10.37 -5.55
C SER B 43 23.59 11.63 -5.80
N VAL B 44 22.70 11.59 -6.77
CA VAL B 44 21.82 12.72 -7.09
C VAL B 44 20.47 12.13 -7.52
N ILE B 45 19.39 12.80 -7.16
CA ILE B 45 18.04 12.35 -7.48
C ILE B 45 17.46 13.30 -8.51
N THR B 46 16.95 12.76 -9.61
CA THR B 46 16.38 13.57 -10.69
C THR B 46 14.89 13.30 -10.86
N GLU B 47 14.42 12.35 -10.06
CA GLU B 47 13.00 11.98 -9.96
C GLU B 47 12.30 11.71 -11.31
N GLY B 48 13.05 11.16 -12.26
CA GLY B 48 12.50 10.94 -13.60
C GLY B 48 11.93 9.57 -13.90
N VAL B 49 11.80 8.74 -12.88
CA VAL B 49 11.27 7.38 -13.04
C VAL B 49 10.82 6.85 -11.67
N GLY B 50 9.71 6.09 -11.63
CA GLY B 50 9.29 5.50 -10.36
C GLY B 50 7.99 4.71 -10.34
N GLU B 51 7.74 3.94 -11.39
CA GLU B 51 6.52 3.11 -11.45
C GLU B 51 6.64 1.82 -10.63
N LEU B 52 7.38 0.86 -11.17
CA LEU B 52 7.54 -0.49 -10.60
C LEU B 52 6.24 -1.31 -10.51
N SER B 53 6.25 -2.51 -11.08
CA SER B 53 5.09 -3.39 -11.04
C SER B 53 5.56 -4.82 -10.93
N VAL B 54 5.40 -5.41 -9.76
CA VAL B 54 5.83 -6.77 -9.48
C VAL B 54 4.63 -7.71 -9.44
N ILE B 55 3.57 -7.32 -10.13
CA ILE B 55 2.33 -8.07 -10.21
C ILE B 55 2.01 -8.21 -11.69
N ASP B 56 0.90 -8.87 -12.01
CA ASP B 56 0.40 -8.91 -13.38
C ASP B 56 -0.29 -7.56 -13.70
N PRO B 57 0.32 -6.74 -14.58
CA PRO B 57 -0.30 -5.42 -14.76
C PRO B 57 -1.56 -5.40 -15.62
N GLU B 58 -1.77 -6.42 -16.44
CA GLU B 58 -2.92 -6.47 -17.34
C GLU B 58 -4.16 -6.88 -16.58
N VAL B 59 -3.99 -7.83 -15.68
CA VAL B 59 -5.08 -8.26 -14.80
C VAL B 59 -5.44 -7.08 -13.93
N ALA B 60 -4.44 -6.33 -13.49
CA ALA B 60 -4.67 -5.15 -12.66
C ALA B 60 -5.39 -4.05 -13.46
N GLN B 61 -5.03 -3.89 -14.72
CA GLN B 61 -5.65 -2.87 -15.57
C GLN B 61 -7.16 -3.13 -15.65
N LYS B 62 -7.54 -4.37 -15.91
CA LYS B 62 -8.95 -4.71 -16.03
C LYS B 62 -9.65 -4.61 -14.67
N ALA B 63 -8.95 -4.99 -13.61
CA ALA B 63 -9.53 -4.93 -12.28
C ALA B 63 -9.87 -3.49 -11.89
N CYS B 64 -8.92 -2.58 -12.07
CA CYS B 64 -9.15 -1.19 -11.68
C CYS B 64 -10.18 -0.52 -12.60
N GLN B 65 -10.22 -0.91 -13.87
CA GLN B 65 -11.21 -0.38 -14.82
C GLN B 65 -12.61 -0.63 -14.29
N GLU B 66 -12.91 -1.88 -13.95
CA GLU B 66 -14.26 -2.23 -13.51
C GLU B 66 -14.59 -1.59 -12.17
N VAL B 67 -13.60 -1.52 -11.27
CA VAL B 67 -13.80 -0.90 -9.96
C VAL B 67 -14.20 0.57 -10.09
N LEU B 68 -13.53 1.31 -10.94
CA LEU B 68 -13.86 2.71 -11.14
C LEU B 68 -15.29 2.85 -11.65
N GLU B 69 -15.72 1.96 -12.52
CA GLU B 69 -17.08 2.01 -13.05
C GLU B 69 -18.14 1.64 -12.00
N LYS B 70 -17.81 0.73 -11.09
CA LYS B 70 -18.72 0.42 -9.98
C LYS B 70 -18.91 1.68 -9.15
N VAL B 71 -17.81 2.37 -8.86
CA VAL B 71 -17.85 3.58 -8.04
C VAL B 71 -18.60 4.71 -8.75
N LYS B 72 -18.48 4.81 -10.07
CA LYS B 72 -19.24 5.81 -10.83
C LYS B 72 -20.73 5.56 -10.63
N LEU B 73 -21.15 4.31 -10.62
CA LEU B 73 -22.57 3.98 -10.51
C LEU B 73 -23.16 4.19 -9.12
N LEU B 74 -22.33 4.22 -8.09
CA LEU B 74 -22.80 4.49 -6.72
C LEU B 74 -23.37 5.89 -6.62
N HIS B 75 -23.00 6.72 -7.58
CA HIS B 75 -23.37 8.12 -7.62
C HIS B 75 -24.69 8.33 -8.38
N GLY B 76 -25.12 7.31 -9.09
CA GLY B 76 -26.25 7.46 -9.99
C GLY B 76 -25.74 8.07 -11.29
N GLY B 77 -26.62 8.20 -12.28
CA GLY B 77 -26.19 8.70 -13.58
C GLY B 77 -26.47 10.16 -13.87
N VAL B 78 -26.99 10.89 -12.87
CA VAL B 78 -27.39 12.28 -13.08
C VAL B 78 -26.71 13.23 -12.09
N ALA B 79 -25.86 12.66 -11.25
CA ALA B 79 -25.13 13.41 -10.26
C ALA B 79 -23.76 12.78 -10.08
N VAL B 80 -22.71 13.36 -10.66
CA VAL B 80 -21.38 12.78 -10.53
C VAL B 80 -20.78 13.07 -9.15
N MET A 1 -0.29 -10.16 6.59
CA MET A 1 -0.44 -8.86 5.85
C MET A 1 0.75 -8.44 4.97
N GLN A 2 1.97 -8.85 5.34
CA GLN A 2 3.19 -8.44 4.65
C GLN A 2 3.18 -8.77 3.16
N GLN A 3 2.76 -9.97 2.82
CA GLN A 3 2.69 -10.37 1.40
C GLN A 3 1.67 -9.51 0.65
N LYS A 4 0.58 -9.16 1.33
CA LYS A 4 -0.47 -8.31 0.72
C LYS A 4 0.02 -6.88 0.52
N GLN A 5 0.88 -6.39 1.39
CA GLN A 5 1.40 -5.02 1.28
C GLN A 5 2.14 -4.83 -0.03
N GLN A 6 2.94 -5.82 -0.44
CA GLN A 6 3.66 -5.71 -1.71
C GLN A 6 2.69 -5.62 -2.88
N ILE A 7 1.56 -6.30 -2.78
CA ILE A 7 0.57 -6.26 -3.86
C ILE A 7 -0.03 -4.88 -3.92
N MET A 8 -0.54 -4.39 -2.79
CA MET A 8 -1.22 -3.09 -2.79
C MET A 8 -0.29 -1.95 -3.19
N ALA A 9 0.97 -2.04 -2.82
CA ALA A 9 1.95 -1.03 -3.23
C ALA A 9 2.15 -1.07 -4.75
N ALA A 10 2.18 -2.28 -5.30
CA ALA A 10 2.42 -2.46 -6.72
C ALA A 10 1.20 -2.02 -7.53
N LEU A 11 0.02 -2.31 -6.99
CA LEU A 11 -1.23 -1.90 -7.64
C LEU A 11 -1.34 -0.40 -7.64
N ASN A 12 -0.92 0.21 -6.54
CA ASN A 12 -0.94 1.67 -6.42
C ASN A 12 -0.07 2.30 -7.48
N SER A 13 1.06 1.68 -7.81
CA SER A 13 1.96 2.24 -8.80
C SER A 13 1.28 2.38 -10.17
N GLN A 14 0.68 1.31 -10.66
CA GLN A 14 0.10 1.34 -12.01
C GLN A 14 -1.23 2.09 -12.09
N THR A 15 -1.85 2.38 -10.94
CA THR A 15 -3.14 3.09 -10.94
C THR A 15 -3.02 4.44 -10.28
N ALA A 16 -1.80 4.89 -10.02
CA ALA A 16 -1.59 6.15 -9.33
C ALA A 16 -2.30 7.28 -10.04
N VAL A 17 -1.99 7.46 -11.32
CA VAL A 17 -2.59 8.55 -12.09
C VAL A 17 -4.08 8.27 -12.33
N GLN A 18 -4.45 7.00 -12.47
CA GLN A 18 -5.85 6.65 -12.76
C GLN A 18 -6.77 7.06 -11.62
N PHE A 19 -6.37 6.75 -10.40
CA PHE A 19 -7.16 7.05 -9.22
C PHE A 19 -7.11 8.55 -8.96
N GLN A 20 -5.98 9.16 -9.20
CA GLN A 20 -5.83 10.60 -9.00
C GLN A 20 -6.69 11.40 -9.95
N GLN A 21 -6.72 11.03 -11.22
CA GLN A 21 -7.52 11.75 -12.21
C GLN A 21 -9.00 11.61 -11.92
N TYR A 22 -9.44 10.41 -11.56
CA TYR A 22 -10.84 10.23 -11.21
C TYR A 22 -11.20 11.01 -9.95
N ALA A 23 -10.32 10.96 -8.96
CA ALA A 23 -10.59 11.68 -7.73
C ALA A 23 -10.61 13.19 -7.98
N ALA A 24 -9.80 13.66 -8.91
CA ALA A 24 -9.75 15.08 -9.25
C ALA A 24 -11.00 15.53 -10.00
N GLN A 25 -11.56 14.70 -10.88
CA GLN A 25 -12.76 15.14 -11.61
C GLN A 25 -13.98 15.16 -10.69
N GLN A 26 -13.92 14.37 -9.63
CA GLN A 26 -15.03 14.31 -8.68
C GLN A 26 -14.89 15.33 -7.54
N TYR A 27 -13.67 15.50 -7.07
CA TYR A 27 -13.37 16.41 -5.96
C TYR A 27 -12.18 17.29 -6.31
N PRO A 28 -12.36 18.21 -7.27
CA PRO A 28 -11.16 18.96 -7.66
C PRO A 28 -10.64 19.84 -6.55
N GLY A 29 -9.32 19.85 -6.38
CA GLY A 29 -8.70 20.65 -5.33
C GLY A 29 -8.78 20.08 -3.92
N ASN A 30 -9.77 19.23 -3.62
CA ASN A 30 -9.94 18.77 -2.25
C ASN A 30 -9.13 17.50 -2.02
N TYR A 31 -7.90 17.69 -1.59
CA TYR A 31 -6.98 16.58 -1.33
C TYR A 31 -7.57 15.53 -0.39
N GLU A 32 -8.26 15.97 0.66
CA GLU A 32 -8.79 15.04 1.64
C GLU A 32 -9.86 14.16 1.01
N GLN A 33 -10.80 14.78 0.34
CA GLN A 33 -11.87 14.05 -0.35
C GLN A 33 -11.31 13.13 -1.43
N GLN A 34 -10.25 13.58 -2.08
CA GLN A 34 -9.59 12.77 -3.09
C GLN A 34 -9.00 11.52 -2.45
N GLN A 35 -8.33 11.66 -1.31
CA GLN A 35 -7.75 10.49 -0.63
C GLN A 35 -8.82 9.51 -0.20
N ILE A 36 -9.92 10.02 0.32
CA ILE A 36 -11.03 9.16 0.76
C ILE A 36 -11.54 8.31 -0.40
N LEU A 37 -11.70 8.91 -1.58
CA LEU A 37 -12.11 8.17 -2.76
C LEU A 37 -11.03 7.18 -3.19
N ILE A 38 -9.78 7.62 -3.19
CA ILE A 38 -8.65 6.76 -3.56
C ILE A 38 -8.57 5.54 -2.64
N ARG A 39 -8.83 5.70 -1.35
CA ARG A 39 -8.83 4.57 -0.41
C ARG A 39 -9.80 3.47 -0.83
N GLN A 40 -10.99 3.86 -1.26
CA GLN A 40 -11.99 2.89 -1.71
C GLN A 40 -11.49 2.19 -2.98
N LEU A 41 -10.91 2.97 -3.87
CA LEU A 41 -10.40 2.42 -5.13
C LEU A 41 -9.24 1.46 -4.88
N GLN A 42 -8.38 1.77 -3.92
CA GLN A 42 -7.26 0.88 -3.60
C GLN A 42 -7.75 -0.46 -3.07
N GLU A 43 -8.68 -0.42 -2.14
CA GLU A 43 -9.21 -1.64 -1.54
C GLU A 43 -9.96 -2.48 -2.57
N GLN A 44 -10.88 -1.87 -3.29
CA GLN A 44 -11.66 -2.58 -4.29
C GLN A 44 -10.77 -3.11 -5.40
N HIS A 45 -9.76 -2.35 -5.81
CA HIS A 45 -8.83 -2.82 -6.85
C HIS A 45 -8.12 -4.06 -6.37
N TYR A 46 -7.66 -4.07 -5.12
CA TYR A 46 -6.99 -5.25 -4.59
C TYR A 46 -7.92 -6.46 -4.55
N GLN A 47 -9.14 -6.28 -4.08
CA GLN A 47 -10.08 -7.39 -4.00
C GLN A 47 -10.38 -7.95 -5.39
N GLN A 48 -10.69 -7.06 -6.33
CA GLN A 48 -11.00 -7.46 -7.70
C GLN A 48 -9.79 -8.11 -8.36
N TYR A 49 -8.60 -7.54 -8.14
CA TYR A 49 -7.39 -8.09 -8.74
C TYR A 49 -7.09 -9.47 -8.22
N MET A 50 -7.20 -9.68 -6.91
CA MET A 50 -6.88 -10.98 -6.35
C MET A 50 -7.87 -12.03 -6.85
N GLN A 51 -9.13 -11.65 -6.99
CA GLN A 51 -10.14 -12.57 -7.53
C GLN A 51 -9.82 -12.90 -8.98
N GLN A 52 -9.52 -11.89 -9.77
CA GLN A 52 -9.26 -12.09 -11.19
C GLN A 52 -7.98 -12.87 -11.42
N LEU A 53 -6.94 -12.54 -10.66
CA LEU A 53 -5.65 -13.23 -10.75
C LEU A 53 -5.83 -14.69 -10.38
N TYR A 54 -6.69 -14.96 -9.40
CA TYR A 54 -6.93 -16.32 -8.98
C TYR A 54 -7.47 -17.14 -10.15
N GLN A 55 -8.37 -16.55 -10.93
CA GLN A 55 -8.91 -17.25 -12.10
C GLN A 55 -7.82 -17.50 -13.16
N VAL A 56 -6.90 -16.57 -13.30
CA VAL A 56 -5.86 -16.70 -14.32
C VAL A 56 -4.82 -17.76 -13.92
N GLN A 57 -4.35 -17.72 -12.68
CA GLN A 57 -3.37 -18.72 -12.24
C GLN A 57 -4.03 -20.09 -12.23
N LEU A 58 -5.33 -20.12 -11.93
CA LEU A 58 -6.09 -21.37 -11.94
C LEU A 58 -6.20 -21.92 -13.35
N ALA A 59 -6.46 -21.06 -14.33
CA ALA A 59 -6.59 -21.52 -15.70
C ALA A 59 -5.29 -22.20 -16.17
N GLN A 60 -4.15 -21.63 -15.82
CA GLN A 60 -2.87 -22.22 -16.17
C GLN A 60 -2.63 -23.50 -15.35
N GLN A 61 -3.03 -23.48 -14.09
CA GLN A 61 -2.86 -24.64 -13.23
C GLN A 61 -3.72 -25.81 -13.72
N GLN A 62 -4.93 -25.53 -14.19
CA GLN A 62 -5.79 -26.59 -14.74
C GLN A 62 -5.19 -27.18 -16.01
N ALA A 63 -4.55 -26.36 -16.82
CA ALA A 63 -3.90 -26.84 -18.04
C ALA A 63 -2.67 -27.71 -17.70
N ALA A 64 -2.06 -27.46 -16.56
CA ALA A 64 -0.94 -28.28 -16.10
C ALA A 64 -1.44 -29.59 -15.48
N LEU A 65 -2.71 -29.61 -15.05
CA LEU A 65 -3.29 -30.77 -14.38
C LEU A 65 -4.03 -31.69 -15.34
N GLN A 66 -4.93 -31.11 -16.12
CA GLN A 66 -5.81 -31.81 -17.07
C GLN A 66 -6.56 -32.98 -16.44
N LYS A 67 -6.81 -32.90 -15.14
CA LYS A 67 -7.47 -33.95 -14.39
C LYS A 67 -8.71 -33.42 -13.69
N GLN A 68 -9.66 -32.93 -14.47
CA GLN A 68 -10.91 -32.42 -13.92
C GLN A 68 -11.84 -33.61 -13.62
N GLN A 69 -11.51 -34.32 -12.54
CA GLN A 69 -12.21 -35.53 -12.11
C GLN A 69 -12.60 -35.44 -10.64
N GLY B 1 -13.57 -3.99 40.28
CA GLY B 1 -14.83 -4.42 39.61
C GLY B 1 -15.84 -3.32 39.35
N ALA B 2 -16.14 -2.58 40.42
CA ALA B 2 -17.07 -1.45 40.38
C ALA B 2 -16.43 -0.29 41.12
N MET B 3 -16.51 0.90 40.53
CA MET B 3 -15.95 2.11 41.14
C MET B 3 -17.00 2.69 42.05
N VAL B 4 -16.72 2.69 43.35
CA VAL B 4 -17.65 3.19 44.35
C VAL B 4 -16.89 4.04 45.35
N GLU B 5 -17.60 4.93 46.04
CA GLU B 5 -17.00 5.82 47.04
C GLU B 5 -16.95 5.11 48.40
N ALA B 6 -16.43 3.88 48.37
CA ALA B 6 -16.34 2.99 49.52
C ALA B 6 -17.73 2.62 50.07
N ARG B 7 -17.75 1.89 51.19
CA ARG B 7 -18.98 1.48 51.85
C ARG B 7 -18.65 1.40 53.34
N SER B 8 -19.66 1.44 54.18
CA SER B 8 -19.48 1.28 55.62
C SER B 8 -20.24 0.05 56.07
N LEU B 9 -19.53 -0.89 56.69
CA LEU B 9 -20.12 -2.11 57.21
C LEU B 9 -19.13 -2.63 58.23
N ALA B 10 -19.61 -3.38 59.22
CA ALA B 10 -18.77 -3.97 60.28
C ALA B 10 -17.79 -2.97 60.93
N VAL B 11 -18.24 -1.74 61.10
CA VAL B 11 -17.40 -0.67 61.67
C VAL B 11 -17.41 -0.69 63.20
N ALA B 12 -16.85 -1.75 63.77
CA ALA B 12 -16.80 -1.94 65.21
C ALA B 12 -15.61 -2.86 65.51
N MET B 13 -15.37 -3.15 66.78
CA MET B 13 -14.31 -4.08 67.20
C MET B 13 -14.87 -4.90 68.36
N GLY B 14 -14.27 -6.05 68.64
CA GLY B 14 -14.69 -6.84 69.79
C GLY B 14 -13.62 -7.79 70.29
N ASP B 15 -12.41 -7.61 69.79
CA ASP B 15 -11.31 -8.52 70.06
C ASP B 15 -10.29 -7.87 70.98
N THR B 16 -10.63 -7.83 72.26
CA THR B 16 -9.82 -7.15 73.26
C THR B 16 -8.90 -8.12 74.01
N VAL B 17 -8.94 -9.39 73.64
CA VAL B 17 -8.10 -10.41 74.28
C VAL B 17 -6.88 -10.66 73.40
N VAL B 18 -5.70 -10.55 73.98
CA VAL B 18 -4.47 -10.68 73.22
C VAL B 18 -4.04 -12.16 73.16
N GLU B 19 -4.77 -12.92 72.36
CA GLU B 19 -4.42 -14.33 72.10
C GLU B 19 -3.10 -14.55 71.31
N PRO B 20 -2.81 -13.74 70.26
CA PRO B 20 -1.59 -14.06 69.50
C PRO B 20 -0.26 -13.60 70.16
N ALA B 21 0.11 -14.22 71.28
CA ALA B 21 1.35 -13.92 71.99
C ALA B 21 2.29 -15.15 72.06
N PRO B 22 2.95 -15.51 70.94
CA PRO B 22 3.84 -16.67 71.06
C PRO B 22 5.07 -16.37 71.92
N LEU B 23 5.51 -17.37 72.69
CA LEU B 23 6.64 -17.18 73.59
C LEU B 23 7.96 -17.33 72.84
N LYS B 24 8.87 -16.40 73.14
CA LYS B 24 10.27 -16.33 72.66
C LYS B 24 10.48 -15.48 71.38
N PRO B 25 10.21 -16.00 70.15
CA PRO B 25 10.42 -14.97 69.11
C PRO B 25 9.29 -13.96 69.12
N THR B 26 9.54 -12.75 68.66
CA THR B 26 8.57 -11.66 68.74
C THR B 26 8.46 -10.87 67.44
N SER B 27 8.98 -11.43 66.36
CA SER B 27 8.94 -10.76 65.06
C SER B 27 7.73 -11.19 64.25
N GLU B 28 6.84 -10.25 63.97
CA GLU B 28 5.68 -10.50 63.12
C GLU B 28 6.12 -10.47 61.66
N PRO B 29 5.35 -11.10 60.75
CA PRO B 29 5.76 -11.02 59.34
C PRO B 29 5.57 -9.63 58.73
N THR B 30 6.31 -9.35 57.68
CA THR B 30 6.19 -8.06 56.96
C THR B 30 6.43 -8.33 55.49
N SER B 31 5.97 -7.44 54.63
CA SER B 31 6.06 -7.62 53.18
C SER B 31 5.95 -6.26 52.50
N GLY B 32 6.12 -6.23 51.19
CA GLY B 32 5.96 -5.00 50.42
C GLY B 32 5.75 -5.32 48.96
N PRO B 33 5.25 -4.38 48.15
CA PRO B 33 4.96 -4.68 46.74
C PRO B 33 6.21 -4.70 45.84
N PRO B 34 6.14 -5.44 44.71
CA PRO B 34 7.29 -5.38 43.78
C PRO B 34 7.30 -4.07 42.98
N GLY B 35 8.46 -3.70 42.45
CA GLY B 35 8.59 -2.46 41.67
C GLY B 35 9.33 -2.62 40.36
N ASN B 36 9.16 -3.77 39.70
CA ASN B 36 9.85 -4.04 38.44
C ASN B 36 8.89 -3.97 37.25
N ASN B 37 8.87 -2.83 36.56
CA ASN B 37 8.01 -2.64 35.39
C ASN B 37 8.61 -1.52 34.53
N GLY B 38 8.22 -1.46 33.26
CA GLY B 38 8.72 -0.42 32.36
C GLY B 38 8.00 -0.50 31.04
N GLY B 39 8.22 0.47 30.16
CA GLY B 39 7.52 0.49 28.88
C GLY B 39 8.27 1.19 27.75
N SER B 40 9.59 1.03 27.74
CA SER B 40 10.44 1.72 26.75
C SER B 40 11.20 0.73 25.87
N LEU B 41 10.51 -0.28 25.35
CA LEU B 41 11.13 -1.30 24.52
C LEU B 41 10.29 -1.49 23.26
N LEU B 42 10.47 -0.60 22.29
CA LEU B 42 9.71 -0.61 21.05
C LEU B 42 10.49 0.08 19.93
N SER B 43 10.10 -0.19 18.69
CA SER B 43 10.72 0.41 17.51
C SER B 43 9.68 0.28 16.40
N VAL B 44 9.91 0.92 15.27
CA VAL B 44 9.00 0.86 14.13
C VAL B 44 9.57 -0.11 13.08
N ILE B 45 8.73 -0.98 12.54
CA ILE B 45 9.15 -1.92 11.52
C ILE B 45 9.41 -1.16 10.22
N THR B 46 10.62 -1.24 9.69
CA THR B 46 10.98 -0.52 8.47
C THR B 46 11.07 -1.44 7.28
N GLU B 47 9.88 -1.81 6.83
CA GLU B 47 9.69 -2.71 5.68
C GLU B 47 8.47 -2.19 4.90
N GLY B 48 8.43 -0.88 4.71
CA GLY B 48 7.27 -0.22 4.12
C GLY B 48 7.31 0.03 2.64
N VAL B 49 8.31 -0.51 1.96
CA VAL B 49 8.48 -0.32 0.51
C VAL B 49 9.07 -1.60 -0.06
N GLY B 50 8.74 -1.91 -1.30
CA GLY B 50 9.24 -3.12 -1.95
C GLY B 50 9.67 -2.84 -3.38
N GLU B 51 8.85 -3.27 -4.33
CA GLU B 51 9.15 -3.10 -5.76
C GLU B 51 8.04 -2.39 -6.52
N LEU B 52 8.39 -1.82 -7.66
CA LEU B 52 7.45 -1.10 -8.51
C LEU B 52 6.71 -2.05 -9.45
N SER B 53 5.39 -2.07 -9.33
CA SER B 53 4.51 -2.86 -10.21
C SER B 53 4.94 -4.32 -10.37
N VAL B 54 5.31 -4.97 -9.27
CA VAL B 54 5.83 -6.35 -9.29
C VAL B 54 4.77 -7.42 -9.65
N ILE B 55 3.51 -7.00 -9.76
CA ILE B 55 2.42 -7.93 -10.04
C ILE B 55 2.12 -8.00 -11.54
N ASP B 56 1.28 -8.94 -11.94
CA ASP B 56 0.80 -9.05 -13.33
C ASP B 56 0.07 -7.74 -13.71
N PRO B 57 0.65 -6.94 -14.62
CA PRO B 57 0.00 -5.65 -14.84
C PRO B 57 -1.27 -5.68 -15.70
N GLU B 58 -1.41 -6.70 -16.55
CA GLU B 58 -2.56 -6.77 -17.46
C GLU B 58 -3.81 -7.09 -16.68
N VAL B 59 -3.70 -8.08 -15.82
CA VAL B 59 -4.83 -8.50 -14.99
C VAL B 59 -5.14 -7.36 -14.03
N ALA B 60 -4.10 -6.69 -13.56
CA ALA B 60 -4.29 -5.60 -12.63
C ALA B 60 -4.97 -4.39 -13.27
N GLN B 61 -4.60 -4.05 -14.51
CA GLN B 61 -5.23 -2.91 -15.19
C GLN B 61 -6.69 -3.23 -15.51
N LYS B 62 -6.96 -4.45 -15.95
CA LYS B 62 -8.33 -4.85 -16.27
C LYS B 62 -9.18 -4.83 -15.00
N ALA B 63 -8.58 -5.21 -13.88
CA ALA B 63 -9.28 -5.16 -12.60
C ALA B 63 -9.64 -3.74 -12.17
N CYS B 64 -8.77 -2.77 -12.38
CA CYS B 64 -9.07 -1.41 -11.92
C CYS B 64 -10.11 -0.75 -12.81
N GLN B 65 -10.11 -1.06 -14.09
CA GLN B 65 -11.09 -0.47 -15.02
C GLN B 65 -12.49 -0.81 -14.53
N GLU B 66 -12.71 -2.07 -14.18
CA GLU B 66 -14.00 -2.52 -13.69
C GLU B 66 -14.38 -1.78 -12.42
N VAL B 67 -13.45 -1.66 -11.49
CA VAL B 67 -13.71 -1.01 -10.21
C VAL B 67 -14.11 0.45 -10.38
N LEU B 68 -13.40 1.17 -11.24
CA LEU B 68 -13.71 2.58 -11.46
C LEU B 68 -15.16 2.73 -11.89
N GLU B 69 -15.62 1.86 -12.78
CA GLU B 69 -17.00 1.94 -13.27
C GLU B 69 -18.03 1.65 -12.20
N LYS B 70 -17.75 0.72 -11.28
CA LYS B 70 -18.72 0.45 -10.21
C LYS B 70 -18.90 1.71 -9.36
N VAL B 71 -17.81 2.42 -9.13
CA VAL B 71 -17.88 3.66 -8.35
C VAL B 71 -18.57 4.78 -9.13
N LYS B 72 -18.44 4.78 -10.45
CA LYS B 72 -19.17 5.74 -11.31
C LYS B 72 -20.67 5.43 -11.29
N LEU B 73 -21.04 4.18 -11.03
CA LEU B 73 -22.46 3.83 -10.96
C LEU B 73 -23.09 4.23 -9.64
N LEU B 74 -22.30 4.25 -8.58
CA LEU B 74 -22.77 4.75 -7.27
C LEU B 74 -23.11 6.24 -7.37
N HIS B 75 -22.64 6.85 -8.44
CA HIS B 75 -22.83 8.28 -8.69
C HIS B 75 -24.02 8.56 -9.61
N GLY B 76 -24.86 7.55 -9.83
CA GLY B 76 -26.06 7.74 -10.64
C GLY B 76 -26.03 7.04 -11.99
N GLY B 77 -24.86 6.67 -12.47
CA GLY B 77 -24.76 5.92 -13.72
C GLY B 77 -25.10 6.76 -14.92
N VAL B 78 -24.91 8.07 -14.75
CA VAL B 78 -25.21 9.05 -15.81
C VAL B 78 -26.66 8.92 -16.28
N ALA B 79 -27.56 8.77 -15.31
CA ALA B 79 -29.01 8.64 -15.53
C ALA B 79 -29.38 7.44 -16.41
N VAL B 80 -29.40 6.26 -15.76
CA VAL B 80 -29.80 4.96 -16.36
C VAL B 80 -28.80 4.44 -17.40
N MET A 1 0.02 -11.47 5.22
CA MET A 1 -0.07 -10.09 5.78
C MET A 1 0.76 -9.08 4.97
N GLN A 2 2.09 -9.15 5.12
CA GLN A 2 3.02 -8.28 4.40
C GLN A 2 3.04 -8.69 2.93
N GLN A 3 2.78 -9.98 2.67
CA GLN A 3 2.70 -10.48 1.29
C GLN A 3 1.57 -9.81 0.50
N LYS A 4 0.55 -9.32 1.21
CA LYS A 4 -0.55 -8.57 0.58
C LYS A 4 -0.16 -7.10 0.39
N GLN A 5 0.59 -6.56 1.33
CA GLN A 5 0.96 -5.14 1.26
C GLN A 5 1.79 -4.82 0.03
N GLN A 6 2.68 -5.70 -0.37
CA GLN A 6 3.49 -5.45 -1.56
C GLN A 6 2.60 -5.41 -2.82
N ILE A 7 1.54 -6.21 -2.81
CA ILE A 7 0.60 -6.23 -3.93
C ILE A 7 -0.07 -4.88 -3.99
N MET A 8 -0.61 -4.43 -2.87
CA MET A 8 -1.29 -3.15 -2.83
C MET A 8 -0.38 -1.98 -3.21
N ALA A 9 0.90 -2.07 -2.89
CA ALA A 9 1.86 -1.05 -3.30
C ALA A 9 2.09 -1.07 -4.82
N ALA A 10 2.13 -2.25 -5.41
CA ALA A 10 2.35 -2.37 -6.84
C ALA A 10 1.11 -1.90 -7.60
N LEU A 11 -0.06 -2.25 -7.06
CA LEU A 11 -1.34 -1.81 -7.62
C LEU A 11 -1.42 -0.31 -7.53
N ASN A 12 -0.92 0.25 -6.45
CA ASN A 12 -0.87 1.69 -6.28
C ASN A 12 -0.06 2.34 -7.37
N SER A 13 1.07 1.75 -7.71
CA SER A 13 1.97 2.33 -8.71
C SER A 13 1.28 2.48 -10.08
N GLN A 14 0.70 1.40 -10.58
CA GLN A 14 0.12 1.42 -11.92
C GLN A 14 -1.20 2.16 -11.99
N THR A 15 -1.78 2.50 -10.84
CA THR A 15 -3.07 3.20 -10.83
C THR A 15 -3.00 4.54 -10.12
N ALA A 16 -1.79 4.98 -9.78
CA ALA A 16 -1.62 6.24 -9.05
C ALA A 16 -2.28 7.38 -9.79
N VAL A 17 -1.91 7.58 -11.04
CA VAL A 17 -2.45 8.66 -11.84
C VAL A 17 -3.91 8.37 -12.22
N GLN A 18 -4.27 7.10 -12.36
CA GLN A 18 -5.64 6.75 -12.73
C GLN A 18 -6.62 7.14 -11.63
N PHE A 19 -6.30 6.77 -10.39
CA PHE A 19 -7.19 7.05 -9.26
C PHE A 19 -7.16 8.55 -8.98
N GLN A 20 -6.00 9.16 -9.13
CA GLN A 20 -5.87 10.61 -8.91
C GLN A 20 -6.70 11.42 -9.90
N GLN A 21 -6.65 11.07 -11.17
CA GLN A 21 -7.41 11.80 -12.18
C GLN A 21 -8.89 11.67 -11.89
N TYR A 22 -9.34 10.47 -11.56
CA TYR A 22 -10.75 10.27 -11.27
C TYR A 22 -11.16 11.04 -10.00
N ALA A 23 -10.34 11.00 -8.97
CA ALA A 23 -10.64 11.69 -7.73
C ALA A 23 -10.69 13.20 -7.94
N ALA A 24 -9.84 13.71 -8.82
CA ALA A 24 -9.83 15.13 -9.16
C ALA A 24 -11.09 15.49 -9.92
N GLN A 25 -11.57 14.57 -10.73
CA GLN A 25 -12.76 14.80 -11.52
C GLN A 25 -14.00 14.87 -10.63
N GLN A 26 -14.00 14.03 -9.59
CA GLN A 26 -15.13 14.00 -8.67
C GLN A 26 -15.08 15.07 -7.59
N TYR A 27 -13.90 15.31 -7.06
CA TYR A 27 -13.70 16.26 -5.95
C TYR A 27 -12.53 17.18 -6.24
N PRO A 28 -12.66 18.06 -7.25
CA PRO A 28 -11.49 18.90 -7.54
C PRO A 28 -11.15 19.83 -6.38
N GLY A 29 -9.86 20.03 -6.17
CA GLY A 29 -9.38 20.85 -5.08
C GLY A 29 -9.43 20.23 -3.69
N ASN A 30 -10.34 19.28 -3.46
CA ASN A 30 -10.50 18.71 -2.12
C ASN A 30 -9.56 17.54 -1.97
N TYR A 31 -8.30 17.81 -1.63
CA TYR A 31 -7.30 16.76 -1.52
C TYR A 31 -7.70 15.69 -0.52
N GLU A 32 -8.42 16.07 0.53
CA GLU A 32 -8.82 15.10 1.55
C GLU A 32 -9.86 14.13 0.99
N GLN A 33 -10.88 14.66 0.35
CA GLN A 33 -11.92 13.84 -0.26
C GLN A 33 -11.33 13.00 -1.37
N GLN A 34 -10.37 13.57 -2.09
CA GLN A 34 -9.67 12.82 -3.12
C GLN A 34 -8.99 11.60 -2.52
N GLN A 35 -8.27 11.76 -1.42
CA GLN A 35 -7.55 10.65 -0.81
C GLN A 35 -8.51 9.61 -0.28
N ILE A 36 -9.61 10.05 0.29
CA ILE A 36 -10.60 9.13 0.83
C ILE A 36 -11.19 8.26 -0.29
N LEU A 37 -11.49 8.87 -1.45
CA LEU A 37 -11.95 8.09 -2.59
C LEU A 37 -10.86 7.14 -3.09
N ILE A 38 -9.64 7.64 -3.16
CA ILE A 38 -8.52 6.82 -3.63
C ILE A 38 -8.35 5.59 -2.75
N ARG A 39 -8.52 5.71 -1.43
CA ARG A 39 -8.44 4.56 -0.52
C ARG A 39 -9.45 3.49 -0.90
N GLN A 40 -10.68 3.89 -1.19
CA GLN A 40 -11.73 2.94 -1.56
C GLN A 40 -11.36 2.27 -2.89
N LEU A 41 -10.83 3.04 -3.83
CA LEU A 41 -10.44 2.50 -5.12
C LEU A 41 -9.28 1.51 -4.97
N GLN A 42 -8.34 1.79 -4.08
CA GLN A 42 -7.21 0.89 -3.84
C GLN A 42 -7.68 -0.46 -3.29
N GLU A 43 -8.58 -0.40 -2.30
CA GLU A 43 -9.06 -1.60 -1.65
C GLU A 43 -9.86 -2.47 -2.62
N GLN A 44 -10.80 -1.85 -3.32
CA GLN A 44 -11.60 -2.55 -4.31
C GLN A 44 -10.73 -3.10 -5.44
N HIS A 45 -9.70 -2.34 -5.82
CA HIS A 45 -8.78 -2.81 -6.85
C HIS A 45 -8.08 -4.07 -6.40
N TYR A 46 -7.63 -4.10 -5.15
CA TYR A 46 -6.99 -5.31 -4.64
C TYR A 46 -7.95 -6.49 -4.61
N GLN A 47 -9.17 -6.28 -4.17
CA GLN A 47 -10.14 -7.37 -4.09
C GLN A 47 -10.38 -7.98 -5.46
N GLN A 48 -10.70 -7.14 -6.44
CA GLN A 48 -10.96 -7.60 -7.80
C GLN A 48 -9.71 -8.19 -8.44
N TYR A 49 -8.55 -7.60 -8.18
CA TYR A 49 -7.30 -8.13 -8.74
C TYR A 49 -7.02 -9.52 -8.25
N MET A 50 -7.08 -9.71 -6.95
CA MET A 50 -6.76 -11.01 -6.37
C MET A 50 -7.80 -12.06 -6.76
N GLN A 51 -9.06 -11.67 -6.79
CA GLN A 51 -10.13 -12.56 -7.23
C GLN A 51 -9.94 -12.99 -8.68
N GLN A 52 -9.54 -12.05 -9.54
CA GLN A 52 -9.31 -12.38 -10.95
C GLN A 52 -8.03 -13.19 -11.11
N LEU A 53 -6.96 -12.77 -10.46
CA LEU A 53 -5.64 -13.44 -10.55
C LEU A 53 -5.75 -14.88 -10.10
N TYR A 54 -6.54 -15.11 -9.07
CA TYR A 54 -6.73 -16.46 -8.57
C TYR A 54 -7.31 -17.34 -9.66
N GLN A 55 -8.27 -16.82 -10.42
CA GLN A 55 -8.86 -17.57 -11.54
C GLN A 55 -7.88 -17.74 -12.70
N VAL A 56 -7.02 -16.75 -12.94
CA VAL A 56 -6.08 -16.80 -14.07
C VAL A 56 -5.04 -17.87 -13.82
N GLN A 57 -4.46 -17.88 -12.64
CA GLN A 57 -3.43 -18.88 -12.31
C GLN A 57 -4.09 -20.24 -12.18
N LEU A 58 -5.34 -20.26 -11.77
CA LEU A 58 -6.10 -21.52 -11.68
C LEU A 58 -6.30 -22.10 -13.06
N ALA A 59 -6.59 -21.28 -14.04
CA ALA A 59 -6.76 -21.75 -15.41
C ALA A 59 -5.46 -22.43 -15.90
N GLN A 60 -4.33 -21.84 -15.57
CA GLN A 60 -3.02 -22.43 -15.92
C GLN A 60 -2.81 -23.78 -15.21
N GLN A 61 -3.21 -23.83 -13.95
CA GLN A 61 -3.09 -25.05 -13.15
C GLN A 61 -4.00 -26.14 -13.70
N GLN A 62 -5.18 -25.75 -14.13
CA GLN A 62 -6.13 -26.72 -14.70
C GLN A 62 -5.58 -27.28 -16.00
N ALA A 63 -4.94 -26.44 -16.79
CA ALA A 63 -4.35 -26.86 -18.06
C ALA A 63 -3.11 -27.74 -17.84
N ALA A 64 -2.43 -27.55 -16.71
CA ALA A 64 -1.28 -28.38 -16.37
C ALA A 64 -1.73 -29.77 -15.89
N LEU A 65 -2.95 -29.85 -15.37
CA LEU A 65 -3.49 -31.12 -14.85
C LEU A 65 -4.24 -31.91 -15.90
N GLN A 66 -5.15 -31.24 -16.59
CA GLN A 66 -6.06 -31.85 -17.58
C GLN A 66 -6.87 -33.03 -17.00
N LYS A 67 -7.13 -32.99 -15.70
CA LYS A 67 -7.80 -34.09 -15.01
C LYS A 67 -9.34 -34.06 -15.18
N GLN A 68 -9.76 -33.97 -16.43
CA GLN A 68 -11.19 -33.92 -16.80
C GLN A 68 -11.98 -32.94 -15.92
N GLN A 69 -11.51 -31.70 -15.88
CA GLN A 69 -12.13 -30.65 -15.08
C GLN A 69 -12.94 -29.68 -15.93
N GLY B 1 25.77 9.31 -18.55
CA GLY B 1 27.21 9.51 -18.17
C GLY B 1 27.94 8.22 -17.88
N ALA B 2 27.29 7.16 -18.33
CA ALA B 2 27.79 5.80 -18.17
C ALA B 2 28.82 5.43 -19.25
N MET B 3 28.92 6.28 -20.26
CA MET B 3 29.89 6.06 -21.33
C MET B 3 31.26 6.53 -20.84
N VAL B 4 32.31 5.79 -21.18
CA VAL B 4 33.67 6.10 -20.73
C VAL B 4 34.63 5.77 -21.87
N GLU B 5 35.85 6.32 -21.82
CA GLU B 5 36.88 6.04 -22.81
C GLU B 5 38.14 5.60 -22.06
N ALA B 6 39.08 4.98 -22.79
CA ALA B 6 40.34 4.55 -22.20
C ALA B 6 41.43 4.78 -23.24
N ARG B 7 42.61 5.20 -22.78
CA ARG B 7 43.72 5.47 -23.70
C ARG B 7 44.46 4.18 -24.00
N SER B 8 44.29 3.66 -25.20
CA SER B 8 44.95 2.43 -25.63
C SER B 8 46.40 2.71 -26.04
N LEU B 9 47.30 2.55 -25.08
CA LEU B 9 48.74 2.78 -25.27
C LEU B 9 49.04 4.25 -25.56
N ALA B 10 50.30 4.55 -25.88
CA ALA B 10 50.73 5.91 -26.19
C ALA B 10 51.70 5.86 -27.37
N VAL B 11 51.23 6.27 -28.53
CA VAL B 11 52.00 6.25 -29.75
C VAL B 11 51.52 7.47 -30.51
N ALA B 12 52.46 8.19 -31.10
CA ALA B 12 52.17 9.39 -31.88
C ALA B 12 53.01 9.27 -33.16
N MET B 13 52.59 9.93 -34.21
CA MET B 13 53.31 9.88 -35.47
C MET B 13 54.50 10.82 -35.42
N GLY B 14 55.53 10.52 -36.20
CA GLY B 14 56.67 11.41 -36.32
C GLY B 14 56.40 12.44 -37.38
N ASP B 15 57.15 13.54 -37.37
CA ASP B 15 56.96 14.61 -38.35
C ASP B 15 57.65 14.25 -39.67
N THR B 16 58.96 14.14 -39.62
CA THR B 16 59.76 13.87 -40.82
C THR B 16 60.94 12.93 -40.52
N VAL B 17 60.91 12.32 -39.34
CA VAL B 17 62.01 11.46 -38.88
C VAL B 17 61.48 10.04 -38.70
N VAL B 18 62.08 9.07 -39.40
CA VAL B 18 61.60 7.70 -39.38
C VAL B 18 62.65 6.67 -38.94
N GLU B 19 62.62 6.37 -37.65
CA GLU B 19 63.41 5.29 -36.99
C GLU B 19 64.97 5.27 -36.94
N PRO B 20 65.70 6.38 -37.26
CA PRO B 20 67.14 6.23 -36.99
C PRO B 20 67.52 6.50 -35.52
N ALA B 21 66.50 6.60 -34.66
CA ALA B 21 66.66 7.08 -33.30
C ALA B 21 67.28 6.06 -32.31
N PRO B 22 68.50 6.33 -31.80
CA PRO B 22 68.95 5.47 -30.70
C PRO B 22 68.17 5.78 -29.42
N LEU B 23 68.08 4.84 -28.50
CA LEU B 23 67.36 5.09 -27.25
C LEU B 23 67.85 4.26 -26.07
N LYS B 24 67.41 4.67 -24.89
CA LYS B 24 67.65 4.02 -23.58
C LYS B 24 69.08 3.58 -23.14
N PRO B 25 70.18 4.25 -23.56
CA PRO B 25 71.41 3.85 -22.84
C PRO B 25 71.51 4.51 -21.46
N THR B 26 70.71 5.54 -21.24
CA THR B 26 70.73 6.34 -20.01
C THR B 26 69.72 5.81 -18.99
N SER B 27 69.98 6.03 -17.71
CA SER B 27 69.09 5.60 -16.64
C SER B 27 69.00 6.60 -15.49
N GLU B 28 69.00 7.88 -15.84
CA GLU B 28 68.99 8.97 -14.84
C GLU B 28 67.82 9.94 -15.07
N PRO B 29 66.72 9.78 -14.31
CA PRO B 29 65.60 10.69 -14.52
C PRO B 29 65.79 12.04 -13.80
N THR B 30 65.32 13.12 -14.41
CA THR B 30 65.51 14.45 -13.84
C THR B 30 64.23 15.01 -13.20
N SER B 31 63.08 14.44 -13.51
CA SER B 31 61.80 14.92 -12.97
C SER B 31 60.79 13.79 -12.99
N GLY B 32 59.76 13.90 -12.17
CA GLY B 32 58.71 12.90 -12.15
C GLY B 32 58.06 12.80 -10.77
N PRO B 33 57.01 11.97 -10.61
CA PRO B 33 56.40 11.79 -9.29
C PRO B 33 57.29 10.93 -8.40
N PRO B 34 57.09 10.96 -7.06
CA PRO B 34 57.92 10.13 -6.17
C PRO B 34 57.46 8.66 -6.09
N GLY B 35 57.01 8.12 -7.23
CA GLY B 35 56.53 6.74 -7.29
C GLY B 35 55.04 6.63 -7.01
N ASN B 36 54.28 6.26 -8.04
CA ASN B 36 52.84 6.08 -7.91
C ASN B 36 52.34 5.10 -8.95
N ASN B 37 51.15 4.60 -8.76
CA ASN B 37 50.51 3.68 -9.71
C ASN B 37 49.01 3.93 -9.65
N GLY B 38 48.26 3.25 -10.51
CA GLY B 38 46.82 3.39 -10.49
C GLY B 38 46.30 4.52 -11.35
N GLY B 39 44.99 4.62 -11.43
CA GLY B 39 44.32 5.62 -12.24
C GLY B 39 43.15 4.95 -12.95
N SER B 40 42.29 5.73 -13.58
CA SER B 40 41.10 5.24 -14.30
C SER B 40 40.22 4.29 -13.48
N LEU B 41 40.18 4.50 -12.18
CA LEU B 41 39.40 3.65 -11.26
C LEU B 41 37.95 4.12 -11.21
N LEU B 42 37.31 4.16 -12.38
CA LEU B 42 35.93 4.64 -12.52
C LEU B 42 34.99 3.46 -12.66
N SER B 43 33.78 3.65 -12.16
CA SER B 43 32.72 2.64 -12.23
C SER B 43 31.42 3.43 -12.23
N VAL B 44 30.33 2.78 -12.61
CA VAL B 44 29.02 3.46 -12.70
C VAL B 44 27.93 2.47 -12.31
N ILE B 45 26.87 2.96 -11.69
CA ILE B 45 25.74 2.13 -11.25
C ILE B 45 24.90 1.77 -12.49
N THR B 46 24.65 0.49 -12.69
CA THR B 46 23.91 0.02 -13.86
C THR B 46 22.62 -0.64 -13.45
N GLU B 47 21.72 0.23 -13.01
CA GLU B 47 20.41 -0.19 -12.50
C GLU B 47 19.31 0.76 -12.99
N GLY B 48 19.64 1.50 -14.04
CA GLY B 48 18.72 2.50 -14.57
C GLY B 48 17.76 1.97 -15.62
N VAL B 49 17.83 0.67 -15.87
CA VAL B 49 16.95 0.01 -16.84
C VAL B 49 16.47 -1.28 -16.20
N GLY B 50 15.17 -1.47 -16.14
CA GLY B 50 14.59 -2.65 -15.51
C GLY B 50 13.41 -2.29 -14.62
N GLU B 51 12.21 -2.35 -15.18
CA GLU B 51 10.99 -2.03 -14.44
C GLU B 51 10.63 -3.18 -13.48
N LEU B 52 9.89 -2.86 -12.43
CA LEU B 52 9.48 -3.87 -11.45
C LEU B 52 7.99 -4.19 -11.54
N SER B 53 7.69 -5.47 -11.68
CA SER B 53 6.32 -5.97 -11.68
C SER B 53 6.21 -7.19 -10.78
N VAL B 54 5.80 -6.98 -9.54
CA VAL B 54 5.62 -8.08 -8.57
C VAL B 54 4.15 -8.55 -8.66
N ILE B 55 3.49 -8.10 -9.71
CA ILE B 55 2.09 -8.40 -9.99
C ILE B 55 2.00 -8.64 -11.48
N ASP B 56 0.90 -9.22 -11.94
CA ASP B 56 0.61 -9.32 -13.38
C ASP B 56 -0.11 -8.02 -13.73
N PRO B 57 0.55 -7.10 -14.46
CA PRO B 57 -0.11 -5.79 -14.57
C PRO B 57 -1.36 -5.76 -15.44
N GLU B 58 -1.50 -6.70 -16.36
CA GLU B 58 -2.66 -6.71 -17.27
C GLU B 58 -3.92 -7.17 -16.54
N VAL B 59 -3.75 -8.15 -15.66
CA VAL B 59 -4.86 -8.66 -14.84
C VAL B 59 -5.27 -7.50 -13.92
N ALA B 60 -4.28 -6.75 -13.46
CA ALA B 60 -4.54 -5.63 -12.58
C ALA B 60 -5.22 -4.47 -13.33
N GLN B 61 -4.89 -4.27 -14.60
CA GLN B 61 -5.51 -3.20 -15.40
C GLN B 61 -7.00 -3.48 -15.58
N LYS B 62 -7.32 -4.71 -15.93
CA LYS B 62 -8.73 -5.11 -16.11
C LYS B 62 -9.48 -4.91 -14.80
N ALA B 63 -8.82 -5.24 -13.70
CA ALA B 63 -9.43 -5.10 -12.39
C ALA B 63 -9.76 -3.65 -12.01
N CYS B 64 -8.86 -2.71 -12.27
CA CYS B 64 -9.15 -1.32 -11.88
C CYS B 64 -10.19 -0.71 -12.81
N GLN B 65 -10.22 -1.17 -14.04
CA GLN B 65 -11.16 -0.63 -15.03
C GLN B 65 -12.60 -0.86 -14.58
N GLU B 66 -12.91 -2.07 -14.12
CA GLU B 66 -14.26 -2.36 -13.63
C GLU B 66 -14.56 -1.58 -12.36
N VAL B 67 -13.58 -1.47 -11.46
CA VAL B 67 -13.79 -0.77 -10.20
C VAL B 67 -14.16 0.69 -10.44
N LEU B 68 -13.42 1.37 -11.30
CA LEU B 68 -13.70 2.77 -11.62
C LEU B 68 -15.06 2.91 -12.31
N GLU B 69 -15.41 1.98 -13.17
CA GLU B 69 -16.72 2.01 -13.83
C GLU B 69 -17.87 1.87 -12.83
N LYS B 70 -17.75 0.93 -11.91
CA LYS B 70 -18.80 0.71 -10.91
C LYS B 70 -18.95 1.95 -10.03
N VAL B 71 -17.86 2.55 -9.61
CA VAL B 71 -17.91 3.72 -8.76
C VAL B 71 -18.52 4.91 -9.53
N LYS B 72 -18.25 5.01 -10.82
CA LYS B 72 -18.89 6.04 -11.67
C LYS B 72 -20.39 5.83 -11.74
N LEU B 73 -20.82 4.59 -11.79
CA LEU B 73 -22.26 4.32 -11.90
C LEU B 73 -23.02 4.49 -10.60
N LEU B 74 -22.34 4.34 -9.47
CA LEU B 74 -22.96 4.64 -8.18
C LEU B 74 -23.27 6.12 -8.11
N HIS B 75 -22.58 6.87 -8.94
CA HIS B 75 -22.70 8.32 -9.00
C HIS B 75 -23.66 8.78 -10.10
N GLY B 76 -24.52 7.89 -10.54
CA GLY B 76 -25.50 8.23 -11.58
C GLY B 76 -24.92 8.19 -12.98
N GLY B 77 -23.74 7.60 -13.13
CA GLY B 77 -23.11 7.46 -14.43
C GLY B 77 -22.36 8.69 -14.88
N VAL B 78 -23.09 9.80 -14.97
CA VAL B 78 -22.54 11.08 -15.44
C VAL B 78 -22.12 11.99 -14.29
N ALA B 79 -21.90 11.37 -13.12
CA ALA B 79 -21.48 12.09 -11.90
C ALA B 79 -22.46 13.23 -11.53
N VAL B 80 -23.70 12.82 -11.25
CA VAL B 80 -24.76 13.72 -10.80
C VAL B 80 -24.41 14.30 -9.42
N MET A 1 5.79 -12.90 4.89
CA MET A 1 4.48 -13.39 5.48
C MET A 1 3.26 -12.42 5.37
N GLN A 2 3.55 -11.19 4.93
CA GLN A 2 2.57 -10.12 4.78
C GLN A 2 2.48 -9.73 3.29
N GLN A 3 2.41 -10.75 2.44
CA GLN A 3 2.50 -10.56 0.99
C GLN A 3 1.57 -9.51 0.38
N LYS A 4 0.44 -9.25 1.01
CA LYS A 4 -0.52 -8.25 0.52
C LYS A 4 0.10 -6.86 0.42
N GLN A 5 1.06 -6.56 1.27
CA GLN A 5 1.65 -5.24 1.30
C GLN A 5 2.33 -4.87 -0.03
N GLN A 6 3.17 -5.74 -0.55
CA GLN A 6 3.85 -5.44 -1.82
C GLN A 6 2.84 -5.44 -2.99
N ILE A 7 1.77 -6.23 -2.88
CA ILE A 7 0.75 -6.24 -3.94
C ILE A 7 0.15 -4.85 -3.98
N MET A 8 -0.32 -4.35 -2.84
CA MET A 8 -1.00 -3.07 -2.82
C MET A 8 -0.05 -1.94 -3.21
N ALA A 9 1.23 -2.09 -2.89
CA ALA A 9 2.23 -1.09 -3.33
C ALA A 9 2.34 -1.09 -4.86
N ALA A 10 2.31 -2.27 -5.45
CA ALA A 10 2.42 -2.41 -6.90
C ALA A 10 1.15 -1.87 -7.56
N LEU A 11 0.02 -2.12 -6.93
CA LEU A 11 -1.27 -1.64 -7.45
C LEU A 11 -1.28 -0.14 -7.44
N ASN A 12 -0.76 0.44 -6.37
CA ASN A 12 -0.68 1.90 -6.27
C ASN A 12 0.22 2.45 -7.35
N SER A 13 1.30 1.76 -7.66
CA SER A 13 2.24 2.23 -8.68
C SER A 13 1.59 2.38 -10.07
N GLN A 14 0.84 1.37 -10.50
CA GLN A 14 0.24 1.39 -11.84
C GLN A 14 -1.07 2.19 -11.93
N THR A 15 -1.66 2.54 -10.81
CA THR A 15 -2.95 3.27 -10.83
C THR A 15 -2.88 4.61 -10.14
N ALA A 16 -1.68 5.04 -9.77
CA ALA A 16 -1.50 6.30 -9.04
C ALA A 16 -2.18 7.45 -9.77
N VAL A 17 -1.79 7.67 -11.02
CA VAL A 17 -2.38 8.74 -11.81
C VAL A 17 -3.83 8.43 -12.18
N GLN A 18 -4.15 7.16 -12.43
CA GLN A 18 -5.51 6.82 -12.87
C GLN A 18 -6.54 7.13 -11.80
N PHE A 19 -6.25 6.76 -10.57
CA PHE A 19 -7.18 6.98 -9.48
C PHE A 19 -7.19 8.44 -9.12
N GLN A 20 -6.05 9.10 -9.23
CA GLN A 20 -5.95 10.54 -8.95
C GLN A 20 -6.77 11.36 -9.96
N GLN A 21 -6.76 10.98 -11.23
CA GLN A 21 -7.53 11.70 -12.25
C GLN A 21 -9.01 11.58 -11.93
N TYR A 22 -9.46 10.39 -11.60
CA TYR A 22 -10.86 10.19 -11.28
C TYR A 22 -11.26 10.89 -9.99
N ALA A 23 -10.38 10.85 -9.01
CA ALA A 23 -10.68 11.50 -7.74
C ALA A 23 -10.76 13.01 -7.91
N ALA A 24 -9.94 13.57 -8.79
CA ALA A 24 -9.98 14.98 -9.08
C ALA A 24 -11.23 15.34 -9.89
N GLN A 25 -11.72 14.41 -10.71
CA GLN A 25 -12.95 14.63 -11.46
C GLN A 25 -14.13 14.73 -10.50
N GLN A 26 -14.12 13.90 -9.46
CA GLN A 26 -15.23 13.88 -8.52
C GLN A 26 -15.11 14.95 -7.42
N TYR A 27 -13.90 15.20 -6.97
CA TYR A 27 -13.64 16.17 -5.91
C TYR A 27 -12.51 17.11 -6.28
N PRO A 28 -12.72 17.96 -7.28
CA PRO A 28 -11.59 18.81 -7.65
C PRO A 28 -11.17 19.76 -6.54
N GLY A 29 -9.88 19.95 -6.38
CA GLY A 29 -9.35 20.80 -5.32
C GLY A 29 -9.31 20.19 -3.95
N ASN A 30 -10.18 19.23 -3.64
CA ASN A 30 -10.25 18.70 -2.28
C ASN A 30 -9.35 17.49 -2.11
N TYR A 31 -8.12 17.76 -1.69
CA TYR A 31 -7.12 16.72 -1.48
C TYR A 31 -7.60 15.63 -0.54
N GLU A 32 -8.24 16.01 0.55
CA GLU A 32 -8.67 15.04 1.55
C GLU A 32 -9.73 14.10 0.97
N GLN A 33 -10.74 14.68 0.32
CA GLN A 33 -11.80 13.88 -0.30
C GLN A 33 -11.26 12.99 -1.41
N GLN A 34 -10.24 13.49 -2.11
CA GLN A 34 -9.58 12.71 -3.14
C GLN A 34 -8.90 11.48 -2.53
N GLN A 35 -8.18 11.64 -1.43
CA GLN A 35 -7.52 10.51 -0.77
C GLN A 35 -8.54 9.49 -0.28
N ILE A 36 -9.63 9.96 0.29
CA ILE A 36 -10.68 9.06 0.80
C ILE A 36 -11.23 8.18 -0.32
N LEU A 37 -11.45 8.77 -1.49
CA LEU A 37 -11.93 7.99 -2.64
C LEU A 37 -10.85 7.04 -3.14
N ILE A 38 -9.60 7.49 -3.19
CA ILE A 38 -8.48 6.65 -3.62
C ILE A 38 -8.32 5.45 -2.67
N ARG A 39 -8.55 5.66 -1.37
CA ARG A 39 -8.45 4.57 -0.40
C ARG A 39 -9.45 3.47 -0.73
N GLN A 40 -10.70 3.85 -1.00
CA GLN A 40 -11.75 2.89 -1.35
C GLN A 40 -11.44 2.20 -2.67
N LEU A 41 -10.94 2.98 -3.61
CA LEU A 41 -10.59 2.46 -4.92
C LEU A 41 -9.47 1.44 -4.85
N GLN A 42 -8.43 1.68 -4.06
CA GLN A 42 -7.34 0.71 -3.94
C GLN A 42 -7.78 -0.57 -3.25
N GLU A 43 -8.68 -0.45 -2.27
CA GLU A 43 -9.20 -1.64 -1.61
C GLU A 43 -9.97 -2.49 -2.61
N GLN A 44 -10.90 -1.86 -3.31
CA GLN A 44 -11.70 -2.58 -4.30
C GLN A 44 -10.82 -3.11 -5.45
N HIS A 45 -9.81 -2.34 -5.81
CA HIS A 45 -8.87 -2.73 -6.88
C HIS A 45 -8.17 -4.00 -6.49
N TYR A 46 -7.66 -4.03 -5.27
CA TYR A 46 -7.00 -5.23 -4.75
C TYR A 46 -7.93 -6.42 -4.71
N GLN A 47 -9.15 -6.23 -4.20
CA GLN A 47 -10.09 -7.33 -4.11
C GLN A 47 -10.43 -7.91 -5.48
N GLN A 48 -10.73 -7.03 -6.44
CA GLN A 48 -11.05 -7.47 -7.79
C GLN A 48 -9.83 -8.12 -8.45
N TYR A 49 -8.66 -7.52 -8.28
CA TYR A 49 -7.44 -8.06 -8.88
C TYR A 49 -7.14 -9.45 -8.33
N MET A 50 -7.11 -9.61 -7.02
CA MET A 50 -6.71 -10.87 -6.43
C MET A 50 -7.71 -11.98 -6.76
N GLN A 51 -8.99 -11.67 -6.75
CA GLN A 51 -10.00 -12.66 -7.09
C GLN A 51 -9.92 -13.04 -8.56
N GLN A 52 -9.73 -12.06 -9.43
CA GLN A 52 -9.67 -12.35 -10.85
C GLN A 52 -8.40 -13.14 -11.15
N LEU A 53 -7.30 -12.72 -10.55
CA LEU A 53 -6.02 -13.42 -10.71
C LEU A 53 -6.14 -14.85 -10.26
N TYR A 54 -6.84 -15.08 -9.17
CA TYR A 54 -7.01 -16.42 -8.64
C TYR A 54 -7.69 -17.30 -9.68
N GLN A 55 -8.69 -16.77 -10.36
CA GLN A 55 -9.39 -17.54 -11.38
C GLN A 55 -8.52 -17.79 -12.62
N VAL A 56 -7.67 -16.84 -12.97
CA VAL A 56 -6.79 -17.00 -14.13
C VAL A 56 -5.74 -18.08 -13.85
N GLN A 57 -5.10 -18.01 -12.69
CA GLN A 57 -4.06 -18.99 -12.37
C GLN A 57 -4.70 -20.34 -12.10
N LEU A 58 -5.92 -20.33 -11.57
CA LEU A 58 -6.66 -21.58 -11.33
C LEU A 58 -6.95 -22.27 -12.65
N ALA A 59 -7.36 -21.50 -13.64
CA ALA A 59 -7.65 -22.04 -14.97
C ALA A 59 -6.42 -22.78 -15.53
N GLN A 60 -5.25 -22.20 -15.35
CA GLN A 60 -4.01 -22.84 -15.81
C GLN A 60 -3.65 -24.01 -14.90
N GLN A 61 -3.88 -23.87 -13.60
CA GLN A 61 -3.56 -24.90 -12.63
C GLN A 61 -4.38 -26.16 -12.92
N GLN A 62 -5.64 -26.00 -13.32
CA GLN A 62 -6.48 -27.15 -13.64
C GLN A 62 -5.99 -27.83 -14.91
N ALA A 63 -5.51 -27.04 -15.86
CA ALA A 63 -4.98 -27.59 -17.11
C ALA A 63 -3.67 -28.35 -16.87
N ALA A 64 -2.93 -27.98 -15.83
CA ALA A 64 -1.71 -28.70 -15.46
C ALA A 64 -2.06 -29.98 -14.69
N LEU A 65 -3.00 -29.88 -13.77
CA LEU A 65 -3.37 -31.02 -12.93
C LEU A 65 -4.10 -32.11 -13.71
N GLN A 66 -5.13 -31.69 -14.44
CA GLN A 66 -6.03 -32.57 -15.20
C GLN A 66 -6.61 -33.78 -14.42
N LYS A 67 -6.68 -33.65 -13.10
CA LYS A 67 -7.10 -34.74 -12.23
C LYS A 67 -8.62 -34.97 -12.20
N GLN A 68 -9.32 -34.48 -13.22
CA GLN A 68 -10.77 -34.67 -13.38
C GLN A 68 -11.53 -34.25 -12.12
N GLN A 69 -11.12 -33.11 -11.54
CA GLN A 69 -11.74 -32.61 -10.32
C GLN A 69 -13.19 -32.17 -10.56
N GLY B 1 -43.00 -18.26 38.53
CA GLY B 1 -44.40 -18.45 38.00
C GLY B 1 -45.41 -18.97 38.99
N ALA B 2 -44.93 -19.07 40.23
CA ALA B 2 -45.69 -19.59 41.36
C ALA B 2 -45.22 -18.85 42.62
N MET B 3 -45.90 -19.09 43.73
CA MET B 3 -45.52 -18.52 45.03
C MET B 3 -45.27 -19.67 45.98
N VAL B 4 -44.49 -19.42 47.04
CA VAL B 4 -44.08 -20.47 47.95
C VAL B 4 -44.89 -20.41 49.23
N GLU B 5 -45.69 -21.45 49.48
CA GLU B 5 -46.50 -21.54 50.69
C GLU B 5 -46.31 -22.94 51.28
N ALA B 6 -45.07 -23.41 51.21
CA ALA B 6 -44.73 -24.75 51.67
C ALA B 6 -43.27 -24.72 52.12
N ARG B 7 -42.85 -25.79 52.80
CA ARG B 7 -41.48 -25.93 53.34
C ARG B 7 -41.18 -24.87 54.41
N SER B 8 -42.22 -24.24 54.93
CA SER B 8 -42.08 -23.25 56.02
C SER B 8 -42.01 -23.94 57.39
N LEU B 9 -41.34 -25.08 57.45
CA LEU B 9 -41.25 -25.89 58.66
C LEU B 9 -39.79 -26.26 58.88
N ALA B 10 -39.42 -26.53 60.13
CA ALA B 10 -38.07 -26.95 60.46
C ALA B 10 -38.18 -28.23 61.27
N VAL B 11 -37.47 -29.26 60.82
CA VAL B 11 -37.46 -30.56 61.49
C VAL B 11 -36.32 -30.61 62.51
N ALA B 12 -36.51 -29.96 63.64
CA ALA B 12 -35.51 -29.91 64.70
C ALA B 12 -35.50 -31.20 65.51
N MET B 13 -35.07 -32.28 64.89
CA MET B 13 -35.09 -33.62 65.49
C MET B 13 -33.97 -33.86 66.52
N GLY B 14 -33.18 -32.82 66.77
CA GLY B 14 -32.09 -32.91 67.74
C GLY B 14 -30.78 -33.38 67.15
N ASP B 15 -30.81 -33.67 65.86
CA ASP B 15 -29.62 -34.19 65.15
C ASP B 15 -28.79 -33.08 64.48
N THR B 16 -28.39 -32.09 65.27
CA THR B 16 -27.55 -30.99 64.76
C THR B 16 -26.11 -31.21 65.21
N VAL B 17 -25.88 -32.37 65.78
CA VAL B 17 -24.55 -32.74 66.28
C VAL B 17 -23.72 -33.26 65.11
N VAL B 18 -22.46 -32.88 65.05
CA VAL B 18 -21.54 -33.40 64.05
C VAL B 18 -20.82 -34.50 64.80
N GLU B 19 -21.27 -35.73 64.60
CA GLU B 19 -20.77 -36.88 65.38
C GLU B 19 -19.23 -36.95 65.51
N PRO B 20 -18.46 -36.87 64.40
CA PRO B 20 -17.01 -36.89 64.69
C PRO B 20 -16.48 -35.58 65.32
N ALA B 21 -16.50 -34.51 64.56
CA ALA B 21 -16.10 -33.16 65.00
C ALA B 21 -16.38 -32.23 63.84
N PRO B 22 -16.81 -30.98 64.08
CA PRO B 22 -16.91 -30.07 62.94
C PRO B 22 -15.54 -29.52 62.53
N LEU B 23 -15.43 -29.06 61.28
CA LEU B 23 -14.20 -28.43 60.76
C LEU B 23 -12.97 -29.35 60.85
N LYS B 24 -11.81 -28.77 60.59
CA LYS B 24 -10.50 -29.47 60.51
C LYS B 24 -10.38 -30.26 59.17
N PRO B 25 -10.68 -31.60 59.10
CA PRO B 25 -10.53 -32.02 57.68
C PRO B 25 -11.66 -31.48 56.79
N THR B 26 -11.30 -30.95 55.63
CA THR B 26 -12.25 -30.42 54.67
C THR B 26 -11.54 -30.45 53.31
N SER B 27 -12.30 -30.41 52.23
CA SER B 27 -11.74 -30.48 50.87
C SER B 27 -12.70 -29.85 49.86
N GLU B 28 -12.77 -28.52 49.87
CA GLU B 28 -13.71 -27.79 49.03
C GLU B 28 -12.99 -26.91 48.00
N PRO B 29 -12.96 -27.32 46.72
CA PRO B 29 -12.29 -26.45 45.76
C PRO B 29 -13.14 -25.21 45.42
N THR B 30 -12.48 -24.06 45.28
CA THR B 30 -13.21 -22.82 45.03
C THR B 30 -12.48 -21.82 44.10
N SER B 31 -11.27 -22.15 43.70
CA SER B 31 -10.50 -21.24 42.85
C SER B 31 -9.48 -22.01 42.04
N GLY B 32 -8.74 -21.30 41.18
CA GLY B 32 -7.71 -21.91 40.34
C GLY B 32 -6.74 -20.83 39.88
N PRO B 33 -5.61 -21.19 39.26
CA PRO B 33 -4.62 -20.18 38.85
C PRO B 33 -5.01 -19.39 37.59
N PRO B 34 -4.42 -18.19 37.38
CA PRO B 34 -4.75 -17.46 36.15
C PRO B 34 -4.08 -18.08 34.92
N GLY B 35 -4.68 -17.84 33.76
CA GLY B 35 -4.19 -18.42 32.51
C GLY B 35 -3.77 -17.40 31.46
N ASN B 36 -2.91 -16.46 31.83
CA ASN B 36 -2.43 -15.45 30.87
C ASN B 36 -0.94 -15.22 31.00
N ASN B 37 -0.17 -15.88 30.16
CA ASN B 37 1.30 -15.76 30.15
C ASN B 37 1.75 -15.94 28.69
N GLY B 38 2.64 -15.07 28.21
CA GLY B 38 3.05 -15.12 26.81
C GLY B 38 3.60 -13.79 26.37
N GLY B 39 3.70 -13.57 25.06
CA GLY B 39 4.18 -12.31 24.53
C GLY B 39 5.44 -12.37 23.68
N SER B 40 5.80 -13.54 23.16
CA SER B 40 6.98 -13.68 22.31
C SER B 40 6.62 -14.27 20.96
N LEU B 41 6.09 -13.42 20.09
CA LEU B 41 5.73 -13.83 18.73
C LEU B 41 6.15 -12.70 17.79
N LEU B 42 7.42 -12.69 17.40
CA LEU B 42 7.99 -11.59 16.62
C LEU B 42 8.79 -12.12 15.44
N SER B 43 8.61 -11.52 14.28
CA SER B 43 9.38 -11.86 13.08
C SER B 43 9.42 -10.61 12.18
N VAL B 44 10.54 -10.37 11.54
CA VAL B 44 10.67 -9.21 10.64
C VAL B 44 10.47 -9.76 9.24
N ILE B 45 9.60 -9.13 8.46
CA ILE B 45 9.34 -9.57 7.11
C ILE B 45 10.47 -9.08 6.19
N THR B 46 11.20 -10.01 5.59
CA THR B 46 12.33 -9.67 4.73
C THR B 46 12.00 -9.99 3.31
N GLU B 47 11.18 -9.13 2.74
CA GLU B 47 10.67 -9.28 1.39
C GLU B 47 10.62 -7.90 0.70
N GLY B 48 11.73 -7.17 0.82
CA GLY B 48 11.80 -5.81 0.30
C GLY B 48 12.13 -5.71 -1.18
N VAL B 49 12.62 -6.80 -1.75
CA VAL B 49 12.93 -6.84 -3.17
C VAL B 49 11.64 -7.21 -3.90
N GLY B 50 11.35 -6.52 -5.00
CA GLY B 50 10.08 -6.71 -5.70
C GLY B 50 9.47 -5.36 -6.01
N GLU B 51 10.29 -4.47 -6.54
CA GLU B 51 9.88 -3.11 -6.85
C GLU B 51 8.96 -3.07 -8.09
N LEU B 52 8.18 -1.99 -8.18
CA LEU B 52 7.28 -1.73 -9.31
C LEU B 52 6.25 -2.87 -9.56
N SER B 53 6.26 -3.49 -10.73
CA SER B 53 5.25 -4.47 -11.09
C SER B 53 5.63 -5.89 -10.74
N VAL B 54 5.69 -6.19 -9.44
CA VAL B 54 5.93 -7.55 -8.95
C VAL B 54 4.64 -8.38 -9.11
N ILE B 55 3.60 -7.70 -9.55
CA ILE B 55 2.27 -8.28 -9.80
C ILE B 55 2.10 -8.59 -11.28
N ASP B 56 1.03 -9.28 -11.62
CA ASP B 56 0.58 -9.40 -13.02
C ASP B 56 -0.12 -8.08 -13.35
N PRO B 57 0.50 -7.22 -14.20
CA PRO B 57 -0.13 -5.92 -14.33
C PRO B 57 -1.38 -5.88 -15.21
N GLU B 58 -1.54 -6.88 -16.07
CA GLU B 58 -2.66 -6.90 -17.02
C GLU B 58 -3.98 -7.15 -16.32
N VAL B 59 -3.96 -8.13 -15.42
CA VAL B 59 -5.16 -8.49 -14.68
C VAL B 59 -5.48 -7.31 -13.76
N ALA B 60 -4.45 -6.66 -13.27
CA ALA B 60 -4.62 -5.51 -12.41
C ALA B 60 -5.18 -4.31 -13.18
N GLN B 61 -4.83 -4.17 -14.45
CA GLN B 61 -5.36 -3.10 -15.30
C GLN B 61 -6.87 -3.26 -15.49
N LYS B 62 -7.31 -4.49 -15.75
CA LYS B 62 -8.74 -4.76 -15.86
C LYS B 62 -9.40 -4.50 -14.52
N ALA B 63 -8.77 -4.95 -13.45
CA ALA B 63 -9.33 -4.76 -12.13
C ALA B 63 -9.57 -3.28 -11.80
N CYS B 64 -8.67 -2.38 -12.21
CA CYS B 64 -8.88 -0.96 -11.91
C CYS B 64 -9.96 -0.37 -12.81
N GLN B 65 -10.03 -0.86 -14.05
CA GLN B 65 -11.05 -0.42 -15.00
C GLN B 65 -12.46 -0.80 -14.50
N GLU B 66 -12.63 -2.06 -14.08
CA GLU B 66 -13.89 -2.54 -13.54
C GLU B 66 -14.32 -1.77 -12.29
N VAL B 67 -13.37 -1.37 -11.45
CA VAL B 67 -13.71 -0.56 -10.27
C VAL B 67 -14.13 0.84 -10.70
N LEU B 68 -13.43 1.43 -11.65
CA LEU B 68 -13.73 2.79 -12.07
C LEU B 68 -15.08 2.92 -12.77
N GLU B 69 -15.47 1.96 -13.60
CA GLU B 69 -16.79 2.07 -14.24
C GLU B 69 -17.90 1.82 -13.20
N LYS B 70 -17.66 0.91 -12.27
CA LYS B 70 -18.67 0.57 -11.27
C LYS B 70 -18.84 1.67 -10.24
N VAL B 71 -17.75 2.31 -9.83
CA VAL B 71 -17.85 3.40 -8.87
C VAL B 71 -18.56 4.61 -9.50
N LYS B 72 -18.45 4.75 -10.81
CA LYS B 72 -19.19 5.80 -11.51
C LYS B 72 -20.68 5.49 -11.46
N LEU B 73 -21.04 4.24 -11.68
CA LEU B 73 -22.45 3.85 -11.70
C LEU B 73 -23.10 3.78 -10.33
N LEU B 74 -22.35 3.52 -9.28
CA LEU B 74 -22.95 3.46 -7.95
C LEU B 74 -23.35 4.87 -7.49
N HIS B 75 -22.85 5.87 -8.19
CA HIS B 75 -23.23 7.26 -7.95
C HIS B 75 -24.57 7.59 -8.60
N GLY B 76 -25.11 6.65 -9.36
CA GLY B 76 -26.37 6.87 -10.05
C GLY B 76 -26.17 7.36 -11.47
N GLY B 77 -27.25 7.72 -12.13
CA GLY B 77 -27.19 8.22 -13.49
C GLY B 77 -28.53 8.74 -13.96
N VAL B 78 -29.58 7.99 -13.69
CA VAL B 78 -30.96 8.42 -13.97
C VAL B 78 -31.49 9.28 -12.82
N ALA B 79 -30.60 9.69 -11.94
CA ALA B 79 -30.94 10.49 -10.78
C ALA B 79 -30.03 11.69 -10.78
N VAL B 80 -30.64 12.86 -10.94
CA VAL B 80 -29.93 14.13 -11.00
C VAL B 80 -29.43 14.57 -9.60
N MET A 1 0.27 -11.29 5.83
CA MET A 1 0.16 -9.81 6.00
C MET A 1 1.06 -9.00 5.06
N GLN A 2 2.37 -9.29 5.12
CA GLN A 2 3.36 -8.64 4.25
C GLN A 2 3.15 -9.09 2.81
N GLN A 3 2.64 -10.32 2.66
CA GLN A 3 2.31 -10.87 1.35
C GLN A 3 1.29 -9.98 0.63
N LYS A 4 0.38 -9.37 1.38
CA LYS A 4 -0.61 -8.46 0.79
C LYS A 4 -0.04 -7.06 0.53
N GLN A 5 0.81 -6.59 1.44
CA GLN A 5 1.34 -5.22 1.34
C GLN A 5 2.11 -5.00 0.05
N GLN A 6 2.94 -5.97 -0.34
CA GLN A 6 3.70 -5.84 -1.57
C GLN A 6 2.77 -5.77 -2.80
N ILE A 7 1.63 -6.43 -2.74
CA ILE A 7 0.67 -6.37 -3.85
C ILE A 7 0.09 -4.99 -3.92
N MET A 8 -0.39 -4.48 -2.80
CA MET A 8 -1.05 -3.18 -2.79
C MET A 8 -0.11 -2.09 -3.25
N ALA A 9 1.15 -2.17 -2.87
CA ALA A 9 2.14 -1.20 -3.33
C ALA A 9 2.28 -1.25 -4.85
N ALA A 10 2.31 -2.45 -5.41
CA ALA A 10 2.48 -2.63 -6.86
C ALA A 10 1.22 -2.13 -7.60
N LEU A 11 0.07 -2.41 -7.03
CA LEU A 11 -1.20 -1.98 -7.60
C LEU A 11 -1.33 -0.47 -7.54
N ASN A 12 -0.87 0.11 -6.46
CA ASN A 12 -0.95 1.56 -6.29
C ASN A 12 -0.10 2.24 -7.34
N SER A 13 1.04 1.65 -7.67
CA SER A 13 1.95 2.24 -8.67
C SER A 13 1.31 2.36 -10.05
N GLN A 14 0.68 1.29 -10.53
CA GLN A 14 0.14 1.28 -11.89
C GLN A 14 -1.18 2.05 -12.04
N THR A 15 -1.82 2.41 -10.93
CA THR A 15 -3.09 3.13 -10.98
C THR A 15 -3.04 4.44 -10.24
N ALA A 16 -1.84 4.89 -9.88
CA ALA A 16 -1.68 6.11 -9.11
C ALA A 16 -2.35 7.30 -9.80
N VAL A 17 -1.93 7.57 -11.03
CA VAL A 17 -2.48 8.70 -11.78
C VAL A 17 -3.94 8.43 -12.16
N GLN A 18 -4.31 7.17 -12.35
CA GLN A 18 -5.68 6.85 -12.76
C GLN A 18 -6.66 7.19 -11.65
N PHE A 19 -6.33 6.83 -10.42
CA PHE A 19 -7.20 7.11 -9.29
C PHE A 19 -7.19 8.60 -9.00
N GLN A 20 -6.03 9.22 -9.14
CA GLN A 20 -5.90 10.66 -8.90
C GLN A 20 -6.73 11.48 -9.89
N GLN A 21 -6.70 11.10 -11.16
CA GLN A 21 -7.46 11.83 -12.18
C GLN A 21 -8.97 11.69 -11.94
N TYR A 22 -9.42 10.50 -11.58
CA TYR A 22 -10.84 10.31 -11.30
C TYR A 22 -11.25 11.06 -10.04
N ALA A 23 -10.41 11.01 -9.02
CA ALA A 23 -10.70 11.72 -7.78
C ALA A 23 -10.73 13.23 -8.02
N ALA A 24 -9.92 13.71 -8.96
CA ALA A 24 -9.92 15.13 -9.31
C ALA A 24 -11.20 15.49 -10.05
N GLN A 25 -11.74 14.59 -10.87
CA GLN A 25 -13.01 14.87 -11.57
C GLN A 25 -14.13 14.96 -10.58
N GLN A 26 -14.13 14.05 -9.61
CA GLN A 26 -15.25 13.97 -8.70
C GLN A 26 -15.19 15.02 -7.59
N TYR A 27 -14.00 15.28 -7.11
CA TYR A 27 -13.79 16.21 -6.00
C TYR A 27 -12.62 17.14 -6.31
N PRO A 28 -12.77 18.03 -7.31
CA PRO A 28 -11.61 18.85 -7.65
C PRO A 28 -11.20 19.77 -6.51
N GLY A 29 -9.90 19.89 -6.29
CA GLY A 29 -9.38 20.74 -5.22
C GLY A 29 -9.44 20.14 -3.82
N ASN A 30 -10.34 19.20 -3.58
CA ASN A 30 -10.53 18.68 -2.22
C ASN A 30 -9.60 17.52 -1.95
N TYR A 31 -8.37 17.82 -1.57
CA TYR A 31 -7.36 16.79 -1.31
C TYR A 31 -7.87 15.72 -0.35
N GLU A 32 -8.52 16.13 0.74
CA GLU A 32 -8.99 15.17 1.72
C GLU A 32 -9.99 14.19 1.12
N GLN A 33 -11.00 14.72 0.43
CA GLN A 33 -12.02 13.88 -0.20
C GLN A 33 -11.42 13.01 -1.29
N GLN A 34 -10.44 13.54 -2.00
CA GLN A 34 -9.75 12.79 -3.04
C GLN A 34 -9.07 11.57 -2.43
N GLN A 35 -8.38 11.73 -1.30
CA GLN A 35 -7.71 10.60 -0.66
C GLN A 35 -8.70 9.55 -0.18
N ILE A 36 -9.82 10.00 0.36
CA ILE A 36 -10.85 9.08 0.85
C ILE A 36 -11.45 8.29 -0.31
N LEU A 37 -11.65 8.93 -1.46
CA LEU A 37 -12.08 8.17 -2.62
C LEU A 37 -10.96 7.22 -3.08
N ILE A 38 -9.73 7.69 -3.14
CA ILE A 38 -8.61 6.88 -3.60
C ILE A 38 -8.42 5.66 -2.72
N ARG A 39 -8.53 5.81 -1.41
CA ARG A 39 -8.31 4.66 -0.52
C ARG A 39 -9.32 3.55 -0.75
N GLN A 40 -10.56 3.92 -1.07
CA GLN A 40 -11.58 2.94 -1.42
C GLN A 40 -11.26 2.29 -2.76
N LEU A 41 -10.80 3.09 -3.72
CA LEU A 41 -10.43 2.58 -5.04
C LEU A 41 -9.27 1.58 -4.93
N GLN A 42 -8.31 1.85 -4.06
CA GLN A 42 -7.16 0.96 -3.88
C GLN A 42 -7.61 -0.38 -3.30
N GLU A 43 -8.50 -0.35 -2.31
CA GLU A 43 -8.99 -1.58 -1.69
C GLU A 43 -9.79 -2.41 -2.69
N GLN A 44 -10.75 -1.77 -3.35
CA GLN A 44 -11.56 -2.45 -4.36
C GLN A 44 -10.69 -3.00 -5.48
N HIS A 45 -9.67 -2.27 -5.89
CA HIS A 45 -8.74 -2.73 -6.92
C HIS A 45 -8.05 -3.98 -6.46
N TYR A 46 -7.58 -4.00 -5.22
CA TYR A 46 -6.90 -5.19 -4.68
C TYR A 46 -7.81 -6.40 -4.63
N GLN A 47 -9.01 -6.22 -4.11
CA GLN A 47 -9.95 -7.33 -3.98
C GLN A 47 -10.30 -7.90 -5.36
N GLN A 48 -10.64 -7.02 -6.30
CA GLN A 48 -10.98 -7.45 -7.65
C GLN A 48 -9.78 -8.10 -8.34
N TYR A 49 -8.60 -7.52 -8.17
CA TYR A 49 -7.40 -8.08 -8.79
C TYR A 49 -7.13 -9.47 -8.25
N MET A 50 -7.17 -9.63 -6.94
CA MET A 50 -6.85 -10.93 -6.34
C MET A 50 -7.86 -11.98 -6.78
N GLN A 51 -9.13 -11.60 -6.85
CA GLN A 51 -10.18 -12.53 -7.28
C GLN A 51 -9.99 -12.92 -8.75
N GLN A 52 -9.73 -11.92 -9.58
CA GLN A 52 -9.58 -12.15 -11.01
C GLN A 52 -8.31 -12.95 -11.29
N LEU A 53 -7.23 -12.62 -10.60
CA LEU A 53 -5.95 -13.31 -10.75
C LEU A 53 -6.12 -14.78 -10.41
N TYR A 54 -6.90 -15.05 -9.37
CA TYR A 54 -7.12 -16.41 -8.94
C TYR A 54 -7.74 -17.20 -10.09
N GLN A 55 -8.69 -16.60 -10.79
CA GLN A 55 -9.33 -17.27 -11.91
C GLN A 55 -8.37 -17.44 -13.09
N VAL A 56 -7.42 -16.54 -13.27
CA VAL A 56 -6.47 -16.65 -14.38
C VAL A 56 -5.45 -17.76 -14.13
N GLN A 57 -4.86 -17.78 -12.93
CA GLN A 57 -3.88 -18.83 -12.62
C GLN A 57 -4.58 -20.17 -12.55
N LEU A 58 -5.85 -20.15 -12.16
CA LEU A 58 -6.65 -21.35 -12.13
C LEU A 58 -6.89 -21.85 -13.54
N ALA A 59 -7.19 -20.96 -14.47
CA ALA A 59 -7.44 -21.36 -15.85
C ALA A 59 -6.21 -22.05 -16.43
N GLN A 60 -5.03 -21.51 -16.13
CA GLN A 60 -3.78 -22.14 -16.57
C GLN A 60 -3.62 -23.52 -15.93
N GLN A 61 -3.94 -23.62 -14.65
CA GLN A 61 -3.87 -24.90 -13.94
C GLN A 61 -4.84 -25.92 -14.50
N GLN A 62 -6.05 -25.48 -14.83
CA GLN A 62 -7.05 -26.38 -15.40
C GLN A 62 -6.58 -26.88 -16.77
N ALA A 63 -5.92 -26.01 -17.53
CA ALA A 63 -5.40 -26.37 -18.84
C ALA A 63 -4.21 -27.34 -18.71
N ALA A 64 -3.46 -27.24 -17.62
CA ALA A 64 -2.35 -28.15 -17.38
C ALA A 64 -2.87 -29.52 -16.97
N LEU A 65 -4.00 -29.53 -16.27
CA LEU A 65 -4.59 -30.76 -15.75
C LEU A 65 -5.41 -31.52 -16.80
N GLN A 66 -6.45 -30.86 -17.31
CA GLN A 66 -7.43 -31.47 -18.23
C GLN A 66 -7.96 -32.84 -17.74
N LYS A 67 -7.94 -33.03 -16.43
CA LYS A 67 -8.25 -34.34 -15.84
C LYS A 67 -9.69 -34.45 -15.34
N GLN A 68 -10.61 -33.85 -16.08
CA GLN A 68 -12.04 -33.80 -15.71
C GLN A 68 -12.22 -33.24 -14.29
N GLN A 69 -11.54 -32.12 -14.04
CA GLN A 69 -11.59 -31.38 -12.76
C GLN A 69 -11.74 -29.87 -12.99
N GLY B 1 33.48 7.46 0.56
CA GLY B 1 34.20 7.73 -0.73
C GLY B 1 34.51 9.18 -0.97
N ALA B 2 33.91 10.00 -0.11
CA ALA B 2 34.13 11.45 -0.13
C ALA B 2 35.45 11.74 0.59
N MET B 3 36.10 12.84 0.22
CA MET B 3 37.36 13.26 0.83
C MET B 3 37.27 14.74 1.14
N VAL B 4 37.76 15.13 2.31
CA VAL B 4 37.67 16.52 2.78
C VAL B 4 39.02 16.92 3.33
N GLU B 5 39.52 18.07 2.88
CA GLU B 5 40.81 18.64 3.30
C GLU B 5 41.99 17.66 3.29
N ALA B 6 41.98 16.73 2.35
CA ALA B 6 43.06 15.73 2.23
C ALA B 6 44.30 16.35 1.55
N ARG B 7 44.92 17.32 2.20
CA ARG B 7 46.11 17.97 1.68
C ARG B 7 47.01 18.42 2.82
N SER B 8 48.30 18.33 2.60
CA SER B 8 49.30 18.76 3.60
C SER B 8 50.56 19.17 2.84
N LEU B 9 50.69 20.46 2.55
CA LEU B 9 51.79 20.96 1.72
C LEU B 9 52.46 22.19 2.34
N ALA B 10 52.19 22.40 3.62
CA ALA B 10 52.73 23.55 4.35
C ALA B 10 53.60 23.09 5.51
N VAL B 11 54.83 22.70 5.19
CA VAL B 11 55.80 22.28 6.21
C VAL B 11 57.16 22.84 5.78
N ALA B 12 57.72 23.72 6.60
CA ALA B 12 59.00 24.39 6.29
C ALA B 12 59.71 24.86 7.56
N MET B 13 59.50 24.15 8.66
CA MET B 13 60.13 24.51 9.93
C MET B 13 61.59 24.06 9.90
N GLY B 14 62.47 24.88 10.50
CA GLY B 14 63.89 24.57 10.49
C GLY B 14 64.33 23.82 11.74
N ASP B 15 63.34 23.44 12.53
CA ASP B 15 63.52 22.79 13.81
C ASP B 15 63.20 21.29 13.68
N THR B 16 64.11 20.58 13.04
CA THR B 16 63.92 19.14 12.75
C THR B 16 64.51 18.21 13.80
N VAL B 17 64.95 18.76 14.92
CA VAL B 17 65.54 17.96 16.01
C VAL B 17 64.40 17.18 16.68
N VAL B 18 64.58 15.88 16.84
CA VAL B 18 63.58 15.02 17.41
C VAL B 18 64.31 14.00 18.27
N GLU B 19 63.63 13.59 19.33
CA GLU B 19 64.11 12.61 20.32
C GLU B 19 65.36 12.94 21.21
N PRO B 20 65.70 14.24 21.43
CA PRO B 20 66.80 14.39 22.40
C PRO B 20 66.31 14.28 23.86
N ALA B 21 64.99 14.21 24.02
CA ALA B 21 64.35 14.17 25.32
C ALA B 21 64.41 12.75 25.90
N PRO B 22 64.26 12.61 27.23
CA PRO B 22 64.11 11.25 27.74
C PRO B 22 62.76 10.65 27.31
N LEU B 23 62.56 9.38 27.62
CA LEU B 23 61.34 8.67 27.25
C LEU B 23 60.11 9.42 27.76
N LYS B 24 59.11 9.54 26.91
CA LYS B 24 57.91 10.34 27.17
C LYS B 24 57.05 10.05 28.44
N PRO B 25 56.96 8.80 28.95
CA PRO B 25 56.08 8.74 30.13
C PRO B 25 56.71 9.41 31.36
N THR B 26 55.98 10.36 31.92
CA THR B 26 56.43 11.09 33.10
C THR B 26 55.17 11.49 33.86
N SER B 27 55.34 11.93 35.10
CA SER B 27 54.19 12.36 35.91
C SER B 27 53.90 13.84 35.65
N GLU B 28 52.81 14.11 34.95
CA GLU B 28 52.40 15.49 34.61
C GLU B 28 50.98 15.78 35.14
N PRO B 29 50.86 16.08 36.45
CA PRO B 29 49.51 16.35 36.96
C PRO B 29 49.03 17.75 36.58
N THR B 30 47.73 17.91 36.41
CA THR B 30 47.16 19.22 36.08
C THR B 30 45.72 19.27 36.61
N SER B 31 45.08 20.42 36.54
CA SER B 31 43.70 20.60 36.99
C SER B 31 43.01 21.61 36.09
N GLY B 32 41.71 21.43 35.86
CA GLY B 32 40.97 22.32 34.99
C GLY B 32 39.55 21.82 34.86
N PRO B 33 38.71 22.46 34.03
CA PRO B 33 37.33 22.01 33.83
C PRO B 33 37.27 20.71 33.00
N PRO B 34 36.13 19.99 33.04
CA PRO B 34 36.07 18.77 32.23
C PRO B 34 36.01 19.03 30.73
N GLY B 35 36.26 17.99 29.95
CA GLY B 35 36.22 18.10 28.49
C GLY B 35 34.82 18.28 27.95
N ASN B 36 34.73 18.83 26.75
CA ASN B 36 33.44 19.09 26.10
C ASN B 36 32.90 17.81 25.44
N ASN B 37 31.67 17.88 24.93
CA ASN B 37 31.00 16.75 24.31
C ASN B 37 30.20 17.30 23.12
N GLY B 38 29.45 16.43 22.43
CA GLY B 38 28.65 16.88 21.29
C GLY B 38 27.42 16.01 21.10
N GLY B 39 26.59 16.39 20.13
CA GLY B 39 25.36 15.66 19.87
C GLY B 39 25.56 14.48 18.95
N SER B 40 24.46 13.90 18.48
CA SER B 40 24.49 12.77 17.60
C SER B 40 24.10 13.29 16.23
N LEU B 41 24.12 12.36 15.33
CA LEU B 41 23.78 12.56 13.93
C LEU B 41 22.67 11.58 13.58
N LEU B 42 21.46 11.98 13.93
CA LEU B 42 20.28 11.13 13.76
C LEU B 42 19.74 11.24 12.34
N SER B 43 19.16 10.16 11.86
CA SER B 43 18.53 10.09 10.55
C SER B 43 17.44 9.05 10.69
N VAL B 44 16.46 9.08 9.80
CA VAL B 44 15.32 8.16 9.86
C VAL B 44 15.08 7.59 8.47
N ILE B 45 14.84 6.30 8.39
CA ILE B 45 14.57 5.61 7.14
C ILE B 45 13.20 6.08 6.64
N THR B 46 13.14 6.51 5.39
CA THR B 46 11.89 7.02 4.80
C THR B 46 11.35 6.06 3.75
N GLU B 47 12.12 5.00 3.54
CA GLU B 47 11.75 3.87 2.65
C GLU B 47 11.12 4.29 1.30
N GLY B 48 11.78 5.20 0.60
CA GLY B 48 11.26 5.68 -0.67
C GLY B 48 11.59 4.82 -1.88
N VAL B 49 11.94 3.56 -1.64
CA VAL B 49 12.30 2.63 -2.73
C VAL B 49 11.35 1.45 -2.68
N GLY B 50 10.63 1.24 -3.77
CA GLY B 50 9.70 0.12 -3.87
C GLY B 50 9.97 -0.67 -5.13
N GLU B 51 9.62 -0.05 -6.26
CA GLU B 51 9.91 -0.53 -7.64
C GLU B 51 9.34 -1.88 -8.11
N LEU B 52 9.47 -2.92 -7.30
CA LEU B 52 9.19 -4.28 -7.75
C LEU B 52 7.76 -4.49 -8.25
N SER B 53 7.69 -4.98 -9.47
CA SER B 53 6.42 -5.34 -10.11
C SER B 53 6.11 -6.79 -9.77
N VAL B 54 5.67 -7.02 -8.54
CA VAL B 54 5.40 -8.37 -8.02
C VAL B 54 4.00 -8.88 -8.44
N ILE B 55 3.43 -8.27 -9.46
CA ILE B 55 2.06 -8.56 -9.89
C ILE B 55 1.99 -8.84 -11.40
N ASP B 56 0.88 -9.43 -11.81
CA ASP B 56 0.54 -9.53 -13.23
C ASP B 56 -0.11 -8.19 -13.60
N PRO B 57 0.59 -7.34 -14.38
CA PRO B 57 -0.01 -6.02 -14.54
C PRO B 57 -1.25 -5.98 -15.43
N GLU B 58 -1.38 -6.93 -16.33
CA GLU B 58 -2.51 -6.94 -17.27
C GLU B 58 -3.81 -7.25 -16.54
N VAL B 59 -3.75 -8.23 -15.66
CA VAL B 59 -4.93 -8.64 -14.91
C VAL B 59 -5.28 -7.51 -13.97
N ALA B 60 -4.25 -6.87 -13.43
CA ALA B 60 -4.45 -5.77 -12.51
C ALA B 60 -5.08 -4.55 -13.21
N GLN B 61 -4.68 -4.29 -14.45
CA GLN B 61 -5.26 -3.19 -15.21
C GLN B 61 -6.74 -3.44 -15.45
N LYS B 62 -7.08 -4.63 -15.89
CA LYS B 62 -8.48 -4.98 -16.19
C LYS B 62 -9.32 -4.89 -14.92
N ALA B 63 -8.75 -5.30 -13.80
CA ALA B 63 -9.42 -5.21 -12.51
C ALA B 63 -9.76 -3.77 -12.14
N CYS B 64 -8.80 -2.85 -12.28
CA CYS B 64 -9.05 -1.47 -11.89
C CYS B 64 -10.03 -0.79 -12.83
N GLN B 65 -9.99 -1.17 -14.10
CA GLN B 65 -10.87 -0.59 -15.10
C GLN B 65 -12.33 -0.85 -14.70
N GLU B 66 -12.63 -2.06 -14.27
CA GLU B 66 -13.98 -2.39 -13.81
C GLU B 66 -14.33 -1.64 -12.53
N VAL B 67 -13.38 -1.51 -11.62
CA VAL B 67 -13.61 -0.84 -10.34
C VAL B 67 -14.02 0.62 -10.55
N LEU B 68 -13.34 1.34 -11.42
CA LEU B 68 -13.70 2.72 -11.69
C LEU B 68 -15.13 2.80 -12.24
N GLU B 69 -15.49 1.89 -13.15
CA GLU B 69 -16.84 1.89 -13.74
C GLU B 69 -17.90 1.62 -12.66
N LYS B 70 -17.61 0.69 -11.75
CA LYS B 70 -18.56 0.37 -10.67
C LYS B 70 -18.76 1.60 -9.79
N VAL B 71 -17.68 2.30 -9.46
CA VAL B 71 -17.77 3.50 -8.64
C VAL B 71 -18.52 4.63 -9.37
N LYS B 72 -18.32 4.75 -10.69
CA LYS B 72 -19.08 5.73 -11.47
C LYS B 72 -20.56 5.42 -11.44
N LEU B 73 -20.93 4.14 -11.49
CA LEU B 73 -22.34 3.78 -11.49
C LEU B 73 -23.02 3.90 -10.13
N LEU B 74 -22.24 3.88 -9.05
CA LEU B 74 -22.78 4.13 -7.72
C LEU B 74 -23.25 5.59 -7.64
N HIS B 75 -22.79 6.39 -8.58
CA HIS B 75 -23.13 7.81 -8.65
C HIS B 75 -24.29 8.04 -9.63
N GLY B 76 -24.88 6.98 -10.12
CA GLY B 76 -26.01 7.08 -11.03
C GLY B 76 -25.65 7.53 -12.44
N GLY B 77 -25.61 8.83 -12.65
CA GLY B 77 -25.38 9.39 -13.98
C GLY B 77 -24.65 10.71 -13.95
N VAL B 78 -23.72 10.84 -13.01
CA VAL B 78 -22.87 12.05 -12.81
C VAL B 78 -23.59 13.30 -12.31
N ALA B 79 -24.91 13.24 -12.29
CA ALA B 79 -25.76 14.31 -11.78
C ALA B 79 -25.83 14.23 -10.23
N VAL B 80 -24.66 14.39 -9.60
CA VAL B 80 -24.50 14.27 -8.14
C VAL B 80 -24.86 15.55 -7.35
N MET A 1 -1.38 -12.77 6.15
CA MET A 1 -0.99 -12.49 4.73
C MET A 1 -0.34 -11.10 4.50
N GLN A 2 0.88 -10.93 5.07
CA GLN A 2 1.63 -9.69 5.00
C GLN A 2 2.11 -9.44 3.57
N GLN A 3 2.14 -10.48 2.75
CA GLN A 3 2.52 -10.38 1.36
C GLN A 3 1.60 -9.41 0.60
N LYS A 4 0.36 -9.27 1.08
CA LYS A 4 -0.58 -8.30 0.51
C LYS A 4 0.04 -6.91 0.43
N GLN A 5 0.90 -6.55 1.36
CA GLN A 5 1.49 -5.22 1.37
C GLN A 5 2.30 -4.91 0.10
N GLN A 6 3.04 -5.89 -0.45
CA GLN A 6 3.78 -5.65 -1.70
C GLN A 6 2.79 -5.51 -2.87
N ILE A 7 1.68 -6.22 -2.78
CA ILE A 7 0.67 -6.18 -3.82
C ILE A 7 0.06 -4.80 -3.83
N MET A 8 -0.30 -4.28 -2.66
CA MET A 8 -0.92 -2.95 -2.60
C MET A 8 0.02 -1.92 -3.20
N ALA A 9 1.30 -2.01 -2.90
CA ALA A 9 2.26 -1.04 -3.44
C ALA A 9 2.29 -1.10 -4.97
N ALA A 10 2.24 -2.29 -5.53
CA ALA A 10 2.31 -2.44 -6.97
C ALA A 10 1.03 -1.99 -7.64
N LEU A 11 -0.10 -2.34 -7.04
CA LEU A 11 -1.40 -1.93 -7.57
C LEU A 11 -1.56 -0.44 -7.51
N ASN A 12 -1.13 0.16 -6.40
CA ASN A 12 -1.24 1.60 -6.21
C ASN A 12 -0.36 2.30 -7.22
N SER A 13 0.79 1.71 -7.54
CA SER A 13 1.72 2.32 -8.47
C SER A 13 1.16 2.42 -9.90
N GLN A 14 0.62 1.32 -10.42
CA GLN A 14 0.13 1.32 -11.80
C GLN A 14 -1.14 2.15 -11.99
N THR A 15 -1.88 2.40 -10.92
CA THR A 15 -3.12 3.17 -11.03
C THR A 15 -3.00 4.49 -10.29
N ALA A 16 -1.78 4.89 -9.97
CA ALA A 16 -1.54 6.11 -9.20
C ALA A 16 -2.21 7.32 -9.87
N VAL A 17 -1.86 7.55 -11.13
CA VAL A 17 -2.42 8.69 -11.86
C VAL A 17 -3.90 8.42 -12.14
N GLN A 18 -4.28 7.18 -12.39
CA GLN A 18 -5.67 6.87 -12.74
C GLN A 18 -6.61 7.22 -11.57
N PHE A 19 -6.23 6.82 -10.37
CA PHE A 19 -7.08 7.07 -9.21
C PHE A 19 -7.06 8.55 -8.87
N GLN A 20 -5.91 9.18 -9.06
CA GLN A 20 -5.79 10.62 -8.83
C GLN A 20 -6.66 11.42 -9.79
N GLN A 21 -6.64 11.07 -11.06
CA GLN A 21 -7.43 11.79 -12.05
C GLN A 21 -8.92 11.58 -11.77
N TYR A 22 -9.34 10.36 -11.45
CA TYR A 22 -10.74 10.11 -11.14
C TYR A 22 -11.17 10.84 -9.87
N ALA A 23 -10.30 10.87 -8.88
CA ALA A 23 -10.61 11.59 -7.65
C ALA A 23 -10.70 13.10 -7.91
N ALA A 24 -9.91 13.60 -8.85
CA ALA A 24 -9.94 15.01 -9.22
C ALA A 24 -11.24 15.29 -9.98
N GLN A 25 -11.70 14.30 -10.74
CA GLN A 25 -12.92 14.43 -11.52
C GLN A 25 -14.15 14.51 -10.61
N GLN A 26 -14.11 13.75 -9.51
CA GLN A 26 -15.23 13.69 -8.61
C GLN A 26 -15.17 14.74 -7.51
N TYR A 27 -13.97 15.07 -7.06
CA TYR A 27 -13.77 16.05 -5.99
C TYR A 27 -12.67 17.03 -6.35
N PRO A 28 -12.89 17.86 -7.39
CA PRO A 28 -11.79 18.73 -7.78
C PRO A 28 -11.40 19.70 -6.68
N GLY A 29 -10.10 19.91 -6.54
CA GLY A 29 -9.57 20.81 -5.52
C GLY A 29 -9.56 20.27 -4.10
N ASN A 30 -10.38 19.29 -3.77
CA ASN A 30 -10.50 18.84 -2.38
C ASN A 30 -9.58 17.65 -2.13
N TYR A 31 -8.32 17.95 -1.82
CA TYR A 31 -7.32 16.91 -1.60
C TYR A 31 -7.74 15.84 -0.61
N GLU A 32 -8.39 16.22 0.48
CA GLU A 32 -8.77 15.24 1.49
C GLU A 32 -9.78 14.26 0.91
N GLN A 33 -10.82 14.79 0.28
CA GLN A 33 -11.86 13.98 -0.34
C GLN A 33 -11.29 13.10 -1.44
N GLN A 34 -10.29 13.62 -2.14
CA GLN A 34 -9.62 12.87 -3.17
C GLN A 34 -8.95 11.64 -2.55
N GLN A 35 -8.23 11.82 -1.45
CA GLN A 35 -7.58 10.70 -0.78
C GLN A 35 -8.58 9.67 -0.28
N ILE A 36 -9.69 10.14 0.27
CA ILE A 36 -10.73 9.24 0.78
C ILE A 36 -11.26 8.35 -0.34
N LEU A 37 -11.49 8.91 -1.52
CA LEU A 37 -11.95 8.10 -2.64
C LEU A 37 -10.84 7.13 -3.07
N ILE A 38 -9.62 7.63 -3.14
CA ILE A 38 -8.49 6.80 -3.56
C ILE A 38 -8.33 5.61 -2.62
N ARG A 39 -8.53 5.80 -1.33
CA ARG A 39 -8.41 4.68 -0.39
C ARG A 39 -9.39 3.55 -0.74
N GLN A 40 -10.62 3.92 -1.08
CA GLN A 40 -11.65 2.94 -1.44
C GLN A 40 -11.28 2.26 -2.76
N LEU A 41 -10.81 3.05 -3.71
CA LEU A 41 -10.42 2.51 -5.01
C LEU A 41 -9.28 1.53 -4.87
N GLN A 42 -8.31 1.82 -4.01
CA GLN A 42 -7.17 0.91 -3.82
C GLN A 42 -7.61 -0.42 -3.21
N GLU A 43 -8.51 -0.37 -2.23
CA GLU A 43 -9.00 -1.60 -1.60
C GLU A 43 -9.78 -2.44 -2.61
N GLN A 44 -10.74 -1.81 -3.27
CA GLN A 44 -11.55 -2.51 -4.26
C GLN A 44 -10.69 -3.03 -5.42
N HIS A 45 -9.65 -2.29 -5.80
CA HIS A 45 -8.73 -2.73 -6.85
C HIS A 45 -8.05 -4.01 -6.41
N TYR A 46 -7.63 -4.08 -5.16
CA TYR A 46 -7.00 -5.29 -4.64
C TYR A 46 -7.96 -6.46 -4.64
N GLN A 47 -9.17 -6.24 -4.15
CA GLN A 47 -10.18 -7.29 -4.10
C GLN A 47 -10.42 -7.87 -5.49
N GLN A 48 -10.70 -7.00 -6.45
CA GLN A 48 -10.97 -7.44 -7.81
C GLN A 48 -9.73 -8.03 -8.48
N TYR A 49 -8.56 -7.48 -8.20
CA TYR A 49 -7.33 -8.02 -8.79
C TYR A 49 -7.10 -9.43 -8.29
N MET A 50 -7.20 -9.65 -6.98
CA MET A 50 -6.95 -10.98 -6.43
C MET A 50 -8.01 -11.95 -6.92
N GLN A 51 -9.25 -11.50 -6.98
CA GLN A 51 -10.36 -12.31 -7.49
C GLN A 51 -10.13 -12.70 -8.95
N GLN A 52 -9.69 -11.75 -9.76
CA GLN A 52 -9.51 -12.02 -11.18
C GLN A 52 -8.27 -12.87 -11.41
N LEU A 53 -7.19 -12.54 -10.70
CA LEU A 53 -5.93 -13.27 -10.81
C LEU A 53 -6.15 -14.71 -10.42
N TYR A 54 -6.97 -14.93 -9.41
CA TYR A 54 -7.23 -16.27 -8.95
C TYR A 54 -7.79 -17.10 -10.08
N GLN A 55 -8.69 -16.53 -10.86
CA GLN A 55 -9.27 -17.25 -11.99
C GLN A 55 -8.25 -17.51 -13.09
N VAL A 56 -7.31 -16.59 -13.29
CA VAL A 56 -6.29 -16.76 -14.33
C VAL A 56 -5.34 -17.88 -13.94
N GLN A 57 -4.82 -17.87 -12.73
CA GLN A 57 -3.87 -18.89 -12.33
C GLN A 57 -4.58 -20.23 -12.20
N LEU A 58 -5.85 -20.20 -11.81
CA LEU A 58 -6.67 -21.41 -11.70
C LEU A 58 -6.86 -22.02 -13.06
N ALA A 59 -7.11 -21.19 -14.06
CA ALA A 59 -7.26 -21.69 -15.43
C ALA A 59 -6.00 -22.47 -15.85
N GLN A 60 -4.84 -21.95 -15.52
CA GLN A 60 -3.58 -22.62 -15.83
C GLN A 60 -3.41 -23.89 -14.98
N GLN A 61 -3.85 -23.86 -13.74
CA GLN A 61 -3.78 -25.02 -12.87
C GLN A 61 -4.69 -26.14 -13.39
N GLN A 62 -5.85 -25.79 -13.94
CA GLN A 62 -6.75 -26.79 -14.51
C GLN A 62 -6.12 -27.40 -15.75
N ALA A 63 -5.38 -26.61 -16.51
CA ALA A 63 -4.70 -27.12 -17.71
C ALA A 63 -3.58 -28.10 -17.33
N ALA A 64 -2.99 -27.92 -16.16
CA ALA A 64 -1.97 -28.84 -15.66
C ALA A 64 -2.60 -30.12 -15.09
N LEU A 65 -3.71 -29.96 -14.38
CA LEU A 65 -4.38 -31.09 -13.72
C LEU A 65 -5.15 -31.98 -14.69
N GLN A 66 -6.04 -31.37 -15.47
CA GLN A 66 -6.91 -32.07 -16.45
C GLN A 66 -7.63 -33.29 -15.87
N LYS A 67 -8.00 -33.23 -14.59
CA LYS A 67 -8.66 -34.34 -13.94
C LYS A 67 -9.67 -33.85 -12.91
N GLN A 68 -10.35 -32.76 -13.24
CA GLN A 68 -11.34 -32.16 -12.35
C GLN A 68 -12.54 -31.77 -13.18
N GLN A 69 -13.69 -32.29 -12.76
CA GLN A 69 -14.98 -32.11 -13.46
C GLN A 69 -15.47 -30.64 -13.43
N GLY B 1 19.21 -9.76 26.37
CA GLY B 1 20.15 -10.88 26.65
C GLY B 1 20.19 -11.34 28.12
N ALA B 2 20.84 -12.49 28.35
CA ALA B 2 20.93 -13.05 29.67
C ALA B 2 22.15 -12.45 30.42
N MET B 3 21.93 -12.05 31.65
CA MET B 3 22.98 -11.49 32.50
C MET B 3 22.55 -11.83 33.92
N VAL B 4 23.49 -11.84 34.86
CA VAL B 4 23.19 -12.14 36.27
C VAL B 4 23.77 -11.01 37.12
N GLU B 5 23.36 -10.94 38.38
CA GLU B 5 23.81 -9.88 39.27
C GLU B 5 25.31 -10.01 39.63
N ALA B 6 25.90 -8.89 40.03
CA ALA B 6 27.28 -8.85 40.47
C ALA B 6 27.42 -7.64 41.41
N ARG B 7 28.01 -7.85 42.57
CA ARG B 7 28.22 -6.74 43.51
C ARG B 7 29.42 -5.91 43.05
N SER B 8 29.33 -4.60 43.25
CA SER B 8 30.38 -3.66 42.88
C SER B 8 31.54 -3.67 43.90
N LEU B 9 32.54 -4.50 43.62
CA LEU B 9 33.71 -4.59 44.50
C LEU B 9 34.92 -5.08 43.68
N ALA B 10 35.88 -4.20 43.48
CA ALA B 10 37.13 -4.55 42.83
C ALA B 10 38.23 -3.74 43.53
N VAL B 11 39.28 -4.42 43.94
CA VAL B 11 40.42 -3.75 44.57
C VAL B 11 41.66 -4.49 44.13
N ALA B 12 42.54 -3.76 43.44
CA ALA B 12 43.76 -4.33 42.89
C ALA B 12 44.68 -3.16 42.54
N MET B 13 45.60 -2.86 43.43
CA MET B 13 46.51 -1.70 43.31
C MET B 13 45.66 -0.41 43.19
N GLY B 14 46.25 0.65 42.68
CA GLY B 14 45.56 1.93 42.54
C GLY B 14 46.57 3.05 42.59
N ASP B 15 46.10 4.28 42.49
CA ASP B 15 46.97 5.47 42.53
C ASP B 15 47.29 5.84 43.98
N THR B 16 46.47 5.34 44.89
CA THR B 16 46.62 5.57 46.34
C THR B 16 46.86 7.05 46.68
N VAL B 17 45.87 7.86 46.33
CA VAL B 17 45.91 9.31 46.59
C VAL B 17 46.18 9.56 48.08
N VAL B 18 47.08 10.48 48.36
CA VAL B 18 47.52 10.74 49.72
C VAL B 18 46.49 11.50 50.53
N GLU B 19 46.02 10.78 51.54
CA GLU B 19 45.19 11.25 52.68
C GLU B 19 43.64 11.20 52.63
N PRO B 20 42.99 11.29 51.45
CA PRO B 20 41.53 11.19 51.64
C PRO B 20 41.05 9.78 52.00
N ALA B 21 40.22 9.68 53.03
CA ALA B 21 39.73 8.38 53.49
C ALA B 21 38.28 8.46 54.01
N PRO B 22 37.28 8.16 53.16
CA PRO B 22 35.92 8.14 53.73
C PRO B 22 35.78 6.97 54.70
N LEU B 23 34.95 7.14 55.72
CA LEU B 23 34.80 6.10 56.75
C LEU B 23 33.39 6.15 57.31
N LYS B 24 33.05 5.06 58.03
CA LYS B 24 31.76 4.74 58.71
C LYS B 24 30.90 3.72 57.94
N PRO B 25 30.48 4.00 56.68
CA PRO B 25 29.75 2.89 56.08
C PRO B 25 30.72 1.79 55.64
N THR B 26 30.21 0.59 55.40
CA THR B 26 31.04 -0.52 54.93
C THR B 26 30.34 -1.33 53.81
N SER B 27 29.07 -1.05 53.60
CA SER B 27 28.30 -1.71 52.57
C SER B 27 27.09 -0.88 52.21
N GLU B 28 26.98 -0.54 50.93
CA GLU B 28 25.80 0.13 50.39
C GLU B 28 25.55 -0.59 49.07
N PRO B 29 24.75 -1.68 49.10
CA PRO B 29 24.73 -2.61 47.95
C PRO B 29 23.91 -2.16 46.75
N THR B 30 24.16 -2.83 45.63
CA THR B 30 23.43 -2.61 44.40
C THR B 30 21.96 -2.96 44.64
N SER B 31 21.10 -1.97 44.51
CA SER B 31 19.68 -2.14 44.79
C SER B 31 18.91 -1.07 44.02
N GLY B 32 17.60 -1.20 43.96
CA GLY B 32 16.77 -0.23 43.26
C GLY B 32 16.00 -0.84 42.10
N PRO B 33 15.20 -0.04 41.36
CA PRO B 33 14.44 -0.58 40.23
C PRO B 33 15.34 -0.87 39.02
N PRO B 34 14.87 -1.71 38.07
CA PRO B 34 15.74 -1.96 36.91
C PRO B 34 15.88 -0.74 35.98
N GLY B 35 17.00 -0.71 35.27
CA GLY B 35 17.23 0.35 34.29
C GLY B 35 16.81 -0.10 32.90
N ASN B 36 17.29 0.62 31.88
CA ASN B 36 17.01 0.29 30.46
C ASN B 36 15.51 0.26 30.15
N ASN B 37 14.76 1.15 30.79
CA ASN B 37 13.33 1.27 30.56
C ASN B 37 13.08 1.73 29.12
N GLY B 38 12.25 0.98 28.39
CA GLY B 38 11.93 1.32 27.02
C GLY B 38 11.46 0.09 26.29
N GLY B 39 11.22 0.20 24.99
CA GLY B 39 10.76 -0.92 24.19
C GLY B 39 10.21 -0.39 22.88
N SER B 40 9.73 -1.29 22.02
CA SER B 40 9.12 -0.93 20.73
C SER B 40 9.95 -0.02 19.84
N LEU B 41 11.27 -0.14 19.91
CA LEU B 41 12.18 0.67 19.09
C LEU B 41 12.58 -0.13 17.82
N LEU B 42 11.60 -0.69 17.14
CA LEU B 42 11.86 -1.53 15.97
C LEU B 42 10.70 -1.44 15.00
N SER B 43 10.97 -1.84 13.77
CA SER B 43 9.96 -1.92 12.72
C SER B 43 10.22 -3.21 11.96
N VAL B 44 9.18 -3.99 11.73
CA VAL B 44 9.35 -5.28 11.08
C VAL B 44 9.32 -5.06 9.56
N ILE B 45 10.35 -5.55 8.89
CA ILE B 45 10.45 -5.42 7.45
C ILE B 45 9.40 -6.31 6.79
N THR B 46 8.64 -5.73 5.87
CA THR B 46 7.56 -6.44 5.17
C THR B 46 7.88 -6.51 3.69
N GLU B 47 9.04 -5.95 3.36
CA GLU B 47 9.61 -5.96 2.01
C GLU B 47 8.61 -5.56 0.91
N GLY B 48 7.72 -4.64 1.26
CA GLY B 48 6.65 -4.24 0.35
C GLY B 48 7.03 -3.20 -0.67
N VAL B 49 8.31 -2.99 -0.91
CA VAL B 49 8.78 -2.00 -1.87
C VAL B 49 10.19 -2.42 -2.30
N GLY B 50 10.53 -2.13 -3.56
CA GLY B 50 11.85 -2.45 -4.09
C GLY B 50 11.86 -2.48 -5.59
N GLU B 51 10.88 -3.13 -6.20
CA GLU B 51 10.77 -3.22 -7.66
C GLU B 51 9.41 -2.74 -8.16
N LEU B 52 9.36 -2.41 -9.44
CA LEU B 52 8.16 -1.91 -10.08
C LEU B 52 7.30 -3.05 -10.60
N SER B 53 6.00 -2.99 -10.33
CA SER B 53 5.01 -3.95 -10.84
C SER B 53 5.35 -5.42 -10.60
N VAL B 54 5.57 -5.81 -9.35
CA VAL B 54 5.81 -7.20 -8.95
C VAL B 54 4.50 -8.03 -8.91
N ILE B 55 3.70 -7.86 -9.95
CA ILE B 55 2.35 -8.41 -10.05
C ILE B 55 2.10 -8.73 -11.53
N ASP B 56 0.94 -9.30 -11.87
CA ASP B 56 0.49 -9.33 -13.26
C ASP B 56 -0.14 -7.96 -13.57
N PRO B 57 0.56 -7.08 -14.32
CA PRO B 57 -0.05 -5.77 -14.41
C PRO B 57 -1.28 -5.68 -15.32
N GLU B 58 -1.39 -6.60 -16.28
CA GLU B 58 -2.50 -6.59 -17.21
C GLU B 58 -3.77 -7.09 -16.57
N VAL B 59 -3.65 -8.09 -15.70
CA VAL B 59 -4.80 -8.58 -14.95
C VAL B 59 -5.24 -7.47 -14.01
N ALA B 60 -4.26 -6.75 -13.46
CA ALA B 60 -4.55 -5.67 -12.54
C ALA B 60 -5.20 -4.49 -13.27
N GLN B 61 -4.82 -4.26 -14.51
CA GLN B 61 -5.44 -3.20 -15.32
C GLN B 61 -6.91 -3.49 -15.56
N LYS B 62 -7.23 -4.73 -15.95
CA LYS B 62 -8.61 -5.13 -16.18
C LYS B 62 -9.43 -4.95 -14.91
N ALA B 63 -8.83 -5.33 -13.78
CA ALA B 63 -9.47 -5.19 -12.49
C ALA B 63 -9.75 -3.74 -12.12
N CYS B 64 -8.81 -2.84 -12.38
CA CYS B 64 -8.98 -1.44 -11.97
C CYS B 64 -10.06 -0.77 -12.81
N GLN B 65 -10.17 -1.16 -14.06
CA GLN B 65 -11.14 -0.57 -14.97
C GLN B 65 -12.56 -0.91 -14.48
N GLU B 66 -12.78 -2.15 -14.08
CA GLU B 66 -14.09 -2.55 -13.56
C GLU B 66 -14.43 -1.81 -12.29
N VAL B 67 -13.46 -1.64 -11.41
CA VAL B 67 -13.67 -0.94 -10.15
C VAL B 67 -14.06 0.51 -10.41
N LEU B 68 -13.33 1.19 -11.28
CA LEU B 68 -13.61 2.58 -11.58
C LEU B 68 -14.99 2.72 -12.22
N GLU B 69 -15.32 1.86 -13.17
CA GLU B 69 -16.63 1.92 -13.82
C GLU B 69 -17.73 1.65 -12.80
N LYS B 70 -17.54 0.69 -11.92
CA LYS B 70 -18.55 0.40 -10.91
C LYS B 70 -18.79 1.60 -9.99
N VAL B 71 -17.71 2.26 -9.56
CA VAL B 71 -17.86 3.43 -8.69
C VAL B 71 -18.55 4.55 -9.46
N LYS B 72 -18.26 4.69 -10.75
CA LYS B 72 -18.95 5.69 -11.58
C LYS B 72 -20.44 5.36 -11.68
N LEU B 73 -20.78 4.10 -11.80
CA LEU B 73 -22.17 3.72 -12.01
C LEU B 73 -23.01 3.81 -10.76
N LEU B 74 -22.38 3.84 -9.59
CA LEU B 74 -23.09 4.12 -8.34
C LEU B 74 -23.65 5.53 -8.39
N HIS B 75 -23.09 6.34 -9.27
CA HIS B 75 -23.48 7.74 -9.43
C HIS B 75 -24.44 7.92 -10.59
N GLY B 76 -25.00 6.80 -11.06
CA GLY B 76 -25.91 6.83 -12.20
C GLY B 76 -25.17 6.83 -13.51
N GLY B 77 -23.84 6.71 -13.45
CA GLY B 77 -23.02 6.70 -14.66
C GLY B 77 -22.61 8.07 -15.14
N VAL B 78 -23.27 9.11 -14.65
CA VAL B 78 -22.97 10.51 -15.03
C VAL B 78 -21.78 11.06 -14.22
N ALA B 79 -20.78 10.21 -14.04
CA ALA B 79 -19.56 10.56 -13.34
C ALA B 79 -18.50 10.90 -14.39
N VAL B 80 -18.60 12.13 -14.89
CA VAL B 80 -17.73 12.66 -15.98
C VAL B 80 -17.19 14.07 -15.69
N MET A 1 5.24 -8.51 8.45
CA MET A 1 5.49 -9.49 7.35
C MET A 1 4.20 -9.92 6.58
N GLN A 2 3.61 -8.92 5.90
CA GLN A 2 2.34 -9.04 5.17
C GLN A 2 2.53 -9.07 3.67
N GLN A 3 2.11 -10.14 3.01
CA GLN A 3 2.19 -10.22 1.57
C GLN A 3 1.24 -9.21 0.91
N LYS A 4 0.08 -8.96 1.52
CA LYS A 4 -0.90 -8.02 0.92
C LYS A 4 -0.29 -6.63 0.69
N GLN A 5 0.55 -6.15 1.59
CA GLN A 5 1.08 -4.81 1.44
C GLN A 5 1.96 -4.65 0.19
N GLN A 6 2.78 -5.64 -0.17
CA GLN A 6 3.61 -5.48 -1.37
C GLN A 6 2.75 -5.46 -2.63
N ILE A 7 1.64 -6.19 -2.62
CA ILE A 7 0.72 -6.20 -3.75
C ILE A 7 0.12 -4.82 -3.86
N MET A 8 -0.44 -4.31 -2.78
CA MET A 8 -1.09 -3.02 -2.81
C MET A 8 -0.14 -1.91 -3.26
N ALA A 9 1.11 -1.97 -2.84
CA ALA A 9 2.09 -0.95 -3.27
C ALA A 9 2.27 -1.01 -4.80
N ALA A 10 2.30 -2.21 -5.35
CA ALA A 10 2.51 -2.38 -6.78
C ALA A 10 1.28 -1.93 -7.54
N LEU A 11 0.11 -2.26 -7.02
CA LEU A 11 -1.15 -1.86 -7.65
C LEU A 11 -1.26 -0.34 -7.59
N ASN A 12 -0.84 0.23 -6.49
CA ASN A 12 -0.92 1.68 -6.30
C ASN A 12 -0.01 2.39 -7.28
N SER A 13 1.09 1.76 -7.64
CA SER A 13 2.01 2.36 -8.58
C SER A 13 1.41 2.50 -9.97
N GLN A 14 0.82 1.43 -10.48
CA GLN A 14 0.31 1.43 -11.85
C GLN A 14 -1.02 2.17 -12.00
N THR A 15 -1.70 2.40 -10.89
CA THR A 15 -2.99 3.07 -10.89
C THR A 15 -2.94 4.43 -10.22
N ALA A 16 -1.74 4.89 -9.88
CA ALA A 16 -1.58 6.16 -9.18
C ALA A 16 -2.29 7.29 -9.93
N VAL A 17 -1.91 7.48 -11.18
CA VAL A 17 -2.45 8.58 -11.96
C VAL A 17 -3.92 8.32 -12.30
N GLN A 18 -4.30 7.06 -12.42
CA GLN A 18 -5.68 6.71 -12.76
C GLN A 18 -6.64 7.08 -11.64
N PHE A 19 -6.30 6.69 -10.42
CA PHE A 19 -7.15 6.96 -9.27
C PHE A 19 -7.13 8.45 -8.95
N GLN A 20 -5.98 9.09 -9.15
CA GLN A 20 -5.84 10.52 -8.93
C GLN A 20 -6.70 11.35 -9.88
N GLN A 21 -6.68 11.01 -11.16
CA GLN A 21 -7.44 11.76 -12.16
C GLN A 21 -8.92 11.62 -11.91
N TYR A 22 -9.37 10.43 -11.54
CA TYR A 22 -10.79 10.25 -11.27
C TYR A 22 -11.21 11.00 -10.01
N ALA A 23 -10.39 10.95 -8.97
CA ALA A 23 -10.70 11.62 -7.73
C ALA A 23 -10.75 13.13 -7.97
N ALA A 24 -9.90 13.65 -8.81
CA ALA A 24 -9.89 15.07 -9.12
C ALA A 24 -11.12 15.47 -9.91
N GLN A 25 -11.66 14.55 -10.70
CA GLN A 25 -12.87 14.84 -11.47
C GLN A 25 -14.07 14.92 -10.55
N GLN A 26 -14.08 14.08 -9.52
CA GLN A 26 -15.20 14.05 -8.59
C GLN A 26 -15.11 15.13 -7.51
N TYR A 27 -13.90 15.35 -7.00
CA TYR A 27 -13.68 16.31 -5.92
C TYR A 27 -12.51 17.22 -6.26
N PRO A 28 -12.68 18.09 -7.26
CA PRO A 28 -11.54 18.92 -7.62
C PRO A 28 -11.13 19.84 -6.48
N GLY A 29 -9.82 19.97 -6.29
CA GLY A 29 -9.31 20.81 -5.21
C GLY A 29 -9.38 20.20 -3.82
N ASN A 30 -10.26 19.25 -3.57
CA ASN A 30 -10.43 18.74 -2.20
C ASN A 30 -9.54 17.52 -2.00
N TYR A 31 -8.27 17.79 -1.72
CA TYR A 31 -7.26 16.74 -1.58
C TYR A 31 -7.67 15.71 -0.52
N GLU A 32 -8.32 16.12 0.55
CA GLU A 32 -8.72 15.17 1.58
C GLU A 32 -9.77 14.21 1.02
N GLN A 33 -10.79 14.75 0.35
CA GLN A 33 -11.82 13.93 -0.28
C GLN A 33 -11.25 13.04 -1.37
N GLN A 34 -10.25 13.56 -2.06
CA GLN A 34 -9.60 12.78 -3.11
C GLN A 34 -8.93 11.56 -2.51
N GLN A 35 -8.21 11.73 -1.41
CA GLN A 35 -7.53 10.63 -0.74
C GLN A 35 -8.51 9.58 -0.24
N ILE A 36 -9.62 10.01 0.32
CA ILE A 36 -10.65 9.10 0.82
C ILE A 36 -11.21 8.26 -0.35
N LEU A 37 -11.49 8.87 -1.48
CA LEU A 37 -11.99 8.14 -2.64
C LEU A 37 -10.92 7.18 -3.17
N ILE A 38 -9.67 7.62 -3.17
CA ILE A 38 -8.58 6.78 -3.65
C ILE A 38 -8.46 5.53 -2.76
N ARG A 39 -8.64 5.68 -1.45
CA ARG A 39 -8.59 4.50 -0.56
C ARG A 39 -9.63 3.45 -0.95
N GLN A 40 -10.84 3.90 -1.28
CA GLN A 40 -11.89 2.97 -1.67
C GLN A 40 -11.50 2.26 -2.96
N LEU A 41 -10.94 3.01 -3.89
CA LEU A 41 -10.51 2.47 -5.17
C LEU A 41 -9.42 1.44 -5.00
N GLN A 42 -8.46 1.72 -4.13
CA GLN A 42 -7.32 0.82 -3.91
C GLN A 42 -7.72 -0.47 -3.21
N GLU A 43 -8.63 -0.37 -2.27
CA GLU A 43 -9.15 -1.52 -1.57
C GLU A 43 -9.88 -2.42 -2.54
N GLN A 44 -10.81 -1.83 -3.27
CA GLN A 44 -11.61 -2.58 -4.23
C GLN A 44 -10.75 -3.13 -5.36
N HIS A 45 -9.74 -2.37 -5.77
CA HIS A 45 -8.84 -2.83 -6.82
C HIS A 45 -8.11 -4.05 -6.33
N TYR A 46 -7.59 -4.04 -5.12
CA TYR A 46 -6.91 -5.22 -4.60
C TYR A 46 -7.83 -6.45 -4.56
N GLN A 47 -9.06 -6.27 -4.12
CA GLN A 47 -10.04 -7.38 -4.08
C GLN A 47 -10.30 -7.90 -5.49
N GLN A 48 -10.62 -7.03 -6.43
CA GLN A 48 -10.97 -7.46 -7.78
C GLN A 48 -9.76 -8.07 -8.45
N TYR A 49 -8.57 -7.51 -8.23
CA TYR A 49 -7.34 -8.03 -8.81
C TYR A 49 -7.07 -9.43 -8.30
N MET A 50 -7.10 -9.65 -7.01
CA MET A 50 -6.77 -10.96 -6.48
C MET A 50 -7.78 -12.00 -6.94
N GLN A 51 -9.05 -11.61 -7.03
CA GLN A 51 -10.11 -12.52 -7.44
C GLN A 51 -9.96 -12.87 -8.92
N GLN A 52 -9.72 -11.87 -9.74
CA GLN A 52 -9.55 -12.08 -11.17
C GLN A 52 -8.26 -12.83 -11.47
N LEU A 53 -7.19 -12.53 -10.76
CA LEU A 53 -5.92 -13.24 -10.91
C LEU A 53 -6.10 -14.70 -10.53
N TYR A 54 -6.87 -14.93 -9.47
CA TYR A 54 -7.15 -16.29 -9.04
C TYR A 54 -7.80 -17.03 -10.19
N GLN A 55 -8.75 -16.41 -10.89
CA GLN A 55 -9.40 -17.08 -12.01
C GLN A 55 -8.46 -17.35 -13.19
N VAL A 56 -7.42 -16.54 -13.36
CA VAL A 56 -6.48 -16.77 -14.44
C VAL A 56 -5.63 -18.01 -14.15
N GLN A 57 -5.08 -18.10 -12.95
CA GLN A 57 -4.25 -19.27 -12.63
C GLN A 57 -5.11 -20.52 -12.47
N LEU A 58 -6.35 -20.35 -12.01
CA LEU A 58 -7.30 -21.43 -11.88
C LEU A 58 -7.64 -21.98 -13.25
N ALA A 59 -7.85 -21.09 -14.22
CA ALA A 59 -8.15 -21.51 -15.57
C ALA A 59 -7.06 -22.44 -16.09
N GLN A 60 -5.81 -22.05 -15.85
CA GLN A 60 -4.66 -22.88 -16.26
C GLN A 60 -4.59 -24.17 -15.44
N GLN A 61 -4.92 -24.07 -14.15
CA GLN A 61 -4.93 -25.23 -13.25
C GLN A 61 -5.94 -26.28 -13.72
N GLN A 62 -7.06 -25.86 -14.29
CA GLN A 62 -8.04 -26.82 -14.80
C GLN A 62 -7.46 -27.59 -15.97
N ALA A 63 -6.65 -26.94 -16.80
CA ALA A 63 -6.03 -27.60 -17.94
C ALA A 63 -4.94 -28.58 -17.48
N ALA A 64 -4.33 -28.28 -16.35
CA ALA A 64 -3.32 -29.15 -15.74
C ALA A 64 -3.97 -30.37 -15.07
N LEU A 65 -5.23 -30.27 -14.71
CA LEU A 65 -5.94 -31.36 -14.00
C LEU A 65 -6.76 -32.24 -14.91
N GLN A 66 -7.70 -31.63 -15.64
CA GLN A 66 -8.67 -32.34 -16.51
C GLN A 66 -9.28 -33.62 -15.90
N LYS A 67 -9.47 -33.59 -14.58
CA LYS A 67 -9.94 -34.78 -13.83
C LYS A 67 -11.20 -34.48 -13.03
N GLN A 68 -12.33 -34.51 -13.71
CA GLN A 68 -13.66 -34.26 -13.11
C GLN A 68 -13.68 -32.93 -12.35
N GLN A 69 -13.18 -31.89 -13.01
CA GLN A 69 -13.15 -30.53 -12.46
C GLN A 69 -14.56 -29.92 -12.37
N GLY B 1 5.56 -30.61 33.41
CA GLY B 1 6.19 -29.31 32.94
C GLY B 1 7.59 -29.49 32.43
N ALA B 2 8.05 -30.71 32.67
CA ALA B 2 9.40 -31.13 32.29
C ALA B 2 9.53 -31.28 30.79
N MET B 3 8.44 -31.73 30.16
CA MET B 3 8.36 -31.94 28.69
C MET B 3 9.61 -32.61 28.13
N VAL B 4 10.05 -33.67 28.79
CA VAL B 4 11.35 -34.27 28.49
C VAL B 4 11.22 -35.75 28.08
N GLU B 5 12.11 -36.16 27.20
CA GLU B 5 12.23 -37.54 26.73
C GLU B 5 13.44 -38.12 27.45
N ALA B 6 13.53 -39.44 27.54
CA ALA B 6 14.66 -40.13 28.22
C ALA B 6 14.93 -39.51 29.63
N ARG B 7 13.88 -39.46 30.43
CA ARG B 7 13.92 -38.83 31.75
C ARG B 7 14.93 -39.47 32.71
N SER B 8 15.92 -38.67 33.08
CA SER B 8 16.93 -39.07 34.09
C SER B 8 16.51 -38.68 35.52
N LEU B 9 16.00 -39.64 36.29
CA LEU B 9 15.68 -39.39 37.72
C LEU B 9 16.82 -39.95 38.56
N ALA B 10 17.69 -39.06 39.03
CA ALA B 10 18.84 -39.48 39.83
C ALA B 10 19.13 -38.40 40.89
N VAL B 11 18.89 -38.72 42.15
CA VAL B 11 19.09 -37.76 43.24
C VAL B 11 19.87 -38.40 44.41
N ALA B 12 20.71 -39.36 44.06
CA ALA B 12 21.58 -40.07 45.01
C ALA B 12 20.81 -40.59 46.24
N MET B 13 19.83 -41.44 45.99
CA MET B 13 18.99 -41.99 47.07
C MET B 13 19.76 -43.04 47.87
N GLY B 14 20.05 -42.76 49.12
CA GLY B 14 20.76 -43.71 49.97
C GLY B 14 22.23 -43.70 49.62
N ASP B 15 22.99 -44.65 50.14
CA ASP B 15 24.45 -44.68 49.89
C ASP B 15 24.84 -45.34 48.57
N THR B 16 23.96 -46.23 48.07
CA THR B 16 24.22 -47.02 46.84
C THR B 16 25.62 -47.65 46.79
N VAL B 17 26.08 -48.03 47.97
CA VAL B 17 27.44 -48.50 48.15
C VAL B 17 27.74 -49.80 47.38
N VAL B 18 28.95 -49.85 46.80
CA VAL B 18 29.43 -51.01 46.06
C VAL B 18 30.67 -51.45 46.84
N GLU B 19 30.58 -52.58 47.54
CA GLU B 19 31.69 -53.01 48.41
C GLU B 19 33.05 -53.32 47.75
N PRO B 20 33.12 -53.88 46.52
CA PRO B 20 34.46 -53.90 45.90
C PRO B 20 34.90 -52.52 45.35
N ALA B 21 35.31 -51.65 46.26
CA ALA B 21 35.67 -50.27 45.91
C ALA B 21 36.94 -50.20 45.06
N PRO B 22 37.05 -49.17 44.20
CA PRO B 22 38.25 -49.01 43.40
C PRO B 22 39.39 -48.38 44.20
N LEU B 23 40.57 -48.38 43.59
CA LEU B 23 41.74 -47.67 44.15
C LEU B 23 41.46 -46.16 44.07
N LYS B 24 41.99 -45.40 45.03
CA LYS B 24 41.70 -43.97 45.13
C LYS B 24 41.80 -43.15 43.83
N PRO B 25 42.90 -43.25 43.05
CA PRO B 25 42.86 -42.41 41.86
C PRO B 25 41.92 -42.97 40.77
N THR B 26 40.85 -42.24 40.47
CA THR B 26 39.90 -42.62 39.44
C THR B 26 39.91 -41.57 38.33
N SER B 27 39.27 -41.89 37.22
CA SER B 27 39.20 -41.00 36.05
C SER B 27 37.82 -41.09 35.42
N GLU B 28 36.83 -40.55 36.12
CA GLU B 28 35.43 -40.63 35.69
C GLU B 28 34.85 -39.23 35.37
N PRO B 29 35.19 -38.66 34.19
CA PRO B 29 34.65 -37.33 33.91
C PRO B 29 33.18 -37.36 33.51
N THR B 30 32.49 -36.25 33.72
CA THR B 30 31.07 -36.13 33.38
C THR B 30 30.86 -34.81 32.61
N SER B 31 31.94 -34.34 31.99
CA SER B 31 31.90 -33.11 31.18
C SER B 31 31.17 -33.37 29.86
N GLY B 32 30.49 -32.35 29.32
CA GLY B 32 29.76 -32.49 28.05
C GLY B 32 30.25 -31.50 27.01
N PRO B 33 29.71 -31.58 25.76
CA PRO B 33 30.15 -30.66 24.70
C PRO B 33 29.62 -29.22 24.85
N PRO B 34 30.36 -28.23 24.35
CA PRO B 34 29.86 -26.85 24.44
C PRO B 34 28.74 -26.57 23.46
N GLY B 35 27.85 -25.64 23.80
CA GLY B 35 26.74 -25.28 22.93
C GLY B 35 26.69 -23.78 22.65
N ASN B 36 27.71 -23.28 21.95
CA ASN B 36 27.81 -21.85 21.64
C ASN B 36 28.10 -21.61 20.16
N ASN B 37 27.15 -21.05 19.42
CA ASN B 37 27.35 -20.74 18.00
C ASN B 37 26.44 -19.61 17.56
N GLY B 38 27.03 -18.57 16.98
CA GLY B 38 26.24 -17.47 16.46
C GLY B 38 25.67 -16.56 17.53
N GLY B 39 24.79 -15.65 17.13
CA GLY B 39 24.17 -14.73 18.07
C GLY B 39 22.86 -14.13 17.60
N SER B 40 22.18 -14.85 16.70
CA SER B 40 20.90 -14.41 16.13
C SER B 40 20.95 -13.00 15.52
N LEU B 41 21.97 -12.75 14.70
CA LEU B 41 22.15 -11.46 14.03
C LEU B 41 21.99 -11.61 12.52
N LEU B 42 20.80 -11.98 12.09
CA LEU B 42 20.52 -12.16 10.66
C LEU B 42 20.26 -10.80 10.05
N SER B 43 20.85 -10.53 8.89
CA SER B 43 20.61 -9.30 8.16
C SER B 43 20.90 -9.61 6.70
N VAL B 44 20.44 -8.75 5.81
CA VAL B 44 20.70 -8.91 4.38
C VAL B 44 20.76 -7.47 3.85
N ILE B 45 21.67 -7.22 2.92
CA ILE B 45 21.83 -5.88 2.35
C ILE B 45 21.26 -5.90 0.95
N THR B 46 20.42 -4.92 0.64
CA THR B 46 19.83 -4.78 -0.70
C THR B 46 19.46 -3.31 -0.84
N GLU B 47 20.06 -2.69 -1.83
CA GLU B 47 19.87 -1.26 -2.10
C GLU B 47 19.94 -1.06 -3.62
N GLY B 48 19.44 -2.05 -4.34
CA GLY B 48 19.46 -2.02 -5.80
C GLY B 48 18.10 -2.33 -6.41
N VAL B 49 17.04 -1.88 -5.77
CA VAL B 49 15.67 -2.15 -6.22
C VAL B 49 15.01 -0.83 -6.57
N GLY B 50 14.48 -0.71 -7.77
CA GLY B 50 13.89 0.55 -8.20
C GLY B 50 12.42 0.68 -7.87
N GLU B 51 11.62 -0.21 -8.43
CA GLU B 51 10.18 -0.21 -8.18
C GLU B 51 9.68 -1.67 -8.10
N LEU B 52 10.02 -2.43 -9.14
CA LEU B 52 9.79 -3.89 -9.24
C LEU B 52 8.32 -4.35 -9.25
N SER B 53 7.93 -4.85 -10.40
CA SER B 53 6.59 -5.33 -10.61
C SER B 53 6.42 -6.73 -10.04
N VAL B 54 6.10 -6.77 -8.77
CA VAL B 54 5.83 -8.03 -8.05
C VAL B 54 4.41 -8.52 -8.31
N ILE B 55 3.81 -8.03 -9.38
CA ILE B 55 2.44 -8.36 -9.76
C ILE B 55 2.38 -8.54 -11.27
N ASP B 56 1.28 -9.15 -11.73
CA ASP B 56 0.96 -9.22 -13.15
C ASP B 56 0.12 -7.98 -13.46
N PRO B 57 0.69 -6.96 -14.14
CA PRO B 57 -0.09 -5.74 -14.32
C PRO B 57 -1.23 -5.88 -15.35
N GLU B 58 -1.18 -6.96 -16.12
CA GLU B 58 -2.15 -7.20 -17.17
C GLU B 58 -3.54 -7.37 -16.57
N VAL B 59 -3.60 -8.18 -15.53
CA VAL B 59 -4.85 -8.50 -14.88
C VAL B 59 -5.27 -7.30 -14.03
N ALA B 60 -4.30 -6.56 -13.53
CA ALA B 60 -4.58 -5.40 -12.70
C ALA B 60 -5.25 -4.30 -13.53
N GLN B 61 -4.86 -4.17 -14.80
CA GLN B 61 -5.50 -3.20 -15.68
C GLN B 61 -6.99 -3.51 -15.87
N LYS B 62 -7.33 -4.79 -16.01
CA LYS B 62 -8.75 -5.19 -16.11
C LYS B 62 -9.47 -4.88 -14.82
N ALA B 63 -8.80 -5.18 -13.72
CA ALA B 63 -9.40 -5.03 -12.41
C ALA B 63 -9.69 -3.58 -12.06
N CYS B 64 -8.75 -2.69 -12.34
CA CYS B 64 -8.96 -1.29 -12.04
C CYS B 64 -10.08 -0.73 -12.91
N GLN B 65 -10.18 -1.19 -14.15
CA GLN B 65 -11.20 -0.69 -15.07
C GLN B 65 -12.60 -0.99 -14.55
N GLU B 66 -12.82 -2.18 -14.03
CA GLU B 66 -14.13 -2.54 -13.49
C GLU B 66 -14.44 -1.75 -12.23
N VAL B 67 -13.45 -1.56 -11.37
CA VAL B 67 -13.64 -0.80 -10.13
C VAL B 67 -14.01 0.66 -10.43
N LEU B 68 -13.38 1.26 -11.42
CA LEU B 68 -13.74 2.64 -11.77
C LEU B 68 -15.18 2.69 -12.31
N GLU B 69 -15.61 1.71 -13.10
CA GLU B 69 -16.98 1.71 -13.60
C GLU B 69 -17.98 1.53 -12.45
N LYS B 70 -17.66 0.67 -11.50
CA LYS B 70 -18.54 0.42 -10.36
C LYS B 70 -18.72 1.67 -9.51
N VAL B 71 -17.64 2.38 -9.25
CA VAL B 71 -17.75 3.59 -8.44
C VAL B 71 -18.51 4.67 -9.21
N LYS B 72 -18.39 4.71 -10.54
CA LYS B 72 -19.14 5.65 -11.34
C LYS B 72 -20.62 5.32 -11.26
N LEU B 73 -20.96 4.05 -11.38
CA LEU B 73 -22.36 3.65 -11.37
C LEU B 73 -23.06 3.74 -10.02
N LEU B 74 -22.35 3.47 -8.93
CA LEU B 74 -22.99 3.55 -7.61
C LEU B 74 -23.36 4.99 -7.23
N HIS B 75 -22.88 5.94 -8.03
CA HIS B 75 -23.21 7.34 -7.84
C HIS B 75 -24.57 7.69 -8.45
N GLY B 76 -25.13 6.78 -9.24
CA GLY B 76 -26.44 7.01 -9.85
C GLY B 76 -26.47 6.67 -11.34
N GLY B 77 -27.64 6.83 -11.94
CA GLY B 77 -27.80 6.54 -13.37
C GLY B 77 -27.67 7.79 -14.22
N VAL B 78 -28.80 8.35 -14.62
CA VAL B 78 -28.80 9.58 -15.46
C VAL B 78 -29.51 10.76 -14.78
N ALA B 79 -29.58 10.70 -13.46
CA ALA B 79 -30.21 11.77 -12.68
C ALA B 79 -29.21 12.94 -12.47
N VAL B 80 -29.06 13.73 -13.54
CA VAL B 80 -28.15 14.88 -13.55
C VAL B 80 -28.81 16.16 -12.98
N MET A 1 8.12 -7.58 4.84
CA MET A 1 6.71 -7.09 4.96
C MET A 1 5.63 -8.17 4.81
N GLN A 2 4.37 -7.81 5.09
CA GLN A 2 3.26 -8.75 4.93
C GLN A 2 3.06 -8.91 3.42
N GLN A 3 2.75 -10.12 2.98
CA GLN A 3 2.60 -10.41 1.54
C GLN A 3 1.55 -9.54 0.82
N LYS A 4 0.60 -8.98 1.54
CA LYS A 4 -0.41 -8.10 0.93
C LYS A 4 0.13 -6.70 0.63
N GLN A 5 1.04 -6.21 1.47
CA GLN A 5 1.50 -4.82 1.36
C GLN A 5 2.19 -4.58 0.02
N GLN A 6 3.07 -5.50 -0.35
CA GLN A 6 3.80 -5.37 -1.62
C GLN A 6 2.84 -5.38 -2.82
N ILE A 7 1.71 -6.09 -2.70
CA ILE A 7 0.74 -6.10 -3.78
C ILE A 7 0.11 -4.74 -3.88
N MET A 8 -0.38 -4.23 -2.76
CA MET A 8 -1.09 -2.96 -2.79
C MET A 8 -0.18 -1.85 -3.28
N ALA A 9 1.08 -1.87 -2.89
CA ALA A 9 2.05 -0.89 -3.38
C ALA A 9 2.22 -0.98 -4.90
N ALA A 10 2.29 -2.20 -5.42
CA ALA A 10 2.47 -2.40 -6.84
C ALA A 10 1.22 -1.96 -7.60
N LEU A 11 0.07 -2.23 -7.03
CA LEU A 11 -1.21 -1.82 -7.62
C LEU A 11 -1.32 -0.31 -7.60
N ASN A 12 -0.87 0.29 -6.52
CA ASN A 12 -0.93 1.74 -6.38
C ASN A 12 -0.12 2.40 -7.48
N SER A 13 1.03 1.82 -7.79
CA SER A 13 1.92 2.40 -8.81
C SER A 13 1.26 2.47 -10.19
N GLN A 14 0.72 1.35 -10.64
CA GLN A 14 0.16 1.30 -12.01
C GLN A 14 -1.16 2.05 -12.17
N THR A 15 -1.79 2.45 -11.07
CA THR A 15 -3.07 3.16 -11.13
C THR A 15 -3.01 4.49 -10.42
N ALA A 16 -1.81 4.95 -10.11
CA ALA A 16 -1.64 6.20 -9.38
C ALA A 16 -2.37 7.36 -10.05
N VAL A 17 -2.00 7.65 -11.28
CA VAL A 17 -2.60 8.76 -12.03
C VAL A 17 -4.07 8.46 -12.36
N GLN A 18 -4.41 7.19 -12.51
CA GLN A 18 -5.78 6.82 -12.83
C GLN A 18 -6.73 7.15 -11.69
N PHE A 19 -6.32 6.81 -10.48
CA PHE A 19 -7.13 7.06 -9.29
C PHE A 19 -7.14 8.54 -8.97
N GLN A 20 -6.00 9.19 -9.14
CA GLN A 20 -5.88 10.61 -8.86
C GLN A 20 -6.77 11.45 -9.77
N GLN A 21 -6.80 11.10 -11.06
CA GLN A 21 -7.63 11.85 -12.01
C GLN A 21 -9.10 11.68 -11.70
N TYR A 22 -9.52 10.49 -11.34
CA TYR A 22 -10.93 10.27 -11.02
C TYR A 22 -11.30 11.00 -9.73
N ALA A 23 -10.42 10.96 -8.75
CA ALA A 23 -10.66 11.65 -7.50
C ALA A 23 -10.73 13.16 -7.75
N ALA A 24 -9.94 13.67 -8.68
CA ALA A 24 -9.97 15.08 -9.05
C ALA A 24 -11.27 15.42 -9.77
N GLN A 25 -11.84 14.47 -10.51
CA GLN A 25 -13.11 14.70 -11.18
C GLN A 25 -14.26 14.81 -10.19
N GLN A 26 -14.19 14.05 -9.12
CA GLN A 26 -15.27 14.01 -8.16
C GLN A 26 -15.10 15.05 -7.06
N TYR A 27 -13.87 15.28 -6.62
CA TYR A 27 -13.58 16.22 -5.54
C TYR A 27 -12.41 17.11 -5.89
N PRO A 28 -12.57 17.98 -6.90
CA PRO A 28 -11.40 18.81 -7.23
C PRO A 28 -11.01 19.75 -6.09
N GLY A 29 -9.71 19.93 -5.90
CA GLY A 29 -9.21 20.79 -4.85
C GLY A 29 -9.19 20.19 -3.45
N ASN A 30 -10.08 19.25 -3.17
CA ASN A 30 -10.20 18.74 -1.81
C ASN A 30 -9.31 17.51 -1.65
N TYR A 31 -8.07 17.72 -1.28
CA TYR A 31 -7.10 16.62 -1.16
C TYR A 31 -7.56 15.54 -0.20
N GLU A 32 -8.21 15.93 0.89
CA GLU A 32 -8.67 14.97 1.88
C GLU A 32 -9.74 14.05 1.26
N GLN A 33 -10.70 14.64 0.59
CA GLN A 33 -11.76 13.87 -0.07
C GLN A 33 -11.21 13.02 -1.20
N GLN A 34 -10.21 13.54 -1.89
CA GLN A 34 -9.55 12.79 -2.95
C GLN A 34 -8.89 11.53 -2.36
N GLN A 35 -8.19 11.65 -1.25
CA GLN A 35 -7.54 10.50 -0.62
C GLN A 35 -8.55 9.46 -0.18
N ILE A 36 -9.65 9.91 0.39
CA ILE A 36 -10.70 9.01 0.86
C ILE A 36 -11.24 8.18 -0.30
N LEU A 37 -11.46 8.80 -1.45
CA LEU A 37 -11.95 8.08 -2.62
C LEU A 37 -10.87 7.15 -3.17
N ILE A 38 -9.62 7.62 -3.17
CA ILE A 38 -8.50 6.79 -3.63
C ILE A 38 -8.41 5.54 -2.74
N ARG A 39 -8.62 5.65 -1.44
CA ARG A 39 -8.58 4.46 -0.56
C ARG A 39 -9.59 3.41 -1.00
N GLN A 40 -10.80 3.84 -1.34
CA GLN A 40 -11.85 2.90 -1.76
C GLN A 40 -11.45 2.25 -3.08
N LEU A 41 -10.88 3.04 -3.98
CA LEU A 41 -10.43 2.57 -5.27
C LEU A 41 -9.31 1.54 -5.11
N GLN A 42 -8.39 1.79 -4.17
CA GLN A 42 -7.28 0.87 -3.93
C GLN A 42 -7.78 -0.44 -3.36
N GLU A 43 -8.70 -0.37 -2.42
CA GLU A 43 -9.25 -1.56 -1.78
C GLU A 43 -9.98 -2.42 -2.81
N GLN A 44 -10.88 -1.80 -3.55
CA GLN A 44 -11.65 -2.52 -4.57
C GLN A 44 -10.73 -3.07 -5.66
N HIS A 45 -9.72 -2.30 -6.04
CA HIS A 45 -8.77 -2.77 -7.06
C HIS A 45 -8.08 -4.03 -6.59
N TYR A 46 -7.65 -4.05 -5.34
CA TYR A 46 -6.97 -5.22 -4.80
C TYR A 46 -7.91 -6.40 -4.72
N GLN A 47 -9.13 -6.18 -4.25
CA GLN A 47 -10.10 -7.25 -4.15
C GLN A 47 -10.41 -7.86 -5.52
N GLN A 48 -10.68 -7.02 -6.52
CA GLN A 48 -11.01 -7.51 -7.85
C GLN A 48 -9.81 -8.18 -8.52
N TYR A 49 -8.62 -7.61 -8.33
CA TYR A 49 -7.41 -8.19 -8.90
C TYR A 49 -7.13 -9.55 -8.29
N MET A 50 -7.23 -9.65 -6.97
CA MET A 50 -6.95 -10.90 -6.29
C MET A 50 -7.99 -11.96 -6.65
N GLN A 51 -9.25 -11.57 -6.75
CA GLN A 51 -10.30 -12.52 -7.11
C GLN A 51 -10.07 -13.06 -8.51
N GLN A 52 -9.74 -12.18 -9.43
CA GLN A 52 -9.56 -12.58 -10.81
C GLN A 52 -8.28 -13.39 -10.98
N LEU A 53 -7.18 -12.94 -10.37
CA LEU A 53 -5.90 -13.67 -10.44
C LEU A 53 -6.03 -15.04 -9.81
N TYR A 54 -6.80 -15.13 -8.73
CA TYR A 54 -6.99 -16.41 -8.05
C TYR A 54 -7.57 -17.42 -9.02
N GLN A 55 -8.55 -17.01 -9.81
CA GLN A 55 -9.16 -17.93 -10.77
C GLN A 55 -8.20 -18.31 -11.89
N VAL A 56 -7.29 -17.42 -12.25
CA VAL A 56 -6.33 -17.73 -13.32
C VAL A 56 -5.32 -18.76 -12.82
N GLN A 57 -4.73 -18.53 -11.66
CA GLN A 57 -3.73 -19.45 -11.12
C GLN A 57 -4.39 -20.77 -10.75
N LEU A 58 -5.65 -20.70 -10.34
CA LEU A 58 -6.42 -21.90 -10.01
C LEU A 58 -6.68 -22.73 -11.26
N ALA A 59 -7.06 -22.07 -12.33
CA ALA A 59 -7.29 -22.75 -13.61
C ALA A 59 -6.02 -23.50 -14.04
N GLN A 60 -4.87 -22.86 -13.90
CA GLN A 60 -3.60 -23.52 -14.25
C GLN A 60 -3.30 -24.64 -13.25
N GLN A 61 -3.62 -24.43 -11.99
CA GLN A 61 -3.42 -25.44 -10.94
C GLN A 61 -4.24 -26.69 -11.26
N GLN A 62 -5.47 -26.49 -11.69
CA GLN A 62 -6.34 -27.63 -12.03
C GLN A 62 -5.86 -28.35 -13.30
N ALA A 63 -5.31 -27.60 -14.23
CA ALA A 63 -4.76 -28.17 -15.46
C ALA A 63 -3.49 -28.98 -15.15
N ALA A 64 -2.77 -28.61 -14.11
CA ALA A 64 -1.61 -29.36 -13.68
C ALA A 64 -2.03 -30.60 -12.86
N LEU A 65 -3.02 -30.42 -12.00
CA LEU A 65 -3.46 -31.50 -11.11
C LEU A 65 -4.23 -32.59 -11.85
N GLN A 66 -5.33 -32.17 -12.49
CA GLN A 66 -6.28 -33.06 -13.18
C GLN A 66 -6.79 -34.26 -12.37
N LYS A 67 -6.60 -34.20 -11.05
CA LYS A 67 -6.95 -35.31 -10.15
C LYS A 67 -7.69 -34.81 -8.91
N GLN A 68 -8.08 -33.55 -8.96
CA GLN A 68 -8.82 -32.92 -7.88
C GLN A 68 -9.92 -32.04 -8.47
N GLN A 69 -11.13 -32.61 -8.58
CA GLN A 69 -12.30 -31.93 -9.16
C GLN A 69 -13.48 -32.04 -8.22
N GLY B 1 -6.40 23.11 3.77
CA GLY B 1 -7.12 24.22 4.46
C GLY B 1 -7.86 25.20 3.54
N ALA B 2 -8.68 26.07 4.15
CA ALA B 2 -9.42 27.09 3.41
C ALA B 2 -9.43 28.40 4.21
N MET B 3 -9.38 29.51 3.48
CA MET B 3 -9.37 30.89 4.02
C MET B 3 -8.13 31.23 4.86
N VAL B 4 -7.94 32.53 5.08
CA VAL B 4 -6.82 33.03 5.87
C VAL B 4 -7.27 34.37 6.44
N GLU B 5 -6.82 34.68 7.64
CA GLU B 5 -7.19 35.92 8.33
C GLU B 5 -6.07 36.95 8.19
N ALA B 6 -6.31 38.16 8.71
CA ALA B 6 -5.29 39.21 8.80
C ALA B 6 -4.60 39.56 7.46
N ARG B 7 -5.39 40.05 6.50
CA ARG B 7 -4.83 40.46 5.20
C ARG B 7 -3.74 41.52 5.39
N SER B 8 -2.59 41.31 4.77
CA SER B 8 -1.48 42.24 4.83
C SER B 8 -1.80 43.59 4.17
N LEU B 9 -2.06 44.60 4.98
CA LEU B 9 -2.39 45.94 4.48
C LEU B 9 -1.49 46.99 5.11
N ALA B 10 -0.19 46.84 4.89
CA ALA B 10 0.81 47.77 5.41
C ALA B 10 1.78 48.16 4.28
N VAL B 11 1.57 49.33 3.71
CA VAL B 11 2.41 49.85 2.65
C VAL B 11 2.17 51.36 2.72
N ALA B 12 3.22 52.13 2.51
CA ALA B 12 3.16 53.59 2.59
C ALA B 12 4.26 54.12 1.68
N MET B 13 4.20 55.39 1.34
CA MET B 13 5.25 56.02 0.53
C MET B 13 6.33 56.52 1.48
N GLY B 14 7.57 56.17 1.22
CA GLY B 14 8.68 56.59 2.05
C GLY B 14 9.93 56.03 1.44
N ASP B 15 11.08 56.36 2.03
CA ASP B 15 12.40 55.83 1.62
C ASP B 15 12.61 55.65 0.11
N THR B 16 12.41 56.72 -0.65
CA THR B 16 12.59 56.68 -2.10
C THR B 16 14.06 56.92 -2.46
N VAL B 17 14.96 56.37 -1.66
CA VAL B 17 16.39 56.55 -1.86
C VAL B 17 16.91 55.51 -2.85
N VAL B 18 17.35 55.98 -4.00
CA VAL B 18 17.79 55.11 -5.08
C VAL B 18 19.28 54.76 -5.00
N GLU B 19 19.59 53.91 -4.02
CA GLU B 19 20.92 53.28 -3.79
C GLU B 19 22.03 53.97 -2.95
N PRO B 20 22.07 55.33 -2.81
CA PRO B 20 23.15 55.72 -1.90
C PRO B 20 22.85 55.34 -0.44
N ALA B 21 23.85 54.79 0.24
CA ALA B 21 23.66 54.26 1.59
C ALA B 21 24.33 55.12 2.65
N PRO B 22 23.82 55.07 3.89
CA PRO B 22 24.55 55.73 4.98
C PRO B 22 25.79 54.94 5.39
N LEU B 23 26.51 55.46 6.38
CA LEU B 23 27.65 54.73 6.95
C LEU B 23 27.14 53.40 7.50
N LYS B 24 27.99 52.38 7.43
CA LYS B 24 27.58 50.98 7.69
C LYS B 24 26.78 50.60 8.95
N PRO B 25 26.99 51.25 10.13
CA PRO B 25 26.11 50.78 11.23
C PRO B 25 24.65 51.23 11.10
N THR B 26 23.83 50.33 10.54
CA THR B 26 22.41 50.55 10.36
C THR B 26 21.69 49.27 10.76
N SER B 27 20.79 49.36 11.74
CA SER B 27 20.03 48.20 12.20
C SER B 27 18.83 48.71 12.97
N GLU B 28 17.69 48.04 12.82
CA GLU B 28 16.48 48.38 13.56
C GLU B 28 15.75 47.07 13.91
N PRO B 29 16.11 46.45 15.06
CA PRO B 29 15.53 45.13 15.36
C PRO B 29 14.06 45.16 15.81
N THR B 30 13.27 44.30 15.21
CA THR B 30 11.83 44.19 15.52
C THR B 30 11.56 43.07 16.54
N SER B 31 12.63 42.60 17.17
CA SER B 31 12.61 41.49 18.16
C SER B 31 12.23 40.12 17.59
N GLY B 32 12.20 40.04 16.27
CA GLY B 32 11.95 38.76 15.61
C GLY B 32 10.47 38.45 15.45
N PRO B 33 10.11 37.23 15.03
CA PRO B 33 8.68 36.94 14.84
C PRO B 33 7.92 36.87 16.17
N PRO B 34 6.66 37.34 16.22
CA PRO B 34 5.92 37.33 17.48
C PRO B 34 5.28 35.97 17.84
N GLY B 35 6.04 34.90 17.68
CA GLY B 35 5.55 33.57 18.00
C GLY B 35 4.42 33.12 17.10
N ASN B 36 4.54 33.39 15.80
CA ASN B 36 3.49 33.06 14.83
C ASN B 36 3.59 31.62 14.31
N ASN B 37 4.25 30.75 15.06
CA ASN B 37 4.39 29.35 14.70
C ASN B 37 4.36 28.49 15.96
N GLY B 38 3.87 27.28 15.83
CA GLY B 38 3.86 26.36 16.95
C GLY B 38 2.96 25.17 16.68
N GLY B 39 3.49 23.97 16.88
CA GLY B 39 2.75 22.75 16.61
C GLY B 39 2.75 22.41 15.13
N SER B 40 2.54 21.13 14.83
CA SER B 40 2.51 20.61 13.45
C SER B 40 3.76 20.96 12.64
N LEU B 41 4.88 21.15 13.33
CA LEU B 41 6.15 21.51 12.71
C LEU B 41 6.87 20.25 12.23
N LEU B 42 6.14 19.37 11.57
CA LEU B 42 6.65 18.07 11.16
C LEU B 42 6.44 17.83 9.68
N SER B 43 7.47 17.32 9.03
CA SER B 43 7.39 16.86 7.66
C SER B 43 8.39 15.74 7.61
N VAL B 44 8.15 14.76 6.75
CA VAL B 44 9.02 13.60 6.64
C VAL B 44 8.98 13.22 5.17
N ILE B 45 10.12 12.86 4.62
CA ILE B 45 10.24 12.53 3.21
C ILE B 45 10.42 11.02 3.09
N THR B 46 9.51 10.39 2.35
CA THR B 46 9.58 8.95 2.11
C THR B 46 10.10 8.71 0.71
N GLU B 47 10.28 9.82 0.01
CA GLU B 47 10.87 9.89 -1.34
C GLU B 47 10.26 8.95 -2.41
N GLY B 48 9.06 8.46 -2.15
CA GLY B 48 8.38 7.59 -3.10
C GLY B 48 8.90 6.17 -3.05
N VAL B 49 9.83 5.91 -2.16
CA VAL B 49 10.42 4.58 -2.04
C VAL B 49 9.34 3.60 -1.57
N GLY B 50 9.16 2.52 -2.33
CA GLY B 50 8.17 1.51 -2.02
C GLY B 50 7.32 1.16 -3.23
N GLU B 51 7.97 0.96 -4.36
CA GLU B 51 7.29 0.63 -5.62
C GLU B 51 7.47 -0.87 -5.98
N LEU B 52 7.98 -1.11 -7.18
CA LEU B 52 8.22 -2.44 -7.77
C LEU B 52 6.95 -3.26 -8.06
N SER B 53 6.82 -3.64 -9.32
CA SER B 53 5.62 -4.34 -9.81
C SER B 53 5.66 -5.84 -9.56
N VAL B 54 5.57 -6.25 -8.30
CA VAL B 54 5.51 -7.67 -7.92
C VAL B 54 4.08 -8.22 -8.07
N ILE B 55 3.50 -7.96 -9.23
CA ILE B 55 2.11 -8.33 -9.55
C ILE B 55 2.04 -8.78 -11.00
N ASP B 56 0.91 -9.37 -11.35
CA ASP B 56 0.59 -9.66 -12.75
C ASP B 56 -0.07 -8.39 -13.30
N PRO B 57 0.64 -7.60 -14.13
CA PRO B 57 0.03 -6.30 -14.45
C PRO B 57 -1.16 -6.39 -15.39
N GLU B 58 -1.26 -7.47 -16.15
CA GLU B 58 -2.33 -7.62 -17.15
C GLU B 58 -3.70 -7.74 -16.50
N VAL B 59 -3.81 -8.60 -15.50
CA VAL B 59 -5.08 -8.78 -14.79
C VAL B 59 -5.31 -7.57 -13.90
N ALA B 60 -4.24 -6.99 -13.38
CA ALA B 60 -4.37 -5.82 -12.52
C ALA B 60 -4.98 -4.64 -13.30
N GLN B 61 -4.58 -4.47 -14.55
CA GLN B 61 -5.16 -3.41 -15.38
C GLN B 61 -6.65 -3.66 -15.63
N LYS B 62 -7.00 -4.90 -15.98
CA LYS B 62 -8.41 -5.23 -16.24
C LYS B 62 -9.24 -4.99 -15.00
N ALA B 63 -8.68 -5.31 -13.85
CA ALA B 63 -9.36 -5.13 -12.58
C ALA B 63 -9.63 -3.64 -12.30
N CYS B 64 -8.67 -2.76 -12.54
CA CYS B 64 -8.88 -1.35 -12.20
C CYS B 64 -9.89 -0.70 -13.15
N GLN B 65 -9.91 -1.12 -14.41
CA GLN B 65 -10.85 -0.57 -15.37
C GLN B 65 -12.29 -0.73 -14.90
N GLU B 66 -12.64 -1.92 -14.43
CA GLU B 66 -13.99 -2.14 -13.94
C GLU B 66 -14.26 -1.34 -12.68
N VAL B 67 -13.29 -1.29 -11.77
CA VAL B 67 -13.49 -0.64 -10.48
C VAL B 67 -13.87 0.82 -10.64
N LEU B 68 -13.19 1.55 -11.51
CA LEU B 68 -13.54 2.96 -11.71
C LEU B 68 -14.97 3.09 -12.21
N GLU B 69 -15.37 2.29 -13.19
CA GLU B 69 -16.71 2.40 -13.75
C GLU B 69 -17.79 2.00 -12.75
N LYS B 70 -17.52 0.99 -11.92
CA LYS B 70 -18.49 0.56 -10.91
C LYS B 70 -18.74 1.71 -9.93
N VAL B 71 -17.69 2.42 -9.55
CA VAL B 71 -17.82 3.57 -8.64
C VAL B 71 -18.54 4.74 -9.33
N LYS B 72 -18.29 4.94 -10.61
CA LYS B 72 -18.99 5.99 -11.36
C LYS B 72 -20.49 5.68 -11.41
N LEU B 73 -20.86 4.42 -11.53
CA LEU B 73 -22.28 4.08 -11.62
C LEU B 73 -23.05 4.23 -10.32
N LEU B 74 -22.36 4.22 -9.19
CA LEU B 74 -23.01 4.45 -7.89
C LEU B 74 -23.55 5.88 -7.83
N HIS B 75 -23.06 6.70 -8.73
CA HIS B 75 -23.44 8.12 -8.79
C HIS B 75 -24.59 8.37 -9.76
N GLY B 76 -25.09 7.31 -10.40
CA GLY B 76 -26.14 7.50 -11.39
C GLY B 76 -25.63 8.33 -12.54
N GLY B 77 -26.48 9.16 -13.12
CA GLY B 77 -26.09 9.97 -14.26
C GLY B 77 -25.33 11.26 -13.95
N VAL B 78 -25.89 12.11 -13.11
CA VAL B 78 -25.35 13.47 -12.89
C VAL B 78 -25.22 13.89 -11.41
N ALA B 79 -24.68 13.01 -10.57
CA ALA B 79 -24.43 13.34 -9.18
C ALA B 79 -22.91 13.43 -8.93
N VAL B 80 -22.42 14.66 -8.84
CA VAL B 80 -21.01 14.93 -8.51
C VAL B 80 -20.69 14.69 -7.03
N MET A 1 2.03 -12.09 6.18
CA MET A 1 2.07 -10.83 7.01
C MET A 1 2.10 -9.53 6.16
N GLN A 2 3.28 -9.25 5.56
CA GLN A 2 3.46 -8.09 4.68
C GLN A 2 3.24 -8.50 3.22
N GLN A 3 2.95 -9.78 3.00
CA GLN A 3 2.78 -10.32 1.64
C GLN A 3 1.72 -9.56 0.85
N LYS A 4 0.61 -9.20 1.48
CA LYS A 4 -0.44 -8.43 0.81
C LYS A 4 0.01 -7.01 0.50
N GLN A 5 0.82 -6.41 1.36
CA GLN A 5 1.18 -5.01 1.23
C GLN A 5 2.02 -4.74 -0.02
N GLN A 6 2.93 -5.63 -0.37
CA GLN A 6 3.72 -5.45 -1.59
C GLN A 6 2.85 -5.54 -2.85
N ILE A 7 1.77 -6.32 -2.77
CA ILE A 7 0.82 -6.42 -3.88
C ILE A 7 0.18 -5.06 -4.03
N MET A 8 -0.34 -4.53 -2.93
CA MET A 8 -1.04 -3.26 -2.98
C MET A 8 -0.12 -2.13 -3.43
N ALA A 9 1.13 -2.16 -3.01
CA ALA A 9 2.08 -1.14 -3.47
C ALA A 9 2.26 -1.21 -4.99
N ALA A 10 2.29 -2.42 -5.54
CA ALA A 10 2.46 -2.60 -6.98
C ALA A 10 1.19 -2.11 -7.70
N LEU A 11 0.05 -2.43 -7.12
CA LEU A 11 -1.25 -1.99 -7.67
C LEU A 11 -1.37 -0.48 -7.61
N ASN A 12 -0.90 0.10 -6.53
CA ASN A 12 -0.97 1.54 -6.33
C ASN A 12 -0.11 2.21 -7.36
N SER A 13 1.04 1.62 -7.67
CA SER A 13 1.95 2.21 -8.62
C SER A 13 1.34 2.34 -10.02
N GLN A 14 0.75 1.26 -10.51
CA GLN A 14 0.21 1.27 -11.88
C GLN A 14 -1.11 2.05 -12.02
N THR A 15 -1.75 2.36 -10.90
CA THR A 15 -3.04 3.07 -10.92
C THR A 15 -3.01 4.40 -10.20
N ALA A 16 -1.83 4.83 -9.79
CA ALA A 16 -1.70 6.06 -9.02
C ALA A 16 -2.31 7.24 -9.76
N VAL A 17 -1.88 7.47 -10.98
CA VAL A 17 -2.35 8.61 -11.76
C VAL A 17 -3.82 8.41 -12.16
N GLN A 18 -4.24 7.16 -12.34
CA GLN A 18 -5.60 6.87 -12.74
C GLN A 18 -6.59 7.21 -11.63
N PHE A 19 -6.24 6.83 -10.40
CA PHE A 19 -7.08 7.09 -9.25
C PHE A 19 -7.03 8.57 -8.90
N GLN A 20 -5.86 9.18 -9.05
CA GLN A 20 -5.71 10.61 -8.81
C GLN A 20 -6.57 11.42 -9.79
N GLN A 21 -6.50 11.09 -11.07
CA GLN A 21 -7.29 11.82 -12.07
C GLN A 21 -8.78 11.60 -11.86
N TYR A 22 -9.18 10.39 -11.53
CA TYR A 22 -10.59 10.12 -11.30
C TYR A 22 -11.09 10.85 -10.06
N ALA A 23 -10.30 10.86 -9.01
CA ALA A 23 -10.68 11.58 -7.81
C ALA A 23 -10.75 13.07 -8.07
N ALA A 24 -9.88 13.58 -8.93
CA ALA A 24 -9.90 14.99 -9.30
C ALA A 24 -11.15 15.31 -10.12
N GLN A 25 -11.61 14.37 -10.91
CA GLN A 25 -12.79 14.57 -11.75
C GLN A 25 -14.05 14.61 -10.90
N GLN A 26 -14.06 13.85 -9.82
CA GLN A 26 -15.23 13.81 -8.95
C GLN A 26 -15.22 14.87 -7.85
N TYR A 27 -14.06 15.13 -7.28
CA TYR A 27 -13.91 16.11 -6.20
C TYR A 27 -12.75 17.05 -6.49
N PRO A 28 -12.87 17.91 -7.52
CA PRO A 28 -11.69 18.74 -7.79
C PRO A 28 -11.37 19.68 -6.64
N GLY A 29 -10.08 19.86 -6.38
CA GLY A 29 -9.63 20.74 -5.31
C GLY A 29 -9.73 20.19 -3.90
N ASN A 30 -10.63 19.24 -3.66
CA ASN A 30 -10.88 18.76 -2.30
C ASN A 30 -9.94 17.60 -1.99
N TYR A 31 -8.73 17.93 -1.57
CA TYR A 31 -7.69 16.95 -1.28
C TYR A 31 -8.16 15.85 -0.33
N GLU A 32 -8.81 16.22 0.76
CA GLU A 32 -9.27 15.23 1.73
C GLU A 32 -10.25 14.23 1.10
N GLN A 33 -11.26 14.76 0.41
CA GLN A 33 -12.24 13.89 -0.25
C GLN A 33 -11.59 13.02 -1.31
N GLN A 34 -10.61 13.57 -2.00
CA GLN A 34 -9.90 12.82 -3.01
C GLN A 34 -9.19 11.62 -2.38
N GLN A 35 -8.49 11.82 -1.26
CA GLN A 35 -7.76 10.72 -0.61
C GLN A 35 -8.74 9.65 -0.12
N ILE A 36 -9.87 10.07 0.39
CA ILE A 36 -10.88 9.13 0.88
C ILE A 36 -11.43 8.31 -0.29
N LEU A 37 -11.67 8.92 -1.43
CA LEU A 37 -12.09 8.16 -2.61
C LEU A 37 -10.95 7.21 -3.03
N ILE A 38 -9.72 7.69 -3.04
CA ILE A 38 -8.59 6.87 -3.47
C ILE A 38 -8.43 5.64 -2.56
N ARG A 39 -8.59 5.79 -1.25
CA ARG A 39 -8.39 4.66 -0.35
C ARG A 39 -9.41 3.55 -0.64
N GLN A 40 -10.63 3.94 -1.00
CA GLN A 40 -11.66 2.99 -1.41
C GLN A 40 -11.27 2.31 -2.73
N LEU A 41 -10.74 3.08 -3.66
CA LEU A 41 -10.38 2.53 -4.96
C LEU A 41 -9.24 1.54 -4.84
N GLN A 42 -8.27 1.84 -3.97
CA GLN A 42 -7.11 0.98 -3.81
C GLN A 42 -7.54 -0.35 -3.20
N GLU A 43 -8.42 -0.32 -2.22
CA GLU A 43 -8.92 -1.54 -1.61
C GLU A 43 -9.72 -2.36 -2.60
N GLN A 44 -10.70 -1.73 -3.25
CA GLN A 44 -11.53 -2.44 -4.24
C GLN A 44 -10.69 -2.99 -5.39
N HIS A 45 -9.69 -2.25 -5.83
CA HIS A 45 -8.79 -2.71 -6.89
C HIS A 45 -8.07 -3.97 -6.44
N TYR A 46 -7.54 -3.98 -5.22
CA TYR A 46 -6.86 -5.16 -4.70
C TYR A 46 -7.82 -6.35 -4.63
N GLN A 47 -9.03 -6.14 -4.13
CA GLN A 47 -10.01 -7.23 -4.06
C GLN A 47 -10.34 -7.80 -5.44
N GLN A 48 -10.66 -6.94 -6.39
CA GLN A 48 -10.99 -7.38 -7.75
C GLN A 48 -9.78 -8.04 -8.42
N TYR A 49 -8.60 -7.45 -8.24
CA TYR A 49 -7.38 -8.02 -8.81
C TYR A 49 -7.17 -9.42 -8.30
N MET A 50 -7.26 -9.60 -6.98
CA MET A 50 -7.02 -10.91 -6.39
C MET A 50 -8.05 -11.93 -6.88
N GLN A 51 -9.32 -11.53 -6.94
CA GLN A 51 -10.39 -12.44 -7.39
C GLN A 51 -10.20 -12.81 -8.86
N GLN A 52 -9.87 -11.83 -9.69
CA GLN A 52 -9.69 -12.08 -11.11
C GLN A 52 -8.45 -12.92 -11.35
N LEU A 53 -7.36 -12.58 -10.64
CA LEU A 53 -6.10 -13.32 -10.76
C LEU A 53 -6.29 -14.76 -10.34
N TYR A 54 -7.13 -15.00 -9.34
CA TYR A 54 -7.37 -16.34 -8.85
C TYR A 54 -7.88 -17.22 -9.98
N GLN A 55 -8.73 -16.68 -10.82
CA GLN A 55 -9.26 -17.44 -11.95
C GLN A 55 -8.20 -17.65 -13.04
N VAL A 56 -7.33 -16.67 -13.24
CA VAL A 56 -6.30 -16.78 -14.29
C VAL A 56 -5.25 -17.81 -13.91
N GLN A 57 -4.75 -17.73 -12.68
CA GLN A 57 -3.73 -18.68 -12.23
C GLN A 57 -4.35 -20.07 -12.18
N LEU A 58 -5.64 -20.14 -11.84
CA LEU A 58 -6.35 -21.41 -11.81
C LEU A 58 -6.52 -21.98 -13.22
N ALA A 59 -6.78 -21.14 -14.20
CA ALA A 59 -6.92 -21.62 -15.59
C ALA A 59 -5.63 -22.30 -16.02
N GLN A 60 -4.50 -21.67 -15.69
CA GLN A 60 -3.19 -22.21 -16.04
C GLN A 60 -2.88 -23.48 -15.23
N GLN A 61 -3.31 -23.50 -13.98
CA GLN A 61 -3.14 -24.71 -13.16
C GLN A 61 -3.98 -25.85 -13.69
N GLN A 62 -5.20 -25.57 -14.13
CA GLN A 62 -6.03 -26.61 -14.73
C GLN A 62 -5.38 -27.13 -16.01
N ALA A 63 -4.71 -26.25 -16.75
CA ALA A 63 -4.02 -26.62 -17.97
C ALA A 63 -2.80 -27.54 -17.66
N ALA A 64 -2.21 -27.38 -16.49
CA ALA A 64 -1.13 -28.26 -16.06
C ALA A 64 -1.66 -29.58 -15.49
N LEU A 65 -2.77 -29.50 -14.74
CA LEU A 65 -3.34 -30.67 -14.07
C LEU A 65 -4.00 -31.64 -15.04
N GLN A 66 -4.96 -31.12 -15.82
CA GLN A 66 -5.79 -31.88 -16.77
C GLN A 66 -6.22 -33.29 -16.30
N LYS A 67 -6.48 -33.42 -15.00
CA LYS A 67 -6.89 -34.69 -14.38
C LYS A 67 -5.91 -35.87 -14.63
N GLN A 68 -4.65 -35.56 -14.96
CA GLN A 68 -3.64 -36.57 -15.25
C GLN A 68 -2.38 -36.42 -14.37
N GLN A 69 -2.57 -36.53 -13.05
CA GLN A 69 -1.42 -36.51 -12.13
C GLN A 69 -0.64 -37.81 -12.19
N GLY B 1 -21.67 -28.51 23.06
CA GLY B 1 -22.20 -27.38 23.89
C GLY B 1 -21.16 -26.55 24.64
N ALA B 2 -21.61 -25.39 25.15
CA ALA B 2 -20.74 -24.43 25.86
C ALA B 2 -21.41 -23.95 27.15
N MET B 3 -22.29 -24.81 27.67
CA MET B 3 -23.12 -24.51 28.87
C MET B 3 -24.04 -23.29 28.65
N VAL B 4 -24.83 -22.95 29.66
CA VAL B 4 -25.73 -21.80 29.63
C VAL B 4 -25.74 -21.19 31.03
N GLU B 5 -25.93 -19.88 31.14
CA GLU B 5 -25.98 -19.21 32.46
C GLU B 5 -27.39 -19.24 33.06
N ALA B 6 -28.01 -20.42 33.03
CA ALA B 6 -29.36 -20.61 33.56
C ALA B 6 -29.32 -21.74 34.61
N ARG B 7 -28.61 -21.50 35.70
CA ARG B 7 -28.38 -22.52 36.73
C ARG B 7 -29.50 -22.56 37.78
N SER B 8 -30.73 -22.44 37.32
CA SER B 8 -31.91 -22.38 38.20
C SER B 8 -32.36 -23.74 38.77
N LEU B 9 -31.47 -24.39 39.49
CA LEU B 9 -31.72 -25.69 40.13
C LEU B 9 -32.20 -26.75 39.11
N ALA B 10 -31.70 -26.65 37.89
CA ALA B 10 -32.07 -27.58 36.80
C ALA B 10 -31.68 -29.02 37.13
N VAL B 11 -30.68 -29.19 37.98
CA VAL B 11 -30.19 -30.50 38.37
C VAL B 11 -30.52 -30.81 39.83
N ALA B 12 -31.81 -30.99 40.10
CA ALA B 12 -32.26 -31.39 41.44
C ALA B 12 -31.74 -32.80 41.76
N MET B 13 -31.55 -33.58 40.69
CA MET B 13 -30.92 -34.91 40.72
C MET B 13 -31.11 -35.73 42.00
N GLY B 14 -32.33 -36.24 42.20
CA GLY B 14 -32.63 -37.08 43.36
C GLY B 14 -32.23 -38.53 43.15
N ASP B 15 -31.16 -38.73 42.39
CA ASP B 15 -30.63 -40.03 42.05
C ASP B 15 -29.13 -39.87 42.08
N THR B 16 -28.54 -40.42 43.12
CA THR B 16 -27.12 -40.32 43.37
C THR B 16 -26.36 -41.56 42.91
N VAL B 17 -27.04 -42.44 42.20
CA VAL B 17 -26.42 -43.69 41.73
C VAL B 17 -25.72 -43.50 40.39
N VAL B 18 -24.40 -43.58 40.40
CA VAL B 18 -23.59 -43.48 39.18
C VAL B 18 -22.70 -44.73 39.09
N GLU B 19 -23.17 -45.71 38.33
CA GLU B 19 -22.45 -46.99 38.18
C GLU B 19 -21.97 -47.36 36.75
N PRO B 20 -22.63 -46.89 35.65
CA PRO B 20 -22.04 -47.33 34.38
C PRO B 20 -20.80 -46.51 33.96
N ALA B 21 -20.37 -45.57 34.80
CA ALA B 21 -19.25 -44.71 34.48
C ALA B 21 -17.93 -45.48 34.49
N PRO B 22 -17.01 -45.17 33.55
CA PRO B 22 -15.69 -45.78 33.60
C PRO B 22 -14.80 -45.10 34.64
N LEU B 23 -13.55 -45.56 34.70
CA LEU B 23 -12.53 -44.86 35.46
C LEU B 23 -12.38 -43.47 34.84
N LYS B 24 -12.05 -42.48 35.65
CA LYS B 24 -12.04 -41.08 35.22
C LYS B 24 -11.10 -40.68 34.07
N PRO B 25 -9.83 -41.12 34.06
CA PRO B 25 -9.05 -40.56 32.93
C PRO B 25 -9.42 -41.15 31.57
N THR B 26 -9.55 -40.27 30.57
CA THR B 26 -9.88 -40.65 29.21
C THR B 26 -9.34 -39.53 28.33
N SER B 27 -9.39 -39.72 27.02
CA SER B 27 -8.96 -38.70 26.07
C SER B 27 -10.03 -38.56 25.00
N GLU B 28 -10.67 -37.39 24.92
CA GLU B 28 -11.79 -37.18 23.98
C GLU B 28 -11.62 -35.86 23.22
N PRO B 29 -10.77 -35.86 22.17
CA PRO B 29 -10.57 -34.60 21.44
C PRO B 29 -11.70 -34.29 20.46
N THR B 30 -12.05 -33.02 20.32
CA THR B 30 -13.11 -32.60 19.39
C THR B 30 -12.54 -31.80 18.21
N SER B 31 -11.27 -31.46 18.29
CA SER B 31 -10.61 -30.69 17.23
C SER B 31 -9.13 -31.04 17.26
N GLY B 32 -8.42 -30.69 16.20
CA GLY B 32 -6.98 -30.91 16.14
C GLY B 32 -6.26 -29.60 16.40
N PRO B 33 -4.94 -29.61 16.60
CA PRO B 33 -4.27 -28.33 16.87
C PRO B 33 -4.19 -27.42 15.63
N PRO B 34 -4.28 -26.08 15.81
CA PRO B 34 -4.21 -25.15 14.68
C PRO B 34 -2.77 -24.86 14.23
N GLY B 35 -2.01 -25.91 13.93
CA GLY B 35 -0.60 -25.76 13.60
C GLY B 35 0.24 -26.25 14.75
N ASN B 36 1.47 -25.75 14.85
CA ASN B 36 2.37 -26.14 15.95
C ASN B 36 3.35 -25.02 16.29
N ASN B 37 4.09 -24.54 15.30
CA ASN B 37 5.07 -23.46 15.54
C ASN B 37 5.24 -22.51 14.35
N GLY B 38 5.61 -23.04 13.19
CA GLY B 38 5.85 -22.20 12.04
C GLY B 38 7.28 -21.68 12.06
N GLY B 39 7.54 -20.61 11.30
CA GLY B 39 8.88 -20.02 11.26
C GLY B 39 9.56 -20.20 9.91
N SER B 40 8.94 -19.69 8.87
CA SER B 40 9.46 -19.81 7.51
C SER B 40 9.43 -18.46 6.79
N LEU B 41 10.40 -17.62 7.11
CA LEU B 41 10.49 -16.28 6.53
C LEU B 41 11.95 -15.92 6.19
N LEU B 42 12.50 -16.57 5.18
CA LEU B 42 13.90 -16.38 4.80
C LEU B 42 14.06 -16.18 3.29
N SER B 43 14.81 -15.15 2.94
CA SER B 43 15.17 -14.87 1.56
C SER B 43 16.48 -14.12 1.66
N VAL B 44 17.27 -14.14 0.58
CA VAL B 44 18.58 -13.50 0.59
C VAL B 44 18.65 -12.55 -0.59
N ILE B 45 18.97 -11.30 -0.30
CA ILE B 45 19.07 -10.26 -1.33
C ILE B 45 20.35 -10.50 -2.10
N THR B 46 20.24 -10.63 -3.42
CA THR B 46 21.41 -10.89 -4.27
C THR B 46 21.35 -10.13 -5.60
N GLU B 47 20.26 -9.39 -5.77
CA GLU B 47 19.99 -8.56 -6.98
C GLU B 47 20.21 -9.29 -8.33
N GLY B 48 20.04 -10.61 -8.32
CA GLY B 48 20.30 -11.39 -9.52
C GLY B 48 19.09 -11.64 -10.39
N VAL B 49 17.98 -10.97 -10.09
CA VAL B 49 16.73 -11.18 -10.83
C VAL B 49 16.05 -9.83 -11.08
N GLY B 50 15.75 -9.55 -12.33
CA GLY B 50 15.07 -8.32 -12.71
C GLY B 50 13.62 -8.58 -13.06
N GLU B 51 12.86 -9.05 -12.08
CA GLU B 51 11.45 -9.37 -12.29
C GLU B 51 10.63 -8.12 -12.57
N LEU B 52 9.51 -8.31 -13.28
CA LEU B 52 8.66 -7.20 -13.70
C LEU B 52 8.04 -6.44 -12.55
N SER B 53 7.47 -7.19 -11.63
CA SER B 53 6.82 -6.63 -10.46
C SER B 53 6.48 -7.86 -9.62
N VAL B 54 5.66 -7.63 -8.63
CA VAL B 54 5.14 -8.69 -7.74
C VAL B 54 3.73 -9.06 -8.16
N ILE B 55 3.31 -8.55 -9.31
CA ILE B 55 1.94 -8.70 -9.80
C ILE B 55 1.91 -8.92 -11.31
N ASP B 56 0.77 -9.39 -11.81
CA ASP B 56 0.50 -9.44 -13.25
C ASP B 56 -0.17 -8.13 -13.60
N PRO B 57 0.54 -7.20 -14.28
CA PRO B 57 -0.13 -5.91 -14.44
C PRO B 57 -1.30 -5.90 -15.40
N GLU B 58 -1.36 -6.89 -16.28
CA GLU B 58 -2.44 -6.97 -17.27
C GLU B 58 -3.77 -7.26 -16.58
N VAL B 59 -3.74 -8.23 -15.67
CA VAL B 59 -4.93 -8.61 -14.91
C VAL B 59 -5.30 -7.45 -14.02
N ALA B 60 -4.28 -6.83 -13.44
CA ALA B 60 -4.49 -5.72 -12.54
C ALA B 60 -5.14 -4.51 -13.26
N GLN B 61 -4.74 -4.24 -14.49
CA GLN B 61 -5.33 -3.13 -15.23
C GLN B 61 -6.80 -3.39 -15.52
N LYS B 62 -7.13 -4.59 -15.95
CA LYS B 62 -8.52 -4.91 -16.23
C LYS B 62 -9.34 -4.79 -14.96
N ALA B 63 -8.77 -5.24 -13.85
CA ALA B 63 -9.44 -5.15 -12.56
C ALA B 63 -9.76 -3.69 -12.20
N CYS B 64 -8.83 -2.78 -12.43
CA CYS B 64 -9.06 -1.38 -12.05
C CYS B 64 -10.06 -0.70 -12.97
N GLN B 65 -10.12 -1.11 -14.23
CA GLN B 65 -11.07 -0.52 -15.19
C GLN B 65 -12.50 -0.79 -14.73
N GLU B 66 -12.79 -2.04 -14.36
CA GLU B 66 -14.12 -2.40 -13.88
C GLU B 66 -14.44 -1.67 -12.58
N VAL B 67 -13.47 -1.61 -11.67
CA VAL B 67 -13.69 -0.98 -10.35
C VAL B 67 -14.07 0.49 -10.53
N LEU B 68 -13.40 1.19 -11.42
CA LEU B 68 -13.71 2.60 -11.63
C LEU B 68 -15.13 2.80 -12.14
N GLU B 69 -15.57 1.95 -13.06
CA GLU B 69 -16.94 2.05 -13.57
C GLU B 69 -17.96 1.68 -12.49
N LYS B 70 -17.63 0.72 -11.65
CA LYS B 70 -18.51 0.34 -10.53
C LYS B 70 -18.69 1.56 -9.63
N VAL B 71 -17.61 2.27 -9.33
CA VAL B 71 -17.69 3.46 -8.47
C VAL B 71 -18.48 4.58 -9.15
N LYS B 72 -18.36 4.72 -10.46
CA LYS B 72 -19.16 5.71 -11.20
C LYS B 72 -20.65 5.41 -11.09
N LEU B 73 -21.01 4.13 -11.08
CA LEU B 73 -22.42 3.77 -10.96
C LEU B 73 -22.95 3.89 -9.54
N LEU B 74 -22.09 3.71 -8.55
CA LEU B 74 -22.49 3.87 -7.14
C LEU B 74 -22.85 5.32 -6.83
N HIS B 75 -22.48 6.20 -7.73
CA HIS B 75 -22.79 7.62 -7.62
C HIS B 75 -24.15 7.95 -8.22
N GLY B 76 -24.85 6.95 -8.73
CA GLY B 76 -26.14 7.17 -9.36
C GLY B 76 -25.98 7.71 -10.76
N GLY B 77 -27.10 7.93 -11.44
CA GLY B 77 -27.07 8.42 -12.82
C GLY B 77 -26.82 9.92 -12.96
N VAL B 78 -26.26 10.54 -11.93
CA VAL B 78 -25.98 11.99 -11.95
C VAL B 78 -24.48 12.26 -11.91
N ALA B 79 -23.69 11.20 -12.09
CA ALA B 79 -22.23 11.31 -12.08
C ALA B 79 -21.64 11.93 -13.35
N VAL B 80 -21.92 13.22 -13.58
CA VAL B 80 -21.41 13.96 -14.74
C VAL B 80 -20.21 14.82 -14.34
N MET A 1 4.64 -12.94 5.56
CA MET A 1 4.98 -11.61 6.16
C MET A 1 4.70 -10.41 5.23
N GLN A 2 3.61 -9.68 5.57
CA GLN A 2 3.11 -8.52 4.83
C GLN A 2 2.87 -8.80 3.34
N GLN A 3 2.55 -10.04 3.00
CA GLN A 3 2.39 -10.45 1.60
C GLN A 3 1.35 -9.64 0.83
N LYS A 4 0.34 -9.12 1.52
CA LYS A 4 -0.66 -8.27 0.88
C LYS A 4 -0.14 -6.86 0.60
N GLN A 5 0.70 -6.33 1.47
CA GLN A 5 1.17 -4.94 1.35
C GLN A 5 1.95 -4.73 0.08
N GLN A 6 2.83 -5.67 -0.26
CA GLN A 6 3.62 -5.56 -1.48
C GLN A 6 2.73 -5.54 -2.72
N ILE A 7 1.62 -6.30 -2.68
CA ILE A 7 0.66 -6.27 -3.78
C ILE A 7 0.04 -4.91 -3.85
N MET A 8 -0.49 -4.41 -2.74
CA MET A 8 -1.21 -3.16 -2.77
C MET A 8 -0.31 -2.01 -3.21
N ALA A 9 0.95 -2.02 -2.79
CA ALA A 9 1.88 -0.97 -3.24
C ALA A 9 2.07 -1.04 -4.76
N ALA A 10 2.14 -2.24 -5.29
CA ALA A 10 2.37 -2.45 -6.71
C ALA A 10 1.14 -2.02 -7.51
N LEU A 11 -0.04 -2.33 -6.98
CA LEU A 11 -1.30 -1.95 -7.60
C LEU A 11 -1.47 -0.45 -7.57
N ASN A 12 -1.10 0.14 -6.46
CA ASN A 12 -1.23 1.58 -6.29
C ASN A 12 -0.30 2.27 -7.27
N SER A 13 0.85 1.67 -7.54
CA SER A 13 1.82 2.26 -8.46
C SER A 13 1.26 2.43 -9.87
N GLN A 14 0.75 1.35 -10.45
CA GLN A 14 0.28 1.38 -11.84
C GLN A 14 -1.05 2.12 -12.01
N THR A 15 -1.77 2.35 -10.92
CA THR A 15 -3.09 3.00 -11.00
C THR A 15 -3.09 4.34 -10.32
N ALA A 16 -1.92 4.81 -9.92
CA ALA A 16 -1.79 6.07 -9.21
C ALA A 16 -2.47 7.20 -9.98
N VAL A 17 -2.07 7.39 -11.22
CA VAL A 17 -2.60 8.48 -12.03
C VAL A 17 -4.06 8.20 -12.38
N GLN A 18 -4.41 6.93 -12.57
CA GLN A 18 -5.79 6.58 -12.93
C GLN A 18 -6.76 6.94 -11.81
N PHE A 19 -6.41 6.63 -10.57
CA PHE A 19 -7.27 6.95 -9.43
C PHE A 19 -7.23 8.44 -9.14
N GLN A 20 -6.07 9.06 -9.31
CA GLN A 20 -5.92 10.49 -9.05
C GLN A 20 -6.74 11.32 -10.02
N GLN A 21 -6.80 10.93 -11.28
CA GLN A 21 -7.60 11.66 -12.26
C GLN A 21 -9.07 11.56 -11.89
N TYR A 22 -9.52 10.39 -11.48
CA TYR A 22 -10.91 10.24 -11.07
C TYR A 22 -11.21 11.04 -9.80
N ALA A 23 -10.30 11.02 -8.86
CA ALA A 23 -10.49 11.76 -7.63
C ALA A 23 -10.57 13.26 -7.93
N ALA A 24 -9.82 13.72 -8.92
CA ALA A 24 -9.81 15.12 -9.29
C ALA A 24 -11.10 15.53 -10.00
N GLN A 25 -11.69 14.66 -10.82
CA GLN A 25 -12.95 15.03 -11.47
C GLN A 25 -14.12 15.04 -10.49
N GLN A 26 -14.03 14.23 -9.44
CA GLN A 26 -15.11 14.16 -8.45
C GLN A 26 -14.95 15.18 -7.34
N TYR A 27 -13.73 15.40 -6.88
CA TYR A 27 -13.45 16.32 -5.78
C TYR A 27 -12.30 17.24 -6.11
N PRO A 28 -12.48 18.13 -7.10
CA PRO A 28 -11.30 18.92 -7.48
C PRO A 28 -10.87 19.85 -6.34
N GLY A 29 -9.57 19.99 -6.17
CA GLY A 29 -9.02 20.83 -5.11
C GLY A 29 -9.03 20.24 -3.72
N ASN A 30 -9.95 19.34 -3.42
CA ASN A 30 -10.09 18.83 -2.06
C ASN A 30 -9.23 17.60 -1.87
N TYR A 31 -7.96 17.81 -1.55
CA TYR A 31 -7.01 16.70 -1.43
C TYR A 31 -7.47 15.64 -0.41
N GLU A 32 -8.17 16.05 0.65
CA GLU A 32 -8.62 15.10 1.67
C GLU A 32 -9.67 14.18 1.06
N GLN A 33 -10.68 14.77 0.42
CA GLN A 33 -11.73 14.01 -0.22
C GLN A 33 -11.17 13.14 -1.33
N GLN A 34 -10.17 13.65 -2.01
CA GLN A 34 -9.51 12.89 -3.06
C GLN A 34 -8.86 11.64 -2.48
N GLN A 35 -8.16 11.77 -1.35
CA GLN A 35 -7.51 10.62 -0.73
C GLN A 35 -8.54 9.62 -0.23
N ILE A 36 -9.63 10.09 0.33
CA ILE A 36 -10.69 9.19 0.81
C ILE A 36 -11.22 8.34 -0.34
N LEU A 37 -11.47 8.94 -1.49
CA LEU A 37 -11.97 8.20 -2.64
C LEU A 37 -10.90 7.21 -3.14
N ILE A 38 -9.65 7.65 -3.16
CA ILE A 38 -8.54 6.79 -3.60
C ILE A 38 -8.45 5.56 -2.69
N ARG A 39 -8.63 5.72 -1.39
CA ARG A 39 -8.59 4.58 -0.46
C ARG A 39 -9.58 3.50 -0.86
N GLN A 40 -10.79 3.90 -1.19
CA GLN A 40 -11.85 2.97 -1.55
C GLN A 40 -11.49 2.24 -2.84
N LEU A 41 -10.97 2.99 -3.78
CA LEU A 41 -10.58 2.46 -5.09
C LEU A 41 -9.44 1.48 -4.96
N GLN A 42 -8.47 1.79 -4.11
CA GLN A 42 -7.31 0.91 -3.92
C GLN A 42 -7.72 -0.41 -3.29
N GLU A 43 -8.60 -0.37 -2.29
CA GLU A 43 -9.02 -1.59 -1.62
C GLU A 43 -9.82 -2.47 -2.58
N GLN A 44 -10.80 -1.87 -3.26
CA GLN A 44 -11.62 -2.61 -4.22
C GLN A 44 -10.79 -3.16 -5.36
N HIS A 45 -9.80 -2.38 -5.79
CA HIS A 45 -8.88 -2.84 -6.84
C HIS A 45 -8.14 -4.09 -6.41
N TYR A 46 -7.66 -4.10 -5.18
CA TYR A 46 -6.98 -5.28 -4.65
C TYR A 46 -7.88 -6.49 -4.62
N GLN A 47 -9.11 -6.32 -4.15
CA GLN A 47 -10.04 -7.45 -4.09
C GLN A 47 -10.28 -8.04 -5.47
N GLN A 48 -10.64 -7.18 -6.43
CA GLN A 48 -10.93 -7.61 -7.78
C GLN A 48 -9.67 -8.21 -8.44
N TYR A 49 -8.51 -7.60 -8.25
CA TYR A 49 -7.27 -8.12 -8.84
C TYR A 49 -6.97 -9.49 -8.28
N MET A 50 -7.09 -9.68 -6.98
CA MET A 50 -6.75 -10.96 -6.38
C MET A 50 -7.74 -12.04 -6.83
N GLN A 51 -9.02 -11.71 -6.88
CA GLN A 51 -10.03 -12.68 -7.31
C GLN A 51 -9.82 -13.05 -8.78
N GLN A 52 -9.49 -12.08 -9.60
CA GLN A 52 -9.28 -12.32 -11.02
C GLN A 52 -7.96 -13.07 -11.25
N LEU A 53 -6.91 -12.67 -10.53
CA LEU A 53 -5.60 -13.33 -10.62
C LEU A 53 -5.73 -14.78 -10.24
N TYR A 54 -6.53 -15.05 -9.23
CA TYR A 54 -6.72 -16.42 -8.74
C TYR A 54 -7.23 -17.28 -9.87
N GLN A 55 -8.14 -16.73 -10.67
CA GLN A 55 -8.70 -17.48 -11.81
C GLN A 55 -7.68 -17.60 -12.95
N VAL A 56 -6.81 -16.63 -13.12
CA VAL A 56 -5.82 -16.70 -14.21
C VAL A 56 -4.76 -17.76 -13.89
N GLN A 57 -4.23 -17.75 -12.68
CA GLN A 57 -3.20 -18.71 -12.30
C GLN A 57 -3.83 -20.11 -12.22
N LEU A 58 -5.10 -20.15 -11.85
CA LEU A 58 -5.83 -21.41 -11.80
C LEU A 58 -6.04 -21.97 -13.20
N ALA A 59 -6.32 -21.12 -14.17
CA ALA A 59 -6.56 -21.59 -15.53
C ALA A 59 -5.32 -22.33 -16.04
N GLN A 60 -4.14 -21.77 -15.76
CA GLN A 60 -2.89 -22.40 -16.17
C GLN A 60 -2.61 -23.65 -15.33
N GLN A 61 -2.94 -23.60 -14.06
CA GLN A 61 -2.78 -24.75 -13.15
C GLN A 61 -3.66 -25.93 -13.57
N GLN A 62 -4.88 -25.65 -13.99
CA GLN A 62 -5.80 -26.70 -14.45
C GLN A 62 -5.30 -27.28 -15.77
N ALA A 63 -4.71 -26.45 -16.62
CA ALA A 63 -4.14 -26.93 -17.87
C ALA A 63 -2.90 -27.80 -17.60
N ALA A 64 -2.19 -27.54 -16.51
CA ALA A 64 -1.03 -28.36 -16.13
C ALA A 64 -1.49 -29.68 -15.51
N LEU A 65 -2.74 -29.72 -15.05
CA LEU A 65 -3.28 -30.92 -14.40
C LEU A 65 -4.06 -31.82 -15.34
N GLN A 66 -5.08 -31.25 -16.01
CA GLN A 66 -5.99 -31.98 -16.89
C GLN A 66 -6.57 -33.25 -16.24
N LYS A 67 -6.78 -33.17 -14.94
CA LYS A 67 -7.19 -34.34 -14.15
C LYS A 67 -8.52 -34.10 -13.44
N GLN A 68 -9.35 -33.28 -14.04
CA GLN A 68 -10.63 -32.90 -13.45
C GLN A 68 -11.79 -33.29 -14.35
N GLN A 69 -12.16 -34.58 -14.29
CA GLN A 69 -13.24 -35.17 -15.12
C GLN A 69 -14.66 -34.63 -14.84
N GLY B 1 -32.75 1.30 25.93
CA GLY B 1 -33.39 2.32 25.07
C GLY B 1 -34.84 2.64 25.41
N ALA B 2 -35.35 3.69 24.75
CA ALA B 2 -36.72 4.20 24.91
C ALA B 2 -37.06 4.61 26.36
N MET B 3 -36.03 4.99 27.11
CA MET B 3 -36.23 5.45 28.48
C MET B 3 -36.73 6.89 28.42
N VAL B 4 -37.71 7.21 29.25
CA VAL B 4 -38.28 8.55 29.30
C VAL B 4 -38.87 8.75 30.69
N GLU B 5 -38.78 9.95 31.22
CA GLU B 5 -39.33 10.26 32.55
C GLU B 5 -40.87 10.30 32.52
N ALA B 6 -41.48 9.80 33.60
CA ALA B 6 -42.94 9.85 33.76
C ALA B 6 -43.23 9.85 35.26
N ARG B 7 -44.42 10.29 35.64
CA ARG B 7 -44.84 10.29 37.06
C ARG B 7 -46.06 9.40 37.24
N SER B 8 -46.28 8.54 36.28
CA SER B 8 -47.44 7.66 36.28
C SER B 8 -47.35 6.61 37.38
N LEU B 9 -48.51 6.19 37.88
CA LEU B 9 -48.64 5.14 38.91
C LEU B 9 -47.92 5.44 40.23
N ALA B 10 -47.72 6.72 40.53
CA ALA B 10 -47.08 7.15 41.78
C ALA B 10 -48.05 8.01 42.60
N VAL B 11 -48.52 7.49 43.72
CA VAL B 11 -49.54 8.16 44.56
C VAL B 11 -49.10 8.22 46.04
N ALA B 12 -47.83 8.54 46.26
CA ALA B 12 -47.24 8.57 47.61
C ALA B 12 -47.39 9.92 48.34
N MET B 13 -48.02 10.89 47.67
CA MET B 13 -48.14 12.28 48.20
C MET B 13 -46.77 12.88 48.55
N GLY B 14 -46.76 13.86 49.44
CA GLY B 14 -45.53 14.52 49.86
C GLY B 14 -45.60 16.02 49.65
N ASP B 15 -44.67 16.74 50.29
CA ASP B 15 -44.60 18.21 50.17
C ASP B 15 -43.80 18.62 48.93
N THR B 16 -44.21 18.06 47.79
CA THR B 16 -43.53 18.26 46.51
C THR B 16 -44.45 19.01 45.57
N VAL B 17 -45.15 19.99 46.14
CA VAL B 17 -46.07 20.83 45.38
C VAL B 17 -45.24 21.59 44.32
N VAL B 18 -45.71 21.57 43.08
CA VAL B 18 -44.96 22.16 41.96
C VAL B 18 -45.86 23.07 41.10
N GLU B 19 -46.04 24.29 41.59
CA GLU B 19 -46.63 25.36 40.79
C GLU B 19 -45.39 26.15 40.29
N PRO B 20 -44.62 26.78 41.20
CA PRO B 20 -43.31 27.15 40.65
C PRO B 20 -42.42 25.90 40.53
N ALA B 21 -41.46 25.93 39.63
CA ALA B 21 -40.55 24.78 39.46
C ALA B 21 -39.06 25.16 39.45
N PRO B 22 -38.55 25.78 40.52
CA PRO B 22 -37.12 26.07 40.45
C PRO B 22 -36.28 24.79 40.58
N LEU B 23 -35.17 24.72 39.85
CA LEU B 23 -34.32 23.54 39.90
C LEU B 23 -32.87 23.93 39.63
N LYS B 24 -31.95 23.21 40.28
CA LYS B 24 -30.51 23.43 40.14
C LYS B 24 -30.02 24.91 40.23
N PRO B 25 -30.55 25.73 41.17
CA PRO B 25 -30.06 27.11 41.13
C PRO B 25 -28.79 27.37 41.93
N THR B 26 -28.32 26.35 42.64
CA THR B 26 -27.21 26.49 43.58
C THR B 26 -25.91 25.97 42.99
N SER B 27 -24.83 26.72 43.27
CA SER B 27 -23.46 26.38 42.90
C SER B 27 -23.18 26.42 41.39
N GLU B 28 -21.89 26.32 41.05
CA GLU B 28 -21.44 26.32 39.65
C GLU B 28 -20.50 25.11 39.55
N PRO B 29 -20.80 24.14 38.67
CA PRO B 29 -20.00 22.91 38.69
C PRO B 29 -18.60 23.06 38.07
N THR B 30 -17.59 22.74 38.87
CA THR B 30 -16.20 22.76 38.39
C THR B 30 -15.53 21.45 38.77
N SER B 31 -14.79 20.87 37.85
CA SER B 31 -14.06 19.61 38.07
C SER B 31 -12.97 19.49 37.01
N GLY B 32 -11.85 18.90 37.38
CA GLY B 32 -10.78 18.66 36.40
C GLY B 32 -10.01 19.91 36.04
N PRO B 33 -9.16 19.85 34.99
CA PRO B 33 -8.40 21.03 34.58
C PRO B 33 -9.29 22.00 33.81
N PRO B 34 -8.84 23.26 33.63
CA PRO B 34 -9.69 24.18 32.87
C PRO B 34 -9.66 23.96 31.35
N GLY B 35 -8.89 22.98 30.92
CA GLY B 35 -8.80 22.65 29.50
C GLY B 35 -7.81 23.46 28.71
N ASN B 36 -7.43 22.94 27.54
CA ASN B 36 -6.51 23.64 26.63
C ASN B 36 -6.47 22.97 25.24
N ASN B 37 -6.60 21.64 25.25
CA ASN B 37 -6.57 20.77 24.06
C ASN B 37 -5.17 20.71 23.45
N GLY B 38 -5.05 20.15 22.26
CA GLY B 38 -3.75 19.97 21.62
C GLY B 38 -3.27 18.54 21.70
N GLY B 39 -2.00 18.30 21.37
CA GLY B 39 -1.42 16.96 21.45
C GLY B 39 -1.44 16.15 20.16
N SER B 40 -1.88 16.76 19.06
CA SER B 40 -1.93 16.05 17.78
C SER B 40 -0.62 16.12 16.98
N LEU B 41 0.47 15.66 17.58
CA LEU B 41 1.80 15.73 16.94
C LEU B 41 2.27 14.37 16.39
N LEU B 42 1.35 13.46 16.15
CA LEU B 42 1.69 12.10 15.76
C LEU B 42 1.56 11.85 14.26
N SER B 43 2.57 11.19 13.70
CA SER B 43 2.60 10.76 12.31
C SER B 43 3.61 9.64 12.31
N VAL B 44 3.58 8.76 11.30
CA VAL B 44 4.51 7.64 11.25
C VAL B 44 4.90 7.38 9.79
N ILE B 45 6.14 6.97 9.58
CA ILE B 45 6.65 6.64 8.25
C ILE B 45 6.43 5.14 8.07
N THR B 46 5.80 4.77 6.96
CA THR B 46 5.50 3.36 6.68
C THR B 46 6.31 2.84 5.51
N GLU B 47 7.12 3.74 4.98
CA GLU B 47 8.04 3.48 3.85
C GLU B 47 7.54 2.49 2.78
N GLY B 48 6.45 2.87 2.13
CA GLY B 48 5.82 2.04 1.10
C GLY B 48 6.46 2.23 -0.26
N VAL B 49 7.78 2.22 -0.27
CA VAL B 49 8.56 2.46 -1.48
C VAL B 49 9.72 1.46 -1.54
N GLY B 50 10.06 1.01 -2.73
CA GLY B 50 11.19 0.09 -2.91
C GLY B 50 11.04 -0.71 -4.19
N GLU B 51 9.90 -1.36 -4.34
CA GLU B 51 9.58 -2.09 -5.57
C GLU B 51 8.59 -1.26 -6.38
N LEU B 52 8.48 -1.54 -7.67
CA LEU B 52 7.54 -0.81 -8.53
C LEU B 52 6.78 -1.79 -9.42
N SER B 53 5.46 -1.75 -9.32
CA SER B 53 4.54 -2.56 -10.14
C SER B 53 4.98 -4.03 -10.31
N VAL B 54 5.26 -4.70 -9.21
CA VAL B 54 5.79 -6.07 -9.22
C VAL B 54 4.77 -7.16 -9.62
N ILE B 55 3.51 -6.77 -9.80
CA ILE B 55 2.44 -7.71 -10.15
C ILE B 55 2.20 -7.80 -11.66
N ASP B 56 1.42 -8.80 -12.08
CA ASP B 56 1.00 -8.92 -13.48
C ASP B 56 0.13 -7.73 -13.81
N PRO B 57 0.60 -6.83 -14.70
CA PRO B 57 -0.23 -5.64 -14.89
C PRO B 57 -1.47 -5.88 -15.73
N GLU B 58 -1.49 -6.98 -16.46
CA GLU B 58 -2.60 -7.27 -17.38
C GLU B 58 -3.92 -7.47 -16.63
N VAL B 59 -3.89 -8.33 -15.64
CA VAL B 59 -5.07 -8.61 -14.83
C VAL B 59 -5.36 -7.39 -13.97
N ALA B 60 -4.30 -6.74 -13.51
CA ALA B 60 -4.46 -5.63 -12.61
C ALA B 60 -5.15 -4.42 -13.29
N GLN B 61 -4.83 -4.18 -14.55
CA GLN B 61 -5.46 -3.11 -15.32
C GLN B 61 -6.94 -3.38 -15.54
N LYS B 62 -7.29 -4.63 -15.83
CA LYS B 62 -8.70 -4.96 -16.05
C LYS B 62 -9.45 -4.70 -14.75
N ALA B 63 -8.85 -5.11 -13.64
CA ALA B 63 -9.47 -5.02 -12.34
C ALA B 63 -9.77 -3.57 -11.94
N CYS B 64 -8.86 -2.64 -12.16
CA CYS B 64 -9.10 -1.27 -11.76
C CYS B 64 -10.12 -0.60 -12.68
N GLN B 65 -10.12 -0.98 -13.95
CA GLN B 65 -11.05 -0.39 -14.92
C GLN B 65 -12.49 -0.73 -14.50
N GLU B 66 -12.72 -1.93 -14.00
CA GLU B 66 -14.05 -2.29 -13.52
C GLU B 66 -14.45 -1.46 -12.30
N VAL B 67 -13.51 -1.25 -11.38
CA VAL B 67 -13.80 -0.48 -10.16
C VAL B 67 -14.18 0.95 -10.51
N LEU B 68 -13.47 1.53 -11.47
CA LEU B 68 -13.73 2.89 -11.90
C LEU B 68 -15.12 3.02 -12.52
N GLU B 69 -15.53 2.07 -13.34
CA GLU B 69 -16.86 2.16 -13.94
C GLU B 69 -17.96 1.93 -12.92
N LYS B 70 -17.76 0.98 -12.01
CA LYS B 70 -18.75 0.71 -10.98
C LYS B 70 -18.96 1.91 -10.05
N VAL B 71 -17.89 2.58 -9.67
CA VAL B 71 -18.02 3.75 -8.80
C VAL B 71 -18.63 4.94 -9.55
N LYS B 72 -18.35 5.07 -10.84
CA LYS B 72 -18.96 6.15 -11.64
C LYS B 72 -20.46 5.97 -11.69
N LEU B 73 -20.91 4.73 -11.78
CA LEU B 73 -22.33 4.47 -11.92
C LEU B 73 -23.12 4.57 -10.63
N LEU B 74 -22.55 4.16 -9.51
CA LEU B 74 -23.26 4.26 -8.24
C LEU B 74 -23.49 5.73 -7.84
N HIS B 75 -22.74 6.61 -8.48
CA HIS B 75 -22.89 8.05 -8.29
C HIS B 75 -24.10 8.63 -9.03
N GLY B 76 -24.69 7.86 -9.92
CA GLY B 76 -25.83 8.36 -10.70
C GLY B 76 -25.38 9.32 -11.79
N GLY B 77 -26.36 9.85 -12.51
CA GLY B 77 -26.08 10.72 -13.65
C GLY B 77 -26.61 12.14 -13.49
N VAL B 78 -26.61 12.65 -12.28
CA VAL B 78 -27.17 13.98 -11.99
C VAL B 78 -26.05 15.02 -11.82
N ALA B 79 -24.82 14.56 -11.99
CA ALA B 79 -23.62 15.42 -11.89
C ALA B 79 -23.57 16.22 -10.58
N VAL B 80 -23.83 15.51 -9.47
CA VAL B 80 -23.87 16.03 -8.08
C VAL B 80 -25.12 16.88 -7.82
N MET A 1 2.70 -12.00 8.00
CA MET A 1 3.47 -12.32 6.72
C MET A 1 3.80 -11.13 5.80
N GLN A 2 2.94 -10.08 5.85
CA GLN A 2 3.06 -8.81 5.09
C GLN A 2 3.03 -8.95 3.55
N GLN A 3 2.93 -10.17 3.03
CA GLN A 3 2.94 -10.40 1.57
C GLN A 3 1.88 -9.59 0.81
N LYS A 4 0.72 -9.42 1.41
CA LYS A 4 -0.35 -8.63 0.78
C LYS A 4 0.07 -7.17 0.54
N GLN A 5 0.91 -6.63 1.42
CA GLN A 5 1.30 -5.23 1.33
C GLN A 5 2.09 -4.90 0.07
N GLN A 6 3.01 -5.76 -0.35
CA GLN A 6 3.76 -5.49 -1.57
C GLN A 6 2.84 -5.56 -2.80
N ILE A 7 1.79 -6.39 -2.72
CA ILE A 7 0.85 -6.48 -3.83
C ILE A 7 0.16 -5.15 -3.92
N MET A 8 -0.39 -4.68 -2.80
CA MET A 8 -1.13 -3.43 -2.81
C MET A 8 -0.25 -2.27 -3.22
N ALA A 9 1.02 -2.29 -2.81
CA ALA A 9 1.96 -1.25 -3.23
C ALA A 9 2.16 -1.26 -4.75
N ALA A 10 2.23 -2.45 -5.33
CA ALA A 10 2.42 -2.56 -6.76
C ALA A 10 1.17 -2.09 -7.51
N LEU A 11 0.00 -2.43 -6.97
CA LEU A 11 -1.26 -2.00 -7.56
C LEU A 11 -1.42 -0.50 -7.45
N ASN A 12 -0.99 0.05 -6.32
CA ASN A 12 -1.07 1.49 -6.06
C ASN A 12 -0.21 2.20 -7.08
N SER A 13 0.94 1.63 -7.41
CA SER A 13 1.87 2.28 -8.34
C SER A 13 1.28 2.42 -9.75
N GLN A 14 0.75 1.34 -10.30
CA GLN A 14 0.25 1.35 -11.68
C GLN A 14 -1.10 2.07 -11.83
N THR A 15 -1.72 2.43 -10.72
CA THR A 15 -3.03 3.11 -10.78
C THR A 15 -3.00 4.44 -10.06
N ALA A 16 -1.81 4.90 -9.69
CA ALA A 16 -1.66 6.15 -8.96
C ALA A 16 -2.32 7.30 -9.72
N VAL A 17 -1.93 7.48 -10.96
CA VAL A 17 -2.47 8.57 -11.78
C VAL A 17 -3.93 8.30 -12.13
N GLN A 18 -4.30 7.03 -12.28
CA GLN A 18 -5.67 6.69 -12.66
C GLN A 18 -6.66 7.06 -11.56
N PHE A 19 -6.34 6.70 -10.33
CA PHE A 19 -7.22 7.00 -9.21
C PHE A 19 -7.20 8.49 -8.93
N GLN A 20 -6.06 9.13 -9.14
CA GLN A 20 -5.94 10.57 -8.95
C GLN A 20 -6.76 11.35 -9.98
N GLN A 21 -6.71 10.94 -11.24
CA GLN A 21 -7.48 11.61 -12.30
C GLN A 21 -8.97 11.50 -12.05
N TYR A 22 -9.42 10.35 -11.58
CA TYR A 22 -10.83 10.17 -11.28
C TYR A 22 -11.24 10.95 -10.03
N ALA A 23 -10.39 10.95 -9.02
CA ALA A 23 -10.68 11.70 -7.81
C ALA A 23 -10.74 13.20 -8.12
N ALA A 24 -9.90 13.64 -9.03
CA ALA A 24 -9.86 15.04 -9.43
C ALA A 24 -11.12 15.47 -10.20
N GLN A 25 -11.67 14.62 -11.05
CA GLN A 25 -12.85 15.02 -11.82
C GLN A 25 -14.11 14.95 -10.96
N GLN A 26 -14.08 14.12 -9.92
CA GLN A 26 -15.22 14.06 -8.99
C GLN A 26 -15.17 15.10 -7.89
N TYR A 27 -13.98 15.33 -7.35
CA TYR A 27 -13.78 16.30 -6.26
C TYR A 27 -12.58 17.20 -6.54
N PRO A 28 -12.70 18.09 -7.53
CA PRO A 28 -11.50 18.89 -7.82
C PRO A 28 -11.14 19.81 -6.67
N GLY A 29 -9.84 20.02 -6.46
CA GLY A 29 -9.36 20.89 -5.39
C GLY A 29 -9.41 20.31 -3.99
N ASN A 30 -10.32 19.39 -3.72
CA ASN A 30 -10.52 18.90 -2.36
C ASN A 30 -9.62 17.70 -2.08
N TYR A 31 -8.41 17.98 -1.63
CA TYR A 31 -7.42 16.93 -1.34
C TYR A 31 -7.97 15.83 -0.41
N GLU A 32 -8.62 16.20 0.67
CA GLU A 32 -9.13 15.22 1.63
C GLU A 32 -10.13 14.28 0.96
N GLN A 33 -11.10 14.85 0.26
CA GLN A 33 -12.11 14.06 -0.43
C GLN A 33 -11.48 13.19 -1.52
N GLN A 34 -10.45 13.70 -2.17
CA GLN A 34 -9.74 12.94 -3.17
C GLN A 34 -9.09 11.72 -2.53
N GLN A 35 -8.45 11.87 -1.38
CA GLN A 35 -7.84 10.72 -0.69
C GLN A 35 -8.88 9.71 -0.25
N ILE A 36 -10.01 10.19 0.22
CA ILE A 36 -11.09 9.30 0.67
C ILE A 36 -11.62 8.48 -0.52
N LEU A 37 -11.76 9.09 -1.68
CA LEU A 37 -12.14 8.32 -2.85
C LEU A 37 -11.01 7.36 -3.26
N ILE A 38 -9.77 7.82 -3.27
CA ILE A 38 -8.64 6.98 -3.67
C ILE A 38 -8.49 5.77 -2.75
N ARG A 39 -8.65 5.94 -1.44
CA ARG A 39 -8.45 4.84 -0.51
C ARG A 39 -9.44 3.69 -0.73
N GLN A 40 -10.65 4.05 -1.11
CA GLN A 40 -11.67 3.04 -1.45
C GLN A 40 -11.25 2.28 -2.72
N LEU A 41 -10.76 3.03 -3.68
CA LEU A 41 -10.35 2.46 -4.97
C LEU A 41 -9.17 1.52 -4.78
N GLN A 42 -8.24 1.86 -3.91
CA GLN A 42 -7.07 1.02 -3.68
C GLN A 42 -7.46 -0.35 -3.10
N GLU A 43 -8.38 -0.37 -2.14
CA GLU A 43 -8.81 -1.63 -1.54
C GLU A 43 -9.58 -2.47 -2.55
N GLN A 44 -10.59 -1.89 -3.17
CA GLN A 44 -11.42 -2.58 -4.14
C GLN A 44 -10.60 -3.10 -5.32
N HIS A 45 -9.60 -2.32 -5.75
CA HIS A 45 -8.71 -2.78 -6.82
C HIS A 45 -8.01 -4.05 -6.41
N TYR A 46 -7.53 -4.13 -5.18
CA TYR A 46 -6.84 -5.35 -4.72
C TYR A 46 -7.79 -6.54 -4.68
N GLN A 47 -8.99 -6.32 -4.17
CA GLN A 47 -9.97 -7.41 -4.07
C GLN A 47 -10.31 -7.96 -5.44
N GLN A 48 -10.66 -7.09 -6.37
CA GLN A 48 -10.99 -7.50 -7.73
C GLN A 48 -9.76 -8.10 -8.42
N TYR A 49 -8.58 -7.56 -8.18
CA TYR A 49 -7.37 -8.09 -8.81
C TYR A 49 -7.10 -9.51 -8.35
N MET A 50 -7.13 -9.76 -7.05
CA MET A 50 -6.84 -11.08 -6.53
C MET A 50 -7.90 -12.06 -6.99
N GLN A 51 -9.15 -11.62 -7.01
CA GLN A 51 -10.25 -12.46 -7.46
C GLN A 51 -10.11 -12.81 -8.94
N GLN A 52 -9.79 -11.82 -9.77
CA GLN A 52 -9.68 -12.03 -11.19
C GLN A 52 -8.45 -12.85 -11.53
N LEU A 53 -7.33 -12.56 -10.87
CA LEU A 53 -6.09 -13.29 -11.08
C LEU A 53 -6.28 -14.74 -10.74
N TYR A 54 -7.06 -15.02 -9.69
CA TYR A 54 -7.30 -16.38 -9.30
C TYR A 54 -7.96 -17.15 -10.43
N GLN A 55 -8.89 -16.52 -11.14
CA GLN A 55 -9.54 -17.18 -12.27
C GLN A 55 -8.59 -17.35 -13.45
N VAL A 56 -7.64 -16.45 -13.63
CA VAL A 56 -6.71 -16.54 -14.75
C VAL A 56 -5.72 -17.69 -14.56
N GLN A 57 -5.11 -17.77 -13.38
CA GLN A 57 -4.17 -18.86 -13.11
C GLN A 57 -4.92 -20.19 -13.06
N LEU A 58 -6.18 -20.13 -12.63
CA LEU A 58 -7.03 -21.32 -12.61
C LEU A 58 -7.32 -21.77 -14.02
N ALA A 59 -7.56 -20.84 -14.95
CA ALA A 59 -7.84 -21.21 -16.32
C ALA A 59 -6.68 -22.00 -16.93
N GLN A 60 -5.46 -21.65 -16.55
CA GLN A 60 -4.28 -22.34 -17.03
C GLN A 60 -4.13 -23.70 -16.35
N GLN A 61 -4.53 -23.77 -15.09
CA GLN A 61 -4.52 -25.04 -14.35
C GLN A 61 -5.59 -25.98 -14.91
N GLN A 62 -6.73 -25.44 -15.28
CA GLN A 62 -7.79 -26.24 -15.91
C GLN A 62 -7.30 -26.78 -17.25
N ALA A 63 -6.48 -26.01 -17.94
CA ALA A 63 -5.94 -26.44 -19.23
C ALA A 63 -4.92 -27.57 -19.05
N ALA A 64 -4.25 -27.60 -17.91
CA ALA A 64 -3.29 -28.65 -17.61
C ALA A 64 -4.02 -29.96 -17.25
N LEU A 65 -5.27 -29.84 -16.83
CA LEU A 65 -6.06 -30.99 -16.40
C LEU A 65 -6.98 -31.51 -17.50
N GLN A 66 -7.79 -30.60 -18.07
CA GLN A 66 -8.84 -30.93 -19.07
C GLN A 66 -9.71 -32.12 -18.66
N LYS A 67 -9.97 -32.23 -17.37
CA LYS A 67 -10.74 -33.35 -16.83
C LYS A 67 -11.91 -32.88 -15.98
N GLN A 68 -12.21 -31.60 -16.09
CA GLN A 68 -13.27 -31.00 -15.26
C GLN A 68 -14.12 -30.02 -16.09
N GLN A 69 -15.15 -30.59 -16.73
CA GLN A 69 -16.13 -29.87 -17.56
C GLN A 69 -15.47 -29.01 -18.66
N GLY B 1 -5.83 27.73 -12.23
CA GLY B 1 -4.87 28.68 -12.88
C GLY B 1 -5.41 29.42 -14.09
N ALA B 2 -6.75 29.59 -14.12
CA ALA B 2 -7.43 30.25 -15.23
C ALA B 2 -6.96 31.70 -15.40
N MET B 3 -6.83 32.40 -14.27
CA MET B 3 -6.33 33.79 -14.21
C MET B 3 -7.03 34.80 -15.16
N VAL B 4 -8.33 34.60 -15.41
CA VAL B 4 -9.12 35.51 -16.23
C VAL B 4 -10.50 35.73 -15.58
N GLU B 5 -11.05 36.91 -15.81
CA GLU B 5 -12.36 37.30 -15.26
C GLU B 5 -13.29 37.62 -16.43
N ALA B 6 -13.22 36.79 -17.46
CA ALA B 6 -13.94 37.03 -18.71
C ALA B 6 -15.05 36.00 -19.01
N ARG B 7 -15.66 35.45 -17.96
CA ARG B 7 -16.76 34.47 -18.14
C ARG B 7 -17.85 34.67 -17.10
N SER B 8 -19.10 34.47 -17.52
CA SER B 8 -20.26 34.60 -16.65
C SER B 8 -21.26 33.52 -17.02
N LEU B 9 -20.76 32.31 -17.21
CA LEU B 9 -21.56 31.20 -17.77
C LEU B 9 -21.84 30.12 -16.73
N ALA B 10 -21.60 30.42 -15.47
CA ALA B 10 -21.82 29.45 -14.41
C ALA B 10 -22.15 30.14 -13.10
N VAL B 11 -23.12 29.57 -12.39
CA VAL B 11 -23.51 30.02 -11.05
C VAL B 11 -23.55 28.77 -10.17
N ALA B 12 -22.58 28.66 -9.27
CA ALA B 12 -22.47 27.51 -8.38
C ALA B 12 -23.21 27.81 -7.05
N MET B 13 -23.75 29.01 -6.97
CA MET B 13 -24.45 29.47 -5.80
C MET B 13 -25.70 30.18 -6.27
N GLY B 14 -26.67 30.33 -5.39
CA GLY B 14 -27.89 31.08 -5.73
C GLY B 14 -27.69 32.57 -5.59
N ASP B 15 -26.66 33.09 -6.26
CA ASP B 15 -26.29 34.50 -6.20
C ASP B 15 -27.22 35.34 -7.08
N THR B 16 -28.49 35.37 -6.70
CA THR B 16 -29.57 35.99 -7.47
C THR B 16 -29.84 37.41 -7.00
N VAL B 17 -29.16 37.83 -5.94
CA VAL B 17 -29.32 39.18 -5.43
C VAL B 17 -28.56 40.14 -6.34
N VAL B 18 -29.26 41.16 -6.82
CA VAL B 18 -28.68 42.12 -7.74
C VAL B 18 -29.36 43.44 -7.38
N GLU B 19 -28.61 44.52 -7.60
CA GLU B 19 -28.98 45.95 -7.38
C GLU B 19 -28.56 46.67 -6.06
N PRO B 20 -28.41 45.96 -4.89
CA PRO B 20 -27.99 46.75 -3.72
C PRO B 20 -26.46 47.01 -3.66
N ALA B 21 -25.96 47.72 -4.67
CA ALA B 21 -24.53 48.01 -4.85
C ALA B 21 -23.72 46.72 -5.14
N PRO B 22 -22.45 46.84 -5.55
CA PRO B 22 -21.77 45.54 -5.73
C PRO B 22 -21.58 44.83 -4.39
N LEU B 23 -21.62 43.51 -4.42
CA LEU B 23 -21.55 42.70 -3.22
C LEU B 23 -20.60 41.52 -3.42
N LYS B 24 -20.27 40.87 -2.28
CA LYS B 24 -19.40 39.67 -2.16
C LYS B 24 -17.87 39.81 -1.92
N PRO B 25 -17.17 40.87 -2.42
CA PRO B 25 -15.77 40.85 -2.01
C PRO B 25 -15.58 41.29 -0.54
N THR B 26 -15.34 40.33 0.34
CA THR B 26 -15.29 40.60 1.79
C THR B 26 -14.07 39.94 2.43
N SER B 27 -13.05 39.70 1.63
CA SER B 27 -11.84 39.05 2.13
C SER B 27 -10.84 40.07 2.69
N GLU B 28 -10.91 40.32 4.00
CA GLU B 28 -10.02 41.28 4.66
C GLU B 28 -8.59 40.74 4.73
N PRO B 29 -7.58 41.64 4.80
CA PRO B 29 -6.21 41.09 4.84
C PRO B 29 -5.81 40.50 6.20
N THR B 30 -5.07 39.39 6.16
CA THR B 30 -4.53 38.75 7.37
C THR B 30 -3.31 39.49 7.92
N SER B 31 -2.87 40.52 7.21
CA SER B 31 -1.75 41.37 7.63
C SER B 31 -0.49 40.60 8.02
N GLY B 32 -0.11 39.62 7.18
CA GLY B 32 1.07 38.86 7.45
C GLY B 32 2.34 39.69 7.27
N PRO B 33 3.47 39.27 7.83
CA PRO B 33 4.69 40.08 7.70
C PRO B 33 5.31 39.99 6.30
N PRO B 34 6.11 41.00 5.91
CA PRO B 34 6.77 40.87 4.61
C PRO B 34 7.83 39.78 4.62
N GLY B 35 8.01 39.13 3.48
CA GLY B 35 9.01 38.08 3.35
C GLY B 35 10.08 38.50 2.37
N ASN B 36 11.26 37.90 2.51
CA ASN B 36 12.40 38.14 1.62
C ASN B 36 13.30 36.94 1.88
N ASN B 37 14.17 36.60 0.94
CA ASN B 37 15.02 35.42 1.08
C ASN B 37 16.33 35.60 0.32
N GLY B 38 17.30 34.76 0.61
CA GLY B 38 18.57 34.80 -0.08
C GLY B 38 19.30 33.51 0.20
N GLY B 39 20.36 33.27 -0.55
CA GLY B 39 21.11 32.02 -0.42
C GLY B 39 20.39 30.92 -1.17
N SER B 40 20.98 29.74 -1.24
CA SER B 40 20.36 28.61 -1.93
C SER B 40 20.89 27.32 -1.31
N LEU B 41 19.97 26.50 -0.82
CA LEU B 41 20.32 25.20 -0.25
C LEU B 41 19.20 24.26 -0.66
N LEU B 42 19.30 23.74 -1.88
CA LEU B 42 18.28 22.87 -2.45
C LEU B 42 18.93 21.98 -3.50
N SER B 43 18.29 20.88 -3.80
CA SER B 43 18.79 19.91 -4.77
C SER B 43 17.59 19.09 -5.18
N VAL B 44 17.69 18.39 -6.30
CA VAL B 44 16.66 17.46 -6.75
C VAL B 44 17.38 16.13 -6.90
N ILE B 45 16.92 15.11 -6.18
CA ILE B 45 17.61 13.82 -6.12
C ILE B 45 17.34 13.01 -7.39
N THR B 46 18.42 12.49 -7.98
CA THR B 46 18.32 11.67 -9.18
C THR B 46 18.42 10.19 -8.86
N GLU B 47 17.32 9.68 -8.34
CA GLU B 47 17.22 8.26 -7.94
C GLU B 47 16.02 7.59 -8.61
N GLY B 48 15.76 8.01 -9.84
CA GLY B 48 14.60 7.53 -10.59
C GLY B 48 14.87 6.27 -11.36
N VAL B 49 15.61 5.33 -10.77
CA VAL B 49 15.97 4.08 -11.46
C VAL B 49 15.72 2.88 -10.54
N GLY B 50 15.15 1.83 -11.11
CA GLY B 50 14.87 0.61 -10.33
C GLY B 50 13.40 0.26 -10.28
N GLU B 51 12.86 -0.25 -11.38
CA GLU B 51 11.46 -0.64 -11.44
C GLU B 51 11.24 -2.00 -10.78
N LEU B 52 10.01 -2.25 -10.34
CA LEU B 52 9.68 -3.52 -9.70
C LEU B 52 8.25 -3.95 -10.06
N SER B 53 8.08 -5.20 -10.47
CA SER B 53 6.75 -5.73 -10.85
C SER B 53 6.49 -7.09 -10.19
N VAL B 54 5.87 -7.08 -9.03
CA VAL B 54 5.56 -8.30 -8.27
C VAL B 54 4.08 -8.68 -8.48
N ILE B 55 3.52 -8.20 -9.58
CA ILE B 55 2.11 -8.44 -9.93
C ILE B 55 2.04 -8.67 -11.43
N ASP B 56 0.90 -9.17 -11.90
CA ASP B 56 0.60 -9.17 -13.33
C ASP B 56 0.01 -7.81 -13.62
N PRO B 57 0.74 -6.94 -14.35
CA PRO B 57 0.14 -5.61 -14.51
C PRO B 57 -1.08 -5.62 -15.43
N GLU B 58 -1.18 -6.63 -16.29
CA GLU B 58 -2.28 -6.75 -17.25
C GLU B 58 -3.59 -7.03 -16.56
N VAL B 59 -3.58 -8.03 -15.67
CA VAL B 59 -4.79 -8.41 -14.94
C VAL B 59 -5.15 -7.29 -14.00
N ALA B 60 -4.12 -6.64 -13.45
CA ALA B 60 -4.36 -5.54 -12.54
C ALA B 60 -5.03 -4.37 -13.27
N GLN B 61 -4.68 -4.14 -14.52
CA GLN B 61 -5.30 -3.07 -15.31
C GLN B 61 -6.78 -3.38 -15.51
N LYS B 62 -7.10 -4.61 -15.88
CA LYS B 62 -8.51 -4.98 -16.13
C LYS B 62 -9.31 -4.82 -14.85
N ALA B 63 -8.71 -5.22 -13.75
CA ALA B 63 -9.37 -5.14 -12.46
C ALA B 63 -9.67 -3.68 -12.06
N CYS B 64 -8.76 -2.76 -12.35
CA CYS B 64 -8.98 -1.37 -11.96
C CYS B 64 -10.07 -0.76 -12.85
N GLN B 65 -10.13 -1.14 -14.12
CA GLN B 65 -11.17 -0.62 -15.02
C GLN B 65 -12.57 -0.91 -14.49
N GLU B 66 -12.79 -2.12 -13.99
CA GLU B 66 -14.09 -2.48 -13.42
C GLU B 66 -14.44 -1.63 -12.21
N VAL B 67 -13.46 -1.43 -11.35
CA VAL B 67 -13.69 -0.70 -10.09
C VAL B 67 -14.06 0.76 -10.41
N LEU B 68 -13.41 1.33 -11.40
CA LEU B 68 -13.71 2.70 -11.79
C LEU B 68 -15.13 2.81 -12.33
N GLU B 69 -15.60 1.85 -13.10
CA GLU B 69 -16.96 1.91 -13.60
C GLU B 69 -17.99 1.68 -12.49
N LYS B 70 -17.69 0.76 -11.59
CA LYS B 70 -18.60 0.46 -10.47
C LYS B 70 -18.76 1.65 -9.53
N VAL B 71 -17.66 2.35 -9.22
CA VAL B 71 -17.73 3.50 -8.30
C VAL B 71 -18.47 4.67 -8.94
N LYS B 72 -18.50 4.74 -10.27
CA LYS B 72 -19.24 5.81 -10.95
C LYS B 72 -20.73 5.68 -10.67
N LEU B 73 -21.25 4.46 -10.61
CA LEU B 73 -22.67 4.25 -10.39
C LEU B 73 -23.11 4.52 -8.96
N LEU B 74 -22.17 4.45 -8.02
CA LEU B 74 -22.49 4.76 -6.62
C LEU B 74 -22.84 6.23 -6.45
N HIS B 75 -22.59 7.02 -7.47
CA HIS B 75 -22.83 8.44 -7.44
C HIS B 75 -24.23 8.79 -7.96
N GLY B 76 -24.94 7.79 -8.44
CA GLY B 76 -26.29 7.98 -8.94
C GLY B 76 -26.52 7.32 -10.29
N GLY B 77 -27.78 7.11 -10.61
CA GLY B 77 -28.16 6.47 -11.87
C GLY B 77 -29.28 7.20 -12.57
N VAL B 78 -29.41 8.49 -12.32
CA VAL B 78 -30.51 9.30 -12.88
C VAL B 78 -30.12 9.93 -14.21
N ALA B 79 -28.87 9.78 -14.57
CA ALA B 79 -28.34 10.37 -15.81
C ALA B 79 -27.80 9.26 -16.70
N VAL B 80 -28.69 8.35 -17.10
CA VAL B 80 -28.38 7.19 -17.95
C VAL B 80 -29.25 7.17 -19.19
N MET A 1 3.37 -12.70 6.16
CA MET A 1 4.26 -11.56 6.50
C MET A 1 4.32 -10.46 5.42
N GLN A 2 3.38 -9.50 5.54
CA GLN A 2 3.18 -8.36 4.64
C GLN A 2 2.91 -8.76 3.19
N GLN A 3 2.54 -10.02 2.98
CA GLN A 3 2.27 -10.52 1.62
C GLN A 3 1.25 -9.64 0.88
N LYS A 4 0.16 -9.29 1.51
CA LYS A 4 -0.85 -8.43 0.86
C LYS A 4 -0.32 -7.02 0.60
N GLN A 5 0.49 -6.49 1.52
CA GLN A 5 0.98 -5.12 1.40
C GLN A 5 1.85 -4.92 0.16
N GLN A 6 2.73 -5.85 -0.18
CA GLN A 6 3.56 -5.67 -1.38
C GLN A 6 2.70 -5.63 -2.65
N ILE A 7 1.61 -6.40 -2.65
CA ILE A 7 0.68 -6.38 -3.77
C ILE A 7 0.03 -5.01 -3.83
N MET A 8 -0.52 -4.53 -2.72
CA MET A 8 -1.20 -3.26 -2.71
C MET A 8 -0.27 -2.13 -3.14
N ALA A 9 0.98 -2.16 -2.72
CA ALA A 9 1.92 -1.13 -3.12
C ALA A 9 2.10 -1.15 -4.65
N ALA A 10 2.18 -2.33 -5.24
CA ALA A 10 2.38 -2.45 -6.66
C ALA A 10 1.16 -1.97 -7.43
N LEU A 11 -0.01 -2.36 -6.94
CA LEU A 11 -1.27 -1.99 -7.53
C LEU A 11 -1.51 -0.51 -7.47
N ASN A 12 -1.14 0.08 -6.35
CA ASN A 12 -1.32 1.52 -6.15
C ASN A 12 -0.43 2.30 -7.09
N SER A 13 0.73 1.75 -7.42
CA SER A 13 1.67 2.45 -8.29
C SER A 13 1.17 2.53 -9.72
N GLN A 14 0.76 1.40 -10.29
CA GLN A 14 0.32 1.39 -11.68
C GLN A 14 -1.04 2.07 -11.90
N THR A 15 -1.72 2.42 -10.82
CA THR A 15 -3.01 3.09 -10.90
C THR A 15 -3.01 4.43 -10.21
N ALA A 16 -1.83 4.91 -9.84
CA ALA A 16 -1.72 6.16 -9.11
C ALA A 16 -2.40 7.29 -9.87
N VAL A 17 -2.05 7.47 -11.13
CA VAL A 17 -2.61 8.56 -11.92
C VAL A 17 -4.07 8.27 -12.26
N GLN A 18 -4.40 7.02 -12.50
CA GLN A 18 -5.78 6.64 -12.87
C GLN A 18 -6.77 6.96 -11.75
N PHE A 19 -6.40 6.65 -10.52
CA PHE A 19 -7.29 6.94 -9.40
C PHE A 19 -7.26 8.41 -9.08
N GLN A 20 -6.10 9.06 -9.22
CA GLN A 20 -6.00 10.50 -9.00
C GLN A 20 -6.86 11.30 -10.02
N GLN A 21 -6.89 10.90 -11.29
CA GLN A 21 -7.68 11.60 -12.29
C GLN A 21 -9.16 11.46 -12.02
N TYR A 22 -9.59 10.29 -11.58
CA TYR A 22 -11.00 10.11 -11.23
C TYR A 22 -11.38 10.87 -9.97
N ALA A 23 -10.53 10.82 -8.95
CA ALA A 23 -10.80 11.54 -7.72
C ALA A 23 -10.88 13.06 -7.98
N ALA A 24 -10.08 13.55 -8.92
CA ALA A 24 -10.09 14.96 -9.31
C ALA A 24 -11.38 15.33 -10.04
N GLN A 25 -12.00 14.37 -10.70
CA GLN A 25 -13.28 14.63 -11.35
C GLN A 25 -14.36 14.79 -10.32
N GLN A 26 -14.30 13.94 -9.30
CA GLN A 26 -15.36 13.92 -8.32
C GLN A 26 -15.21 15.00 -7.26
N TYR A 27 -13.96 15.26 -6.86
CA TYR A 27 -13.65 16.23 -5.83
C TYR A 27 -12.52 17.14 -6.30
N PRO A 28 -12.78 17.99 -7.31
CA PRO A 28 -11.64 18.81 -7.76
C PRO A 28 -11.14 19.72 -6.66
N GLY A 29 -9.82 19.86 -6.59
CA GLY A 29 -9.18 20.72 -5.61
C GLY A 29 -9.08 20.18 -4.19
N ASN A 30 -9.98 19.29 -3.80
CA ASN A 30 -10.01 18.87 -2.40
C ASN A 30 -9.13 17.64 -2.20
N TYR A 31 -7.86 17.91 -1.97
CA TYR A 31 -6.86 16.86 -1.79
C TYR A 31 -7.26 15.78 -0.77
N GLU A 32 -7.78 16.15 0.39
CA GLU A 32 -8.16 15.15 1.38
C GLU A 32 -9.31 14.26 0.88
N GLN A 33 -10.34 14.85 0.29
CA GLN A 33 -11.44 14.08 -0.24
C GLN A 33 -10.95 13.15 -1.35
N GLN A 34 -9.99 13.62 -2.12
CA GLN A 34 -9.40 12.82 -3.18
C GLN A 34 -8.70 11.60 -2.57
N GLN A 35 -7.92 11.81 -1.50
CA GLN A 35 -7.19 10.71 -0.86
C GLN A 35 -8.13 9.65 -0.29
N ILE A 36 -9.23 10.09 0.29
CA ILE A 36 -10.23 9.19 0.86
C ILE A 36 -10.86 8.36 -0.25
N LEU A 37 -11.20 8.96 -1.38
CA LEU A 37 -11.74 8.23 -2.50
C LEU A 37 -10.70 7.23 -3.03
N ILE A 38 -9.47 7.68 -3.16
CA ILE A 38 -8.39 6.81 -3.65
C ILE A 38 -8.27 5.60 -2.73
N ARG A 39 -8.37 5.78 -1.42
CA ARG A 39 -8.28 4.64 -0.50
C ARG A 39 -9.34 3.57 -0.79
N GLN A 40 -10.58 4.00 -1.02
CA GLN A 40 -11.67 3.07 -1.34
C GLN A 40 -11.35 2.35 -2.65
N LEU A 41 -10.88 3.10 -3.63
CA LEU A 41 -10.52 2.52 -4.92
C LEU A 41 -9.38 1.52 -4.81
N GLN A 42 -8.38 1.78 -3.97
CA GLN A 42 -7.26 0.87 -3.81
C GLN A 42 -7.71 -0.45 -3.18
N GLU A 43 -8.63 -0.38 -2.23
CA GLU A 43 -9.16 -1.58 -1.60
C GLU A 43 -9.96 -2.41 -2.63
N GLN A 44 -10.87 -1.75 -3.33
CA GLN A 44 -11.65 -2.41 -4.36
C GLN A 44 -10.74 -2.98 -5.46
N HIS A 45 -9.69 -2.26 -5.80
CA HIS A 45 -8.73 -2.71 -6.81
C HIS A 45 -8.09 -4.02 -6.40
N TYR A 46 -7.61 -4.10 -5.17
CA TYR A 46 -7.03 -5.35 -4.67
C TYR A 46 -8.05 -6.48 -4.71
N GLN A 47 -9.28 -6.23 -4.26
CA GLN A 47 -10.31 -7.25 -4.24
C GLN A 47 -10.58 -7.82 -5.63
N GLN A 48 -10.78 -6.98 -6.62
CA GLN A 48 -11.03 -7.46 -7.97
C GLN A 48 -9.79 -8.12 -8.58
N TYR A 49 -8.61 -7.54 -8.39
CA TYR A 49 -7.39 -8.10 -8.94
C TYR A 49 -7.12 -9.46 -8.38
N MET A 50 -7.24 -9.64 -7.09
CA MET A 50 -6.91 -10.95 -6.51
C MET A 50 -7.93 -12.01 -6.89
N GLN A 51 -9.21 -11.65 -6.95
CA GLN A 51 -10.23 -12.62 -7.38
C GLN A 51 -9.98 -13.05 -8.81
N GLN A 52 -9.57 -12.13 -9.67
CA GLN A 52 -9.30 -12.46 -11.06
C GLN A 52 -7.97 -13.20 -11.23
N LEU A 53 -6.91 -12.75 -10.59
CA LEU A 53 -5.59 -13.37 -10.67
C LEU A 53 -5.65 -14.81 -10.17
N TYR A 54 -6.41 -15.06 -9.12
CA TYR A 54 -6.52 -16.40 -8.57
C TYR A 54 -7.01 -17.33 -9.67
N GLN A 55 -7.98 -16.91 -10.45
CA GLN A 55 -8.50 -17.77 -11.53
C GLN A 55 -7.48 -17.98 -12.66
N VAL A 56 -6.66 -16.98 -12.93
CA VAL A 56 -5.68 -17.09 -14.00
C VAL A 56 -4.58 -18.08 -13.62
N GLN A 57 -4.06 -17.95 -12.40
CA GLN A 57 -3.02 -18.88 -11.94
C GLN A 57 -3.63 -20.27 -11.71
N LEU A 58 -4.90 -20.30 -11.34
CA LEU A 58 -5.61 -21.56 -11.14
C LEU A 58 -5.73 -22.29 -12.44
N ALA A 59 -5.99 -21.57 -13.52
CA ALA A 59 -6.10 -22.20 -14.84
C ALA A 59 -4.79 -22.95 -15.17
N GLN A 60 -3.65 -22.35 -14.81
CA GLN A 60 -2.34 -22.94 -15.07
C GLN A 60 -2.05 -24.06 -14.08
N GLN A 61 -2.47 -23.89 -12.83
CA GLN A 61 -2.32 -24.92 -11.80
C GLN A 61 -3.13 -26.17 -12.20
N GLN A 62 -4.33 -25.97 -12.74
CA GLN A 62 -5.16 -27.07 -13.18
C GLN A 62 -4.51 -27.77 -14.36
N ALA A 63 -3.89 -27.00 -15.24
CA ALA A 63 -3.18 -27.58 -16.37
C ALA A 63 -1.99 -28.42 -15.91
N ALA A 64 -1.41 -28.05 -14.77
CA ALA A 64 -0.29 -28.80 -14.20
C ALA A 64 -0.79 -30.10 -13.55
N LEU A 65 -1.96 -30.03 -12.94
CA LEU A 65 -2.55 -31.22 -12.31
C LEU A 65 -2.85 -32.24 -13.39
N GLN A 66 -3.40 -31.74 -14.48
CA GLN A 66 -3.79 -32.56 -15.63
C GLN A 66 -2.59 -32.96 -16.51
N LYS A 67 -1.38 -32.64 -16.08
CA LYS A 67 -0.17 -32.97 -16.83
C LYS A 67 0.30 -34.39 -16.49
N GLN A 68 -0.49 -35.10 -15.71
CA GLN A 68 -0.23 -36.49 -15.34
C GLN A 68 -1.47 -37.26 -15.69
N GLN A 69 -1.30 -38.25 -16.55
CA GLN A 69 -2.41 -39.08 -16.99
C GLN A 69 -2.93 -39.96 -15.85
N GLY B 1 -12.44 -52.27 17.99
CA GLY B 1 -11.76 -53.58 17.69
C GLY B 1 -10.91 -54.12 18.84
N ALA B 2 -10.40 -55.34 18.69
CA ALA B 2 -9.56 -55.93 19.73
C ALA B 2 -8.19 -55.24 19.71
N MET B 3 -7.77 -54.76 20.86
CA MET B 3 -6.48 -54.09 21.00
C MET B 3 -6.06 -54.28 22.45
N VAL B 4 -4.77 -54.14 22.73
CA VAL B 4 -4.27 -54.26 24.10
C VAL B 4 -4.22 -52.86 24.73
N GLU B 5 -4.77 -52.72 25.92
CA GLU B 5 -4.80 -51.45 26.62
C GLU B 5 -4.21 -51.62 28.01
N ALA B 6 -3.17 -50.87 28.31
CA ALA B 6 -2.50 -50.94 29.60
C ALA B 6 -2.64 -49.58 30.30
N ARG B 7 -3.72 -49.41 31.06
CA ARG B 7 -3.96 -48.16 31.79
C ARG B 7 -3.81 -48.38 33.29
N SER B 8 -3.18 -49.47 33.67
CA SER B 8 -2.95 -49.80 35.07
C SER B 8 -1.48 -50.08 35.30
N LEU B 9 -1.01 -49.86 36.51
CA LEU B 9 0.38 -50.15 36.87
C LEU B 9 0.48 -51.59 37.38
N ALA B 10 -0.47 -52.42 36.96
CA ALA B 10 -0.53 -53.82 37.36
C ALA B 10 -1.01 -54.65 36.17
N VAL B 11 -0.22 -55.65 35.81
CA VAL B 11 -0.55 -56.53 34.68
C VAL B 11 -0.41 -57.97 35.14
N ALA B 12 -1.53 -58.64 35.38
CA ALA B 12 -1.51 -60.00 35.91
C ALA B 12 -1.42 -61.02 34.78
N MET B 13 -0.30 -60.99 34.08
CA MET B 13 -0.05 -61.89 32.95
C MET B 13 1.39 -62.35 33.12
N GLY B 14 1.75 -63.47 32.54
CA GLY B 14 3.12 -63.94 32.68
C GLY B 14 3.44 -65.06 31.74
N ASP B 15 4.29 -64.76 30.77
CA ASP B 15 4.75 -65.75 29.81
C ASP B 15 6.23 -65.46 29.61
N THR B 16 7.03 -66.34 30.19
CA THR B 16 8.49 -66.21 30.15
C THR B 16 9.06 -67.40 29.38
N VAL B 17 8.20 -68.06 28.61
CA VAL B 17 8.62 -69.24 27.86
C VAL B 17 9.22 -68.80 26.55
N VAL B 18 10.56 -68.82 26.49
CA VAL B 18 11.29 -68.50 25.27
C VAL B 18 12.44 -69.51 25.22
N GLU B 19 12.31 -70.44 24.30
CA GLU B 19 13.19 -71.62 24.22
C GLU B 19 14.43 -71.60 23.27
N PRO B 20 14.50 -70.75 22.22
CA PRO B 20 15.73 -70.86 21.41
C PRO B 20 16.97 -70.14 22.02
N ALA B 21 16.90 -69.86 23.32
CA ALA B 21 17.98 -69.21 24.09
C ALA B 21 18.56 -67.93 23.47
N PRO B 22 17.70 -66.95 23.12
CA PRO B 22 18.33 -65.74 22.62
C PRO B 22 18.94 -64.92 23.76
N LEU B 23 19.97 -64.15 23.46
CA LEU B 23 20.49 -63.19 24.44
C LEU B 23 19.44 -62.12 24.62
N LYS B 24 19.23 -61.68 25.85
CA LYS B 24 18.20 -60.68 26.11
C LYS B 24 18.37 -59.31 25.40
N PRO B 25 19.60 -58.76 25.25
CA PRO B 25 19.55 -57.56 24.39
C PRO B 25 19.35 -57.93 22.92
N THR B 26 18.35 -57.34 22.29
CA THR B 26 17.96 -57.73 20.93
C THR B 26 17.69 -56.55 20.00
N SER B 27 17.99 -55.33 20.42
CA SER B 27 17.69 -54.16 19.60
C SER B 27 18.84 -53.17 19.56
N GLU B 28 20.06 -53.70 19.54
CA GLU B 28 21.26 -52.86 19.48
C GLU B 28 22.29 -53.47 18.51
N PRO B 29 22.22 -53.10 17.21
CA PRO B 29 23.18 -53.74 16.31
C PRO B 29 24.58 -53.18 16.45
N THR B 30 25.58 -54.00 16.17
CA THR B 30 26.97 -53.57 16.25
C THR B 30 27.26 -52.62 15.08
N SER B 31 27.35 -51.34 15.37
CA SER B 31 27.56 -50.30 14.37
C SER B 31 28.43 -49.20 14.97
N GLY B 32 28.99 -48.35 14.12
CA GLY B 32 29.86 -47.28 14.58
C GLY B 32 29.08 -45.98 14.73
N PRO B 33 29.74 -44.89 15.18
CA PRO B 33 29.02 -43.61 15.34
C PRO B 33 28.59 -43.02 13.99
N PRO B 34 27.60 -42.10 13.99
CA PRO B 34 27.14 -41.50 12.72
C PRO B 34 28.08 -40.41 12.15
N GLY B 35 29.38 -40.68 12.22
CA GLY B 35 30.37 -39.75 11.72
C GLY B 35 30.72 -38.71 12.76
N ASN B 36 31.65 -37.83 12.44
CA ASN B 36 32.11 -36.77 13.38
C ASN B 36 32.07 -35.39 12.68
N ASN B 37 31.32 -35.29 11.58
CA ASN B 37 31.34 -34.08 10.76
C ASN B 37 30.25 -33.10 11.16
N GLY B 38 30.60 -31.83 11.31
CA GLY B 38 29.61 -30.80 11.56
C GLY B 38 30.23 -29.42 11.71
N GLY B 39 29.51 -28.38 11.33
CA GLY B 39 30.03 -27.03 11.42
C GLY B 39 29.19 -26.05 10.63
N SER B 40 29.26 -24.77 11.00
CA SER B 40 28.49 -23.73 10.32
C SER B 40 29.38 -22.50 10.15
N LEU B 41 30.22 -22.55 9.13
CA LEU B 41 31.23 -21.52 8.87
C LEU B 41 31.24 -21.05 7.42
N LEU B 42 30.12 -20.52 6.95
CA LEU B 42 30.03 -20.06 5.58
C LEU B 42 29.06 -18.89 5.43
N SER B 43 29.25 -18.14 4.36
CA SER B 43 28.35 -17.06 3.98
C SER B 43 28.48 -16.94 2.48
N VAL B 44 27.41 -16.48 1.85
CA VAL B 44 27.36 -16.32 0.40
C VAL B 44 26.80 -14.95 0.14
N ILE B 45 27.56 -14.12 -0.54
CA ILE B 45 27.14 -12.75 -0.82
C ILE B 45 26.25 -12.79 -2.04
N THR B 46 25.13 -12.09 -1.96
CA THR B 46 24.21 -11.93 -3.07
C THR B 46 23.43 -10.69 -2.72
N GLU B 47 23.49 -9.74 -3.63
CA GLU B 47 22.93 -8.41 -3.44
C GLU B 47 21.98 -8.00 -4.56
N GLY B 48 21.65 -8.97 -5.41
CA GLY B 48 20.82 -8.72 -6.58
C GLY B 48 19.32 -8.79 -6.29
N VAL B 49 18.94 -8.32 -5.12
CA VAL B 49 17.55 -8.42 -4.63
C VAL B 49 16.80 -7.08 -4.88
N GLY B 50 15.54 -7.19 -5.28
CA GLY B 50 14.71 -6.00 -5.54
C GLY B 50 13.63 -6.29 -6.56
N GLU B 51 14.05 -6.88 -7.69
CA GLU B 51 13.12 -7.29 -8.77
C GLU B 51 12.26 -6.12 -9.30
N LEU B 52 11.19 -6.44 -10.02
CA LEU B 52 10.30 -5.43 -10.60
C LEU B 52 8.93 -6.06 -10.82
N SER B 53 7.86 -5.29 -10.54
CA SER B 53 6.48 -5.74 -10.78
C SER B 53 6.11 -7.09 -10.17
N VAL B 54 6.00 -7.13 -8.85
CA VAL B 54 5.50 -8.31 -8.14
C VAL B 54 3.99 -8.61 -8.36
N ILE B 55 3.46 -8.18 -9.50
CA ILE B 55 2.06 -8.38 -9.88
C ILE B 55 2.00 -8.61 -11.39
N ASP B 56 0.91 -9.19 -11.86
CA ASP B 56 0.63 -9.28 -13.29
C ASP B 56 -0.06 -7.95 -13.66
N PRO B 57 0.64 -7.09 -14.42
CA PRO B 57 0.01 -5.78 -14.62
C PRO B 57 -1.18 -5.82 -15.57
N GLU B 58 -1.28 -6.85 -16.38
CA GLU B 58 -2.38 -7.01 -17.33
C GLU B 58 -3.73 -7.11 -16.59
N VAL B 59 -3.85 -8.10 -15.72
CA VAL B 59 -5.09 -8.28 -14.97
C VAL B 59 -5.27 -7.14 -13.98
N ALA B 60 -4.19 -6.62 -13.43
CA ALA B 60 -4.29 -5.51 -12.50
C ALA B 60 -4.93 -4.29 -13.17
N GLN B 61 -4.59 -4.02 -14.42
CA GLN B 61 -5.18 -2.87 -15.12
C GLN B 61 -6.65 -3.11 -15.50
N LYS B 62 -6.96 -4.31 -15.94
CA LYS B 62 -8.35 -4.65 -16.25
C LYS B 62 -9.21 -4.49 -15.01
N ALA B 63 -8.67 -4.93 -13.88
CA ALA B 63 -9.36 -4.82 -12.60
C ALA B 63 -9.62 -3.37 -12.21
N CYS B 64 -8.66 -2.49 -12.44
CA CYS B 64 -8.85 -1.10 -12.03
C CYS B 64 -9.91 -0.40 -12.89
N GLN B 65 -9.98 -0.75 -14.17
CA GLN B 65 -10.99 -0.15 -15.06
C GLN B 65 -12.40 -0.49 -14.57
N GLU B 66 -12.63 -1.75 -14.21
CA GLU B 66 -13.93 -2.15 -13.66
C GLU B 66 -14.24 -1.41 -12.38
N VAL B 67 -13.23 -1.22 -11.54
CA VAL B 67 -13.44 -0.53 -10.26
C VAL B 67 -13.87 0.91 -10.49
N LEU B 68 -13.26 1.60 -11.44
CA LEU B 68 -13.67 2.96 -11.75
C LEU B 68 -15.09 2.98 -12.31
N GLU B 69 -15.46 2.00 -13.12
CA GLU B 69 -16.81 1.96 -13.67
C GLU B 69 -17.84 1.67 -12.56
N LYS B 70 -17.53 0.75 -11.68
CA LYS B 70 -18.42 0.37 -10.59
C LYS B 70 -18.70 1.53 -9.64
N VAL B 71 -17.65 2.21 -9.23
CA VAL B 71 -17.80 3.32 -8.28
C VAL B 71 -18.60 4.47 -8.90
N LYS B 72 -18.53 4.63 -10.21
CA LYS B 72 -19.28 5.67 -10.89
C LYS B 72 -20.76 5.35 -10.81
N LEU B 73 -21.12 4.08 -10.92
CA LEU B 73 -22.51 3.68 -10.78
C LEU B 73 -23.01 3.66 -9.33
N LEU B 74 -22.11 3.55 -8.37
CA LEU B 74 -22.51 3.64 -6.95
C LEU B 74 -23.05 5.03 -6.59
N HIS B 75 -22.81 5.98 -7.49
CA HIS B 75 -23.28 7.37 -7.33
C HIS B 75 -24.64 7.57 -8.00
N GLY B 76 -25.17 6.50 -8.59
CA GLY B 76 -26.44 6.56 -9.28
C GLY B 76 -27.62 6.36 -8.35
N GLY B 77 -28.80 6.19 -8.93
CA GLY B 77 -30.02 6.03 -8.14
C GLY B 77 -31.23 6.49 -8.93
N VAL B 78 -31.21 7.75 -9.35
CA VAL B 78 -32.30 8.34 -10.13
C VAL B 78 -31.86 8.75 -11.53
N ALA B 79 -30.60 8.48 -11.83
CA ALA B 79 -30.02 8.75 -13.15
C ALA B 79 -29.42 7.45 -13.68
N VAL B 80 -30.17 6.77 -14.56
CA VAL B 80 -29.73 5.51 -15.17
C VAL B 80 -29.03 5.74 -16.51
N MET A 1 0.81 -11.88 5.79
CA MET A 1 0.21 -10.49 5.72
C MET A 1 1.01 -9.50 4.85
N GLN A 2 2.34 -9.55 4.97
CA GLN A 2 3.25 -8.74 4.17
C GLN A 2 3.17 -9.18 2.72
N GLN A 3 2.76 -10.43 2.53
CA GLN A 3 2.58 -10.98 1.18
C GLN A 3 1.55 -10.18 0.41
N LYS A 4 0.53 -9.68 1.11
CA LYS A 4 -0.47 -8.81 0.48
C LYS A 4 0.00 -7.36 0.38
N GLN A 5 0.75 -6.90 1.38
CA GLN A 5 1.15 -5.49 1.43
C GLN A 5 1.96 -5.09 0.20
N GLN A 6 2.90 -5.93 -0.22
CA GLN A 6 3.70 -5.63 -1.42
C GLN A 6 2.84 -5.53 -2.67
N ILE A 7 1.77 -6.32 -2.75
CA ILE A 7 0.90 -6.31 -3.92
C ILE A 7 0.22 -4.98 -3.98
N MET A 8 -0.37 -4.57 -2.87
CA MET A 8 -1.12 -3.34 -2.83
C MET A 8 -0.24 -2.17 -3.25
N ALA A 9 1.02 -2.17 -2.83
CA ALA A 9 1.96 -1.12 -3.23
C ALA A 9 2.21 -1.11 -4.74
N ALA A 10 2.37 -2.29 -5.34
CA ALA A 10 2.64 -2.38 -6.76
C ALA A 10 1.41 -1.94 -7.57
N LEU A 11 0.23 -2.36 -7.10
CA LEU A 11 -1.01 -1.98 -7.75
C LEU A 11 -1.18 -0.49 -7.69
N ASN A 12 -0.91 0.07 -6.53
CA ASN A 12 -1.08 1.50 -6.30
C ASN A 12 -0.13 2.28 -7.17
N SER A 13 1.03 1.71 -7.46
CA SER A 13 2.00 2.40 -8.30
C SER A 13 1.45 2.56 -9.72
N GLN A 14 0.93 1.51 -10.32
CA GLN A 14 0.46 1.59 -11.70
C GLN A 14 -0.87 2.35 -11.83
N THR A 15 -1.69 2.37 -10.78
CA THR A 15 -2.98 3.03 -10.85
C THR A 15 -2.97 4.40 -10.19
N ALA A 16 -1.78 4.82 -9.81
CA ALA A 16 -1.61 6.09 -9.11
C ALA A 16 -2.30 7.23 -9.86
N VAL A 17 -1.95 7.42 -11.11
CA VAL A 17 -2.54 8.50 -11.91
C VAL A 17 -4.01 8.22 -12.25
N GLN A 18 -4.37 6.94 -12.40
CA GLN A 18 -5.72 6.57 -12.77
C GLN A 18 -6.73 6.94 -11.69
N PHE A 19 -6.35 6.71 -10.43
CA PHE A 19 -7.21 7.01 -9.31
C PHE A 19 -7.18 8.50 -9.02
N GLN A 20 -6.00 9.11 -9.15
CA GLN A 20 -5.86 10.54 -8.90
C GLN A 20 -6.69 11.39 -9.84
N GLN A 21 -6.65 11.07 -11.12
CA GLN A 21 -7.41 11.84 -12.12
C GLN A 21 -8.90 11.66 -11.90
N TYR A 22 -9.32 10.46 -11.52
CA TYR A 22 -10.74 10.25 -11.26
C TYR A 22 -11.20 10.99 -9.99
N ALA A 23 -10.37 10.97 -8.98
CA ALA A 23 -10.68 11.66 -7.75
C ALA A 23 -10.76 13.17 -8.01
N ALA A 24 -9.92 13.67 -8.91
CA ALA A 24 -9.97 15.07 -9.30
C ALA A 24 -11.23 15.38 -10.09
N GLN A 25 -11.69 14.42 -10.89
CA GLN A 25 -12.90 14.57 -11.69
C GLN A 25 -14.14 14.62 -10.82
N GLN A 26 -14.11 13.95 -9.68
CA GLN A 26 -15.25 13.98 -8.75
C GLN A 26 -15.17 15.09 -7.70
N TYR A 27 -13.97 15.34 -7.20
CA TYR A 27 -13.78 16.33 -6.15
C TYR A 27 -12.62 17.24 -6.47
N PRO A 28 -12.76 18.07 -7.52
CA PRO A 28 -11.60 18.89 -7.88
C PRO A 28 -11.20 19.85 -6.76
N GLY A 29 -9.92 19.81 -6.40
CA GLY A 29 -9.37 20.67 -5.36
C GLY A 29 -9.63 20.21 -3.93
N ASN A 30 -10.53 19.27 -3.73
CA ASN A 30 -10.88 18.84 -2.37
C ASN A 30 -10.00 17.68 -1.93
N TYR A 31 -8.76 17.99 -1.59
CA TYR A 31 -7.73 16.96 -1.35
C TYR A 31 -8.14 15.87 -0.36
N GLU A 32 -8.87 16.21 0.69
CA GLU A 32 -9.25 15.20 1.67
C GLU A 32 -10.25 14.21 1.05
N GLN A 33 -11.19 14.73 0.29
CA GLN A 33 -12.20 13.90 -0.36
C GLN A 33 -11.54 13.05 -1.44
N GLN A 34 -10.53 13.61 -2.08
CA GLN A 34 -9.77 12.87 -3.07
C GLN A 34 -9.11 11.67 -2.42
N GLN A 35 -8.49 11.86 -1.26
CA GLN A 35 -7.80 10.75 -0.57
C GLN A 35 -8.79 9.70 -0.14
N ILE A 36 -9.93 10.11 0.40
CA ILE A 36 -10.97 9.16 0.84
C ILE A 36 -11.42 8.27 -0.33
N LEU A 37 -11.65 8.87 -1.49
CA LEU A 37 -12.05 8.11 -2.65
C LEU A 37 -10.93 7.17 -3.12
N ILE A 38 -9.71 7.68 -3.11
CA ILE A 38 -8.55 6.87 -3.50
C ILE A 38 -8.41 5.69 -2.57
N ARG A 39 -8.59 5.87 -1.27
CA ARG A 39 -8.45 4.74 -0.32
C ARG A 39 -9.39 3.59 -0.65
N GLN A 40 -10.64 3.90 -0.96
CA GLN A 40 -11.60 2.87 -1.32
C GLN A 40 -11.20 2.19 -2.63
N LEU A 41 -10.75 3.00 -3.58
CA LEU A 41 -10.35 2.49 -4.89
C LEU A 41 -9.14 1.57 -4.79
N GLN A 42 -8.18 1.89 -3.94
CA GLN A 42 -7.01 1.04 -3.73
C GLN A 42 -7.40 -0.31 -3.14
N GLU A 43 -8.35 -0.28 -2.21
CA GLU A 43 -8.83 -1.49 -1.54
C GLU A 43 -9.62 -2.38 -2.48
N GLN A 44 -10.60 -1.80 -3.14
CA GLN A 44 -11.45 -2.53 -4.07
C GLN A 44 -10.65 -3.03 -5.25
N HIS A 45 -9.67 -2.27 -5.70
CA HIS A 45 -8.81 -2.72 -6.79
C HIS A 45 -8.10 -4.00 -6.39
N TYR A 46 -7.50 -4.03 -5.21
CA TYR A 46 -6.84 -5.26 -4.76
C TYR A 46 -7.84 -6.42 -4.71
N GLN A 47 -9.02 -6.19 -4.19
CA GLN A 47 -10.02 -7.26 -4.07
C GLN A 47 -10.40 -7.81 -5.45
N GLN A 48 -10.65 -6.95 -6.42
CA GLN A 48 -10.99 -7.40 -7.75
C GLN A 48 -9.78 -8.03 -8.42
N TYR A 49 -8.61 -7.43 -8.28
CA TYR A 49 -7.40 -8.01 -8.87
C TYR A 49 -7.13 -9.41 -8.38
N MET A 50 -7.17 -9.60 -7.07
CA MET A 50 -6.83 -10.91 -6.52
C MET A 50 -7.84 -11.96 -6.92
N GLN A 51 -9.11 -11.59 -6.98
CA GLN A 51 -10.13 -12.55 -7.42
C GLN A 51 -9.95 -12.86 -8.89
N GLN A 52 -9.65 -11.85 -9.69
CA GLN A 52 -9.48 -12.04 -11.12
C GLN A 52 -8.23 -12.88 -11.39
N LEU A 53 -7.13 -12.59 -10.70
CA LEU A 53 -5.89 -13.37 -10.85
C LEU A 53 -6.12 -14.80 -10.43
N TYR A 54 -6.87 -14.97 -9.36
CA TYR A 54 -7.18 -16.29 -8.87
C TYR A 54 -7.93 -17.06 -9.94
N GLN A 55 -8.84 -16.41 -10.65
CA GLN A 55 -9.58 -17.05 -11.73
C GLN A 55 -8.70 -17.34 -12.94
N VAL A 56 -7.64 -16.58 -13.17
CA VAL A 56 -6.77 -16.84 -14.32
C VAL A 56 -5.99 -18.13 -14.08
N GLN A 57 -5.39 -18.28 -12.90
CA GLN A 57 -4.64 -19.50 -12.61
C GLN A 57 -5.60 -20.68 -12.42
N LEU A 58 -6.79 -20.40 -11.90
CA LEU A 58 -7.82 -21.42 -11.73
C LEU A 58 -8.26 -21.96 -13.07
N ALA A 59 -8.38 -21.07 -14.04
CA ALA A 59 -8.88 -21.49 -15.36
C ALA A 59 -7.95 -22.53 -15.96
N GLN A 60 -6.65 -22.32 -15.77
CA GLN A 60 -5.64 -23.26 -16.23
C GLN A 60 -5.66 -24.56 -15.42
N GLN A 61 -5.95 -24.46 -14.13
CA GLN A 61 -6.07 -25.64 -13.28
C GLN A 61 -7.32 -26.46 -13.66
N GLN A 62 -8.40 -25.78 -14.01
CA GLN A 62 -9.61 -26.48 -14.46
C GLN A 62 -9.34 -27.20 -15.79
N ALA A 63 -8.55 -26.57 -16.64
CA ALA A 63 -8.21 -27.14 -17.93
C ALA A 63 -7.34 -28.38 -17.74
N ALA A 64 -6.47 -28.36 -16.72
CA ALA A 64 -5.65 -29.50 -16.41
C ALA A 64 -6.49 -30.64 -15.81
N LEU A 65 -7.53 -30.27 -15.07
CA LEU A 65 -8.39 -31.24 -14.41
C LEU A 65 -9.29 -31.98 -15.39
N GLN A 66 -10.11 -31.22 -16.12
CA GLN A 66 -11.14 -31.77 -17.06
C GLN A 66 -11.95 -32.99 -16.54
N LYS A 67 -12.13 -33.07 -15.23
CA LYS A 67 -12.79 -34.22 -14.63
C LYS A 67 -13.66 -33.86 -13.41
N GLN A 68 -14.20 -32.65 -13.40
CA GLN A 68 -15.12 -32.26 -12.36
C GLN A 68 -16.51 -32.84 -12.67
N GLN A 69 -16.70 -34.12 -12.36
CA GLN A 69 -17.93 -34.85 -12.66
C GLN A 69 -19.06 -34.51 -11.69
N GLY B 1 -11.72 4.65 25.88
CA GLY B 1 -10.23 4.47 25.78
C GLY B 1 -9.51 5.08 26.94
N ALA B 2 -10.20 6.10 27.46
CA ALA B 2 -9.78 6.85 28.66
C ALA B 2 -10.45 6.26 29.89
N MET B 3 -11.35 5.31 29.64
CA MET B 3 -12.17 4.66 30.68
C MET B 3 -13.09 5.65 31.40
N VAL B 4 -13.50 6.69 30.69
CA VAL B 4 -14.45 7.66 31.21
C VAL B 4 -15.70 7.55 30.34
N GLU B 5 -16.77 7.03 30.90
CA GLU B 5 -18.04 6.85 30.19
C GLU B 5 -19.18 6.97 31.19
N ALA B 6 -20.40 7.10 30.68
CA ALA B 6 -21.59 7.18 31.52
C ALA B 6 -22.70 6.48 30.75
N ARG B 7 -23.66 5.90 31.46
CA ARG B 7 -24.75 5.18 30.81
C ARG B 7 -26.08 5.92 30.91
N SER B 8 -26.15 6.93 31.77
CA SER B 8 -27.33 7.79 31.87
C SER B 8 -26.93 9.14 32.50
N LEU B 9 -25.83 9.70 31.98
CA LEU B 9 -25.19 10.95 32.47
C LEU B 9 -24.66 10.92 33.91
N ALA B 10 -23.39 11.28 34.08
CA ALA B 10 -22.75 11.28 35.40
C ALA B 10 -22.87 12.65 36.07
N VAL B 11 -24.07 13.21 36.07
CA VAL B 11 -24.35 14.54 36.64
C VAL B 11 -24.56 14.49 38.17
N ALA B 12 -23.55 13.96 38.85
CA ALA B 12 -23.56 13.78 40.31
C ALA B 12 -24.69 12.84 40.76
N MET B 13 -24.94 12.80 42.06
CA MET B 13 -25.95 11.92 42.64
C MET B 13 -26.24 12.47 44.03
N GLY B 14 -27.29 11.97 44.68
CA GLY B 14 -27.59 12.37 46.05
C GLY B 14 -28.69 13.42 46.15
N ASP B 15 -29.47 13.55 45.08
CA ASP B 15 -30.55 14.54 45.01
C ASP B 15 -31.67 14.27 46.03
N THR B 16 -31.85 13.01 46.39
CA THR B 16 -32.87 12.57 47.36
C THR B 16 -34.31 13.11 47.15
N VAL B 17 -34.69 13.29 45.90
CA VAL B 17 -36.03 13.76 45.56
C VAL B 17 -37.12 12.79 46.03
N VAL B 18 -38.04 13.34 46.82
CA VAL B 18 -39.22 12.60 47.30
C VAL B 18 -40.44 13.52 47.21
N GLU B 19 -41.48 12.99 46.56
CA GLU B 19 -42.83 13.60 46.36
C GLU B 19 -43.09 14.30 45.00
N PRO B 20 -42.38 15.39 44.62
CA PRO B 20 -42.91 16.04 43.41
C PRO B 20 -42.68 15.37 42.05
N ALA B 21 -41.42 15.28 41.62
CA ALA B 21 -41.13 14.79 40.27
C ALA B 21 -39.66 14.35 40.13
N PRO B 22 -39.37 13.04 40.23
CA PRO B 22 -38.00 12.54 40.03
C PRO B 22 -37.48 12.57 38.58
N LEU B 23 -38.12 13.34 37.72
CA LEU B 23 -37.81 13.39 36.32
C LEU B 23 -38.24 14.75 35.75
N LYS B 24 -37.81 15.03 34.53
CA LYS B 24 -38.10 16.27 33.79
C LYS B 24 -37.50 17.65 34.27
N PRO B 25 -36.41 17.66 35.09
CA PRO B 25 -35.87 19.02 35.27
C PRO B 25 -35.30 19.60 33.96
N THR B 26 -35.22 20.93 33.89
CA THR B 26 -34.64 21.59 32.72
C THR B 26 -33.39 22.34 33.14
N SER B 27 -32.25 21.81 32.75
CA SER B 27 -30.95 22.38 33.16
C SER B 27 -29.89 22.18 32.08
N GLU B 28 -30.00 22.94 30.99
CA GLU B 28 -29.03 22.84 29.89
C GLU B 28 -27.68 23.38 30.38
N PRO B 29 -26.60 22.58 30.25
CA PRO B 29 -25.33 23.08 30.78
C PRO B 29 -24.66 24.08 29.85
N THR B 30 -23.86 24.96 30.43
CA THR B 30 -23.12 25.93 29.64
C THR B 30 -22.01 25.21 28.87
N SER B 31 -21.82 25.59 27.63
CA SER B 31 -20.80 24.96 26.78
C SER B 31 -19.51 25.79 26.78
N GLY B 32 -18.38 25.12 26.65
CA GLY B 32 -17.08 25.80 26.62
C GLY B 32 -16.59 25.94 25.20
N PRO B 33 -15.44 26.58 24.97
CA PRO B 33 -14.99 26.68 23.57
C PRO B 33 -14.55 25.31 23.02
N PRO B 34 -14.76 25.06 21.72
CA PRO B 34 -14.43 23.73 21.22
C PRO B 34 -12.93 23.45 21.10
N GLY B 35 -12.47 22.40 21.75
CA GLY B 35 -11.07 22.03 21.66
C GLY B 35 -10.79 21.24 20.38
N ASN B 36 -11.82 20.59 19.87
CA ASN B 36 -11.76 19.79 18.63
C ASN B 36 -10.69 18.69 18.73
N ASN B 37 -10.31 18.12 17.60
CA ASN B 37 -9.36 17.01 17.56
C ASN B 37 -8.70 17.03 16.19
N GLY B 38 -7.50 16.48 16.09
CA GLY B 38 -6.78 16.44 14.83
C GLY B 38 -5.54 15.60 15.04
N GLY B 39 -4.62 15.60 14.10
CA GLY B 39 -3.37 14.87 14.29
C GLY B 39 -2.36 15.18 13.23
N SER B 40 -1.11 14.76 13.48
CA SER B 40 -0.02 14.98 12.56
C SER B 40 0.89 13.75 12.53
N LEU B 41 0.74 12.91 11.52
CA LEU B 41 1.55 11.70 11.38
C LEU B 41 2.02 11.58 9.94
N LEU B 42 2.92 12.46 9.58
CA LEU B 42 3.40 12.57 8.22
C LEU B 42 4.92 12.53 8.25
N SER B 43 5.53 11.90 7.26
CA SER B 43 6.98 11.82 7.15
C SER B 43 7.23 11.83 5.66
N VAL B 44 8.40 12.31 5.26
CA VAL B 44 8.76 12.40 3.85
C VAL B 44 9.20 11.01 3.37
N ILE B 45 8.66 10.59 2.23
CA ILE B 45 9.02 9.30 1.64
C ILE B 45 10.45 9.35 1.09
N THR B 46 11.31 8.45 1.54
CA THR B 46 12.70 8.42 1.09
C THR B 46 13.08 7.10 0.45
N GLU B 47 12.16 6.16 0.53
CA GLU B 47 12.35 4.79 0.04
C GLU B 47 11.50 4.56 -1.22
N GLY B 48 11.23 5.63 -1.96
CA GLY B 48 10.42 5.53 -3.17
C GLY B 48 11.27 5.26 -4.41
N VAL B 49 12.24 4.38 -4.24
CA VAL B 49 13.21 4.08 -5.31
C VAL B 49 13.31 2.58 -5.49
N GLY B 50 13.35 2.12 -6.74
CA GLY B 50 13.50 0.69 -7.02
C GLY B 50 12.17 -0.04 -7.15
N GLU B 51 11.36 0.38 -8.12
CA GLU B 51 10.07 -0.27 -8.37
C GLU B 51 10.25 -1.72 -8.82
N LEU B 52 9.28 -2.56 -8.49
CA LEU B 52 9.32 -3.97 -8.87
C LEU B 52 7.95 -4.41 -9.35
N SER B 53 7.94 -5.11 -10.49
CA SER B 53 6.71 -5.64 -11.08
C SER B 53 6.38 -7.01 -10.46
N VAL B 54 6.10 -7.00 -9.15
CA VAL B 54 5.80 -8.23 -8.40
C VAL B 54 4.34 -8.72 -8.62
N ILE B 55 3.69 -8.10 -9.60
CA ILE B 55 2.28 -8.36 -9.91
C ILE B 55 2.10 -8.64 -11.41
N ASP B 56 0.90 -9.10 -11.77
CA ASP B 56 0.49 -9.21 -13.17
C ASP B 56 -0.22 -7.89 -13.55
N PRO B 57 0.48 -6.95 -14.21
CA PRO B 57 -0.19 -5.66 -14.43
C PRO B 57 -1.32 -5.70 -15.44
N GLU B 58 -1.35 -6.72 -16.30
CA GLU B 58 -2.40 -6.83 -17.32
C GLU B 58 -3.72 -7.23 -16.69
N VAL B 59 -3.63 -8.11 -15.68
CA VAL B 59 -4.81 -8.54 -14.94
C VAL B 59 -5.28 -7.37 -14.08
N ALA B 60 -4.31 -6.64 -13.56
CA ALA B 60 -4.64 -5.50 -12.70
C ALA B 60 -5.30 -4.38 -13.50
N GLN B 61 -4.92 -4.21 -14.76
CA GLN B 61 -5.55 -3.21 -15.58
C GLN B 61 -7.04 -3.52 -15.74
N LYS B 62 -7.38 -4.77 -15.99
CA LYS B 62 -8.79 -5.13 -16.13
C LYS B 62 -9.52 -4.92 -14.82
N ALA B 63 -8.87 -5.25 -13.72
CA ALA B 63 -9.46 -5.08 -12.41
C ALA B 63 -9.72 -3.61 -12.08
N CYS B 64 -8.76 -2.74 -12.37
CA CYS B 64 -8.95 -1.32 -12.04
C CYS B 64 -10.02 -0.70 -12.94
N GLN B 65 -10.11 -1.14 -14.19
CA GLN B 65 -11.13 -0.63 -15.11
C GLN B 65 -12.53 -1.00 -14.60
N GLU B 66 -12.67 -2.22 -14.09
CA GLU B 66 -13.95 -2.67 -13.52
C GLU B 66 -14.33 -1.85 -12.29
N VAL B 67 -13.38 -1.60 -11.40
CA VAL B 67 -13.67 -0.82 -10.19
C VAL B 67 -14.05 0.62 -10.56
N LEU B 68 -13.36 1.20 -11.53
CA LEU B 68 -13.66 2.55 -11.97
C LEU B 68 -15.06 2.62 -12.59
N GLU B 69 -15.47 1.59 -13.31
CA GLU B 69 -16.83 1.53 -13.88
C GLU B 69 -17.86 1.47 -12.76
N LYS B 70 -17.63 0.57 -11.82
CA LYS B 70 -18.58 0.36 -10.71
C LYS B 70 -18.74 1.59 -9.86
N VAL B 71 -17.66 2.27 -9.50
CA VAL B 71 -17.78 3.44 -8.63
C VAL B 71 -18.48 4.58 -9.38
N LYS B 72 -18.29 4.67 -10.69
CA LYS B 72 -19.00 5.67 -11.48
C LYS B 72 -20.47 5.37 -11.53
N LEU B 73 -20.84 4.10 -11.64
CA LEU B 73 -22.24 3.75 -11.76
C LEU B 73 -23.02 3.83 -10.46
N LEU B 74 -22.43 3.45 -9.34
CA LEU B 74 -23.12 3.52 -8.05
C LEU B 74 -23.49 4.97 -7.71
N HIS B 75 -22.79 5.91 -8.31
CA HIS B 75 -23.07 7.33 -8.12
C HIS B 75 -24.37 7.79 -8.77
N GLY B 76 -24.78 7.17 -9.86
CA GLY B 76 -26.03 7.55 -10.51
C GLY B 76 -26.09 8.97 -11.05
N GLY B 77 -24.93 9.63 -11.16
CA GLY B 77 -24.88 11.03 -11.54
C GLY B 77 -24.40 11.30 -12.93
N VAL B 78 -24.41 10.29 -13.80
CA VAL B 78 -23.89 10.42 -15.17
C VAL B 78 -24.96 10.96 -16.14
N ALA B 79 -26.18 11.04 -15.65
CA ALA B 79 -27.30 11.50 -16.42
C ALA B 79 -27.81 12.82 -15.85
N VAL B 80 -27.52 13.89 -16.56
CA VAL B 80 -27.95 15.23 -16.16
C VAL B 80 -29.44 15.48 -16.54
N MET A 1 2.09 -13.36 6.98
CA MET A 1 0.86 -12.56 6.64
C MET A 1 1.09 -11.14 6.02
N GLN A 2 2.32 -10.92 5.56
CA GLN A 2 2.74 -9.66 4.98
C GLN A 2 2.54 -9.62 3.45
N GLN A 3 2.24 -10.78 2.87
CA GLN A 3 2.20 -10.90 1.41
C GLN A 3 1.22 -9.98 0.70
N LYS A 4 0.19 -9.49 1.38
CA LYS A 4 -0.77 -8.57 0.76
C LYS A 4 -0.15 -7.19 0.55
N GLN A 5 0.75 -6.78 1.43
CA GLN A 5 1.31 -5.44 1.40
C GLN A 5 2.05 -5.17 0.10
N GLN A 6 2.90 -6.10 -0.31
CA GLN A 6 3.69 -5.92 -1.53
C GLN A 6 2.79 -5.83 -2.76
N ILE A 7 1.68 -6.55 -2.76
CA ILE A 7 0.77 -6.51 -3.89
C ILE A 7 0.16 -5.14 -3.96
N MET A 8 -0.41 -4.67 -2.85
CA MET A 8 -1.10 -3.38 -2.86
C MET A 8 -0.17 -2.26 -3.25
N ALA A 9 1.09 -2.35 -2.85
CA ALA A 9 2.07 -1.35 -3.26
C ALA A 9 2.24 -1.35 -4.79
N ALA A 10 2.25 -2.52 -5.40
CA ALA A 10 2.46 -2.61 -6.84
C ALA A 10 1.21 -2.11 -7.58
N LEU A 11 0.04 -2.40 -7.03
CA LEU A 11 -1.20 -1.95 -7.61
C LEU A 11 -1.30 -0.43 -7.52
N ASN A 12 -0.79 0.14 -6.44
CA ASN A 12 -0.82 1.59 -6.24
C ASN A 12 0.01 2.27 -7.32
N SER A 13 1.13 1.67 -7.70
CA SER A 13 2.04 2.30 -8.68
C SER A 13 1.35 2.53 -10.02
N GLN A 14 0.72 1.49 -10.55
CA GLN A 14 0.16 1.56 -11.89
C GLN A 14 -1.17 2.35 -11.92
N THR A 15 -1.80 2.52 -10.77
CA THR A 15 -3.07 3.24 -10.69
C THR A 15 -2.92 4.62 -10.09
N ALA A 16 -1.69 5.03 -9.82
CA ALA A 16 -1.45 6.30 -9.14
C ALA A 16 -2.16 7.46 -9.89
N VAL A 17 -1.81 7.65 -11.15
CA VAL A 17 -2.39 8.73 -11.93
C VAL A 17 -3.87 8.44 -12.27
N GLN A 18 -4.22 7.17 -12.43
CA GLN A 18 -5.58 6.82 -12.81
C GLN A 18 -6.61 7.18 -11.71
N PHE A 19 -6.30 6.78 -10.48
CA PHE A 19 -7.20 7.06 -9.38
C PHE A 19 -7.16 8.56 -9.06
N GLN A 20 -6.00 9.18 -9.20
CA GLN A 20 -5.89 10.62 -8.96
C GLN A 20 -6.74 11.43 -9.95
N GLN A 21 -6.75 11.06 -11.22
CA GLN A 21 -7.53 11.79 -12.20
C GLN A 21 -9.03 11.64 -11.94
N TYR A 22 -9.44 10.44 -11.57
CA TYR A 22 -10.84 10.24 -11.27
C TYR A 22 -11.25 10.98 -10.00
N ALA A 23 -10.42 10.96 -8.96
CA ALA A 23 -10.70 11.69 -7.74
C ALA A 23 -10.80 13.20 -8.03
N ALA A 24 -10.00 13.69 -8.96
CA ALA A 24 -10.03 15.08 -9.34
C ALA A 24 -11.35 15.45 -10.03
N GLN A 25 -11.96 14.50 -10.73
CA GLN A 25 -13.25 14.76 -11.38
C GLN A 25 -14.36 14.84 -10.36
N GLN A 26 -14.25 14.00 -9.34
CA GLN A 26 -15.32 13.92 -8.36
C GLN A 26 -15.22 14.97 -7.27
N TYR A 27 -13.98 15.26 -6.87
CA TYR A 27 -13.71 16.21 -5.82
C TYR A 27 -12.56 17.13 -6.22
N PRO A 28 -12.78 18.01 -7.21
CA PRO A 28 -11.62 18.83 -7.60
C PRO A 28 -11.13 19.72 -6.47
N GLY A 29 -9.82 19.86 -6.36
CA GLY A 29 -9.21 20.69 -5.33
C GLY A 29 -9.23 20.15 -3.91
N ASN A 30 -10.18 19.28 -3.59
CA ASN A 30 -10.33 18.82 -2.22
C ASN A 30 -9.48 17.59 -2.04
N TYR A 31 -8.20 17.80 -1.76
CA TYR A 31 -7.23 16.72 -1.66
C TYR A 31 -7.63 15.70 -0.58
N GLU A 32 -8.30 16.18 0.46
CA GLU A 32 -8.74 15.30 1.55
C GLU A 32 -9.79 14.31 1.04
N GLN A 33 -10.76 14.83 0.29
CA GLN A 33 -11.82 14.02 -0.29
C GLN A 33 -11.28 13.13 -1.38
N GLN A 34 -10.29 13.63 -2.10
CA GLN A 34 -9.65 12.85 -3.15
C GLN A 34 -8.96 11.62 -2.52
N GLN A 35 -8.29 11.80 -1.40
CA GLN A 35 -7.63 10.69 -0.71
C GLN A 35 -8.65 9.70 -0.19
N ILE A 36 -9.77 10.18 0.34
CA ILE A 36 -10.82 9.29 0.83
C ILE A 36 -11.36 8.42 -0.31
N LEU A 37 -11.56 8.98 -1.48
CA LEU A 37 -11.99 8.18 -2.63
C LEU A 37 -10.87 7.23 -3.11
N ILE A 38 -9.63 7.70 -3.11
CA ILE A 38 -8.49 6.85 -3.53
C ILE A 38 -8.37 5.64 -2.59
N ARG A 39 -8.64 5.82 -1.30
CA ARG A 39 -8.61 4.70 -0.34
C ARG A 39 -9.58 3.58 -0.74
N GLN A 40 -10.81 3.95 -1.10
CA GLN A 40 -11.81 2.98 -1.54
C GLN A 40 -11.33 2.29 -2.81
N LEU A 41 -10.83 3.08 -3.76
CA LEU A 41 -10.42 2.55 -5.06
C LEU A 41 -9.29 1.54 -4.92
N GLN A 42 -8.32 1.81 -4.06
CA GLN A 42 -7.16 0.93 -3.89
C GLN A 42 -7.57 -0.38 -3.24
N GLU A 43 -8.48 -0.34 -2.29
CA GLU A 43 -8.97 -1.56 -1.65
C GLU A 43 -9.80 -2.40 -2.62
N GLN A 44 -10.75 -1.78 -3.29
CA GLN A 44 -11.59 -2.51 -4.24
C GLN A 44 -10.76 -3.07 -5.38
N HIS A 45 -9.77 -2.32 -5.85
CA HIS A 45 -8.88 -2.82 -6.90
C HIS A 45 -8.19 -4.08 -6.42
N TYR A 46 -7.60 -4.06 -5.23
CA TYR A 46 -6.94 -5.26 -4.71
C TYR A 46 -7.90 -6.46 -4.63
N GLN A 47 -9.10 -6.26 -4.11
CA GLN A 47 -10.07 -7.37 -4.00
C GLN A 47 -10.44 -7.93 -5.37
N GLN A 48 -10.66 -7.06 -6.35
CA GLN A 48 -10.98 -7.52 -7.71
C GLN A 48 -9.76 -8.18 -8.34
N TYR A 49 -8.60 -7.57 -8.16
CA TYR A 49 -7.36 -8.10 -8.72
C TYR A 49 -7.08 -9.48 -8.22
N MET A 50 -7.19 -9.70 -6.92
CA MET A 50 -6.91 -11.00 -6.34
C MET A 50 -7.92 -12.05 -6.78
N GLN A 51 -9.18 -11.66 -6.89
CA GLN A 51 -10.22 -12.60 -7.36
C GLN A 51 -9.94 -13.02 -8.78
N GLN A 52 -9.59 -12.07 -9.63
CA GLN A 52 -9.35 -12.35 -11.05
C GLN A 52 -8.04 -13.10 -11.23
N LEU A 53 -7.01 -12.69 -10.51
CA LEU A 53 -5.70 -13.35 -10.58
C LEU A 53 -5.82 -14.79 -10.16
N TYR A 54 -6.62 -15.04 -9.15
CA TYR A 54 -6.83 -16.39 -8.67
C TYR A 54 -7.36 -17.28 -9.81
N GLN A 55 -8.25 -16.75 -10.62
CA GLN A 55 -8.77 -17.51 -11.75
C GLN A 55 -7.72 -17.69 -12.85
N VAL A 56 -6.85 -16.71 -13.05
CA VAL A 56 -5.84 -16.84 -14.10
C VAL A 56 -4.77 -17.87 -13.72
N GLN A 57 -4.30 -17.83 -12.47
CA GLN A 57 -3.31 -18.82 -12.04
C GLN A 57 -3.96 -20.19 -11.98
N LEU A 58 -5.25 -20.21 -11.66
CA LEU A 58 -6.03 -21.45 -11.65
C LEU A 58 -6.17 -22.01 -13.06
N ALA A 59 -6.40 -21.17 -14.06
CA ALA A 59 -6.54 -21.64 -15.43
C ALA A 59 -5.27 -22.37 -15.89
N GLN A 60 -4.11 -21.78 -15.57
CA GLN A 60 -2.83 -22.42 -15.90
C GLN A 60 -2.64 -23.69 -15.07
N GLN A 61 -3.09 -23.66 -13.81
CA GLN A 61 -2.98 -24.83 -12.93
C GLN A 61 -3.87 -25.98 -13.43
N GLN A 62 -5.05 -25.67 -13.95
CA GLN A 62 -5.90 -26.70 -14.52
C GLN A 62 -5.29 -27.26 -15.79
N ALA A 63 -4.62 -26.42 -16.56
CA ALA A 63 -3.93 -26.83 -17.77
C ALA A 63 -2.78 -27.80 -17.43
N ALA A 64 -2.15 -27.57 -16.28
CA ALA A 64 -1.06 -28.44 -15.83
C ALA A 64 -1.60 -29.77 -15.30
N LEU A 65 -2.85 -29.81 -14.88
CA LEU A 65 -3.47 -31.02 -14.33
C LEU A 65 -4.13 -31.88 -15.41
N GLN A 66 -5.15 -31.32 -16.06
CA GLN A 66 -5.97 -32.00 -17.08
C GLN A 66 -6.36 -33.44 -16.70
N LYS A 67 -6.62 -33.64 -15.42
CA LYS A 67 -6.95 -34.98 -14.90
C LYS A 67 -7.96 -34.90 -13.75
N GLN A 68 -9.23 -34.83 -14.08
CA GLN A 68 -10.27 -34.74 -13.06
C GLN A 68 -10.64 -36.13 -12.55
N GLN A 69 -9.73 -36.69 -11.75
CA GLN A 69 -9.91 -38.04 -11.15
C GLN A 69 -10.45 -37.92 -9.73
N GLY B 1 15.27 -10.21 12.07
CA GLY B 1 14.94 -11.03 10.87
C GLY B 1 16.01 -10.98 9.81
N ALA B 2 17.22 -10.54 10.25
CA ALA B 2 18.38 -10.34 9.40
C ALA B 2 18.92 -11.66 8.82
N MET B 3 18.72 -12.76 9.56
CA MET B 3 19.10 -14.12 9.10
C MET B 3 20.53 -14.17 8.53
N VAL B 4 21.47 -13.58 9.25
CA VAL B 4 22.88 -13.53 8.79
C VAL B 4 23.47 -14.96 8.80
N GLU B 5 24.03 -15.37 7.66
CA GLU B 5 24.69 -16.68 7.53
C GLU B 5 26.13 -16.45 7.06
N ALA B 6 27.02 -17.33 7.49
CA ALA B 6 28.39 -17.36 6.99
C ALA B 6 28.66 -18.86 6.84
N ARG B 7 29.44 -19.22 5.83
CA ARG B 7 29.63 -20.64 5.47
C ARG B 7 31.08 -21.08 5.47
N SER B 8 31.92 -20.35 6.19
CA SER B 8 33.34 -20.64 6.25
C SER B 8 33.60 -21.73 7.30
N LEU B 9 34.71 -22.43 7.14
CA LEU B 9 35.09 -23.47 8.10
C LEU B 9 35.56 -22.81 9.39
N ALA B 10 34.91 -23.18 10.49
CA ALA B 10 35.24 -22.68 11.83
C ALA B 10 35.07 -23.83 12.84
N VAL B 11 36.11 -24.09 13.60
CA VAL B 11 36.13 -25.20 14.59
C VAL B 11 36.83 -24.71 15.87
N ALA B 12 36.64 -23.44 16.16
CA ALA B 12 37.22 -22.82 17.34
C ALA B 12 36.35 -21.63 17.69
N MET B 13 36.00 -21.48 18.96
CA MET B 13 35.13 -20.39 19.37
C MET B 13 35.85 -19.42 20.32
N GLY B 14 37.18 -19.58 20.41
CA GLY B 14 37.97 -18.74 21.30
C GLY B 14 37.98 -19.24 22.72
N ASP B 15 37.78 -20.55 22.85
CA ASP B 15 37.69 -21.22 24.14
C ASP B 15 38.97 -21.13 24.97
N THR B 16 40.12 -20.95 24.30
CA THR B 16 41.45 -20.79 24.95
C THR B 16 41.75 -21.80 26.08
N VAL B 17 41.37 -23.05 25.84
CA VAL B 17 41.58 -24.10 26.83
C VAL B 17 43.05 -24.34 27.06
N VAL B 18 43.47 -24.22 28.31
CA VAL B 18 44.83 -24.53 28.71
C VAL B 18 44.72 -25.06 30.15
N GLU B 19 45.34 -26.22 30.40
CA GLU B 19 45.25 -26.88 31.71
C GLU B 19 46.14 -26.18 32.77
N PRO B 20 47.44 -25.94 32.47
CA PRO B 20 48.15 -25.16 33.49
C PRO B 20 47.78 -23.68 33.40
N ALA B 21 48.12 -22.92 34.42
CA ALA B 21 47.87 -21.47 34.42
C ALA B 21 49.17 -20.70 34.10
N PRO B 22 49.35 -20.23 32.85
CA PRO B 22 50.56 -19.43 32.62
C PRO B 22 50.48 -18.11 33.37
N LEU B 23 51.60 -17.61 33.88
CA LEU B 23 51.56 -16.39 34.65
C LEU B 23 52.86 -15.59 34.68
N LYS B 24 52.68 -14.31 35.06
CA LYS B 24 53.74 -13.31 35.39
C LYS B 24 54.20 -12.29 34.31
N PRO B 25 54.59 -12.72 33.09
CA PRO B 25 55.11 -11.62 32.24
C PRO B 25 54.07 -10.66 31.64
N THR B 26 53.01 -11.22 31.04
CA THR B 26 51.94 -10.44 30.39
C THR B 26 50.63 -11.18 30.60
N SER B 27 49.51 -10.47 30.52
CA SER B 27 48.18 -11.06 30.66
C SER B 27 47.10 -10.17 30.01
N GLU B 28 47.11 -10.06 28.69
CA GLU B 28 46.12 -9.24 27.96
C GLU B 28 45.56 -10.03 26.77
N PRO B 29 44.35 -9.69 26.29
CA PRO B 29 43.80 -10.43 25.15
C PRO B 29 44.45 -10.03 23.83
N THR B 30 44.21 -10.83 22.80
CA THR B 30 44.74 -10.56 21.47
C THR B 30 43.58 -10.42 20.50
N SER B 31 43.85 -10.11 19.24
CA SER B 31 42.82 -9.94 18.23
C SER B 31 43.01 -10.94 17.09
N GLY B 32 42.11 -10.91 16.13
CA GLY B 32 42.17 -11.80 14.98
C GLY B 32 41.43 -11.20 13.79
N PRO B 33 41.23 -11.94 12.68
CA PRO B 33 40.51 -11.34 11.55
C PRO B 33 39.02 -11.13 11.86
N PRO B 34 38.37 -10.18 11.16
CA PRO B 34 36.96 -9.88 11.42
C PRO B 34 35.94 -10.84 10.81
N GLY B 35 36.44 -11.94 10.27
CA GLY B 35 35.58 -12.94 9.67
C GLY B 35 35.56 -12.81 8.17
N ASN B 36 34.65 -13.52 7.52
CA ASN B 36 34.58 -13.45 6.05
C ASN B 36 33.57 -12.39 5.65
N ASN B 37 33.87 -11.68 4.56
CA ASN B 37 33.00 -10.60 4.07
C ASN B 37 31.64 -11.16 3.71
N GLY B 38 30.58 -10.51 4.19
CA GLY B 38 29.23 -10.93 3.91
C GLY B 38 28.29 -10.00 4.63
N GLY B 39 26.98 -10.21 4.50
CA GLY B 39 26.02 -9.35 5.16
C GLY B 39 24.64 -9.50 4.59
N SER B 40 23.65 -9.00 5.31
CA SER B 40 22.25 -9.09 4.87
C SER B 40 21.71 -7.72 4.42
N LEU B 41 22.49 -7.04 3.60
CA LEU B 41 22.14 -5.71 3.11
C LEU B 41 22.24 -5.76 1.58
N LEU B 42 21.73 -6.85 1.02
CA LEU B 42 21.90 -7.13 -0.41
C LEU B 42 21.01 -6.27 -1.31
N SER B 43 21.63 -5.74 -2.36
CA SER B 43 20.92 -5.02 -3.42
C SER B 43 21.58 -5.44 -4.73
N VAL B 44 20.99 -6.41 -5.39
CA VAL B 44 21.61 -7.03 -6.56
C VAL B 44 21.20 -6.27 -7.83
N ILE B 45 22.18 -6.03 -8.69
CA ILE B 45 21.95 -5.31 -9.95
C ILE B 45 21.15 -6.20 -10.91
N THR B 46 20.11 -5.65 -11.54
CA THR B 46 19.26 -6.40 -12.49
C THR B 46 19.27 -5.70 -13.86
N GLU B 47 20.01 -4.60 -13.90
CA GLU B 47 20.24 -3.78 -15.12
C GLU B 47 18.92 -3.38 -15.84
N GLY B 48 17.86 -3.30 -15.05
CA GLY B 48 16.55 -2.91 -15.54
C GLY B 48 15.87 -2.16 -14.43
N VAL B 49 16.40 -0.98 -14.14
CA VAL B 49 15.90 -0.14 -13.06
C VAL B 49 14.56 0.52 -13.43
N GLY B 50 13.51 0.12 -12.75
CA GLY B 50 12.18 0.67 -13.00
C GLY B 50 11.10 -0.10 -12.27
N GLU B 51 10.95 0.20 -10.97
CA GLU B 51 9.99 -0.52 -10.12
C GLU B 51 10.30 -2.04 -10.03
N LEU B 52 9.30 -2.84 -9.67
CA LEU B 52 9.48 -4.31 -9.54
C LEU B 52 8.25 -5.08 -10.02
N SER B 53 7.07 -4.56 -9.68
CA SER B 53 5.79 -5.12 -10.07
C SER B 53 5.68 -6.64 -9.82
N VAL B 54 5.56 -6.99 -8.53
CA VAL B 54 5.23 -8.36 -8.10
C VAL B 54 3.74 -8.68 -8.35
N ILE B 55 3.22 -8.27 -9.50
CA ILE B 55 1.82 -8.45 -9.91
C ILE B 55 1.77 -8.76 -11.39
N ASP B 56 0.63 -9.22 -11.84
CA ASP B 56 0.34 -9.29 -13.27
C ASP B 56 -0.28 -7.93 -13.63
N PRO B 57 0.43 -7.07 -14.37
CA PRO B 57 -0.19 -5.75 -14.56
C PRO B 57 -1.36 -5.72 -15.54
N GLU B 58 -1.49 -6.72 -16.40
CA GLU B 58 -2.61 -6.74 -17.34
C GLU B 58 -3.90 -7.08 -16.60
N VAL B 59 -3.78 -8.03 -15.67
CA VAL B 59 -4.91 -8.42 -14.82
C VAL B 59 -5.25 -7.20 -13.99
N ALA B 60 -4.26 -6.49 -13.51
CA ALA B 60 -4.51 -5.31 -12.71
C ALA B 60 -5.20 -4.20 -13.52
N GLN B 61 -4.83 -4.01 -14.78
CA GLN B 61 -5.47 -2.97 -15.59
C GLN B 61 -6.95 -3.29 -15.79
N LYS B 62 -7.26 -4.54 -16.07
CA LYS B 62 -8.66 -4.93 -16.22
C LYS B 62 -9.40 -4.77 -14.90
N ALA B 63 -8.74 -5.15 -13.82
CA ALA B 63 -9.35 -5.08 -12.50
C ALA B 63 -9.70 -3.65 -12.08
N CYS B 64 -8.78 -2.72 -12.26
CA CYS B 64 -9.03 -1.35 -11.86
C CYS B 64 -10.04 -0.68 -12.78
N GLN B 65 -10.06 -1.07 -14.06
CA GLN B 65 -11.04 -0.52 -14.99
C GLN B 65 -12.46 -0.86 -14.56
N GLU B 66 -12.68 -2.09 -14.14
CA GLU B 66 -13.98 -2.56 -13.68
C GLU B 66 -14.41 -1.73 -12.45
N VAL B 67 -13.48 -1.50 -11.53
CA VAL B 67 -13.76 -0.71 -10.33
C VAL B 67 -14.11 0.73 -10.69
N LEU B 68 -13.39 1.31 -11.64
CA LEU B 68 -13.63 2.68 -12.03
C LEU B 68 -14.97 2.85 -12.74
N GLU B 69 -15.39 1.84 -13.48
CA GLU B 69 -16.71 1.90 -14.14
C GLU B 69 -17.83 1.81 -13.09
N LYS B 70 -17.69 0.87 -12.18
CA LYS B 70 -18.70 0.65 -11.16
C LYS B 70 -18.85 1.79 -10.20
N VAL B 71 -17.74 2.36 -9.74
CA VAL B 71 -17.82 3.43 -8.73
C VAL B 71 -18.54 4.63 -9.32
N LYS B 72 -18.46 4.82 -10.63
CA LYS B 72 -19.17 5.92 -11.28
C LYS B 72 -20.66 5.71 -11.19
N LEU B 73 -21.11 4.48 -11.37
CA LEU B 73 -22.53 4.18 -11.32
C LEU B 73 -23.11 4.16 -9.93
N LEU B 74 -22.27 3.90 -8.92
CA LEU B 74 -22.71 3.95 -7.51
C LEU B 74 -23.15 5.36 -7.12
N HIS B 75 -22.78 6.33 -7.93
CA HIS B 75 -23.07 7.71 -7.70
C HIS B 75 -24.39 8.15 -8.34
N GLY B 76 -25.07 7.23 -9.00
CA GLY B 76 -26.36 7.53 -9.61
C GLY B 76 -27.45 7.71 -8.59
N GLY B 77 -28.60 8.24 -9.00
CA GLY B 77 -29.70 8.49 -8.09
C GLY B 77 -30.32 9.86 -8.29
N VAL B 78 -29.55 10.93 -8.13
CA VAL B 78 -30.10 12.30 -8.25
C VAL B 78 -29.32 13.14 -9.28
N ALA B 79 -28.63 12.46 -10.18
CA ALA B 79 -27.87 13.13 -11.24
C ALA B 79 -28.79 13.65 -12.35
N VAL B 80 -29.31 14.86 -12.15
CA VAL B 80 -30.19 15.53 -13.12
C VAL B 80 -29.47 15.90 -14.41
N MET A 1 1.27 -12.25 5.28
CA MET A 1 0.86 -10.92 5.90
C MET A 1 1.42 -9.71 5.13
N GLN A 2 2.76 -9.59 5.13
CA GLN A 2 3.49 -8.59 4.34
C GLN A 2 3.34 -8.92 2.86
N GLN A 3 2.99 -10.17 2.60
CA GLN A 3 2.74 -10.66 1.25
C GLN A 3 1.64 -9.86 0.56
N LYS A 4 0.65 -9.38 1.31
CA LYS A 4 -0.42 -8.58 0.71
C LYS A 4 0.04 -7.15 0.47
N GLN A 5 0.85 -6.63 1.38
CA GLN A 5 1.27 -5.23 1.30
C GLN A 5 2.04 -4.95 0.01
N GLN A 6 2.92 -5.86 -0.38
CA GLN A 6 3.69 -5.69 -1.61
C GLN A 6 2.77 -5.68 -2.84
N ILE A 7 1.68 -6.43 -2.80
CA ILE A 7 0.73 -6.42 -3.91
C ILE A 7 0.07 -5.07 -3.98
N MET A 8 -0.44 -4.60 -2.84
CA MET A 8 -1.16 -3.34 -2.83
C MET A 8 -0.26 -2.20 -3.25
N ALA A 9 1.00 -2.22 -2.86
CA ALA A 9 1.94 -1.20 -3.28
C ALA A 9 2.11 -1.21 -4.80
N ALA A 10 2.18 -2.41 -5.39
CA ALA A 10 2.36 -2.53 -6.83
C ALA A 10 1.10 -2.09 -7.57
N LEU A 11 -0.05 -2.44 -7.02
CA LEU A 11 -1.33 -2.07 -7.61
C LEU A 11 -1.55 -0.58 -7.55
N ASN A 12 -1.15 0.02 -6.44
CA ASN A 12 -1.31 1.45 -6.25
C ASN A 12 -0.43 2.17 -7.24
N SER A 13 0.75 1.63 -7.49
CA SER A 13 1.71 2.28 -8.39
C SER A 13 1.18 2.40 -9.82
N GLN A 14 0.66 1.33 -10.39
CA GLN A 14 0.19 1.36 -11.78
C GLN A 14 -1.14 2.11 -11.97
N THR A 15 -1.79 2.48 -10.86
CA THR A 15 -3.08 3.16 -10.94
C THR A 15 -3.07 4.48 -10.19
N ALA A 16 -1.90 4.92 -9.77
CA ALA A 16 -1.77 6.14 -8.97
C ALA A 16 -2.38 7.34 -9.70
N VAL A 17 -2.00 7.53 -10.95
CA VAL A 17 -2.48 8.66 -11.73
C VAL A 17 -3.94 8.44 -12.11
N GLN A 18 -4.33 7.20 -12.35
CA GLN A 18 -5.70 6.91 -12.76
C GLN A 18 -6.69 7.23 -11.65
N PHE A 19 -6.36 6.83 -10.44
CA PHE A 19 -7.21 7.10 -9.29
C PHE A 19 -7.21 8.59 -9.01
N GLN A 20 -6.07 9.24 -9.20
CA GLN A 20 -5.96 10.68 -8.97
C GLN A 20 -6.82 11.47 -9.96
N GLN A 21 -6.78 11.10 -11.23
CA GLN A 21 -7.54 11.81 -12.26
C GLN A 21 -9.02 11.68 -11.98
N TYR A 22 -9.48 10.49 -11.62
CA TYR A 22 -10.87 10.29 -11.30
C TYR A 22 -11.28 11.03 -10.03
N ALA A 23 -10.43 11.01 -9.03
CA ALA A 23 -10.73 11.69 -7.78
C ALA A 23 -10.84 13.20 -8.01
N ALA A 24 -10.00 13.73 -8.90
CA ALA A 24 -10.04 15.15 -9.25
C ALA A 24 -11.30 15.47 -10.01
N GLN A 25 -11.78 14.52 -10.80
CA GLN A 25 -12.98 14.73 -11.57
C GLN A 25 -14.21 14.77 -10.68
N GLN A 26 -14.18 14.00 -9.60
CA GLN A 26 -15.31 13.97 -8.66
C GLN A 26 -15.23 15.03 -7.57
N TYR A 27 -14.03 15.33 -7.09
CA TYR A 27 -13.83 16.30 -6.03
C TYR A 27 -12.69 17.26 -6.38
N PRO A 28 -12.88 18.10 -7.42
CA PRO A 28 -11.74 18.94 -7.79
C PRO A 28 -11.37 19.92 -6.70
N GLY A 29 -10.06 20.08 -6.48
CA GLY A 29 -9.57 20.98 -5.44
C GLY A 29 -9.62 20.44 -4.02
N ASN A 30 -10.47 19.45 -3.75
CA ASN A 30 -10.63 18.98 -2.38
C ASN A 30 -9.70 17.82 -2.13
N TYR A 31 -8.46 18.13 -1.79
CA TYR A 31 -7.43 17.12 -1.56
C TYR A 31 -7.86 16.02 -0.60
N GLU A 32 -8.43 16.38 0.54
CA GLU A 32 -8.83 15.38 1.53
C GLU A 32 -9.88 14.44 0.98
N GLN A 33 -10.89 14.97 0.31
CA GLN A 33 -11.93 14.15 -0.28
C GLN A 33 -11.37 13.24 -1.37
N GLN A 34 -10.41 13.76 -2.11
CA GLN A 34 -9.74 12.96 -3.14
C GLN A 34 -9.05 11.76 -2.49
N GLN A 35 -8.36 11.97 -1.37
CA GLN A 35 -7.69 10.88 -0.67
C GLN A 35 -8.68 9.85 -0.17
N ILE A 36 -9.80 10.29 0.39
CA ILE A 36 -10.81 9.39 0.93
C ILE A 36 -11.33 8.47 -0.19
N LEU A 37 -11.56 9.02 -1.37
CA LEU A 37 -11.98 8.22 -2.51
C LEU A 37 -10.88 7.26 -2.96
N ILE A 38 -9.65 7.74 -3.03
CA ILE A 38 -8.53 6.91 -3.46
C ILE A 38 -8.35 5.72 -2.52
N ARG A 39 -8.53 5.93 -1.22
CA ARG A 39 -8.43 4.83 -0.24
C ARG A 39 -9.33 3.67 -0.61
N GLN A 40 -10.58 3.98 -0.94
CA GLN A 40 -11.55 2.95 -1.33
C GLN A 40 -11.21 2.29 -2.66
N LEU A 41 -10.74 3.08 -3.61
CA LEU A 41 -10.37 2.59 -4.93
C LEU A 41 -9.22 1.58 -4.84
N GLN A 42 -8.26 1.85 -3.96
CA GLN A 42 -7.11 0.95 -3.78
C GLN A 42 -7.55 -0.38 -3.17
N GLU A 43 -8.47 -0.34 -2.23
CA GLU A 43 -9.01 -1.57 -1.63
C GLU A 43 -9.76 -2.40 -2.67
N GLN A 44 -10.67 -1.77 -3.38
CA GLN A 44 -11.45 -2.45 -4.41
C GLN A 44 -10.54 -3.03 -5.49
N HIS A 45 -9.51 -2.29 -5.87
CA HIS A 45 -8.56 -2.77 -6.90
C HIS A 45 -7.92 -4.06 -6.46
N TYR A 46 -7.48 -4.13 -5.22
CA TYR A 46 -6.87 -5.36 -4.71
C TYR A 46 -7.86 -6.51 -4.71
N GLN A 47 -9.07 -6.26 -4.23
CA GLN A 47 -10.07 -7.33 -4.15
C GLN A 47 -10.39 -7.90 -5.53
N GLN A 48 -10.68 -7.05 -6.50
CA GLN A 48 -10.99 -7.49 -7.84
C GLN A 48 -9.77 -8.16 -8.49
N TYR A 49 -8.59 -7.61 -8.28
CA TYR A 49 -7.37 -8.19 -8.85
C TYR A 49 -7.16 -9.59 -8.33
N MET A 50 -7.26 -9.79 -7.03
CA MET A 50 -6.96 -11.10 -6.46
C MET A 50 -7.98 -12.15 -6.89
N GLN A 51 -9.26 -11.78 -6.92
CA GLN A 51 -10.29 -12.73 -7.35
C GLN A 51 -10.07 -13.10 -8.81
N GLN A 52 -9.75 -12.13 -9.64
CA GLN A 52 -9.54 -12.38 -11.06
C GLN A 52 -8.27 -13.17 -11.29
N LEU A 53 -7.19 -12.83 -10.60
CA LEU A 53 -5.91 -13.54 -10.72
C LEU A 53 -6.07 -15.00 -10.35
N TYR A 54 -6.85 -15.25 -9.31
CA TYR A 54 -7.06 -16.62 -8.85
C TYR A 54 -7.69 -17.45 -9.96
N GLN A 55 -8.61 -16.87 -10.72
CA GLN A 55 -9.22 -17.59 -11.84
C GLN A 55 -8.21 -17.85 -12.95
N VAL A 56 -7.26 -16.94 -13.16
CA VAL A 56 -6.27 -17.10 -14.23
C VAL A 56 -5.29 -18.22 -13.92
N GLN A 57 -4.75 -18.24 -12.70
CA GLN A 57 -3.80 -19.28 -12.32
C GLN A 57 -4.53 -20.63 -12.28
N LEU A 58 -5.79 -20.59 -11.90
CA LEU A 58 -6.63 -21.79 -11.88
C LEU A 58 -6.85 -22.32 -13.28
N ALA A 59 -7.06 -21.43 -14.24
CA ALA A 59 -7.28 -21.85 -15.62
C ALA A 59 -6.06 -22.61 -16.15
N GLN A 60 -4.87 -22.13 -15.81
CA GLN A 60 -3.64 -22.79 -16.23
C GLN A 60 -3.50 -24.12 -15.51
N GLN A 61 -3.86 -24.17 -14.23
CA GLN A 61 -3.81 -25.41 -13.47
C GLN A 61 -4.78 -26.44 -14.05
N GLN A 62 -5.97 -26.00 -14.43
CA GLN A 62 -6.98 -26.88 -15.05
C GLN A 62 -6.50 -27.42 -16.38
N ALA A 63 -5.75 -26.63 -17.13
CA ALA A 63 -5.22 -27.06 -18.42
C ALA A 63 -4.15 -28.14 -18.24
N ALA A 64 -3.44 -28.09 -17.11
CA ALA A 64 -2.46 -29.13 -16.80
C ALA A 64 -3.18 -30.40 -16.34
N LEU A 65 -4.31 -30.23 -15.68
CA LEU A 65 -5.08 -31.36 -15.15
C LEU A 65 -5.84 -32.11 -16.24
N GLN A 66 -6.60 -31.37 -17.04
CA GLN A 66 -7.50 -31.91 -18.07
C GLN A 66 -8.29 -33.14 -17.59
N LYS A 67 -8.77 -33.06 -16.36
CA LYS A 67 -9.51 -34.17 -15.73
C LYS A 67 -10.90 -33.75 -15.35
N GLN A 68 -11.35 -32.63 -15.91
CA GLN A 68 -12.66 -32.04 -15.61
C GLN A 68 -12.79 -31.88 -14.08
N GLN A 69 -11.73 -31.31 -13.51
CA GLN A 69 -11.59 -31.11 -12.06
C GLN A 69 -12.37 -29.90 -11.55
N GLY B 1 30.20 -1.46 11.74
CA GLY B 1 31.46 -1.21 12.50
C GLY B 1 32.46 -2.36 12.50
N ALA B 2 33.69 -2.06 12.91
CA ALA B 2 34.79 -3.02 12.98
C ALA B 2 35.81 -2.45 13.96
N MET B 3 36.88 -3.20 14.18
CA MET B 3 37.97 -2.75 15.04
C MET B 3 39.27 -3.05 14.32
N VAL B 4 40.27 -2.22 14.55
CA VAL B 4 41.62 -2.45 14.03
C VAL B 4 42.52 -2.43 15.25
N GLU B 5 43.19 -3.53 15.52
CA GLU B 5 44.01 -3.65 16.72
C GLU B 5 45.37 -2.97 16.52
N ALA B 6 45.99 -2.59 17.62
CA ALA B 6 47.32 -1.99 17.61
C ALA B 6 48.32 -3.12 17.34
N ARG B 7 49.52 -2.77 16.92
CA ARG B 7 50.56 -3.78 16.69
C ARG B 7 51.88 -3.26 17.21
N SER B 8 52.70 -4.20 17.70
CA SER B 8 53.99 -3.93 18.35
C SER B 8 53.85 -3.09 19.62
N LEU B 9 54.94 -3.00 20.38
CA LEU B 9 54.98 -2.27 21.64
C LEU B 9 56.34 -1.60 21.71
N ALA B 10 56.50 -0.69 22.66
CA ALA B 10 57.76 0.04 22.87
C ALA B 10 58.85 -0.80 23.58
N VAL B 11 59.05 -2.02 23.11
CA VAL B 11 60.09 -2.90 23.64
C VAL B 11 60.77 -3.51 22.44
N ALA B 12 62.06 -3.22 22.32
CA ALA B 12 62.88 -3.66 21.19
C ALA B 12 64.33 -3.58 21.67
N MET B 13 65.22 -4.25 20.92
CA MET B 13 66.67 -4.28 21.20
C MET B 13 66.96 -4.93 22.56
N GLY B 14 68.24 -5.01 22.93
CA GLY B 14 68.65 -5.68 24.15
C GLY B 14 69.02 -7.14 23.92
N ASP B 15 68.42 -7.73 22.90
CA ASP B 15 68.59 -9.16 22.56
C ASP B 15 70.05 -9.58 22.38
N THR B 16 70.87 -8.64 21.93
CA THR B 16 72.27 -8.90 21.63
C THR B 16 73.15 -7.90 22.35
N VAL B 17 72.69 -7.40 23.48
CA VAL B 17 73.41 -6.36 24.22
C VAL B 17 73.71 -6.91 25.62
N VAL B 18 74.96 -6.74 26.06
CA VAL B 18 75.42 -7.38 27.28
C VAL B 18 75.76 -6.37 28.38
N GLU B 19 75.01 -6.52 29.47
CA GLU B 19 75.18 -5.83 30.78
C GLU B 19 74.75 -4.37 31.08
N PRO B 20 74.40 -3.52 30.08
CA PRO B 20 73.95 -2.23 30.64
C PRO B 20 72.59 -2.34 31.34
N ALA B 21 72.43 -1.65 32.45
CA ALA B 21 71.19 -1.72 33.23
C ALA B 21 70.54 -0.34 33.42
N PRO B 22 69.27 -0.18 33.01
CA PRO B 22 68.65 1.11 33.30
C PRO B 22 68.24 1.24 34.77
N LEU B 23 68.15 2.47 35.26
CA LEU B 23 67.76 2.77 36.66
C LEU B 23 66.25 2.55 36.96
N LYS B 24 65.78 1.37 36.59
CA LYS B 24 64.42 0.89 36.82
C LYS B 24 63.17 1.63 36.22
N PRO B 25 63.30 2.39 35.09
CA PRO B 25 62.04 2.81 34.44
C PRO B 25 61.49 1.74 33.49
N THR B 26 61.85 0.50 33.79
CA THR B 26 61.63 -0.64 32.92
C THR B 26 60.16 -0.97 32.62
N SER B 27 59.92 -1.26 31.34
CA SER B 27 58.64 -1.78 30.83
C SER B 27 57.40 -0.88 30.93
N GLU B 28 57.48 0.32 30.41
CA GLU B 28 56.28 1.17 30.25
C GLU B 28 55.62 0.86 28.90
N PRO B 29 54.43 0.22 28.89
CA PRO B 29 53.88 -0.11 27.57
C PRO B 29 53.20 1.07 26.89
N THR B 30 53.24 1.10 25.57
CA THR B 30 52.57 2.18 24.82
C THR B 30 51.05 1.97 24.80
N SER B 31 50.61 0.76 25.15
CA SER B 31 49.19 0.42 25.22
C SER B 31 48.44 0.72 23.91
N GLY B 32 47.11 0.84 23.96
CA GLY B 32 46.35 1.12 22.75
C GLY B 32 44.86 1.28 23.01
N PRO B 33 44.09 1.76 22.02
CA PRO B 33 42.64 1.94 22.19
C PRO B 33 41.85 0.64 22.01
N PRO B 34 40.55 0.62 22.39
CA PRO B 34 39.70 -0.57 22.17
C PRO B 34 39.24 -0.70 20.70
N GLY B 35 40.19 -0.68 19.77
CA GLY B 35 39.88 -0.73 18.35
C GLY B 35 39.41 0.62 17.85
N ASN B 36 38.12 0.89 18.02
CA ASN B 36 37.48 2.16 17.64
C ASN B 36 37.78 2.60 16.21
N ASN B 37 37.81 1.65 15.28
CA ASN B 37 38.17 1.95 13.88
C ASN B 37 37.44 1.00 12.92
N GLY B 38 36.35 1.46 12.34
CA GLY B 38 35.60 0.66 11.39
C GLY B 38 34.38 1.43 10.91
N GLY B 39 33.63 0.86 9.97
CA GLY B 39 32.46 1.54 9.43
C GLY B 39 32.18 1.09 8.02
N SER B 40 31.65 1.99 7.20
CA SER B 40 31.37 1.74 5.78
C SER B 40 30.47 0.53 5.50
N LEU B 41 29.48 0.32 6.35
CA LEU B 41 28.51 -0.77 6.16
C LEU B 41 27.11 -0.19 6.28
N LEU B 42 26.90 0.95 5.63
CA LEU B 42 25.62 1.65 5.68
C LEU B 42 25.44 2.42 4.39
N SER B 43 24.21 2.81 4.10
CA SER B 43 23.89 3.61 2.93
C SER B 43 22.74 4.48 3.35
N VAL B 44 22.60 5.64 2.73
CA VAL B 44 21.54 6.58 3.08
C VAL B 44 20.39 6.43 2.08
N ILE B 45 19.23 6.91 2.47
CA ILE B 45 18.05 6.85 1.62
C ILE B 45 18.27 7.81 0.46
N THR B 46 18.18 7.30 -0.76
CA THR B 46 18.45 8.11 -1.95
C THR B 46 17.33 7.99 -2.96
N GLU B 47 16.32 7.25 -2.56
CA GLU B 47 15.10 7.04 -3.37
C GLU B 47 15.40 6.60 -4.83
N GLY B 48 16.20 5.54 -4.92
CA GLY B 48 16.57 4.97 -6.21
C GLY B 48 16.05 3.56 -6.30
N VAL B 49 14.79 3.38 -5.94
CA VAL B 49 14.18 2.04 -5.89
C VAL B 49 13.86 1.56 -7.32
N GLY B 50 14.29 0.35 -7.64
CA GLY B 50 14.10 -0.21 -8.97
C GLY B 50 13.43 -1.56 -8.99
N GLU B 51 12.32 -1.70 -8.28
CA GLU B 51 11.57 -2.96 -8.30
C GLU B 51 10.86 -3.10 -9.64
N LEU B 52 10.60 -4.35 -10.05
CA LEU B 52 9.94 -4.61 -11.34
C LEU B 52 8.41 -4.82 -11.16
N SER B 53 7.96 -6.07 -11.21
CA SER B 53 6.53 -6.38 -11.11
C SER B 53 6.30 -7.61 -10.25
N VAL B 54 5.85 -7.38 -9.03
CA VAL B 54 5.52 -8.48 -8.10
C VAL B 54 4.04 -8.89 -8.31
N ILE B 55 3.47 -8.40 -9.41
CA ILE B 55 2.08 -8.64 -9.77
C ILE B 55 2.00 -8.93 -11.27
N ASP B 56 0.88 -9.44 -11.70
CA ASP B 56 0.58 -9.60 -13.13
C ASP B 56 -0.04 -8.27 -13.56
N PRO B 57 0.70 -7.46 -14.34
CA PRO B 57 0.14 -6.12 -14.53
C PRO B 57 -1.08 -6.07 -15.44
N GLU B 58 -1.24 -7.05 -16.33
CA GLU B 58 -2.38 -7.07 -17.23
C GLU B 58 -3.69 -7.39 -16.49
N VAL B 59 -3.63 -8.31 -15.56
CA VAL B 59 -4.82 -8.69 -14.77
C VAL B 59 -5.17 -7.52 -13.86
N ALA B 60 -4.14 -6.88 -13.32
CA ALA B 60 -4.32 -5.73 -12.46
C ALA B 60 -4.96 -4.57 -13.23
N GLN B 61 -4.58 -4.39 -14.49
CA GLN B 61 -5.14 -3.33 -15.32
C GLN B 61 -6.63 -3.60 -15.60
N LYS B 62 -6.97 -4.82 -15.95
CA LYS B 62 -8.37 -5.17 -16.21
C LYS B 62 -9.20 -4.96 -14.96
N ALA B 63 -8.64 -5.35 -13.82
CA ALA B 63 -9.32 -5.20 -12.55
C ALA B 63 -9.60 -3.73 -12.21
N CYS B 64 -8.65 -2.84 -12.46
CA CYS B 64 -8.85 -1.45 -12.09
C CYS B 64 -9.88 -0.77 -12.97
N GLN B 65 -9.95 -1.17 -14.25
CA GLN B 65 -10.92 -0.58 -15.16
C GLN B 65 -12.35 -0.75 -14.63
N GLU B 66 -12.69 -1.96 -14.19
CA GLU B 66 -14.01 -2.22 -13.62
C GLU B 66 -14.26 -1.40 -12.37
N VAL B 67 -13.26 -1.29 -11.53
CA VAL B 67 -13.40 -0.62 -10.23
C VAL B 67 -13.81 0.84 -10.40
N LEU B 68 -13.18 1.56 -11.32
CA LEU B 68 -13.56 2.94 -11.56
C LEU B 68 -15.01 3.01 -12.07
N GLU B 69 -15.42 2.07 -12.89
CA GLU B 69 -16.78 2.06 -13.42
C GLU B 69 -17.82 1.79 -12.34
N LYS B 70 -17.50 0.90 -11.42
CA LYS B 70 -18.40 0.61 -10.30
C LYS B 70 -18.63 1.88 -9.46
N VAL B 71 -17.58 2.65 -9.24
CA VAL B 71 -17.73 3.88 -8.45
C VAL B 71 -18.46 4.96 -9.25
N LYS B 72 -18.22 5.02 -10.55
CA LYS B 72 -18.94 5.99 -11.40
C LYS B 72 -20.44 5.69 -11.38
N LEU B 73 -20.81 4.43 -11.42
CA LEU B 73 -22.23 4.05 -11.45
C LEU B 73 -22.94 4.12 -10.11
N LEU B 74 -22.24 3.88 -8.99
CA LEU B 74 -22.89 3.95 -7.69
C LEU B 74 -23.30 5.39 -7.37
N HIS B 75 -22.71 6.31 -8.12
CA HIS B 75 -23.06 7.73 -8.02
C HIS B 75 -24.37 8.08 -8.76
N GLY B 76 -25.02 7.10 -9.38
CA GLY B 76 -26.23 7.39 -10.14
C GLY B 76 -27.19 6.23 -10.32
N GLY B 77 -27.07 5.56 -11.46
CA GLY B 77 -28.00 4.47 -11.81
C GLY B 77 -29.15 4.98 -12.67
N VAL B 78 -29.91 5.93 -12.16
CA VAL B 78 -31.04 6.52 -12.91
C VAL B 78 -30.75 7.97 -13.26
N ALA B 79 -29.57 8.42 -12.85
CA ALA B 79 -29.13 9.78 -13.10
C ALA B 79 -28.54 9.90 -14.51
N VAL B 80 -29.43 9.96 -15.51
CA VAL B 80 -29.04 10.09 -16.92
C VAL B 80 -28.53 11.49 -17.26
N MET A 1 5.28 -10.81 7.52
CA MET A 1 5.12 -10.22 6.14
C MET A 1 4.01 -10.87 5.29
N GLN A 2 2.82 -10.26 5.37
CA GLN A 2 1.66 -10.72 4.60
C GLN A 2 1.90 -10.40 3.14
N GLN A 3 1.78 -11.38 2.26
CA GLN A 3 2.06 -11.17 0.84
C GLN A 3 1.23 -10.05 0.21
N LYS A 4 0.06 -9.76 0.76
CA LYS A 4 -0.79 -8.66 0.29
C LYS A 4 -0.07 -7.30 0.32
N GLN A 5 0.89 -7.13 1.23
CA GLN A 5 1.59 -5.85 1.38
C GLN A 5 2.28 -5.41 0.10
N GLN A 6 3.04 -6.30 -0.51
CA GLN A 6 3.77 -5.96 -1.74
C GLN A 6 2.78 -5.72 -2.88
N ILE A 7 1.65 -6.41 -2.87
CA ILE A 7 0.70 -6.28 -3.96
C ILE A 7 0.11 -4.88 -3.92
N MET A 8 -0.35 -4.46 -2.75
CA MET A 8 -0.95 -3.13 -2.63
C MET A 8 0.02 -2.04 -3.01
N ALA A 9 1.31 -2.21 -2.70
CA ALA A 9 2.30 -1.21 -3.09
C ALA A 9 2.40 -1.12 -4.62
N ALA A 10 2.36 -2.28 -5.28
CA ALA A 10 2.54 -2.32 -6.72
C ALA A 10 1.30 -1.80 -7.44
N LEU A 11 0.14 -2.16 -6.92
CA LEU A 11 -1.15 -1.71 -7.48
C LEU A 11 -1.26 -0.22 -7.34
N ASN A 12 -0.83 0.31 -6.21
CA ASN A 12 -0.86 1.76 -5.98
C ASN A 12 -0.03 2.47 -7.03
N SER A 13 1.10 1.88 -7.39
CA SER A 13 1.99 2.48 -8.37
C SER A 13 1.39 2.56 -9.78
N GLN A 14 0.79 1.49 -10.26
CA GLN A 14 0.28 1.49 -11.65
C GLN A 14 -1.07 2.21 -11.76
N THR A 15 -1.74 2.46 -10.64
CA THR A 15 -3.04 3.14 -10.66
C THR A 15 -2.95 4.50 -10.01
N ALA A 16 -1.74 4.94 -9.72
CA ALA A 16 -1.51 6.22 -9.06
C ALA A 16 -2.21 7.31 -9.82
N VAL A 17 -1.88 7.46 -11.09
CA VAL A 17 -2.46 8.51 -11.91
C VAL A 17 -3.92 8.15 -12.24
N GLN A 18 -4.23 6.87 -12.40
CA GLN A 18 -5.58 6.47 -12.79
C GLN A 18 -6.62 6.84 -11.74
N PHE A 19 -6.33 6.57 -10.48
CA PHE A 19 -7.29 6.90 -9.42
C PHE A 19 -7.26 8.37 -9.09
N GLN A 20 -6.10 8.99 -9.24
CA GLN A 20 -5.97 10.43 -9.01
C GLN A 20 -6.76 11.23 -10.05
N GLN A 21 -6.71 10.82 -11.31
CA GLN A 21 -7.45 11.53 -12.35
C GLN A 21 -8.94 11.44 -12.08
N TYR A 22 -9.40 10.27 -11.66
CA TYR A 22 -10.81 10.12 -11.34
C TYR A 22 -11.19 10.94 -10.11
N ALA A 23 -10.32 10.91 -9.10
CA ALA A 23 -10.60 11.64 -7.88
C ALA A 23 -10.65 13.15 -8.15
N ALA A 24 -9.80 13.63 -9.03
CA ALA A 24 -9.76 15.03 -9.37
C ALA A 24 -11.01 15.42 -10.16
N GLN A 25 -11.61 14.45 -10.84
CA GLN A 25 -12.83 14.70 -11.58
C GLN A 25 -14.03 14.76 -10.64
N GLN A 26 -14.06 13.93 -9.63
CA GLN A 26 -15.18 13.93 -8.67
C GLN A 26 -15.10 15.03 -7.63
N TYR A 27 -13.89 15.29 -7.17
CA TYR A 27 -13.62 16.26 -6.11
C TYR A 27 -12.49 17.18 -6.54
N PRO A 28 -12.74 18.03 -7.55
CA PRO A 28 -11.58 18.84 -7.95
C PRO A 28 -11.13 19.80 -6.87
N GLY A 29 -9.81 19.82 -6.63
CA GLY A 29 -9.26 20.69 -5.61
C GLY A 29 -9.34 20.16 -4.19
N ASN A 30 -10.23 19.21 -3.90
CA ASN A 30 -10.39 18.75 -2.53
C ASN A 30 -9.50 17.57 -2.23
N TYR A 31 -8.25 17.86 -1.87
CA TYR A 31 -7.26 16.83 -1.60
C TYR A 31 -7.74 15.77 -0.63
N GLU A 32 -8.35 16.17 0.48
CA GLU A 32 -8.81 15.21 1.47
C GLU A 32 -9.86 14.27 0.90
N GLN A 33 -10.84 14.83 0.22
CA GLN A 33 -11.90 14.03 -0.40
C GLN A 33 -11.34 13.10 -1.48
N GLN A 34 -10.33 13.59 -2.21
CA GLN A 34 -9.66 12.77 -3.22
C GLN A 34 -8.99 11.56 -2.55
N GLN A 35 -8.31 11.76 -1.43
CA GLN A 35 -7.62 10.68 -0.72
C GLN A 35 -8.60 9.64 -0.24
N ILE A 36 -9.72 10.11 0.28
CA ILE A 36 -10.76 9.22 0.79
C ILE A 36 -11.24 8.31 -0.34
N LEU A 37 -11.48 8.87 -1.52
CA LEU A 37 -11.91 8.06 -2.66
C LEU A 37 -10.83 7.08 -3.10
N ILE A 38 -9.59 7.55 -3.16
CA ILE A 38 -8.47 6.69 -3.56
C ILE A 38 -8.32 5.53 -2.58
N ARG A 39 -8.49 5.76 -1.28
CA ARG A 39 -8.40 4.67 -0.30
C ARG A 39 -9.40 3.56 -0.62
N GLN A 40 -10.65 3.92 -0.89
CA GLN A 40 -11.68 2.93 -1.19
C GLN A 40 -11.37 2.21 -2.49
N LEU A 41 -10.92 2.97 -3.48
CA LEU A 41 -10.59 2.42 -4.79
C LEU A 41 -9.44 1.44 -4.72
N GLN A 42 -8.41 1.71 -3.92
CA GLN A 42 -7.28 0.78 -3.80
C GLN A 42 -7.73 -0.52 -3.14
N GLU A 43 -8.65 -0.46 -2.20
CA GLU A 43 -9.13 -1.67 -1.54
C GLU A 43 -9.90 -2.54 -2.53
N GLN A 44 -10.86 -1.92 -3.20
CA GLN A 44 -11.70 -2.63 -4.16
C GLN A 44 -10.88 -3.15 -5.34
N HIS A 45 -9.89 -2.37 -5.75
CA HIS A 45 -8.98 -2.79 -6.80
C HIS A 45 -8.25 -4.03 -6.39
N TYR A 46 -7.66 -4.03 -5.19
CA TYR A 46 -6.95 -5.22 -4.71
C TYR A 46 -7.89 -6.42 -4.68
N GLN A 47 -9.08 -6.24 -4.14
CA GLN A 47 -10.01 -7.35 -4.00
C GLN A 47 -10.35 -7.93 -5.37
N GLN A 48 -10.70 -7.09 -6.34
CA GLN A 48 -11.02 -7.57 -7.68
C GLN A 48 -9.78 -8.14 -8.37
N TYR A 49 -8.64 -7.50 -8.22
CA TYR A 49 -7.40 -7.97 -8.84
C TYR A 49 -7.04 -9.35 -8.34
N MET A 50 -7.01 -9.55 -7.04
CA MET A 50 -6.61 -10.83 -6.49
C MET A 50 -7.62 -11.91 -6.86
N GLN A 51 -8.90 -11.56 -6.86
CA GLN A 51 -9.96 -12.49 -7.27
C GLN A 51 -9.81 -12.89 -8.75
N GLN A 52 -9.52 -11.91 -9.58
CA GLN A 52 -9.37 -12.16 -11.01
C GLN A 52 -8.09 -12.91 -11.30
N LEU A 53 -7.01 -12.51 -10.65
CA LEU A 53 -5.71 -13.15 -10.79
C LEU A 53 -5.80 -14.62 -10.41
N TYR A 54 -6.56 -14.91 -9.38
CA TYR A 54 -6.72 -16.29 -8.95
C TYR A 54 -7.30 -17.11 -10.08
N GLN A 55 -8.23 -16.55 -10.83
CA GLN A 55 -8.82 -17.25 -11.96
C GLN A 55 -7.83 -17.43 -13.12
N VAL A 56 -6.92 -16.49 -13.30
CA VAL A 56 -5.94 -16.56 -14.40
C VAL A 56 -4.92 -17.64 -14.13
N GLN A 57 -4.33 -17.62 -12.93
CA GLN A 57 -3.35 -18.64 -12.58
C GLN A 57 -4.01 -20.02 -12.54
N LEU A 58 -5.26 -20.04 -12.13
CA LEU A 58 -6.04 -21.28 -12.13
C LEU A 58 -6.24 -21.79 -13.56
N ALA A 59 -6.57 -20.89 -14.47
CA ALA A 59 -6.81 -21.25 -15.87
C ALA A 59 -5.55 -21.90 -16.46
N GLN A 60 -4.39 -21.34 -16.16
CA GLN A 60 -3.12 -21.92 -16.62
C GLN A 60 -2.93 -23.31 -16.04
N GLN A 61 -3.23 -23.48 -14.75
CA GLN A 61 -3.08 -24.75 -14.08
C GLN A 61 -4.04 -25.79 -14.67
N GLN A 62 -5.29 -25.41 -14.94
CA GLN A 62 -6.23 -26.35 -15.51
C GLN A 62 -5.84 -26.78 -16.92
N ALA A 63 -5.23 -25.87 -17.68
CA ALA A 63 -4.74 -26.20 -19.03
C ALA A 63 -3.57 -27.18 -18.93
N ALA A 64 -2.77 -27.09 -17.88
CA ALA A 64 -1.68 -28.03 -17.67
C ALA A 64 -2.18 -29.38 -17.14
N LEU A 65 -3.13 -29.34 -16.23
CA LEU A 65 -3.66 -30.55 -15.58
C LEU A 65 -4.48 -31.40 -16.53
N GLN A 66 -5.44 -30.76 -17.20
CA GLN A 66 -6.39 -31.43 -18.10
C GLN A 66 -6.97 -32.76 -17.53
N LYS A 67 -7.23 -32.75 -16.23
CA LYS A 67 -7.77 -33.93 -15.55
C LYS A 67 -8.98 -33.55 -14.68
N GLN A 68 -9.54 -32.38 -14.98
CA GLN A 68 -10.66 -31.79 -14.24
C GLN A 68 -10.49 -31.87 -12.71
N GLN A 69 -9.32 -31.47 -12.23
CA GLN A 69 -9.01 -31.44 -10.79
C GLN A 69 -7.84 -30.50 -10.52
N GLY B 1 35.39 -21.09 4.98
CA GLY B 1 35.15 -22.18 3.99
C GLY B 1 36.16 -22.28 2.85
N ALA B 2 37.38 -22.76 3.17
CA ALA B 2 38.46 -22.88 2.19
C ALA B 2 39.26 -24.19 2.28
N MET B 3 39.53 -24.64 3.50
CA MET B 3 40.28 -25.88 3.76
C MET B 3 41.65 -25.92 3.06
N VAL B 4 42.50 -24.97 3.39
CA VAL B 4 43.82 -24.87 2.75
C VAL B 4 44.67 -26.11 3.03
N GLU B 5 45.51 -26.47 2.06
CA GLU B 5 46.39 -27.63 2.19
C GLU B 5 47.66 -27.20 2.93
N ALA B 6 48.02 -27.97 3.94
CA ALA B 6 49.24 -27.77 4.70
C ALA B 6 49.45 -29.02 5.53
N ARG B 7 50.68 -29.18 6.04
CA ARG B 7 51.01 -30.24 6.99
C ARG B 7 51.35 -29.66 8.36
N SER B 8 51.33 -28.33 8.44
CA SER B 8 51.55 -27.61 9.70
C SER B 8 52.71 -28.12 10.57
N LEU B 9 53.88 -28.27 9.97
CA LEU B 9 55.03 -28.80 10.70
C LEU B 9 55.64 -27.81 11.70
N ALA B 10 55.70 -28.23 12.96
CA ALA B 10 56.27 -27.44 14.04
C ALA B 10 56.61 -28.36 15.22
N VAL B 11 57.90 -28.66 15.39
CA VAL B 11 58.36 -29.53 16.45
C VAL B 11 59.73 -28.99 16.88
N ALA B 12 59.91 -28.84 18.18
CA ALA B 12 61.12 -28.27 18.74
C ALA B 12 61.61 -29.15 19.90
N MET B 13 61.65 -30.46 19.64
CA MET B 13 61.95 -31.50 20.64
C MET B 13 60.91 -31.48 21.76
N GLY B 14 61.16 -32.18 22.85
CA GLY B 14 60.18 -32.32 23.94
C GLY B 14 60.17 -33.69 24.58
N ASP B 15 60.64 -34.67 23.80
CA ASP B 15 60.65 -36.09 24.22
C ASP B 15 61.60 -36.37 25.40
N THR B 16 62.70 -35.62 25.46
CA THR B 16 63.70 -35.67 26.55
C THR B 16 63.88 -37.05 27.23
N VAL B 17 64.20 -38.06 26.42
CA VAL B 17 64.28 -39.45 26.86
C VAL B 17 65.40 -39.73 27.88
N VAL B 18 64.99 -39.94 29.12
CA VAL B 18 65.91 -40.35 30.16
C VAL B 18 65.07 -41.24 31.09
N GLU B 19 65.47 -42.49 31.28
CA GLU B 19 64.68 -43.42 32.08
C GLU B 19 64.76 -43.17 33.61
N PRO B 20 65.97 -43.00 34.21
CA PRO B 20 65.94 -42.67 35.64
C PRO B 20 65.46 -41.23 35.89
N ALA B 21 64.18 -41.06 36.19
CA ALA B 21 63.58 -39.74 36.35
C ALA B 21 62.50 -39.84 37.44
N PRO B 22 62.09 -38.71 38.05
CA PRO B 22 61.02 -38.86 39.04
C PRO B 22 59.69 -39.23 38.38
N LEU B 23 58.88 -40.00 39.09
CA LEU B 23 57.64 -40.50 38.53
C LEU B 23 56.54 -39.46 38.43
N LYS B 24 55.74 -39.58 37.38
CA LYS B 24 54.55 -38.73 37.15
C LYS B 24 54.81 -37.20 37.21
N PRO B 25 55.68 -36.68 36.31
CA PRO B 25 55.74 -35.21 36.24
C PRO B 25 54.45 -34.65 35.66
N THR B 26 54.11 -33.43 36.02
CA THR B 26 52.87 -32.78 35.58
C THR B 26 53.13 -31.36 35.11
N SER B 27 53.88 -31.23 34.01
CA SER B 27 54.29 -29.92 33.51
C SER B 27 54.25 -29.82 31.99
N GLU B 28 53.13 -30.17 31.38
CA GLU B 28 52.99 -30.13 29.92
C GLU B 28 51.70 -29.40 29.49
N PRO B 29 51.82 -28.09 29.13
CA PRO B 29 50.60 -27.33 28.81
C PRO B 29 50.10 -27.47 27.35
N THR B 30 48.87 -27.98 27.19
CA THR B 30 48.23 -28.02 25.89
C THR B 30 46.71 -28.01 26.08
N SER B 31 45.98 -27.61 25.06
CA SER B 31 44.53 -27.58 25.11
C SER B 31 43.94 -27.67 23.70
N GLY B 32 44.75 -28.14 22.76
CA GLY B 32 44.32 -28.24 21.37
C GLY B 32 44.33 -26.86 20.68
N PRO B 33 43.77 -26.73 19.48
CA PRO B 33 43.78 -25.42 18.82
C PRO B 33 42.76 -24.47 19.50
N PRO B 34 43.00 -23.14 19.43
CA PRO B 34 42.06 -22.20 20.09
C PRO B 34 40.72 -21.96 19.38
N GLY B 35 40.37 -22.78 18.39
CA GLY B 35 39.07 -22.64 17.72
C GLY B 35 38.96 -21.42 16.82
N ASN B 36 40.11 -20.89 16.43
CA ASN B 36 40.18 -19.65 15.62
C ASN B 36 39.89 -19.89 14.12
N ASN B 37 38.84 -20.62 13.79
CA ASN B 37 38.49 -20.88 12.40
C ASN B 37 37.04 -20.44 12.13
N GLY B 38 36.85 -19.66 11.07
CA GLY B 38 35.51 -19.22 10.68
C GLY B 38 35.62 -18.34 9.46
N GLY B 39 34.48 -18.07 8.82
CA GLY B 39 34.47 -17.21 7.64
C GLY B 39 33.11 -17.23 6.98
N SER B 40 32.64 -16.07 6.57
CA SER B 40 31.34 -15.94 5.89
C SER B 40 31.41 -14.72 4.98
N LEU B 41 31.90 -14.92 3.76
CA LEU B 41 32.10 -13.81 2.83
C LEU B 41 31.76 -14.27 1.42
N LEU B 42 30.49 -14.17 1.06
CA LEU B 42 30.03 -14.62 -0.24
C LEU B 42 28.74 -13.91 -0.60
N SER B 43 28.35 -14.02 -1.85
CA SER B 43 27.07 -13.55 -2.32
C SER B 43 26.73 -14.57 -3.41
N VAL B 44 25.46 -14.68 -3.78
CA VAL B 44 25.02 -15.66 -4.79
C VAL B 44 24.23 -14.91 -5.86
N ILE B 45 24.63 -15.06 -7.10
CA ILE B 45 24.01 -14.31 -8.20
C ILE B 45 22.67 -14.96 -8.52
N THR B 46 21.60 -14.20 -8.41
CA THR B 46 20.25 -14.72 -8.74
C THR B 46 19.55 -13.75 -9.70
N GLU B 47 20.27 -12.68 -10.01
CA GLU B 47 19.83 -11.61 -10.94
C GLU B 47 18.39 -11.09 -10.79
N GLY B 48 17.82 -11.18 -9.60
CA GLY B 48 16.47 -10.67 -9.36
C GLY B 48 16.44 -9.21 -8.97
N VAL B 49 17.41 -8.45 -9.43
CA VAL B 49 17.51 -7.04 -9.10
C VAL B 49 16.46 -6.22 -9.87
N GLY B 50 15.82 -5.28 -9.19
CA GLY B 50 14.81 -4.44 -9.83
C GLY B 50 13.48 -5.18 -9.96
N GLU B 51 12.80 -5.39 -8.83
CA GLU B 51 11.51 -6.10 -8.78
C GLU B 51 10.47 -5.54 -9.76
N LEU B 52 10.56 -4.23 -10.00
CA LEU B 52 9.72 -3.48 -10.95
C LEU B 52 8.20 -3.69 -10.79
N SER B 53 7.70 -4.76 -11.36
CA SER B 53 6.30 -5.13 -11.29
C SER B 53 6.21 -6.59 -10.86
N VAL B 54 6.18 -6.80 -9.55
CA VAL B 54 6.07 -8.15 -8.96
C VAL B 54 4.64 -8.71 -9.14
N ILE B 55 3.77 -7.88 -9.70
CA ILE B 55 2.39 -8.23 -9.99
C ILE B 55 2.22 -8.42 -11.48
N ASP B 56 1.05 -8.91 -11.90
CA ASP B 56 0.71 -9.00 -13.33
C ASP B 56 -0.12 -7.74 -13.64
N PRO B 57 0.50 -6.70 -14.23
CA PRO B 57 -0.25 -5.43 -14.34
C PRO B 57 -1.40 -5.41 -15.32
N GLU B 58 -1.42 -6.29 -16.31
CA GLU B 58 -2.52 -6.28 -17.27
C GLU B 58 -3.83 -6.77 -16.63
N VAL B 59 -3.71 -7.72 -15.70
CA VAL B 59 -4.89 -8.24 -14.99
C VAL B 59 -5.39 -7.14 -14.08
N ALA B 60 -4.47 -6.39 -13.49
CA ALA B 60 -4.83 -5.29 -12.62
C ALA B 60 -5.51 -4.16 -13.42
N GLN B 61 -5.08 -3.94 -14.67
CA GLN B 61 -5.68 -2.91 -15.50
C GLN B 61 -7.16 -3.25 -15.72
N LYS B 62 -7.45 -4.51 -16.03
CA LYS B 62 -8.84 -4.94 -16.23
C LYS B 62 -9.62 -4.79 -14.93
N ALA B 63 -8.99 -5.14 -13.83
CA ALA B 63 -9.66 -5.08 -12.53
C ALA B 63 -10.01 -3.64 -12.13
N CYS B 64 -9.05 -2.73 -12.21
CA CYS B 64 -9.27 -1.37 -11.72
C CYS B 64 -10.21 -0.59 -12.63
N GLN B 65 -10.25 -0.91 -13.92
CA GLN B 65 -11.14 -0.20 -14.83
C GLN B 65 -12.60 -0.53 -14.47
N GLU B 66 -12.85 -1.78 -14.10
CA GLU B 66 -14.19 -2.20 -13.70
C GLU B 66 -14.57 -1.58 -12.37
N VAL B 67 -13.60 -1.39 -11.47
CA VAL B 67 -13.86 -0.69 -10.21
C VAL B 67 -14.22 0.76 -10.49
N LEU B 68 -13.49 1.36 -11.43
CA LEU B 68 -13.75 2.75 -11.84
C LEU B 68 -15.14 2.89 -12.46
N GLU B 69 -15.58 1.90 -13.24
CA GLU B 69 -16.93 1.91 -13.78
C GLU B 69 -17.98 1.78 -12.67
N LYS B 70 -17.76 0.84 -11.77
CA LYS B 70 -18.72 0.60 -10.69
C LYS B 70 -18.95 1.83 -9.83
N VAL B 71 -17.88 2.48 -9.40
CA VAL B 71 -17.99 3.65 -8.53
C VAL B 71 -18.62 4.83 -9.28
N LYS B 72 -18.46 4.86 -10.59
CA LYS B 72 -19.08 5.92 -11.40
C LYS B 72 -20.58 5.67 -11.47
N LEU B 73 -20.98 4.41 -11.59
CA LEU B 73 -22.38 4.08 -11.70
C LEU B 73 -23.15 4.29 -10.40
N LEU B 74 -22.47 4.30 -9.26
CA LEU B 74 -23.13 4.62 -7.98
C LEU B 74 -23.68 6.04 -8.02
N HIS B 75 -23.19 6.83 -8.96
CA HIS B 75 -23.57 8.23 -9.09
C HIS B 75 -24.63 8.47 -10.16
N GLY B 76 -25.12 7.42 -10.79
CA GLY B 76 -26.06 7.59 -11.88
C GLY B 76 -25.42 8.35 -13.02
N GLY B 77 -26.21 9.13 -13.73
CA GLY B 77 -25.71 9.89 -14.87
C GLY B 77 -26.20 11.33 -14.82
N VAL B 78 -26.19 11.91 -13.62
CA VAL B 78 -26.70 13.26 -13.40
C VAL B 78 -25.59 14.31 -13.48
N ALA B 79 -24.63 14.05 -14.35
CA ALA B 79 -23.50 14.95 -14.63
C ALA B 79 -22.75 15.46 -13.36
N VAL B 80 -21.91 14.59 -12.81
CA VAL B 80 -21.08 14.93 -11.64
C VAL B 80 -20.09 16.06 -11.88
N MET A 1 3.62 -10.27 8.28
CA MET A 1 2.40 -10.45 7.43
C MET A 1 2.22 -9.35 6.31
N GLN A 2 3.35 -9.07 5.65
CA GLN A 2 3.47 -8.00 4.66
C GLN A 2 3.28 -8.47 3.21
N GLN A 3 2.86 -9.71 3.03
CA GLN A 3 2.62 -10.24 1.69
C GLN A 3 1.66 -9.34 0.90
N LYS A 4 0.58 -8.90 1.52
CA LYS A 4 -0.40 -8.05 0.84
C LYS A 4 0.15 -6.66 0.55
N GLN A 5 1.00 -6.15 1.42
CA GLN A 5 1.52 -4.79 1.24
C GLN A 5 2.30 -4.61 -0.05
N GLN A 6 3.12 -5.59 -0.43
CA GLN A 6 3.89 -5.45 -1.68
C GLN A 6 2.90 -5.37 -2.87
N ILE A 7 1.81 -6.14 -2.79
CA ILE A 7 0.81 -6.13 -3.85
C ILE A 7 0.16 -4.78 -3.91
N MET A 8 -0.30 -4.28 -2.78
CA MET A 8 -0.98 -3.00 -2.75
C MET A 8 -0.05 -1.91 -3.25
N ALA A 9 1.21 -1.93 -2.84
CA ALA A 9 2.16 -0.94 -3.35
C ALA A 9 2.26 -0.98 -4.88
N ALA A 10 2.27 -2.18 -5.44
CA ALA A 10 2.43 -2.35 -6.88
C ALA A 10 1.15 -1.95 -7.61
N LEU A 11 0.00 -2.31 -7.04
CA LEU A 11 -1.30 -1.96 -7.62
C LEU A 11 -1.48 -0.47 -7.60
N ASN A 12 -1.05 0.14 -6.50
CA ASN A 12 -1.17 1.57 -6.33
C ASN A 12 -0.29 2.28 -7.33
N SER A 13 0.86 1.69 -7.66
CA SER A 13 1.77 2.31 -8.61
C SER A 13 1.19 2.36 -10.02
N GLN A 14 0.67 1.23 -10.51
CA GLN A 14 0.16 1.18 -11.87
C GLN A 14 -1.15 1.95 -12.07
N THR A 15 -1.83 2.30 -10.99
CA THR A 15 -3.07 3.07 -11.09
C THR A 15 -3.00 4.40 -10.38
N ALA A 16 -1.80 4.83 -10.05
CA ALA A 16 -1.62 6.07 -9.28
C ALA A 16 -2.30 7.25 -9.98
N VAL A 17 -1.93 7.50 -11.23
CA VAL A 17 -2.47 8.64 -11.95
C VAL A 17 -3.93 8.41 -12.27
N GLN A 18 -4.31 7.15 -12.49
CA GLN A 18 -5.68 6.83 -12.86
C GLN A 18 -6.65 7.18 -11.73
N PHE A 19 -6.30 6.80 -10.52
CA PHE A 19 -7.17 7.07 -9.37
C PHE A 19 -7.12 8.55 -9.04
N GLN A 20 -5.96 9.17 -9.24
CA GLN A 20 -5.80 10.61 -8.99
C GLN A 20 -6.68 11.42 -9.95
N GLN A 21 -6.70 11.08 -11.23
CA GLN A 21 -7.49 11.81 -12.21
C GLN A 21 -8.97 11.69 -11.86
N TYR A 22 -9.42 10.50 -11.54
CA TYR A 22 -10.83 10.32 -11.24
C TYR A 22 -11.22 11.03 -9.94
N ALA A 23 -10.38 10.96 -8.93
CA ALA A 23 -10.66 11.64 -7.69
C ALA A 23 -10.67 13.16 -7.90
N ALA A 24 -9.84 13.65 -8.80
CA ALA A 24 -9.81 15.06 -9.11
C ALA A 24 -11.04 15.51 -9.88
N GLN A 25 -11.60 14.64 -10.73
CA GLN A 25 -12.84 14.99 -11.44
C GLN A 25 -13.98 15.07 -10.47
N GLN A 26 -14.00 14.17 -9.49
CA GLN A 26 -15.12 14.13 -8.58
C GLN A 26 -14.99 15.17 -7.47
N TYR A 27 -13.79 15.37 -6.95
CA TYR A 27 -13.56 16.27 -5.83
C TYR A 27 -12.35 17.15 -6.11
N PRO A 28 -12.46 18.07 -7.08
CA PRO A 28 -11.26 18.85 -7.38
C PRO A 28 -10.84 19.76 -6.24
N GLY A 29 -9.53 19.88 -6.06
CA GLY A 29 -8.98 20.69 -5.00
C GLY A 29 -9.07 20.13 -3.59
N ASN A 30 -10.01 19.22 -3.34
CA ASN A 30 -10.24 18.72 -1.99
C ASN A 30 -9.42 17.49 -1.74
N TYR A 31 -8.18 17.71 -1.32
CA TYR A 31 -7.23 16.64 -1.06
C TYR A 31 -7.79 15.57 -0.13
N GLU A 32 -8.50 15.97 0.91
CA GLU A 32 -9.05 15.03 1.88
C GLU A 32 -10.08 14.11 1.20
N GLN A 33 -11.02 14.70 0.48
CA GLN A 33 -12.03 13.91 -0.22
C GLN A 33 -11.40 13.03 -1.29
N GLN A 34 -10.36 13.53 -1.93
CA GLN A 34 -9.67 12.74 -2.93
C GLN A 34 -9.04 11.49 -2.29
N GLN A 35 -8.39 11.64 -1.15
CA GLN A 35 -7.78 10.51 -0.47
C GLN A 35 -8.83 9.48 -0.06
N ILE A 36 -9.96 9.97 0.42
CA ILE A 36 -11.06 9.08 0.84
C ILE A 36 -11.53 8.23 -0.35
N LEU A 37 -11.70 8.84 -1.53
CA LEU A 37 -12.09 8.08 -2.70
C LEU A 37 -10.97 7.13 -3.14
N ILE A 38 -9.73 7.61 -3.13
CA ILE A 38 -8.58 6.80 -3.50
C ILE A 38 -8.47 5.57 -2.59
N ARG A 39 -8.79 5.71 -1.32
CA ARG A 39 -8.78 4.54 -0.41
C ARG A 39 -9.73 3.45 -0.90
N GLN A 40 -10.94 3.84 -1.26
CA GLN A 40 -11.95 2.88 -1.73
C GLN A 40 -11.51 2.23 -3.05
N LEU A 41 -10.92 3.03 -3.92
CA LEU A 41 -10.46 2.56 -5.21
C LEU A 41 -9.33 1.55 -5.05
N GLN A 42 -8.41 1.81 -4.16
CA GLN A 42 -7.26 0.91 -3.96
C GLN A 42 -7.71 -0.41 -3.31
N GLU A 43 -8.59 -0.32 -2.34
CA GLU A 43 -9.08 -1.53 -1.68
C GLU A 43 -9.82 -2.39 -2.67
N GLN A 44 -10.76 -1.82 -3.38
CA GLN A 44 -11.56 -2.56 -4.33
C GLN A 44 -10.69 -3.08 -5.47
N HIS A 45 -9.68 -2.32 -5.87
CA HIS A 45 -8.76 -2.75 -6.93
C HIS A 45 -8.07 -4.03 -6.49
N TYR A 46 -7.58 -4.06 -5.26
CA TYR A 46 -6.94 -5.25 -4.72
C TYR A 46 -7.90 -6.44 -4.66
N GLN A 47 -9.12 -6.21 -4.19
CA GLN A 47 -10.12 -7.26 -4.12
C GLN A 47 -10.40 -7.86 -5.50
N GLN A 48 -10.67 -6.99 -6.47
CA GLN A 48 -11.00 -7.44 -7.82
C GLN A 48 -9.79 -8.11 -8.51
N TYR A 49 -8.59 -7.56 -8.32
CA TYR A 49 -7.39 -8.14 -8.93
C TYR A 49 -7.14 -9.50 -8.36
N MET A 50 -7.17 -9.63 -7.04
CA MET A 50 -6.87 -10.91 -6.40
C MET A 50 -7.89 -12.00 -6.76
N GLN A 51 -9.16 -11.64 -6.87
CA GLN A 51 -10.19 -12.61 -7.23
C GLN A 51 -10.06 -13.08 -8.66
N GLN A 52 -9.70 -12.17 -9.55
CA GLN A 52 -9.49 -12.53 -10.96
C GLN A 52 -8.22 -13.37 -11.09
N LEU A 53 -7.15 -12.90 -10.47
CA LEU A 53 -5.86 -13.59 -10.49
C LEU A 53 -5.97 -15.01 -9.96
N TYR A 54 -6.77 -15.20 -8.92
CA TYR A 54 -6.98 -16.53 -8.35
C TYR A 54 -7.53 -17.45 -9.41
N GLN A 55 -8.46 -16.96 -10.22
CA GLN A 55 -9.03 -17.76 -11.30
C GLN A 55 -8.03 -18.04 -12.40
N VAL A 56 -7.12 -17.10 -12.65
CA VAL A 56 -6.16 -17.27 -13.73
C VAL A 56 -5.13 -18.35 -13.36
N GLN A 57 -4.61 -18.29 -12.15
CA GLN A 57 -3.61 -19.28 -11.74
C GLN A 57 -4.29 -20.63 -11.54
N LEU A 58 -5.56 -20.59 -11.15
CA LEU A 58 -6.35 -21.80 -11.03
C LEU A 58 -6.55 -22.43 -12.39
N ALA A 59 -6.74 -21.63 -13.43
CA ALA A 59 -6.95 -22.17 -14.77
C ALA A 59 -5.70 -22.94 -15.22
N GLN A 60 -4.53 -22.39 -14.91
CA GLN A 60 -3.26 -23.07 -15.19
C GLN A 60 -3.15 -24.35 -14.37
N GLN A 61 -3.58 -24.31 -13.12
CA GLN A 61 -3.55 -25.49 -12.25
C GLN A 61 -4.52 -26.58 -12.73
N GLN A 62 -5.67 -26.18 -13.25
CA GLN A 62 -6.60 -27.11 -13.87
C GLN A 62 -5.97 -27.73 -15.12
N ALA A 63 -5.19 -26.95 -15.87
CA ALA A 63 -4.50 -27.44 -17.05
C ALA A 63 -3.35 -28.38 -16.67
N ALA A 64 -2.86 -28.30 -15.45
CA ALA A 64 -1.82 -29.22 -14.98
C ALA A 64 -2.47 -30.56 -14.60
N LEU A 65 -3.76 -30.52 -14.27
CA LEU A 65 -4.49 -31.70 -13.82
C LEU A 65 -5.16 -32.46 -14.96
N GLN A 66 -5.90 -31.70 -15.78
CA GLN A 66 -6.69 -32.23 -16.90
C GLN A 66 -7.55 -33.45 -16.52
N LYS A 67 -8.14 -33.43 -15.33
CA LYS A 67 -8.98 -34.52 -14.86
C LYS A 67 -10.29 -34.02 -14.28
N GLN A 68 -10.65 -32.80 -14.62
CA GLN A 68 -11.92 -32.23 -14.20
C GLN A 68 -12.44 -31.45 -15.39
N GLN A 69 -13.67 -31.77 -15.80
CA GLN A 69 -14.27 -31.16 -16.99
C GLN A 69 -14.98 -29.85 -16.67
N GLY B 1 22.87 9.63 -3.85
CA GLY B 1 23.22 11.06 -3.56
C GLY B 1 24.69 11.29 -3.34
N ALA B 2 25.31 10.16 -2.99
CA ALA B 2 26.75 10.03 -2.75
C ALA B 2 27.18 11.00 -1.61
N MET B 3 28.37 11.54 -1.72
CA MET B 3 28.94 12.43 -0.71
C MET B 3 29.63 13.59 -1.40
N VAL B 4 29.53 14.76 -0.79
CA VAL B 4 30.18 15.99 -1.28
C VAL B 4 31.01 16.48 -0.14
N GLU B 5 32.24 16.89 -0.43
CA GLU B 5 33.16 17.34 0.61
C GLU B 5 33.78 18.67 0.16
N ALA B 6 33.84 19.64 1.05
CA ALA B 6 34.31 20.99 0.74
C ALA B 6 35.84 21.09 0.80
N ARG B 7 36.52 20.29 -0.01
CA ARG B 7 37.97 20.23 0.02
C ARG B 7 38.59 21.58 -0.38
N SER B 8 39.45 22.09 0.47
CA SER B 8 40.21 23.29 0.15
C SER B 8 41.30 22.94 -0.87
N LEU B 9 41.31 23.65 -1.98
CA LEU B 9 42.31 23.47 -3.04
C LEU B 9 42.94 24.84 -3.29
N ALA B 10 42.98 25.66 -2.24
CA ALA B 10 43.47 27.03 -2.35
C ALA B 10 44.97 27.10 -2.67
N VAL B 11 45.72 26.14 -2.15
CA VAL B 11 47.20 26.02 -2.33
C VAL B 11 47.95 27.37 -2.35
N ALA B 12 47.77 28.14 -1.28
CA ALA B 12 48.43 29.42 -1.14
C ALA B 12 49.84 29.28 -0.57
N MET B 13 50.75 30.16 -0.96
CA MET B 13 52.14 30.12 -0.45
C MET B 13 52.39 31.32 0.47
N GLY B 14 52.05 31.16 1.74
CA GLY B 14 52.22 32.22 2.73
C GLY B 14 51.39 33.46 2.48
N ASP B 15 50.31 33.32 1.71
CA ASP B 15 49.46 34.44 1.32
C ASP B 15 48.62 34.98 2.48
N THR B 16 47.93 34.07 3.16
CA THR B 16 47.03 34.46 4.24
C THR B 16 47.53 33.99 5.59
N VAL B 17 48.74 33.45 5.62
CA VAL B 17 49.27 32.82 6.82
C VAL B 17 50.75 33.16 7.01
N VAL B 18 51.11 33.54 8.23
CA VAL B 18 52.50 33.86 8.57
C VAL B 18 53.19 32.54 8.92
N GLU B 19 53.76 31.87 7.92
CA GLU B 19 54.40 30.58 8.08
C GLU B 19 55.44 30.47 9.23
N PRO B 20 56.38 31.42 9.36
CA PRO B 20 57.36 31.23 10.44
C PRO B 20 56.96 31.72 11.85
N ALA B 21 55.69 32.05 12.05
CA ALA B 21 55.25 32.57 13.35
C ALA B 21 55.31 31.57 14.52
N PRO B 22 54.76 30.33 14.35
CA PRO B 22 54.82 29.48 15.56
C PRO B 22 56.23 28.99 15.81
N LEU B 23 56.55 28.81 17.08
CA LEU B 23 57.89 28.36 17.49
C LEU B 23 57.80 27.57 18.79
N LYS B 24 58.76 26.67 18.97
CA LYS B 24 58.83 25.72 20.09
C LYS B 24 57.74 24.64 19.97
N PRO B 25 56.53 24.74 20.59
CA PRO B 25 55.66 23.67 20.10
C PRO B 25 55.23 23.93 18.66
N THR B 26 55.04 22.86 17.88
CA THR B 26 54.72 22.97 16.45
C THR B 26 53.39 22.31 16.13
N SER B 27 52.60 22.01 17.15
CA SER B 27 51.32 21.36 16.96
C SER B 27 50.31 21.96 17.90
N GLU B 28 49.05 21.94 17.48
CA GLU B 28 47.96 22.45 18.29
C GLU B 28 47.71 21.50 19.46
N PRO B 29 47.09 21.97 20.57
CA PRO B 29 46.90 21.04 21.67
C PRO B 29 45.86 19.97 21.34
N THR B 30 46.20 18.72 21.65
CA THR B 30 45.30 17.60 21.42
C THR B 30 45.61 16.56 22.50
N SER B 31 44.67 15.64 22.73
CA SER B 31 44.85 14.59 23.74
C SER B 31 44.03 13.34 23.44
N GLY B 32 44.01 12.90 22.18
CA GLY B 32 43.26 11.69 21.83
C GLY B 32 43.59 11.13 20.47
N PRO B 33 43.01 9.97 20.09
CA PRO B 33 43.28 9.36 18.78
C PRO B 33 42.50 10.08 17.65
N PRO B 34 42.88 9.89 16.38
CA PRO B 34 42.16 10.56 15.28
C PRO B 34 40.80 9.91 14.94
N GLY B 35 39.95 10.67 14.27
CA GLY B 35 38.62 10.17 13.87
C GLY B 35 38.41 10.12 12.36
N ASN B 36 39.23 9.34 11.67
CA ASN B 36 39.11 9.21 10.22
C ASN B 36 38.17 8.05 9.88
N ASN B 37 37.07 8.35 9.17
CA ASN B 37 36.06 7.34 8.83
C ASN B 37 35.58 7.54 7.42
N GLY B 38 35.13 6.45 6.80
CA GLY B 38 34.56 6.51 5.46
C GLY B 38 33.95 5.17 5.14
N GLY B 39 33.24 5.08 4.01
CA GLY B 39 32.62 3.83 3.63
C GLY B 39 31.32 3.54 4.36
N SER B 40 30.88 4.47 5.19
CA SER B 40 29.68 4.30 6.06
C SER B 40 28.81 5.57 6.09
N LEU B 41 28.18 5.90 4.97
CA LEU B 41 27.37 7.13 4.87
C LEU B 41 25.87 6.90 5.05
N LEU B 42 25.54 5.63 5.24
CA LEU B 42 24.18 5.11 5.46
C LEU B 42 23.22 5.33 4.30
N SER B 43 22.16 4.54 4.25
CA SER B 43 21.15 4.62 3.22
C SER B 43 19.89 4.01 3.83
N VAL B 44 18.73 4.41 3.36
CA VAL B 44 17.47 3.83 3.84
C VAL B 44 17.14 2.62 2.98
N ILE B 45 16.85 1.48 3.61
CA ILE B 45 16.49 0.28 2.90
C ILE B 45 15.10 0.51 2.32
N THR B 46 15.00 0.47 1.01
CA THR B 46 13.74 0.78 0.33
C THR B 46 13.36 -0.27 -0.70
N GLU B 47 14.28 -1.20 -0.89
CA GLU B 47 14.11 -2.36 -1.81
C GLU B 47 13.52 -1.99 -3.18
N GLY B 48 13.96 -0.86 -3.72
CA GLY B 48 13.39 -0.35 -4.95
C GLY B 48 14.04 -0.88 -6.20
N VAL B 49 14.79 -1.96 -6.08
CA VAL B 49 15.47 -2.56 -7.22
C VAL B 49 15.48 -4.07 -7.00
N GLY B 50 15.25 -4.82 -8.07
CA GLY B 50 15.21 -6.27 -8.00
C GLY B 50 14.38 -6.79 -9.14
N GLU B 51 13.07 -6.66 -9.02
CA GLU B 51 12.16 -7.07 -10.09
C GLU B 51 11.21 -5.93 -10.44
N LEU B 52 10.77 -5.90 -11.68
CA LEU B 52 9.80 -4.92 -12.14
C LEU B 52 8.45 -5.62 -12.15
N SER B 53 7.47 -5.04 -11.47
CA SER B 53 6.12 -5.58 -11.32
C SER B 53 6.08 -7.01 -10.73
N VAL B 54 6.11 -7.07 -9.41
CA VAL B 54 5.89 -8.31 -8.63
C VAL B 54 4.43 -8.81 -8.77
N ILE B 55 3.63 -8.04 -9.48
CA ILE B 55 2.24 -8.37 -9.74
C ILE B 55 2.10 -8.66 -11.21
N ASP B 56 1.03 -9.36 -11.56
CA ASP B 56 0.66 -9.55 -12.95
C ASP B 56 -0.06 -8.27 -13.34
N PRO B 57 0.54 -7.42 -14.18
CA PRO B 57 -0.09 -6.11 -14.30
C PRO B 57 -1.30 -6.07 -15.23
N GLU B 58 -1.41 -7.00 -16.17
CA GLU B 58 -2.48 -6.94 -17.16
C GLU B 58 -3.84 -7.27 -16.58
N VAL B 59 -3.90 -8.25 -15.68
CA VAL B 59 -5.15 -8.57 -15.01
C VAL B 59 -5.43 -7.42 -14.06
N ALA B 60 -4.39 -6.87 -13.46
CA ALA B 60 -4.57 -5.80 -12.48
C ALA B 60 -5.17 -4.55 -13.16
N GLN B 61 -4.74 -4.25 -14.37
CA GLN B 61 -5.26 -3.09 -15.10
C GLN B 61 -6.74 -3.27 -15.45
N LYS B 62 -7.12 -4.48 -15.84
CA LYS B 62 -8.52 -4.77 -16.16
C LYS B 62 -9.36 -4.59 -14.90
N ALA B 63 -8.82 -5.09 -13.79
CA ALA B 63 -9.50 -5.00 -12.52
C ALA B 63 -9.68 -3.56 -12.03
N CYS B 64 -8.73 -2.67 -12.33
CA CYS B 64 -8.85 -1.30 -11.87
C CYS B 64 -9.91 -0.58 -12.67
N GLN B 65 -10.04 -0.87 -13.96
CA GLN B 65 -11.06 -0.24 -14.79
C GLN B 65 -12.45 -0.68 -14.34
N GLU B 66 -12.62 -1.96 -14.02
CA GLU B 66 -13.91 -2.48 -13.57
C GLU B 66 -14.35 -1.76 -12.29
N VAL B 67 -13.38 -1.52 -11.41
CA VAL B 67 -13.64 -0.80 -10.17
C VAL B 67 -14.02 0.66 -10.45
N LEU B 68 -13.29 1.30 -11.37
CA LEU B 68 -13.59 2.70 -11.71
C LEU B 68 -14.98 2.80 -12.34
N GLU B 69 -15.36 1.84 -13.17
CA GLU B 69 -16.70 1.84 -13.75
C GLU B 69 -17.78 1.68 -12.68
N LYS B 70 -17.59 0.74 -11.77
CA LYS B 70 -18.59 0.47 -10.75
C LYS B 70 -18.81 1.68 -9.85
N VAL B 71 -17.74 2.34 -9.42
CA VAL B 71 -17.91 3.50 -8.56
C VAL B 71 -18.56 4.66 -9.32
N LYS B 72 -18.35 4.75 -10.63
CA LYS B 72 -19.04 5.78 -11.43
C LYS B 72 -20.52 5.48 -11.46
N LEU B 73 -20.88 4.21 -11.53
CA LEU B 73 -22.28 3.81 -11.59
C LEU B 73 -23.02 4.02 -10.28
N LEU B 74 -22.33 3.84 -9.17
CA LEU B 74 -22.93 4.06 -7.84
C LEU B 74 -23.46 5.50 -7.64
N HIS B 75 -22.96 6.41 -8.48
CA HIS B 75 -23.33 7.81 -8.40
C HIS B 75 -24.67 8.12 -9.06
N GLY B 76 -25.23 7.16 -9.79
CA GLY B 76 -26.53 7.34 -10.43
C GLY B 76 -26.62 8.43 -11.49
N GLY B 77 -25.47 8.90 -11.99
CA GLY B 77 -25.44 9.98 -12.97
C GLY B 77 -25.22 9.50 -14.39
N VAL B 78 -25.54 8.24 -14.63
CA VAL B 78 -25.27 7.59 -15.93
C VAL B 78 -26.41 7.83 -16.95
N ALA B 79 -27.37 8.65 -16.54
CA ALA B 79 -28.49 8.98 -17.42
C ALA B 79 -28.38 10.47 -17.78
N VAL B 80 -27.77 10.76 -18.94
CA VAL B 80 -27.52 12.16 -19.38
C VAL B 80 -28.73 12.83 -20.06
N MET A 1 0.95 -13.55 7.59
CA MET A 1 1.86 -12.99 6.54
C MET A 1 1.37 -11.68 5.89
N GLN A 2 2.22 -10.63 5.96
CA GLN A 2 1.89 -9.31 5.42
C GLN A 2 2.15 -9.22 3.90
N GLN A 3 2.15 -10.38 3.24
CA GLN A 3 2.36 -10.49 1.79
C GLN A 3 1.39 -9.62 0.98
N LYS A 4 0.23 -9.31 1.53
CA LYS A 4 -0.72 -8.44 0.85
C LYS A 4 -0.17 -7.02 0.63
N GLN A 5 0.66 -6.55 1.55
CA GLN A 5 1.15 -5.17 1.48
C GLN A 5 2.01 -4.91 0.23
N GLN A 6 2.90 -5.82 -0.16
CA GLN A 6 3.70 -5.59 -1.37
C GLN A 6 2.83 -5.59 -2.62
N ILE A 7 1.73 -6.35 -2.61
CA ILE A 7 0.81 -6.36 -3.72
C ILE A 7 0.13 -5.03 -3.81
N MET A 8 -0.43 -4.58 -2.70
CA MET A 8 -1.14 -3.31 -2.73
C MET A 8 -0.23 -2.16 -3.15
N ALA A 9 1.02 -2.14 -2.68
CA ALA A 9 1.95 -1.11 -3.07
C ALA A 9 2.19 -1.13 -4.59
N ALA A 10 2.26 -2.33 -5.17
CA ALA A 10 2.55 -2.47 -6.58
C ALA A 10 1.32 -2.05 -7.41
N LEU A 11 0.15 -2.47 -6.95
CA LEU A 11 -1.09 -2.14 -7.63
C LEU A 11 -1.29 -0.63 -7.60
N ASN A 12 -0.95 -0.03 -6.48
CA ASN A 12 -1.12 1.39 -6.31
C ASN A 12 -0.20 2.13 -7.27
N SER A 13 0.98 1.58 -7.53
CA SER A 13 1.94 2.23 -8.43
C SER A 13 1.38 2.44 -9.84
N GLN A 14 0.84 1.39 -10.46
CA GLN A 14 0.35 1.51 -11.83
C GLN A 14 -1.02 2.17 -11.94
N THR A 15 -1.69 2.37 -10.81
CA THR A 15 -3.03 2.96 -10.83
C THR A 15 -3.10 4.31 -10.12
N ALA A 16 -1.96 4.79 -9.65
CA ALA A 16 -1.92 6.05 -8.91
C ALA A 16 -2.57 7.20 -9.69
N VAL A 17 -2.09 7.41 -10.90
CA VAL A 17 -2.56 8.53 -11.73
C VAL A 17 -4.00 8.30 -12.19
N GLN A 18 -4.39 7.04 -12.34
CA GLN A 18 -5.74 6.71 -12.79
C GLN A 18 -6.76 7.06 -11.72
N PHE A 19 -6.48 6.66 -10.48
CA PHE A 19 -7.38 6.92 -9.38
C PHE A 19 -7.37 8.40 -9.04
N GLN A 20 -6.21 9.04 -9.14
CA GLN A 20 -6.11 10.46 -8.87
C GLN A 20 -6.94 11.29 -9.86
N GLN A 21 -6.94 10.93 -11.13
CA GLN A 21 -7.73 11.64 -12.14
C GLN A 21 -9.22 11.47 -11.86
N TYR A 22 -9.64 10.27 -11.45
CA TYR A 22 -11.05 10.08 -11.13
C TYR A 22 -11.45 10.83 -9.86
N ALA A 23 -10.58 10.80 -8.87
CA ALA A 23 -10.84 11.50 -7.64
C ALA A 23 -10.95 13.00 -7.90
N ALA A 24 -10.13 13.51 -8.80
CA ALA A 24 -10.18 14.91 -9.18
C ALA A 24 -11.46 15.25 -9.93
N GLN A 25 -12.02 14.27 -10.61
CA GLN A 25 -13.26 14.46 -11.35
C GLN A 25 -14.44 14.53 -10.36
N GLN A 26 -14.33 13.85 -9.23
CA GLN A 26 -15.39 13.87 -8.21
C GLN A 26 -15.22 14.98 -7.17
N TYR A 27 -13.98 15.30 -6.83
CA TYR A 27 -13.67 16.31 -5.83
C TYR A 27 -12.55 17.21 -6.29
N PRO A 28 -12.79 18.01 -7.33
CA PRO A 28 -11.66 18.81 -7.80
C PRO A 28 -11.12 19.79 -6.77
N GLY A 29 -9.80 19.82 -6.62
CA GLY A 29 -9.17 20.68 -5.64
C GLY A 29 -9.15 20.17 -4.19
N ASN A 30 -10.05 19.27 -3.81
CA ASN A 30 -10.11 18.82 -2.42
C ASN A 30 -9.19 17.62 -2.22
N TYR A 31 -7.92 17.89 -1.97
CA TYR A 31 -6.91 16.82 -1.81
C TYR A 31 -7.31 15.74 -0.81
N GLU A 32 -7.77 16.11 0.37
CA GLU A 32 -8.15 15.10 1.37
C GLU A 32 -9.30 14.23 0.89
N GLN A 33 -10.33 14.85 0.33
CA GLN A 33 -11.46 14.09 -0.22
C GLN A 33 -11.00 13.17 -1.35
N GLN A 34 -10.07 13.65 -2.16
CA GLN A 34 -9.52 12.84 -3.23
C GLN A 34 -8.81 11.61 -2.64
N GLN A 35 -8.01 11.79 -1.59
CA GLN A 35 -7.29 10.69 -0.98
C GLN A 35 -8.25 9.67 -0.40
N ILE A 36 -9.31 10.13 0.24
CA ILE A 36 -10.29 9.21 0.83
C ILE A 36 -10.92 8.34 -0.24
N LEU A 37 -11.25 8.92 -1.38
CA LEU A 37 -11.80 8.13 -2.48
C LEU A 37 -10.75 7.19 -3.05
N ILE A 38 -9.52 7.68 -3.19
CA ILE A 38 -8.42 6.85 -3.67
C ILE A 38 -8.24 5.64 -2.74
N ARG A 39 -8.37 5.82 -1.44
CA ARG A 39 -8.22 4.69 -0.50
C ARG A 39 -9.29 3.63 -0.74
N GLN A 40 -10.52 4.03 -1.03
CA GLN A 40 -11.56 3.04 -1.37
C GLN A 40 -11.22 2.35 -2.68
N LEU A 41 -10.77 3.13 -3.66
CA LEU A 41 -10.44 2.58 -4.98
C LEU A 41 -9.32 1.57 -4.87
N GLN A 42 -8.34 1.81 -4.02
CA GLN A 42 -7.22 0.89 -3.84
C GLN A 42 -7.66 -0.43 -3.20
N GLU A 43 -8.60 -0.36 -2.27
CA GLU A 43 -9.13 -1.56 -1.63
C GLU A 43 -9.93 -2.35 -2.64
N GLN A 44 -10.83 -1.68 -3.34
CA GLN A 44 -11.67 -2.33 -4.36
C GLN A 44 -10.80 -2.95 -5.44
N HIS A 45 -9.74 -2.25 -5.80
CA HIS A 45 -8.79 -2.75 -6.80
C HIS A 45 -8.11 -4.00 -6.31
N TYR A 46 -7.59 -4.01 -5.10
CA TYR A 46 -6.91 -5.22 -4.62
C TYR A 46 -7.85 -6.40 -4.63
N GLN A 47 -9.08 -6.22 -4.16
CA GLN A 47 -10.04 -7.31 -4.13
C GLN A 47 -10.38 -7.82 -5.54
N GLN A 48 -10.67 -6.92 -6.47
CA GLN A 48 -10.98 -7.35 -7.83
C GLN A 48 -9.75 -7.95 -8.51
N TYR A 49 -8.58 -7.39 -8.25
CA TYR A 49 -7.34 -7.93 -8.82
C TYR A 49 -7.11 -9.34 -8.33
N MET A 50 -7.20 -9.57 -7.03
CA MET A 50 -6.90 -10.88 -6.48
C MET A 50 -7.95 -11.89 -6.91
N GLN A 51 -9.21 -11.48 -6.95
CA GLN A 51 -10.28 -12.37 -7.39
C GLN A 51 -10.10 -12.74 -8.86
N GLN A 52 -9.74 -11.77 -9.69
CA GLN A 52 -9.55 -12.03 -11.11
C GLN A 52 -8.28 -12.84 -11.34
N LEU A 53 -7.19 -12.50 -10.65
CA LEU A 53 -5.92 -13.26 -10.75
C LEU A 53 -6.13 -14.69 -10.33
N TYR A 54 -6.95 -14.91 -9.32
CA TYR A 54 -7.24 -16.26 -8.87
C TYR A 54 -7.84 -17.06 -10.01
N GLN A 55 -8.74 -16.46 -10.78
CA GLN A 55 -9.35 -17.16 -11.91
C GLN A 55 -8.36 -17.36 -13.06
N VAL A 56 -7.39 -16.47 -13.24
CA VAL A 56 -6.41 -16.63 -14.30
C VAL A 56 -5.44 -17.78 -13.97
N GLN A 57 -4.91 -17.79 -12.75
CA GLN A 57 -4.00 -18.87 -12.38
C GLN A 57 -4.75 -20.17 -12.26
N LEU A 58 -6.03 -20.08 -11.90
CA LEU A 58 -6.90 -21.26 -11.85
C LEU A 58 -7.07 -21.85 -13.23
N ALA A 59 -7.27 -21.02 -14.24
CA ALA A 59 -7.43 -21.48 -15.61
C ALA A 59 -6.20 -22.28 -16.04
N GLN A 60 -5.03 -21.81 -15.65
CA GLN A 60 -3.78 -22.52 -15.96
C GLN A 60 -3.72 -23.84 -15.20
N GLN A 61 -4.12 -23.79 -13.94
CA GLN A 61 -4.11 -24.99 -13.08
C GLN A 61 -5.11 -26.05 -13.56
N GLN A 62 -6.25 -25.61 -14.07
CA GLN A 62 -7.27 -26.51 -14.60
C GLN A 62 -6.70 -27.31 -15.77
N ALA A 63 -5.87 -26.67 -16.57
CA ALA A 63 -5.24 -27.34 -17.73
C ALA A 63 -4.18 -28.35 -17.30
N ALA A 64 -3.63 -28.19 -16.10
CA ALA A 64 -2.73 -29.19 -15.54
C ALA A 64 -3.55 -30.35 -14.95
N LEU A 65 -4.72 -30.02 -14.39
CA LEU A 65 -5.55 -31.01 -13.73
C LEU A 65 -6.23 -31.96 -14.73
N GLN A 66 -6.92 -31.37 -15.71
CA GLN A 66 -7.66 -32.11 -16.76
C GLN A 66 -8.56 -33.23 -16.22
N LYS A 67 -9.02 -33.09 -14.99
CA LYS A 67 -9.87 -34.12 -14.36
C LYS A 67 -11.07 -33.48 -13.64
N GLN A 68 -11.21 -32.18 -13.83
CA GLN A 68 -12.24 -31.42 -13.15
C GLN A 68 -12.82 -30.42 -14.15
N GLN A 69 -14.00 -30.75 -14.70
CA GLN A 69 -14.66 -29.89 -15.70
C GLN A 69 -15.72 -28.97 -15.09
N GLY B 1 27.74 -0.32 -23.00
CA GLY B 1 27.04 0.59 -23.96
C GLY B 1 27.59 2.00 -24.02
N ALA B 2 28.75 2.14 -23.39
CA ALA B 2 29.48 3.39 -23.35
C ALA B 2 30.25 3.59 -24.65
N MET B 3 30.52 4.85 -24.97
CA MET B 3 31.28 5.16 -26.19
C MET B 3 32.74 4.82 -26.00
N VAL B 4 33.37 4.32 -27.08
CA VAL B 4 34.79 3.96 -27.06
C VAL B 4 35.31 3.88 -28.50
N GLU B 5 36.49 4.42 -28.74
CA GLU B 5 37.13 4.40 -30.08
C GLU B 5 38.64 4.30 -29.93
N ALA B 6 39.06 3.92 -28.72
CA ALA B 6 40.46 3.80 -28.29
C ALA B 6 41.18 5.17 -28.19
N ARG B 7 42.40 5.15 -27.68
CA ARG B 7 43.21 6.36 -27.53
C ARG B 7 44.68 6.01 -27.61
N SER B 8 45.43 6.61 -28.51
CA SER B 8 46.85 6.30 -28.66
C SER B 8 47.58 7.53 -29.15
N LEU B 9 48.06 8.35 -28.22
CA LEU B 9 48.73 9.61 -28.57
C LEU B 9 50.14 9.61 -28.02
N ALA B 10 51.12 9.45 -28.91
CA ALA B 10 52.54 9.40 -28.52
C ALA B 10 53.44 9.73 -29.72
N VAL B 11 53.42 10.99 -30.14
CA VAL B 11 54.24 11.44 -31.27
C VAL B 11 55.07 12.62 -30.78
N ALA B 12 56.12 12.31 -30.01
CA ALA B 12 56.94 13.33 -29.36
C ALA B 12 58.31 12.78 -28.93
N MET B 13 59.22 12.60 -29.90
CA MET B 13 60.59 12.14 -29.59
C MET B 13 61.52 13.34 -29.46
N GLY B 14 60.92 14.54 -29.51
CA GLY B 14 61.68 15.79 -29.40
C GLY B 14 62.00 16.32 -30.77
N ASP B 15 62.00 17.63 -30.90
CA ASP B 15 62.27 18.28 -32.20
C ASP B 15 63.00 19.60 -31.98
N THR B 16 62.31 20.55 -31.36
CA THR B 16 62.83 21.90 -31.21
C THR B 16 62.51 22.54 -29.85
N VAL B 17 61.70 21.88 -29.04
CA VAL B 17 61.31 22.45 -27.74
C VAL B 17 62.12 21.82 -26.60
N VAL B 18 63.27 22.43 -26.33
CA VAL B 18 64.14 22.01 -25.23
C VAL B 18 64.71 23.31 -24.65
N GLU B 19 63.87 24.03 -23.93
CA GLU B 19 64.22 25.35 -23.40
C GLU B 19 65.37 25.38 -22.35
N PRO B 20 65.44 24.40 -21.41
CA PRO B 20 66.58 24.56 -20.50
C PRO B 20 67.91 24.19 -21.15
N ALA B 21 68.97 24.90 -20.78
CA ALA B 21 70.31 24.63 -21.31
C ALA B 21 71.26 24.19 -20.17
N PRO B 22 71.09 22.96 -19.66
CA PRO B 22 72.03 22.59 -18.61
C PRO B 22 73.44 22.32 -19.12
N LEU B 23 74.42 22.61 -18.29
CA LEU B 23 75.81 22.32 -18.59
C LEU B 23 76.16 20.91 -18.12
N LYS B 24 77.32 20.41 -18.54
CA LYS B 24 77.76 19.03 -18.27
C LYS B 24 77.42 18.45 -16.89
N PRO B 25 77.78 19.11 -15.76
CA PRO B 25 77.28 18.54 -14.51
C PRO B 25 75.78 18.85 -14.28
N THR B 26 74.94 17.87 -14.60
CA THR B 26 73.48 18.04 -14.54
C THR B 26 72.80 16.89 -13.79
N SER B 27 73.59 16.12 -13.07
CA SER B 27 73.04 15.01 -12.29
C SER B 27 72.20 15.51 -11.10
N GLU B 28 70.88 15.39 -11.23
CA GLU B 28 69.92 15.80 -10.20
C GLU B 28 68.76 14.83 -10.34
N PRO B 29 67.91 14.71 -9.31
CA PRO B 29 66.75 13.84 -9.57
C PRO B 29 65.77 14.52 -10.53
N THR B 30 64.89 13.76 -11.18
CA THR B 30 63.93 14.35 -12.11
C THR B 30 62.81 15.07 -11.34
N SER B 31 62.66 14.75 -10.05
CA SER B 31 61.67 15.35 -9.18
C SER B 31 60.22 15.22 -9.70
N GLY B 32 59.29 16.01 -9.14
CA GLY B 32 57.91 15.98 -9.61
C GLY B 32 57.01 16.86 -8.76
N PRO B 33 55.82 17.26 -9.27
CA PRO B 33 54.92 18.14 -8.51
C PRO B 33 54.04 17.37 -7.49
N PRO B 34 53.43 18.09 -6.53
CA PRO B 34 52.51 17.37 -5.62
C PRO B 34 51.15 17.06 -6.28
N GLY B 35 50.83 15.77 -6.40
CA GLY B 35 49.57 15.39 -6.99
C GLY B 35 49.59 15.56 -8.49
N ASN B 36 48.45 15.94 -9.06
CA ASN B 36 48.23 16.08 -10.52
C ASN B 36 48.41 14.77 -11.29
N ASN B 37 47.95 14.76 -12.53
CA ASN B 37 48.03 13.59 -13.42
C ASN B 37 47.57 12.26 -12.79
N GLY B 38 46.49 12.33 -12.00
CA GLY B 38 45.98 11.16 -11.30
C GLY B 38 44.74 10.59 -11.97
N GLY B 39 44.01 9.74 -11.26
CA GLY B 39 42.81 9.13 -11.83
C GLY B 39 41.85 8.75 -10.73
N SER B 40 40.91 7.86 -11.03
CA SER B 40 39.92 7.35 -10.07
C SER B 40 39.26 8.43 -9.20
N LEU B 41 38.53 9.34 -9.84
CA LEU B 41 37.81 10.41 -9.15
C LEU B 41 36.40 9.96 -8.77
N LEU B 42 36.17 8.66 -8.96
CA LEU B 42 34.97 7.94 -8.54
C LEU B 42 33.65 8.38 -9.17
N SER B 43 32.57 7.69 -8.81
CA SER B 43 31.22 7.98 -9.29
C SER B 43 30.32 7.41 -8.19
N VAL B 44 29.08 7.89 -8.12
CA VAL B 44 28.12 7.46 -7.09
C VAL B 44 27.09 6.50 -7.70
N ILE B 45 26.83 5.38 -7.05
CA ILE B 45 25.84 4.42 -7.55
C ILE B 45 24.51 4.80 -6.94
N THR B 46 23.54 5.10 -7.81
CA THR B 46 22.20 5.52 -7.37
C THR B 46 21.16 4.52 -7.78
N GLU B 47 21.64 3.48 -8.48
CA GLU B 47 20.81 2.38 -8.98
C GLU B 47 19.47 2.78 -9.56
N GLY B 48 19.51 3.68 -10.53
CA GLY B 48 18.28 4.12 -11.20
C GLY B 48 17.86 3.17 -12.33
N VAL B 49 18.19 1.91 -12.20
CA VAL B 49 17.85 0.91 -13.20
C VAL B 49 17.52 -0.37 -12.44
N GLY B 50 16.47 -1.06 -12.87
CA GLY B 50 15.99 -2.23 -12.16
C GLY B 50 14.50 -2.12 -11.92
N GLU B 51 13.72 -2.53 -12.91
CA GLU B 51 12.27 -2.48 -12.80
C GLU B 51 11.80 -3.57 -11.86
N LEU B 52 10.67 -3.33 -11.19
CA LEU B 52 10.11 -4.28 -10.23
C LEU B 52 8.60 -4.42 -10.45
N SER B 53 8.15 -5.65 -10.65
CA SER B 53 6.74 -5.95 -10.84
C SER B 53 6.41 -7.24 -10.11
N VAL B 54 5.86 -7.12 -8.92
CA VAL B 54 5.51 -8.29 -8.11
C VAL B 54 4.03 -8.62 -8.35
N ILE B 55 3.50 -8.12 -9.46
CA ILE B 55 2.09 -8.30 -9.84
C ILE B 55 2.02 -8.52 -11.34
N ASP B 56 0.89 -9.02 -11.82
CA ASP B 56 0.65 -9.16 -13.25
C ASP B 56 -0.06 -7.88 -13.72
N PRO B 57 0.61 -7.03 -14.50
CA PRO B 57 -0.06 -5.76 -14.77
C PRO B 57 -1.26 -5.87 -15.69
N GLU B 58 -1.28 -6.91 -16.51
CA GLU B 58 -2.40 -7.11 -17.43
C GLU B 58 -3.71 -7.40 -16.65
N VAL B 59 -3.58 -8.10 -15.53
CA VAL B 59 -4.74 -8.44 -14.72
C VAL B 59 -5.14 -7.17 -13.97
N ALA B 60 -4.14 -6.47 -13.44
CA ALA B 60 -4.38 -5.25 -12.68
C ALA B 60 -5.08 -4.18 -13.52
N GLN B 61 -4.64 -4.03 -14.76
CA GLN B 61 -5.21 -3.03 -15.65
C GLN B 61 -6.69 -3.31 -15.89
N LYS B 62 -7.03 -4.57 -16.10
CA LYS B 62 -8.44 -4.93 -16.32
C LYS B 62 -9.26 -4.84 -15.03
N ALA B 63 -8.63 -5.16 -13.91
CA ALA B 63 -9.29 -5.10 -12.61
C ALA B 63 -9.64 -3.66 -12.26
N CYS B 64 -8.69 -2.75 -12.40
CA CYS B 64 -8.94 -1.37 -12.01
C CYS B 64 -9.92 -0.70 -12.97
N GLN B 65 -9.94 -1.10 -14.23
CA GLN B 65 -10.93 -0.56 -15.17
C GLN B 65 -12.35 -0.80 -14.63
N GLU B 66 -12.61 -2.04 -14.23
CA GLU B 66 -13.94 -2.41 -13.72
C GLU B 66 -14.24 -1.65 -12.43
N VAL B 67 -13.24 -1.43 -11.59
CA VAL B 67 -13.43 -0.64 -10.37
C VAL B 67 -13.86 0.79 -10.67
N LEU B 68 -13.24 1.45 -11.64
CA LEU B 68 -13.63 2.81 -11.98
C LEU B 68 -15.05 2.82 -12.60
N GLU B 69 -15.36 1.85 -13.43
CA GLU B 69 -16.70 1.75 -14.02
C GLU B 69 -17.75 1.51 -12.95
N LYS B 70 -17.49 0.56 -12.06
CA LYS B 70 -18.44 0.20 -11.02
C LYS B 70 -18.73 1.37 -10.10
N VAL B 71 -17.69 2.05 -9.64
CA VAL B 71 -17.90 3.15 -8.68
C VAL B 71 -18.63 4.32 -9.34
N LYS B 72 -18.41 4.52 -10.64
CA LYS B 72 -19.12 5.57 -11.36
C LYS B 72 -20.60 5.22 -11.47
N LEU B 73 -20.89 3.95 -11.72
CA LEU B 73 -22.28 3.53 -11.88
C LEU B 73 -23.03 3.38 -10.54
N LEU B 74 -22.32 3.35 -9.41
CA LEU B 74 -22.99 3.39 -8.12
C LEU B 74 -23.63 4.76 -7.94
N HIS B 75 -22.99 5.77 -8.52
CA HIS B 75 -23.38 7.16 -8.35
C HIS B 75 -24.55 7.56 -9.23
N GLY B 76 -24.46 7.23 -10.51
CA GLY B 76 -25.40 7.76 -11.48
C GLY B 76 -25.23 9.27 -11.52
N GLY B 77 -26.29 10.00 -11.86
CA GLY B 77 -26.26 11.44 -11.84
C GLY B 77 -25.74 12.02 -13.15
N VAL B 78 -25.59 11.16 -14.14
CA VAL B 78 -25.09 11.55 -15.45
C VAL B 78 -26.22 11.54 -16.48
N ALA B 79 -27.30 12.23 -16.14
CA ALA B 79 -28.49 12.33 -17.00
C ALA B 79 -29.00 10.96 -17.45
N VAL B 80 -29.06 10.05 -16.45
CA VAL B 80 -29.45 8.63 -16.67
C VAL B 80 -28.56 7.99 -17.76
N MET A 1 0.30 -9.86 7.74
CA MET A 1 0.07 -10.33 6.33
C MET A 1 0.80 -9.48 5.27
N GLN A 2 2.13 -9.69 5.20
CA GLN A 2 3.01 -8.91 4.32
C GLN A 2 2.78 -9.26 2.84
N GLN A 3 2.33 -10.50 2.59
CA GLN A 3 2.10 -10.96 1.23
C GLN A 3 1.06 -10.09 0.51
N LYS A 4 0.07 -9.60 1.25
CA LYS A 4 -0.98 -8.75 0.66
C LYS A 4 -0.43 -7.35 0.43
N GLN A 5 0.38 -6.86 1.37
CA GLN A 5 0.87 -5.49 1.33
C GLN A 5 1.72 -5.18 0.09
N GLN A 6 2.59 -6.10 -0.32
CA GLN A 6 3.39 -5.87 -1.53
C GLN A 6 2.53 -5.80 -2.77
N ILE A 7 1.41 -6.54 -2.80
CA ILE A 7 0.53 -6.48 -3.96
C ILE A 7 -0.09 -5.12 -4.00
N MET A 8 -0.60 -4.67 -2.86
CA MET A 8 -1.28 -3.38 -2.81
C MET A 8 -0.29 -2.25 -3.22
N ALA A 9 0.97 -2.34 -2.81
CA ALA A 9 1.98 -1.37 -3.20
C ALA A 9 2.21 -1.36 -4.71
N ALA A 10 2.25 -2.54 -5.35
CA ALA A 10 2.50 -2.62 -6.78
C ALA A 10 1.29 -2.09 -7.53
N LEU A 11 0.10 -2.39 -7.04
CA LEU A 11 -1.13 -1.91 -7.65
C LEU A 11 -1.25 -0.40 -7.52
N ASN A 12 -0.76 0.13 -6.40
CA ASN A 12 -0.84 1.56 -6.14
C ASN A 12 0.06 2.27 -7.13
N SER A 13 1.17 1.66 -7.50
CA SER A 13 2.09 2.27 -8.47
C SER A 13 1.43 2.45 -9.86
N GLN A 14 0.89 1.37 -10.40
CA GLN A 14 0.35 1.41 -11.79
C GLN A 14 -0.96 2.18 -11.91
N THR A 15 -1.61 2.50 -10.79
CA THR A 15 -2.88 3.22 -10.87
C THR A 15 -2.81 4.58 -10.18
N ALA A 16 -1.63 5.01 -9.74
CA ALA A 16 -1.50 6.26 -9.00
C ALA A 16 -2.16 7.44 -9.73
N VAL A 17 -1.78 7.64 -10.98
CA VAL A 17 -2.32 8.77 -11.75
C VAL A 17 -3.78 8.50 -12.13
N GLN A 18 -4.12 7.24 -12.37
CA GLN A 18 -5.48 6.89 -12.82
C GLN A 18 -6.54 7.15 -11.74
N PHE A 19 -6.19 6.84 -10.49
CA PHE A 19 -7.10 7.06 -9.38
C PHE A 19 -7.13 8.56 -9.09
N GLN A 20 -5.99 9.22 -9.24
CA GLN A 20 -5.91 10.67 -9.01
C GLN A 20 -6.74 11.46 -10.03
N GLN A 21 -6.78 11.04 -11.29
CA GLN A 21 -7.59 11.71 -12.31
C GLN A 21 -9.06 11.55 -11.99
N TYR A 22 -9.50 10.35 -11.63
CA TYR A 22 -10.89 10.13 -11.31
C TYR A 22 -11.29 10.89 -10.02
N ALA A 23 -10.43 10.87 -9.01
CA ALA A 23 -10.71 11.57 -7.78
C ALA A 23 -10.78 13.09 -8.02
N ALA A 24 -9.98 13.63 -8.93
CA ALA A 24 -10.05 15.06 -9.24
C ALA A 24 -11.33 15.37 -10.01
N GLN A 25 -11.83 14.40 -10.76
CA GLN A 25 -13.05 14.60 -11.51
C GLN A 25 -14.23 14.74 -10.57
N GLN A 26 -14.22 13.94 -9.50
CA GLN A 26 -15.30 13.93 -8.53
C GLN A 26 -15.14 15.03 -7.48
N TYR A 27 -13.91 15.29 -7.10
CA TYR A 27 -13.59 16.25 -6.05
C TYR A 27 -12.48 17.20 -6.48
N PRO A 28 -12.76 18.04 -7.49
CA PRO A 28 -11.65 18.91 -7.85
C PRO A 28 -11.35 19.90 -6.72
N GLY A 29 -10.08 20.21 -6.56
CA GLY A 29 -9.67 21.16 -5.50
C GLY A 29 -9.57 20.58 -4.10
N ASN A 30 -10.21 19.45 -3.82
CA ASN A 30 -10.27 18.91 -2.46
C ASN A 30 -9.32 17.74 -2.28
N TYR A 31 -8.09 18.02 -1.87
CA TYR A 31 -7.08 16.96 -1.65
C TYR A 31 -7.56 15.88 -0.69
N GLU A 32 -8.14 16.27 0.43
CA GLU A 32 -8.58 15.30 1.45
C GLU A 32 -9.63 14.35 0.88
N GLN A 33 -10.64 14.91 0.22
CA GLN A 33 -11.70 14.09 -0.38
C GLN A 33 -11.16 13.18 -1.49
N GLN A 34 -10.19 13.67 -2.21
CA GLN A 34 -9.55 12.90 -3.26
C GLN A 34 -8.94 11.66 -2.63
N GLN A 35 -8.19 11.82 -1.56
CA GLN A 35 -7.51 10.69 -0.88
C GLN A 35 -8.53 9.69 -0.32
N ILE A 36 -9.63 10.19 0.25
CA ILE A 36 -10.66 9.30 0.79
C ILE A 36 -11.21 8.40 -0.31
N LEU A 37 -11.43 8.93 -1.50
CA LEU A 37 -11.91 8.11 -2.63
C LEU A 37 -10.81 7.15 -3.08
N ILE A 38 -9.57 7.59 -3.10
CA ILE A 38 -8.46 6.74 -3.52
C ILE A 38 -8.34 5.55 -2.55
N ARG A 39 -8.58 5.76 -1.24
CA ARG A 39 -8.53 4.63 -0.28
C ARG A 39 -9.53 3.54 -0.67
N GLN A 40 -10.75 3.92 -1.03
CA GLN A 40 -11.78 2.96 -1.43
C GLN A 40 -11.39 2.25 -2.71
N LEU A 41 -10.86 3.01 -3.66
CA LEU A 41 -10.47 2.45 -4.96
C LEU A 41 -9.33 1.46 -4.82
N GLN A 42 -8.36 1.76 -3.95
CA GLN A 42 -7.23 0.87 -3.76
C GLN A 42 -7.68 -0.43 -3.15
N GLU A 43 -8.58 -0.39 -2.17
CA GLU A 43 -9.08 -1.61 -1.55
C GLU A 43 -9.83 -2.46 -2.53
N GLN A 44 -10.80 -1.87 -3.20
CA GLN A 44 -11.60 -2.58 -4.19
C GLN A 44 -10.75 -3.10 -5.36
N HIS A 45 -9.74 -2.33 -5.75
CA HIS A 45 -8.84 -2.76 -6.81
C HIS A 45 -8.14 -4.03 -6.40
N TYR A 46 -7.61 -4.07 -5.19
CA TYR A 46 -6.93 -5.29 -4.71
C TYR A 46 -7.86 -6.47 -4.71
N GLN A 47 -9.05 -6.30 -4.18
CA GLN A 47 -9.98 -7.42 -4.09
C GLN A 47 -10.34 -7.95 -5.48
N GLN A 48 -10.67 -7.08 -6.42
CA GLN A 48 -11.05 -7.52 -7.76
C GLN A 48 -9.83 -8.10 -8.49
N TYR A 49 -8.67 -7.50 -8.32
CA TYR A 49 -7.44 -8.00 -8.94
C TYR A 49 -7.13 -9.38 -8.44
N MET A 50 -7.16 -9.58 -7.12
CA MET A 50 -6.79 -10.87 -6.55
C MET A 50 -7.83 -11.94 -6.89
N GLN A 51 -9.12 -11.59 -6.92
CA GLN A 51 -10.14 -12.59 -7.27
C GLN A 51 -9.93 -13.06 -8.71
N GLN A 52 -9.61 -12.14 -9.58
CA GLN A 52 -9.35 -12.46 -10.98
C GLN A 52 -8.00 -13.16 -11.17
N LEU A 53 -6.97 -12.67 -10.51
CA LEU A 53 -5.62 -13.27 -10.61
C LEU A 53 -5.65 -14.70 -10.14
N TYR A 54 -6.39 -14.96 -9.09
CA TYR A 54 -6.49 -16.30 -8.54
C TYR A 54 -6.98 -17.24 -9.61
N GLN A 55 -7.98 -16.82 -10.36
CA GLN A 55 -8.56 -17.63 -11.41
C GLN A 55 -7.60 -17.83 -12.58
N VAL A 56 -6.75 -16.85 -12.85
CA VAL A 56 -5.79 -16.98 -13.95
C VAL A 56 -4.71 -17.98 -13.55
N GLN A 57 -4.14 -17.85 -12.37
CA GLN A 57 -3.10 -18.77 -11.93
C GLN A 57 -3.65 -20.15 -11.67
N LEU A 58 -4.91 -20.22 -11.28
CA LEU A 58 -5.61 -21.51 -11.13
C LEU A 58 -5.79 -22.19 -12.46
N ALA A 59 -6.19 -21.42 -13.48
CA ALA A 59 -6.34 -21.99 -14.82
C ALA A 59 -5.00 -22.59 -15.29
N GLN A 60 -3.92 -21.88 -15.05
CA GLN A 60 -2.60 -22.35 -15.46
C GLN A 60 -2.16 -23.52 -14.56
N GLN A 61 -2.56 -23.52 -13.30
CA GLN A 61 -2.28 -24.60 -12.39
C GLN A 61 -2.98 -25.89 -12.82
N GLN A 62 -4.22 -25.79 -13.28
CA GLN A 62 -4.95 -26.94 -13.73
C GLN A 62 -4.30 -27.47 -15.00
N ALA A 63 -3.79 -26.56 -15.84
CA ALA A 63 -3.07 -26.91 -17.06
C ALA A 63 -1.71 -27.56 -16.77
N ALA A 64 -1.11 -27.30 -15.63
CA ALA A 64 0.11 -27.99 -15.24
C ALA A 64 -0.26 -29.40 -14.70
N LEU A 65 -1.37 -29.48 -13.98
CA LEU A 65 -1.81 -30.75 -13.37
C LEU A 65 -2.27 -31.77 -14.40
N GLN A 66 -3.11 -31.31 -15.32
CA GLN A 66 -3.75 -32.14 -16.37
C GLN A 66 -4.44 -33.37 -15.80
N LYS A 67 -4.92 -33.25 -14.57
CA LYS A 67 -5.59 -34.36 -13.88
C LYS A 67 -6.89 -33.92 -13.20
N GLN A 68 -7.34 -32.75 -13.61
CA GLN A 68 -8.53 -32.13 -13.10
C GLN A 68 -9.15 -31.63 -14.37
N GLN A 69 -10.39 -31.27 -14.32
CA GLN A 69 -11.13 -30.80 -15.48
C GLN A 69 -10.64 -29.49 -16.06
N GLY B 1 17.65 -6.53 20.66
CA GLY B 1 17.78 -5.10 21.02
C GLY B 1 17.44 -4.80 22.46
N ALA B 2 17.09 -5.92 23.10
CA ALA B 2 16.70 -5.93 24.52
C ALA B 2 17.89 -6.19 25.47
N MET B 3 19.11 -5.96 24.98
CA MET B 3 20.34 -6.20 25.77
C MET B 3 20.41 -7.62 26.32
N VAL B 4 20.48 -8.59 25.41
CA VAL B 4 20.50 -10.01 25.75
C VAL B 4 21.78 -10.42 26.49
N GLU B 5 21.63 -11.45 27.31
CA GLU B 5 22.75 -11.97 28.10
C GLU B 5 22.87 -13.44 27.83
N ALA B 6 24.04 -14.01 28.08
CA ALA B 6 24.19 -15.46 27.94
C ALA B 6 23.48 -16.12 29.14
N ARG B 7 22.88 -17.29 28.94
CA ARG B 7 22.10 -17.93 29.98
C ARG B 7 23.01 -18.40 31.13
N SER B 8 22.49 -18.29 32.35
CA SER B 8 23.21 -18.64 33.56
C SER B 8 22.40 -19.72 34.29
N LEU B 9 22.98 -20.35 35.30
CA LEU B 9 22.28 -21.38 36.05
C LEU B 9 21.15 -20.74 36.86
N ALA B 10 20.01 -21.46 36.96
CA ALA B 10 18.82 -20.96 37.64
C ALA B 10 18.69 -21.59 39.02
N VAL B 11 19.48 -22.61 39.27
CA VAL B 11 19.50 -23.31 40.54
C VAL B 11 20.95 -23.76 40.72
N ALA B 12 21.44 -23.59 41.94
CA ALA B 12 22.82 -23.89 42.30
C ALA B 12 22.85 -24.11 43.80
N MET B 13 23.99 -24.58 44.28
CA MET B 13 24.24 -24.72 45.72
C MET B 13 25.74 -24.54 45.87
N GLY B 14 26.20 -24.32 47.09
CA GLY B 14 27.63 -24.12 47.31
C GLY B 14 27.92 -23.29 48.54
N ASP B 15 28.27 -23.97 49.64
CA ASP B 15 28.47 -23.30 50.94
C ASP B 15 29.78 -23.77 51.56
N THR B 16 30.62 -24.32 50.68
CA THR B 16 31.92 -24.92 51.03
C THR B 16 31.80 -25.78 52.29
N VAL B 17 30.85 -26.71 52.24
CA VAL B 17 30.54 -27.58 53.38
C VAL B 17 31.74 -28.40 53.86
N VAL B 18 32.08 -28.25 55.13
CA VAL B 18 33.15 -29.01 55.76
C VAL B 18 32.55 -29.76 56.94
N GLU B 19 32.55 -31.08 56.81
CA GLU B 19 32.15 -32.09 57.83
C GLU B 19 30.75 -32.71 57.67
N PRO B 20 29.63 -31.95 57.72
CA PRO B 20 28.36 -32.71 57.69
C PRO B 20 28.03 -33.31 56.31
N ALA B 21 27.52 -34.54 56.34
CA ALA B 21 27.04 -35.20 55.13
C ALA B 21 25.55 -34.92 55.02
N PRO B 22 24.99 -34.95 53.80
CA PRO B 22 23.55 -34.70 53.72
C PRO B 22 22.76 -35.84 54.36
N LEU B 23 21.57 -35.51 54.82
CA LEU B 23 20.70 -36.48 55.50
C LEU B 23 20.09 -37.43 54.46
N LYS B 24 19.50 -38.51 54.98
CA LYS B 24 19.00 -39.65 54.15
C LYS B 24 17.99 -39.32 53.02
N PRO B 25 16.99 -38.44 53.25
CA PRO B 25 16.12 -38.19 52.10
C PRO B 25 16.86 -37.64 50.88
N THR B 26 16.32 -37.92 49.72
CA THR B 26 16.89 -37.45 48.46
C THR B 26 15.74 -36.96 47.62
N SER B 27 16.07 -36.29 46.52
CA SER B 27 15.05 -35.71 45.62
C SER B 27 14.12 -34.70 46.35
N GLU B 28 14.74 -33.87 47.18
CA GLU B 28 14.04 -32.77 47.83
C GLU B 28 13.71 -31.70 46.77
N PRO B 29 12.64 -30.89 47.00
CA PRO B 29 12.26 -29.92 45.97
C PRO B 29 13.22 -28.73 45.87
N THR B 30 13.37 -28.20 44.67
CA THR B 30 14.30 -27.10 44.38
C THR B 30 13.56 -25.90 43.76
N SER B 31 12.36 -25.63 44.28
CA SER B 31 11.52 -24.55 43.74
C SER B 31 12.08 -23.15 44.01
N GLY B 32 11.73 -22.20 43.15
CA GLY B 32 12.16 -20.82 43.31
C GLY B 32 11.32 -19.93 42.43
N PRO B 33 11.49 -18.58 42.46
CA PRO B 33 10.64 -17.75 41.60
C PRO B 33 11.09 -17.73 40.13
N PRO B 34 10.15 -17.71 39.18
CA PRO B 34 10.59 -17.64 37.78
C PRO B 34 11.05 -16.24 37.33
N GLY B 35 11.90 -16.21 36.33
CA GLY B 35 12.45 -14.97 35.79
C GLY B 35 11.93 -14.71 34.38
N ASN B 36 11.88 -13.43 33.97
CA ASN B 36 11.26 -13.05 32.68
C ASN B 36 12.11 -13.34 31.46
N ASN B 37 13.42 -13.21 31.64
CA ASN B 37 14.41 -13.48 30.59
C ASN B 37 14.12 -12.76 29.25
N GLY B 38 14.11 -11.45 29.24
CA GLY B 38 13.84 -10.69 28.01
C GLY B 38 14.86 -10.90 26.90
N GLY B 39 14.39 -10.86 25.67
CA GLY B 39 15.27 -11.09 24.52
C GLY B 39 14.55 -10.97 23.20
N SER B 40 13.74 -9.92 23.04
CA SER B 40 12.96 -9.71 21.83
C SER B 40 13.48 -8.45 21.11
N LEU B 41 12.60 -7.75 20.41
CA LEU B 41 12.91 -6.52 19.66
C LEU B 41 14.04 -6.76 18.63
N LEU B 42 13.87 -7.80 17.82
CA LEU B 42 14.84 -8.15 16.77
C LEU B 42 14.44 -7.48 15.45
N SER B 43 15.35 -6.69 14.91
CA SER B 43 15.10 -5.99 13.65
C SER B 43 16.45 -5.73 12.98
N VAL B 44 16.69 -6.44 11.89
CA VAL B 44 17.93 -6.29 11.14
C VAL B 44 17.61 -5.48 9.90
N ILE B 45 18.43 -4.48 9.62
CA ILE B 45 18.22 -3.57 8.49
C ILE B 45 18.48 -4.33 7.18
N THR B 46 17.61 -4.14 6.21
CA THR B 46 17.78 -4.75 4.88
C THR B 46 18.18 -3.67 3.88
N GLU B 47 17.26 -2.78 3.65
CA GLU B 47 17.45 -1.52 2.88
C GLU B 47 18.28 -1.69 1.57
N GLY B 48 17.92 -2.67 0.77
CA GLY B 48 18.66 -2.97 -0.44
C GLY B 48 17.83 -3.32 -1.65
N VAL B 49 16.67 -2.70 -1.81
CA VAL B 49 15.81 -3.00 -2.94
C VAL B 49 15.21 -1.69 -3.40
N GLY B 50 15.01 -1.54 -4.72
CA GLY B 50 14.40 -0.34 -5.26
C GLY B 50 12.92 -0.59 -5.49
N GLU B 51 12.62 -1.32 -6.57
CA GLU B 51 11.25 -1.69 -6.92
C GLU B 51 11.24 -3.13 -7.37
N LEU B 52 10.05 -3.74 -7.40
CA LEU B 52 9.86 -5.10 -7.89
C LEU B 52 8.41 -5.24 -8.37
N SER B 53 8.24 -5.76 -9.58
CA SER B 53 6.92 -5.92 -10.17
C SER B 53 6.33 -7.28 -9.80
N VAL B 54 5.76 -7.36 -8.61
CA VAL B 54 5.22 -8.62 -8.10
C VAL B 54 3.77 -8.89 -8.56
N ILE B 55 3.39 -8.34 -9.71
CA ILE B 55 2.02 -8.49 -10.20
C ILE B 55 1.98 -8.73 -11.71
N ASP B 56 0.86 -9.29 -12.15
CA ASP B 56 0.54 -9.37 -13.58
C ASP B 56 -0.10 -8.00 -13.87
N PRO B 57 0.55 -7.16 -14.70
CA PRO B 57 -0.04 -5.83 -14.83
C PRO B 57 -1.37 -5.76 -15.60
N GLU B 58 -1.62 -6.69 -16.49
CA GLU B 58 -2.79 -6.65 -17.36
C GLU B 58 -4.11 -6.98 -16.66
N VAL B 59 -4.08 -7.97 -15.75
CA VAL B 59 -5.30 -8.30 -14.99
C VAL B 59 -5.51 -7.20 -13.98
N ALA B 60 -4.44 -6.57 -13.56
CA ALA B 60 -4.52 -5.44 -12.66
C ALA B 60 -5.19 -4.27 -13.39
N GLN B 61 -4.82 -4.05 -14.66
CA GLN B 61 -5.43 -3.00 -15.47
C GLN B 61 -6.93 -3.26 -15.71
N LYS B 62 -7.32 -4.50 -15.99
CA LYS B 62 -8.75 -4.81 -16.16
C LYS B 62 -9.48 -4.54 -14.83
N ALA B 63 -8.91 -4.98 -13.74
CA ALA B 63 -9.54 -4.84 -12.43
C ALA B 63 -9.74 -3.38 -12.03
N CYS B 64 -8.78 -2.50 -12.28
CA CYS B 64 -8.95 -1.10 -11.89
C CYS B 64 -10.00 -0.41 -12.73
N GLN B 65 -10.11 -0.78 -14.00
CA GLN B 65 -11.09 -0.20 -14.89
C GLN B 65 -12.53 -0.56 -14.44
N GLU B 66 -12.75 -1.83 -14.13
CA GLU B 66 -14.08 -2.29 -13.67
C GLU B 66 -14.45 -1.69 -12.34
N VAL B 67 -13.47 -1.51 -11.45
CA VAL B 67 -13.78 -0.88 -10.14
C VAL B 67 -14.18 0.57 -10.42
N LEU B 68 -13.54 1.24 -11.34
CA LEU B 68 -13.92 2.62 -11.64
C LEU B 68 -15.34 2.69 -12.20
N GLU B 69 -15.69 1.77 -13.08
CA GLU B 69 -17.05 1.73 -13.65
C GLU B 69 -18.08 1.49 -12.53
N LYS B 70 -17.78 0.56 -11.62
CA LYS B 70 -18.72 0.23 -10.55
C LYS B 70 -18.95 1.41 -9.62
N VAL B 71 -17.89 2.11 -9.22
CA VAL B 71 -18.05 3.25 -8.31
C VAL B 71 -18.70 4.44 -9.00
N LYS B 72 -18.55 4.53 -10.33
CA LYS B 72 -19.23 5.59 -11.09
C LYS B 72 -20.71 5.30 -11.16
N LEU B 73 -21.07 4.01 -11.07
CA LEU B 73 -22.46 3.62 -11.12
C LEU B 73 -23.20 3.89 -9.82
N LEU B 74 -22.49 3.86 -8.72
CA LEU B 74 -23.08 4.17 -7.39
C LEU B 74 -23.56 5.62 -7.36
N HIS B 75 -23.00 6.42 -8.27
CA HIS B 75 -23.33 7.84 -8.36
C HIS B 75 -24.60 8.10 -9.16
N GLY B 76 -25.17 7.03 -9.69
CA GLY B 76 -26.44 7.15 -10.40
C GLY B 76 -26.36 7.96 -11.67
N GLY B 77 -25.21 7.93 -12.36
CA GLY B 77 -25.07 8.72 -13.56
C GLY B 77 -23.94 8.43 -14.53
N VAL B 78 -22.84 7.83 -14.04
CA VAL B 78 -21.62 7.49 -14.83
C VAL B 78 -20.81 8.67 -15.38
N ALA B 79 -21.49 9.79 -15.56
CA ALA B 79 -20.90 11.04 -16.01
C ALA B 79 -20.81 12.00 -14.83
N VAL B 80 -19.69 11.87 -14.10
CA VAL B 80 -19.33 12.67 -12.91
C VAL B 80 -20.39 12.66 -11.80
N MET A 1 1.19 -13.67 5.66
CA MET A 1 1.46 -12.69 6.77
C MET A 1 1.56 -11.23 6.29
N GLN A 2 2.47 -10.99 5.31
CA GLN A 2 2.67 -9.65 4.73
C GLN A 2 2.54 -9.59 3.22
N GLN A 3 2.23 -10.72 2.57
CA GLN A 3 2.23 -10.79 1.09
C GLN A 3 1.28 -9.79 0.44
N LYS A 4 0.18 -9.43 1.11
CA LYS A 4 -0.78 -8.46 0.55
C LYS A 4 -0.13 -7.08 0.38
N GLN A 5 0.82 -6.75 1.24
CA GLN A 5 1.46 -5.43 1.21
C GLN A 5 2.22 -5.14 -0.11
N GLN A 6 3.01 -6.11 -0.57
CA GLN A 6 3.78 -5.91 -1.79
C GLN A 6 2.85 -5.80 -2.99
N ILE A 7 1.74 -6.50 -2.94
CA ILE A 7 0.75 -6.44 -4.02
C ILE A 7 0.10 -5.07 -4.04
N MET A 8 -0.45 -4.62 -2.91
CA MET A 8 -1.18 -3.36 -2.90
C MET A 8 -0.27 -2.22 -3.33
N ALA A 9 0.99 -2.22 -2.91
CA ALA A 9 1.91 -1.16 -3.30
C ALA A 9 2.13 -1.17 -4.82
N ALA A 10 2.22 -2.35 -5.42
CA ALA A 10 2.43 -2.46 -6.86
C ALA A 10 1.18 -2.03 -7.63
N LEU A 11 0.02 -2.45 -7.15
CA LEU A 11 -1.25 -2.02 -7.72
C LEU A 11 -1.42 -0.51 -7.62
N ASN A 12 -1.02 0.07 -6.50
CA ASN A 12 -1.18 1.48 -6.28
C ASN A 12 -0.26 2.24 -7.24
N SER A 13 0.92 1.70 -7.54
CA SER A 13 1.84 2.37 -8.43
C SER A 13 1.25 2.54 -9.83
N GLN A 14 0.81 1.43 -10.43
CA GLN A 14 0.34 1.46 -11.81
C GLN A 14 -1.00 2.19 -12.00
N THR A 15 -1.68 2.46 -10.90
CA THR A 15 -2.96 3.15 -10.95
C THR A 15 -2.97 4.44 -10.13
N ALA A 16 -1.79 4.90 -9.71
CA ALA A 16 -1.69 6.11 -8.92
C ALA A 16 -2.33 7.27 -9.66
N VAL A 17 -1.95 7.44 -10.93
CA VAL A 17 -2.48 8.56 -11.71
C VAL A 17 -3.93 8.26 -12.11
N GLN A 18 -4.28 6.99 -12.28
CA GLN A 18 -5.64 6.64 -12.69
C GLN A 18 -6.63 7.03 -11.60
N PHE A 19 -6.29 6.74 -10.37
CA PHE A 19 -7.18 7.05 -9.26
C PHE A 19 -7.17 8.55 -9.03
N GLN A 20 -6.01 9.19 -9.19
CA GLN A 20 -5.89 10.65 -9.00
C GLN A 20 -6.71 11.42 -10.04
N GLN A 21 -6.71 10.98 -11.30
CA GLN A 21 -7.51 11.65 -12.34
C GLN A 21 -9.00 11.54 -12.04
N TYR A 22 -9.43 10.36 -11.59
CA TYR A 22 -10.82 10.17 -11.27
C TYR A 22 -11.25 10.92 -9.99
N ALA A 23 -10.41 10.86 -8.96
CA ALA A 23 -10.71 11.55 -7.71
C ALA A 23 -10.81 13.05 -7.90
N ALA A 24 -9.97 13.58 -8.78
CA ALA A 24 -9.95 15.01 -9.11
C ALA A 24 -11.21 15.37 -9.92
N GLN A 25 -11.71 14.47 -10.73
CA GLN A 25 -12.93 14.70 -11.48
C GLN A 25 -14.15 14.72 -10.55
N GLN A 26 -14.14 13.86 -9.55
CA GLN A 26 -15.28 13.77 -8.66
C GLN A 26 -15.23 14.80 -7.55
N TYR A 27 -14.03 15.15 -7.09
CA TYR A 27 -13.85 16.11 -6.02
C TYR A 27 -12.68 17.03 -6.35
N PRO A 28 -12.85 17.92 -7.35
CA PRO A 28 -11.71 18.79 -7.68
C PRO A 28 -11.36 19.73 -6.53
N GLY A 29 -10.04 19.96 -6.35
CA GLY A 29 -9.55 20.83 -5.28
C GLY A 29 -9.56 20.22 -3.89
N ASN A 30 -10.46 19.27 -3.61
CA ASN A 30 -10.63 18.76 -2.28
C ASN A 30 -9.69 17.60 -2.05
N TYR A 31 -8.47 17.90 -1.64
CA TYR A 31 -7.44 16.89 -1.43
C TYR A 31 -7.90 15.82 -0.45
N GLU A 32 -8.56 16.24 0.62
CA GLU A 32 -9.03 15.28 1.62
C GLU A 32 -9.99 14.28 1.02
N GLN A 33 -10.96 14.76 0.26
CA GLN A 33 -11.95 13.90 -0.39
C GLN A 33 -11.30 13.06 -1.49
N GLN A 34 -10.33 13.63 -2.15
CA GLN A 34 -9.59 12.87 -3.17
C GLN A 34 -8.93 11.65 -2.51
N GLN A 35 -8.31 11.85 -1.35
CA GLN A 35 -7.65 10.76 -0.67
C GLN A 35 -8.61 9.70 -0.20
N ILE A 36 -9.76 10.12 0.31
CA ILE A 36 -10.77 9.15 0.81
C ILE A 36 -11.26 8.29 -0.36
N LEU A 37 -11.49 8.91 -1.50
CA LEU A 37 -11.92 8.18 -2.69
C LEU A 37 -10.80 7.25 -3.16
N ILE A 38 -9.55 7.72 -3.14
CA ILE A 38 -8.42 6.88 -3.54
C ILE A 38 -8.32 5.69 -2.59
N ARG A 39 -8.52 5.87 -1.27
CA ARG A 39 -8.47 4.73 -0.34
C ARG A 39 -9.53 3.69 -0.70
N GLN A 40 -10.72 4.13 -1.08
CA GLN A 40 -11.77 3.21 -1.46
C GLN A 40 -11.37 2.46 -2.73
N LEU A 41 -10.82 3.19 -3.69
CA LEU A 41 -10.43 2.59 -4.98
C LEU A 41 -9.30 1.57 -4.82
N GLN A 42 -8.34 1.86 -3.94
CA GLN A 42 -7.21 0.97 -3.73
C GLN A 42 -7.64 -0.37 -3.12
N GLU A 43 -8.53 -0.33 -2.16
CA GLU A 43 -9.01 -1.56 -1.54
C GLU A 43 -9.81 -2.38 -2.57
N GLN A 44 -10.75 -1.73 -3.24
CA GLN A 44 -11.59 -2.41 -4.23
C GLN A 44 -10.71 -2.97 -5.37
N HIS A 45 -9.73 -2.24 -5.80
CA HIS A 45 -8.81 -2.72 -6.84
C HIS A 45 -8.14 -3.98 -6.39
N TYR A 46 -7.64 -4.02 -5.17
CA TYR A 46 -7.02 -5.25 -4.68
C TYR A 46 -7.99 -6.42 -4.66
N GLN A 47 -9.19 -6.21 -4.15
CA GLN A 47 -10.17 -7.28 -4.07
C GLN A 47 -10.48 -7.84 -5.47
N GLN A 48 -10.71 -6.96 -6.42
CA GLN A 48 -11.01 -7.39 -7.79
C GLN A 48 -9.82 -8.07 -8.43
N TYR A 49 -8.63 -7.49 -8.22
CA TYR A 49 -7.42 -8.04 -8.76
C TYR A 49 -7.18 -9.43 -8.24
N MET A 50 -7.29 -9.61 -6.93
CA MET A 50 -6.97 -10.90 -6.33
C MET A 50 -7.95 -12.01 -6.76
N GLN A 51 -9.23 -11.71 -6.84
CA GLN A 51 -10.20 -12.72 -7.28
C GLN A 51 -9.94 -13.09 -8.74
N GLN A 52 -9.65 -12.09 -9.55
CA GLN A 52 -9.42 -12.32 -10.96
C GLN A 52 -8.11 -13.05 -11.16
N LEU A 53 -7.06 -12.62 -10.45
CA LEU A 53 -5.74 -13.25 -10.53
C LEU A 53 -5.83 -14.70 -10.12
N TYR A 54 -6.62 -14.98 -9.10
CA TYR A 54 -6.79 -16.35 -8.63
C TYR A 54 -7.31 -17.18 -9.78
N GLN A 55 -8.24 -16.65 -10.54
CA GLN A 55 -8.77 -17.40 -11.66
C GLN A 55 -7.73 -17.57 -12.77
N VAL A 56 -6.85 -16.60 -12.98
CA VAL A 56 -5.84 -16.69 -14.05
C VAL A 56 -4.74 -17.66 -13.69
N GLN A 57 -4.27 -17.65 -12.48
CA GLN A 57 -3.25 -18.61 -12.06
C GLN A 57 -3.85 -19.99 -12.01
N LEU A 58 -5.15 -20.06 -11.71
CA LEU A 58 -5.87 -21.33 -11.72
C LEU A 58 -5.95 -21.82 -13.15
N ALA A 59 -6.25 -20.95 -14.11
CA ALA A 59 -6.37 -21.37 -15.49
C ALA A 59 -5.06 -21.97 -15.96
N GLN A 60 -3.95 -21.36 -15.57
CA GLN A 60 -2.62 -21.89 -15.89
C GLN A 60 -2.39 -23.24 -15.22
N GLN A 61 -2.85 -23.38 -13.97
CA GLN A 61 -2.72 -24.63 -13.24
C GLN A 61 -3.58 -25.73 -13.89
N GLN A 62 -4.77 -25.39 -14.36
CA GLN A 62 -5.63 -26.36 -15.05
C GLN A 62 -4.95 -26.80 -16.34
N ALA A 63 -4.27 -25.89 -17.01
CA ALA A 63 -3.55 -26.21 -18.24
C ALA A 63 -2.34 -27.08 -17.97
N ALA A 64 -1.77 -27.01 -16.78
CA ALA A 64 -0.65 -27.86 -16.39
C ALA A 64 -1.14 -29.28 -16.08
N LEU A 65 -2.41 -29.41 -15.70
CA LEU A 65 -3.00 -30.68 -15.31
C LEU A 65 -3.61 -31.41 -16.51
N GLN A 66 -4.56 -30.77 -17.18
CA GLN A 66 -5.35 -31.36 -18.29
C GLN A 66 -5.90 -32.76 -18.01
N LYS A 67 -6.18 -33.06 -16.75
CA LYS A 67 -6.58 -34.43 -16.34
C LYS A 67 -7.67 -34.38 -15.28
N GLN A 68 -8.30 -33.21 -15.16
CA GLN A 68 -9.31 -32.99 -14.12
C GLN A 68 -10.43 -32.12 -14.68
N GLN A 69 -11.65 -32.67 -14.77
CA GLN A 69 -12.82 -31.92 -15.33
C GLN A 69 -13.20 -30.72 -14.42
N GLY B 1 26.60 -7.18 -26.04
CA GLY B 1 27.49 -6.25 -25.29
C GLY B 1 28.94 -6.24 -25.73
N ALA B 2 29.69 -5.22 -25.29
CA ALA B 2 31.09 -5.11 -25.66
C ALA B 2 31.92 -6.08 -24.78
N MET B 3 33.08 -6.49 -25.28
CA MET B 3 33.99 -7.34 -24.52
C MET B 3 35.41 -6.84 -24.78
N VAL B 4 36.33 -7.24 -23.91
CA VAL B 4 37.72 -6.77 -24.01
C VAL B 4 38.47 -7.56 -25.11
N GLU B 5 39.27 -6.83 -25.88
CA GLU B 5 40.10 -7.43 -26.93
C GLU B 5 41.14 -8.35 -26.27
N ALA B 6 41.49 -9.44 -26.93
CA ALA B 6 42.52 -10.35 -26.46
C ALA B 6 43.92 -9.75 -26.71
N ARG B 7 44.21 -8.66 -26.00
CA ARG B 7 45.45 -7.91 -26.15
C ARG B 7 46.65 -8.65 -25.51
N SER B 8 47.28 -9.48 -26.32
CA SER B 8 48.44 -10.27 -25.89
C SER B 8 49.40 -10.41 -27.06
N LEU B 9 50.58 -10.92 -26.77
CA LEU B 9 51.61 -11.16 -27.79
C LEU B 9 52.18 -12.54 -27.54
N ALA B 10 52.51 -13.27 -28.60
CA ALA B 10 53.08 -14.61 -28.47
C ALA B 10 54.11 -14.86 -29.57
N VAL B 11 55.23 -14.17 -29.49
CA VAL B 11 56.32 -14.32 -30.44
C VAL B 11 57.52 -14.82 -29.69
N ALA B 12 57.55 -16.13 -29.50
CA ALA B 12 58.70 -16.77 -28.89
C ALA B 12 59.80 -16.75 -29.96
N MET B 13 61.04 -16.51 -29.54
CA MET B 13 62.17 -16.45 -30.44
C MET B 13 63.16 -17.39 -29.79
N GLY B 14 64.10 -17.96 -30.53
CA GLY B 14 65.02 -18.92 -29.96
C GLY B 14 66.44 -18.51 -30.24
N ASP B 15 67.33 -18.87 -29.32
CA ASP B 15 68.73 -18.46 -29.41
C ASP B 15 69.48 -19.25 -30.47
N THR B 16 69.01 -20.47 -30.73
CA THR B 16 69.56 -21.37 -31.75
C THR B 16 71.11 -21.44 -31.79
N VAL B 17 71.74 -21.47 -30.64
CA VAL B 17 73.20 -21.51 -30.55
C VAL B 17 73.70 -22.87 -31.06
N VAL B 18 74.65 -22.83 -31.98
CA VAL B 18 75.27 -24.06 -32.53
C VAL B 18 76.79 -23.97 -32.39
N GLU B 19 77.31 -24.86 -31.56
CA GLU B 19 78.75 -25.05 -31.22
C GLU B 19 79.34 -24.35 -29.94
N PRO B 20 79.24 -23.01 -29.76
CA PRO B 20 79.91 -22.46 -28.57
C PRO B 20 79.12 -22.56 -27.25
N ALA B 21 78.13 -23.45 -27.22
CA ALA B 21 77.24 -23.55 -26.06
C ALA B 21 78.02 -23.93 -24.80
N PRO B 22 77.61 -23.40 -23.64
CA PRO B 22 78.40 -23.79 -22.47
C PRO B 22 78.24 -25.26 -22.07
N LEU B 23 79.33 -25.80 -21.55
CA LEU B 23 79.35 -27.15 -20.99
C LEU B 23 79.09 -27.03 -19.50
N LYS B 24 78.51 -28.11 -18.95
CA LYS B 24 78.13 -28.24 -17.53
C LYS B 24 76.85 -27.44 -17.26
N PRO B 25 76.88 -26.15 -16.79
CA PRO B 25 75.50 -25.63 -16.81
C PRO B 25 75.01 -25.42 -18.24
N THR B 26 73.73 -25.69 -18.48
CA THR B 26 73.18 -25.71 -19.83
C THR B 26 72.47 -24.42 -20.19
N SER B 27 73.12 -23.62 -21.03
CA SER B 27 72.60 -22.32 -21.54
C SER B 27 72.26 -21.29 -20.48
N GLU B 28 71.93 -20.08 -20.95
CA GLU B 28 71.53 -18.96 -20.07
C GLU B 28 70.21 -18.40 -20.58
N PRO B 29 69.10 -19.11 -20.33
CA PRO B 29 67.84 -18.68 -20.93
C PRO B 29 67.14 -17.51 -20.21
N THR B 30 66.38 -16.73 -20.96
CA THR B 30 65.57 -15.63 -20.43
C THR B 30 64.16 -16.06 -20.05
N SER B 31 63.84 -17.32 -20.34
CA SER B 31 62.51 -17.92 -20.09
C SER B 31 61.38 -17.28 -20.92
N GLY B 32 60.17 -17.77 -20.68
CA GLY B 32 59.00 -17.28 -21.39
C GLY B 32 58.23 -16.28 -20.55
N PRO B 33 57.08 -15.73 -21.01
CA PRO B 33 56.42 -14.74 -20.15
C PRO B 33 55.80 -15.36 -18.88
N PRO B 34 55.79 -14.61 -17.76
CA PRO B 34 55.14 -15.12 -16.55
C PRO B 34 53.64 -14.97 -16.62
N GLY B 35 52.95 -15.55 -15.64
CA GLY B 35 51.51 -15.38 -15.53
C GLY B 35 51.17 -14.80 -14.18
N ASN B 36 50.03 -14.14 -14.06
CA ASN B 36 49.57 -13.56 -12.81
C ASN B 36 48.07 -13.29 -12.90
N ASN B 37 47.48 -12.84 -11.81
CA ASN B 37 46.06 -12.47 -11.77
C ASN B 37 46.05 -11.09 -11.11
N GLY B 38 44.90 -10.45 -11.04
CA GLY B 38 44.86 -9.11 -10.46
C GLY B 38 43.44 -8.63 -10.22
N GLY B 39 43.33 -7.43 -9.65
CA GLY B 39 42.03 -6.85 -9.37
C GLY B 39 41.39 -6.24 -10.62
N SER B 40 40.18 -5.72 -10.48
CA SER B 40 39.44 -5.16 -11.61
C SER B 40 38.96 -3.77 -11.31
N LEU B 41 39.63 -2.79 -11.89
CA LEU B 41 39.27 -1.39 -11.75
C LEU B 41 38.28 -1.02 -12.84
N LEU B 42 37.30 -1.89 -13.05
CA LEU B 42 36.30 -1.74 -14.12
C LEU B 42 34.91 -1.86 -13.50
N SER B 43 33.97 -1.02 -13.91
CA SER B 43 32.61 -1.07 -13.44
C SER B 43 31.72 -0.69 -14.58
N VAL B 44 30.56 -1.30 -14.63
CA VAL B 44 29.59 -1.13 -15.72
C VAL B 44 28.23 -0.86 -15.08
N ILE B 45 27.48 0.08 -15.62
CA ILE B 45 26.17 0.44 -15.07
C ILE B 45 25.19 -0.68 -15.29
N THR B 46 24.63 -1.24 -14.20
CA THR B 46 23.61 -2.28 -14.28
C THR B 46 22.29 -1.73 -13.75
N GLU B 47 22.39 -0.51 -13.25
CA GLU B 47 21.26 0.25 -12.66
C GLU B 47 20.52 1.03 -13.75
N GLY B 48 20.44 0.47 -14.95
CA GLY B 48 19.77 1.16 -16.04
C GLY B 48 18.26 1.09 -16.00
N VAL B 49 17.76 0.12 -15.24
CA VAL B 49 16.32 -0.13 -15.14
C VAL B 49 16.07 -0.87 -13.83
N GLY B 50 14.91 -0.64 -13.22
CA GLY B 50 14.55 -1.31 -11.98
C GLY B 50 13.08 -1.27 -11.72
N GLU B 51 12.30 -1.44 -12.79
CA GLU B 51 10.85 -1.24 -12.76
C GLU B 51 10.09 -2.20 -11.85
N LEU B 52 10.46 -3.49 -11.97
CA LEU B 52 9.89 -4.60 -11.18
C LEU B 52 8.39 -4.87 -11.27
N SER B 53 8.03 -6.00 -11.84
CA SER B 53 6.62 -6.44 -11.88
C SER B 53 6.45 -7.64 -10.97
N VAL B 54 6.10 -7.35 -9.72
CA VAL B 54 5.85 -8.40 -8.71
C VAL B 54 4.39 -8.85 -8.80
N ILE B 55 3.68 -8.27 -9.74
CA ILE B 55 2.26 -8.54 -9.99
C ILE B 55 2.12 -8.77 -11.47
N ASP B 56 0.99 -9.33 -11.90
CA ASP B 56 0.70 -9.49 -13.32
C ASP B 56 -0.04 -8.21 -13.69
N PRO B 57 0.62 -7.28 -14.41
CA PRO B 57 -0.06 -6.00 -14.59
C PRO B 57 -1.22 -6.08 -15.57
N GLU B 58 -1.23 -7.11 -16.42
CA GLU B 58 -2.26 -7.28 -17.43
C GLU B 58 -3.63 -7.54 -16.79
N VAL B 59 -3.59 -8.30 -15.70
CA VAL B 59 -4.81 -8.63 -14.97
C VAL B 59 -5.18 -7.41 -14.14
N ALA B 60 -4.16 -6.77 -13.59
CA ALA B 60 -4.37 -5.62 -12.72
C ALA B 60 -5.05 -4.47 -13.47
N GLN B 61 -4.70 -4.31 -14.72
CA GLN B 61 -5.30 -3.26 -15.57
C GLN B 61 -6.77 -3.54 -15.79
N LYS B 62 -7.13 -4.78 -16.06
CA LYS B 62 -8.54 -5.14 -16.25
C LYS B 62 -9.29 -4.95 -14.95
N ALA B 63 -8.62 -5.25 -13.86
CA ALA B 63 -9.23 -5.13 -12.54
C ALA B 63 -9.55 -3.68 -12.17
N CYS B 64 -8.67 -2.74 -12.45
CA CYS B 64 -8.93 -1.34 -12.09
C CYS B 64 -9.98 -0.74 -13.02
N GLN B 65 -9.98 -1.16 -14.28
CA GLN B 65 -10.94 -0.63 -15.26
C GLN B 65 -12.37 -0.83 -14.74
N GLU B 66 -12.66 -2.04 -14.26
CA GLU B 66 -13.97 -2.34 -13.69
C GLU B 66 -14.26 -1.47 -12.47
N VAL B 67 -13.30 -1.35 -11.58
CA VAL B 67 -13.49 -0.62 -10.31
C VAL B 67 -13.87 0.85 -10.53
N LEU B 68 -13.23 1.52 -11.49
CA LEU B 68 -13.57 2.93 -11.74
C LEU B 68 -15.02 3.01 -12.23
N GLU B 69 -15.45 2.12 -13.12
CA GLU B 69 -16.82 2.13 -13.62
C GLU B 69 -17.83 1.83 -12.53
N LYS B 70 -17.50 0.88 -11.65
CA LYS B 70 -18.39 0.53 -10.52
C LYS B 70 -18.66 1.74 -9.66
N VAL B 71 -17.62 2.50 -9.35
CA VAL B 71 -17.79 3.68 -8.51
C VAL B 71 -18.55 4.78 -9.21
N LYS B 72 -18.45 4.84 -10.52
CA LYS B 72 -19.22 5.84 -11.27
C LYS B 72 -20.71 5.50 -11.16
N LEU B 73 -21.07 4.24 -11.22
CA LEU B 73 -22.47 3.82 -11.14
C LEU B 73 -23.07 4.00 -9.75
N LEU B 74 -22.21 4.01 -8.71
CA LEU B 74 -22.67 4.29 -7.35
C LEU B 74 -23.22 5.71 -7.25
N HIS B 75 -22.84 6.56 -8.19
CA HIS B 75 -23.20 7.96 -8.19
C HIS B 75 -24.51 8.21 -8.92
N GLY B 76 -25.03 7.17 -9.56
CA GLY B 76 -26.31 7.28 -10.24
C GLY B 76 -26.16 8.14 -11.49
N GLY B 77 -27.30 8.64 -11.97
CA GLY B 77 -27.34 9.44 -13.19
C GLY B 77 -27.56 10.91 -12.91
N VAL B 78 -27.31 11.29 -11.66
CA VAL B 78 -27.45 12.68 -11.18
C VAL B 78 -28.82 13.34 -11.49
N ALA B 79 -29.84 12.96 -10.76
CA ALA B 79 -31.17 13.57 -10.88
C ALA B 79 -31.59 14.22 -9.55
N VAL B 80 -31.31 15.51 -9.37
CA VAL B 80 -31.62 16.26 -8.12
C VAL B 80 -33.09 16.54 -7.82
N MET A 1 6.30 -12.44 5.00
CA MET A 1 5.36 -11.72 5.92
C MET A 1 4.61 -10.54 5.26
N GLN A 2 3.30 -10.37 5.62
CA GLN A 2 2.40 -9.33 5.09
C GLN A 2 2.41 -9.28 3.56
N GLN A 3 2.23 -10.44 2.96
CA GLN A 3 2.21 -10.59 1.49
C GLN A 3 1.35 -9.53 0.77
N LYS A 4 0.22 -9.17 1.35
CA LYS A 4 -0.72 -8.21 0.75
C LYS A 4 -0.09 -6.83 0.53
N GLN A 5 0.84 -6.43 1.39
CA GLN A 5 1.40 -5.08 1.28
C GLN A 5 2.15 -4.82 -0.03
N GLN A 6 2.98 -5.76 -0.47
CA GLN A 6 3.73 -5.56 -1.72
C GLN A 6 2.78 -5.49 -2.91
N ILE A 7 1.69 -6.22 -2.82
CA ILE A 7 0.71 -6.22 -3.90
C ILE A 7 0.06 -4.87 -3.95
N MET A 8 -0.47 -4.42 -2.80
CA MET A 8 -1.14 -3.13 -2.75
C MET A 8 -0.22 -1.98 -3.16
N ALA A 9 1.05 -2.07 -2.86
CA ALA A 9 2.00 -1.06 -3.27
C ALA A 9 2.20 -1.07 -4.79
N ALA A 10 2.27 -2.25 -5.38
CA ALA A 10 2.49 -2.38 -6.81
C ALA A 10 1.25 -1.96 -7.58
N LEU A 11 0.10 -2.31 -7.04
CA LEU A 11 -1.18 -1.92 -7.63
C LEU A 11 -1.33 -0.42 -7.59
N ASN A 12 -0.90 0.19 -6.50
CA ASN A 12 -0.95 1.64 -6.38
C ASN A 12 -0.10 2.30 -7.43
N SER A 13 1.05 1.72 -7.75
CA SER A 13 1.98 2.33 -8.69
C SER A 13 1.34 2.45 -10.07
N GLN A 14 0.77 1.36 -10.60
CA GLN A 14 0.20 1.41 -11.96
C GLN A 14 -1.12 2.20 -12.02
N THR A 15 -1.74 2.49 -10.89
CA THR A 15 -3.04 3.18 -10.89
C THR A 15 -2.93 4.53 -10.20
N ALA A 16 -1.71 4.98 -9.93
CA ALA A 16 -1.49 6.23 -9.21
C ALA A 16 -2.19 7.39 -9.93
N VAL A 17 -1.85 7.59 -11.20
CA VAL A 17 -2.44 8.70 -11.96
C VAL A 17 -3.91 8.43 -12.24
N GLN A 18 -4.30 7.18 -12.34
CA GLN A 18 -5.67 6.83 -12.67
C GLN A 18 -6.64 7.18 -11.54
N PHE A 19 -6.28 6.79 -10.33
CA PHE A 19 -7.14 7.02 -9.19
C PHE A 19 -7.14 8.50 -8.90
N GLN A 20 -6.00 9.15 -9.08
CA GLN A 20 -5.87 10.59 -8.83
C GLN A 20 -6.73 11.37 -9.82
N GLN A 21 -6.74 11.00 -11.09
CA GLN A 21 -7.56 11.72 -12.08
C GLN A 21 -9.06 11.56 -11.80
N TYR A 22 -9.47 10.36 -11.41
CA TYR A 22 -10.88 10.15 -11.10
C TYR A 22 -11.27 10.93 -9.86
N ALA A 23 -10.44 10.89 -8.84
CA ALA A 23 -10.72 11.63 -7.62
C ALA A 23 -10.79 13.12 -7.90
N ALA A 24 -9.96 13.60 -8.81
CA ALA A 24 -9.95 15.00 -9.18
C ALA A 24 -11.19 15.38 -9.98
N GLN A 25 -11.79 14.44 -10.70
CA GLN A 25 -13.02 14.68 -11.42
C GLN A 25 -14.22 14.73 -10.45
N GLN A 26 -14.16 13.90 -9.42
CA GLN A 26 -15.27 13.85 -8.48
C GLN A 26 -15.19 14.90 -7.39
N TYR A 27 -13.98 15.17 -6.94
CA TYR A 27 -13.74 16.12 -5.85
C TYR A 27 -12.60 17.05 -6.21
N PRO A 28 -12.80 17.93 -7.20
CA PRO A 28 -11.67 18.79 -7.57
C PRO A 28 -11.26 19.72 -6.44
N GLY A 29 -9.96 19.96 -6.32
CA GLY A 29 -9.42 20.79 -5.26
C GLY A 29 -9.40 20.19 -3.87
N ASN A 30 -10.31 19.28 -3.53
CA ASN A 30 -10.45 18.80 -2.16
C ASN A 30 -9.57 17.60 -1.91
N TYR A 31 -8.31 17.85 -1.56
CA TYR A 31 -7.35 16.76 -1.41
C TYR A 31 -7.77 15.69 -0.42
N GLU A 32 -8.43 16.05 0.67
CA GLU A 32 -8.87 15.05 1.62
C GLU A 32 -9.93 14.13 0.98
N GLN A 33 -10.87 14.71 0.26
CA GLN A 33 -11.93 13.94 -0.38
C GLN A 33 -11.33 13.08 -1.49
N GLN A 34 -10.30 13.62 -2.14
CA GLN A 34 -9.60 12.86 -3.15
C GLN A 34 -8.98 11.61 -2.55
N GLN A 35 -8.30 11.74 -1.42
CA GLN A 35 -7.64 10.59 -0.79
C GLN A 35 -8.64 9.57 -0.31
N ILE A 36 -9.78 10.02 0.18
CA ILE A 36 -10.86 9.12 0.63
C ILE A 36 -11.40 8.29 -0.52
N LEU A 37 -11.52 8.88 -1.69
CA LEU A 37 -11.96 8.10 -2.83
C LEU A 37 -10.85 7.15 -3.28
N ILE A 38 -9.62 7.62 -3.28
CA ILE A 38 -8.48 6.82 -3.72
C ILE A 38 -8.31 5.60 -2.80
N ARG A 39 -8.50 5.76 -1.51
CA ARG A 39 -8.31 4.64 -0.58
C ARG A 39 -9.36 3.54 -0.78
N GLN A 40 -10.58 3.94 -1.14
CA GLN A 40 -11.63 2.96 -1.45
C GLN A 40 -11.24 2.21 -2.70
N LEU A 41 -10.72 2.96 -3.67
CA LEU A 41 -10.35 2.39 -4.98
C LEU A 41 -9.17 1.46 -4.82
N GLN A 42 -8.25 1.76 -3.91
CA GLN A 42 -7.12 0.86 -3.64
C GLN A 42 -7.59 -0.47 -3.09
N GLU A 43 -8.50 -0.44 -2.15
CA GLU A 43 -9.01 -1.66 -1.51
C GLU A 43 -9.78 -2.49 -2.52
N GLN A 44 -10.73 -1.87 -3.20
CA GLN A 44 -11.52 -2.57 -4.22
C GLN A 44 -10.67 -3.04 -5.42
N HIS A 45 -9.67 -2.27 -5.81
CA HIS A 45 -8.73 -2.72 -6.85
C HIS A 45 -8.02 -3.98 -6.39
N TYR A 46 -7.57 -4.02 -5.15
CA TYR A 46 -6.95 -5.24 -4.64
C TYR A 46 -7.92 -6.39 -4.63
N GLN A 47 -9.12 -6.17 -4.13
CA GLN A 47 -10.11 -7.23 -4.03
C GLN A 47 -10.39 -7.82 -5.43
N GLN A 48 -10.72 -6.96 -6.37
CA GLN A 48 -11.02 -7.39 -7.74
C GLN A 48 -9.80 -8.03 -8.39
N TYR A 49 -8.64 -7.43 -8.21
CA TYR A 49 -7.40 -7.95 -8.78
C TYR A 49 -7.17 -9.38 -8.31
N MET A 50 -7.25 -9.60 -7.02
CA MET A 50 -6.96 -10.93 -6.52
C MET A 50 -8.02 -11.93 -6.91
N GLN A 51 -9.28 -11.51 -6.90
CA GLN A 51 -10.40 -12.41 -7.26
C GLN A 51 -10.24 -12.84 -8.69
N GLN A 52 -9.84 -11.90 -9.53
CA GLN A 52 -9.64 -12.19 -10.94
C GLN A 52 -8.36 -12.98 -11.20
N LEU A 53 -7.29 -12.62 -10.50
CA LEU A 53 -6.00 -13.28 -10.65
C LEU A 53 -6.17 -14.75 -10.29
N TYR A 54 -6.94 -14.99 -9.26
CA TYR A 54 -7.15 -16.34 -8.77
C TYR A 54 -7.82 -17.18 -9.85
N GLN A 55 -8.74 -16.61 -10.60
CA GLN A 55 -9.40 -17.34 -11.67
C GLN A 55 -8.49 -17.53 -12.88
N VAL A 56 -7.58 -16.58 -13.12
CA VAL A 56 -6.64 -16.71 -14.25
C VAL A 56 -5.58 -17.77 -13.99
N GLN A 57 -4.98 -17.74 -12.82
CA GLN A 57 -3.97 -18.73 -12.46
C GLN A 57 -4.64 -20.10 -12.37
N LEU A 58 -5.89 -20.09 -11.91
CA LEU A 58 -6.69 -21.33 -11.85
C LEU A 58 -7.00 -21.87 -13.25
N ALA A 59 -7.22 -21.00 -14.23
CA ALA A 59 -7.52 -21.46 -15.57
C ALA A 59 -6.30 -22.20 -16.15
N GLN A 60 -5.14 -21.64 -15.90
CA GLN A 60 -3.88 -22.26 -16.30
C GLN A 60 -3.61 -23.54 -15.52
N GLN A 61 -3.95 -23.55 -14.24
CA GLN A 61 -3.84 -24.75 -13.41
C GLN A 61 -4.81 -25.85 -13.88
N GLN A 62 -6.00 -25.47 -14.31
CA GLN A 62 -6.96 -26.45 -14.82
C GLN A 62 -6.50 -27.02 -16.14
N ALA A 63 -5.85 -26.19 -16.96
CA ALA A 63 -5.31 -26.65 -18.23
C ALA A 63 -4.13 -27.60 -18.03
N ALA A 64 -3.46 -27.47 -16.89
CA ALA A 64 -2.37 -28.36 -16.57
C ALA A 64 -2.90 -29.70 -16.05
N LEU A 65 -3.95 -29.67 -15.24
CA LEU A 65 -4.50 -30.86 -14.63
C LEU A 65 -5.35 -31.71 -15.57
N GLN A 66 -6.24 -31.03 -16.29
CA GLN A 66 -7.23 -31.65 -17.21
C GLN A 66 -7.98 -32.87 -16.58
N LYS A 67 -8.22 -32.80 -15.28
CA LYS A 67 -8.83 -33.93 -14.54
C LYS A 67 -10.28 -33.67 -14.19
N GLN A 68 -10.84 -32.67 -14.83
CA GLN A 68 -12.23 -32.24 -14.60
C GLN A 68 -12.67 -32.24 -13.12
N GLN A 69 -11.94 -31.50 -12.29
CA GLN A 69 -12.31 -31.36 -10.88
C GLN A 69 -13.46 -30.36 -10.69
N GLY B 1 -26.17 -2.59 36.38
CA GLY B 1 -27.08 -2.63 37.56
C GLY B 1 -27.47 -1.28 38.13
N ALA B 2 -28.36 -1.32 39.12
CA ALA B 2 -28.83 -0.12 39.80
C ALA B 2 -28.80 -0.38 41.30
N MET B 3 -28.63 0.70 42.05
CA MET B 3 -28.63 0.70 43.51
C MET B 3 -29.41 1.94 43.91
N VAL B 4 -29.98 1.94 45.10
CA VAL B 4 -30.78 3.06 45.58
C VAL B 4 -30.51 3.23 47.07
N GLU B 5 -30.70 4.43 47.58
CA GLU B 5 -30.44 4.71 49.00
C GLU B 5 -31.63 5.43 49.60
N ALA B 6 -32.05 5.02 50.80
CA ALA B 6 -33.15 5.63 51.53
C ALA B 6 -32.94 5.32 53.01
N ARG B 7 -33.62 6.06 53.87
CA ARG B 7 -33.58 5.86 55.31
C ARG B 7 -35.00 5.53 55.73
N SER B 8 -35.23 4.31 56.17
CA SER B 8 -36.57 3.90 56.58
C SER B 8 -36.54 3.34 58.00
N LEU B 9 -37.65 3.47 58.70
CA LEU B 9 -37.76 3.01 60.08
C LEU B 9 -39.03 2.15 60.18
N ALA B 10 -39.03 1.02 59.51
CA ALA B 10 -40.16 0.09 59.51
C ALA B 10 -39.65 -1.36 59.40
N VAL B 11 -39.59 -2.04 60.51
CA VAL B 11 -39.14 -3.43 60.59
C VAL B 11 -40.34 -4.39 60.45
N ALA B 12 -41.31 -3.98 59.63
CA ALA B 12 -42.54 -4.75 59.40
C ALA B 12 -42.88 -4.74 57.90
N MET B 13 -41.85 -4.80 57.07
CA MET B 13 -42.03 -4.72 55.60
C MET B 13 -41.31 -5.88 54.91
N GLY B 14 -41.29 -7.04 55.58
CA GLY B 14 -40.57 -8.21 55.05
C GLY B 14 -41.44 -9.16 54.24
N ASP B 15 -42.71 -8.86 54.13
CA ASP B 15 -43.69 -9.75 53.49
C ASP B 15 -43.84 -9.43 51.98
N THR B 16 -42.75 -8.98 51.36
CA THR B 16 -42.73 -8.62 49.95
C THR B 16 -42.44 -9.85 49.07
N VAL B 17 -42.80 -11.01 49.55
CA VAL B 17 -42.45 -12.27 48.92
C VAL B 17 -43.29 -12.59 47.68
N VAL B 18 -42.64 -12.67 46.53
CA VAL B 18 -43.27 -13.10 45.29
C VAL B 18 -42.20 -13.81 44.49
N GLU B 19 -42.49 -15.02 44.05
CA GLU B 19 -41.59 -15.80 43.20
C GLU B 19 -42.13 -16.31 41.82
N PRO B 20 -43.33 -15.87 41.34
CA PRO B 20 -43.64 -16.31 39.96
C PRO B 20 -42.93 -15.46 38.88
N ALA B 21 -41.60 -15.45 38.95
CA ALA B 21 -40.78 -14.62 38.07
C ALA B 21 -40.90 -15.03 36.61
N PRO B 22 -40.86 -14.04 35.70
CA PRO B 22 -40.95 -14.43 34.28
C PRO B 22 -39.72 -15.18 33.80
N LEU B 23 -39.90 -16.16 32.92
CA LEU B 23 -38.75 -16.92 32.45
C LEU B 23 -38.12 -16.25 31.22
N LYS B 24 -36.78 -16.23 31.22
CA LYS B 24 -35.87 -15.62 30.21
C LYS B 24 -35.25 -14.29 30.64
N PRO B 25 -36.03 -13.23 31.01
CA PRO B 25 -35.26 -12.08 31.46
C PRO B 25 -34.68 -12.30 32.86
N THR B 26 -33.51 -11.74 33.11
CA THR B 26 -32.78 -11.97 34.39
C THR B 26 -32.37 -10.63 35.08
N SER B 27 -32.83 -9.53 34.52
CA SER B 27 -32.62 -8.16 35.02
C SER B 27 -31.14 -7.72 35.11
N GLU B 28 -30.35 -8.15 34.12
CA GLU B 28 -28.91 -7.84 34.05
C GLU B 28 -28.58 -6.94 32.85
N PRO B 29 -28.58 -5.59 33.02
CA PRO B 29 -28.16 -4.80 31.86
C PRO B 29 -26.63 -4.86 31.62
N THR B 30 -26.24 -5.27 30.41
CA THR B 30 -24.83 -5.47 30.08
C THR B 30 -24.36 -4.54 28.94
N SER B 31 -25.20 -3.57 28.56
CA SER B 31 -24.85 -2.64 27.49
C SER B 31 -23.85 -1.58 27.97
N GLY B 32 -23.07 -1.02 27.06
CA GLY B 32 -22.12 0.03 27.43
C GLY B 32 -21.68 0.83 26.22
N PRO B 33 -20.84 1.87 26.41
CA PRO B 33 -20.44 2.72 25.30
C PRO B 33 -19.37 2.07 24.39
N PRO B 34 -19.25 2.54 23.15
CA PRO B 34 -18.21 1.93 22.31
C PRO B 34 -16.79 2.42 22.67
N GLY B 35 -15.79 1.66 22.24
CA GLY B 35 -14.40 2.06 22.49
C GLY B 35 -13.73 2.56 21.24
N ASN B 36 -12.43 2.79 21.32
CA ASN B 36 -11.65 3.26 20.17
C ASN B 36 -11.00 2.06 19.45
N ASN B 37 -10.96 2.11 18.14
CA ASN B 37 -10.38 1.04 17.34
C ASN B 37 -8.85 1.11 17.40
N GLY B 38 -8.19 -0.01 17.16
CA GLY B 38 -6.73 -0.07 17.11
C GLY B 38 -6.39 -1.01 15.98
N GLY B 39 -5.12 -1.36 15.78
CA GLY B 39 -4.75 -2.26 14.69
C GLY B 39 -3.25 -2.38 14.52
N SER B 40 -2.83 -3.06 13.47
CA SER B 40 -1.41 -3.29 13.16
C SER B 40 -0.99 -2.52 11.92
N LEU B 41 -0.55 -1.28 12.09
CA LEU B 41 -0.16 -0.40 10.99
C LEU B 41 1.35 -0.18 10.97
N LEU B 42 2.09 -1.28 10.90
CA LEU B 42 3.55 -1.22 10.92
C LEU B 42 4.16 -2.27 9.98
N SER B 43 5.43 -2.08 9.65
CA SER B 43 6.19 -3.01 8.83
C SER B 43 7.63 -2.73 9.26
N VAL B 44 8.57 -3.63 9.01
CA VAL B 44 9.95 -3.44 9.42
C VAL B 44 10.80 -3.58 8.16
N ILE B 45 11.97 -2.92 8.14
CA ILE B 45 12.85 -2.99 7.00
C ILE B 45 13.73 -4.23 7.18
N THR B 46 13.72 -5.10 6.19
CA THR B 46 14.50 -6.33 6.21
C THR B 46 15.47 -6.31 5.03
N GLU B 47 15.44 -5.19 4.34
CA GLU B 47 16.28 -4.89 3.15
C GLU B 47 16.32 -5.97 2.05
N GLY B 48 15.23 -6.72 1.93
CA GLY B 48 15.12 -7.76 0.93
C GLY B 48 14.21 -7.35 -0.21
N VAL B 49 14.39 -6.14 -0.73
CA VAL B 49 13.50 -5.58 -1.76
C VAL B 49 14.27 -5.03 -2.95
N GLY B 50 14.04 -5.63 -4.12
CA GLY B 50 14.69 -5.20 -5.36
C GLY B 50 14.06 -5.84 -6.58
N GLU B 51 12.74 -5.72 -6.68
CA GLU B 51 11.98 -6.37 -7.76
C GLU B 51 11.13 -5.39 -8.58
N LEU B 52 10.70 -5.87 -9.74
CA LEU B 52 9.88 -5.12 -10.69
C LEU B 52 8.63 -5.91 -11.04
N SER B 53 7.47 -5.27 -11.01
CA SER B 53 6.18 -5.91 -11.32
C SER B 53 5.88 -7.20 -10.56
N VAL B 54 5.82 -7.09 -9.24
CA VAL B 54 5.43 -8.23 -8.38
C VAL B 54 3.92 -8.55 -8.44
N ILE B 55 3.30 -8.18 -9.56
CA ILE B 55 1.88 -8.39 -9.81
C ILE B 55 1.77 -8.79 -11.27
N ASP B 56 0.63 -9.33 -11.67
CA ASP B 56 0.34 -9.53 -13.09
C ASP B 56 -0.33 -8.21 -13.57
N PRO B 57 0.41 -7.34 -14.29
CA PRO B 57 -0.19 -6.02 -14.55
C PRO B 57 -1.38 -6.06 -15.52
N GLU B 58 -1.49 -7.10 -16.31
CA GLU B 58 -2.59 -7.24 -17.26
C GLU B 58 -3.89 -7.47 -16.49
N VAL B 59 -3.79 -8.32 -15.49
CA VAL B 59 -4.95 -8.62 -14.67
C VAL B 59 -5.28 -7.38 -13.89
N ALA B 60 -4.26 -6.69 -13.41
CA ALA B 60 -4.44 -5.50 -12.61
C ALA B 60 -5.05 -4.34 -13.43
N GLN B 61 -4.71 -4.23 -14.71
CA GLN B 61 -5.32 -3.23 -15.59
C GLN B 61 -6.81 -3.50 -15.82
N LYS B 62 -7.16 -4.76 -16.07
CA LYS B 62 -8.57 -5.14 -16.23
C LYS B 62 -9.31 -4.89 -14.93
N ALA B 63 -8.69 -5.21 -13.82
CA ALA B 63 -9.29 -4.98 -12.53
C ALA B 63 -9.53 -3.49 -12.21
N CYS B 64 -8.63 -2.61 -12.59
CA CYS B 64 -8.82 -1.18 -12.24
C CYS B 64 -9.92 -0.60 -13.10
N GLN B 65 -10.06 -1.10 -14.32
CA GLN B 65 -11.11 -0.66 -15.24
C GLN B 65 -12.46 -1.01 -14.61
N GLU B 66 -12.56 -2.23 -14.12
CA GLU B 66 -13.80 -2.72 -13.53
C GLU B 66 -14.24 -1.89 -12.30
N VAL B 67 -13.29 -1.60 -11.43
CA VAL B 67 -13.58 -0.83 -10.21
C VAL B 67 -14.00 0.58 -10.56
N LEU B 68 -13.32 1.18 -11.54
CA LEU B 68 -13.64 2.54 -11.94
C LEU B 68 -15.03 2.57 -12.55
N GLU B 69 -15.38 1.57 -13.34
CA GLU B 69 -16.75 1.54 -13.93
C GLU B 69 -17.82 1.37 -12.85
N LYS B 70 -17.59 0.48 -11.90
CA LYS B 70 -18.56 0.29 -10.80
C LYS B 70 -18.76 1.56 -9.99
N VAL B 71 -17.69 2.20 -9.54
CA VAL B 71 -17.82 3.38 -8.69
C VAL B 71 -18.48 4.52 -9.49
N LYS B 72 -18.33 4.54 -10.81
CA LYS B 72 -19.01 5.55 -11.64
C LYS B 72 -20.51 5.25 -11.67
N LEU B 73 -20.90 3.99 -11.80
CA LEU B 73 -22.30 3.64 -11.88
C LEU B 73 -23.02 3.72 -10.54
N LEU B 74 -22.27 3.76 -9.44
CA LEU B 74 -22.87 4.00 -8.13
C LEU B 74 -23.40 5.44 -8.08
N HIS B 75 -22.94 6.25 -9.03
CA HIS B 75 -23.33 7.65 -9.12
C HIS B 75 -24.40 7.81 -10.19
N GLY B 76 -24.86 6.72 -10.79
CA GLY B 76 -25.77 6.80 -11.90
C GLY B 76 -25.02 7.44 -13.05
N GLY B 77 -25.74 8.10 -13.96
CA GLY B 77 -25.11 8.70 -15.12
C GLY B 77 -24.60 10.12 -14.90
N VAL B 78 -24.65 10.63 -13.69
CA VAL B 78 -24.26 12.03 -13.44
C VAL B 78 -22.74 12.21 -13.48
N ALA B 79 -22.05 11.10 -13.38
CA ALA B 79 -20.59 11.09 -13.36
C ALA B 79 -20.08 9.99 -14.28
N VAL B 80 -20.06 10.32 -15.57
CA VAL B 80 -19.65 9.42 -16.67
C VAL B 80 -20.62 8.23 -16.87
N MET A 1 3.87 -12.62 7.65
CA MET A 1 4.42 -12.41 6.30
C MET A 1 4.16 -11.02 5.69
N GLN A 2 2.92 -10.51 5.92
CA GLN A 2 2.39 -9.25 5.40
C GLN A 2 2.48 -9.21 3.86
N GLN A 3 2.44 -10.36 3.24
CA GLN A 3 2.59 -10.49 1.79
C GLN A 3 1.60 -9.68 0.96
N LYS A 4 0.48 -9.26 1.57
CA LYS A 4 -0.50 -8.41 0.92
C LYS A 4 0.02 -6.99 0.69
N GLN A 5 0.91 -6.53 1.54
CA GLN A 5 1.39 -5.16 1.43
C GLN A 5 2.14 -4.90 0.11
N GLN A 6 3.01 -5.82 -0.32
CA GLN A 6 3.79 -5.58 -1.55
C GLN A 6 2.81 -5.47 -2.72
N ILE A 7 1.71 -6.24 -2.68
CA ILE A 7 0.72 -6.21 -3.76
C ILE A 7 0.05 -4.85 -3.81
N MET A 8 -0.43 -4.37 -2.67
CA MET A 8 -1.12 -3.08 -2.63
C MET A 8 -0.20 -1.93 -3.00
N ALA A 9 1.08 -2.00 -2.67
CA ALA A 9 2.02 -0.98 -3.10
C ALA A 9 2.23 -0.99 -4.64
N ALA A 10 2.28 -2.17 -5.22
CA ALA A 10 2.52 -2.34 -6.65
C ALA A 10 1.29 -1.91 -7.44
N LEU A 11 0.12 -2.23 -6.90
CA LEU A 11 -1.15 -1.81 -7.51
C LEU A 11 -1.29 -0.30 -7.42
N ASN A 12 -0.82 0.28 -6.33
CA ASN A 12 -0.85 1.73 -6.17
C ASN A 12 0.03 2.37 -7.21
N SER A 13 1.15 1.75 -7.51
CA SER A 13 2.09 2.29 -8.48
C SER A 13 1.44 2.38 -9.85
N GLN A 14 0.81 1.32 -10.32
CA GLN A 14 0.25 1.35 -11.66
C GLN A 14 -1.07 2.15 -11.80
N THR A 15 -1.78 2.41 -10.71
CA THR A 15 -3.06 3.12 -10.82
C THR A 15 -2.97 4.49 -10.18
N ALA A 16 -1.75 4.90 -9.82
CA ALA A 16 -1.52 6.15 -9.14
C ALA A 16 -2.22 7.31 -9.84
N VAL A 17 -1.87 7.55 -11.10
CA VAL A 17 -2.45 8.65 -11.88
C VAL A 17 -3.92 8.34 -12.20
N GLN A 18 -4.28 7.09 -12.43
CA GLN A 18 -5.63 6.74 -12.86
C GLN A 18 -6.69 7.03 -11.81
N PHE A 19 -6.36 6.71 -10.57
CA PHE A 19 -7.27 6.98 -9.48
C PHE A 19 -7.24 8.44 -9.12
N GLN A 20 -6.07 9.08 -9.23
CA GLN A 20 -5.95 10.50 -8.97
C GLN A 20 -6.80 11.32 -9.92
N GLN A 21 -6.78 10.96 -11.20
CA GLN A 21 -7.57 11.70 -12.20
C GLN A 21 -9.05 11.56 -11.90
N TYR A 22 -9.49 10.38 -11.53
CA TYR A 22 -10.92 10.16 -11.23
C TYR A 22 -11.32 10.87 -9.92
N ALA A 23 -10.41 10.87 -8.96
CA ALA A 23 -10.65 11.57 -7.71
C ALA A 23 -10.74 13.07 -7.92
N ALA A 24 -9.95 13.57 -8.86
CA ALA A 24 -9.99 14.97 -9.21
C ALA A 24 -11.26 15.27 -10.04
N GLN A 25 -11.75 14.31 -10.80
CA GLN A 25 -13.02 14.48 -11.50
C GLN A 25 -14.15 14.62 -10.51
N GLN A 26 -14.14 13.77 -9.50
CA GLN A 26 -15.25 13.74 -8.52
C GLN A 26 -15.16 14.78 -7.44
N TYR A 27 -13.95 15.07 -7.01
CA TYR A 27 -13.72 16.06 -5.97
C TYR A 27 -12.57 16.99 -6.33
N PRO A 28 -12.79 17.84 -7.33
CA PRO A 28 -11.67 18.72 -7.66
C PRO A 28 -11.30 19.63 -6.50
N GLY A 29 -10.01 19.91 -6.35
CA GLY A 29 -9.54 20.77 -5.29
C GLY A 29 -9.46 20.16 -3.88
N ASN A 30 -10.33 19.20 -3.56
CA ASN A 30 -10.40 18.72 -2.18
C ASN A 30 -9.54 17.51 -2.00
N TYR A 31 -8.30 17.72 -1.61
CA TYR A 31 -7.31 16.64 -1.50
C TYR A 31 -7.73 15.60 -0.49
N GLU A 32 -8.43 16.02 0.55
CA GLU A 32 -8.84 15.08 1.59
C GLU A 32 -9.87 14.09 1.01
N GLN A 33 -10.83 14.59 0.25
CA GLN A 33 -11.86 13.77 -0.36
C GLN A 33 -11.26 12.90 -1.46
N GLN A 34 -10.27 13.46 -2.13
CA GLN A 34 -9.55 12.73 -3.17
C GLN A 34 -8.89 11.52 -2.57
N GLN A 35 -8.24 11.67 -1.42
CA GLN A 35 -7.54 10.56 -0.80
C GLN A 35 -8.46 9.51 -0.24
N ILE A 36 -9.58 9.96 0.31
CA ILE A 36 -10.60 9.07 0.82
C ILE A 36 -11.13 8.18 -0.32
N LEU A 37 -11.35 8.78 -1.47
CA LEU A 37 -11.82 8.00 -2.62
C LEU A 37 -10.73 7.05 -3.13
N ILE A 38 -9.48 7.52 -3.16
CA ILE A 38 -8.34 6.67 -3.59
C ILE A 38 -8.23 5.47 -2.62
N ARG A 39 -8.40 5.67 -1.31
CA ARG A 39 -8.37 4.56 -0.35
C ARG A 39 -9.36 3.48 -0.73
N GLN A 40 -10.60 3.88 -0.99
CA GLN A 40 -11.67 2.94 -1.34
C GLN A 40 -11.36 2.24 -2.65
N LEU A 41 -10.83 2.99 -3.62
CA LEU A 41 -10.50 2.44 -4.92
C LEU A 41 -9.30 1.47 -4.88
N GLN A 42 -8.27 1.78 -4.10
CA GLN A 42 -7.15 0.84 -3.96
C GLN A 42 -7.55 -0.43 -3.23
N GLU A 43 -8.46 -0.33 -2.26
CA GLU A 43 -9.00 -1.53 -1.60
C GLU A 43 -9.76 -2.40 -2.60
N GLN A 44 -10.72 -1.80 -3.27
CA GLN A 44 -11.54 -2.55 -4.23
C GLN A 44 -10.69 -3.04 -5.41
N HIS A 45 -9.68 -2.28 -5.81
CA HIS A 45 -8.76 -2.70 -6.86
C HIS A 45 -8.09 -3.98 -6.42
N TYR A 46 -7.57 -3.99 -5.21
CA TYR A 46 -6.91 -5.20 -4.68
C TYR A 46 -7.85 -6.42 -4.69
N GLN A 47 -9.08 -6.21 -4.24
CA GLN A 47 -10.04 -7.31 -4.17
C GLN A 47 -10.36 -7.84 -5.58
N GLN A 48 -10.70 -6.97 -6.53
CA GLN A 48 -11.04 -7.40 -7.88
C GLN A 48 -9.83 -7.99 -8.56
N TYR A 49 -8.66 -7.40 -8.37
CA TYR A 49 -7.45 -7.92 -8.96
C TYR A 49 -7.18 -9.32 -8.48
N MET A 50 -7.21 -9.54 -7.17
CA MET A 50 -6.87 -10.85 -6.63
C MET A 50 -7.89 -11.89 -6.98
N GLN A 51 -9.17 -11.54 -6.91
CA GLN A 51 -10.24 -12.47 -7.28
C GLN A 51 -10.06 -12.91 -8.74
N GLN A 52 -9.76 -11.94 -9.59
CA GLN A 52 -9.59 -12.22 -11.02
C GLN A 52 -8.30 -13.04 -11.24
N LEU A 53 -7.20 -12.63 -10.61
CA LEU A 53 -5.94 -13.35 -10.70
C LEU A 53 -6.08 -14.80 -10.23
N TYR A 54 -6.85 -15.00 -9.17
CA TYR A 54 -7.08 -16.32 -8.62
C TYR A 54 -7.72 -17.15 -9.69
N GLN A 55 -8.66 -16.60 -10.43
CA GLN A 55 -9.33 -17.35 -11.50
C GLN A 55 -8.39 -17.66 -12.66
N VAL A 56 -7.40 -16.81 -12.91
CA VAL A 56 -6.42 -17.07 -13.97
C VAL A 56 -5.52 -18.23 -13.55
N GLN A 57 -4.95 -18.20 -12.33
CA GLN A 57 -4.04 -19.29 -11.93
C GLN A 57 -4.83 -20.57 -11.66
N LEU A 58 -6.08 -20.41 -11.25
CA LEU A 58 -6.99 -21.53 -11.07
C LEU A 58 -7.24 -22.19 -12.41
N ALA A 59 -7.49 -21.43 -13.45
CA ALA A 59 -7.72 -22.02 -14.78
C ALA A 59 -6.54 -22.90 -15.22
N GLN A 60 -5.32 -22.44 -14.98
CA GLN A 60 -4.16 -23.22 -15.31
C GLN A 60 -4.03 -24.43 -14.37
N GLN A 61 -4.47 -24.29 -13.14
CA GLN A 61 -4.47 -25.39 -12.19
C GLN A 61 -5.51 -26.47 -12.59
N GLN A 62 -6.66 -26.08 -13.13
CA GLN A 62 -7.63 -27.05 -13.63
C GLN A 62 -7.02 -27.81 -14.82
N ALA A 63 -6.29 -27.07 -15.64
CA ALA A 63 -5.61 -27.61 -16.81
C ALA A 63 -4.45 -28.55 -16.42
N ALA A 64 -3.91 -28.38 -15.23
CA ALA A 64 -2.86 -29.27 -14.72
C ALA A 64 -3.47 -30.54 -14.09
N LEU A 65 -4.67 -30.41 -13.53
CA LEU A 65 -5.35 -31.51 -12.82
C LEU A 65 -5.99 -32.52 -13.75
N GLN A 66 -6.84 -32.01 -14.64
CA GLN A 66 -7.60 -32.81 -15.62
C GLN A 66 -8.23 -34.09 -15.07
N LYS A 67 -8.75 -33.99 -13.85
CA LYS A 67 -9.35 -35.13 -13.15
C LYS A 67 -10.73 -34.90 -12.52
N GLN A 68 -11.48 -33.96 -13.08
CA GLN A 68 -12.84 -33.61 -12.61
C GLN A 68 -12.82 -33.13 -11.15
N GLN A 69 -11.81 -32.30 -10.85
CA GLN A 69 -11.63 -31.67 -9.54
C GLN A 69 -11.39 -30.17 -9.68
N GLY B 1 29.09 -3.73 10.26
CA GLY B 1 30.05 -4.33 11.24
C GLY B 1 31.46 -4.47 10.72
N ALA B 2 32.33 -4.83 11.62
CA ALA B 2 33.76 -5.10 11.35
C ALA B 2 34.09 -6.46 11.98
N MET B 3 35.28 -6.95 11.69
CA MET B 3 35.74 -8.19 12.27
C MET B 3 35.98 -8.02 13.79
N VAL B 4 35.64 -9.03 14.56
CA VAL B 4 35.78 -8.98 16.01
C VAL B 4 37.25 -9.09 16.38
N GLU B 5 37.57 -8.60 17.58
CA GLU B 5 38.91 -8.64 18.12
C GLU B 5 39.08 -9.82 19.08
N ALA B 6 40.24 -10.43 19.05
CA ALA B 6 40.55 -11.55 19.93
C ALA B 6 41.99 -11.36 20.45
N ARG B 7 42.10 -10.61 21.53
CA ARG B 7 43.42 -10.33 22.13
C ARG B 7 44.00 -11.60 22.68
N SER B 8 45.31 -11.67 22.78
CA SER B 8 45.97 -12.84 23.32
C SER B 8 47.25 -12.43 24.06
N LEU B 9 47.75 -13.33 24.91
CA LEU B 9 48.94 -13.08 25.71
C LEU B 9 49.83 -14.32 25.65
N ALA B 10 51.10 -14.09 25.39
CA ALA B 10 52.12 -15.15 25.39
C ALA B 10 53.43 -14.45 25.69
N VAL B 11 54.25 -15.08 26.50
CA VAL B 11 55.59 -14.60 26.77
C VAL B 11 56.50 -15.81 26.54
N ALA B 12 57.12 -15.85 25.36
CA ALA B 12 58.00 -16.94 25.02
C ALA B 12 59.43 -16.42 25.16
N MET B 13 60.17 -17.09 26.03
CA MET B 13 61.58 -16.74 26.35
C MET B 13 61.67 -15.39 27.07
N GLY B 14 62.84 -15.08 27.62
CA GLY B 14 62.99 -13.83 28.37
C GLY B 14 62.38 -13.92 29.77
N ASP B 15 61.96 -15.11 30.11
CA ASP B 15 61.29 -15.45 31.36
C ASP B 15 62.23 -16.21 32.31
N THR B 16 63.52 -16.17 31.98
CA THR B 16 64.55 -16.88 32.74
C THR B 16 65.00 -16.10 33.99
N VAL B 17 64.00 -15.68 34.76
CA VAL B 17 64.19 -14.88 35.95
C VAL B 17 64.84 -15.73 37.05
N VAL B 18 65.85 -15.18 37.71
CA VAL B 18 66.56 -15.91 38.75
C VAL B 18 67.04 -14.92 39.83
N GLU B 19 67.04 -15.40 41.05
CA GLU B 19 67.53 -14.71 42.26
C GLU B 19 66.65 -13.63 42.98
N PRO B 20 65.49 -13.19 42.43
CA PRO B 20 64.80 -12.28 43.36
C PRO B 20 64.26 -13.02 44.57
N ALA B 21 64.38 -12.41 45.74
CA ALA B 21 63.96 -13.05 46.95
C ALA B 21 62.44 -12.82 47.11
N PRO B 22 61.67 -13.89 47.43
CA PRO B 22 60.24 -13.68 47.65
C PRO B 22 59.90 -13.17 49.05
N LEU B 23 60.94 -13.03 49.86
CA LEU B 23 60.86 -12.58 51.24
C LEU B 23 61.52 -11.20 51.28
N LYS B 24 61.42 -10.50 52.41
CA LYS B 24 61.87 -9.10 52.58
C LYS B 24 60.85 -8.25 51.78
N PRO B 25 61.10 -7.78 50.52
CA PRO B 25 59.80 -7.34 49.99
C PRO B 25 58.86 -8.53 49.75
N THR B 26 57.65 -8.42 50.30
CA THR B 26 56.75 -9.55 50.30
C THR B 26 56.09 -9.76 48.93
N SER B 27 56.14 -10.99 48.44
CA SER B 27 55.51 -11.30 47.18
C SER B 27 54.04 -11.63 47.40
N GLU B 28 53.17 -10.73 46.96
CA GLU B 28 51.72 -10.92 47.01
C GLU B 28 51.18 -10.26 45.74
N PRO B 29 50.69 -11.08 44.78
CA PRO B 29 50.28 -10.41 43.56
C PRO B 29 48.92 -9.71 43.72
N THR B 30 48.78 -8.57 43.07
CA THR B 30 47.54 -7.80 43.12
C THR B 30 47.05 -7.47 41.69
N SER B 31 47.58 -8.19 40.72
CA SER B 31 47.20 -8.00 39.31
C SER B 31 46.03 -8.92 38.97
N GLY B 32 45.41 -8.71 37.83
CA GLY B 32 44.29 -9.56 37.41
C GLY B 32 44.13 -9.67 35.90
N PRO B 33 43.22 -10.54 35.40
CA PRO B 33 42.98 -10.76 33.96
C PRO B 33 42.19 -9.59 33.32
N PRO B 34 42.13 -9.52 31.97
CA PRO B 34 41.45 -8.40 31.33
C PRO B 34 39.94 -8.45 31.41
N GLY B 35 39.30 -7.34 31.07
CA GLY B 35 37.85 -7.25 31.11
C GLY B 35 37.21 -6.20 30.24
N ASN B 36 35.93 -5.93 30.54
CA ASN B 36 35.04 -4.99 29.84
C ASN B 36 34.66 -5.57 28.46
N ASN B 37 33.79 -4.89 27.73
CA ASN B 37 33.32 -5.36 26.43
C ASN B 37 32.84 -4.12 25.66
N GLY B 38 32.47 -4.30 24.40
CA GLY B 38 31.91 -3.19 23.63
C GLY B 38 31.71 -3.57 22.18
N GLY B 39 31.22 -2.65 21.37
CA GLY B 39 30.99 -2.93 19.96
C GLY B 39 29.68 -2.33 19.50
N SER B 40 29.47 -2.29 18.18
CA SER B 40 28.26 -1.73 17.60
C SER B 40 27.98 -2.46 16.31
N LEU B 41 27.01 -3.37 16.31
CA LEU B 41 26.70 -4.15 15.13
C LEU B 41 25.27 -3.80 14.66
N LEU B 42 24.96 -2.50 14.74
CA LEU B 42 23.61 -2.03 14.48
C LEU B 42 23.46 -1.72 13.00
N SER B 43 22.23 -1.77 12.49
CA SER B 43 21.93 -1.46 11.09
C SER B 43 20.55 -0.83 11.06
N VAL B 44 20.38 0.12 10.16
CA VAL B 44 19.11 0.83 9.98
C VAL B 44 18.46 0.36 8.67
N ILE B 45 17.16 0.10 8.75
CA ILE B 45 16.37 -0.37 7.62
C ILE B 45 16.19 0.76 6.60
N THR B 46 16.36 0.45 5.31
CA THR B 46 16.15 1.40 4.27
C THR B 46 15.88 0.55 3.02
N GLU B 47 14.74 0.81 2.43
CA GLU B 47 14.25 0.05 1.28
C GLU B 47 13.51 1.06 0.38
N GLY B 48 14.13 2.19 0.16
CA GLY B 48 13.49 3.26 -0.59
C GLY B 48 13.76 3.29 -2.08
N VAL B 49 14.43 2.26 -2.56
CA VAL B 49 14.75 2.11 -3.99
C VAL B 49 14.77 0.61 -4.23
N GLY B 50 14.26 0.18 -5.38
CA GLY B 50 14.23 -1.25 -5.73
C GLY B 50 12.86 -1.75 -6.19
N GLU B 51 12.20 -0.99 -7.04
CA GLU B 51 10.89 -1.37 -7.57
C GLU B 51 11.03 -2.66 -8.39
N LEU B 52 10.04 -3.52 -8.24
CA LEU B 52 10.03 -4.81 -8.90
C LEU B 52 8.57 -5.17 -9.17
N SER B 53 8.27 -5.69 -10.36
CA SER B 53 6.89 -6.03 -10.72
C SER B 53 6.46 -7.36 -10.14
N VAL B 54 6.10 -7.32 -8.86
CA VAL B 54 5.65 -8.50 -8.11
C VAL B 54 4.16 -8.82 -8.36
N ILE B 55 3.59 -8.23 -9.40
CA ILE B 55 2.16 -8.42 -9.74
C ILE B 55 2.03 -8.70 -11.22
N ASP B 56 0.88 -9.21 -11.63
CA ASP B 56 0.51 -9.32 -13.04
C ASP B 56 -0.15 -7.98 -13.43
N PRO B 57 0.56 -7.09 -14.17
CA PRO B 57 -0.11 -5.80 -14.42
C PRO B 57 -1.27 -5.89 -15.41
N GLU B 58 -1.32 -6.92 -16.24
CA GLU B 58 -2.39 -7.04 -17.25
C GLU B 58 -3.73 -7.30 -16.60
N VAL B 59 -3.70 -8.18 -15.61
CA VAL B 59 -4.88 -8.55 -14.86
C VAL B 59 -5.29 -7.36 -14.03
N ALA B 60 -4.28 -6.68 -13.51
CA ALA B 60 -4.52 -5.53 -12.65
C ALA B 60 -5.16 -4.34 -13.44
N GLN B 61 -4.85 -4.19 -14.73
CA GLN B 61 -5.44 -3.15 -15.59
C GLN B 61 -6.93 -3.33 -15.73
N LYS B 62 -7.37 -4.55 -15.97
CA LYS B 62 -8.82 -4.80 -16.17
C LYS B 62 -9.54 -4.66 -14.85
N ALA B 63 -8.90 -5.04 -13.77
CA ALA B 63 -9.47 -4.87 -12.46
C ALA B 63 -9.72 -3.40 -12.11
N CYS B 64 -8.76 -2.53 -12.34
CA CYS B 64 -8.98 -1.11 -12.04
C CYS B 64 -10.03 -0.47 -12.96
N GLN B 65 -10.12 -0.95 -14.20
CA GLN B 65 -11.14 -0.48 -15.13
C GLN B 65 -12.54 -0.77 -14.58
N GLU B 66 -12.75 -1.98 -14.12
CA GLU B 66 -14.04 -2.38 -13.57
C GLU B 66 -14.40 -1.66 -12.27
N VAL B 67 -13.41 -1.43 -11.43
CA VAL B 67 -13.62 -0.70 -10.15
C VAL B 67 -14.07 0.74 -10.46
N LEU B 68 -13.48 1.34 -11.48
CA LEU B 68 -13.89 2.68 -11.93
C LEU B 68 -15.31 2.71 -12.50
N GLU B 69 -15.67 1.72 -13.30
CA GLU B 69 -17.04 1.62 -13.83
C GLU B 69 -18.02 1.51 -12.68
N LYS B 70 -17.70 0.63 -11.73
CA LYS B 70 -18.57 0.36 -10.56
C LYS B 70 -18.86 1.63 -9.77
N VAL B 71 -17.81 2.38 -9.46
CA VAL B 71 -17.97 3.57 -8.61
C VAL B 71 -18.67 4.72 -9.39
N LYS B 72 -18.52 4.72 -10.71
CA LYS B 72 -19.23 5.68 -11.56
C LYS B 72 -20.72 5.35 -11.52
N LEU B 73 -21.07 4.08 -11.54
CA LEU B 73 -22.46 3.67 -11.55
C LEU B 73 -23.16 3.84 -10.18
N LEU B 74 -22.42 3.86 -9.08
CA LEU B 74 -22.99 4.16 -7.77
C LEU B 74 -23.60 5.55 -7.82
N HIS B 75 -22.96 6.41 -8.61
CA HIS B 75 -23.35 7.81 -8.69
C HIS B 75 -24.54 8.00 -9.60
N GLY B 76 -24.96 6.93 -10.25
CA GLY B 76 -26.06 7.00 -11.20
C GLY B 76 -25.67 7.58 -12.55
N GLY B 77 -25.15 8.81 -12.55
CA GLY B 77 -24.75 9.45 -13.79
C GLY B 77 -25.95 9.91 -14.62
N VAL B 78 -27.06 10.10 -13.92
CA VAL B 78 -28.36 10.50 -14.50
C VAL B 78 -28.42 11.92 -15.10
N ALA B 79 -27.27 12.49 -15.47
CA ALA B 79 -27.17 13.83 -16.10
C ALA B 79 -27.83 14.96 -15.33
N VAL B 80 -27.42 15.14 -14.05
CA VAL B 80 -27.90 16.25 -13.21
C VAL B 80 -27.49 17.60 -13.81
N MET A 1 -0.07 -12.73 5.45
CA MET A 1 -0.48 -11.36 5.89
C MET A 1 0.32 -10.24 5.19
N GLN A 2 1.64 -10.24 5.43
CA GLN A 2 2.59 -9.25 4.90
C GLN A 2 2.66 -9.29 3.37
N GLN A 3 2.32 -10.43 2.79
CA GLN A 3 2.39 -10.57 1.32
C GLN A 3 1.41 -9.64 0.64
N LYS A 4 0.31 -9.36 1.27
CA LYS A 4 -0.71 -8.47 0.70
C LYS A 4 -0.18 -7.05 0.53
N GLN A 5 0.72 -6.67 1.43
CA GLN A 5 1.24 -5.30 1.47
C GLN A 5 2.00 -4.94 0.22
N GLN A 6 2.84 -5.84 -0.29
CA GLN A 6 3.63 -5.54 -1.48
C GLN A 6 2.73 -5.47 -2.71
N ILE A 7 1.64 -6.24 -2.72
CA ILE A 7 0.72 -6.20 -3.83
C ILE A 7 0.01 -4.85 -3.85
N MET A 8 -0.53 -4.43 -2.72
CA MET A 8 -1.24 -3.17 -2.64
C MET A 8 -0.33 -1.98 -3.00
N ALA A 9 0.95 -2.07 -2.65
CA ALA A 9 1.90 -1.05 -3.04
C ALA A 9 2.11 -1.02 -4.56
N ALA A 10 2.20 -2.18 -5.18
CA ALA A 10 2.47 -2.23 -6.62
C ALA A 10 1.22 -1.77 -7.40
N LEU A 11 0.06 -2.14 -6.89
CA LEU A 11 -1.21 -1.74 -7.51
C LEU A 11 -1.39 -0.25 -7.44
N ASN A 12 -0.88 0.36 -6.38
CA ASN A 12 -0.96 1.81 -6.22
C ASN A 12 -0.16 2.49 -7.31
N SER A 13 0.92 1.90 -7.75
CA SER A 13 1.78 2.51 -8.75
C SER A 13 1.08 2.59 -10.11
N GLN A 14 0.60 1.47 -10.62
CA GLN A 14 0.02 1.45 -11.97
C GLN A 14 -1.31 2.17 -12.07
N THR A 15 -1.90 2.53 -10.94
CA THR A 15 -3.17 3.24 -10.94
C THR A 15 -3.05 4.61 -10.30
N ALA A 16 -1.83 5.07 -10.03
CA ALA A 16 -1.60 6.31 -9.33
C ALA A 16 -2.30 7.47 -10.02
N VAL A 17 -1.94 7.75 -11.26
CA VAL A 17 -2.52 8.88 -11.97
C VAL A 17 -3.99 8.61 -12.36
N GLN A 18 -4.34 7.35 -12.62
CA GLN A 18 -5.71 7.04 -13.01
C GLN A 18 -6.71 7.30 -11.86
N PHE A 19 -6.38 6.83 -10.68
CA PHE A 19 -7.28 7.02 -9.54
C PHE A 19 -7.23 8.48 -9.10
N GLN A 20 -6.08 9.11 -9.21
CA GLN A 20 -5.94 10.52 -8.81
C GLN A 20 -6.76 11.43 -9.70
N GLN A 21 -6.75 11.18 -11.01
CA GLN A 21 -7.50 11.99 -11.94
C GLN A 21 -8.98 11.75 -11.81
N TYR A 22 -9.40 10.54 -11.47
CA TYR A 22 -10.81 10.31 -11.22
C TYR A 22 -11.23 11.01 -9.95
N ALA A 23 -10.42 10.90 -8.90
CA ALA A 23 -10.73 11.58 -7.65
C ALA A 23 -10.80 13.09 -7.87
N ALA A 24 -9.95 13.61 -8.74
CA ALA A 24 -9.92 15.02 -9.07
C ALA A 24 -11.15 15.48 -9.86
N GLN A 25 -11.72 14.68 -10.73
CA GLN A 25 -12.92 15.13 -11.46
C GLN A 25 -14.14 15.14 -10.56
N GLN A 26 -14.10 14.30 -9.52
CA GLN A 26 -15.19 14.26 -8.54
C GLN A 26 -15.02 15.32 -7.43
N TYR A 27 -13.81 15.49 -6.95
CA TYR A 27 -13.51 16.42 -5.86
C TYR A 27 -12.28 17.30 -6.18
N PRO A 28 -12.43 18.21 -7.17
CA PRO A 28 -11.23 19.00 -7.54
C PRO A 28 -10.75 19.93 -6.46
N GLY A 29 -9.43 19.85 -6.22
CA GLY A 29 -8.80 20.65 -5.17
C GLY A 29 -8.83 20.04 -3.80
N ASN A 30 -9.76 19.12 -3.53
CA ASN A 30 -9.91 18.59 -2.18
C ASN A 30 -8.99 17.41 -1.94
N TYR A 31 -7.76 17.68 -1.52
CA TYR A 31 -6.76 16.62 -1.27
C TYR A 31 -7.30 15.51 -0.37
N GLU A 32 -7.95 15.88 0.74
CA GLU A 32 -8.45 14.90 1.68
C GLU A 32 -9.55 14.01 1.06
N GLN A 33 -10.52 14.61 0.39
CA GLN A 33 -11.61 13.85 -0.23
C GLN A 33 -11.06 12.97 -1.34
N GLN A 34 -10.04 13.44 -2.00
CA GLN A 34 -9.41 12.68 -3.06
C GLN A 34 -8.75 11.43 -2.50
N GLN A 35 -8.02 11.57 -1.39
CA GLN A 35 -7.35 10.45 -0.75
C GLN A 35 -8.36 9.45 -0.26
N ILE A 36 -9.47 9.93 0.28
CA ILE A 36 -10.55 9.03 0.74
C ILE A 36 -11.05 8.20 -0.45
N LEU A 37 -11.35 8.82 -1.58
CA LEU A 37 -11.85 8.07 -2.72
C LEU A 37 -10.79 7.09 -3.23
N ILE A 38 -9.52 7.49 -3.20
CA ILE A 38 -8.44 6.60 -3.62
C ILE A 38 -8.34 5.41 -2.66
N ARG A 39 -8.58 5.61 -1.38
CA ARG A 39 -8.55 4.48 -0.44
C ARG A 39 -9.62 3.43 -0.83
N GLN A 40 -10.82 3.90 -1.12
CA GLN A 40 -11.93 3.04 -1.53
C GLN A 40 -11.57 2.32 -2.82
N LEU A 41 -11.01 3.05 -3.76
CA LEU A 41 -10.61 2.49 -5.06
C LEU A 41 -9.54 1.44 -4.94
N GLN A 42 -8.52 1.68 -4.12
CA GLN A 42 -7.41 0.72 -4.02
C GLN A 42 -7.81 -0.56 -3.29
N GLU A 43 -8.70 -0.46 -2.32
CA GLU A 43 -9.19 -1.64 -1.61
C GLU A 43 -9.93 -2.53 -2.62
N GLN A 44 -10.86 -1.93 -3.31
CA GLN A 44 -11.66 -2.67 -4.27
C GLN A 44 -10.82 -3.16 -5.45
N HIS A 45 -9.84 -2.35 -5.86
CA HIS A 45 -8.90 -2.73 -6.94
C HIS A 45 -8.15 -3.99 -6.53
N TYR A 46 -7.64 -3.99 -5.32
CA TYR A 46 -6.96 -5.17 -4.79
C TYR A 46 -7.86 -6.39 -4.76
N GLN A 47 -9.08 -6.27 -4.25
CA GLN A 47 -9.94 -7.44 -4.15
C GLN A 47 -10.28 -8.00 -5.54
N GLN A 48 -10.65 -7.12 -6.49
CA GLN A 48 -10.97 -7.58 -7.85
C GLN A 48 -9.73 -8.20 -8.47
N TYR A 49 -8.58 -7.60 -8.24
CA TYR A 49 -7.34 -8.12 -8.82
C TYR A 49 -7.02 -9.49 -8.27
N MET A 50 -7.14 -9.66 -6.97
CA MET A 50 -6.74 -10.91 -6.35
C MET A 50 -7.74 -12.00 -6.71
N GLN A 51 -9.03 -11.67 -6.77
CA GLN A 51 -10.04 -12.65 -7.17
C GLN A 51 -9.77 -13.08 -8.61
N GLN A 52 -9.52 -12.12 -9.49
CA GLN A 52 -9.29 -12.40 -10.90
C GLN A 52 -7.98 -13.18 -11.08
N LEU A 53 -6.92 -12.77 -10.39
CA LEU A 53 -5.62 -13.39 -10.53
C LEU A 53 -5.68 -14.82 -10.05
N TYR A 54 -6.42 -15.04 -8.96
CA TYR A 54 -6.54 -16.38 -8.40
C TYR A 54 -7.18 -17.27 -9.44
N GLN A 55 -8.21 -16.77 -10.13
CA GLN A 55 -8.85 -17.56 -11.20
C GLN A 55 -7.92 -17.83 -12.38
N VAL A 56 -6.96 -16.96 -12.67
CA VAL A 56 -6.05 -17.18 -13.80
C VAL A 56 -5.02 -18.26 -13.49
N GLN A 57 -4.40 -18.20 -12.31
CA GLN A 57 -3.42 -19.20 -11.95
C GLN A 57 -4.10 -20.54 -11.70
N LEU A 58 -5.31 -20.47 -11.21
CA LEU A 58 -6.13 -21.67 -11.04
C LEU A 58 -6.46 -22.26 -12.39
N ALA A 59 -6.84 -21.45 -13.36
CA ALA A 59 -7.20 -21.99 -14.67
C ALA A 59 -6.03 -22.77 -15.27
N GLN A 60 -4.82 -22.29 -15.09
CA GLN A 60 -3.65 -22.98 -15.63
C GLN A 60 -3.36 -24.23 -14.84
N GLN A 61 -3.58 -24.18 -13.53
CA GLN A 61 -3.43 -25.38 -12.71
C GLN A 61 -4.44 -26.42 -13.16
N GLN A 62 -5.67 -26.02 -13.36
CA GLN A 62 -6.72 -26.97 -13.69
C GLN A 62 -6.44 -27.58 -15.06
N ALA A 63 -5.84 -26.78 -15.95
CA ALA A 63 -5.48 -27.28 -17.29
C ALA A 63 -4.33 -28.26 -17.21
N ALA A 64 -3.47 -28.15 -16.20
CA ALA A 64 -2.37 -29.09 -16.01
C ALA A 64 -2.89 -30.40 -15.43
N LEU A 65 -4.00 -30.35 -14.69
CA LEU A 65 -4.53 -31.53 -14.01
C LEU A 65 -5.57 -32.26 -14.84
N GLN A 66 -6.65 -31.55 -15.17
CA GLN A 66 -7.83 -32.06 -15.87
C GLN A 66 -8.39 -33.35 -15.22
N LYS A 67 -8.16 -33.49 -13.92
CA LYS A 67 -8.46 -34.70 -13.19
C LYS A 67 -9.29 -34.37 -11.97
N GLN A 68 -10.61 -34.40 -12.16
CA GLN A 68 -11.61 -34.13 -11.15
C GLN A 68 -11.42 -32.78 -10.47
N GLN A 69 -11.88 -31.76 -11.18
CA GLN A 69 -11.82 -30.35 -10.77
C GLN A 69 -12.85 -30.02 -9.66
N GLY B 1 2.53 2.79 29.26
CA GLY B 1 2.93 4.10 28.66
C GLY B 1 3.49 5.08 29.66
N ALA B 2 3.79 4.50 30.84
CA ALA B 2 4.36 5.23 31.98
C ALA B 2 5.58 4.51 32.57
N MET B 3 5.48 3.17 32.64
CA MET B 3 6.52 2.31 33.25
C MET B 3 6.68 2.60 34.75
N VAL B 4 7.74 2.05 35.36
CA VAL B 4 8.04 2.29 36.76
C VAL B 4 9.56 2.29 36.90
N GLU B 5 10.11 3.18 37.72
CA GLU B 5 11.55 3.22 37.98
C GLU B 5 11.77 3.16 39.47
N ALA B 6 12.40 2.08 39.91
CA ALA B 6 12.69 1.91 41.32
C ALA B 6 14.00 1.12 41.44
N ARG B 7 14.93 1.62 42.23
CA ARG B 7 16.25 0.96 42.38
C ARG B 7 16.87 1.23 43.74
N SER B 8 16.03 1.47 44.72
CA SER B 8 16.51 1.69 46.09
C SER B 8 16.81 0.33 46.69
N LEU B 9 17.79 0.28 47.57
CA LEU B 9 18.19 -0.99 48.19
C LEU B 9 17.21 -1.46 49.26
N ALA B 10 16.11 -0.74 49.40
CA ALA B 10 15.08 -1.10 50.38
C ALA B 10 14.25 -2.26 49.84
N VAL B 11 14.18 -2.37 48.52
CA VAL B 11 13.45 -3.44 47.82
C VAL B 11 12.16 -3.95 48.49
N ALA B 12 11.20 -3.01 48.67
CA ALA B 12 9.88 -3.30 49.30
C ALA B 12 9.91 -4.02 50.68
N MET B 13 10.46 -3.34 51.68
CA MET B 13 10.51 -3.88 53.05
C MET B 13 9.98 -2.85 54.05
N GLY B 14 9.70 -3.31 55.27
CA GLY B 14 9.30 -2.40 56.35
C GLY B 14 7.81 -2.15 56.46
N ASP B 15 7.34 -1.13 55.76
CA ASP B 15 5.94 -0.72 55.82
C ASP B 15 5.06 -1.56 54.89
N THR B 16 5.26 -2.87 54.88
CA THR B 16 4.51 -3.74 54.00
C THR B 16 3.31 -4.35 54.71
N VAL B 17 2.56 -3.51 55.41
CA VAL B 17 1.33 -3.95 56.10
C VAL B 17 0.31 -4.23 54.99
N VAL B 18 -0.41 -5.34 55.12
CA VAL B 18 -1.32 -5.83 54.08
C VAL B 18 -2.77 -5.89 54.53
N GLU B 19 -3.39 -4.71 54.54
CA GLU B 19 -4.86 -4.48 54.74
C GLU B 19 -5.42 -4.26 56.17
N PRO B 20 -4.88 -4.87 57.25
CA PRO B 20 -5.65 -4.52 58.45
C PRO B 20 -5.46 -3.09 58.93
N ALA B 21 -6.57 -2.48 59.36
CA ALA B 21 -6.65 -1.10 59.85
C ALA B 21 -5.63 -0.17 59.19
N PRO B 22 -5.84 0.20 57.91
CA PRO B 22 -4.80 1.01 57.25
C PRO B 22 -4.56 2.38 57.86
N LEU B 23 -3.29 2.73 57.94
CA LEU B 23 -2.82 4.01 58.46
C LEU B 23 -1.48 4.21 57.82
N LYS B 24 -0.91 5.41 57.98
CA LYS B 24 0.32 5.82 57.31
C LYS B 24 -0.03 5.91 55.79
N PRO B 25 0.33 4.95 54.89
CA PRO B 25 -0.36 5.23 53.62
C PRO B 25 -1.86 4.92 53.73
N THR B 26 -2.70 5.75 53.12
CA THR B 26 -4.16 5.51 53.19
C THR B 26 -4.91 5.88 51.91
N SER B 27 -4.22 6.24 50.85
CA SER B 27 -4.86 6.51 49.57
C SER B 27 -4.93 5.21 48.78
N GLU B 28 -6.04 5.01 48.07
CA GLU B 28 -6.21 3.82 47.27
C GLU B 28 -5.34 3.92 45.99
N PRO B 29 -5.03 2.76 45.37
CA PRO B 29 -4.26 2.83 44.12
C PRO B 29 -5.09 3.28 42.89
N THR B 30 -5.10 4.58 42.67
CA THR B 30 -5.87 5.22 41.60
C THR B 30 -5.04 6.34 40.93
N SER B 31 -3.72 6.25 41.07
CA SER B 31 -2.80 7.22 40.49
C SER B 31 -1.51 6.48 40.10
N GLY B 32 -0.68 7.10 39.27
CA GLY B 32 0.57 6.49 38.81
C GLY B 32 1.57 7.53 38.31
N PRO B 33 2.78 7.13 37.91
CA PRO B 33 3.80 8.09 37.47
C PRO B 33 3.53 8.62 36.06
N PRO B 34 4.17 9.76 35.67
CA PRO B 34 3.96 10.21 34.31
C PRO B 34 4.70 9.35 33.28
N GLY B 35 4.48 9.65 32.02
CA GLY B 35 5.21 8.98 30.94
C GLY B 35 5.33 9.98 29.81
N ASN B 36 6.23 9.74 28.87
CA ASN B 36 6.44 10.67 27.75
C ASN B 36 5.70 10.18 26.51
N ASN B 37 5.64 8.87 26.34
CA ASN B 37 4.92 8.17 25.26
C ASN B 37 5.39 8.38 23.82
N GLY B 38 5.99 9.53 23.51
CA GLY B 38 6.41 9.82 22.16
C GLY B 38 7.70 9.14 21.72
N GLY B 39 7.99 9.21 20.43
CA GLY B 39 9.17 8.54 19.88
C GLY B 39 9.24 8.87 18.40
N SER B 40 10.37 8.56 17.77
CA SER B 40 10.63 8.92 16.39
C SER B 40 11.31 7.74 15.68
N LEU B 41 10.59 6.62 15.69
CA LEU B 41 11.08 5.36 15.09
C LEU B 41 10.93 5.32 13.55
N LEU B 42 11.37 6.40 12.90
CA LEU B 42 11.21 6.56 11.46
C LEU B 42 12.51 7.07 10.83
N SER B 43 12.64 6.93 9.53
CA SER B 43 13.78 7.45 8.78
C SER B 43 13.23 7.89 7.43
N VAL B 44 14.01 8.66 6.70
CA VAL B 44 13.64 9.08 5.35
C VAL B 44 13.96 7.91 4.44
N ILE B 45 13.02 7.51 3.61
CA ILE B 45 13.24 6.41 2.68
C ILE B 45 14.04 6.97 1.54
N THR B 46 15.24 6.45 1.34
CA THR B 46 16.14 6.92 0.27
C THR B 46 16.21 5.92 -0.86
N GLU B 47 15.74 4.73 -0.54
CA GLU B 47 15.73 3.61 -1.48
C GLU B 47 14.42 3.57 -2.30
N GLY B 48 13.87 4.75 -2.55
CA GLY B 48 12.64 4.86 -3.35
C GLY B 48 12.89 4.90 -4.86
N VAL B 49 13.89 4.17 -5.32
CA VAL B 49 14.24 4.14 -6.76
C VAL B 49 14.61 2.69 -7.03
N GLY B 50 14.47 2.25 -8.28
CA GLY B 50 14.72 0.85 -8.61
C GLY B 50 13.45 0.03 -8.47
N GLU B 51 12.41 0.52 -9.13
CA GLU B 51 11.09 -0.09 -9.05
C GLU B 51 10.99 -1.47 -9.69
N LEU B 52 9.96 -2.21 -9.32
CA LEU B 52 9.73 -3.55 -9.84
C LEU B 52 8.24 -3.82 -9.94
N SER B 53 7.80 -4.31 -11.10
CA SER B 53 6.39 -4.68 -11.28
C SER B 53 6.19 -6.12 -10.82
N VAL B 54 6.08 -6.32 -9.51
CA VAL B 54 6.03 -7.65 -8.89
C VAL B 54 4.62 -8.29 -8.96
N ILE B 55 3.76 -7.68 -9.77
CA ILE B 55 2.37 -8.12 -9.92
C ILE B 55 2.11 -8.39 -11.38
N ASP B 56 1.02 -9.08 -11.70
CA ASP B 56 0.58 -9.24 -13.09
C ASP B 56 -0.11 -7.94 -13.48
N PRO B 57 0.53 -7.09 -14.29
CA PRO B 57 -0.16 -5.81 -14.49
C PRO B 57 -1.37 -5.91 -15.42
N GLU B 58 -1.37 -6.91 -16.29
CA GLU B 58 -2.44 -7.10 -17.27
C GLU B 58 -3.75 -7.44 -16.58
N VAL B 59 -3.66 -8.29 -15.56
CA VAL B 59 -4.82 -8.69 -14.78
C VAL B 59 -5.22 -7.52 -13.90
N ALA B 60 -4.22 -6.76 -13.42
CA ALA B 60 -4.49 -5.62 -12.58
C ALA B 60 -5.23 -4.50 -13.35
N GLN B 61 -4.94 -4.39 -14.63
CA GLN B 61 -5.58 -3.38 -15.47
C GLN B 61 -7.06 -3.65 -15.65
N LYS B 62 -7.44 -4.92 -15.81
CA LYS B 62 -8.85 -5.27 -15.95
C LYS B 62 -9.55 -4.89 -14.66
N ALA B 63 -8.90 -5.21 -13.56
CA ALA B 63 -9.46 -4.97 -12.24
C ALA B 63 -9.71 -3.48 -11.94
N CYS B 64 -8.82 -2.59 -12.38
CA CYS B 64 -8.98 -1.17 -12.08
C CYS B 64 -10.06 -0.55 -12.95
N GLN B 65 -10.23 -1.04 -14.17
CA GLN B 65 -11.27 -0.52 -15.05
C GLN B 65 -12.66 -0.84 -14.47
N GLU B 66 -12.89 -2.10 -14.11
CA GLU B 66 -14.17 -2.51 -13.58
C GLU B 66 -14.55 -1.78 -12.29
N VAL B 67 -13.57 -1.56 -11.41
CA VAL B 67 -13.81 -0.84 -10.16
C VAL B 67 -14.12 0.64 -10.44
N LEU B 68 -13.42 1.24 -11.39
CA LEU B 68 -13.70 2.64 -11.74
C LEU B 68 -15.08 2.78 -12.36
N GLU B 69 -15.46 1.86 -13.23
CA GLU B 69 -16.79 1.87 -13.84
C GLU B 69 -17.88 1.70 -12.78
N LYS B 70 -17.62 0.81 -11.84
CA LYS B 70 -18.57 0.53 -10.78
C LYS B 70 -18.86 1.78 -9.93
N VAL B 71 -17.83 2.54 -9.57
CA VAL B 71 -18.08 3.75 -8.77
C VAL B 71 -18.66 4.84 -9.65
N LYS B 72 -18.30 4.90 -10.92
CA LYS B 72 -18.86 5.92 -11.82
C LYS B 72 -20.37 5.68 -11.97
N LEU B 73 -20.78 4.43 -12.10
CA LEU B 73 -22.16 4.13 -12.36
C LEU B 73 -23.04 4.23 -11.13
N LEU B 74 -22.52 3.92 -9.96
CA LEU B 74 -23.36 3.98 -8.74
C LEU B 74 -23.67 5.46 -8.43
N HIS B 75 -22.82 6.35 -8.91
CA HIS B 75 -23.02 7.78 -8.79
C HIS B 75 -24.17 8.29 -9.67
N GLY B 76 -24.32 7.67 -10.84
CA GLY B 76 -25.28 8.16 -11.82
C GLY B 76 -24.87 9.50 -12.41
N GLY B 77 -25.85 10.31 -12.82
CA GLY B 77 -25.60 11.64 -13.37
C GLY B 77 -25.65 11.73 -14.87
N VAL B 78 -24.76 11.02 -15.56
CA VAL B 78 -24.70 11.05 -17.02
C VAL B 78 -25.64 10.03 -17.66
N ALA B 79 -26.40 9.36 -16.82
CA ALA B 79 -27.40 8.38 -17.25
C ALA B 79 -28.73 8.86 -16.70
N VAL B 80 -29.57 9.36 -17.62
CA VAL B 80 -30.88 9.93 -17.27
C VAL B 80 -32.03 9.35 -18.10
N MET A 1 6.08 -7.24 7.76
CA MET A 1 5.87 -7.58 6.34
C MET A 1 4.61 -8.45 6.08
N GLN A 2 4.02 -8.27 4.90
CA GLN A 2 2.89 -9.10 4.47
C GLN A 2 2.97 -9.25 2.98
N GLN A 3 2.76 -10.45 2.48
CA GLN A 3 2.80 -10.70 1.05
C GLN A 3 1.74 -9.84 0.35
N LYS A 4 0.58 -9.69 0.96
CA LYS A 4 -0.50 -8.86 0.42
C LYS A 4 -0.07 -7.39 0.31
N GLN A 5 0.76 -6.92 1.24
CA GLN A 5 1.17 -5.51 1.18
C GLN A 5 2.05 -5.24 -0.06
N GLN A 6 2.92 -6.15 -0.44
CA GLN A 6 3.73 -5.96 -1.66
C GLN A 6 2.84 -5.87 -2.89
N ILE A 7 1.71 -6.62 -2.87
CA ILE A 7 0.78 -6.62 -3.98
C ILE A 7 0.08 -5.28 -4.00
N MET A 8 -0.49 -4.89 -2.88
CA MET A 8 -1.30 -3.66 -2.81
C MET A 8 -0.46 -2.47 -3.22
N ALA A 9 0.77 -2.39 -2.73
CA ALA A 9 1.65 -1.29 -3.11
C ALA A 9 1.96 -1.30 -4.61
N ALA A 10 2.09 -2.48 -5.18
CA ALA A 10 2.44 -2.61 -6.60
C ALA A 10 1.25 -2.17 -7.44
N LEU A 11 0.06 -2.58 -7.03
CA LEU A 11 -1.17 -2.22 -7.72
C LEU A 11 -1.40 -0.74 -7.67
N ASN A 12 -1.12 -0.15 -6.52
CA ASN A 12 -1.35 1.28 -6.33
C ASN A 12 -0.42 2.06 -7.24
N SER A 13 0.76 1.52 -7.49
CA SER A 13 1.75 2.21 -8.31
C SER A 13 1.29 2.41 -9.77
N GLN A 14 0.80 1.34 -10.41
CA GLN A 14 0.38 1.44 -11.80
C GLN A 14 -1.00 2.10 -11.98
N THR A 15 -1.71 2.34 -10.88
CA THR A 15 -3.00 3.06 -10.93
C THR A 15 -2.91 4.39 -10.19
N ALA A 16 -1.71 4.82 -9.86
CA ALA A 16 -1.50 6.03 -9.08
C ALA A 16 -2.15 7.23 -9.76
N VAL A 17 -1.79 7.50 -11.01
CA VAL A 17 -2.34 8.64 -11.72
C VAL A 17 -3.80 8.40 -12.10
N GLN A 18 -4.17 7.15 -12.32
CA GLN A 18 -5.53 6.84 -12.73
C GLN A 18 -6.52 7.14 -11.60
N PHE A 19 -6.19 6.74 -10.39
CA PHE A 19 -7.07 7.00 -9.26
C PHE A 19 -7.07 8.50 -8.95
N GLN A 20 -5.94 9.15 -9.12
CA GLN A 20 -5.81 10.58 -8.90
C GLN A 20 -6.71 11.38 -9.86
N GLN A 21 -6.64 11.05 -11.14
CA GLN A 21 -7.38 11.76 -12.17
C GLN A 21 -8.88 11.56 -11.97
N TYR A 22 -9.30 10.35 -11.64
CA TYR A 22 -10.72 10.11 -11.40
C TYR A 22 -11.18 10.84 -10.13
N ALA A 23 -10.37 10.82 -9.08
CA ALA A 23 -10.74 11.52 -7.87
C ALA A 23 -10.83 13.02 -8.13
N ALA A 24 -9.96 13.53 -8.99
CA ALA A 24 -9.97 14.96 -9.33
C ALA A 24 -11.21 15.31 -10.19
N GLN A 25 -11.67 14.39 -11.01
CA GLN A 25 -12.87 14.60 -11.81
C GLN A 25 -14.08 14.73 -10.89
N GLN A 26 -14.11 13.92 -9.86
CA GLN A 26 -15.25 13.91 -8.96
C GLN A 26 -15.19 15.01 -7.91
N TYR A 27 -14.02 15.25 -7.37
CA TYR A 27 -13.83 16.22 -6.29
C TYR A 27 -12.66 17.13 -6.61
N PRO A 28 -12.79 18.00 -7.63
CA PRO A 28 -11.61 18.81 -7.94
C PRO A 28 -11.23 19.78 -6.80
N GLY A 29 -9.92 19.98 -6.62
CA GLY A 29 -9.45 20.89 -5.59
C GLY A 29 -9.45 20.34 -4.17
N ASN A 30 -10.34 19.40 -3.86
CA ASN A 30 -10.44 18.90 -2.51
C ASN A 30 -9.53 17.68 -2.28
N TYR A 31 -8.33 17.94 -1.82
CA TYR A 31 -7.36 16.89 -1.52
C TYR A 31 -7.93 15.80 -0.57
N GLU A 32 -8.64 16.23 0.46
CA GLU A 32 -9.17 15.32 1.45
C GLU A 32 -10.17 14.35 0.82
N GLN A 33 -11.15 14.91 0.15
CA GLN A 33 -12.20 14.11 -0.52
C GLN A 33 -11.57 13.21 -1.59
N GLN A 34 -10.54 13.69 -2.28
CA GLN A 34 -9.82 12.89 -3.25
C GLN A 34 -9.14 11.70 -2.57
N GLN A 35 -8.49 11.92 -1.44
CA GLN A 35 -7.81 10.84 -0.72
C GLN A 35 -8.79 9.78 -0.24
N ILE A 36 -9.94 10.20 0.25
CA ILE A 36 -10.99 9.29 0.72
C ILE A 36 -11.46 8.37 -0.45
N LEU A 37 -11.61 8.92 -1.63
CA LEU A 37 -12.03 8.10 -2.76
C LEU A 37 -10.89 7.18 -3.20
N ILE A 38 -9.65 7.65 -3.14
CA ILE A 38 -8.49 6.82 -3.44
C ILE A 38 -8.40 5.65 -2.46
N ARG A 39 -8.72 5.88 -1.19
CA ARG A 39 -8.73 4.77 -0.24
C ARG A 39 -9.71 3.69 -0.67
N GLN A 40 -10.91 4.08 -1.08
CA GLN A 40 -11.89 3.09 -1.55
C GLN A 40 -11.35 2.35 -2.77
N LEU A 41 -10.77 3.11 -3.70
CA LEU A 41 -10.33 2.56 -4.98
C LEU A 41 -9.20 1.57 -4.77
N GLN A 42 -8.26 1.88 -3.89
CA GLN A 42 -7.11 1.01 -3.68
C GLN A 42 -7.55 -0.33 -3.11
N GLU A 43 -8.42 -0.31 -2.11
CA GLU A 43 -8.87 -1.52 -1.46
C GLU A 43 -9.66 -2.38 -2.44
N GLN A 44 -10.63 -1.76 -3.10
CA GLN A 44 -11.46 -2.49 -4.03
C GLN A 44 -10.66 -3.02 -5.20
N HIS A 45 -9.64 -2.28 -5.63
CA HIS A 45 -8.76 -2.73 -6.70
C HIS A 45 -8.08 -4.01 -6.28
N TYR A 46 -7.53 -4.08 -5.08
CA TYR A 46 -6.90 -5.33 -4.63
C TYR A 46 -7.87 -6.48 -4.61
N GLN A 47 -9.09 -6.22 -4.16
CA GLN A 47 -10.10 -7.29 -4.08
C GLN A 47 -10.37 -7.84 -5.48
N GLN A 48 -10.70 -6.97 -6.42
CA GLN A 48 -11.02 -7.39 -7.78
C GLN A 48 -9.80 -8.01 -8.46
N TYR A 49 -8.61 -7.46 -8.23
CA TYR A 49 -7.39 -8.00 -8.82
C TYR A 49 -7.13 -9.39 -8.35
N MET A 50 -7.17 -9.64 -7.04
CA MET A 50 -6.85 -10.97 -6.52
C MET A 50 -7.91 -11.97 -6.94
N GLN A 51 -9.16 -11.56 -7.02
CA GLN A 51 -10.20 -12.48 -7.46
C GLN A 51 -9.96 -12.92 -8.90
N GLN A 52 -9.65 -11.96 -9.78
CA GLN A 52 -9.45 -12.28 -11.18
C GLN A 52 -8.13 -13.03 -11.39
N LEU A 53 -7.08 -12.59 -10.71
CA LEU A 53 -5.76 -13.22 -10.84
C LEU A 53 -5.88 -14.68 -10.41
N TYR A 54 -6.67 -14.93 -9.38
CA TYR A 54 -6.86 -16.28 -8.88
C TYR A 54 -7.39 -17.14 -10.00
N GLN A 55 -8.37 -16.62 -10.73
CA GLN A 55 -8.98 -17.39 -11.80
C GLN A 55 -8.00 -17.62 -12.97
N VAL A 56 -7.13 -16.66 -13.25
CA VAL A 56 -6.14 -16.83 -14.34
C VAL A 56 -5.19 -17.97 -14.01
N GLN A 57 -4.57 -17.90 -12.82
CA GLN A 57 -3.59 -18.93 -12.43
C GLN A 57 -4.28 -20.25 -12.14
N LEU A 58 -5.53 -20.19 -11.75
CA LEU A 58 -6.32 -21.40 -11.58
C LEU A 58 -6.53 -22.08 -12.92
N ALA A 59 -6.88 -21.31 -13.94
CA ALA A 59 -7.07 -21.87 -15.27
C ALA A 59 -5.76 -22.50 -15.75
N GLN A 60 -4.63 -21.85 -15.53
CA GLN A 60 -3.34 -22.41 -15.90
C GLN A 60 -3.05 -23.68 -15.09
N GLN A 61 -3.42 -23.66 -13.82
CA GLN A 61 -3.22 -24.81 -12.94
C GLN A 61 -4.05 -26.01 -13.40
N GLN A 62 -5.29 -25.77 -13.81
CA GLN A 62 -6.18 -26.83 -14.25
C GLN A 62 -5.72 -27.41 -15.58
N ALA A 63 -5.19 -26.55 -16.44
CA ALA A 63 -4.62 -27.00 -17.70
C ALA A 63 -3.38 -27.89 -17.47
N ALA A 64 -2.58 -27.56 -16.46
CA ALA A 64 -1.40 -28.33 -16.14
C ALA A 64 -1.76 -29.65 -15.43
N LEU A 65 -2.92 -29.69 -14.79
CA LEU A 65 -3.34 -30.87 -14.03
C LEU A 65 -4.10 -31.85 -14.88
N GLN A 66 -5.24 -31.41 -15.43
CA GLN A 66 -6.14 -32.27 -16.22
C GLN A 66 -6.38 -33.64 -15.54
N LYS A 67 -6.33 -33.67 -14.22
CA LYS A 67 -6.52 -34.90 -13.44
C LYS A 67 -7.78 -34.77 -12.61
N GLN A 68 -8.82 -34.31 -13.27
CA GLN A 68 -10.11 -34.07 -12.64
C GLN A 68 -11.14 -35.01 -13.28
N GLN A 69 -11.11 -36.28 -12.89
CA GLN A 69 -11.96 -37.30 -13.50
C GLN A 69 -13.42 -37.22 -13.06
N GLY B 1 -18.10 -22.19 41.35
CA GLY B 1 -19.40 -22.85 41.78
C GLY B 1 -19.33 -23.54 43.11
N ALA B 2 -18.11 -23.53 43.65
CA ALA B 2 -17.80 -24.16 44.93
C ALA B 2 -17.86 -23.14 46.08
N MET B 3 -18.11 -23.63 47.28
CA MET B 3 -18.14 -22.80 48.46
C MET B 3 -17.40 -23.51 49.57
N VAL B 4 -16.68 -22.75 50.36
CA VAL B 4 -15.89 -23.33 51.46
C VAL B 4 -16.72 -23.35 52.74
N GLU B 5 -16.37 -24.22 53.66
CA GLU B 5 -17.07 -24.34 54.95
C GLU B 5 -16.02 -24.49 56.05
N ALA B 6 -16.33 -24.06 57.26
CA ALA B 6 -15.34 -24.10 58.36
C ALA B 6 -15.96 -24.48 59.70
N ARG B 7 -16.63 -25.62 59.75
CA ARG B 7 -17.20 -26.09 61.02
C ARG B 7 -16.08 -26.63 61.91
N SER B 8 -16.41 -26.83 63.18
CA SER B 8 -15.51 -27.44 64.14
C SER B 8 -16.34 -28.40 64.98
N LEU B 9 -15.73 -29.40 65.57
CA LEU B 9 -16.43 -30.39 66.39
C LEU B 9 -15.48 -30.85 67.51
N ALA B 10 -15.82 -30.59 68.76
CA ALA B 10 -15.03 -31.05 69.90
C ALA B 10 -15.92 -31.16 71.12
N VAL B 11 -16.43 -32.35 71.39
CA VAL B 11 -17.32 -32.57 72.57
C VAL B 11 -16.96 -33.91 73.24
N ALA B 12 -16.12 -33.84 74.27
CA ALA B 12 -15.66 -35.05 74.96
C ALA B 12 -15.64 -34.76 76.46
N MET B 13 -16.80 -34.89 77.08
CA MET B 13 -17.06 -34.47 78.45
C MET B 13 -16.99 -32.95 78.55
N GLY B 14 -17.21 -32.43 79.77
CA GLY B 14 -17.38 -30.98 79.94
C GLY B 14 -18.87 -30.69 79.93
N ASP B 15 -19.23 -29.42 79.99
CA ASP B 15 -20.64 -29.02 80.03
C ASP B 15 -21.03 -28.11 78.88
N THR B 16 -20.36 -26.94 78.77
CA THR B 16 -20.76 -25.96 77.76
C THR B 16 -19.55 -25.12 77.23
N VAL B 17 -18.44 -25.78 77.03
CA VAL B 17 -17.22 -25.10 76.53
C VAL B 17 -17.34 -24.84 75.00
N VAL B 18 -17.65 -23.61 74.61
CA VAL B 18 -17.88 -23.27 73.19
C VAL B 18 -17.28 -21.90 72.83
N GLU B 19 -16.47 -21.89 71.78
CA GLU B 19 -15.96 -20.70 71.02
C GLU B 19 -14.50 -20.17 71.19
N PRO B 20 -13.99 -19.90 72.42
CA PRO B 20 -12.65 -19.28 72.45
C PRO B 20 -11.45 -20.06 71.87
N ALA B 21 -11.07 -19.71 70.63
CA ALA B 21 -9.86 -20.20 69.98
C ALA B 21 -9.53 -19.32 68.75
N PRO B 22 -8.27 -18.85 68.61
CA PRO B 22 -7.99 -18.10 67.39
C PRO B 22 -7.85 -19.04 66.19
N LEU B 23 -8.56 -18.77 65.11
CA LEU B 23 -8.56 -19.70 63.97
C LEU B 23 -8.95 -19.04 62.65
N LYS B 24 -8.76 -19.82 61.58
CA LYS B 24 -9.18 -19.59 60.18
C LYS B 24 -8.15 -19.06 59.11
N PRO B 25 -7.35 -18.01 59.40
CA PRO B 25 -6.47 -17.65 58.26
C PRO B 25 -5.41 -18.73 57.97
N THR B 26 -5.51 -19.31 56.77
CA THR B 26 -4.68 -20.46 56.39
C THR B 26 -4.45 -20.45 54.87
N SER B 27 -4.75 -19.31 54.25
CA SER B 27 -4.67 -19.12 52.80
C SER B 27 -4.87 -17.64 52.51
N GLU B 28 -3.79 -16.90 52.32
CA GLU B 28 -3.84 -15.49 51.96
C GLU B 28 -3.05 -15.34 50.65
N PRO B 29 -3.35 -14.30 49.83
CA PRO B 29 -2.60 -14.21 48.56
C PRO B 29 -1.15 -13.75 48.75
N THR B 30 -0.24 -14.29 47.92
CA THR B 30 1.19 -13.92 47.99
C THR B 30 1.62 -13.04 46.82
N SER B 31 0.72 -12.83 45.85
CA SER B 31 0.95 -12.00 44.65
C SER B 31 2.11 -12.51 43.77
N GLY B 32 2.51 -11.72 42.79
CA GLY B 32 3.59 -12.12 41.90
C GLY B 32 3.96 -11.06 40.89
N PRO B 33 4.99 -11.30 40.05
CA PRO B 33 5.49 -10.32 39.09
C PRO B 33 4.67 -10.21 37.79
N PRO B 34 4.78 -9.09 37.06
CA PRO B 34 4.07 -9.03 35.78
C PRO B 34 4.72 -9.88 34.69
N GLY B 35 3.92 -10.26 33.71
CA GLY B 35 4.38 -11.10 32.60
C GLY B 35 4.12 -10.43 31.27
N ASN B 36 3.74 -11.25 30.29
CA ASN B 36 3.36 -10.83 28.90
C ASN B 36 4.59 -10.49 28.03
N ASN B 37 4.47 -10.76 26.73
CA ASN B 37 5.55 -10.55 25.77
C ASN B 37 4.84 -10.37 24.43
N GLY B 38 5.49 -9.69 23.48
CA GLY B 38 4.90 -9.49 22.17
C GLY B 38 5.81 -8.69 21.30
N GLY B 39 5.30 -8.30 20.13
CA GLY B 39 6.08 -7.50 19.18
C GLY B 39 6.58 -8.35 18.01
N SER B 40 6.15 -7.98 16.82
CA SER B 40 6.51 -8.71 15.62
C SER B 40 6.48 -7.79 14.41
N LEU B 41 7.61 -7.13 14.15
CA LEU B 41 7.75 -6.22 13.01
C LEU B 41 9.13 -6.43 12.41
N LEU B 42 9.29 -7.47 11.58
CA LEU B 42 10.59 -7.77 10.99
C LEU B 42 10.49 -7.85 9.48
N SER B 43 11.56 -7.46 8.80
CA SER B 43 11.61 -7.46 7.34
C SER B 43 13.10 -7.47 7.02
N VAL B 44 13.49 -7.96 5.84
CA VAL B 44 14.89 -8.00 5.43
C VAL B 44 14.93 -7.58 3.96
N ILE B 45 15.91 -6.78 3.57
CA ILE B 45 16.01 -6.25 2.19
C ILE B 45 17.12 -6.96 1.46
N THR B 46 16.84 -7.53 0.28
CA THR B 46 17.87 -8.20 -0.54
C THR B 46 18.01 -7.55 -1.91
N GLU B 47 17.21 -6.52 -2.11
CA GLU B 47 17.17 -5.72 -3.35
C GLU B 47 17.16 -6.55 -4.66
N GLY B 48 16.36 -7.61 -4.70
CA GLY B 48 16.23 -8.42 -5.91
C GLY B 48 15.13 -7.93 -6.85
N VAL B 49 14.93 -6.62 -6.94
CA VAL B 49 13.85 -6.05 -7.75
C VAL B 49 14.30 -4.68 -8.29
N GLY B 50 13.93 -4.37 -9.51
CA GLY B 50 14.34 -3.12 -10.13
C GLY B 50 13.19 -2.15 -10.29
N GLU B 51 12.16 -2.52 -11.05
CA GLU B 51 11.04 -1.62 -11.30
C GLU B 51 9.89 -1.91 -10.36
N LEU B 52 8.95 -0.97 -10.30
CA LEU B 52 7.71 -1.13 -9.53
C LEU B 52 6.76 -2.05 -10.31
N SER B 53 5.54 -2.20 -9.79
CA SER B 53 4.47 -3.00 -10.40
C SER B 53 4.88 -4.40 -10.85
N VAL B 54 5.44 -5.15 -9.90
CA VAL B 54 5.88 -6.53 -10.10
C VAL B 54 4.76 -7.57 -10.23
N ILE B 55 3.52 -7.12 -10.33
CA ILE B 55 2.39 -8.02 -10.41
C ILE B 55 1.94 -8.03 -11.87
N ASP B 56 1.01 -8.90 -12.23
CA ASP B 56 0.54 -8.98 -13.60
C ASP B 56 -0.12 -7.67 -14.00
N PRO B 57 0.47 -6.93 -14.98
CA PRO B 57 -0.07 -5.59 -15.21
C PRO B 57 -1.40 -5.56 -15.98
N GLU B 58 -1.65 -6.56 -16.81
CA GLU B 58 -2.85 -6.56 -17.65
C GLU B 58 -4.06 -6.90 -16.78
N VAL B 59 -3.90 -7.88 -15.91
CA VAL B 59 -4.95 -8.25 -14.96
C VAL B 59 -5.18 -7.08 -14.02
N ALA B 60 -4.10 -6.40 -13.61
CA ALA B 60 -4.24 -5.27 -12.70
C ALA B 60 -5.02 -4.13 -13.37
N GLN B 61 -4.74 -3.91 -14.65
CA GLN B 61 -5.40 -2.84 -15.38
C GLN B 61 -6.88 -3.11 -15.56
N LYS B 62 -7.25 -4.33 -15.96
CA LYS B 62 -8.67 -4.69 -16.13
C LYS B 62 -9.39 -4.55 -14.81
N ALA B 63 -8.75 -5.01 -13.73
CA ALA B 63 -9.37 -4.95 -12.42
C ALA B 63 -9.65 -3.48 -12.02
N CYS B 64 -8.76 -2.56 -12.38
CA CYS B 64 -8.99 -1.16 -11.99
C CYS B 64 -10.08 -0.54 -12.86
N GLN B 65 -10.19 -0.95 -14.13
CA GLN B 65 -11.25 -0.42 -14.98
C GLN B 65 -12.62 -0.83 -14.44
N GLU B 66 -12.75 -2.07 -14.02
CA GLU B 66 -14.01 -2.57 -13.48
C GLU B 66 -14.39 -1.84 -12.18
N VAL B 67 -13.41 -1.56 -11.33
CA VAL B 67 -13.67 -0.84 -10.08
C VAL B 67 -14.04 0.62 -10.38
N LEU B 68 -13.38 1.22 -11.36
CA LEU B 68 -13.69 2.61 -11.73
C LEU B 68 -15.08 2.67 -12.32
N GLU B 69 -15.49 1.67 -13.08
CA GLU B 69 -16.88 1.61 -13.59
C GLU B 69 -17.87 1.47 -12.40
N LYS B 70 -17.63 0.53 -11.52
CA LYS B 70 -18.55 0.26 -10.41
C LYS B 70 -18.77 1.45 -9.52
N VAL B 71 -17.71 2.15 -9.14
CA VAL B 71 -17.82 3.27 -8.20
C VAL B 71 -18.53 4.47 -8.83
N LYS B 72 -18.52 4.58 -10.15
CA LYS B 72 -19.21 5.67 -10.84
C LYS B 72 -20.71 5.57 -10.64
N LEU B 73 -21.23 4.35 -10.68
CA LEU B 73 -22.66 4.14 -10.58
C LEU B 73 -23.20 4.38 -9.16
N LEU B 74 -22.35 4.25 -8.16
CA LEU B 74 -22.78 4.45 -6.76
C LEU B 74 -23.09 5.89 -6.46
N HIS B 75 -22.72 6.78 -7.38
CA HIS B 75 -22.86 8.22 -7.20
C HIS B 75 -24.22 8.83 -7.50
N GLY B 76 -25.04 8.13 -8.27
CA GLY B 76 -26.30 8.73 -8.72
C GLY B 76 -25.97 9.88 -9.67
N GLY B 77 -26.89 10.83 -9.79
CA GLY B 77 -26.64 11.97 -10.68
C GLY B 77 -27.70 13.07 -10.59
N VAL B 78 -27.89 13.66 -9.42
CA VAL B 78 -28.95 14.67 -9.22
C VAL B 78 -28.33 16.04 -8.89
N ALA B 79 -27.04 16.18 -9.07
CA ALA B 79 -26.38 17.47 -8.89
C ALA B 79 -26.63 18.36 -10.14
N VAL B 80 -27.86 18.84 -10.30
CA VAL B 80 -28.29 19.65 -11.44
C VAL B 80 -27.79 21.08 -11.45
N MET A 1 1.93 -12.25 8.00
CA MET A 1 0.97 -11.68 7.00
C MET A 1 1.41 -10.32 6.40
N GLN A 2 2.33 -10.42 5.43
CA GLN A 2 2.97 -9.23 4.82
C GLN A 2 2.75 -9.18 3.28
N GLN A 3 2.33 -10.30 2.72
CA GLN A 3 2.23 -10.44 1.30
C GLN A 3 1.28 -9.44 0.69
N LYS A 4 0.17 -9.13 1.35
CA LYS A 4 -0.82 -8.15 0.78
C LYS A 4 -0.18 -6.78 0.62
N GLN A 5 0.75 -6.45 1.49
CA GLN A 5 1.32 -5.11 1.50
C GLN A 5 2.11 -4.85 0.20
N GLN A 6 2.90 -5.81 -0.24
CA GLN A 6 3.70 -5.61 -1.47
C GLN A 6 2.76 -5.53 -2.68
N ILE A 7 1.62 -6.18 -2.60
CA ILE A 7 0.63 -6.10 -3.68
C ILE A 7 0.08 -4.68 -3.74
N MET A 8 -0.38 -4.16 -2.62
CA MET A 8 -0.99 -2.82 -2.60
C MET A 8 -0.02 -1.73 -3.06
N ALA A 9 1.28 -1.93 -2.80
CA ALA A 9 2.34 -1.01 -3.20
C ALA A 9 2.38 -1.05 -4.73
N ALA A 10 2.36 -2.25 -5.31
CA ALA A 10 2.49 -2.37 -6.75
C ALA A 10 1.28 -1.84 -7.49
N LEU A 11 0.10 -2.07 -6.89
CA LEU A 11 -1.15 -1.61 -7.47
C LEU A 11 -1.19 -0.08 -7.43
N ASN A 12 -0.75 0.48 -6.31
CA ASN A 12 -0.68 1.93 -6.17
C ASN A 12 0.14 2.55 -7.30
N SER A 13 1.20 1.87 -7.67
CA SER A 13 2.13 2.39 -8.64
C SER A 13 1.53 2.50 -10.06
N GLN A 14 0.77 1.47 -10.45
CA GLN A 14 0.21 1.42 -11.83
C GLN A 14 -1.15 2.09 -11.92
N THR A 15 -1.73 2.50 -10.79
CA THR A 15 -3.01 3.20 -10.80
C THR A 15 -2.93 4.57 -10.17
N ALA A 16 -1.73 5.05 -9.87
CA ALA A 16 -1.56 6.34 -9.21
C ALA A 16 -2.33 7.44 -9.95
N VAL A 17 -1.96 7.71 -11.19
CA VAL A 17 -2.63 8.75 -11.96
C VAL A 17 -4.08 8.31 -12.26
N GLN A 18 -4.32 7.03 -12.48
CA GLN A 18 -5.64 6.60 -12.95
C GLN A 18 -6.73 6.85 -11.92
N PHE A 19 -6.40 6.69 -10.64
CA PHE A 19 -7.38 7.00 -9.58
C PHE A 19 -7.38 8.50 -9.23
N GLN A 20 -6.22 9.13 -9.21
CA GLN A 20 -6.09 10.54 -8.97
C GLN A 20 -6.85 11.43 -9.97
N GLN A 21 -6.85 11.05 -11.23
CA GLN A 21 -7.61 11.77 -12.24
C GLN A 21 -9.13 11.69 -11.96
N TYR A 22 -9.64 10.50 -11.65
CA TYR A 22 -11.05 10.35 -11.31
C TYR A 22 -11.40 11.14 -10.07
N ALA A 23 -10.56 11.03 -9.05
CA ALA A 23 -10.76 11.69 -7.78
C ALA A 23 -10.70 13.23 -8.00
N ALA A 24 -9.87 13.68 -8.94
CA ALA A 24 -9.77 15.05 -9.30
C ALA A 24 -11.02 15.58 -10.00
N GLN A 25 -11.65 14.74 -10.80
CA GLN A 25 -12.94 15.08 -11.41
C GLN A 25 -14.03 15.15 -10.35
N GLN A 26 -14.04 14.17 -9.44
CA GLN A 26 -15.13 14.12 -8.46
C GLN A 26 -15.06 15.15 -7.35
N TYR A 27 -13.84 15.42 -6.88
CA TYR A 27 -13.62 16.33 -5.76
C TYR A 27 -12.43 17.21 -6.10
N PRO A 28 -12.58 18.08 -7.11
CA PRO A 28 -11.39 18.84 -7.47
C PRO A 28 -10.95 19.74 -6.29
N GLY A 29 -9.67 19.89 -6.16
CA GLY A 29 -9.11 20.74 -5.14
C GLY A 29 -9.12 20.17 -3.71
N ASN A 30 -9.96 19.19 -3.42
CA ASN A 30 -10.06 18.75 -2.04
C ASN A 30 -9.21 17.50 -1.82
N TYR A 31 -7.93 17.71 -1.50
CA TYR A 31 -7.01 16.61 -1.26
C TYR A 31 -7.58 15.59 -0.32
N GLU A 32 -8.20 16.02 0.77
CA GLU A 32 -8.73 15.09 1.76
C GLU A 32 -9.79 14.13 1.17
N GLN A 33 -10.73 14.61 0.38
CA GLN A 33 -11.71 13.79 -0.27
C GLN A 33 -11.09 12.87 -1.34
N GLN A 34 -10.08 13.38 -2.03
CA GLN A 34 -9.40 12.62 -3.07
C GLN A 34 -8.72 11.39 -2.48
N GLN A 35 -8.00 11.54 -1.38
CA GLN A 35 -7.39 10.35 -0.78
C GLN A 35 -8.42 9.35 -0.28
N ILE A 36 -9.48 9.84 0.36
CA ILE A 36 -10.54 8.98 0.86
C ILE A 36 -11.09 8.08 -0.28
N LEU A 37 -11.27 8.68 -1.46
CA LEU A 37 -11.73 7.94 -2.64
C LEU A 37 -10.67 6.95 -3.15
N ILE A 38 -9.41 7.40 -3.22
CA ILE A 38 -8.30 6.51 -3.63
C ILE A 38 -8.17 5.31 -2.65
N ARG A 39 -8.38 5.53 -1.36
CA ARG A 39 -8.42 4.42 -0.38
C ARG A 39 -9.48 3.41 -0.77
N GLN A 40 -10.67 3.84 -1.10
CA GLN A 40 -11.76 2.96 -1.53
C GLN A 40 -11.38 2.22 -2.84
N LEU A 41 -10.87 2.98 -3.78
CA LEU A 41 -10.50 2.49 -5.10
C LEU A 41 -9.43 1.43 -5.01
N GLN A 42 -8.39 1.64 -4.20
CA GLN A 42 -7.32 0.64 -4.02
C GLN A 42 -7.82 -0.63 -3.33
N GLU A 43 -8.80 -0.51 -2.44
CA GLU A 43 -9.31 -1.70 -1.78
C GLU A 43 -10.05 -2.56 -2.77
N GLN A 44 -10.98 -1.97 -3.48
CA GLN A 44 -11.83 -2.70 -4.39
C GLN A 44 -10.95 -3.19 -5.56
N HIS A 45 -9.95 -2.41 -5.91
CA HIS A 45 -8.99 -2.84 -6.92
C HIS A 45 -8.28 -4.09 -6.45
N TYR A 46 -7.72 -4.08 -5.24
CA TYR A 46 -7.01 -5.24 -4.72
C TYR A 46 -7.92 -6.44 -4.65
N GLN A 47 -9.14 -6.23 -4.19
CA GLN A 47 -10.08 -7.31 -4.06
C GLN A 47 -10.38 -7.95 -5.40
N GLN A 48 -10.72 -7.12 -6.41
CA GLN A 48 -11.04 -7.62 -7.77
C GLN A 48 -9.79 -8.22 -8.39
N TYR A 49 -8.67 -7.54 -8.27
CA TYR A 49 -7.42 -8.02 -8.87
C TYR A 49 -7.06 -9.40 -8.33
N MET A 50 -7.05 -9.54 -7.02
CA MET A 50 -6.61 -10.79 -6.43
C MET A 50 -7.54 -11.90 -6.81
N GLN A 51 -8.84 -11.65 -6.78
CA GLN A 51 -9.81 -12.65 -7.15
C GLN A 51 -9.67 -13.05 -8.60
N GLN A 52 -9.50 -12.06 -9.47
CA GLN A 52 -9.43 -12.35 -10.88
C GLN A 52 -8.15 -13.11 -11.15
N LEU A 53 -7.04 -12.70 -10.56
CA LEU A 53 -5.78 -13.44 -10.65
C LEU A 53 -5.94 -14.87 -10.17
N TYR A 54 -6.74 -15.06 -9.12
CA TYR A 54 -6.97 -16.38 -8.56
C TYR A 54 -7.58 -17.27 -9.57
N GLN A 55 -8.51 -16.75 -10.33
CA GLN A 55 -9.18 -17.55 -11.38
C GLN A 55 -8.25 -17.79 -12.58
N VAL A 56 -7.34 -16.85 -12.84
CA VAL A 56 -6.38 -17.07 -13.92
C VAL A 56 -5.36 -18.13 -13.52
N GLN A 57 -4.79 -18.04 -12.32
CA GLN A 57 -3.84 -19.04 -11.91
C GLN A 57 -4.54 -20.40 -11.73
N LEU A 58 -5.80 -20.36 -11.32
CA LEU A 58 -6.59 -21.58 -11.18
C LEU A 58 -6.81 -22.22 -12.53
N ALA A 59 -7.03 -21.39 -13.56
CA ALA A 59 -7.28 -21.91 -14.91
C ALA A 59 -6.08 -22.69 -15.44
N GLN A 60 -4.88 -22.20 -15.19
CA GLN A 60 -3.66 -22.87 -15.62
C GLN A 60 -3.49 -24.17 -14.85
N GLN A 61 -3.76 -24.13 -13.55
CA GLN A 61 -3.70 -25.33 -12.73
C GLN A 61 -4.77 -26.40 -13.12
N GLN A 62 -5.96 -25.95 -13.49
CA GLN A 62 -7.03 -26.85 -13.96
C GLN A 62 -6.64 -27.56 -15.25
N ALA A 63 -5.96 -26.82 -16.10
CA ALA A 63 -5.49 -27.38 -17.40
C ALA A 63 -4.49 -28.52 -17.18
N ALA A 64 -3.79 -28.48 -16.06
CA ALA A 64 -2.85 -29.54 -15.73
C ALA A 64 -3.54 -30.73 -15.09
N LEU A 65 -4.67 -30.52 -14.41
CA LEU A 65 -5.41 -31.61 -13.78
C LEU A 65 -6.32 -32.34 -14.78
N GLN A 66 -7.16 -31.58 -15.46
CA GLN A 66 -8.20 -32.09 -16.36
C GLN A 66 -9.05 -33.24 -15.78
N LYS A 67 -9.25 -33.25 -14.44
CA LYS A 67 -9.97 -34.36 -13.78
C LYS A 67 -10.56 -33.97 -12.42
N GLN A 68 -10.78 -32.68 -12.21
CA GLN A 68 -11.39 -32.17 -10.98
C GLN A 68 -12.38 -31.06 -11.39
N GLN A 69 -13.15 -30.65 -10.41
CA GLN A 69 -14.16 -29.58 -10.50
C GLN A 69 -15.37 -29.93 -11.41
N GLY B 1 -8.51 3.24 25.29
CA GLY B 1 -7.85 4.34 26.07
C GLY B 1 -8.65 4.88 27.22
N ALA B 2 -8.89 4.03 28.23
CA ALA B 2 -9.74 4.37 29.40
C ALA B 2 -9.12 5.43 30.33
N MET B 3 -7.79 5.43 30.49
CA MET B 3 -7.08 6.39 31.35
C MET B 3 -7.77 6.68 32.72
N VAL B 4 -7.88 5.64 33.54
CA VAL B 4 -8.48 5.71 34.88
C VAL B 4 -7.42 5.46 35.90
N GLU B 5 -7.62 5.99 37.11
CA GLU B 5 -6.63 5.88 38.22
C GLU B 5 -7.12 5.13 39.41
N ALA B 6 -8.19 4.35 39.21
CA ALA B 6 -8.68 3.51 40.28
C ALA B 6 -9.18 2.19 39.70
N ARG B 7 -8.97 1.08 40.42
CA ARG B 7 -9.34 -0.23 39.92
C ARG B 7 -10.15 -0.89 41.03
N SER B 8 -11.03 -0.11 41.62
CA SER B 8 -11.87 -0.57 42.70
C SER B 8 -12.86 -1.63 42.19
N LEU B 9 -13.18 -2.58 43.05
CA LEU B 9 -14.07 -3.68 42.73
C LEU B 9 -15.41 -3.46 43.41
N ALA B 10 -16.39 -3.05 42.60
CA ALA B 10 -17.76 -2.86 43.08
C ALA B 10 -18.70 -3.36 42.00
N VAL B 11 -19.37 -4.45 42.30
CA VAL B 11 -20.33 -5.08 41.37
C VAL B 11 -21.71 -5.16 42.02
N ALA B 12 -21.88 -4.24 42.95
CA ALA B 12 -23.13 -4.10 43.71
C ALA B 12 -23.18 -2.65 44.29
N MET B 13 -24.33 -2.22 44.82
CA MET B 13 -24.41 -0.91 45.43
C MET B 13 -24.48 -0.98 46.96
N GLY B 14 -24.31 -2.18 47.50
CA GLY B 14 -24.39 -2.37 48.95
C GLY B 14 -25.79 -2.79 49.36
N ASP B 15 -26.03 -3.05 50.64
CA ASP B 15 -27.29 -3.54 51.14
C ASP B 15 -27.79 -4.76 50.31
N THR B 16 -26.90 -5.71 50.08
CA THR B 16 -27.26 -6.87 49.28
C THR B 16 -28.06 -7.90 50.10
N VAL B 17 -28.76 -7.46 51.15
CA VAL B 17 -29.55 -8.37 51.95
C VAL B 17 -30.66 -8.81 51.03
N VAL B 18 -30.90 -10.12 50.97
CA VAL B 18 -31.92 -10.71 50.06
C VAL B 18 -33.06 -11.25 50.91
N GLU B 19 -33.43 -10.43 51.87
CA GLU B 19 -34.61 -10.69 52.70
C GLU B 19 -35.67 -9.59 52.46
N PRO B 20 -35.74 -8.47 53.24
CA PRO B 20 -36.75 -7.51 52.74
C PRO B 20 -36.18 -6.61 51.63
N ALA B 21 -36.30 -6.96 50.38
CA ALA B 21 -35.79 -6.11 49.28
C ALA B 21 -36.63 -6.13 48.00
N PRO B 22 -36.60 -5.05 47.17
CA PRO B 22 -37.26 -5.21 45.85
C PRO B 22 -36.44 -6.13 44.99
N LEU B 23 -37.06 -6.85 44.06
CA LEU B 23 -36.34 -7.78 43.19
C LEU B 23 -37.12 -8.05 41.93
N LYS B 24 -36.39 -8.53 40.93
CA LYS B 24 -36.84 -8.69 39.55
C LYS B 24 -36.90 -7.25 38.94
N PRO B 25 -38.07 -6.55 38.89
CA PRO B 25 -37.75 -5.15 38.54
C PRO B 25 -37.05 -4.43 39.72
N THR B 26 -35.94 -3.78 39.42
CA THR B 26 -35.14 -3.09 40.44
C THR B 26 -34.54 -1.79 39.90
N SER B 27 -33.99 -0.95 40.76
CA SER B 27 -33.48 0.38 40.33
C SER B 27 -32.16 0.25 39.57
N GLU B 28 -31.93 1.15 38.63
CA GLU B 28 -30.69 1.19 37.87
C GLU B 28 -30.29 2.64 37.62
N PRO B 29 -29.00 2.95 37.45
CA PRO B 29 -28.64 4.35 37.14
C PRO B 29 -29.11 4.75 35.76
N THR B 30 -29.42 6.04 35.57
CA THR B 30 -29.96 6.51 34.29
C THR B 30 -28.89 6.44 33.20
N SER B 31 -27.63 6.49 33.62
CA SER B 31 -26.46 6.34 32.77
C SER B 31 -26.42 7.27 31.50
N GLY B 32 -25.59 6.91 30.54
CA GLY B 32 -25.28 7.76 29.39
C GLY B 32 -24.25 7.08 28.52
N PRO B 33 -23.63 7.76 27.54
CA PRO B 33 -22.64 7.04 26.72
C PRO B 33 -21.40 6.61 27.57
N PRO B 34 -20.99 5.33 27.49
CA PRO B 34 -19.98 4.83 28.44
C PRO B 34 -18.52 5.00 28.01
N GLY B 35 -18.30 5.65 26.88
CA GLY B 35 -16.94 5.75 26.33
C GLY B 35 -16.52 4.43 25.63
N ASN B 36 -16.88 4.33 24.35
CA ASN B 36 -16.55 3.12 23.54
C ASN B 36 -15.03 3.01 23.27
N ASN B 37 -14.33 4.13 23.38
CA ASN B 37 -12.89 4.22 23.23
C ASN B 37 -12.41 3.71 21.86
N GLY B 38 -11.17 3.26 21.75
CA GLY B 38 -10.64 2.81 20.49
C GLY B 38 -9.20 2.34 20.66
N GLY B 39 -8.64 1.78 19.62
CA GLY B 39 -7.29 1.25 19.74
C GLY B 39 -6.63 0.92 18.41
N SER B 40 -6.80 1.79 17.40
CA SER B 40 -6.33 1.51 16.02
C SER B 40 -5.52 2.69 15.54
N LEU B 41 -4.42 2.95 16.21
CA LEU B 41 -3.55 4.11 15.92
C LEU B 41 -2.17 3.61 15.45
N LEU B 42 -2.14 2.69 14.50
CA LEU B 42 -0.85 2.09 14.05
C LEU B 42 -0.70 2.21 12.55
N SER B 43 0.58 2.26 12.14
CA SER B 43 0.92 2.32 10.73
C SER B 43 2.34 1.77 10.60
N VAL B 44 2.62 1.08 9.51
CA VAL B 44 3.96 0.51 9.28
C VAL B 44 4.34 0.75 7.83
N ILE B 45 5.52 1.27 7.61
CA ILE B 45 6.06 1.55 6.26
C ILE B 45 6.31 0.18 5.63
N THR B 46 5.75 -0.03 4.46
CA THR B 46 5.93 -1.29 3.72
C THR B 46 6.22 -1.05 2.27
N GLU B 47 7.42 -0.58 2.03
CA GLU B 47 7.90 -0.24 0.68
C GLU B 47 9.22 -0.97 0.38
N GLY B 48 9.41 -2.17 0.93
CA GLY B 48 10.68 -2.85 0.72
C GLY B 48 10.66 -3.89 -0.35
N VAL B 49 9.50 -4.25 -0.85
CA VAL B 49 9.34 -5.32 -1.82
C VAL B 49 8.57 -4.80 -3.04
N GLY B 50 9.11 -5.03 -4.23
CA GLY B 50 8.43 -4.57 -5.45
C GLY B 50 9.37 -3.96 -6.44
N GLU B 51 10.38 -4.67 -6.86
CA GLU B 51 11.43 -4.07 -7.70
C GLU B 51 10.87 -3.61 -9.05
N LEU B 52 10.09 -4.48 -9.69
CA LEU B 52 9.51 -4.15 -10.99
C LEU B 52 8.00 -4.49 -10.97
N SER B 53 7.69 -5.76 -11.09
CA SER B 53 6.32 -6.24 -11.21
C SER B 53 6.13 -7.46 -10.30
N VAL B 54 5.85 -7.22 -9.02
CA VAL B 54 5.62 -8.28 -8.02
C VAL B 54 4.17 -8.76 -8.15
N ILE B 55 3.45 -8.16 -9.09
CA ILE B 55 2.08 -8.53 -9.46
C ILE B 55 2.05 -8.94 -10.96
N ASP B 56 0.91 -9.43 -11.42
CA ASP B 56 0.67 -9.54 -12.84
C ASP B 56 0.01 -8.22 -13.23
N PRO B 57 0.74 -7.29 -13.88
CA PRO B 57 0.06 -6.01 -14.11
C PRO B 57 -1.07 -6.04 -15.18
N GLU B 58 -1.03 -7.04 -16.05
CA GLU B 58 -2.03 -7.18 -17.11
C GLU B 58 -3.44 -7.30 -16.59
N VAL B 59 -3.64 -8.19 -15.62
CA VAL B 59 -4.97 -8.41 -15.03
C VAL B 59 -5.32 -7.24 -14.10
N ALA B 60 -4.32 -6.64 -13.49
CA ALA B 60 -4.57 -5.56 -12.58
C ALA B 60 -5.26 -4.42 -13.32
N GLN B 61 -4.75 -4.10 -14.48
CA GLN B 61 -5.30 -3.03 -15.27
C GLN B 61 -6.76 -3.29 -15.66
N LYS B 62 -7.13 -4.55 -15.97
CA LYS B 62 -8.55 -4.85 -16.28
C LYS B 62 -9.38 -4.77 -15.01
N ALA B 63 -8.79 -5.16 -13.87
CA ALA B 63 -9.53 -5.08 -12.64
C ALA B 63 -9.86 -3.64 -12.29
N CYS B 64 -8.88 -2.76 -12.37
CA CYS B 64 -9.08 -1.38 -11.96
C CYS B 64 -10.07 -0.65 -12.89
N GLN B 65 -10.10 -1.07 -14.14
CA GLN B 65 -11.00 -0.52 -15.16
C GLN B 65 -12.41 -0.65 -14.66
N GLU B 66 -12.75 -1.85 -14.22
CA GLU B 66 -14.05 -2.13 -13.71
C GLU B 66 -14.36 -1.37 -12.42
N VAL B 67 -13.38 -1.22 -11.58
CA VAL B 67 -13.61 -0.50 -10.29
C VAL B 67 -13.95 0.99 -10.55
N LEU B 68 -13.32 1.64 -11.48
CA LEU B 68 -13.73 3.01 -11.79
C LEU B 68 -15.16 3.08 -12.28
N GLU B 69 -15.54 2.16 -13.14
CA GLU B 69 -16.89 2.10 -13.67
C GLU B 69 -17.93 1.78 -12.59
N LYS B 70 -17.54 0.92 -11.65
CA LYS B 70 -18.44 0.58 -10.56
C LYS B 70 -18.81 1.80 -9.75
N VAL B 71 -17.86 2.52 -9.23
CA VAL B 71 -18.20 3.64 -8.32
C VAL B 71 -18.91 4.77 -9.09
N LYS B 72 -18.68 4.90 -10.41
CA LYS B 72 -19.42 5.89 -11.20
C LYS B 72 -20.89 5.59 -11.19
N LEU B 73 -21.25 4.32 -11.14
CA LEU B 73 -22.64 3.93 -11.24
C LEU B 73 -23.42 4.12 -9.94
N LEU B 74 -22.71 4.04 -8.80
CA LEU B 74 -23.37 4.29 -7.53
C LEU B 74 -23.80 5.73 -7.47
N HIS B 75 -23.07 6.58 -8.18
CA HIS B 75 -23.39 8.00 -8.21
C HIS B 75 -24.70 8.24 -8.99
N GLY B 76 -24.97 7.36 -9.93
CA GLY B 76 -26.23 7.40 -10.67
C GLY B 76 -26.17 6.75 -12.05
N GLY B 77 -27.24 6.06 -12.39
CA GLY B 77 -27.31 5.44 -13.71
C GLY B 77 -27.64 6.47 -14.78
N VAL B 78 -27.82 7.72 -14.38
CA VAL B 78 -28.08 8.83 -15.31
C VAL B 78 -26.75 9.42 -15.82
N ALA B 79 -25.66 8.87 -15.31
CA ALA B 79 -24.30 9.31 -15.64
C ALA B 79 -23.59 8.20 -16.40
N VAL B 80 -24.30 7.64 -17.42
CA VAL B 80 -23.79 6.62 -18.34
C VAL B 80 -23.41 5.30 -17.61
N MET A 1 -1.71 -14.41 4.97
CA MET A 1 -0.34 -13.82 4.88
C MET A 1 -0.27 -12.30 4.67
N GLN A 2 0.80 -11.67 5.20
CA GLN A 2 0.94 -10.20 5.10
C GLN A 2 1.53 -9.79 3.75
N GLN A 3 1.62 -10.72 2.81
CA GLN A 3 2.11 -10.46 1.45
C GLN A 3 1.21 -9.42 0.73
N LYS A 4 0.01 -9.22 1.24
CA LYS A 4 -0.91 -8.24 0.70
C LYS A 4 -0.28 -6.85 0.59
N GLN A 5 0.63 -6.52 1.48
CA GLN A 5 1.27 -5.17 1.47
C GLN A 5 2.08 -4.88 0.18
N GLN A 6 2.87 -5.83 -0.27
CA GLN A 6 3.64 -5.60 -1.51
C GLN A 6 2.74 -5.62 -2.74
N ILE A 7 1.63 -6.33 -2.68
CA ILE A 7 0.67 -6.32 -3.78
C ILE A 7 0.07 -4.94 -3.85
N MET A 8 -0.43 -4.46 -2.74
CA MET A 8 -1.12 -3.20 -2.73
C MET A 8 -0.18 -2.07 -3.15
N ALA A 9 1.08 -2.15 -2.69
CA ALA A 9 2.08 -1.20 -3.13
C ALA A 9 2.27 -1.26 -4.67
N ALA A 10 2.25 -2.45 -5.26
CA ALA A 10 2.43 -2.55 -6.70
C ALA A 10 1.21 -2.00 -7.46
N LEU A 11 0.03 -2.26 -6.94
CA LEU A 11 -1.21 -1.84 -7.55
C LEU A 11 -1.37 -0.34 -7.51
N ASN A 12 -0.93 0.25 -6.40
CA ASN A 12 -1.09 1.65 -6.18
C ASN A 12 -0.19 2.35 -7.16
N SER A 13 0.96 1.78 -7.41
CA SER A 13 1.95 2.40 -8.30
C SER A 13 1.39 2.53 -9.70
N GLN A 14 0.89 1.44 -10.24
CA GLN A 14 0.37 1.39 -11.64
C GLN A 14 -0.99 2.02 -11.86
N THR A 15 -1.66 2.46 -10.82
CA THR A 15 -2.96 3.14 -10.96
C THR A 15 -2.90 4.49 -10.30
N ALA A 16 -1.72 4.96 -9.88
CA ALA A 16 -1.61 6.22 -9.17
C ALA A 16 -2.31 7.34 -9.94
N VAL A 17 -2.01 7.46 -11.20
CA VAL A 17 -2.59 8.54 -12.00
C VAL A 17 -4.02 8.24 -12.38
N GLN A 18 -4.41 6.99 -12.56
CA GLN A 18 -5.77 6.66 -12.94
C GLN A 18 -6.74 6.96 -11.79
N PHE A 19 -6.30 6.72 -10.55
CA PHE A 19 -7.19 6.99 -9.41
C PHE A 19 -7.19 8.47 -9.08
N GLN A 20 -6.05 9.13 -9.32
CA GLN A 20 -5.95 10.57 -9.13
C GLN A 20 -6.88 11.32 -10.08
N GLN A 21 -6.95 10.87 -11.32
CA GLN A 21 -7.78 11.55 -12.31
C GLN A 21 -9.24 11.39 -11.92
N TYR A 22 -9.64 10.20 -11.51
CA TYR A 22 -11.02 10.01 -11.11
C TYR A 22 -11.35 10.79 -9.85
N ALA A 23 -10.48 10.77 -8.87
CA ALA A 23 -10.74 11.54 -7.66
C ALA A 23 -10.84 13.05 -7.99
N ALA A 24 -10.00 13.53 -8.90
CA ALA A 24 -9.95 14.93 -9.26
C ALA A 24 -11.21 15.39 -10.01
N GLN A 25 -11.75 14.57 -10.92
CA GLN A 25 -12.96 14.99 -11.69
C GLN A 25 -14.16 15.08 -10.76
N GLN A 26 -14.14 14.26 -9.73
CA GLN A 26 -15.24 14.22 -8.76
C GLN A 26 -15.11 15.30 -7.68
N TYR A 27 -13.94 15.44 -7.10
CA TYR A 27 -13.69 16.41 -6.02
C TYR A 27 -12.49 17.32 -6.38
N PRO A 28 -12.66 18.17 -7.39
CA PRO A 28 -11.47 18.93 -7.72
C PRO A 28 -11.09 19.95 -6.64
N GLY A 29 -9.80 20.12 -6.38
CA GLY A 29 -9.39 21.06 -5.36
C GLY A 29 -9.41 20.47 -3.96
N ASN A 30 -10.05 19.33 -3.73
CA ASN A 30 -10.19 18.81 -2.35
C ASN A 30 -9.29 17.60 -2.13
N TYR A 31 -8.03 17.84 -1.84
CA TYR A 31 -7.02 16.77 -1.63
C TYR A 31 -7.52 15.70 -0.63
N GLU A 32 -8.04 16.08 0.50
CA GLU A 32 -8.47 15.08 1.47
C GLU A 32 -9.63 14.20 0.96
N GLN A 33 -10.63 14.80 0.33
CA GLN A 33 -11.71 14.04 -0.27
C GLN A 33 -11.21 13.17 -1.40
N GLN A 34 -10.13 13.60 -2.03
CA GLN A 34 -9.49 12.78 -3.09
C GLN A 34 -8.81 11.57 -2.48
N GLN A 35 -8.09 11.74 -1.37
CA GLN A 35 -7.41 10.60 -0.72
C GLN A 35 -8.44 9.60 -0.25
N ILE A 36 -9.58 10.05 0.22
CA ILE A 36 -10.65 9.15 0.67
C ILE A 36 -11.19 8.34 -0.50
N LEU A 37 -11.39 8.95 -1.65
CA LEU A 37 -11.91 8.21 -2.80
C LEU A 37 -10.79 7.25 -3.30
N ILE A 38 -9.56 7.73 -3.22
CA ILE A 38 -8.40 6.89 -3.61
C ILE A 38 -8.28 5.67 -2.73
N ARG A 39 -8.44 5.79 -1.43
CA ARG A 39 -8.31 4.62 -0.54
C ARG A 39 -9.39 3.58 -0.82
N GLN A 40 -10.60 4.05 -1.11
CA GLN A 40 -11.70 3.16 -1.45
C GLN A 40 -11.38 2.40 -2.68
N LEU A 41 -10.85 3.13 -3.67
CA LEU A 41 -10.46 2.51 -4.96
C LEU A 41 -9.29 1.55 -4.80
N GLN A 42 -8.28 1.90 -4.03
CA GLN A 42 -7.17 0.97 -3.76
C GLN A 42 -7.59 -0.37 -3.12
N GLU A 43 -8.54 -0.32 -2.18
CA GLU A 43 -9.04 -1.53 -1.52
C GLU A 43 -9.85 -2.38 -2.52
N GLN A 44 -10.81 -1.78 -3.19
CA GLN A 44 -11.65 -2.46 -4.16
C GLN A 44 -10.77 -3.07 -5.27
N HIS A 45 -9.73 -2.33 -5.69
CA HIS A 45 -8.79 -2.82 -6.69
C HIS A 45 -8.11 -4.09 -6.21
N TYR A 46 -7.63 -4.13 -4.99
CA TYR A 46 -6.97 -5.34 -4.47
C TYR A 46 -7.94 -6.53 -4.51
N GLN A 47 -9.18 -6.33 -4.08
CA GLN A 47 -10.16 -7.44 -4.06
C GLN A 47 -10.46 -7.95 -5.48
N GLN A 48 -10.76 -7.04 -6.42
CA GLN A 48 -11.02 -7.43 -7.80
C GLN A 48 -9.81 -8.02 -8.53
N TYR A 49 -8.62 -7.50 -8.27
CA TYR A 49 -7.41 -7.99 -8.90
C TYR A 49 -7.16 -9.42 -8.45
N MET A 50 -7.18 -9.67 -7.13
CA MET A 50 -6.80 -10.96 -6.64
C MET A 50 -7.86 -11.98 -7.07
N GLN A 51 -9.14 -11.58 -7.04
CA GLN A 51 -10.23 -12.45 -7.50
C GLN A 51 -10.02 -12.84 -8.95
N GLN A 52 -9.74 -11.89 -9.81
CA GLN A 52 -9.53 -12.23 -11.21
C GLN A 52 -8.24 -13.03 -11.39
N LEU A 53 -7.19 -12.63 -10.71
CA LEU A 53 -5.89 -13.30 -10.83
C LEU A 53 -6.06 -14.76 -10.49
N TYR A 54 -6.85 -15.05 -9.47
CA TYR A 54 -7.11 -16.43 -9.06
C TYR A 54 -7.67 -17.25 -10.20
N GLN A 55 -8.58 -16.64 -10.95
CA GLN A 55 -9.14 -17.33 -12.12
C GLN A 55 -8.13 -17.47 -13.25
N VAL A 56 -7.22 -16.50 -13.43
CA VAL A 56 -6.27 -16.60 -14.56
C VAL A 56 -5.22 -17.68 -14.33
N GLN A 57 -4.60 -17.72 -13.16
CA GLN A 57 -3.62 -18.77 -12.85
C GLN A 57 -4.29 -20.15 -12.81
N LEU A 58 -5.55 -20.19 -12.41
CA LEU A 58 -6.34 -21.41 -12.44
C LEU A 58 -6.65 -21.85 -13.86
N ALA A 59 -6.99 -20.92 -14.73
CA ALA A 59 -7.24 -21.29 -16.13
C ALA A 59 -5.96 -21.87 -16.71
N GLN A 60 -4.82 -21.25 -16.39
CA GLN A 60 -3.54 -21.74 -16.90
C GLN A 60 -3.22 -23.12 -16.35
N GLN A 61 -3.53 -23.33 -15.09
CA GLN A 61 -3.33 -24.64 -14.48
C GLN A 61 -4.28 -25.68 -15.09
N GLN A 62 -5.52 -25.32 -15.35
CA GLN A 62 -6.48 -26.28 -15.91
C GLN A 62 -6.01 -26.62 -17.36
N ALA A 63 -5.41 -25.65 -18.03
CA ALA A 63 -4.94 -25.81 -19.40
C ALA A 63 -3.77 -26.78 -19.44
N ALA A 64 -3.00 -26.83 -18.36
CA ALA A 64 -1.89 -27.79 -18.28
C ALA A 64 -2.39 -29.21 -18.05
N LEU A 65 -3.47 -29.32 -17.29
CA LEU A 65 -4.03 -30.62 -16.91
C LEU A 65 -4.91 -31.23 -18.02
N GLN A 66 -5.99 -30.52 -18.36
CA GLN A 66 -7.05 -31.05 -19.26
C GLN A 66 -7.44 -32.49 -18.90
N LYS A 67 -7.49 -32.78 -17.60
CA LYS A 67 -7.77 -34.10 -17.09
C LYS A 67 -8.40 -34.07 -15.70
N GLN A 68 -8.79 -32.88 -15.27
CA GLN A 68 -9.36 -32.70 -13.94
C GLN A 68 -10.27 -31.47 -13.88
N GLN A 69 -11.53 -31.67 -13.54
CA GLN A 69 -12.52 -30.58 -13.39
C GLN A 69 -13.21 -30.66 -12.02
N GLY B 1 -16.46 1.26 39.57
CA GLY B 1 -15.06 0.90 40.02
C GLY B 1 -15.06 -0.23 40.98
N ALA B 2 -16.30 -0.65 41.31
CA ALA B 2 -16.65 -1.73 42.24
C ALA B 2 -15.90 -1.48 43.62
N MET B 3 -15.85 -0.23 44.01
CA MET B 3 -15.16 0.21 45.25
C MET B 3 -16.15 1.15 45.94
N VAL B 4 -16.26 1.07 47.24
CA VAL B 4 -17.15 1.96 48.02
C VAL B 4 -16.39 2.36 49.22
N GLU B 5 -16.74 3.51 49.79
CA GLU B 5 -16.03 4.08 50.93
C GLU B 5 -17.03 4.43 52.00
N ALA B 6 -16.65 4.26 53.26
CA ALA B 6 -17.55 4.48 54.39
C ALA B 6 -16.84 5.07 55.61
N ARG B 7 -15.84 5.89 55.32
CA ARG B 7 -14.98 6.54 56.32
C ARG B 7 -14.12 5.51 57.04
N SER B 8 -13.07 5.96 57.75
CA SER B 8 -12.14 5.06 58.43
C SER B 8 -11.77 5.63 59.80
N LEU B 9 -12.81 6.12 60.50
CA LEU B 9 -12.71 6.67 61.86
C LEU B 9 -11.78 7.88 61.96
N ALA B 10 -11.52 8.28 63.20
CA ALA B 10 -10.64 9.41 63.48
C ALA B 10 -9.65 9.06 64.57
N VAL B 11 -9.13 7.85 64.52
CA VAL B 11 -8.09 7.38 65.43
C VAL B 11 -6.93 6.90 64.52
N ALA B 12 -5.92 7.75 64.29
CA ALA B 12 -4.87 7.37 63.39
C ALA B 12 -3.86 6.45 64.10
N MET B 13 -3.78 6.58 65.43
CA MET B 13 -2.91 5.78 66.32
C MET B 13 -1.40 5.93 66.01
N GLY B 14 -0.58 5.22 66.78
CA GLY B 14 0.88 5.22 66.60
C GLY B 14 1.59 6.32 67.38
N ASP B 15 1.28 7.59 67.15
CA ASP B 15 1.95 8.68 67.88
C ASP B 15 1.13 9.16 69.10
N THR B 16 0.92 8.27 70.08
CA THR B 16 0.26 8.63 71.35
C THR B 16 1.20 9.51 72.25
N VAL B 17 2.38 9.84 71.73
CA VAL B 17 3.33 10.70 72.43
C VAL B 17 2.90 12.14 72.25
N VAL B 18 2.84 12.88 73.33
CA VAL B 18 2.39 14.25 73.26
C VAL B 18 3.40 15.24 73.94
N GLU B 19 4.28 15.79 73.10
CA GLU B 19 5.34 16.80 73.42
C GLU B 19 6.77 16.33 73.84
N PRO B 20 6.96 15.25 74.60
CA PRO B 20 8.36 15.02 74.98
C PRO B 20 9.30 14.53 73.88
N ALA B 21 8.84 14.38 72.65
CA ALA B 21 9.67 13.91 71.53
C ALA B 21 9.13 14.45 70.24
N PRO B 22 9.98 14.66 69.22
CA PRO B 22 9.40 15.14 67.97
C PRO B 22 8.66 14.07 67.21
N LEU B 23 7.76 14.51 66.35
CA LEU B 23 6.95 13.61 65.52
C LEU B 23 6.63 14.12 64.11
N LYS B 24 6.20 13.19 63.28
CA LYS B 24 5.67 13.39 61.88
C LYS B 24 6.62 13.28 60.64
N PRO B 25 7.94 13.63 60.72
CA PRO B 25 8.66 13.39 59.44
C PRO B 25 8.90 11.89 59.19
N THR B 26 8.60 11.45 57.96
CA THR B 26 8.77 10.03 57.59
C THR B 26 8.88 9.84 56.06
N SER B 27 9.36 10.84 55.36
CA SER B 27 9.51 10.77 53.92
C SER B 27 10.94 10.41 53.56
N GLU B 28 11.15 9.87 52.35
CA GLU B 28 12.48 9.52 51.84
C GLU B 28 12.68 10.25 50.52
N PRO B 29 13.93 10.60 50.15
CA PRO B 29 14.12 11.19 48.83
C PRO B 29 13.98 10.26 47.63
N THR B 30 13.67 10.83 46.48
CA THR B 30 13.47 10.11 45.22
C THR B 30 14.50 10.65 44.19
N SER B 31 14.81 9.86 43.18
CA SER B 31 15.83 10.21 42.18
C SER B 31 15.17 10.47 40.82
N GLY B 32 13.87 10.65 40.80
CA GLY B 32 13.13 10.92 39.57
C GLY B 32 12.58 9.66 38.96
N PRO B 33 11.85 9.74 37.83
CA PRO B 33 11.15 8.60 37.22
C PRO B 33 12.08 7.78 36.38
N PRO B 34 11.71 6.50 36.13
CA PRO B 34 12.51 5.72 35.18
C PRO B 34 12.05 6.00 33.76
N GLY B 35 12.78 5.43 32.79
CA GLY B 35 12.43 5.55 31.38
C GLY B 35 13.46 4.88 30.51
N ASN B 36 13.02 4.43 29.35
CA ASN B 36 13.88 3.77 28.38
C ASN B 36 13.46 4.09 26.95
N ASN B 37 12.91 5.29 26.74
CA ASN B 37 12.34 5.66 25.40
C ASN B 37 13.45 5.94 24.38
N GLY B 38 13.22 5.64 23.11
CA GLY B 38 14.23 5.86 22.09
C GLY B 38 13.64 5.73 20.68
N GLY B 39 14.44 5.99 19.64
CA GLY B 39 13.98 5.91 18.25
C GLY B 39 14.12 7.21 17.50
N SER B 40 15.32 7.80 17.40
CA SER B 40 15.47 9.12 16.79
C SER B 40 16.81 9.20 16.05
N LEU B 41 16.78 9.08 14.73
CA LEU B 41 17.99 9.11 13.89
C LEU B 41 17.77 9.81 12.53
N LEU B 42 16.65 10.50 12.42
CA LEU B 42 16.20 11.29 11.24
C LEU B 42 15.93 10.49 9.94
N SER B 43 15.17 11.07 9.04
CA SER B 43 14.80 10.41 7.79
C SER B 43 14.58 11.58 6.82
N VAL B 44 14.87 11.38 5.54
CA VAL B 44 14.69 12.43 4.50
C VAL B 44 13.91 11.86 3.31
N ILE B 45 12.86 12.55 2.88
CA ILE B 45 12.10 12.10 1.74
C ILE B 45 12.73 12.69 0.52
N THR B 46 12.97 11.86 -0.49
CA THR B 46 13.47 12.33 -1.82
C THR B 46 12.53 11.90 -2.97
N GLU B 47 11.57 11.05 -2.63
CA GLU B 47 10.53 10.54 -3.55
C GLU B 47 11.08 10.10 -4.91
N GLY B 48 12.10 9.26 -4.90
CA GLY B 48 12.62 8.73 -6.14
C GLY B 48 11.99 7.37 -6.50
N VAL B 49 11.22 6.80 -5.58
CA VAL B 49 10.58 5.51 -5.81
C VAL B 49 9.45 5.79 -6.81
N GLY B 50 9.10 4.85 -7.65
CA GLY B 50 8.03 5.09 -8.61
C GLY B 50 7.15 3.86 -8.73
N GLU B 51 7.65 2.81 -9.35
CA GLU B 51 6.84 1.60 -9.46
C GLU B 51 7.50 0.47 -8.70
N LEU B 52 6.75 -0.60 -8.45
CA LEU B 52 7.29 -1.80 -7.78
C LEU B 52 6.93 -3.00 -8.64
N SER B 53 5.67 -3.04 -9.04
CA SER B 53 5.14 -3.98 -10.01
C SER B 53 5.61 -5.45 -9.92
N VAL B 54 5.60 -6.01 -8.71
CA VAL B 54 5.87 -7.44 -8.49
C VAL B 54 4.59 -8.26 -8.73
N ILE B 55 3.73 -7.73 -9.56
CA ILE B 55 2.44 -8.29 -9.85
C ILE B 55 2.41 -8.50 -11.33
N ASP B 56 1.42 -9.23 -11.79
CA ASP B 56 1.10 -9.29 -13.23
C ASP B 56 0.38 -7.97 -13.53
N PRO B 57 0.98 -7.06 -14.31
CA PRO B 57 0.21 -5.80 -14.38
C PRO B 57 -1.02 -5.88 -15.29
N GLU B 58 -1.04 -6.80 -16.25
CA GLU B 58 -2.14 -6.89 -17.21
C GLU B 58 -3.49 -7.24 -16.56
N VAL B 59 -3.48 -8.09 -15.54
CA VAL B 59 -4.72 -8.46 -14.85
C VAL B 59 -5.15 -7.35 -13.93
N ALA B 60 -4.18 -6.62 -13.37
CA ALA B 60 -4.49 -5.55 -12.49
C ALA B 60 -5.10 -4.38 -13.26
N GLN B 61 -4.72 -4.21 -14.49
CA GLN B 61 -5.27 -3.15 -15.32
C GLN B 61 -6.74 -3.39 -15.57
N LYS B 62 -7.06 -4.62 -15.92
CA LYS B 62 -8.47 -5.04 -16.15
C LYS B 62 -9.28 -4.77 -14.90
N ALA B 63 -8.71 -5.17 -13.76
CA ALA B 63 -9.42 -5.04 -12.48
C ALA B 63 -9.67 -3.57 -12.10
N CYS B 64 -8.70 -2.67 -12.27
CA CYS B 64 -8.94 -1.29 -11.90
C CYS B 64 -9.93 -0.65 -12.83
N GLN B 65 -9.96 -1.11 -14.06
CA GLN B 65 -10.87 -0.58 -15.05
C GLN B 65 -12.31 -0.84 -14.62
N GLU B 66 -12.58 -2.06 -14.14
CA GLU B 66 -13.95 -2.41 -13.66
C GLU B 66 -14.34 -1.63 -12.39
N VAL B 67 -13.37 -1.38 -11.54
CA VAL B 67 -13.66 -0.62 -10.31
C VAL B 67 -14.15 0.78 -10.61
N LEU B 68 -13.56 1.43 -11.59
CA LEU B 68 -13.89 2.83 -11.90
C LEU B 68 -15.26 2.93 -12.55
N GLU B 69 -15.61 1.92 -13.30
CA GLU B 69 -16.98 1.89 -13.82
C GLU B 69 -18.03 1.64 -12.75
N LYS B 70 -17.74 0.71 -11.84
CA LYS B 70 -18.69 0.32 -10.81
C LYS B 70 -18.87 1.39 -9.76
N VAL B 71 -17.79 2.02 -9.29
CA VAL B 71 -17.88 3.11 -8.32
C VAL B 71 -18.72 4.25 -8.89
N LYS B 72 -18.64 4.45 -10.22
CA LYS B 72 -19.40 5.52 -10.84
C LYS B 72 -20.89 5.28 -10.66
N LEU B 73 -21.31 4.01 -10.66
CA LEU B 73 -22.70 3.71 -10.40
C LEU B 73 -23.10 3.91 -8.95
N LEU B 74 -22.16 3.79 -8.02
CA LEU B 74 -22.48 3.97 -6.61
C LEU B 74 -22.77 5.42 -6.29
N HIS B 75 -22.43 6.31 -7.22
CA HIS B 75 -22.73 7.75 -7.07
C HIS B 75 -24.20 8.01 -7.49
N GLY B 76 -24.86 6.97 -7.99
CA GLY B 76 -26.25 7.06 -8.36
C GLY B 76 -26.46 6.77 -9.85
N GLY B 77 -25.42 6.94 -10.64
CA GLY B 77 -25.50 6.68 -12.06
C GLY B 77 -26.31 7.72 -12.78
N VAL B 78 -26.25 8.97 -12.31
CA VAL B 78 -27.04 10.05 -12.95
C VAL B 78 -26.37 10.67 -14.17
N ALA B 79 -25.76 9.84 -15.02
CA ALA B 79 -25.07 10.32 -16.24
C ALA B 79 -24.04 11.43 -15.95
N VAL B 80 -23.19 11.11 -14.98
CA VAL B 80 -22.06 11.91 -14.47
C VAL B 80 -22.50 13.19 -13.80
#